data_8OH5
#
_entry.id   8OH5
#
loop_
_entity.id
_entity.type
_entity.pdbx_description
1 polymer 'NAD-dependent formate dehydrogenase gamma subunit'
2 polymer 'NAD-reducing hydrogenase subunit HoxF'
3 polymer 'Formate dehydrogenase-O, major subunit'
4 non-polymer 'FE2/S2 (INORGANIC) CLUSTER'
5 non-polymer 'ZINC ION'
6 non-polymer 'FLAVIN MONONUCLEOTIDE'
7 non-polymer 'IRON/SULFUR CLUSTER'
8 non-polymer NICOTINAMIDE-ADENINE-DINUCLEOTIDE
9 non-polymer 'FLAVIN-ADENINE DINUCLEOTIDE'
10 non-polymer 'NADPH DIHYDRO-NICOTINAMIDE-ADENINE-DINUCLEOTIDE PHOSPHATE'
#
loop_
_entity_poly.entity_id
_entity_poly.type
_entity_poly.pdbx_seq_one_letter_code
_entity_poly.pdbx_strand_id
1 'polypeptide(L)'
;MCNSCEKELETKFPADKIDLTLLEPVFKEYAGKAGSIIGILQKTQEIYGYLPLAALQAIADNTDNKRAKIYGIATFYSQF
RLNPVGKYVILQCQGTACHVLGSKAIGSAICDELGITPGQTTADGLFTLEDVACLGCCSLAPVIMINGEAYGKLTPTSVR
KILQDIAEAEKGGVVSEG
;
A,D,G,J
2 'polypeptide(L)'
;MKVRVGLGSCGIAAGGRKVMDRLAQEIKNHGKEIELLPTGCIGMCFYEPIVDVFDGDKVYSYANVTADMATEIFNSHIIG
GQPLTQYIVSTTEKPYTILAKQVRIALRNCGVIDPENVDEYKANDGYKALSKALKEMTPEEVIEEIKVAGLRGRGGAGFP
TWFKWNAARQSKGEIKYVVCNADEGDPGAFMDRSVLEGDPHALLEGMAICGYAIGANEGHIYCRAEYPLAIKRLEIAIAD
AKQRNLLGKNIMGTNFSFDMKIKKGAGAFVCGEETALIASLEGERGMPRLKPPFPAQSGFWGKPTNINNVETFANVPWIM
YNGGSAYAAYGTEKSKGTKVFALAGKIKNGGLVEVPMGMSLREVIYDIGGGILNDREFKAVQMGGPSGGCIPKQLLDTPV
DYDSINKTGAIMGSGGMIVMDETTCMVDMARFFLDFTVKESCGKCIYCRIGTKRMLEILERITTGEGREGDIEELEELSI
SIKDGSLCGLGQTAPNPVLTTIRYFRDEYEAHIRDKKCPAKSCKPLLTYTINQDNCKGCTLCAQKCPVQAITGEKKKPHV
IDQALCTKCGNCASVCRLDAVCIE
;
B,E,H,K
3 'polypeptide(L)'
;MSKISININGRELVVSAGQTILQAAAEHGIEIPHLCHDERIQPYGACGLCVVEVEGSPKLVRSCATSVQNGQVIRTDTSR
TVVARKTALQLLASDHRGDCRPPCMLACPAQTDCQGYVGLIANGQYEEALKLIKDKMPIPASIGKICPHPCETACRRELV
EEPISIAQLKSFVAEVDLNGNQYQPPMKPATGKKVAVVGAGPAGLTAAYFLARDGHKVVIYEAMPHPGGMLRYGIPQYRL
DKALLDAEVALMTKMGIEIIYNTKIGDDVSLDYLHDNYDAVFLGIGSWQSQGLRCKGEDMEGVLGGIDFLREVTMNSNIT
LGGKVLVVGGGNTAMDVARTSKRLGAEEVTIIYRRTIDEMPAEKIEIHEAQEEGVKFQLLVAPVEVLGENGHAKALKCEI
MRLGEPDASGRRKPEPTGETVVYEADRIIAAIGQKTVIGNIKDIATDKSGNIIVNGGAFTTNRDKVFAGGDAVTGPKIAI
DAIAQGKNAAQVIDSYLNGCLVPHADSQYFTQKDITAADLADRAKAPRVSLTVEDAEVRNKSFMQVAKTFTEEEALRESK
RCLECGCRDYFECQLIKYIQDYDVSTEKDSQVECHKTTEFDNHPFIERNPDKCVLCGLCVRVCDEVVGATAIGLVGRGFD
SVIMPEFKLPLSETACISCGQCVDVCPTGACMEKQVSYKQIPANMDSMASVCGYCGVGCNVNIEYKGDVVFRVTPDRVND
DGWLCQRGKFGLGHANDKARLTAPVIKRNGQFVKVDWNEANLEVVKRLQAVVAAYGKDSIGVVVSPRLTNEELFLAGKLA
DAVNTTIKTSYSVDGGSGLGSVLGYDASTNSFAELDNSDFVLTLGKVKENHPVLDFKIRLSGVCSVAWPQSLANTADMKV
FLKALLNLGVDENKVAEKTEGFAELKASLADVKVSEEIQALAQKYAKAAKPLIVIDEDTVSAEAVKLMAYAAVITGKIGA
AYRGIILVRTKNNTQGAVDMGFVMPVSAVAQGIESGKIKALVVIGEDPAAYPQESALLQKLSFLVVYDMFMTKTATAADM
VVPLVSSAEVNGTYTRSDRRIQAVRAAIQPKTGKATLQILIETLKSLGIKYDTIADVRAAIASEVSNYAGMDAADFGTTV
YWPNNKNVLYTDGFATEGQKAILAAVGDVPVFVEKKKYDSVEMNFVNGRQSL
;
C,F,I,L
#
loop_
_chem_comp.id
_chem_comp.type
_chem_comp.name
_chem_comp.formula
FAD non-polymer 'FLAVIN-ADENINE DINUCLEOTIDE' 'C27 H33 N9 O15 P2'
FES non-polymer 'FE2/S2 (INORGANIC) CLUSTER' 'Fe2 S2'
FMN non-polymer 'FLAVIN MONONUCLEOTIDE' 'C17 H21 N4 O9 P'
NAD non-polymer NICOTINAMIDE-ADENINE-DINUCLEOTIDE 'C21 H27 N7 O14 P2'
NDP non-polymer 'NADPH DIHYDRO-NICOTINAMIDE-ADENINE-DINUCLEOTIDE PHOSPHATE' 'C21 H30 N7 O17 P3'
SF4 non-polymer 'IRON/SULFUR CLUSTER' 'Fe4 S4'
ZN non-polymer 'ZINC ION' 'Zn 2'
#
# COMPACT_ATOMS: atom_id res chain seq x y z
N ILE A 18 38.24 -81.43 -27.18
CA ILE A 18 39.10 -80.74 -26.22
C ILE A 18 39.48 -81.71 -25.10
N ASP A 19 40.71 -81.56 -24.61
CA ASP A 19 41.35 -82.53 -23.70
C ASP A 19 41.25 -82.10 -22.26
N LEU A 20 40.10 -81.55 -21.87
CA LEU A 20 39.92 -80.97 -20.52
C LEU A 20 40.16 -81.99 -19.41
N THR A 21 39.94 -83.27 -19.70
CA THR A 21 40.13 -84.32 -18.70
C THR A 21 41.56 -84.36 -18.21
N LEU A 22 42.52 -84.18 -19.11
CA LEU A 22 43.93 -84.09 -18.75
C LEU A 22 44.37 -82.66 -18.43
N LEU A 23 43.51 -81.66 -18.69
CA LEU A 23 43.79 -80.32 -18.19
C LEU A 23 43.49 -80.21 -16.70
N GLU A 24 42.59 -81.07 -16.22
CA GLU A 24 42.24 -81.07 -14.80
C GLU A 24 43.43 -81.28 -13.85
N PRO A 25 44.40 -82.18 -14.11
CA PRO A 25 45.56 -82.27 -13.20
C PRO A 25 46.36 -80.97 -13.06
N VAL A 26 46.38 -80.13 -14.10
CA VAL A 26 47.23 -78.93 -14.06
C VAL A 26 46.76 -77.97 -12.97
N PHE A 27 45.47 -77.64 -12.97
CA PHE A 27 44.97 -76.79 -11.90
C PHE A 27 44.60 -77.57 -10.65
N LYS A 28 44.62 -78.91 -10.71
CA LYS A 28 44.52 -79.70 -9.49
C LYS A 28 45.84 -79.68 -8.72
N GLU A 29 46.97 -79.45 -9.40
CA GLU A 29 48.26 -79.40 -8.74
C GLU A 29 48.71 -77.98 -8.43
N TYR A 30 48.39 -77.01 -9.29
CA TYR A 30 48.82 -75.64 -9.12
C TYR A 30 47.90 -74.84 -8.19
N ALA A 31 46.82 -75.45 -7.70
CA ALA A 31 45.86 -74.75 -6.87
C ALA A 31 46.46 -74.43 -5.50
N GLY A 32 46.04 -73.30 -4.94
CA GLY A 32 46.53 -72.85 -3.66
C GLY A 32 47.72 -71.91 -3.73
N LYS A 33 48.34 -71.78 -4.90
CA LYS A 33 49.48 -70.88 -5.08
C LYS A 33 48.96 -69.53 -5.55
N ALA A 34 49.26 -68.49 -4.78
CA ALA A 34 48.84 -67.15 -5.15
C ALA A 34 49.69 -66.63 -6.31
N GLY A 35 49.05 -65.91 -7.22
CA GLY A 35 49.73 -65.43 -8.41
C GLY A 35 50.14 -66.55 -9.35
N SER A 36 49.30 -67.55 -9.54
CA SER A 36 49.62 -68.72 -10.35
C SER A 36 48.91 -68.72 -11.69
N ILE A 37 48.35 -67.58 -12.12
CA ILE A 37 47.67 -67.53 -13.40
C ILE A 37 48.66 -67.71 -14.55
N ILE A 38 49.82 -67.08 -14.45
CA ILE A 38 50.82 -67.18 -15.51
C ILE A 38 51.29 -68.63 -15.65
N GLY A 39 51.58 -69.30 -14.55
CA GLY A 39 52.03 -70.69 -14.63
C GLY A 39 50.99 -71.62 -15.22
N ILE A 40 49.72 -71.44 -14.82
CA ILE A 40 48.64 -72.24 -15.36
C ILE A 40 48.49 -72.01 -16.86
N LEU A 41 48.60 -70.74 -17.29
CA LEU A 41 48.49 -70.43 -18.71
C LEU A 41 49.64 -71.01 -19.51
N GLN A 42 50.86 -70.98 -18.96
CA GLN A 42 52.00 -71.58 -19.68
C GLN A 42 51.85 -73.08 -19.80
N LYS A 43 51.38 -73.75 -18.74
CA LYS A 43 51.17 -75.19 -18.84
C LYS A 43 50.06 -75.52 -19.83
N THR A 44 48.99 -74.72 -19.83
CA THR A 44 47.89 -74.94 -20.77
C THR A 44 48.35 -74.76 -22.21
N GLN A 45 49.19 -73.75 -22.46
CA GLN A 45 49.71 -73.56 -23.81
C GLN A 45 50.69 -74.67 -24.20
N GLU A 46 51.48 -75.17 -23.25
CA GLU A 46 52.34 -76.29 -23.56
C GLU A 46 51.53 -77.54 -23.89
N ILE A 47 50.37 -77.71 -23.28
CA ILE A 47 49.53 -78.88 -23.57
C ILE A 47 48.86 -78.73 -24.92
N TYR A 48 48.11 -77.64 -25.12
CA TYR A 48 47.25 -77.52 -26.30
C TYR A 48 47.93 -76.85 -27.49
N GLY A 49 49.12 -76.28 -27.31
CA GLY A 49 49.74 -75.48 -28.35
C GLY A 49 49.24 -74.06 -28.42
N TYR A 50 48.19 -73.72 -27.70
CA TYR A 50 47.60 -72.39 -27.64
C TYR A 50 46.64 -72.37 -26.45
N LEU A 51 45.88 -71.28 -26.32
CA LEU A 51 44.90 -71.14 -25.24
C LEU A 51 43.51 -71.07 -25.84
N PRO A 52 42.78 -72.18 -25.92
CA PRO A 52 41.40 -72.11 -26.41
C PRO A 52 40.49 -71.44 -25.39
N LEU A 53 39.37 -70.94 -25.89
CA LEU A 53 38.43 -70.25 -25.02
C LEU A 53 37.81 -71.20 -23.99
N ALA A 54 37.63 -72.46 -24.36
CA ALA A 54 37.13 -73.44 -23.40
C ALA A 54 38.12 -73.71 -22.28
N ALA A 55 39.42 -73.75 -22.59
CA ALA A 55 40.42 -73.94 -21.54
C ALA A 55 40.47 -72.73 -20.61
N LEU A 56 40.35 -71.52 -21.16
CA LEU A 56 40.28 -70.33 -20.32
C LEU A 56 39.03 -70.35 -19.44
N GLN A 57 37.90 -70.82 -19.99
CA GLN A 57 36.68 -70.93 -19.20
C GLN A 57 36.84 -71.95 -18.09
N ALA A 58 37.54 -73.06 -18.37
CA ALA A 58 37.81 -74.07 -17.35
C ALA A 58 38.74 -73.54 -16.27
N ILE A 59 39.73 -72.73 -16.65
CA ILE A 59 40.62 -72.12 -15.67
C ILE A 59 39.86 -71.13 -14.80
N ALA A 60 38.96 -70.35 -15.41
CA ALA A 60 38.16 -69.39 -14.65
C ALA A 60 37.23 -70.08 -13.67
N ASP A 61 36.74 -71.25 -14.01
CA ASP A 61 35.96 -72.06 -13.09
C ASP A 61 36.89 -72.88 -12.21
N ASN A 62 36.38 -73.26 -11.03
CA ASN A 62 37.06 -74.16 -10.09
C ASN A 62 38.33 -73.56 -9.49
N THR A 63 38.69 -72.34 -9.91
CA THR A 63 39.81 -71.61 -9.32
C THR A 63 39.50 -70.14 -9.16
N ASP A 64 38.23 -69.74 -9.29
CA ASP A 64 37.74 -68.36 -9.39
C ASP A 64 38.66 -67.48 -10.25
N ASN A 65 39.49 -66.66 -9.61
CA ASN A 65 40.55 -65.90 -10.26
C ASN A 65 40.05 -64.87 -11.26
N LYS A 66 38.74 -64.54 -11.23
CA LYS A 66 38.22 -63.34 -11.87
C LYS A 66 38.49 -63.33 -13.38
N ARG A 67 37.70 -64.14 -14.08
CA ARG A 67 37.75 -64.43 -15.51
C ARG A 67 38.20 -63.28 -16.40
N ALA A 68 37.72 -62.07 -16.13
CA ALA A 68 38.20 -60.89 -16.86
C ALA A 68 39.71 -60.69 -16.67
N LYS A 69 40.21 -60.88 -15.45
CA LYS A 69 41.65 -60.75 -15.21
C LYS A 69 42.42 -61.84 -15.93
N ILE A 70 41.87 -63.04 -16.02
CA ILE A 70 42.51 -64.11 -16.78
C ILE A 70 42.63 -63.74 -18.25
N TYR A 71 41.56 -63.19 -18.83
CA TYR A 71 41.61 -62.82 -20.24
C TYR A 71 42.58 -61.67 -20.48
N GLY A 72 42.59 -60.69 -19.57
CA GLY A 72 43.53 -59.58 -19.70
C GLY A 72 44.98 -60.02 -19.58
N ILE A 73 45.25 -60.97 -18.67
CA ILE A 73 46.59 -61.52 -18.54
C ILE A 73 46.99 -62.28 -19.81
N ALA A 74 46.08 -63.11 -20.33
CA ALA A 74 46.39 -63.90 -21.51
C ALA A 74 46.62 -63.03 -22.74
N THR A 75 45.95 -61.89 -22.82
CA THR A 75 46.11 -61.03 -23.98
C THR A 75 47.42 -60.25 -23.94
N PHE A 76 47.85 -59.82 -22.74
CA PHE A 76 48.96 -58.87 -22.63
C PHE A 76 50.30 -59.46 -23.09
N TYR A 77 51.08 -60.00 -22.16
CA TYR A 77 52.08 -61.06 -22.22
C TYR A 77 52.61 -61.56 -23.56
N SER A 78 52.62 -60.71 -24.59
CA SER A 78 53.54 -60.71 -25.73
C SER A 78 53.72 -62.03 -26.49
N GLN A 79 53.20 -63.13 -25.96
CA GLN A 79 53.58 -64.45 -26.46
C GLN A 79 52.46 -65.46 -26.50
N PHE A 80 51.37 -65.25 -25.77
CA PHE A 80 50.35 -66.29 -25.61
C PHE A 80 49.55 -66.42 -26.89
N ARG A 81 49.60 -67.60 -27.50
CA ARG A 81 48.88 -67.86 -28.73
C ARG A 81 47.41 -68.13 -28.42
N LEU A 82 46.53 -67.41 -29.10
CA LEU A 82 45.09 -67.67 -29.04
C LEU A 82 44.61 -68.42 -30.28
N ASN A 83 45.51 -68.84 -31.15
CA ASN A 83 45.19 -69.51 -32.40
C ASN A 83 46.09 -70.72 -32.59
N PRO A 84 45.60 -71.76 -33.25
CA PRO A 84 46.41 -72.97 -33.45
C PRO A 84 47.57 -72.72 -34.39
N VAL A 85 48.59 -73.58 -34.25
CA VAL A 85 49.82 -73.46 -35.03
C VAL A 85 50.09 -74.78 -35.76
N GLY A 86 50.96 -74.71 -36.77
CA GLY A 86 51.33 -75.85 -37.56
C GLY A 86 52.36 -76.74 -36.87
N LYS A 87 52.71 -77.83 -37.56
CA LYS A 87 53.64 -78.81 -36.99
C LYS A 87 55.03 -78.20 -36.79
N TYR A 88 55.50 -77.43 -37.76
CA TYR A 88 56.79 -76.75 -37.66
C TYR A 88 56.54 -75.27 -37.45
N VAL A 89 57.00 -74.74 -36.32
CA VAL A 89 56.83 -73.33 -35.97
C VAL A 89 58.08 -72.59 -36.39
N ILE A 90 57.91 -71.58 -37.23
CA ILE A 90 59.02 -70.75 -37.67
C ILE A 90 59.08 -69.53 -36.75
N LEU A 91 60.24 -69.33 -36.13
CA LEU A 91 60.51 -68.15 -35.30
C LEU A 91 61.68 -67.41 -35.93
N GLN A 92 61.40 -66.25 -36.50
CA GLN A 92 62.44 -65.46 -37.15
C GLN A 92 62.99 -64.45 -36.16
N CYS A 93 64.32 -64.49 -35.96
CA CYS A 93 64.98 -63.55 -35.06
C CYS A 93 64.94 -62.15 -35.65
N GLN A 94 64.23 -61.24 -34.99
CA GLN A 94 64.06 -59.87 -35.46
C GLN A 94 64.86 -58.89 -34.60
N GLY A 95 66.01 -59.33 -34.09
CA GLY A 95 66.84 -58.49 -33.27
C GLY A 95 67.62 -57.47 -34.09
N THR A 96 68.43 -56.69 -33.38
CA THR A 96 69.20 -55.64 -34.04
C THR A 96 70.24 -56.22 -34.98
N ALA A 97 70.95 -57.27 -34.54
CA ALA A 97 72.03 -57.83 -35.35
C ALA A 97 71.51 -58.46 -36.63
N CYS A 98 70.39 -59.20 -36.56
CA CYS A 98 69.83 -59.79 -37.76
C CYS A 98 69.22 -58.73 -38.69
N HIS A 99 68.66 -57.65 -38.12
CA HIS A 99 68.12 -56.59 -38.95
C HIS A 99 69.22 -55.81 -39.65
N VAL A 100 70.39 -55.67 -38.99
CA VAL A 100 71.53 -55.01 -39.63
C VAL A 100 71.99 -55.79 -40.85
N LEU A 101 72.04 -57.12 -40.74
CA LEU A 101 72.50 -57.96 -41.83
C LEU A 101 71.41 -58.29 -42.83
N GLY A 102 70.20 -57.77 -42.63
CA GLY A 102 69.19 -57.79 -43.68
C GLY A 102 68.13 -58.86 -43.56
N SER A 103 67.61 -59.07 -42.34
CA SER A 103 66.58 -60.09 -42.13
C SER A 103 65.26 -59.73 -42.80
N LYS A 104 65.09 -58.48 -43.23
CA LYS A 104 63.89 -58.10 -43.98
C LYS A 104 63.77 -58.86 -45.28
N ALA A 105 64.89 -59.05 -45.98
CA ALA A 105 64.89 -59.82 -47.22
C ALA A 105 64.53 -61.28 -46.96
N ILE A 106 65.02 -61.85 -45.85
CA ILE A 106 64.68 -63.22 -45.50
C ILE A 106 63.19 -63.33 -45.19
N GLY A 107 62.65 -62.36 -44.45
CA GLY A 107 61.21 -62.36 -44.19
C GLY A 107 60.39 -62.22 -45.44
N SER A 108 60.82 -61.37 -46.38
CA SER A 108 60.14 -61.23 -47.66
C SER A 108 60.18 -62.54 -48.45
N ALA A 109 61.34 -63.22 -48.43
CA ALA A 109 61.46 -64.50 -49.12
C ALA A 109 60.53 -65.55 -48.51
N ILE A 110 60.43 -65.57 -47.18
CA ILE A 110 59.51 -66.49 -46.50
C ILE A 110 58.08 -66.19 -46.88
N CYS A 111 57.69 -64.92 -46.88
CA CYS A 111 56.33 -64.54 -47.23
C CYS A 111 56.01 -64.86 -48.69
N ASP A 112 57.00 -64.70 -49.58
CA ASP A 112 56.77 -64.98 -50.99
C ASP A 112 56.66 -66.47 -51.26
N GLU A 113 57.54 -67.28 -50.66
CA GLU A 113 57.55 -68.71 -50.93
C GLU A 113 56.38 -69.41 -50.25
N LEU A 114 56.06 -69.02 -49.00
CA LEU A 114 55.02 -69.69 -48.24
C LEU A 114 53.64 -69.07 -48.42
N GLY A 115 53.56 -67.86 -48.96
CA GLY A 115 52.27 -67.24 -49.17
C GLY A 115 51.53 -66.84 -47.92
N ILE A 116 52.23 -66.65 -46.80
CA ILE A 116 51.60 -66.33 -45.53
C ILE A 116 52.26 -65.08 -44.94
N THR A 117 51.54 -64.46 -44.01
CA THR A 117 51.99 -63.29 -43.26
C THR A 117 52.32 -63.69 -41.83
N PRO A 118 53.15 -62.89 -41.13
CA PRO A 118 53.47 -63.22 -39.73
C PRO A 118 52.24 -63.26 -38.85
N GLY A 119 52.22 -64.23 -37.94
CA GLY A 119 51.08 -64.45 -37.06
C GLY A 119 50.01 -65.36 -37.60
N GLN A 120 50.15 -65.88 -38.80
CA GLN A 120 49.15 -66.74 -39.42
C GLN A 120 49.71 -68.16 -39.58
N THR A 121 48.89 -69.02 -40.19
CA THR A 121 49.22 -70.42 -40.37
C THR A 121 48.98 -70.82 -41.83
N THR A 122 49.79 -71.75 -42.32
CA THR A 122 49.67 -72.23 -43.70
C THR A 122 48.39 -73.04 -43.87
N ALA A 123 47.98 -73.18 -45.13
CA ALA A 123 46.75 -73.90 -45.44
C ALA A 123 46.85 -75.37 -45.09
N ASP A 124 48.01 -75.99 -45.34
CA ASP A 124 48.21 -77.39 -45.00
C ASP A 124 48.59 -77.61 -43.55
N GLY A 125 48.70 -76.55 -42.75
CA GLY A 125 48.99 -76.67 -41.33
C GLY A 125 50.35 -77.25 -41.02
N LEU A 126 51.37 -76.88 -41.79
CA LEU A 126 52.72 -77.39 -41.60
C LEU A 126 53.71 -76.32 -41.15
N PHE A 127 53.50 -75.06 -41.53
CA PHE A 127 54.41 -73.97 -41.19
C PHE A 127 53.62 -72.84 -40.56
N THR A 128 54.19 -72.24 -39.51
CA THR A 128 53.61 -71.10 -38.83
C THR A 128 54.69 -70.05 -38.63
N LEU A 129 54.42 -68.83 -39.11
CA LEU A 129 55.40 -67.76 -39.08
C LEU A 129 55.15 -66.86 -37.88
N GLU A 130 56.18 -66.67 -37.06
CA GLU A 130 56.12 -65.77 -35.91
C GLU A 130 57.41 -64.98 -35.85
N ASP A 131 57.32 -63.75 -35.34
CA ASP A 131 58.46 -62.87 -35.19
C ASP A 131 58.80 -62.74 -33.71
N VAL A 132 60.02 -63.10 -33.35
CA VAL A 132 60.47 -63.02 -31.97
C VAL A 132 61.43 -61.84 -31.83
N ALA A 133 61.64 -61.42 -30.58
CA ALA A 133 62.50 -60.28 -30.33
C ALA A 133 63.95 -60.58 -30.70
N CYS A 134 64.48 -61.70 -30.18
CA CYS A 134 65.86 -62.08 -30.43
C CYS A 134 66.06 -63.53 -30.01
N LEU A 135 66.74 -64.29 -30.87
CA LEU A 135 67.09 -65.67 -30.52
C LEU A 135 68.39 -65.75 -29.74
N GLY A 136 69.26 -64.75 -29.87
CA GLY A 136 70.48 -64.66 -29.10
C GLY A 136 71.72 -65.13 -29.80
N CYS A 137 71.60 -65.84 -30.93
CA CYS A 137 72.76 -66.31 -31.67
C CYS A 137 73.17 -65.27 -32.72
N CYS A 138 73.44 -64.06 -32.23
CA CYS A 138 73.65 -62.90 -33.09
C CYS A 138 74.93 -62.99 -33.91
N SER A 139 75.86 -63.89 -33.57
CA SER A 139 77.05 -64.08 -34.40
C SER A 139 76.72 -64.69 -35.74
N LEU A 140 75.71 -65.56 -35.80
CA LEU A 140 75.29 -66.20 -37.04
C LEU A 140 74.04 -65.54 -37.62
N ALA A 141 73.96 -64.22 -37.50
CA ALA A 141 72.82 -63.50 -38.06
C ALA A 141 72.86 -63.56 -39.59
N PRO A 142 71.71 -63.75 -40.25
CA PRO A 142 70.36 -63.97 -39.71
C PRO A 142 70.15 -65.39 -39.21
N VAL A 143 69.26 -65.57 -38.23
CA VAL A 143 68.97 -66.86 -37.62
C VAL A 143 67.48 -67.14 -37.78
N ILE A 144 67.14 -68.41 -38.01
CA ILE A 144 65.75 -68.85 -38.03
C ILE A 144 65.64 -70.11 -37.18
N MET A 145 64.67 -70.12 -36.26
CA MET A 145 64.38 -71.29 -35.43
C MET A 145 63.20 -72.04 -36.03
N ILE A 146 63.38 -73.36 -36.21
CA ILE A 146 62.32 -74.25 -36.65
C ILE A 146 62.34 -75.44 -35.70
N ASN A 147 61.34 -75.49 -34.80
CA ASN A 147 61.17 -76.58 -33.83
C ASN A 147 62.42 -76.80 -32.98
N GLY A 148 63.11 -75.71 -32.64
CA GLY A 148 64.32 -75.79 -31.86
C GLY A 148 65.59 -75.98 -32.64
N GLU A 149 65.52 -76.12 -33.96
CA GLU A 149 66.70 -76.19 -34.81
C GLU A 149 66.98 -74.81 -35.39
N ALA A 150 68.18 -74.29 -35.17
CA ALA A 150 68.54 -72.94 -35.55
C ALA A 150 69.40 -72.98 -36.81
N TYR A 151 69.07 -72.13 -37.77
CA TYR A 151 69.85 -71.95 -38.98
C TYR A 151 70.43 -70.54 -38.98
N GLY A 152 71.76 -70.43 -39.06
CA GLY A 152 72.44 -69.17 -38.99
C GLY A 152 73.28 -68.91 -40.24
N LYS A 153 73.71 -67.66 -40.37
CA LYS A 153 74.44 -67.17 -41.55
C LYS A 153 73.66 -67.48 -42.82
N LEU A 154 72.48 -66.89 -42.90
CA LEU A 154 71.41 -67.32 -43.79
C LEU A 154 71.22 -66.35 -44.95
N THR A 155 70.81 -66.90 -46.08
CA THR A 155 70.47 -66.19 -47.30
C THR A 155 69.11 -66.69 -47.77
N PRO A 156 68.38 -65.87 -48.55
CA PRO A 156 67.06 -66.33 -49.03
C PRO A 156 67.08 -67.62 -49.84
N THR A 157 68.13 -67.82 -50.64
CA THR A 157 68.28 -69.10 -51.33
C THR A 157 68.45 -70.24 -50.33
N SER A 158 69.23 -69.99 -49.27
CA SER A 158 69.44 -71.01 -48.26
C SER A 158 68.15 -71.38 -47.53
N VAL A 159 67.33 -70.38 -47.19
CA VAL A 159 66.09 -70.70 -46.48
C VAL A 159 65.08 -71.35 -47.41
N ARG A 160 65.07 -70.98 -48.70
CA ARG A 160 64.18 -71.66 -49.64
C ARG A 160 64.58 -73.12 -49.78
N LYS A 161 65.88 -73.39 -49.89
CA LYS A 161 66.35 -74.78 -49.95
C LYS A 161 66.04 -75.53 -48.67
N ILE A 162 66.17 -74.86 -47.51
CA ILE A 162 65.91 -75.50 -46.23
C ILE A 162 64.44 -75.86 -46.10
N LEU A 163 63.54 -74.95 -46.48
CA LEU A 163 62.11 -75.23 -46.37
C LEU A 163 61.68 -76.27 -47.38
N GLN A 164 62.32 -76.31 -48.55
CA GLN A 164 62.03 -77.37 -49.51
C GLN A 164 62.53 -78.72 -49.00
N ASP A 165 63.67 -78.73 -48.31
CA ASP A 165 64.20 -79.98 -47.75
C ASP A 165 63.34 -80.49 -46.61
N ILE A 166 62.82 -79.58 -45.78
CA ILE A 166 61.93 -80.00 -44.69
C ILE A 166 60.62 -80.55 -45.25
N ALA A 167 60.00 -79.82 -46.17
CA ALA A 167 58.72 -80.23 -46.74
C ALA A 167 58.90 -81.39 -47.71
N MET B 1 93.53 -87.79 -21.27
CA MET B 1 93.08 -86.86 -22.29
C MET B 1 91.75 -86.21 -21.89
N LYS B 2 91.64 -84.91 -22.15
CA LYS B 2 90.42 -84.15 -21.86
C LYS B 2 89.93 -83.47 -23.13
N VAL B 3 88.63 -83.62 -23.41
CA VAL B 3 88.00 -82.94 -24.53
C VAL B 3 86.87 -82.09 -23.98
N ARG B 4 86.89 -80.80 -24.31
CA ARG B 4 85.83 -79.87 -23.93
C ARG B 4 85.09 -79.43 -25.18
N VAL B 5 83.76 -79.46 -25.11
CA VAL B 5 82.91 -78.98 -26.19
C VAL B 5 82.07 -77.84 -25.66
N GLY B 6 82.13 -76.70 -26.34
CA GLY B 6 81.33 -75.55 -25.95
C GLY B 6 79.92 -75.61 -26.48
N LEU B 7 79.26 -76.75 -26.26
CA LEU B 7 77.92 -76.96 -26.80
C LEU B 7 76.90 -76.20 -25.96
N GLY B 8 76.25 -75.23 -26.57
CA GLY B 8 75.26 -74.41 -25.90
C GLY B 8 74.22 -73.91 -26.88
N SER B 9 73.61 -72.78 -26.55
CA SER B 9 72.55 -72.22 -27.38
C SER B 9 73.09 -71.80 -28.75
N CYS B 10 74.27 -71.19 -28.79
CA CYS B 10 74.87 -70.86 -30.07
C CYS B 10 75.35 -72.11 -30.79
N GLY B 11 75.69 -73.15 -30.04
CA GLY B 11 76.07 -74.42 -30.65
C GLY B 11 74.92 -75.06 -31.41
N ILE B 12 73.69 -74.93 -30.89
CA ILE B 12 72.51 -75.41 -31.61
C ILE B 12 72.33 -74.66 -32.92
N ALA B 13 72.80 -73.41 -32.97
CA ALA B 13 72.88 -72.65 -34.21
C ALA B 13 74.08 -73.04 -35.06
N ALA B 14 74.69 -74.19 -34.77
CA ALA B 14 75.83 -74.72 -35.51
C ALA B 14 75.69 -76.23 -35.50
N GLY B 15 76.79 -76.94 -35.75
CA GLY B 15 76.79 -78.40 -35.74
C GLY B 15 76.28 -78.97 -34.42
N GLY B 16 76.77 -78.41 -33.31
CA GLY B 16 76.15 -78.65 -32.01
C GLY B 16 76.16 -80.09 -31.53
N ARG B 17 74.99 -80.73 -31.59
CA ARG B 17 74.87 -82.11 -31.15
C ARG B 17 75.60 -83.07 -32.08
N LYS B 18 75.85 -82.68 -33.33
CA LYS B 18 76.51 -83.57 -34.28
C LYS B 18 77.95 -83.87 -33.84
N VAL B 19 78.71 -82.83 -33.49
CA VAL B 19 80.10 -83.06 -33.07
C VAL B 19 80.13 -83.81 -31.75
N MET B 20 79.19 -83.50 -30.85
CA MET B 20 79.16 -84.16 -29.54
C MET B 20 78.87 -85.66 -29.69
N ASP B 21 77.81 -86.02 -30.41
CA ASP B 21 77.49 -87.44 -30.50
C ASP B 21 78.44 -88.19 -31.42
N ARG B 22 79.06 -87.51 -32.40
CA ARG B 22 80.09 -88.16 -33.20
C ARG B 22 81.33 -88.46 -32.37
N LEU B 23 81.74 -87.51 -31.51
CA LEU B 23 82.86 -87.77 -30.61
C LEU B 23 82.52 -88.86 -29.61
N ALA B 24 81.28 -88.88 -29.12
CA ALA B 24 80.85 -89.94 -28.21
C ALA B 24 80.88 -91.30 -28.90
N GLN B 25 80.44 -91.38 -30.15
CA GLN B 25 80.49 -92.64 -30.88
C GLN B 25 81.93 -93.07 -31.12
N GLU B 26 82.82 -92.11 -31.44
CA GLU B 26 84.22 -92.44 -31.67
C GLU B 26 84.89 -92.97 -30.40
N ILE B 27 84.63 -92.33 -29.25
CA ILE B 27 85.23 -92.83 -28.01
C ILE B 27 84.57 -94.14 -27.58
N LYS B 28 83.30 -94.34 -27.91
CA LYS B 28 82.66 -95.63 -27.61
C LYS B 28 83.28 -96.75 -28.42
N ASN B 29 83.59 -96.49 -29.69
CA ASN B 29 84.22 -97.51 -30.53
C ASN B 29 85.66 -97.76 -30.13
N HIS B 30 86.40 -96.69 -29.83
CA HIS B 30 87.80 -96.86 -29.45
C HIS B 30 87.95 -97.41 -28.04
N GLY B 31 87.08 -97.01 -27.12
CA GLY B 31 87.12 -97.51 -25.77
C GLY B 31 88.10 -96.83 -24.84
N LYS B 32 88.70 -95.71 -25.25
CA LYS B 32 89.64 -95.00 -24.40
C LYS B 32 88.91 -94.26 -23.28
N GLU B 33 89.64 -94.00 -22.21
CA GLU B 33 89.10 -93.29 -21.04
C GLU B 33 89.43 -91.81 -21.18
N ILE B 34 88.61 -91.11 -21.95
CA ILE B 34 88.81 -89.68 -22.22
C ILE B 34 87.59 -88.94 -21.70
N GLU B 35 87.82 -87.87 -20.94
CA GLU B 35 86.74 -87.13 -20.30
C GLU B 35 86.20 -86.10 -21.26
N LEU B 36 84.94 -86.29 -21.68
CA LEU B 36 84.25 -85.37 -22.58
C LEU B 36 83.33 -84.48 -21.74
N LEU B 37 83.57 -83.17 -21.79
CA LEU B 37 82.89 -82.22 -20.92
C LEU B 37 82.18 -81.17 -21.75
N PRO B 38 80.85 -81.04 -21.64
CA PRO B 38 80.17 -79.92 -22.29
C PRO B 38 80.34 -78.63 -21.49
N THR B 39 80.75 -77.57 -22.18
CA THR B 39 81.00 -76.28 -21.57
C THR B 39 80.17 -75.22 -22.27
N GLY B 40 80.22 -74.00 -21.74
CA GLY B 40 79.60 -72.87 -22.39
C GLY B 40 80.53 -72.21 -23.37
N CYS B 41 80.01 -71.18 -24.06
CA CYS B 41 80.84 -70.44 -24.98
C CYS B 41 81.89 -69.63 -24.24
N ILE B 42 83.09 -69.57 -24.81
CA ILE B 42 84.14 -68.70 -24.28
C ILE B 42 83.70 -67.25 -24.38
N GLY B 43 83.09 -66.88 -25.51
CA GLY B 43 82.69 -65.52 -25.78
C GLY B 43 82.86 -65.22 -27.24
N MET B 44 83.71 -66.00 -27.91
CA MET B 44 83.88 -65.91 -29.36
C MET B 44 82.83 -66.81 -30.00
N CYS B 45 81.64 -66.25 -30.20
CA CYS B 45 80.55 -67.01 -30.78
C CYS B 45 80.74 -67.26 -32.26
N PHE B 46 81.58 -66.48 -32.93
CA PHE B 46 82.06 -66.87 -34.25
C PHE B 46 82.97 -68.09 -34.12
N TYR B 47 83.17 -68.78 -35.25
CA TYR B 47 84.09 -69.92 -35.35
C TYR B 47 83.60 -71.12 -34.55
N GLU B 48 82.36 -71.05 -34.06
CA GLU B 48 81.69 -72.12 -33.33
C GLU B 48 81.50 -73.34 -34.25
N PRO B 49 81.35 -74.56 -33.70
CA PRO B 49 81.34 -75.01 -32.29
C PRO B 49 82.73 -75.20 -31.72
N ILE B 50 83.05 -74.58 -30.58
CA ILE B 50 84.42 -74.61 -30.07
C ILE B 50 84.74 -75.98 -29.48
N VAL B 51 85.89 -76.51 -29.83
CA VAL B 51 86.40 -77.79 -29.31
C VAL B 51 87.79 -77.53 -28.73
N ASP B 52 88.01 -77.99 -27.50
CA ASP B 52 89.29 -77.86 -26.83
C ASP B 52 89.84 -79.25 -26.55
N VAL B 53 91.11 -79.46 -26.90
CA VAL B 53 91.76 -80.76 -26.77
C VAL B 53 92.97 -80.59 -25.84
N PHE B 54 93.08 -81.47 -24.86
CA PHE B 54 94.16 -81.44 -23.87
C PHE B 54 95.16 -82.53 -24.21
N ASP B 55 96.38 -82.14 -24.52
CA ASP B 55 97.51 -83.08 -24.65
C ASP B 55 98.53 -82.65 -23.62
N GLY B 56 98.64 -83.44 -22.55
CA GLY B 56 99.51 -83.11 -21.44
C GLY B 56 99.09 -81.83 -20.75
N ASP B 57 99.97 -80.84 -20.75
CA ASP B 57 99.65 -79.52 -20.22
C ASP B 57 99.24 -78.54 -21.31
N LYS B 58 99.12 -78.98 -22.55
CA LYS B 58 98.85 -78.10 -23.67
C LYS B 58 97.38 -78.22 -24.10
N VAL B 59 96.79 -77.08 -24.45
CA VAL B 59 95.39 -76.99 -24.87
C VAL B 59 95.35 -76.43 -26.27
N TYR B 60 94.63 -77.11 -27.17
CA TYR B 60 94.47 -76.67 -28.54
C TYR B 60 93.00 -76.47 -28.87
N SER B 61 92.75 -75.48 -29.73
CA SER B 61 91.40 -75.14 -30.19
C SER B 61 91.47 -74.91 -31.69
N TYR B 62 90.88 -75.83 -32.46
CA TYR B 62 90.89 -75.80 -33.92
C TYR B 62 89.49 -76.08 -34.46
N ALA B 63 88.52 -75.30 -33.97
CA ALA B 63 87.10 -75.51 -34.20
C ALA B 63 86.66 -75.08 -35.60
N ASN B 64 85.33 -74.85 -35.76
CA ASN B 64 84.57 -74.93 -37.01
C ASN B 64 84.51 -76.39 -37.45
N VAL B 65 84.01 -77.24 -36.55
CA VAL B 65 84.10 -78.69 -36.69
C VAL B 65 82.70 -79.25 -36.93
N THR B 66 82.58 -80.04 -37.99
CA THR B 66 81.37 -80.78 -38.29
C THR B 66 81.54 -82.23 -37.86
N ALA B 67 80.58 -83.09 -38.23
CA ALA B 67 80.67 -84.51 -37.87
C ALA B 67 81.85 -85.17 -38.58
N ASP B 68 82.01 -84.88 -39.87
CA ASP B 68 83.17 -85.41 -40.61
C ASP B 68 84.47 -84.83 -40.07
N MET B 69 84.46 -83.53 -39.73
CA MET B 69 85.64 -82.92 -39.14
C MET B 69 85.96 -83.52 -37.78
N ALA B 70 84.94 -83.80 -36.97
CA ALA B 70 85.17 -84.44 -35.68
C ALA B 70 85.72 -85.85 -35.84
N THR B 71 85.21 -86.58 -36.85
CA THR B 71 85.75 -87.90 -37.14
C THR B 71 87.22 -87.81 -37.55
N GLU B 72 87.57 -86.82 -38.38
CA GLU B 72 88.95 -86.64 -38.77
C GLU B 72 89.83 -86.24 -37.58
N ILE B 73 89.27 -85.46 -36.65
CA ILE B 73 89.99 -85.08 -35.44
C ILE B 73 90.30 -86.32 -34.60
N PHE B 74 89.30 -87.19 -34.42
CA PHE B 74 89.51 -88.40 -33.64
C PHE B 74 90.50 -89.35 -34.33
N ASN B 75 90.41 -89.46 -35.66
CA ASN B 75 91.29 -90.37 -36.39
C ASN B 75 92.72 -89.87 -36.42
N SER B 76 92.91 -88.56 -36.51
CA SER B 76 94.24 -87.99 -36.74
C SER B 76 94.91 -87.48 -35.47
N HIS B 77 94.17 -86.78 -34.61
CA HIS B 77 94.79 -86.08 -33.49
C HIS B 77 94.52 -86.73 -32.14
N ILE B 78 93.29 -87.17 -31.90
CA ILE B 78 92.95 -87.75 -30.60
C ILE B 78 93.64 -89.10 -30.41
N ILE B 79 93.75 -89.88 -31.47
CA ILE B 79 94.44 -91.16 -31.43
C ILE B 79 95.87 -91.05 -31.94
N GLY B 80 96.04 -90.46 -33.13
CA GLY B 80 97.36 -90.40 -33.74
C GLY B 80 98.30 -89.38 -33.14
N GLY B 81 97.77 -88.39 -32.43
CA GLY B 81 98.60 -87.34 -31.86
C GLY B 81 99.09 -86.31 -32.85
N GLN B 82 98.50 -86.24 -34.05
CA GLN B 82 98.91 -85.30 -35.07
C GLN B 82 97.91 -84.15 -35.18
N PRO B 83 98.28 -82.93 -34.81
CA PRO B 83 97.39 -81.78 -35.04
C PRO B 83 97.21 -81.50 -36.51
N LEU B 84 96.06 -80.90 -36.84
CA LEU B 84 95.76 -80.45 -38.19
C LEU B 84 96.04 -78.96 -38.25
N THR B 85 97.19 -78.58 -38.81
CA THR B 85 97.62 -77.19 -38.78
C THR B 85 96.77 -76.28 -39.66
N GLN B 86 96.02 -76.83 -40.61
CA GLN B 86 95.18 -76.01 -41.47
C GLN B 86 93.94 -75.50 -40.75
N TYR B 87 93.61 -76.04 -39.59
CA TYR B 87 92.48 -75.58 -38.79
C TYR B 87 92.89 -74.93 -37.49
N ILE B 88 94.18 -74.93 -37.16
CA ILE B 88 94.66 -74.42 -35.87
C ILE B 88 94.64 -72.90 -35.90
N VAL B 89 93.96 -72.30 -34.93
CA VAL B 89 93.94 -70.86 -34.76
C VAL B 89 94.30 -70.41 -33.36
N SER B 90 94.40 -71.33 -32.40
CA SER B 90 94.75 -70.98 -31.03
C SER B 90 95.43 -72.17 -30.36
N THR B 91 96.62 -71.94 -29.82
CA THR B 91 97.34 -72.97 -29.07
C THR B 91 97.64 -72.48 -27.65
N THR B 92 98.38 -73.26 -26.88
CA THR B 92 98.76 -72.82 -25.54
C THR B 92 99.82 -71.73 -25.61
N GLU B 93 100.84 -71.91 -26.46
CA GLU B 93 101.83 -70.86 -26.65
C GLU B 93 101.29 -69.69 -27.46
N LYS B 94 100.26 -69.92 -28.27
CA LYS B 94 99.65 -68.88 -29.09
C LYS B 94 98.15 -68.86 -28.77
N PRO B 95 97.76 -68.25 -27.64
CA PRO B 95 96.34 -68.19 -27.30
C PRO B 95 95.61 -67.15 -28.15
N TYR B 96 94.33 -66.92 -27.84
CA TYR B 96 93.54 -65.97 -28.59
C TYR B 96 94.06 -64.55 -28.35
N THR B 97 94.30 -63.82 -29.44
CA THR B 97 94.70 -62.42 -29.31
C THR B 97 93.55 -61.56 -28.79
N ILE B 98 92.32 -62.00 -29.00
CA ILE B 98 91.15 -61.24 -28.54
C ILE B 98 91.08 -61.23 -27.01
N LEU B 99 91.40 -62.37 -26.38
CA LEU B 99 91.37 -62.44 -24.91
C LEU B 99 92.61 -61.84 -24.27
N ALA B 100 93.61 -61.44 -25.06
CA ALA B 100 94.82 -60.87 -24.49
C ALA B 100 94.54 -59.56 -23.78
N LYS B 101 93.67 -58.73 -24.33
CA LYS B 101 93.29 -57.47 -23.70
C LYS B 101 92.08 -57.60 -22.78
N GLN B 102 91.47 -58.79 -22.70
CA GLN B 102 90.26 -58.98 -21.89
C GLN B 102 90.65 -59.41 -20.48
N VAL B 103 90.16 -58.68 -19.48
CA VAL B 103 90.31 -59.06 -18.08
C VAL B 103 89.05 -59.86 -17.74
N ARG B 104 89.09 -61.16 -18.01
CA ARG B 104 87.92 -62.01 -17.86
C ARG B 104 87.61 -62.21 -16.38
N ILE B 105 86.49 -61.66 -15.93
CA ILE B 105 86.10 -61.72 -14.52
C ILE B 105 84.72 -62.36 -14.44
N ALA B 106 83.79 -61.87 -15.24
CA ALA B 106 82.43 -62.43 -15.24
C ALA B 106 82.35 -63.77 -15.95
N LEU B 107 83.25 -64.04 -16.88
CA LEU B 107 83.27 -65.30 -17.62
C LEU B 107 84.47 -66.16 -17.26
N ARG B 108 84.91 -66.11 -16.00
CA ARG B 108 86.08 -66.85 -15.59
C ARG B 108 85.84 -68.36 -15.51
N ASN B 109 84.59 -68.82 -15.65
CA ASN B 109 84.28 -70.23 -15.73
C ASN B 109 83.67 -70.65 -17.06
N CYS B 110 83.35 -69.70 -17.93
CA CYS B 110 82.70 -70.02 -19.20
C CYS B 110 83.71 -70.67 -20.15
N GLY B 111 83.37 -71.88 -20.61
CA GLY B 111 84.25 -72.64 -21.46
C GLY B 111 85.35 -73.40 -20.74
N VAL B 112 85.38 -73.33 -19.41
CA VAL B 112 86.42 -73.95 -18.60
C VAL B 112 85.84 -75.06 -17.72
N ILE B 113 84.75 -74.77 -17.01
CA ILE B 113 84.16 -75.71 -16.09
C ILE B 113 82.91 -76.32 -16.73
N ASP B 114 82.45 -77.43 -16.14
CA ASP B 114 81.20 -78.05 -16.53
C ASP B 114 80.07 -77.37 -15.74
N PRO B 115 79.15 -76.67 -16.40
CA PRO B 115 78.09 -75.97 -15.66
C PRO B 115 77.14 -76.91 -14.92
N GLU B 116 76.97 -78.14 -15.39
CA GLU B 116 76.05 -79.09 -14.79
C GLU B 116 76.68 -79.87 -13.64
N ASN B 117 77.93 -79.57 -13.30
CA ASN B 117 78.66 -80.25 -12.24
C ASN B 117 79.16 -79.21 -11.25
N VAL B 118 78.82 -79.39 -9.98
CA VAL B 118 79.32 -78.50 -8.94
C VAL B 118 80.79 -78.78 -8.63
N ASP B 119 81.28 -79.98 -8.97
CA ASP B 119 82.65 -80.35 -8.67
C ASP B 119 83.65 -79.51 -9.46
N GLU B 120 83.33 -79.24 -10.73
CA GLU B 120 84.21 -78.41 -11.55
C GLU B 120 84.25 -76.97 -11.06
N TYR B 121 83.10 -76.44 -10.61
CA TYR B 121 83.08 -75.12 -10.01
C TYR B 121 83.91 -75.07 -8.73
N LYS B 122 83.77 -76.09 -7.89
CA LYS B 122 84.53 -76.13 -6.64
C LYS B 122 86.03 -76.25 -6.92
N ALA B 123 86.40 -76.99 -7.97
CA ALA B 123 87.81 -77.12 -8.33
C ALA B 123 88.37 -75.88 -8.99
N ASN B 124 87.52 -74.96 -9.43
CA ASN B 124 87.95 -73.70 -10.04
C ASN B 124 87.82 -72.53 -9.08
N ASP B 125 88.13 -72.76 -7.81
CA ASP B 125 88.06 -71.75 -6.74
C ASP B 125 86.65 -71.20 -6.57
N GLY B 126 85.65 -72.04 -6.76
CA GLY B 126 84.28 -71.63 -6.58
C GLY B 126 83.71 -72.08 -5.25
N TYR B 127 82.71 -71.33 -4.77
CA TYR B 127 82.02 -71.47 -3.49
C TYR B 127 82.94 -71.22 -2.29
N LYS B 128 84.21 -70.90 -2.50
CA LYS B 128 85.11 -70.61 -1.39
C LYS B 128 84.81 -69.23 -0.80
N ALA B 129 84.43 -68.28 -1.65
CA ALA B 129 83.98 -66.97 -1.16
C ALA B 129 82.72 -67.10 -0.32
N LEU B 130 81.85 -68.07 -0.65
CA LEU B 130 80.67 -68.31 0.16
C LEU B 130 81.05 -68.73 1.57
N SER B 131 81.99 -69.67 1.70
CA SER B 131 82.46 -70.09 3.00
C SER B 131 83.15 -68.95 3.74
N LYS B 132 83.94 -68.15 3.02
CA LYS B 132 84.64 -67.03 3.65
C LYS B 132 83.65 -66.00 4.20
N ALA B 133 82.62 -65.66 3.43
CA ALA B 133 81.63 -64.70 3.88
C ALA B 133 80.79 -65.27 5.02
N LEU B 134 80.51 -66.57 4.99
CA LEU B 134 79.67 -67.16 6.03
C LEU B 134 80.43 -67.27 7.35
N LYS B 135 81.72 -67.64 7.31
CA LYS B 135 82.43 -67.97 8.53
C LYS B 135 83.31 -66.85 9.08
N GLU B 136 83.87 -66.00 8.21
CA GLU B 136 84.87 -65.04 8.65
C GLU B 136 84.42 -63.59 8.58
N MET B 137 83.27 -63.28 8.01
CA MET B 137 82.87 -61.90 7.83
C MET B 137 81.42 -61.68 8.25
N THR B 138 81.16 -60.49 8.78
CA THR B 138 79.81 -60.07 9.14
C THR B 138 79.11 -59.46 7.93
N PRO B 139 77.77 -59.41 7.95
CA PRO B 139 77.04 -58.71 6.86
C PRO B 139 77.41 -57.25 6.72
N GLU B 140 77.68 -56.56 7.83
CA GLU B 140 78.14 -55.18 7.75
C GLU B 140 79.51 -55.10 7.10
N GLU B 141 80.38 -56.07 7.38
CA GLU B 141 81.66 -56.15 6.69
C GLU B 141 81.47 -56.42 5.20
N VAL B 142 80.45 -57.22 4.86
CA VAL B 142 80.12 -57.46 3.45
C VAL B 142 79.74 -56.15 2.76
N ILE B 143 78.88 -55.35 3.43
CA ILE B 143 78.44 -54.07 2.87
C ILE B 143 79.61 -53.12 2.72
N GLU B 144 80.49 -53.06 3.73
CA GLU B 144 81.61 -52.14 3.66
C GLU B 144 82.63 -52.56 2.60
N GLU B 145 82.84 -53.86 2.44
CA GLU B 145 83.70 -54.34 1.37
C GLU B 145 83.10 -54.03 0.00
N ILE B 146 81.78 -54.13 -0.13
CA ILE B 146 81.12 -53.72 -1.36
C ILE B 146 81.33 -52.22 -1.59
N LYS B 147 81.26 -51.43 -0.51
CA LYS B 147 81.41 -49.97 -0.64
C LYS B 147 82.81 -49.58 -1.09
N VAL B 148 83.85 -50.19 -0.50
CA VAL B 148 85.21 -49.89 -0.95
C VAL B 148 85.44 -50.44 -2.35
N ALA B 149 84.73 -51.53 -2.69
CA ALA B 149 84.76 -52.06 -4.04
C ALA B 149 84.12 -51.11 -5.07
N GLY B 150 83.37 -50.11 -4.61
CA GLY B 150 82.83 -49.10 -5.51
C GLY B 150 81.59 -49.50 -6.27
N LEU B 151 80.85 -50.51 -5.82
CA LEU B 151 79.66 -50.96 -6.52
C LEU B 151 78.48 -50.05 -6.21
N ARG B 152 77.74 -49.68 -7.24
CA ARG B 152 76.53 -48.88 -7.10
C ARG B 152 75.31 -49.52 -7.74
N GLY B 153 75.45 -50.15 -8.90
CA GLY B 153 74.32 -50.79 -9.55
C GLY B 153 74.64 -51.22 -10.97
N ARG B 154 74.01 -52.31 -11.43
CA ARG B 154 74.23 -52.82 -12.77
C ARG B 154 72.89 -53.01 -13.46
N GLY B 155 72.92 -53.01 -14.79
CA GLY B 155 71.69 -53.06 -15.55
C GLY B 155 71.00 -51.72 -15.58
N GLY B 156 71.69 -50.71 -16.10
CA GLY B 156 71.15 -49.37 -16.11
C GLY B 156 71.18 -48.78 -14.72
N ALA B 157 70.06 -48.16 -14.32
CA ALA B 157 69.89 -47.53 -13.01
C ALA B 157 70.99 -46.54 -12.70
N GLY B 158 71.68 -46.72 -11.59
CA GLY B 158 72.79 -45.85 -11.25
C GLY B 158 72.82 -45.41 -9.81
N PHE B 159 71.71 -45.54 -9.09
CA PHE B 159 71.67 -45.14 -7.70
C PHE B 159 72.53 -46.09 -6.86
N PRO B 160 73.26 -45.59 -5.87
CA PRO B 160 74.21 -46.42 -5.13
C PRO B 160 73.53 -47.51 -4.32
N THR B 161 74.26 -48.63 -4.16
CA THR B 161 73.71 -49.77 -3.43
C THR B 161 73.45 -49.45 -1.97
N TRP B 162 74.38 -48.73 -1.32
CA TRP B 162 74.27 -48.47 0.11
C TRP B 162 73.01 -47.68 0.46
N PHE B 163 72.43 -46.96 -0.49
CA PHE B 163 71.14 -46.29 -0.28
C PHE B 163 69.95 -47.15 -0.71
N LYS B 164 70.20 -48.31 -1.28
CA LYS B 164 69.12 -49.23 -1.66
C LYS B 164 69.31 -50.64 -1.15
N TRP B 165 70.54 -51.16 -1.19
CA TRP B 165 70.84 -52.51 -0.73
C TRP B 165 70.95 -52.55 0.80
N ASN B 166 71.79 -51.68 1.34
CA ASN B 166 71.84 -51.50 2.79
C ASN B 166 70.51 -50.95 3.31
N ALA B 167 69.81 -50.15 2.50
CA ALA B 167 68.48 -49.69 2.89
C ALA B 167 67.49 -50.84 2.93
N ALA B 168 67.62 -51.80 2.00
CA ALA B 168 66.76 -52.98 2.02
C ALA B 168 67.08 -53.86 3.24
N ARG B 169 68.35 -53.99 3.59
CA ARG B 169 68.71 -54.72 4.81
C ARG B 169 68.18 -54.02 6.06
N GLN B 170 68.31 -52.69 6.12
CA GLN B 170 67.83 -51.91 7.25
C GLN B 170 66.31 -51.75 7.25
N SER B 171 65.64 -52.18 6.20
CA SER B 171 64.19 -52.04 6.11
C SER B 171 63.51 -52.93 7.15
N LYS B 172 62.50 -52.37 7.81
CA LYS B 172 61.79 -53.11 8.85
C LYS B 172 60.95 -54.22 8.23
N GLY B 173 61.01 -55.40 8.83
CA GLY B 173 60.24 -56.53 8.35
C GLY B 173 60.88 -57.86 8.66
N GLU B 174 60.06 -58.81 9.13
CA GLU B 174 60.56 -60.15 9.42
C GLU B 174 60.86 -60.93 8.15
N ILE B 175 60.24 -60.57 7.02
CA ILE B 175 60.44 -61.26 5.75
C ILE B 175 60.99 -60.26 4.74
N LYS B 176 62.11 -60.62 4.14
CA LYS B 176 62.72 -59.82 3.08
C LYS B 176 62.89 -60.70 1.86
N TYR B 177 62.89 -60.08 0.68
CA TYR B 177 62.93 -60.82 -0.56
C TYR B 177 64.10 -60.35 -1.41
N VAL B 178 64.68 -61.30 -2.15
CA VAL B 178 65.71 -61.02 -3.14
C VAL B 178 65.17 -61.42 -4.50
N VAL B 179 65.21 -60.51 -5.45
CA VAL B 179 64.85 -60.79 -6.83
C VAL B 179 66.05 -60.51 -7.71
N CYS B 180 66.41 -61.47 -8.55
CA CYS B 180 67.43 -61.29 -9.56
C CYS B 180 66.71 -61.12 -10.89
N ASN B 181 66.79 -59.91 -11.45
CA ASN B 181 66.12 -59.62 -12.71
C ASN B 181 66.85 -60.28 -13.87
N ALA B 182 66.57 -61.56 -14.00
CA ALA B 182 67.31 -62.34 -15.00
C ALA B 182 66.54 -62.38 -16.32
N ASP B 183 65.71 -61.36 -16.58
CA ASP B 183 65.09 -61.29 -17.92
C ASP B 183 65.93 -60.31 -18.72
N GLU B 184 66.34 -60.70 -19.92
CA GLU B 184 67.18 -59.82 -20.76
C GLU B 184 66.35 -59.38 -21.96
N GLY B 185 65.37 -58.50 -21.77
CA GLY B 185 64.52 -58.15 -22.88
C GLY B 185 65.19 -57.36 -23.98
N ASP B 186 66.47 -57.03 -23.82
CA ASP B 186 67.20 -56.27 -24.82
C ASP B 186 67.46 -57.18 -26.03
N PRO B 187 67.07 -56.78 -27.23
CA PRO B 187 67.50 -57.51 -28.42
C PRO B 187 68.99 -57.30 -28.66
N GLY B 188 69.71 -58.39 -28.89
CA GLY B 188 71.13 -58.33 -29.15
C GLY B 188 72.01 -58.42 -27.92
N ALA B 189 71.46 -58.20 -26.73
CA ALA B 189 72.20 -58.35 -25.48
C ALA B 189 71.81 -59.67 -24.86
N PHE B 190 72.78 -60.56 -24.68
CA PHE B 190 72.54 -61.92 -24.20
C PHE B 190 73.57 -62.32 -23.15
N MET B 191 73.97 -61.37 -22.31
CA MET B 191 74.92 -61.68 -21.25
C MET B 191 74.31 -62.57 -20.17
N ASP B 192 73.02 -62.39 -19.87
CA ASP B 192 72.39 -63.17 -18.81
C ASP B 192 72.19 -64.62 -19.23
N ARG B 193 71.74 -64.83 -20.47
CA ARG B 193 71.60 -66.19 -20.98
C ARG B 193 72.95 -66.90 -21.04
N SER B 194 73.99 -66.18 -21.46
CA SER B 194 75.32 -66.77 -21.51
C SER B 194 75.83 -67.14 -20.13
N VAL B 195 75.62 -66.25 -19.14
CA VAL B 195 76.04 -66.56 -17.77
C VAL B 195 75.25 -67.74 -17.22
N LEU B 196 73.93 -67.77 -17.47
CA LEU B 196 73.10 -68.84 -16.95
C LEU B 196 73.47 -70.20 -17.54
N GLU B 197 73.73 -70.24 -18.84
CA GLU B 197 74.08 -71.48 -19.51
C GLU B 197 75.55 -71.84 -19.37
N GLY B 198 76.38 -70.91 -18.90
CA GLY B 198 77.81 -71.17 -18.80
C GLY B 198 78.29 -71.33 -17.37
N ASP B 199 77.70 -70.60 -16.44
CA ASP B 199 78.10 -70.66 -15.03
C ASP B 199 76.96 -70.20 -14.14
N PRO B 200 75.96 -71.05 -13.92
CA PRO B 200 74.88 -70.68 -12.99
C PRO B 200 75.27 -70.83 -11.53
N HIS B 201 76.33 -71.58 -11.24
CA HIS B 201 76.75 -71.78 -9.86
C HIS B 201 77.28 -70.49 -9.25
N ALA B 202 77.96 -69.67 -10.06
CA ALA B 202 78.40 -68.37 -9.57
C ALA B 202 77.22 -67.49 -9.21
N LEU B 203 76.17 -67.51 -10.02
CA LEU B 203 74.97 -66.72 -9.72
C LEU B 203 74.27 -67.24 -8.48
N LEU B 204 74.18 -68.56 -8.31
CA LEU B 204 73.55 -69.11 -7.12
C LEU B 204 74.33 -68.76 -5.87
N GLU B 205 75.66 -68.87 -5.94
CA GLU B 205 76.53 -68.44 -4.84
C GLU B 205 76.32 -66.96 -4.53
N GLY B 206 76.25 -66.14 -5.59
CA GLY B 206 76.07 -64.71 -5.38
C GLY B 206 74.76 -64.37 -4.73
N MET B 207 73.68 -65.01 -5.18
CA MET B 207 72.36 -64.75 -4.60
C MET B 207 72.31 -65.21 -3.16
N ALA B 208 72.96 -66.34 -2.85
CA ALA B 208 73.05 -66.79 -1.46
C ALA B 208 73.81 -65.78 -0.61
N ILE B 209 74.88 -65.21 -1.15
CA ILE B 209 75.70 -64.28 -0.39
C ILE B 209 74.93 -62.98 -0.11
N CYS B 210 74.23 -62.44 -1.11
CA CYS B 210 73.50 -61.21 -0.84
C CYS B 210 72.28 -61.48 0.06
N GLY B 211 71.69 -62.67 -0.05
CA GLY B 211 70.64 -63.03 0.87
C GLY B 211 71.13 -63.13 2.30
N TYR B 212 72.32 -63.68 2.50
CA TYR B 212 72.90 -63.73 3.84
C TYR B 212 73.22 -62.32 4.34
N ALA B 213 73.72 -61.46 3.46
CA ALA B 213 74.12 -60.13 3.90
C ALA B 213 72.92 -59.26 4.24
N ILE B 214 71.89 -59.22 3.38
CA ILE B 214 70.74 -58.36 3.61
C ILE B 214 69.73 -58.98 4.55
N GLY B 215 69.97 -60.20 5.03
CA GLY B 215 69.05 -60.80 5.98
C GLY B 215 67.77 -61.32 5.38
N ALA B 216 67.81 -61.77 4.13
CA ALA B 216 66.65 -62.36 3.47
C ALA B 216 66.86 -63.86 3.32
N ASN B 217 65.85 -64.63 3.70
CA ASN B 217 65.92 -66.08 3.70
C ASN B 217 65.36 -66.72 2.44
N GLU B 218 64.53 -66.01 1.69
CA GLU B 218 63.89 -66.55 0.49
C GLU B 218 64.08 -65.58 -0.67
N GLY B 219 64.39 -66.14 -1.84
CA GLY B 219 64.62 -65.32 -3.02
C GLY B 219 64.00 -65.96 -4.25
N HIS B 220 63.84 -65.14 -5.28
CA HIS B 220 63.24 -65.58 -6.53
C HIS B 220 64.10 -65.16 -7.71
N ILE B 221 64.05 -65.98 -8.77
CA ILE B 221 64.68 -65.69 -10.04
C ILE B 221 63.59 -65.42 -11.06
N TYR B 222 63.57 -64.22 -11.61
CA TYR B 222 62.62 -63.89 -12.68
C TYR B 222 63.30 -64.18 -14.01
N CYS B 223 63.05 -65.37 -14.55
CA CYS B 223 63.70 -65.83 -15.77
C CYS B 223 62.67 -66.13 -16.84
N ARG B 224 62.98 -65.75 -18.07
CA ARG B 224 62.02 -65.95 -19.17
C ARG B 224 61.91 -67.43 -19.51
N ALA B 225 60.79 -67.85 -20.06
CA ALA B 225 60.55 -69.24 -20.43
C ALA B 225 61.08 -69.58 -21.81
N GLU B 226 61.62 -68.60 -22.53
CA GLU B 226 62.27 -68.94 -23.82
C GLU B 226 63.74 -69.17 -23.47
N TYR B 227 64.03 -69.36 -22.18
CA TYR B 227 65.40 -69.63 -21.70
C TYR B 227 65.49 -71.04 -21.13
N PRO B 228 65.03 -72.12 -21.81
CA PRO B 228 64.99 -73.44 -21.21
C PRO B 228 66.39 -73.94 -20.86
N LEU B 229 67.25 -74.18 -21.86
CA LEU B 229 68.55 -74.73 -21.49
C LEU B 229 69.06 -74.08 -20.21
N ALA B 230 68.88 -72.76 -20.09
CA ALA B 230 69.29 -72.05 -18.89
C ALA B 230 68.48 -72.50 -17.67
N ILE B 231 67.17 -72.71 -17.85
CA ILE B 231 66.33 -73.17 -16.75
C ILE B 231 66.74 -74.57 -16.31
N LYS B 232 67.01 -75.46 -17.27
CA LYS B 232 67.43 -76.81 -16.93
C LYS B 232 68.77 -76.81 -16.21
N ARG B 233 69.73 -76.01 -16.69
CA ARG B 233 71.02 -75.96 -16.01
C ARG B 233 70.91 -75.35 -14.62
N LEU B 234 70.05 -74.33 -14.47
CA LEU B 234 69.86 -73.71 -13.17
C LEU B 234 69.19 -74.67 -12.19
N GLU B 235 68.22 -75.45 -12.65
CA GLU B 235 67.56 -76.42 -11.75
C GLU B 235 68.50 -77.57 -11.41
N ILE B 236 69.38 -77.96 -12.34
CA ILE B 236 70.38 -78.98 -12.02
C ILE B 236 71.35 -78.47 -10.96
N ALA B 237 71.80 -77.22 -11.12
CA ALA B 237 72.69 -76.62 -10.12
C ALA B 237 71.99 -76.49 -8.78
N ILE B 238 70.70 -76.14 -8.79
CA ILE B 238 69.93 -76.02 -7.56
C ILE B 238 69.82 -77.37 -6.86
N ALA B 239 69.55 -78.43 -7.62
CA ALA B 239 69.49 -79.77 -7.05
C ALA B 239 70.83 -80.19 -6.46
N ASP B 240 71.92 -79.89 -7.17
CA ASP B 240 73.25 -80.24 -6.67
C ASP B 240 73.58 -79.48 -5.39
N ALA B 241 73.24 -78.18 -5.34
CA ALA B 241 73.51 -77.38 -4.14
C ALA B 241 72.66 -77.84 -2.97
N LYS B 242 71.42 -78.27 -3.24
CA LYS B 242 70.60 -78.86 -2.19
C LYS B 242 71.21 -80.16 -1.69
N GLN B 243 71.76 -80.96 -2.60
CA GLN B 243 72.28 -82.27 -2.20
C GLN B 243 73.59 -82.15 -1.42
N ARG B 244 74.46 -81.21 -1.80
CA ARG B 244 75.75 -81.04 -1.15
C ARG B 244 75.72 -80.06 0.01
N ASN B 245 74.54 -79.79 0.56
CA ASN B 245 74.36 -78.86 1.70
C ASN B 245 74.90 -77.46 1.40
N LEU B 246 74.89 -77.08 0.12
CA LEU B 246 75.24 -75.73 -0.27
C LEU B 246 74.05 -74.80 -0.29
N LEU B 247 72.83 -75.33 -0.14
CA LEU B 247 71.62 -74.54 -0.25
C LEU B 247 70.52 -75.25 0.53
N GLY B 248 69.58 -74.47 1.03
CA GLY B 248 68.49 -75.01 1.82
C GLY B 248 68.51 -74.55 3.26
N LYS B 249 68.80 -75.47 4.17
CA LYS B 249 68.85 -75.18 5.60
C LYS B 249 70.22 -75.57 6.14
N ASN B 250 70.82 -74.65 6.91
CA ASN B 250 72.09 -74.87 7.62
C ASN B 250 73.21 -75.25 6.66
N ILE B 251 73.55 -74.28 5.81
CA ILE B 251 74.66 -74.45 4.87
C ILE B 251 75.98 -74.32 5.64
N MET B 252 76.81 -75.37 5.57
CA MET B 252 78.12 -75.42 6.22
C MET B 252 77.97 -75.17 7.73
N GLY B 253 76.93 -75.75 8.32
CA GLY B 253 76.66 -75.62 9.73
C GLY B 253 76.20 -74.25 10.19
N THR B 254 76.31 -73.22 9.36
CA THR B 254 75.90 -71.88 9.75
C THR B 254 74.38 -71.81 9.85
N ASN B 255 73.90 -71.00 10.80
CA ASN B 255 72.48 -70.92 11.10
C ASN B 255 71.65 -70.36 9.96
N PHE B 256 72.25 -69.70 8.98
CA PHE B 256 71.51 -69.02 7.94
C PHE B 256 71.00 -70.02 6.90
N SER B 257 69.71 -69.96 6.62
CA SER B 257 69.06 -70.82 5.64
C SER B 257 68.62 -69.99 4.44
N PHE B 258 68.81 -70.55 3.25
CA PHE B 258 68.45 -69.86 2.02
C PHE B 258 67.85 -70.88 1.07
N ASP B 259 66.63 -70.64 0.62
CA ASP B 259 65.96 -71.55 -0.30
C ASP B 259 65.66 -70.82 -1.61
N MET B 260 65.61 -71.60 -2.68
CA MET B 260 65.50 -71.07 -4.02
C MET B 260 64.18 -71.48 -4.65
N LYS B 261 63.59 -70.55 -5.41
CA LYS B 261 62.43 -70.82 -6.25
C LYS B 261 62.65 -70.19 -7.61
N ILE B 262 62.20 -70.89 -8.65
CA ILE B 262 62.35 -70.44 -10.02
C ILE B 262 60.97 -70.02 -10.53
N LYS B 263 60.85 -68.75 -10.92
CA LYS B 263 59.61 -68.22 -11.48
C LYS B 263 59.85 -67.93 -12.95
N LYS B 264 59.05 -68.55 -13.81
CA LYS B 264 59.18 -68.38 -15.25
C LYS B 264 58.27 -67.24 -15.70
N GLY B 265 58.87 -66.17 -16.20
CA GLY B 265 58.10 -65.07 -16.73
C GLY B 265 57.53 -65.38 -18.10
N ALA B 266 56.56 -64.56 -18.51
CA ALA B 266 55.90 -64.75 -19.79
C ALA B 266 56.60 -64.02 -20.93
N GLY B 267 57.63 -63.24 -20.64
CA GLY B 267 58.43 -62.66 -21.70
C GLY B 267 57.94 -61.35 -22.28
N ALA B 268 57.84 -60.31 -21.46
CA ALA B 268 57.55 -58.97 -21.91
C ALA B 268 58.72 -58.06 -21.54
N PHE B 269 59.07 -57.14 -22.44
CA PHE B 269 60.19 -56.24 -22.18
C PHE B 269 59.90 -55.28 -21.04
N VAL B 270 58.65 -54.84 -20.90
CA VAL B 270 58.31 -53.94 -19.81
C VAL B 270 58.29 -54.63 -18.46
N CYS B 271 58.36 -55.97 -18.44
CA CYS B 271 58.32 -56.69 -17.17
C CYS B 271 59.71 -56.71 -16.52
N GLY B 272 60.32 -55.53 -16.44
CA GLY B 272 61.45 -55.27 -15.58
C GLY B 272 61.03 -54.15 -14.67
N GLU B 273 61.77 -53.04 -14.66
CA GLU B 273 61.37 -51.77 -14.05
C GLU B 273 61.11 -51.86 -12.55
N GLU B 274 61.29 -53.04 -11.94
CA GLU B 274 61.22 -53.27 -10.49
C GLU B 274 59.83 -53.00 -9.89
N THR B 275 58.89 -52.47 -10.67
CA THR B 275 57.50 -52.35 -10.24
C THR B 275 56.57 -53.15 -11.13
N ALA B 276 56.85 -53.19 -12.44
CA ALA B 276 56.15 -54.11 -13.31
C ALA B 276 56.59 -55.56 -13.03
N LEU B 277 57.87 -55.75 -12.69
CA LEU B 277 58.34 -57.10 -12.38
C LEU B 277 57.71 -57.61 -11.08
N ILE B 278 57.47 -56.72 -10.13
CA ILE B 278 56.77 -57.11 -8.90
C ILE B 278 55.34 -57.53 -9.22
N ALA B 279 54.66 -56.79 -10.08
CA ALA B 279 53.30 -57.14 -10.46
C ALA B 279 53.26 -58.45 -11.23
N SER B 280 54.27 -58.71 -12.06
CA SER B 280 54.38 -59.99 -12.75
C SER B 280 54.60 -61.13 -11.76
N LEU B 281 55.45 -60.91 -10.75
CA LEU B 281 55.66 -61.90 -9.71
C LEU B 281 54.40 -62.10 -8.86
N GLU B 282 53.56 -61.07 -8.78
CA GLU B 282 52.34 -61.10 -8.00
C GLU B 282 51.17 -61.69 -8.76
N GLY B 283 51.37 -62.09 -10.02
CA GLY B 283 50.32 -62.71 -10.79
C GLY B 283 49.35 -61.77 -11.46
N GLU B 284 49.78 -60.57 -11.83
CA GLU B 284 48.93 -59.58 -12.48
C GLU B 284 49.54 -59.17 -13.82
N ARG B 285 48.93 -58.16 -14.44
CA ARG B 285 49.49 -57.58 -15.64
C ARG B 285 50.70 -56.75 -15.27
N GLY B 286 51.82 -56.98 -15.94
CA GLY B 286 52.99 -56.17 -15.65
C GLY B 286 52.79 -54.76 -16.17
N MET B 287 52.48 -53.85 -15.25
CA MET B 287 52.27 -52.45 -15.56
C MET B 287 53.01 -51.69 -14.47
N PRO B 288 53.91 -50.78 -14.83
CA PRO B 288 54.64 -50.01 -13.81
C PRO B 288 53.69 -49.19 -12.94
N ARG B 289 54.01 -49.15 -11.66
CA ARG B 289 53.22 -48.46 -10.67
C ARG B 289 53.87 -47.11 -10.36
N LEU B 290 53.36 -46.43 -9.35
CA LEU B 290 53.83 -45.10 -9.01
C LEU B 290 54.98 -45.17 -8.02
N LYS B 291 56.07 -44.48 -8.33
CA LYS B 291 57.23 -44.34 -7.45
C LYS B 291 57.41 -42.87 -7.11
N PRO B 292 57.40 -42.47 -5.83
CA PRO B 292 57.25 -43.26 -4.59
C PRO B 292 55.82 -43.77 -4.40
N PRO B 293 55.58 -44.83 -3.61
CA PRO B 293 56.52 -45.60 -2.78
C PRO B 293 57.46 -46.52 -3.56
N PHE B 294 58.67 -46.65 -3.07
CA PHE B 294 59.72 -47.49 -3.63
C PHE B 294 59.60 -48.91 -3.11
N PRO B 295 60.13 -49.89 -3.85
CA PRO B 295 60.08 -51.28 -3.36
C PRO B 295 60.85 -51.51 -2.08
N ALA B 296 61.76 -50.61 -1.69
CA ALA B 296 62.44 -50.73 -0.41
C ALA B 296 61.50 -50.53 0.77
N GLN B 297 60.35 -49.88 0.56
CA GLN B 297 59.34 -49.76 1.60
C GLN B 297 58.11 -50.62 1.38
N SER B 298 57.79 -50.96 0.13
CA SER B 298 56.64 -51.81 -0.16
C SER B 298 56.88 -52.49 -1.50
N GLY B 299 57.31 -53.76 -1.45
CA GLY B 299 57.57 -54.51 -2.66
C GLY B 299 56.68 -55.72 -2.82
N PHE B 300 57.26 -56.91 -2.68
CA PHE B 300 56.54 -58.17 -2.88
C PHE B 300 55.45 -58.30 -1.82
N TRP B 301 54.19 -58.15 -2.25
CA TRP B 301 53.00 -58.26 -1.41
C TRP B 301 52.98 -57.23 -0.28
N GLY B 302 53.67 -56.11 -0.45
CA GLY B 302 53.79 -55.11 0.60
C GLY B 302 54.96 -55.28 1.53
N LYS B 303 55.91 -56.15 1.21
CA LYS B 303 57.10 -56.41 2.01
C LYS B 303 58.33 -55.86 1.31
N PRO B 304 59.33 -55.39 2.08
CA PRO B 304 60.53 -54.80 1.44
C PRO B 304 61.27 -55.80 0.56
N THR B 305 61.82 -55.29 -0.54
CA THR B 305 62.40 -56.13 -1.57
C THR B 305 63.63 -55.46 -2.15
N ASN B 306 64.67 -56.25 -2.44
CA ASN B 306 65.85 -55.80 -3.15
C ASN B 306 65.91 -56.48 -4.50
N ILE B 307 66.07 -55.69 -5.56
CA ILE B 307 66.12 -56.19 -6.93
C ILE B 307 67.45 -55.76 -7.53
N ASN B 308 68.16 -56.72 -8.13
CA ASN B 308 69.44 -56.44 -8.77
C ASN B 308 69.60 -57.33 -9.99
N ASN B 309 70.56 -56.96 -10.83
CA ASN B 309 70.86 -57.74 -12.02
C ASN B 309 71.65 -58.99 -11.65
N VAL B 310 71.82 -59.88 -12.62
CA VAL B 310 72.73 -61.01 -12.44
C VAL B 310 74.17 -60.52 -12.31
N GLU B 311 74.49 -59.42 -13.00
CA GLU B 311 75.85 -58.89 -12.99
C GLU B 311 76.29 -58.49 -11.60
N THR B 312 75.43 -57.79 -10.86
CA THR B 312 75.75 -57.35 -9.51
C THR B 312 75.98 -58.53 -8.59
N PHE B 313 75.06 -59.50 -8.60
CA PHE B 313 75.18 -60.64 -7.71
C PHE B 313 76.34 -61.54 -8.11
N ALA B 314 76.76 -61.48 -9.38
CA ALA B 314 77.94 -62.21 -9.80
C ALA B 314 79.20 -61.51 -9.27
N ASN B 315 79.19 -60.18 -9.29
CA ASN B 315 80.37 -59.42 -8.90
C ASN B 315 80.59 -59.46 -7.39
N VAL B 316 79.51 -59.59 -6.62
CA VAL B 316 79.64 -59.48 -5.15
C VAL B 316 80.55 -60.55 -4.54
N PRO B 317 80.38 -61.89 -4.78
CA PRO B 317 81.32 -62.86 -4.18
C PRO B 317 82.76 -62.72 -4.62
N TRP B 318 82.98 -62.35 -5.89
CA TRP B 318 84.34 -62.26 -6.37
C TRP B 318 85.04 -61.05 -5.76
N ILE B 319 84.25 -60.06 -5.35
CA ILE B 319 84.75 -58.99 -4.48
C ILE B 319 85.00 -59.54 -3.08
N MET B 320 84.11 -60.42 -2.62
CA MET B 320 84.15 -60.93 -1.25
C MET B 320 85.41 -61.74 -0.97
N TYR B 321 85.78 -62.58 -1.94
CA TYR B 321 86.92 -63.49 -1.83
C TYR B 321 88.24 -62.73 -1.71
N ASN B 322 88.55 -61.93 -2.73
CA ASN B 322 89.83 -61.23 -2.80
C ASN B 322 89.81 -59.97 -1.95
N GLY B 323 88.83 -59.11 -2.17
CA GLY B 323 88.75 -57.86 -1.45
C GLY B 323 88.56 -56.68 -2.38
N GLY B 324 87.64 -55.78 -2.02
CA GLY B 324 87.29 -54.67 -2.90
C GLY B 324 88.42 -53.68 -3.13
N SER B 325 89.45 -53.70 -2.28
CA SER B 325 90.59 -52.81 -2.47
C SER B 325 91.38 -53.16 -3.71
N ALA B 326 91.32 -54.41 -4.17
CA ALA B 326 92.03 -54.80 -5.38
C ALA B 326 91.36 -54.23 -6.62
N TYR B 327 90.04 -54.16 -6.63
CA TYR B 327 89.28 -53.71 -7.79
C TYR B 327 89.22 -52.20 -7.93
N ALA B 328 89.73 -51.45 -6.96
CA ALA B 328 89.78 -50.00 -7.07
C ALA B 328 90.83 -49.53 -8.07
N ALA B 329 91.74 -50.42 -8.48
CA ALA B 329 92.77 -50.07 -9.45
C ALA B 329 92.28 -50.13 -10.89
N TYR B 330 91.41 -51.07 -11.21
CA TYR B 330 90.89 -51.19 -12.56
C TYR B 330 89.95 -50.05 -12.90
N GLY B 331 90.17 -49.46 -14.07
CA GLY B 331 89.24 -48.51 -14.65
C GLY B 331 89.29 -47.13 -14.03
N THR B 332 88.21 -46.38 -14.29
CA THR B 332 88.13 -44.98 -13.93
C THR B 332 87.90 -44.82 -12.43
N GLU B 333 87.65 -43.58 -12.01
CA GLU B 333 87.51 -43.30 -10.58
C GLU B 333 86.04 -43.40 -10.14
N LYS B 334 85.13 -42.79 -10.91
CA LYS B 334 83.75 -42.65 -10.48
C LYS B 334 83.00 -43.98 -10.44
N SER B 335 83.35 -44.92 -11.31
CA SER B 335 82.70 -46.23 -11.34
C SER B 335 83.75 -47.32 -11.34
N LYS B 336 83.51 -48.35 -10.56
CA LYS B 336 84.44 -49.47 -10.41
C LYS B 336 83.80 -50.78 -10.83
N GLY B 337 84.63 -51.79 -11.06
CA GLY B 337 84.18 -53.10 -11.43
C GLY B 337 84.68 -53.51 -12.80
N THR B 338 83.79 -54.18 -13.54
CA THR B 338 84.04 -54.59 -14.91
C THR B 338 82.74 -54.59 -15.69
N LYS B 339 82.85 -54.46 -17.01
CA LYS B 339 81.69 -54.38 -17.88
C LYS B 339 81.67 -55.58 -18.83
N VAL B 340 80.45 -56.01 -19.14
CA VAL B 340 80.19 -57.16 -19.98
C VAL B 340 79.44 -56.66 -21.20
N PHE B 341 79.97 -56.92 -22.40
CA PHE B 341 79.39 -56.39 -23.61
C PHE B 341 79.19 -57.51 -24.61
N ALA B 342 78.21 -57.35 -25.50
CA ALA B 342 77.99 -58.27 -26.60
C ALA B 342 78.16 -57.51 -27.91
N LEU B 343 79.26 -57.78 -28.61
CA LEU B 343 79.55 -57.13 -29.87
C LEU B 343 78.84 -57.84 -31.01
N ALA B 344 78.14 -57.07 -31.83
CA ALA B 344 77.43 -57.63 -32.97
C ALA B 344 77.29 -56.56 -34.04
N GLY B 345 76.72 -56.96 -35.18
CA GLY B 345 76.56 -56.06 -36.30
C GLY B 345 77.60 -56.31 -37.39
N LYS B 346 77.97 -55.26 -38.11
CA LYS B 346 78.96 -55.37 -39.18
C LYS B 346 80.36 -55.38 -38.56
N ILE B 347 80.68 -56.51 -37.93
CA ILE B 347 81.94 -56.71 -37.22
C ILE B 347 82.51 -58.06 -37.65
N LYS B 348 83.82 -58.21 -37.47
CA LYS B 348 84.50 -59.45 -37.83
C LYS B 348 84.51 -60.46 -36.69
N ASN B 349 85.14 -60.10 -35.57
CA ASN B 349 85.24 -60.97 -34.41
C ASN B 349 84.17 -60.56 -33.41
N GLY B 350 82.93 -60.97 -33.67
CA GLY B 350 81.83 -60.64 -32.80
C GLY B 350 81.58 -61.71 -31.75
N GLY B 351 80.80 -61.33 -30.73
CA GLY B 351 80.53 -62.21 -29.64
C GLY B 351 80.67 -61.48 -28.32
N LEU B 352 80.86 -62.22 -27.24
CA LEU B 352 80.79 -61.66 -25.90
C LEU B 352 82.19 -61.24 -25.48
N VAL B 353 82.32 -60.01 -24.97
CA VAL B 353 83.60 -59.43 -24.58
C VAL B 353 83.51 -58.95 -23.14
N GLU B 354 84.49 -59.34 -22.33
CA GLU B 354 84.66 -58.85 -20.97
C GLU B 354 85.72 -57.77 -20.95
N VAL B 355 85.39 -56.61 -20.38
CA VAL B 355 86.31 -55.46 -20.45
C VAL B 355 86.29 -54.74 -19.12
N PRO B 356 87.37 -54.02 -18.81
CA PRO B 356 87.30 -52.97 -17.80
C PRO B 356 86.86 -51.65 -18.44
N MET B 357 86.45 -50.71 -17.58
CA MET B 357 86.05 -49.39 -18.02
C MET B 357 87.25 -48.49 -18.25
N GLY B 358 87.01 -47.37 -18.94
CA GLY B 358 88.04 -46.46 -19.35
C GLY B 358 88.69 -46.83 -20.67
N MET B 359 88.46 -48.04 -21.18
CA MET B 359 89.05 -48.48 -22.43
C MET B 359 88.31 -47.83 -23.59
N SER B 360 89.07 -47.28 -24.53
CA SER B 360 88.50 -46.51 -25.63
C SER B 360 87.68 -47.39 -26.55
N LEU B 361 86.64 -46.80 -27.14
CA LEU B 361 85.74 -47.53 -28.02
C LEU B 361 86.45 -48.00 -29.29
N ARG B 362 87.42 -47.23 -29.78
CA ARG B 362 88.17 -47.67 -30.95
C ARG B 362 89.00 -48.91 -30.66
N GLU B 363 89.44 -49.06 -29.41
CA GLU B 363 90.09 -50.30 -29.01
C GLU B 363 89.12 -51.48 -29.07
N VAL B 364 87.89 -51.27 -28.61
CA VAL B 364 86.91 -52.35 -28.57
C VAL B 364 86.49 -52.77 -29.97
N ILE B 365 86.23 -51.79 -30.84
CA ILE B 365 85.74 -52.09 -32.18
C ILE B 365 86.84 -52.65 -33.07
N TYR B 366 88.02 -52.04 -33.05
CA TYR B 366 89.08 -52.40 -33.98
C TYR B 366 90.01 -53.47 -33.40
N ASP B 367 90.60 -53.21 -32.22
CA ASP B 367 91.61 -54.12 -31.69
C ASP B 367 90.98 -55.43 -31.22
N ILE B 368 89.83 -55.37 -30.58
CA ILE B 368 89.17 -56.58 -30.07
C ILE B 368 88.30 -57.23 -31.13
N GLY B 369 87.46 -56.44 -31.79
CA GLY B 369 86.56 -56.97 -32.80
C GLY B 369 87.17 -57.24 -34.14
N GLY B 370 88.45 -56.92 -34.34
CA GLY B 370 89.10 -57.11 -35.61
C GLY B 370 88.80 -56.05 -36.65
N GLY B 371 88.05 -55.00 -36.28
CA GLY B 371 87.69 -53.98 -37.23
C GLY B 371 86.27 -54.11 -37.73
N ILE B 372 86.07 -53.85 -39.02
CA ILE B 372 84.75 -53.87 -39.64
C ILE B 372 84.71 -55.05 -40.61
N LEU B 373 83.57 -55.75 -40.63
CA LEU B 373 83.39 -56.85 -41.57
C LEU B 373 83.48 -56.35 -43.01
N ASN B 374 84.11 -57.17 -43.87
CA ASN B 374 84.41 -56.85 -45.27
C ASN B 374 85.29 -55.62 -45.41
N ASP B 375 86.00 -55.25 -44.32
CA ASP B 375 86.92 -54.11 -44.30
C ASP B 375 86.25 -52.82 -44.76
N ARG B 376 84.99 -52.64 -44.35
CA ARG B 376 84.25 -51.45 -44.71
C ARG B 376 84.59 -50.31 -43.75
N GLU B 377 83.99 -49.15 -43.99
CA GLU B 377 84.29 -47.97 -43.20
C GLU B 377 83.34 -47.88 -42.01
N PHE B 378 83.91 -47.66 -40.82
CA PHE B 378 83.12 -47.55 -39.60
C PHE B 378 82.25 -46.30 -39.64
N LYS B 379 80.99 -46.44 -39.24
CA LYS B 379 80.08 -45.31 -39.21
C LYS B 379 79.62 -44.98 -37.80
N ALA B 380 79.04 -45.94 -37.08
CA ALA B 380 78.49 -45.64 -35.76
C ALA B 380 78.41 -46.90 -34.92
N VAL B 381 78.24 -46.70 -33.62
CA VAL B 381 78.07 -47.81 -32.69
C VAL B 381 76.89 -47.49 -31.77
N GLN B 382 76.00 -48.46 -31.59
CA GLN B 382 74.80 -48.31 -30.81
C GLN B 382 74.98 -48.97 -29.45
N MET B 383 74.61 -48.25 -28.39
CA MET B 383 74.73 -48.70 -27.01
C MET B 383 73.37 -48.69 -26.32
N GLY B 384 73.07 -49.76 -25.59
CA GLY B 384 71.86 -49.85 -24.82
C GLY B 384 70.67 -50.43 -25.54
N GLY B 385 70.83 -50.81 -26.80
CA GLY B 385 69.73 -51.35 -27.57
C GLY B 385 68.70 -50.29 -27.91
N PRO B 386 67.43 -50.70 -28.01
CA PRO B 386 66.37 -49.74 -28.39
C PRO B 386 66.17 -48.63 -27.38
N SER B 387 66.50 -48.84 -26.11
CA SER B 387 66.40 -47.79 -25.11
C SER B 387 67.66 -46.96 -25.01
N GLY B 388 68.72 -47.32 -25.73
CA GLY B 388 69.98 -46.61 -25.70
C GLY B 388 70.12 -45.61 -26.82
N GLY B 389 71.37 -45.21 -27.08
CA GLY B 389 71.66 -44.20 -28.08
C GLY B 389 72.72 -44.67 -29.06
N CYS B 390 73.17 -43.71 -29.88
CA CYS B 390 74.12 -43.96 -30.95
C CYS B 390 75.32 -43.03 -30.78
N ILE B 391 76.50 -43.55 -31.07
CA ILE B 391 77.76 -42.82 -30.98
C ILE B 391 78.38 -42.80 -32.38
N PRO B 392 78.71 -41.63 -32.92
CA PRO B 392 79.16 -41.54 -34.31
C PRO B 392 80.63 -41.85 -34.53
N LYS B 393 81.09 -41.62 -35.76
CA LYS B 393 82.49 -41.83 -36.16
C LYS B 393 83.44 -40.81 -35.57
N GLN B 394 82.96 -39.76 -34.91
CA GLN B 394 83.87 -38.76 -34.37
C GLN B 394 84.13 -38.96 -32.88
N LEU B 395 83.39 -39.85 -32.22
CA LEU B 395 83.57 -40.09 -30.79
C LEU B 395 84.00 -41.51 -30.43
N LEU B 396 84.95 -42.10 -31.17
CA LEU B 396 85.46 -43.39 -30.71
C LEU B 396 86.45 -43.23 -29.55
N ASP B 397 86.86 -42.01 -29.22
CA ASP B 397 87.80 -41.78 -28.14
C ASP B 397 87.13 -41.66 -26.79
N THR B 398 85.81 -41.81 -26.73
CA THR B 398 85.07 -41.73 -25.47
C THR B 398 85.27 -43.00 -24.65
N PRO B 399 85.72 -42.91 -23.41
CA PRO B 399 85.85 -44.11 -22.58
C PRO B 399 84.49 -44.67 -22.20
N VAL B 400 84.44 -45.98 -21.99
CA VAL B 400 83.21 -46.65 -21.59
C VAL B 400 83.04 -46.49 -20.08
N ASP B 401 82.02 -45.73 -19.67
CA ASP B 401 81.69 -45.53 -18.27
C ASP B 401 80.29 -44.95 -18.20
N TYR B 402 79.78 -44.77 -16.99
CA TYR B 402 78.44 -44.20 -16.86
C TYR B 402 78.41 -42.73 -17.26
N ASP B 403 79.42 -41.96 -16.84
CA ASP B 403 79.38 -40.51 -17.05
C ASP B 403 79.61 -40.14 -18.52
N SER B 404 80.61 -40.77 -19.15
CA SER B 404 80.92 -40.41 -20.54
C SER B 404 79.80 -40.81 -21.50
N ILE B 405 79.25 -42.01 -21.31
CA ILE B 405 78.14 -42.44 -22.16
C ILE B 405 76.88 -41.65 -21.84
N ASN B 406 76.69 -41.26 -20.58
CA ASN B 406 75.57 -40.38 -20.25
C ASN B 406 75.74 -39.00 -20.87
N LYS B 407 76.99 -38.58 -21.09
CA LYS B 407 77.24 -37.26 -21.66
C LYS B 407 76.83 -37.21 -23.13
N THR B 408 77.11 -38.26 -23.90
CA THR B 408 76.85 -38.26 -25.33
C THR B 408 75.41 -38.61 -25.67
N GLY B 409 74.50 -38.63 -24.69
CA GLY B 409 73.09 -38.85 -24.95
C GLY B 409 72.66 -40.30 -24.97
N ALA B 410 73.59 -41.25 -24.86
CA ALA B 410 73.25 -42.66 -24.86
C ALA B 410 73.06 -43.15 -23.42
N ILE B 411 72.71 -44.43 -23.29
CA ILE B 411 72.45 -45.06 -22.00
C ILE B 411 73.19 -46.37 -21.96
N MET B 412 73.83 -46.68 -20.83
CA MET B 412 74.54 -47.94 -20.67
C MET B 412 73.59 -49.12 -20.84
N GLY B 413 72.50 -49.13 -20.09
CA GLY B 413 71.50 -50.18 -20.23
C GLY B 413 72.05 -51.56 -19.91
N SER B 414 71.83 -52.50 -20.82
CA SER B 414 72.38 -53.84 -20.70
C SER B 414 73.79 -53.96 -21.23
N GLY B 415 74.30 -52.94 -21.91
CA GLY B 415 75.66 -53.01 -22.42
C GLY B 415 75.80 -53.86 -23.67
N GLY B 416 75.18 -53.42 -24.77
CA GLY B 416 75.28 -54.11 -26.05
C GLY B 416 75.98 -53.22 -27.07
N MET B 417 76.94 -53.81 -27.79
CA MET B 417 77.66 -53.13 -28.85
C MET B 417 77.02 -53.51 -30.16
N ILE B 418 76.52 -52.52 -30.90
CA ILE B 418 76.11 -52.75 -32.28
C ILE B 418 76.98 -51.88 -33.18
N VAL B 419 77.65 -52.50 -34.15
CA VAL B 419 78.53 -51.79 -35.07
C VAL B 419 77.84 -51.65 -36.41
N MET B 420 77.69 -50.42 -36.89
CA MET B 420 77.11 -50.16 -38.19
C MET B 420 78.10 -49.39 -39.06
N ASP B 421 78.23 -49.83 -40.31
CA ASP B 421 79.10 -49.23 -41.30
C ASP B 421 78.32 -48.26 -42.18
N GLU B 422 78.95 -47.81 -43.28
CA GLU B 422 78.35 -46.79 -44.15
C GLU B 422 77.16 -47.30 -44.95
N THR B 423 76.92 -48.61 -44.98
CA THR B 423 75.82 -49.17 -45.75
C THR B 423 74.54 -49.32 -44.94
N THR B 424 74.49 -48.76 -43.73
CA THR B 424 73.29 -48.77 -42.90
C THR B 424 72.66 -47.38 -42.91
N CYS B 425 71.38 -47.32 -43.26
CA CYS B 425 70.63 -46.07 -43.18
C CYS B 425 70.33 -45.77 -41.72
N MET B 426 70.65 -44.55 -41.28
CA MET B 426 70.46 -44.22 -39.88
C MET B 426 69.00 -43.95 -39.55
N VAL B 427 68.25 -43.35 -40.48
CA VAL B 427 66.83 -43.09 -40.22
C VAL B 427 66.06 -44.39 -40.14
N ASP B 428 66.41 -45.37 -40.97
CA ASP B 428 65.81 -46.69 -40.85
C ASP B 428 66.17 -47.38 -39.54
N MET B 429 67.39 -47.21 -39.05
CA MET B 429 67.76 -47.75 -37.75
C MET B 429 66.96 -47.12 -36.61
N ALA B 430 66.77 -45.79 -36.66
CA ALA B 430 65.93 -45.14 -35.68
C ALA B 430 64.48 -45.63 -35.76
N ARG B 431 63.98 -45.83 -36.97
CA ARG B 431 62.62 -46.36 -37.14
C ARG B 431 62.49 -47.76 -36.57
N PHE B 432 63.52 -48.60 -36.78
CA PHE B 432 63.50 -49.96 -36.24
C PHE B 432 63.51 -49.95 -34.72
N PHE B 433 64.36 -49.13 -34.12
CA PHE B 433 64.45 -49.07 -32.67
C PHE B 433 63.19 -48.50 -32.06
N LEU B 434 62.53 -47.56 -32.75
CA LEU B 434 61.29 -47.02 -32.24
C LEU B 434 60.13 -47.98 -32.42
N ASP B 435 60.15 -48.77 -33.50
CA ASP B 435 59.13 -49.80 -33.68
C ASP B 435 59.21 -50.85 -32.58
N PHE B 436 60.42 -51.18 -32.13
CA PHE B 436 60.52 -52.12 -31.02
C PHE B 436 59.86 -51.59 -29.74
N THR B 437 60.08 -50.31 -29.41
CA THR B 437 59.44 -49.75 -28.22
C THR B 437 57.95 -49.55 -28.39
N VAL B 438 57.48 -49.33 -29.61
CA VAL B 438 56.05 -49.28 -29.87
C VAL B 438 55.42 -50.64 -29.61
N LYS B 439 56.07 -51.71 -30.06
CA LYS B 439 55.51 -53.05 -29.86
C LYS B 439 55.62 -53.55 -28.43
N GLU B 440 56.33 -52.87 -27.55
CA GLU B 440 56.58 -53.35 -26.20
C GLU B 440 56.25 -52.29 -25.15
N SER B 441 55.14 -51.59 -25.30
CA SER B 441 54.71 -50.60 -24.32
C SER B 441 53.38 -51.04 -23.73
N CYS B 442 53.27 -50.97 -22.39
CA CYS B 442 52.09 -51.46 -21.71
C CYS B 442 50.84 -50.63 -21.98
N GLY B 443 51.00 -49.42 -22.50
CA GLY B 443 49.86 -48.58 -22.83
C GLY B 443 49.04 -48.11 -21.65
N LYS B 444 49.71 -47.69 -20.58
CA LYS B 444 49.02 -47.15 -19.40
C LYS B 444 48.97 -45.63 -19.42
N CYS B 445 50.13 -44.98 -19.44
CA CYS B 445 50.21 -43.53 -19.52
C CYS B 445 50.09 -43.11 -20.98
N ILE B 446 49.56 -41.90 -21.20
CA ILE B 446 49.17 -41.52 -22.56
C ILE B 446 50.37 -41.12 -23.41
N TYR B 447 51.48 -40.70 -22.80
CA TYR B 447 52.65 -40.30 -23.58
C TYR B 447 53.25 -41.48 -24.31
N CYS B 448 53.66 -42.51 -23.57
CA CYS B 448 54.16 -43.73 -24.19
C CYS B 448 53.09 -44.50 -24.95
N ARG B 449 51.80 -44.21 -24.73
CA ARG B 449 50.79 -44.95 -25.47
C ARG B 449 50.57 -44.36 -26.86
N ILE B 450 50.53 -43.04 -26.98
CA ILE B 450 50.17 -42.38 -28.23
C ILE B 450 51.37 -41.72 -28.89
N GLY B 451 52.19 -40.99 -28.11
CA GLY B 451 53.25 -40.21 -28.72
C GLY B 451 54.34 -41.05 -29.36
N THR B 452 54.65 -42.21 -28.75
CA THR B 452 55.68 -43.04 -29.35
C THR B 452 55.22 -43.70 -30.63
N LYS B 453 53.91 -43.79 -30.85
CA LYS B 453 53.35 -44.23 -32.12
C LYS B 453 53.32 -43.10 -33.14
N ARG B 454 53.06 -41.88 -32.67
CA ARG B 454 53.09 -40.72 -33.57
C ARG B 454 54.49 -40.49 -34.12
N MET B 455 55.52 -40.62 -33.28
CA MET B 455 56.89 -40.52 -33.78
C MET B 455 57.22 -41.63 -34.77
N LEU B 456 56.71 -42.85 -34.50
CA LEU B 456 56.92 -43.96 -35.43
C LEU B 456 56.27 -43.70 -36.78
N GLU B 457 55.08 -43.11 -36.78
CA GLU B 457 54.43 -42.75 -38.03
C GLU B 457 55.24 -41.71 -38.79
N ILE B 458 55.79 -40.72 -38.07
CA ILE B 458 56.66 -39.73 -38.73
C ILE B 458 57.88 -40.41 -39.36
N LEU B 459 58.52 -41.33 -38.63
CA LEU B 459 59.73 -41.96 -39.14
C LEU B 459 59.43 -42.89 -40.32
N GLU B 460 58.33 -43.64 -40.26
CA GLU B 460 57.98 -44.48 -41.40
C GLU B 460 57.56 -43.67 -42.61
N ARG B 461 57.01 -42.47 -42.39
CA ARG B 461 56.71 -41.61 -43.52
C ARG B 461 57.97 -41.00 -44.11
N ILE B 462 58.98 -40.73 -43.29
CA ILE B 462 60.25 -40.24 -43.80
C ILE B 462 60.97 -41.30 -44.61
N THR B 463 61.05 -42.53 -44.08
CA THR B 463 61.78 -43.61 -44.73
C THR B 463 61.05 -44.18 -45.95
N THR B 464 59.96 -43.56 -46.40
CA THR B 464 59.34 -43.89 -47.67
C THR B 464 59.56 -42.83 -48.73
N GLY B 465 59.51 -41.55 -48.37
CA GLY B 465 59.64 -40.49 -49.35
C GLY B 465 58.47 -39.54 -49.36
N GLU B 466 57.65 -39.55 -48.31
CA GLU B 466 56.52 -38.64 -48.20
C GLU B 466 56.70 -37.65 -47.07
N GLY B 467 57.94 -37.44 -46.63
CA GLY B 467 58.19 -36.46 -45.60
C GLY B 467 57.99 -35.04 -46.09
N ARG B 468 57.80 -34.13 -45.12
CA ARG B 468 57.55 -32.74 -45.45
C ARG B 468 58.55 -31.85 -44.71
N GLU B 469 58.37 -30.54 -44.81
CA GLU B 469 59.23 -29.61 -44.11
C GLU B 469 58.77 -29.45 -42.66
N GLY B 470 59.72 -29.46 -41.74
CA GLY B 470 59.43 -29.30 -40.33
C GLY B 470 59.28 -30.59 -39.57
N ASP B 471 59.40 -31.75 -40.22
CA ASP B 471 59.25 -33.04 -39.55
C ASP B 471 60.29 -33.21 -38.45
N ILE B 472 61.47 -32.61 -38.63
CA ILE B 472 62.48 -32.62 -37.58
C ILE B 472 61.99 -31.89 -36.34
N GLU B 473 61.31 -30.76 -36.54
CA GLU B 473 60.78 -30.00 -35.42
C GLU B 473 59.70 -30.78 -34.68
N GLU B 474 58.80 -31.45 -35.41
CA GLU B 474 57.78 -32.28 -34.76
C GLU B 474 58.43 -33.42 -34.00
N LEU B 475 59.50 -34.01 -34.56
CA LEU B 475 60.19 -35.09 -33.87
C LEU B 475 60.82 -34.61 -32.57
N GLU B 476 61.48 -33.45 -32.59
CA GLU B 476 62.11 -32.94 -31.37
C GLU B 476 61.06 -32.56 -30.32
N GLU B 477 59.98 -31.91 -30.77
CA GLU B 477 58.91 -31.50 -29.86
C GLU B 477 58.23 -32.70 -29.23
N LEU B 478 58.04 -33.79 -29.99
CA LEU B 478 57.47 -34.99 -29.41
C LEU B 478 58.45 -35.68 -28.47
N SER B 479 59.74 -35.73 -28.85
CA SER B 479 60.72 -36.48 -28.09
C SER B 479 60.92 -35.88 -26.70
N ILE B 480 61.08 -34.55 -26.63
CA ILE B 480 61.35 -33.94 -25.33
C ILE B 480 60.15 -34.09 -24.40
N SER B 481 58.93 -34.03 -24.96
CA SER B 481 57.73 -34.13 -24.15
C SER B 481 57.49 -35.55 -23.66
N ILE B 482 57.71 -36.54 -24.54
CA ILE B 482 57.57 -37.94 -24.13
C ILE B 482 58.61 -38.28 -23.07
N LYS B 483 59.83 -37.79 -23.23
CA LYS B 483 60.87 -38.04 -22.23
C LYS B 483 60.51 -37.41 -20.89
N ASP B 484 59.96 -36.20 -20.90
CA ASP B 484 59.62 -35.55 -19.65
C ASP B 484 58.43 -36.21 -18.96
N GLY B 485 57.36 -36.50 -19.70
CA GLY B 485 56.10 -36.83 -19.07
C GLY B 485 55.76 -38.29 -18.87
N SER B 486 56.56 -39.22 -19.37
CA SER B 486 56.23 -40.63 -19.26
C SER B 486 56.39 -41.13 -17.82
N LEU B 487 55.44 -41.95 -17.38
CA LEU B 487 55.50 -42.50 -16.02
C LEU B 487 56.54 -43.59 -15.88
N CYS B 488 56.66 -44.45 -16.87
CA CYS B 488 57.53 -45.63 -16.79
C CYS B 488 58.91 -45.28 -17.30
N GLY B 489 59.87 -46.16 -17.02
CA GLY B 489 61.22 -45.95 -17.53
C GLY B 489 61.35 -46.25 -19.01
N LEU B 490 60.39 -46.98 -19.59
CA LEU B 490 60.48 -47.34 -21.00
C LEU B 490 60.21 -46.13 -21.89
N GLY B 491 59.15 -45.39 -21.59
CA GLY B 491 58.83 -44.22 -22.39
C GLY B 491 59.72 -43.03 -22.14
N GLN B 492 60.35 -42.97 -20.96
CA GLN B 492 61.28 -41.88 -20.68
C GLN B 492 62.52 -41.99 -21.56
N THR B 493 63.14 -43.17 -21.58
CA THR B 493 64.23 -43.42 -22.53
C THR B 493 63.73 -44.13 -23.77
N ALA B 494 62.60 -43.69 -24.31
CA ALA B 494 62.12 -44.15 -25.61
C ALA B 494 62.70 -43.37 -26.79
N PRO B 495 62.71 -42.03 -26.80
CA PRO B 495 63.20 -41.30 -27.97
C PRO B 495 64.71 -41.08 -27.98
N ASN B 496 65.47 -41.78 -27.15
CA ASN B 496 66.93 -41.65 -27.18
C ASN B 496 67.55 -42.00 -28.53
N PRO B 497 67.14 -43.05 -29.26
CA PRO B 497 67.71 -43.23 -30.61
C PRO B 497 67.46 -42.05 -31.54
N VAL B 498 66.24 -41.51 -31.56
CA VAL B 498 65.97 -40.37 -32.42
C VAL B 498 66.74 -39.14 -31.97
N LEU B 499 66.80 -38.91 -30.65
CA LEU B 499 67.49 -37.73 -30.14
C LEU B 499 69.00 -37.80 -30.35
N THR B 500 69.57 -39.01 -30.40
CA THR B 500 71.01 -39.11 -30.66
C THR B 500 71.33 -39.14 -32.14
N THR B 501 70.45 -39.68 -32.97
CA THR B 501 70.70 -39.69 -34.41
C THR B 501 70.21 -38.43 -35.10
N ILE B 502 69.57 -37.51 -34.37
CA ILE B 502 69.18 -36.23 -34.94
C ILE B 502 70.22 -35.15 -34.68
N ARG B 503 71.17 -35.38 -33.78
CA ARG B 503 72.25 -34.43 -33.53
C ARG B 503 73.60 -34.93 -34.03
N TYR B 504 73.71 -36.22 -34.34
CA TYR B 504 74.95 -36.77 -34.87
C TYR B 504 74.85 -37.20 -36.33
N PHE B 505 73.64 -37.32 -36.86
CA PHE B 505 73.43 -37.64 -38.26
C PHE B 505 72.30 -36.80 -38.83
N ARG B 506 72.27 -35.52 -38.48
CA ARG B 506 71.20 -34.63 -38.93
C ARG B 506 71.25 -34.41 -40.43
N ASP B 507 72.42 -34.56 -41.04
CA ASP B 507 72.56 -34.32 -42.47
C ASP B 507 71.87 -35.39 -43.31
N GLU B 508 71.59 -36.56 -42.74
CA GLU B 508 70.93 -37.62 -43.49
C GLU B 508 69.41 -37.53 -43.43
N TYR B 509 68.87 -36.92 -42.37
CA TYR B 509 67.43 -36.68 -42.31
C TYR B 509 67.01 -35.73 -43.42
N GLU B 510 67.81 -34.67 -43.65
CA GLU B 510 67.52 -33.75 -44.74
C GLU B 510 67.64 -34.43 -46.09
N ALA B 511 68.62 -35.33 -46.23
CA ALA B 511 68.77 -36.08 -47.47
C ALA B 511 67.55 -36.95 -47.73
N HIS B 512 67.01 -37.58 -46.68
CA HIS B 512 65.79 -38.37 -46.84
C HIS B 512 64.55 -37.50 -47.04
N ILE B 513 64.59 -36.24 -46.61
CA ILE B 513 63.44 -35.35 -46.70
C ILE B 513 63.52 -34.42 -47.90
N ARG B 514 64.61 -33.66 -48.02
CA ARG B 514 64.71 -32.65 -49.07
C ARG B 514 65.12 -33.27 -50.40
N ASP B 515 66.28 -33.92 -50.43
CA ASP B 515 66.78 -34.53 -51.65
C ASP B 515 66.02 -35.79 -52.04
N LYS B 516 65.24 -36.36 -51.12
CA LYS B 516 64.48 -37.59 -51.34
C LYS B 516 65.36 -38.72 -51.84
N LYS B 517 66.55 -38.83 -51.27
CA LYS B 517 67.48 -39.91 -51.61
C LYS B 517 68.16 -40.38 -50.34
N CYS B 518 68.62 -41.63 -50.38
CA CYS B 518 69.18 -42.29 -49.21
C CYS B 518 70.69 -42.34 -49.32
N PRO B 519 71.44 -41.64 -48.46
CA PRO B 519 72.91 -41.64 -48.61
C PRO B 519 73.55 -43.01 -48.49
N ALA B 520 73.01 -43.87 -47.63
CA ALA B 520 73.51 -45.24 -47.53
C ALA B 520 73.00 -46.13 -48.64
N LYS B 521 71.99 -45.68 -49.40
CA LYS B 521 71.44 -46.41 -50.55
C LYS B 521 70.95 -47.80 -50.15
N SER B 522 70.38 -47.91 -48.96
CA SER B 522 69.82 -49.15 -48.44
C SER B 522 68.45 -48.90 -47.85
N CYS B 523 67.69 -48.00 -48.46
CA CYS B 523 66.44 -47.50 -47.91
C CYS B 523 65.36 -47.51 -48.97
N LYS B 524 65.19 -48.68 -49.63
CA LYS B 524 64.31 -49.14 -50.70
C LYS B 524 63.63 -48.03 -51.54
N PRO B 525 62.51 -47.40 -51.15
CA PRO B 525 61.82 -46.55 -52.14
C PRO B 525 62.54 -45.25 -52.45
N LEU B 526 63.56 -44.88 -51.68
CA LEU B 526 64.28 -43.63 -51.90
C LEU B 526 65.52 -43.85 -52.77
N LEU B 527 65.34 -44.45 -53.94
CA LEU B 527 66.45 -44.84 -54.80
C LEU B 527 66.09 -44.62 -56.26
N THR B 528 67.10 -44.77 -57.12
CA THR B 528 66.90 -44.87 -58.56
C THR B 528 68.08 -45.64 -59.14
N TYR B 529 67.85 -46.24 -60.31
CA TYR B 529 68.80 -47.14 -60.94
C TYR B 529 69.16 -46.63 -62.33
N THR B 530 70.45 -46.70 -62.68
CA THR B 530 70.93 -46.38 -64.00
C THR B 530 71.96 -47.42 -64.43
N ILE B 531 72.12 -47.56 -65.74
CA ILE B 531 73.08 -48.49 -66.33
C ILE B 531 74.17 -47.68 -67.00
N ASN B 532 75.42 -47.94 -66.62
CA ASN B 532 76.56 -47.30 -67.27
C ASN B 532 76.83 -48.01 -68.60
N GLN B 533 76.66 -47.28 -69.70
CA GLN B 533 76.80 -47.88 -71.02
C GLN B 533 78.25 -48.16 -71.40
N ASP B 534 79.21 -47.64 -70.64
CA ASP B 534 80.62 -47.80 -70.98
C ASP B 534 81.25 -49.02 -70.29
N ASN B 535 80.83 -49.33 -69.06
CA ASN B 535 81.46 -50.36 -68.25
C ASN B 535 80.62 -51.63 -68.14
N CYS B 536 79.80 -51.92 -69.14
CA CYS B 536 79.00 -53.15 -69.14
C CYS B 536 78.72 -53.55 -70.59
N LYS B 537 78.86 -54.84 -70.88
CA LYS B 537 78.72 -55.36 -72.25
C LYS B 537 77.75 -56.55 -72.26
N GLY B 538 76.45 -56.23 -72.29
CA GLY B 538 75.37 -57.13 -72.70
C GLY B 538 75.42 -58.61 -72.39
N CYS B 539 75.73 -58.98 -71.15
CA CYS B 539 75.68 -60.38 -70.77
C CYS B 539 74.31 -60.80 -70.26
N THR B 540 73.41 -59.84 -70.07
CA THR B 540 72.01 -60.08 -69.66
C THR B 540 71.96 -60.89 -68.36
N LEU B 541 72.93 -60.68 -67.47
CA LEU B 541 72.92 -61.37 -66.19
C LEU B 541 71.93 -60.73 -65.23
N CYS B 542 71.78 -59.40 -65.31
CA CYS B 542 70.85 -58.69 -64.43
C CYS B 542 69.40 -58.85 -64.90
N ALA B 543 69.19 -58.83 -66.21
CA ALA B 543 67.83 -58.93 -66.74
C ALA B 543 67.26 -60.34 -66.58
N GLN B 544 68.13 -61.36 -66.58
CA GLN B 544 67.67 -62.72 -66.32
C GLN B 544 67.27 -62.91 -64.85
N LYS B 545 67.89 -62.16 -63.95
CA LYS B 545 67.61 -62.26 -62.52
C LYS B 545 66.67 -61.16 -62.03
N CYS B 546 65.76 -60.70 -62.91
CA CYS B 546 64.72 -59.75 -62.55
C CYS B 546 63.41 -60.31 -63.11
N PRO B 547 62.68 -61.13 -62.32
CA PRO B 547 61.55 -61.87 -62.90
C PRO B 547 60.29 -61.03 -63.10
N VAL B 548 60.46 -59.80 -63.57
CA VAL B 548 59.37 -58.99 -64.11
C VAL B 548 59.71 -58.46 -65.50
N GLN B 549 60.99 -58.45 -65.87
CA GLN B 549 61.49 -58.04 -67.18
C GLN B 549 61.17 -56.58 -67.46
N ALA B 550 61.63 -55.73 -66.54
CA ALA B 550 61.62 -54.28 -66.71
C ALA B 550 62.91 -53.78 -67.34
N ILE B 551 63.89 -54.64 -67.56
CA ILE B 551 65.15 -54.29 -68.19
C ILE B 551 65.18 -54.95 -69.56
N THR B 552 65.31 -54.14 -70.61
CA THR B 552 65.20 -54.61 -71.99
C THR B 552 66.48 -54.31 -72.74
N GLY B 553 66.91 -55.26 -73.56
CA GLY B 553 68.09 -55.08 -74.37
C GLY B 553 68.48 -56.36 -75.06
N GLU B 554 69.34 -56.21 -76.07
CA GLU B 554 69.84 -57.34 -76.84
C GLU B 554 71.15 -57.86 -76.24
N LYS B 555 71.63 -58.96 -76.81
CA LYS B 555 72.88 -59.54 -76.36
C LYS B 555 74.07 -58.69 -76.80
N LYS B 556 75.08 -58.64 -75.93
CA LYS B 556 76.34 -57.92 -76.15
C LYS B 556 76.13 -56.42 -76.33
N LYS B 557 75.00 -55.89 -75.86
CA LYS B 557 74.70 -54.46 -75.89
C LYS B 557 74.15 -54.03 -74.54
N PRO B 558 74.47 -52.81 -74.11
CA PRO B 558 73.92 -52.33 -72.83
C PRO B 558 72.41 -52.24 -72.86
N HIS B 559 71.80 -52.55 -71.72
CA HIS B 559 70.35 -52.63 -71.61
C HIS B 559 69.79 -51.31 -71.06
N VAL B 560 68.46 -51.24 -70.94
CA VAL B 560 67.77 -50.05 -70.46
C VAL B 560 66.82 -50.45 -69.34
N ILE B 561 66.89 -49.74 -68.22
CA ILE B 561 66.03 -50.00 -67.07
C ILE B 561 64.78 -49.13 -67.20
N ASP B 562 63.61 -49.78 -67.19
CA ASP B 562 62.34 -49.05 -67.23
C ASP B 562 61.96 -48.69 -65.80
N GLN B 563 61.97 -47.38 -65.51
CA GLN B 563 61.73 -46.93 -64.14
C GLN B 563 60.29 -47.16 -63.70
N ALA B 564 59.34 -47.08 -64.63
CA ALA B 564 57.93 -47.23 -64.29
C ALA B 564 57.53 -48.65 -63.93
N LEU B 565 58.37 -49.64 -64.27
CA LEU B 565 58.03 -51.04 -64.05
C LEU B 565 58.86 -51.71 -62.98
N CYS B 566 60.14 -51.37 -62.86
CA CYS B 566 60.97 -51.94 -61.80
C CYS B 566 60.53 -51.40 -60.45
N THR B 567 60.45 -52.29 -59.46
CA THR B 567 60.03 -51.94 -58.11
C THR B 567 61.22 -51.68 -57.18
N LYS B 568 62.43 -51.62 -57.72
CA LYS B 568 63.66 -51.30 -56.96
C LYS B 568 63.89 -52.31 -55.84
N CYS B 569 63.81 -53.59 -56.19
CA CYS B 569 63.99 -54.65 -55.19
C CYS B 569 65.45 -54.76 -54.76
N GLY B 570 66.38 -54.50 -55.68
CA GLY B 570 67.80 -54.51 -55.36
C GLY B 570 68.60 -55.64 -55.97
N ASN B 571 67.96 -56.53 -56.73
CA ASN B 571 68.69 -57.64 -57.35
C ASN B 571 69.31 -57.27 -58.68
N CYS B 572 69.09 -56.04 -59.17
CA CYS B 572 69.70 -55.61 -60.42
C CYS B 572 71.19 -55.31 -60.26
N ALA B 573 71.68 -55.14 -59.03
CA ALA B 573 73.08 -54.83 -58.79
C ALA B 573 73.81 -55.87 -57.95
N SER B 574 73.10 -56.83 -57.35
CA SER B 574 73.73 -57.81 -56.47
C SER B 574 74.51 -58.86 -57.24
N VAL B 575 74.31 -58.97 -58.55
CA VAL B 575 74.93 -60.04 -59.34
C VAL B 575 75.79 -59.50 -60.46
N CYS B 576 75.81 -58.19 -60.69
CA CYS B 576 76.60 -57.62 -61.79
C CYS B 576 78.08 -57.66 -61.43
N ARG B 577 78.86 -58.41 -62.21
CA ARG B 577 80.28 -58.55 -61.93
C ARG B 577 81.09 -57.34 -62.35
N LEU B 578 80.58 -56.54 -63.29
CA LEU B 578 81.28 -55.34 -63.74
C LEU B 578 80.92 -54.11 -62.91
N ASP B 579 79.93 -54.21 -62.03
CA ASP B 579 79.53 -53.14 -61.10
C ASP B 579 79.16 -51.86 -61.84
N ALA B 580 78.51 -51.98 -62.99
CA ALA B 580 78.08 -50.83 -63.77
C ALA B 580 76.67 -50.36 -63.44
N VAL B 581 75.99 -51.03 -62.50
CA VAL B 581 74.66 -50.64 -62.08
C VAL B 581 74.81 -49.52 -61.06
N CYS B 582 74.58 -48.27 -61.49
CA CYS B 582 74.71 -47.13 -60.60
C CYS B 582 73.39 -46.91 -59.87
N ILE B 583 73.46 -46.67 -58.57
CA ILE B 583 72.30 -46.41 -57.74
C ILE B 583 72.41 -45.00 -57.20
N GLU B 584 71.40 -44.18 -57.48
CA GLU B 584 71.42 -42.77 -57.08
C GLU B 584 70.20 -42.41 -56.24
N MET C 1 50.02 -32.05 14.96
CA MET C 1 49.09 -30.94 14.91
C MET C 1 49.91 -29.75 14.37
N SER C 2 50.18 -28.73 15.21
CA SER C 2 51.01 -27.58 14.92
C SER C 2 50.66 -26.84 13.64
N LYS C 3 49.43 -27.02 13.14
CA LYS C 3 48.95 -26.34 11.94
C LYS C 3 49.82 -26.62 10.72
N ILE C 4 49.76 -27.84 10.19
CA ILE C 4 50.42 -28.18 8.93
C ILE C 4 49.98 -27.17 7.88
N SER C 5 50.94 -26.42 7.34
CA SER C 5 50.66 -25.34 6.41
C SER C 5 51.55 -25.48 5.19
N ILE C 6 50.96 -25.43 4.01
CA ILE C 6 51.71 -25.50 2.77
C ILE C 6 51.58 -24.17 2.05
N ASN C 7 52.46 -23.96 1.08
CA ASN C 7 52.47 -22.73 0.29
C ASN C 7 52.36 -23.12 -1.17
N ILE C 8 51.18 -22.92 -1.76
CA ILE C 8 50.95 -23.32 -3.14
C ILE C 8 50.59 -22.07 -3.95
N ASN C 9 51.29 -21.90 -5.07
CA ASN C 9 50.96 -20.91 -6.09
C ASN C 9 51.01 -19.49 -5.53
N GLY C 10 51.85 -19.27 -4.53
CA GLY C 10 52.00 -18.00 -3.88
C GLY C 10 51.19 -17.82 -2.60
N ARG C 11 50.14 -18.61 -2.41
CA ARG C 11 49.30 -18.48 -1.23
C ARG C 11 49.74 -19.44 -0.13
N GLU C 12 49.47 -19.05 1.11
CA GLU C 12 49.74 -19.89 2.27
C GLU C 12 48.43 -20.47 2.77
N LEU C 13 48.36 -21.80 2.86
CA LEU C 13 47.14 -22.50 3.21
C LEU C 13 47.40 -23.43 4.38
N VAL C 14 46.36 -23.65 5.19
CA VAL C 14 46.40 -24.57 6.31
C VAL C 14 45.60 -25.81 5.93
N VAL C 15 46.25 -26.97 5.98
CA VAL C 15 45.67 -28.21 5.49
C VAL C 15 45.81 -29.28 6.57
N SER C 16 45.42 -30.50 6.22
CA SER C 16 45.45 -31.65 7.12
C SER C 16 46.38 -32.70 6.54
N ALA C 17 47.10 -33.40 7.42
CA ALA C 17 48.05 -34.40 6.98
C ALA C 17 47.32 -35.60 6.38
N GLY C 18 47.96 -36.26 5.44
CA GLY C 18 47.38 -37.43 4.81
C GLY C 18 46.63 -37.12 3.52
N GLN C 19 46.20 -35.88 3.35
CA GLN C 19 45.56 -35.48 2.11
C GLN C 19 46.58 -35.31 1.00
N THR C 20 46.12 -35.53 -0.22
CA THR C 20 46.93 -35.26 -1.39
C THR C 20 46.96 -33.75 -1.66
N ILE C 21 47.90 -33.33 -2.51
CA ILE C 21 47.96 -31.93 -2.89
C ILE C 21 46.77 -31.55 -3.74
N LEU C 22 46.22 -32.49 -4.51
CA LEU C 22 45.05 -32.22 -5.34
C LEU C 22 43.85 -31.84 -4.48
N GLN C 23 43.57 -32.65 -3.45
CA GLN C 23 42.48 -32.37 -2.53
C GLN C 23 42.71 -31.08 -1.77
N ALA C 24 43.94 -30.85 -1.32
CA ALA C 24 44.25 -29.66 -0.54
C ALA C 24 44.08 -28.39 -1.36
N ALA C 25 44.50 -28.42 -2.63
CA ALA C 25 44.32 -27.26 -3.49
C ALA C 25 42.86 -27.06 -3.85
N ALA C 26 42.10 -28.14 -4.06
CA ALA C 26 40.70 -27.99 -4.43
C ALA C 26 39.85 -27.52 -3.25
N GLU C 27 40.27 -27.83 -2.02
CA GLU C 27 39.54 -27.36 -0.84
C GLU C 27 39.62 -25.84 -0.72
N HIS C 28 40.69 -25.23 -1.22
CA HIS C 28 40.91 -23.80 -1.11
C HIS C 28 40.71 -23.08 -2.44
N GLY C 29 39.98 -23.69 -3.37
CA GLY C 29 39.68 -23.05 -4.64
C GLY C 29 40.85 -22.84 -5.57
N ILE C 30 41.75 -23.81 -5.68
CA ILE C 30 42.81 -23.81 -6.69
C ILE C 30 42.56 -25.00 -7.60
N GLU C 31 42.46 -24.73 -8.90
CA GLU C 31 42.05 -25.74 -9.87
C GLU C 31 43.28 -26.37 -10.49
N ILE C 32 43.41 -27.69 -10.34
CA ILE C 32 44.46 -28.48 -10.99
C ILE C 32 43.77 -29.51 -11.86
N PRO C 33 44.12 -29.62 -13.14
CA PRO C 33 43.47 -30.61 -14.00
C PRO C 33 43.76 -32.04 -13.55
N HIS C 34 42.76 -32.91 -13.74
CA HIS C 34 42.92 -34.32 -13.46
C HIS C 34 41.86 -35.08 -14.24
N LEU C 35 42.22 -36.28 -14.68
CA LEU C 35 41.28 -37.15 -15.38
C LEU C 35 41.15 -38.51 -14.72
N CYS C 36 42.23 -39.05 -14.17
CA CYS C 36 42.26 -40.42 -13.65
C CYS C 36 42.27 -40.46 -12.12
N HIS C 37 41.82 -39.40 -11.45
CA HIS C 37 41.88 -39.33 -10.01
C HIS C 37 40.48 -39.50 -9.41
N ASP C 38 40.35 -40.48 -8.51
CA ASP C 38 39.18 -40.62 -7.66
C ASP C 38 39.66 -40.72 -6.23
N GLU C 39 39.10 -39.89 -5.36
CA GLU C 39 39.60 -39.77 -4.00
C GLU C 39 39.25 -40.95 -3.11
N ARG C 40 38.39 -41.85 -3.57
CA ARG C 40 37.94 -42.99 -2.79
C ARG C 40 38.67 -44.28 -3.12
N ILE C 41 39.57 -44.27 -4.11
CA ILE C 41 40.36 -45.43 -4.47
C ILE C 41 41.82 -45.00 -4.57
N GLN C 42 42.68 -45.96 -4.90
CA GLN C 42 44.12 -45.71 -4.94
C GLN C 42 44.50 -44.86 -6.15
N PRO C 43 45.63 -44.16 -6.09
CA PRO C 43 46.13 -43.44 -7.27
C PRO C 43 46.55 -44.38 -8.39
N TYR C 44 46.48 -43.88 -9.61
CA TYR C 44 46.81 -44.65 -10.81
C TYR C 44 47.97 -44.06 -11.59
N GLY C 45 47.93 -42.77 -11.90
CA GLY C 45 48.99 -42.15 -12.67
C GLY C 45 48.94 -42.43 -14.16
N ALA C 46 47.78 -42.30 -14.78
CA ALA C 46 47.68 -42.53 -16.21
C ALA C 46 47.75 -41.26 -17.04
N CYS C 47 46.89 -40.28 -16.74
CA CYS C 47 46.81 -39.09 -17.58
C CYS C 47 48.05 -38.21 -17.44
N GLY C 48 48.47 -37.95 -16.21
CA GLY C 48 49.58 -37.04 -15.98
C GLY C 48 49.23 -35.57 -16.03
N LEU C 49 47.94 -35.23 -15.94
CA LEU C 49 47.52 -33.84 -16.00
C LEU C 49 47.67 -33.11 -14.67
N CYS C 50 47.91 -33.83 -13.58
CA CYS C 50 47.95 -33.23 -12.25
C CYS C 50 49.35 -32.86 -11.83
N VAL C 51 50.26 -32.66 -12.78
CA VAL C 51 51.66 -32.44 -12.45
C VAL C 51 51.83 -31.01 -11.92
N VAL C 52 52.59 -30.89 -10.83
CA VAL C 52 52.96 -29.60 -10.27
C VAL C 52 54.47 -29.61 -10.09
N GLU C 53 55.03 -28.43 -9.83
CA GLU C 53 56.44 -28.29 -9.49
C GLU C 53 56.55 -28.05 -7.99
N VAL C 54 57.37 -28.87 -7.33
CA VAL C 54 57.60 -28.79 -5.89
C VAL C 54 59.07 -28.52 -5.66
N GLU C 55 59.38 -27.53 -4.84
CA GLU C 55 60.76 -27.17 -4.56
C GLU C 55 61.49 -28.30 -3.87
N GLY C 56 62.73 -28.56 -4.30
CA GLY C 56 63.50 -29.69 -3.82
C GLY C 56 63.37 -30.93 -4.67
N SER C 57 62.49 -30.93 -5.68
CA SER C 57 62.30 -32.06 -6.57
C SER C 57 62.75 -31.68 -7.97
N PRO C 58 63.66 -32.44 -8.59
CA PRO C 58 64.10 -32.10 -9.95
C PRO C 58 63.04 -32.26 -11.01
N LYS C 59 62.10 -33.20 -10.84
CA LYS C 59 61.09 -33.49 -11.85
C LYS C 59 59.71 -33.17 -11.32
N LEU C 60 58.76 -33.02 -12.23
CA LEU C 60 57.39 -32.71 -11.85
C LEU C 60 56.77 -33.87 -11.10
N VAL C 61 56.03 -33.56 -10.04
CA VAL C 61 55.39 -34.56 -9.22
C VAL C 61 53.91 -34.56 -9.52
N ARG C 62 53.27 -35.71 -9.33
CA ARG C 62 51.85 -35.86 -9.58
C ARG C 62 51.10 -35.57 -8.29
N SER C 63 50.36 -34.48 -8.27
CA SER C 63 49.67 -34.03 -7.07
C SER C 63 48.55 -34.97 -6.63
N CYS C 64 48.14 -35.91 -7.49
CA CYS C 64 47.15 -36.91 -7.10
C CYS C 64 47.75 -38.04 -6.28
N ALA C 65 49.07 -38.13 -6.20
CA ALA C 65 49.71 -39.27 -5.55
C ALA C 65 50.71 -38.87 -4.48
N THR C 66 50.88 -37.57 -4.21
CA THR C 66 51.78 -37.11 -3.16
C THR C 66 50.98 -36.42 -2.07
N SER C 67 51.19 -36.88 -0.83
CA SER C 67 50.50 -36.30 0.32
C SER C 67 51.18 -35.03 0.77
N VAL C 68 50.43 -34.15 1.40
CA VAL C 68 50.97 -32.87 1.85
C VAL C 68 51.89 -33.08 3.04
N GLN C 69 52.95 -32.29 3.10
CA GLN C 69 53.85 -32.21 4.23
C GLN C 69 53.82 -30.79 4.77
N ASN C 70 54.70 -30.51 5.73
CA ASN C 70 54.76 -29.17 6.30
C ASN C 70 55.76 -28.32 5.55
N GLY C 71 55.34 -27.12 5.16
CA GLY C 71 56.23 -26.13 4.60
C GLY C 71 56.85 -26.48 3.26
N GLN C 72 56.05 -26.97 2.33
CA GLN C 72 56.52 -27.27 0.99
C GLN C 72 55.91 -26.29 0.00
N VAL C 73 56.71 -25.86 -0.97
CA VAL C 73 56.35 -24.78 -1.88
C VAL C 73 56.00 -25.39 -3.23
N ILE C 74 54.78 -25.12 -3.69
CA ILE C 74 54.19 -25.76 -4.86
C ILE C 74 53.78 -24.70 -5.86
N ARG C 75 54.05 -24.95 -7.14
CA ARG C 75 53.60 -24.09 -8.22
C ARG C 75 52.88 -24.94 -9.26
N THR C 76 51.68 -24.52 -9.67
CA THR C 76 50.87 -25.29 -10.58
C THR C 76 50.73 -24.66 -11.97
N ASP C 77 51.22 -23.45 -12.17
CA ASP C 77 50.99 -22.71 -13.41
C ASP C 77 52.30 -22.26 -14.02
N THR C 78 53.31 -23.10 -14.01
CA THR C 78 54.59 -22.74 -14.59
C THR C 78 54.57 -23.00 -16.09
N SER C 79 55.72 -22.79 -16.73
CA SER C 79 55.83 -23.10 -18.15
C SER C 79 55.87 -24.62 -18.37
N ARG C 80 56.58 -25.34 -17.50
CA ARG C 80 56.74 -26.78 -17.67
C ARG C 80 55.42 -27.51 -17.50
N THR C 81 54.64 -27.17 -16.46
CA THR C 81 53.37 -27.85 -16.24
C THR C 81 52.38 -27.55 -17.35
N VAL C 82 52.33 -26.31 -17.81
CA VAL C 82 51.42 -25.94 -18.89
C VAL C 82 51.79 -26.65 -20.18
N VAL C 83 53.11 -26.73 -20.47
CA VAL C 83 53.57 -27.43 -21.66
C VAL C 83 53.22 -28.91 -21.59
N ALA C 84 53.42 -29.53 -20.42
CA ALA C 84 53.11 -30.95 -20.27
C ALA C 84 51.62 -31.22 -20.43
N ARG C 85 50.78 -30.36 -19.85
CA ARG C 85 49.33 -30.54 -19.96
C ARG C 85 48.86 -30.32 -21.39
N LYS C 86 49.40 -29.33 -22.08
CA LYS C 86 49.01 -29.10 -23.48
C LYS C 86 49.44 -30.25 -24.36
N THR C 87 50.64 -30.80 -24.15
CA THR C 87 51.07 -31.94 -24.96
C THR C 87 50.20 -33.15 -24.69
N ALA C 88 49.85 -33.40 -23.42
CA ALA C 88 48.99 -34.53 -23.09
C ALA C 88 47.61 -34.37 -23.73
N LEU C 89 47.05 -33.16 -23.68
CA LEU C 89 45.73 -32.93 -24.26
C LEU C 89 45.77 -33.03 -25.79
N GLN C 90 46.85 -32.59 -26.42
CA GLN C 90 46.98 -32.76 -27.86
C GLN C 90 47.05 -34.24 -28.24
N LEU C 91 47.79 -35.03 -27.48
CA LEU C 91 47.85 -36.47 -27.75
C LEU C 91 46.50 -37.13 -27.53
N LEU C 92 45.75 -36.67 -26.53
CA LEU C 92 44.42 -37.23 -26.30
C LEU C 92 43.44 -36.84 -27.39
N ALA C 93 43.49 -35.58 -27.84
CA ALA C 93 42.64 -35.13 -28.94
C ALA C 93 43.04 -35.72 -30.27
N SER C 94 44.22 -36.31 -30.36
CA SER C 94 44.63 -37.05 -31.54
C SER C 94 43.89 -38.34 -31.73
N ASP C 95 43.08 -38.80 -30.76
CA ASP C 95 42.46 -40.11 -30.79
C ASP C 95 40.96 -40.11 -30.54
N HIS C 96 40.31 -38.95 -30.56
CA HIS C 96 38.94 -38.83 -30.10
C HIS C 96 38.02 -38.65 -31.31
N ARG C 97 36.96 -39.46 -31.37
CA ARG C 97 35.93 -39.32 -32.39
C ARG C 97 34.61 -38.99 -31.71
N GLY C 98 34.01 -37.87 -32.10
CA GLY C 98 32.70 -37.55 -31.58
C GLY C 98 32.28 -36.16 -31.99
N ASP C 99 30.99 -35.91 -31.82
CA ASP C 99 30.40 -34.58 -32.02
C ASP C 99 30.11 -33.99 -30.66
N CYS C 100 30.86 -32.96 -30.28
CA CYS C 100 30.54 -32.26 -29.04
C CYS C 100 29.20 -31.56 -29.16
N ARG C 101 28.92 -30.95 -30.31
CA ARG C 101 27.68 -30.25 -30.59
C ARG C 101 27.15 -30.69 -31.94
N PRO C 102 25.83 -30.75 -32.10
CA PRO C 102 25.24 -31.30 -33.33
C PRO C 102 25.47 -30.37 -34.51
N PRO C 103 25.34 -30.88 -35.73
CA PRO C 103 25.51 -30.02 -36.91
C PRO C 103 24.50 -28.88 -37.00
N CYS C 104 23.27 -29.12 -36.53
CA CYS C 104 22.22 -28.12 -36.58
C CYS C 104 22.58 -26.90 -35.73
N MET C 105 23.17 -27.13 -34.57
CA MET C 105 23.53 -26.01 -33.71
C MET C 105 24.73 -25.25 -34.26
N LEU C 106 25.71 -25.98 -34.80
CA LEU C 106 26.91 -25.32 -35.31
C LEU C 106 26.63 -24.56 -36.60
N ALA C 107 25.55 -24.90 -37.31
CA ALA C 107 25.18 -24.12 -38.49
C ALA C 107 24.39 -22.86 -38.15
N CYS C 108 23.78 -22.77 -36.97
CA CYS C 108 23.07 -21.56 -36.59
C CYS C 108 24.07 -20.45 -36.29
N PRO C 109 23.85 -19.23 -36.79
CA PRO C 109 24.74 -18.11 -36.44
C PRO C 109 24.77 -17.76 -34.97
N ALA C 110 23.66 -17.92 -34.26
CA ALA C 110 23.62 -17.62 -32.82
C ALA C 110 23.95 -18.81 -31.95
N GLN C 111 24.22 -19.98 -32.55
CA GLN C 111 24.57 -21.21 -31.84
C GLN C 111 23.48 -21.61 -30.84
N THR C 112 22.23 -21.49 -31.26
CA THR C 112 21.12 -21.95 -30.44
C THR C 112 21.13 -23.47 -30.35
N ASP C 113 20.85 -23.99 -29.16
CA ASP C 113 20.88 -25.43 -28.95
C ASP C 113 19.64 -26.08 -29.56
N CYS C 114 19.71 -26.39 -30.87
CA CYS C 114 18.55 -26.93 -31.57
C CYS C 114 18.17 -28.31 -31.07
N GLN C 115 19.17 -29.15 -30.81
CA GLN C 115 18.90 -30.49 -30.31
C GLN C 115 18.20 -30.46 -28.97
N GLY C 116 18.62 -29.54 -28.10
CA GLY C 116 18.03 -29.41 -26.78
C GLY C 116 16.57 -29.08 -26.78
N TYR C 117 16.13 -28.04 -27.49
CA TYR C 117 14.71 -27.75 -27.44
C TYR C 117 13.89 -28.63 -28.37
N VAL C 118 14.48 -29.20 -29.43
CA VAL C 118 13.75 -30.20 -30.20
C VAL C 118 13.47 -31.42 -29.32
N GLY C 119 14.47 -31.88 -28.57
CA GLY C 119 14.26 -33.02 -27.69
C GLY C 119 13.46 -32.72 -26.45
N LEU C 120 13.38 -31.45 -26.05
CA LEU C 120 12.47 -31.09 -24.97
C LEU C 120 11.02 -31.05 -25.46
N ILE C 121 10.80 -30.62 -26.70
CA ILE C 121 9.46 -30.72 -27.29
C ILE C 121 9.06 -32.18 -27.43
N ALA C 122 10.01 -33.05 -27.80
CA ALA C 122 9.71 -34.47 -27.89
C ALA C 122 9.31 -35.09 -26.56
N ASN C 123 9.67 -34.48 -25.43
CA ASN C 123 9.26 -34.94 -24.12
C ASN C 123 8.01 -34.26 -23.60
N GLY C 124 7.44 -33.34 -24.36
CA GLY C 124 6.23 -32.65 -23.92
C GLY C 124 6.45 -31.46 -23.02
N GLN C 125 7.69 -31.00 -22.87
CA GLN C 125 8.01 -29.86 -22.02
C GLN C 125 8.22 -28.64 -22.90
N TYR C 126 7.27 -27.71 -22.87
CA TYR C 126 7.33 -26.54 -23.73
C TYR C 126 7.84 -25.30 -23.02
N GLU C 127 7.56 -25.14 -21.73
CA GLU C 127 8.14 -24.03 -20.99
C GLU C 127 9.65 -24.17 -20.90
N GLU C 128 10.14 -25.39 -20.70
CA GLU C 128 11.58 -25.62 -20.69
C GLU C 128 12.20 -25.36 -22.06
N ALA C 129 11.51 -25.73 -23.13
CA ALA C 129 12.01 -25.45 -24.47
C ALA C 129 12.11 -23.96 -24.72
N LEU C 130 11.10 -23.19 -24.27
CA LEU C 130 11.20 -21.74 -24.40
C LEU C 130 12.31 -21.17 -23.54
N LYS C 131 12.49 -21.67 -22.32
CA LYS C 131 13.57 -21.22 -21.47
C LYS C 131 14.93 -21.46 -22.14
N LEU C 132 15.05 -22.58 -22.85
CA LEU C 132 16.28 -22.87 -23.57
C LEU C 132 16.46 -21.94 -24.77
N ILE C 133 15.38 -21.64 -25.49
CA ILE C 133 15.48 -20.77 -26.66
C ILE C 133 15.83 -19.35 -26.26
N LYS C 134 15.22 -18.85 -25.17
CA LYS C 134 15.39 -17.47 -24.74
C LYS C 134 16.77 -17.16 -24.18
N ASP C 135 17.63 -18.17 -24.01
CA ASP C 135 19.01 -17.91 -23.62
C ASP C 135 19.82 -17.26 -24.74
N LYS C 136 19.29 -17.19 -25.95
CA LYS C 136 20.01 -16.61 -27.08
C LYS C 136 19.30 -15.44 -27.73
N MET C 137 17.98 -15.46 -27.83
CA MET C 137 17.27 -14.35 -28.43
C MET C 137 16.09 -13.93 -27.56
N PRO C 138 15.69 -12.66 -27.62
CA PRO C 138 14.51 -12.21 -26.89
C PRO C 138 13.20 -12.33 -27.64
N ILE C 139 13.25 -12.60 -28.94
CA ILE C 139 12.06 -12.57 -29.79
C ILE C 139 11.99 -13.86 -30.63
N PRO C 140 11.71 -15.02 -30.02
CA PRO C 140 11.83 -16.26 -30.78
C PRO C 140 10.70 -16.54 -31.76
N ALA C 141 9.50 -15.99 -31.56
CA ALA C 141 8.40 -16.29 -32.47
C ALA C 141 8.63 -15.64 -33.84
N SER C 142 9.05 -14.37 -33.86
CA SER C 142 9.33 -13.69 -35.12
C SER C 142 10.47 -14.36 -35.86
N ILE C 143 11.55 -14.69 -35.15
CA ILE C 143 12.71 -15.32 -35.77
C ILE C 143 12.35 -16.70 -36.30
N GLY C 144 11.59 -17.48 -35.53
CA GLY C 144 11.14 -18.76 -36.03
C GLY C 144 10.22 -18.64 -37.23
N LYS C 145 9.49 -17.52 -37.32
CA LYS C 145 8.60 -17.33 -38.46
C LYS C 145 9.36 -16.97 -39.73
N ILE C 146 10.44 -16.19 -39.61
CA ILE C 146 11.05 -15.58 -40.79
C ILE C 146 12.47 -16.07 -41.07
N CYS C 147 13.02 -16.99 -40.29
CA CYS C 147 14.41 -17.36 -40.47
C CYS C 147 14.58 -18.18 -41.76
N PRO C 148 15.67 -17.97 -42.50
CA PRO C 148 15.97 -18.83 -43.65
C PRO C 148 16.58 -20.16 -43.28
N HIS C 149 16.70 -20.43 -41.97
CA HIS C 149 17.16 -21.66 -41.31
C HIS C 149 18.37 -22.30 -41.96
N PRO C 150 19.58 -21.76 -41.75
CA PRO C 150 20.79 -22.52 -42.08
C PRO C 150 20.93 -23.81 -41.31
N CYS C 151 20.26 -23.93 -40.16
CA CYS C 151 20.38 -25.13 -39.34
C CYS C 151 19.78 -26.34 -40.04
N GLU C 152 18.67 -26.15 -40.77
CA GLU C 152 18.03 -27.26 -41.44
C GLU C 152 18.82 -27.73 -42.66
N THR C 153 19.71 -26.91 -43.18
CA THR C 153 20.57 -27.35 -44.27
C THR C 153 21.59 -28.37 -43.78
N ALA C 154 22.10 -28.18 -42.56
CA ALA C 154 23.13 -29.04 -42.00
C ALA C 154 22.56 -30.21 -41.19
N CYS C 155 21.24 -30.33 -41.12
CA CYS C 155 20.63 -31.40 -40.36
C CYS C 155 20.97 -32.76 -40.96
N ARG C 156 21.35 -33.70 -40.10
CA ARG C 156 21.74 -35.03 -40.56
C ARG C 156 20.55 -35.90 -40.94
N ARG C 157 19.33 -35.54 -40.52
CA ARG C 157 18.14 -36.22 -41.00
C ARG C 157 17.98 -36.09 -42.50
N GLU C 158 18.66 -35.11 -43.12
CA GLU C 158 18.70 -35.01 -44.56
C GLU C 158 19.31 -36.24 -45.23
N LEU C 159 20.13 -37.00 -44.50
CA LEU C 159 20.71 -38.21 -45.06
C LEU C 159 19.75 -39.39 -45.08
N VAL C 160 18.61 -39.27 -44.39
CA VAL C 160 17.58 -40.30 -44.40
C VAL C 160 16.41 -39.88 -45.29
N GLU C 161 15.95 -38.65 -45.12
CA GLU C 161 14.77 -38.09 -45.76
C GLU C 161 14.92 -36.58 -45.70
N GLU C 162 13.82 -35.85 -45.80
CA GLU C 162 13.87 -34.42 -45.54
C GLU C 162 14.11 -34.16 -44.04
N PRO C 163 14.77 -33.02 -43.69
CA PRO C 163 15.21 -32.82 -42.30
C PRO C 163 14.13 -32.40 -41.31
N ILE C 164 14.55 -32.06 -40.09
CA ILE C 164 13.66 -31.65 -39.03
C ILE C 164 13.25 -30.19 -39.23
N SER C 165 12.00 -29.87 -38.93
CA SER C 165 11.48 -28.50 -39.07
C SER C 165 11.78 -27.73 -37.80
N ILE C 166 13.00 -27.21 -37.71
CA ILE C 166 13.48 -26.60 -36.48
C ILE C 166 12.81 -25.25 -36.25
N ALA C 167 12.69 -24.43 -37.30
CA ALA C 167 12.13 -23.09 -37.16
C ALA C 167 10.65 -23.14 -36.80
N GLN C 168 9.91 -24.09 -37.39
CA GLN C 168 8.50 -24.22 -37.09
C GLN C 168 8.27 -24.64 -35.64
N LEU C 169 9.11 -25.55 -35.13
CA LEU C 169 9.00 -25.95 -33.73
C LEU C 169 9.29 -24.79 -32.80
N LYS C 170 10.32 -23.99 -33.12
CA LYS C 170 10.63 -22.83 -32.29
C LYS C 170 9.49 -21.83 -32.28
N SER C 171 8.90 -21.56 -33.45
CA SER C 171 7.77 -20.64 -33.51
C SER C 171 6.58 -21.17 -32.72
N PHE C 172 6.34 -22.48 -32.80
CA PHE C 172 5.24 -23.09 -32.04
C PHE C 172 5.42 -22.90 -30.55
N VAL C 173 6.62 -23.18 -30.03
CA VAL C 173 6.87 -23.07 -28.60
C VAL C 173 6.75 -21.62 -28.15
N ALA C 174 7.32 -20.70 -28.94
CA ALA C 174 7.29 -19.28 -28.56
C ALA C 174 5.87 -18.74 -28.53
N GLU C 175 5.04 -19.10 -29.51
CA GLU C 175 3.67 -18.60 -29.51
C GLU C 175 2.82 -19.27 -28.44
N VAL C 176 3.05 -20.56 -28.16
CA VAL C 176 2.32 -21.24 -27.10
C VAL C 176 2.62 -20.60 -25.75
N ASP C 177 3.87 -20.23 -25.50
CA ASP C 177 4.17 -19.61 -24.22
C ASP C 177 3.96 -18.10 -24.21
N LEU C 178 3.75 -17.46 -25.36
CA LEU C 178 3.23 -16.10 -25.33
C LEU C 178 1.74 -16.08 -24.99
N ASN C 179 0.98 -17.03 -25.53
CA ASN C 179 -0.45 -17.07 -25.27
C ASN C 179 -0.80 -17.64 -23.90
N GLY C 180 0.18 -18.13 -23.15
CA GLY C 180 -0.08 -18.63 -21.81
C GLY C 180 0.62 -17.81 -20.73
N ASN C 181 1.44 -18.46 -19.92
CA ASN C 181 2.17 -17.79 -18.85
C ASN C 181 3.49 -17.28 -19.41
N GLN C 182 3.63 -15.95 -19.48
CA GLN C 182 4.81 -15.36 -20.08
C GLN C 182 6.02 -15.49 -19.16
N TYR C 183 7.16 -15.86 -19.75
CA TYR C 183 8.36 -16.20 -19.00
C TYR C 183 9.28 -14.99 -18.94
N GLN C 184 9.73 -14.65 -17.73
CA GLN C 184 10.68 -13.57 -17.53
C GLN C 184 11.94 -14.14 -16.90
N PRO C 185 13.11 -14.00 -17.51
CA PRO C 185 14.32 -14.61 -16.98
C PRO C 185 14.79 -13.89 -15.73
N PRO C 186 15.53 -14.58 -14.86
CA PRO C 186 16.08 -13.91 -13.67
C PRO C 186 17.12 -12.85 -14.04
N MET C 187 17.16 -11.81 -13.23
CA MET C 187 17.99 -10.64 -13.48
C MET C 187 18.94 -10.43 -12.31
N LYS C 188 20.17 -10.02 -12.63
CA LYS C 188 21.16 -9.74 -11.60
C LYS C 188 20.80 -8.46 -10.85
N PRO C 189 21.31 -8.29 -9.62
CA PRO C 189 21.04 -7.06 -8.88
C PRO C 189 21.64 -5.85 -9.58
N ALA C 190 20.99 -4.71 -9.38
CA ALA C 190 21.33 -3.50 -10.12
C ALA C 190 22.77 -3.07 -9.83
N THR C 191 23.50 -2.74 -10.90
CA THR C 191 24.91 -2.38 -10.80
C THR C 191 25.14 -0.88 -10.73
N GLY C 192 24.14 -0.07 -11.09
CA GLY C 192 24.32 1.36 -11.10
C GLY C 192 24.92 1.93 -12.37
N LYS C 193 25.04 1.13 -13.42
CA LYS C 193 25.58 1.55 -14.70
C LYS C 193 24.45 1.89 -15.67
N LYS C 194 24.78 2.66 -16.70
CA LYS C 194 23.82 3.08 -17.70
C LYS C 194 24.35 2.84 -19.10
N VAL C 195 23.53 2.21 -19.93
CA VAL C 195 23.87 1.91 -21.31
C VAL C 195 22.78 2.49 -22.20
N ALA C 196 23.18 3.20 -23.25
CA ALA C 196 22.26 3.74 -24.23
C ALA C 196 22.41 2.94 -25.52
N VAL C 197 21.29 2.42 -26.01
CA VAL C 197 21.24 1.64 -27.24
C VAL C 197 20.52 2.46 -28.30
N VAL C 198 21.13 2.60 -29.47
CA VAL C 198 20.59 3.43 -30.53
C VAL C 198 20.00 2.51 -31.59
N GLY C 199 18.69 2.48 -31.67
CA GLY C 199 17.99 1.60 -32.59
C GLY C 199 17.31 0.47 -31.83
N ALA C 200 16.12 0.09 -32.29
CA ALA C 200 15.35 -0.98 -31.69
C ALA C 200 15.05 -2.08 -32.68
N GLY C 201 16.04 -2.42 -33.52
CA GLY C 201 15.93 -3.56 -34.39
C GLY C 201 16.30 -4.82 -33.64
N PRO C 202 16.52 -5.92 -34.36
CA PRO C 202 16.96 -7.15 -33.67
C PRO C 202 18.24 -7.00 -32.87
N ALA C 203 19.24 -6.29 -33.40
CA ALA C 203 20.52 -6.16 -32.71
C ALA C 203 20.38 -5.32 -31.45
N GLY C 204 19.73 -4.16 -31.57
CA GLY C 204 19.57 -3.30 -30.41
C GLY C 204 18.70 -3.90 -29.33
N LEU C 205 17.60 -4.56 -29.74
CA LEU C 205 16.74 -5.23 -28.77
C LEU C 205 17.47 -6.37 -28.08
N THR C 206 18.27 -7.13 -28.82
CA THR C 206 19.02 -8.22 -28.19
C THR C 206 20.07 -7.70 -27.22
N ALA C 207 20.79 -6.64 -27.61
CA ALA C 207 21.79 -6.06 -26.71
C ALA C 207 21.15 -5.51 -25.45
N ALA C 208 20.00 -4.84 -25.59
CA ALA C 208 19.30 -4.35 -24.41
C ALA C 208 18.78 -5.49 -23.54
N TYR C 209 18.30 -6.56 -24.16
CA TYR C 209 17.80 -7.71 -23.42
C TYR C 209 18.91 -8.38 -22.61
N PHE C 210 20.10 -8.46 -23.19
CA PHE C 210 21.18 -9.15 -22.50
C PHE C 210 22.01 -8.23 -21.62
N LEU C 211 21.82 -6.91 -21.72
CA LEU C 211 22.42 -6.01 -20.75
C LEU C 211 21.50 -5.73 -19.58
N ALA C 212 20.18 -5.83 -19.78
CA ALA C 212 19.27 -5.74 -18.65
C ALA C 212 19.37 -6.97 -17.78
N ARG C 213 19.61 -8.14 -18.35
CA ARG C 213 19.80 -9.35 -17.55
C ARG C 213 21.10 -9.36 -16.78
N ASP C 214 22.01 -8.44 -17.06
CA ASP C 214 23.24 -8.29 -16.29
C ASP C 214 23.11 -7.29 -15.16
N GLY C 215 21.94 -6.67 -15.00
CA GLY C 215 21.71 -5.72 -13.94
C GLY C 215 21.87 -4.27 -14.33
N HIS C 216 22.24 -3.96 -15.57
CA HIS C 216 22.41 -2.59 -15.99
C HIS C 216 21.07 -1.96 -16.32
N LYS C 217 21.07 -0.63 -16.43
CA LYS C 217 19.90 0.14 -16.83
C LYS C 217 20.06 0.54 -18.29
N VAL C 218 19.12 0.11 -19.13
CA VAL C 218 19.24 0.27 -20.57
C VAL C 218 18.14 1.19 -21.06
N VAL C 219 18.50 2.14 -21.92
CA VAL C 219 17.57 3.03 -22.61
C VAL C 219 17.79 2.86 -24.10
N ILE C 220 16.70 2.71 -24.85
CA ILE C 220 16.75 2.51 -26.29
C ILE C 220 16.23 3.76 -26.99
N TYR C 221 16.99 4.27 -27.94
CA TYR C 221 16.61 5.44 -28.73
C TYR C 221 16.27 4.98 -30.15
N GLU C 222 15.00 5.08 -30.52
CA GLU C 222 14.52 4.60 -31.80
C GLU C 222 13.97 5.78 -32.58
N ALA C 223 14.29 5.82 -33.88
CA ALA C 223 13.89 6.94 -34.72
C ALA C 223 12.48 6.81 -35.27
N MET C 224 11.81 5.69 -35.04
CA MET C 224 10.55 5.34 -35.64
C MET C 224 9.45 5.27 -34.59
N PRO C 225 8.17 5.42 -34.99
CA PRO C 225 7.10 5.40 -33.99
C PRO C 225 6.99 4.09 -33.22
N HIS C 226 7.38 2.97 -33.82
CA HIS C 226 7.21 1.66 -33.22
C HIS C 226 8.50 0.88 -33.32
N PRO C 227 8.75 -0.03 -32.38
CA PRO C 227 10.00 -0.80 -32.40
C PRO C 227 9.91 -2.04 -33.29
N GLY C 228 11.07 -2.51 -33.70
CA GLY C 228 11.13 -3.71 -34.52
C GLY C 228 12.15 -3.62 -35.62
N GLY C 229 12.39 -2.43 -36.16
CA GLY C 229 13.37 -2.27 -37.21
C GLY C 229 12.85 -2.78 -38.55
N MET C 230 13.72 -3.40 -39.34
CA MET C 230 13.31 -3.95 -40.62
C MET C 230 12.38 -5.15 -40.47
N LEU C 231 12.25 -5.70 -39.26
CA LEU C 231 11.23 -6.70 -39.01
C LEU C 231 9.83 -6.11 -39.06
N ARG C 232 9.71 -4.81 -38.86
CA ARG C 232 8.41 -4.14 -38.92
C ARG C 232 8.23 -3.35 -40.21
N TYR C 233 9.27 -2.68 -40.69
CA TYR C 233 9.16 -1.82 -41.86
C TYR C 233 9.79 -2.42 -43.10
N GLY C 234 10.24 -3.67 -43.06
CA GLY C 234 10.64 -4.33 -44.27
C GLY C 234 9.98 -5.67 -44.51
N ILE C 235 9.65 -6.38 -43.43
CA ILE C 235 8.99 -7.67 -43.55
C ILE C 235 7.50 -7.42 -43.76
N PRO C 236 6.89 -7.97 -44.80
CA PRO C 236 5.47 -7.72 -45.04
C PRO C 236 4.60 -8.38 -43.98
N GLN C 237 3.38 -7.85 -43.85
CA GLN C 237 2.49 -8.27 -42.78
C GLN C 237 2.05 -9.72 -42.95
N TYR C 238 1.87 -10.18 -44.19
CA TYR C 238 1.40 -11.54 -44.40
C TYR C 238 2.42 -12.59 -44.01
N ARG C 239 3.70 -12.22 -43.90
CA ARG C 239 4.74 -13.14 -43.47
C ARG C 239 5.07 -13.02 -41.99
N LEU C 240 5.03 -11.81 -41.44
CA LEU C 240 5.24 -11.57 -40.02
C LEU C 240 4.11 -10.70 -39.50
N ASP C 241 3.35 -11.22 -38.55
CA ASP C 241 2.31 -10.42 -37.91
C ASP C 241 2.95 -9.42 -36.96
N LYS C 242 2.49 -8.17 -37.01
CA LYS C 242 3.06 -7.16 -36.14
C LYS C 242 2.52 -7.25 -34.71
N ALA C 243 1.42 -7.98 -34.50
CA ALA C 243 0.91 -8.21 -33.15
C ALA C 243 1.89 -9.05 -32.34
N LEU C 244 2.49 -10.06 -32.96
CA LEU C 244 3.50 -10.88 -32.30
C LEU C 244 4.68 -10.03 -31.88
N LEU C 245 5.16 -9.17 -32.78
CA LEU C 245 6.31 -8.32 -32.48
C LEU C 245 6.01 -7.33 -31.37
N ASP C 246 4.82 -6.75 -31.39
CA ASP C 246 4.42 -5.82 -30.34
C ASP C 246 4.30 -6.52 -28.99
N ALA C 247 3.74 -7.74 -28.98
CA ALA C 247 3.61 -8.48 -27.72
C ALA C 247 4.97 -8.85 -27.15
N GLU C 248 5.90 -9.29 -28.00
CA GLU C 248 7.25 -9.59 -27.51
C GLU C 248 7.96 -8.36 -26.98
N VAL C 249 7.83 -7.22 -27.65
CA VAL C 249 8.49 -6.01 -27.16
C VAL C 249 7.87 -5.55 -25.85
N ALA C 250 6.55 -5.73 -25.70
CA ALA C 250 5.90 -5.43 -24.42
C ALA C 250 6.44 -6.33 -23.31
N LEU C 251 6.64 -7.61 -23.61
CA LEU C 251 7.23 -8.53 -22.63
C LEU C 251 8.62 -8.07 -22.24
N MET C 252 9.40 -7.61 -23.21
CA MET C 252 10.76 -7.15 -22.91
C MET C 252 10.76 -5.87 -22.09
N THR C 253 9.85 -4.93 -22.41
CA THR C 253 9.80 -3.67 -21.68
C THR C 253 9.19 -3.83 -20.29
N LYS C 254 8.53 -4.95 -20.00
CA LYS C 254 8.13 -5.24 -18.64
C LYS C 254 9.34 -5.46 -17.73
N MET C 255 10.46 -5.90 -18.31
CA MET C 255 11.67 -6.20 -17.54
C MET C 255 12.39 -4.96 -17.03
N GLY C 256 12.04 -3.77 -17.49
CA GLY C 256 12.67 -2.55 -17.05
C GLY C 256 13.50 -1.84 -18.10
N ILE C 257 13.24 -2.06 -19.37
CA ILE C 257 13.95 -1.38 -20.45
C ILE C 257 13.07 -0.26 -20.98
N GLU C 258 13.61 0.95 -21.02
CA GLU C 258 12.87 2.12 -21.50
C GLU C 258 13.20 2.36 -22.95
N ILE C 259 12.18 2.47 -23.79
CA ILE C 259 12.34 2.73 -25.22
C ILE C 259 11.75 4.09 -25.52
N ILE C 260 12.56 4.97 -26.11
CA ILE C 260 12.16 6.32 -26.45
C ILE C 260 12.03 6.41 -27.95
N TYR C 261 10.81 6.59 -28.44
CA TYR C 261 10.54 6.59 -29.86
C TYR C 261 10.65 8.00 -30.42
N ASN C 262 10.70 8.07 -31.76
CA ASN C 262 10.75 9.33 -32.50
C ASN C 262 11.95 10.18 -32.11
N THR C 263 13.09 9.54 -31.82
CA THR C 263 14.31 10.24 -31.42
C THR C 263 15.45 9.76 -32.30
N LYS C 264 15.86 10.59 -33.25
CA LYS C 264 16.93 10.25 -34.17
C LYS C 264 18.23 10.86 -33.65
N ILE C 265 19.20 9.99 -33.35
CA ILE C 265 20.48 10.44 -32.81
C ILE C 265 21.29 11.09 -33.93
N GLY C 266 21.80 12.30 -33.65
CA GLY C 266 22.53 13.09 -34.60
C GLY C 266 21.67 14.13 -35.31
N ASP C 267 20.36 13.88 -35.36
CA ASP C 267 19.40 14.81 -35.93
C ASP C 267 18.54 15.50 -34.88
N ASP C 268 18.23 14.80 -33.79
CA ASP C 268 17.44 15.34 -32.68
C ASP C 268 18.25 15.43 -31.40
N VAL C 269 18.95 14.36 -31.05
CA VAL C 269 19.80 14.30 -29.88
C VAL C 269 21.21 13.99 -30.34
N SER C 270 22.18 14.75 -29.84
CA SER C 270 23.57 14.53 -30.23
C SER C 270 24.10 13.22 -29.68
N LEU C 271 25.16 12.70 -30.31
CA LEU C 271 25.85 11.56 -29.73
C LEU C 271 26.76 11.96 -28.57
N ASP C 272 27.23 13.22 -28.55
CA ASP C 272 28.01 13.69 -27.41
C ASP C 272 27.17 13.74 -26.14
N TYR C 273 25.88 14.03 -26.27
CA TYR C 273 24.98 14.00 -25.12
C TYR C 273 24.90 12.59 -24.52
N LEU C 274 24.74 11.58 -25.38
CA LEU C 274 24.69 10.20 -24.90
C LEU C 274 26.04 9.75 -24.37
N HIS C 275 27.12 10.24 -24.97
CA HIS C 275 28.46 9.91 -24.50
C HIS C 275 28.69 10.45 -23.10
N ASP C 276 28.23 11.68 -22.83
CA ASP C 276 28.43 12.28 -21.53
C ASP C 276 27.50 11.67 -20.47
N ASN C 277 26.27 11.34 -20.84
CA ASN C 277 25.28 10.96 -19.83
C ASN C 277 25.20 9.47 -19.55
N TYR C 278 25.91 8.62 -20.28
CA TYR C 278 25.74 7.18 -20.14
C TYR C 278 27.10 6.50 -20.03
N ASP C 279 27.11 5.35 -19.34
CA ASP C 279 28.35 4.60 -19.15
C ASP C 279 28.77 3.83 -20.38
N ALA C 280 27.85 3.51 -21.30
CA ALA C 280 28.25 2.94 -22.58
C ALA C 280 27.19 3.24 -23.63
N VAL C 281 27.60 3.20 -24.90
CA VAL C 281 26.71 3.45 -26.02
C VAL C 281 26.90 2.33 -27.05
N PHE C 282 25.78 1.78 -27.53
CA PHE C 282 25.79 0.76 -28.57
C PHE C 282 25.01 1.28 -29.77
N LEU C 283 25.56 1.12 -30.97
CA LEU C 283 24.97 1.64 -32.20
C LEU C 283 24.48 0.48 -33.06
N GLY C 284 23.16 0.30 -33.14
CA GLY C 284 22.56 -0.73 -33.94
C GLY C 284 21.68 -0.16 -35.03
N ILE C 285 22.19 0.87 -35.74
CA ILE C 285 21.37 1.70 -36.60
C ILE C 285 20.89 0.96 -37.85
N GLY C 286 21.61 -0.07 -38.30
CA GLY C 286 21.19 -0.83 -39.46
C GLY C 286 21.49 -0.12 -40.76
N SER C 287 21.11 -0.77 -41.86
CA SER C 287 21.35 -0.25 -43.21
C SER C 287 20.03 0.19 -43.81
N TRP C 288 19.78 1.50 -43.78
CA TRP C 288 18.47 2.07 -44.10
C TRP C 288 18.56 3.00 -45.30
N GLN C 289 19.34 2.63 -46.30
CA GLN C 289 19.34 3.31 -47.59
C GLN C 289 19.13 2.28 -48.69
N SER C 290 18.60 2.74 -49.80
CA SER C 290 18.35 1.91 -50.95
C SER C 290 19.28 2.30 -52.08
N GLN C 291 19.89 1.30 -52.72
CA GLN C 291 20.73 1.55 -53.88
C GLN C 291 19.87 1.98 -55.06
N GLY C 292 20.38 2.93 -55.84
CA GLY C 292 19.69 3.40 -57.03
C GLY C 292 19.89 2.47 -58.21
N LEU C 293 19.22 2.81 -59.31
CA LEU C 293 19.29 1.98 -60.50
C LEU C 293 20.64 2.04 -61.19
N ARG C 294 21.44 3.07 -60.93
CA ARG C 294 22.74 3.28 -61.58
C ARG C 294 22.60 3.29 -63.10
N CYS C 295 21.61 4.04 -63.61
CA CYS C 295 21.34 4.10 -65.03
C CYS C 295 20.95 5.52 -65.40
N LYS C 296 20.81 5.75 -66.71
CA LYS C 296 20.41 7.07 -67.19
C LYS C 296 18.95 7.32 -66.86
N GLY C 297 18.65 8.51 -66.33
CA GLY C 297 17.31 8.85 -65.96
C GLY C 297 16.81 8.23 -64.68
N GLU C 298 17.71 7.81 -63.80
CA GLU C 298 17.30 7.20 -62.53
C GLU C 298 16.68 8.21 -61.58
N ASP C 299 16.86 9.50 -61.83
CA ASP C 299 16.35 10.55 -60.96
C ASP C 299 14.97 11.05 -61.38
N MET C 300 14.39 10.45 -62.42
CA MET C 300 13.11 10.92 -62.93
C MET C 300 11.98 10.57 -61.97
N GLU C 301 10.92 11.36 -62.02
CA GLU C 301 9.75 11.08 -61.20
C GLU C 301 9.03 9.83 -61.70
N GLY C 302 8.59 9.01 -60.76
CA GLY C 302 8.02 7.72 -61.07
C GLY C 302 8.91 6.54 -60.77
N VAL C 303 10.12 6.78 -60.27
CA VAL C 303 11.05 5.73 -59.84
C VAL C 303 11.25 5.89 -58.34
N LEU C 304 11.02 4.83 -57.58
CA LEU C 304 11.16 4.88 -56.14
C LEU C 304 11.87 3.63 -55.64
N GLY C 305 12.55 3.78 -54.51
CA GLY C 305 13.29 2.67 -53.94
C GLY C 305 12.39 1.66 -53.25
N GLY C 306 12.88 0.43 -53.15
CA GLY C 306 12.10 -0.64 -52.55
C GLY C 306 11.88 -0.46 -51.06
N ILE C 307 12.92 -0.02 -50.35
CA ILE C 307 12.82 0.17 -48.90
C ILE C 307 11.82 1.27 -48.58
N ASP C 308 11.88 2.38 -49.31
CA ASP C 308 10.94 3.46 -49.09
C ASP C 308 9.51 3.02 -49.39
N PHE C 309 9.33 2.25 -50.47
CA PHE C 309 8.01 1.74 -50.81
C PHE C 309 7.45 0.85 -49.70
N LEU C 310 8.27 -0.06 -49.17
CA LEU C 310 7.80 -0.94 -48.11
C LEU C 310 7.51 -0.18 -46.84
N ARG C 311 8.29 0.86 -46.55
CA ARG C 311 8.03 1.68 -45.37
C ARG C 311 6.72 2.44 -45.50
N GLU C 312 6.41 3.01 -46.67
CA GLU C 312 5.13 3.67 -46.82
C GLU C 312 3.96 2.68 -46.81
N VAL C 313 4.18 1.46 -47.30
CA VAL C 313 3.12 0.44 -47.18
C VAL C 313 2.84 0.16 -45.71
N THR C 314 3.89 0.03 -44.91
CA THR C 314 3.72 -0.34 -43.51
C THR C 314 3.01 0.75 -42.71
N MET C 315 3.34 2.02 -42.97
CA MET C 315 2.78 3.12 -42.21
C MET C 315 1.39 3.54 -42.67
N ASN C 316 0.77 2.76 -43.57
CA ASN C 316 -0.59 3.02 -44.07
C ASN C 316 -0.69 4.40 -44.71
N SER C 317 0.37 4.80 -45.40
CA SER C 317 0.42 6.11 -46.04
C SER C 317 -0.25 6.04 -47.41
N ASN C 318 -0.31 7.18 -48.09
CA ASN C 318 -0.93 7.26 -49.41
C ASN C 318 0.13 7.06 -50.48
N ILE C 319 -0.02 6.00 -51.26
CA ILE C 319 0.94 5.63 -52.30
C ILE C 319 0.25 5.67 -53.64
N THR C 320 1.05 5.62 -54.70
CA THR C 320 0.56 5.47 -56.06
C THR C 320 1.36 4.37 -56.75
N LEU C 321 0.65 3.45 -57.39
CA LEU C 321 1.29 2.32 -58.05
C LEU C 321 1.01 2.27 -59.54
N GLY C 322 -0.26 2.32 -59.94
CA GLY C 322 -0.62 2.13 -61.32
C GLY C 322 -0.87 0.67 -61.67
N GLY C 323 -1.31 0.45 -62.91
CA GLY C 323 -1.62 -0.91 -63.34
C GLY C 323 -0.39 -1.78 -63.48
N LYS C 324 0.68 -1.24 -64.04
CA LYS C 324 1.86 -2.02 -64.36
C LYS C 324 3.07 -1.50 -63.56
N VAL C 325 3.74 -2.42 -62.88
CA VAL C 325 4.88 -2.09 -62.05
C VAL C 325 6.04 -3.03 -62.38
N LEU C 326 7.22 -2.46 -62.56
CA LEU C 326 8.44 -3.21 -62.87
C LEU C 326 9.37 -3.14 -61.66
N VAL C 327 9.70 -4.30 -61.10
CA VAL C 327 10.59 -4.38 -59.95
C VAL C 327 11.94 -4.87 -60.42
N VAL C 328 12.98 -4.09 -60.13
CA VAL C 328 14.34 -4.40 -60.55
C VAL C 328 15.10 -4.97 -59.35
N GLY C 329 15.64 -6.16 -59.52
CA GLY C 329 16.35 -6.83 -58.44
C GLY C 329 15.97 -8.29 -58.32
N GLY C 330 16.69 -9.05 -57.49
CA GLY C 330 16.42 -10.47 -57.38
C GLY C 330 16.53 -11.05 -55.99
N GLY C 331 16.79 -10.20 -54.99
CA GLY C 331 16.91 -10.66 -53.62
C GLY C 331 15.57 -10.80 -52.94
N ASN C 332 15.59 -10.76 -51.62
CA ASN C 332 14.34 -10.84 -50.88
C ASN C 332 13.58 -9.52 -50.89
N THR C 333 14.28 -8.39 -51.04
CA THR C 333 13.61 -7.10 -51.19
C THR C 333 12.74 -7.09 -52.43
N ALA C 334 13.25 -7.63 -53.54
CA ALA C 334 12.48 -7.69 -54.77
C ALA C 334 11.26 -8.58 -54.62
N MET C 335 11.41 -9.72 -53.94
CA MET C 335 10.26 -10.61 -53.72
C MET C 335 9.19 -9.96 -52.87
N ASP C 336 9.60 -9.30 -51.77
CA ASP C 336 8.63 -8.63 -50.91
C ASP C 336 7.93 -7.49 -51.65
N VAL C 337 8.67 -6.71 -52.43
CA VAL C 337 8.07 -5.62 -53.18
C VAL C 337 7.08 -6.16 -54.21
N ALA C 338 7.46 -7.23 -54.93
CA ALA C 338 6.59 -7.77 -55.96
C ALA C 338 5.31 -8.36 -55.38
N ARG C 339 5.41 -9.09 -54.26
CA ARG C 339 4.20 -9.68 -53.70
C ARG C 339 3.32 -8.64 -53.03
N THR C 340 3.91 -7.64 -52.36
CA THR C 340 3.11 -6.55 -51.81
C THR C 340 2.43 -5.76 -52.93
N SER C 341 3.10 -5.62 -54.07
CA SER C 341 2.47 -4.95 -55.21
C SER C 341 1.32 -5.76 -55.76
N LYS C 342 1.46 -7.08 -55.81
CA LYS C 342 0.33 -7.91 -56.25
C LYS C 342 -0.85 -7.77 -55.31
N ARG C 343 -0.58 -7.63 -54.01
CA ARG C 343 -1.69 -7.43 -53.08
C ARG C 343 -2.26 -6.02 -53.13
N LEU C 344 -1.51 -5.03 -53.61
CA LEU C 344 -1.96 -3.64 -53.62
C LEU C 344 -2.61 -3.24 -54.93
N GLY C 345 -3.20 -4.20 -55.64
CA GLY C 345 -4.01 -3.89 -56.80
C GLY C 345 -3.28 -3.73 -58.11
N ALA C 346 -1.98 -4.04 -58.16
CA ALA C 346 -1.28 -3.99 -59.43
C ALA C 346 -1.69 -5.18 -60.29
N GLU C 347 -2.13 -4.90 -61.51
CA GLU C 347 -2.70 -5.97 -62.34
C GLU C 347 -1.63 -6.89 -62.90
N GLU C 348 -0.47 -6.34 -63.23
CA GLU C 348 0.64 -7.19 -63.69
C GLU C 348 1.95 -6.69 -63.13
N VAL C 349 2.69 -7.58 -62.48
CA VAL C 349 3.97 -7.29 -61.87
C VAL C 349 5.03 -8.14 -62.54
N THR C 350 6.13 -7.53 -62.95
CA THR C 350 7.22 -8.23 -63.60
C THR C 350 8.52 -7.90 -62.90
N ILE C 351 9.37 -8.91 -62.72
CA ILE C 351 10.65 -8.75 -62.04
C ILE C 351 11.77 -8.80 -63.08
N ILE C 352 12.62 -7.77 -63.09
CA ILE C 352 13.69 -7.63 -64.06
C ILE C 352 14.98 -8.04 -63.36
N TYR C 353 15.58 -9.15 -63.78
CA TYR C 353 16.79 -9.67 -63.17
C TYR C 353 17.81 -9.99 -64.25
N ARG C 354 19.09 -9.84 -63.90
CA ARG C 354 20.17 -10.00 -64.87
C ARG C 354 20.77 -11.40 -64.88
N ARG C 355 20.22 -12.34 -64.11
CA ARG C 355 20.66 -13.72 -64.13
C ARG C 355 19.47 -14.66 -64.16
N THR C 356 19.70 -15.95 -63.95
CA THR C 356 18.66 -16.96 -64.06
C THR C 356 17.99 -17.21 -62.72
N ILE C 357 16.93 -18.03 -62.75
CA ILE C 357 16.17 -18.32 -61.54
C ILE C 357 17.02 -19.07 -60.52
N ASP C 358 17.77 -20.08 -60.99
CA ASP C 358 18.63 -20.84 -60.10
C ASP C 358 19.78 -20.01 -59.53
N GLU C 359 20.07 -18.87 -60.13
CA GLU C 359 21.13 -18.00 -59.68
C GLU C 359 20.65 -16.93 -58.71
N MET C 360 19.34 -16.89 -58.43
CA MET C 360 18.78 -15.82 -57.62
C MET C 360 19.13 -16.02 -56.15
N PRO C 361 19.49 -14.94 -55.45
CA PRO C 361 19.79 -15.06 -54.01
C PRO C 361 18.55 -15.20 -53.13
N ALA C 362 17.35 -15.06 -53.68
CA ALA C 362 16.14 -15.26 -52.91
C ALA C 362 15.92 -16.74 -52.64
N GLU C 363 15.12 -17.03 -51.61
CA GLU C 363 14.80 -18.41 -51.28
C GLU C 363 13.89 -19.02 -52.33
N LYS C 364 14.08 -20.32 -52.58
CA LYS C 364 13.27 -21.01 -53.57
C LYS C 364 11.81 -21.10 -53.13
N ILE C 365 11.55 -21.17 -51.83
CA ILE C 365 10.19 -21.19 -51.33
C ILE C 365 9.48 -19.88 -51.63
N GLU C 366 10.18 -18.76 -51.41
CA GLU C 366 9.60 -17.45 -51.71
C GLU C 366 9.37 -17.28 -53.20
N ILE C 367 10.30 -17.76 -54.03
CA ILE C 367 10.13 -17.67 -55.48
C ILE C 367 8.93 -18.51 -55.93
N HIS C 368 8.79 -19.72 -55.38
CA HIS C 368 7.66 -20.57 -55.75
C HIS C 368 6.33 -19.96 -55.32
N GLU C 369 6.28 -19.41 -54.10
CA GLU C 369 5.05 -18.76 -53.64
C GLU C 369 4.73 -17.52 -54.46
N ALA C 370 5.75 -16.75 -54.83
CA ALA C 370 5.54 -15.58 -55.67
C ALA C 370 5.00 -15.98 -57.04
N GLN C 371 5.57 -17.02 -57.65
CA GLN C 371 5.09 -17.49 -58.94
C GLN C 371 3.66 -18.00 -58.84
N GLU C 372 3.32 -18.66 -57.73
CA GLU C 372 1.94 -19.10 -57.52
C GLU C 372 0.99 -17.92 -57.38
N GLU C 373 1.46 -16.83 -56.77
CA GLU C 373 0.57 -15.69 -56.54
C GLU C 373 0.32 -14.90 -57.82
N GLY C 374 1.28 -14.88 -58.74
CA GLY C 374 1.00 -14.31 -60.05
C GLY C 374 1.98 -13.30 -60.60
N VAL C 375 3.17 -13.20 -60.03
CA VAL C 375 4.18 -12.27 -60.53
C VAL C 375 5.05 -12.99 -61.56
N LYS C 376 5.24 -12.35 -62.71
CA LYS C 376 6.02 -12.91 -63.79
C LYS C 376 7.49 -12.50 -63.64
N PHE C 377 8.38 -13.38 -64.11
CA PHE C 377 9.82 -13.19 -63.97
C PHE C 377 10.44 -13.00 -65.34
N GLN C 378 11.22 -11.94 -65.50
CA GLN C 378 11.95 -11.68 -66.73
C GLN C 378 13.44 -11.78 -66.40
N LEU C 379 14.12 -12.71 -67.07
CA LEU C 379 15.44 -13.14 -66.65
C LEU C 379 16.49 -12.75 -67.66
N LEU C 380 17.73 -12.64 -67.19
CA LEU C 380 18.90 -12.33 -68.02
C LEU C 380 18.71 -11.00 -68.76
N VAL C 381 18.26 -9.99 -68.03
CA VAL C 381 17.96 -8.67 -68.58
C VAL C 381 18.47 -7.62 -67.61
N ALA C 382 19.24 -6.66 -68.12
CA ALA C 382 19.84 -5.63 -67.28
C ALA C 382 19.37 -4.24 -67.73
N PRO C 383 18.83 -3.43 -66.82
CA PRO C 383 18.34 -2.10 -67.22
C PRO C 383 19.46 -1.18 -67.69
N VAL C 384 19.12 -0.32 -68.64
CA VAL C 384 20.05 0.62 -69.24
C VAL C 384 19.57 2.06 -69.11
N GLU C 385 18.30 2.31 -69.41
CA GLU C 385 17.78 3.67 -69.46
C GLU C 385 16.33 3.67 -69.00
N VAL C 386 15.91 4.76 -68.39
CA VAL C 386 14.51 4.96 -68.00
C VAL C 386 13.92 6.01 -68.93
N LEU C 387 12.87 5.62 -69.66
CA LEU C 387 12.25 6.48 -70.65
C LEU C 387 10.97 7.07 -70.08
N GLY C 388 10.74 8.36 -70.38
CA GLY C 388 9.53 9.01 -69.93
C GLY C 388 9.31 10.30 -70.67
N GLU C 389 8.09 10.83 -70.54
CA GLU C 389 7.73 12.09 -71.15
C GLU C 389 7.15 13.02 -70.08
N ASN C 390 7.55 14.28 -70.15
CA ASN C 390 7.16 15.33 -69.19
C ASN C 390 7.53 14.95 -67.75
N GLY C 391 8.66 14.28 -67.58
CA GLY C 391 9.18 13.95 -66.27
C GLY C 391 8.59 12.72 -65.64
N HIS C 392 7.59 12.09 -66.26
CA HIS C 392 6.95 10.90 -65.71
C HIS C 392 7.51 9.68 -66.41
N ALA C 393 8.20 8.83 -65.65
CA ALA C 393 8.82 7.64 -66.23
C ALA C 393 7.75 6.67 -66.72
N LYS C 394 7.90 6.19 -67.95
CA LYS C 394 6.90 5.33 -68.55
C LYS C 394 7.44 4.05 -69.17
N ALA C 395 8.75 3.89 -69.29
CA ALA C 395 9.30 2.69 -69.89
C ALA C 395 10.70 2.44 -69.34
N LEU C 396 11.17 1.21 -69.50
CA LEU C 396 12.51 0.81 -69.09
C LEU C 396 13.18 0.14 -70.29
N LYS C 397 14.21 0.77 -70.82
CA LYS C 397 15.01 0.19 -71.91
C LYS C 397 16.16 -0.59 -71.29
N CYS C 398 16.26 -1.87 -71.63
CA CYS C 398 17.18 -2.77 -70.97
C CYS C 398 18.00 -3.53 -72.01
N GLU C 399 19.17 -3.98 -71.59
CA GLU C 399 20.05 -4.80 -72.41
C GLU C 399 19.87 -6.28 -72.08
N ILE C 400 19.95 -7.10 -73.11
CA ILE C 400 19.80 -8.56 -72.97
C ILE C 400 21.17 -9.15 -72.73
N MET C 401 21.31 -9.93 -71.67
CA MET C 401 22.58 -10.50 -71.25
C MET C 401 22.65 -11.99 -71.62
N ARG C 402 23.84 -12.55 -71.44
CA ARG C 402 24.07 -13.98 -71.61
C ARG C 402 24.93 -14.48 -70.45
N LEU C 403 24.82 -15.78 -70.17
CA LEU C 403 25.57 -16.36 -69.08
C LEU C 403 27.05 -16.43 -69.45
N GLY C 404 27.91 -16.13 -68.47
CA GLY C 404 29.34 -16.06 -68.67
C GLY C 404 30.09 -16.90 -67.66
N GLU C 405 31.32 -16.48 -67.39
CA GLU C 405 32.19 -17.19 -66.47
C GLU C 405 31.76 -16.98 -65.02
N PRO C 406 32.00 -17.95 -64.14
CA PRO C 406 31.74 -17.75 -62.72
C PRO C 406 32.68 -16.72 -62.12
N ASP C 407 32.21 -16.08 -61.05
CA ASP C 407 33.00 -15.12 -60.32
C ASP C 407 33.78 -15.84 -59.21
N ALA C 408 34.36 -15.06 -58.28
CA ALA C 408 35.01 -15.65 -57.12
C ALA C 408 34.01 -16.27 -56.15
N SER C 409 32.75 -15.86 -56.20
CA SER C 409 31.73 -16.37 -55.30
C SER C 409 31.01 -17.60 -55.85
N GLY C 410 31.33 -18.03 -57.06
CA GLY C 410 30.67 -19.18 -57.65
C GLY C 410 29.41 -18.89 -58.43
N ARG C 411 29.24 -17.67 -58.91
CA ARG C 411 28.08 -17.28 -59.71
C ARG C 411 28.53 -16.74 -61.06
N ARG C 412 27.81 -17.11 -62.11
CA ARG C 412 28.19 -16.70 -63.46
C ARG C 412 27.97 -15.21 -63.66
N LYS C 413 28.87 -14.58 -64.42
CA LYS C 413 28.82 -13.14 -64.65
C LYS C 413 28.09 -12.84 -65.95
N PRO C 414 26.99 -12.09 -65.91
CA PRO C 414 26.25 -11.80 -67.15
C PRO C 414 27.03 -10.87 -68.07
N GLU C 415 26.83 -11.07 -69.38
CA GLU C 415 27.50 -10.29 -70.41
C GLU C 415 26.49 -9.90 -71.48
N PRO C 416 26.39 -8.61 -71.81
CA PRO C 416 25.49 -8.20 -72.90
C PRO C 416 25.99 -8.71 -74.24
N THR C 417 25.07 -8.91 -75.18
CA THR C 417 25.45 -9.38 -76.51
C THR C 417 25.18 -8.34 -77.58
N GLY C 418 23.92 -8.08 -77.93
CA GLY C 418 23.64 -7.00 -78.86
C GLY C 418 22.25 -6.41 -78.81
N GLU C 419 21.42 -6.88 -77.89
CA GLU C 419 19.98 -6.72 -77.99
C GLU C 419 19.44 -5.91 -76.84
N THR C 420 18.50 -5.01 -77.16
CA THR C 420 17.79 -4.22 -76.17
C THR C 420 16.30 -4.50 -76.29
N VAL C 421 15.61 -4.43 -75.16
CA VAL C 421 14.17 -4.61 -75.10
C VAL C 421 13.59 -3.52 -74.20
N VAL C 422 12.45 -2.96 -74.59
CA VAL C 422 11.81 -1.89 -73.84
C VAL C 422 10.55 -2.46 -73.19
N TYR C 423 10.45 -2.30 -71.88
CA TYR C 423 9.30 -2.76 -71.11
C TYR C 423 8.46 -1.56 -70.71
N GLU C 424 7.15 -1.65 -70.94
CA GLU C 424 6.25 -0.59 -70.50
C GLU C 424 5.89 -0.76 -69.05
N ALA C 425 5.85 0.35 -68.31
CA ALA C 425 5.51 0.28 -66.90
C ALA C 425 4.98 1.62 -66.45
N ASP C 426 3.98 1.56 -65.56
CA ASP C 426 3.49 2.77 -64.90
C ASP C 426 4.40 3.16 -63.73
N ARG C 427 4.93 2.18 -63.01
CA ARG C 427 5.83 2.45 -61.90
C ARG C 427 7.05 1.56 -62.01
N ILE C 428 8.20 2.07 -61.61
CA ILE C 428 9.45 1.33 -61.60
C ILE C 428 10.02 1.39 -60.20
N ILE C 429 10.14 0.23 -59.56
CA ILE C 429 10.63 0.14 -58.20
C ILE C 429 11.99 -0.54 -58.21
N ALA C 430 13.00 0.17 -57.71
CA ALA C 430 14.37 -0.32 -57.67
C ALA C 430 14.59 -1.00 -56.32
N ALA C 431 14.67 -2.33 -56.35
CA ALA C 431 14.89 -3.12 -55.15
C ALA C 431 16.28 -3.72 -55.24
N ILE C 432 17.24 -2.90 -55.67
CA ILE C 432 18.57 -3.34 -56.03
C ILE C 432 19.38 -3.83 -54.85
N GLY C 433 19.26 -3.18 -53.71
CA GLY C 433 20.08 -3.53 -52.56
C GLY C 433 19.92 -2.50 -51.47
N GLN C 434 20.81 -2.58 -50.48
CA GLN C 434 20.80 -1.72 -49.31
C GLN C 434 22.20 -1.17 -49.06
N LYS C 435 22.25 -0.03 -48.39
CA LYS C 435 23.52 0.58 -48.00
C LYS C 435 23.37 1.16 -46.61
N THR C 436 24.44 1.08 -45.81
CA THR C 436 24.43 1.69 -44.50
C THR C 436 24.70 3.18 -44.63
N VAL C 437 23.90 3.99 -43.95
CA VAL C 437 24.13 5.43 -43.88
C VAL C 437 24.33 5.81 -42.41
N ILE C 438 25.36 6.61 -42.16
CA ILE C 438 25.62 7.08 -40.80
C ILE C 438 24.81 8.33 -40.49
N GLY C 439 24.35 9.06 -41.50
CA GLY C 439 23.56 10.24 -41.25
C GLY C 439 24.42 11.36 -40.69
N ASN C 440 23.85 12.07 -39.71
CA ASN C 440 24.50 13.22 -39.12
C ASN C 440 25.33 12.88 -37.90
N ILE C 441 25.47 11.60 -37.55
CA ILE C 441 26.33 11.22 -36.44
C ILE C 441 27.78 11.51 -36.81
N LYS C 442 28.46 12.27 -35.96
CA LYS C 442 29.80 12.74 -36.25
C LYS C 442 30.84 12.01 -35.41
N ASP C 443 32.09 12.07 -35.89
CA ASP C 443 33.25 11.42 -35.27
C ASP C 443 33.07 9.90 -35.19
N ILE C 444 32.51 9.31 -36.25
CA ILE C 444 32.45 7.86 -36.41
C ILE C 444 33.01 7.53 -37.78
N ALA C 445 34.05 6.70 -37.82
CA ALA C 445 34.67 6.32 -39.09
C ALA C 445 33.86 5.24 -39.78
N THR C 446 33.77 5.35 -41.11
CA THR C 446 33.00 4.43 -41.92
C THR C 446 33.85 3.92 -43.08
N ASP C 447 33.44 2.77 -43.61
CA ASP C 447 34.14 2.13 -44.72
C ASP C 447 33.81 2.84 -46.03
N LYS C 448 34.36 2.30 -47.12
CA LYS C 448 34.00 2.77 -48.45
C LYS C 448 32.59 2.36 -48.85
N SER C 449 32.05 1.32 -48.22
CA SER C 449 30.69 0.87 -48.47
C SER C 449 29.69 1.41 -47.45
N GLY C 450 30.14 2.27 -46.53
CA GLY C 450 29.26 2.88 -45.55
C GLY C 450 29.22 2.19 -44.21
N ASN C 451 29.74 0.97 -44.10
CA ASN C 451 29.68 0.22 -42.85
C ASN C 451 30.61 0.84 -41.82
N ILE C 452 30.18 0.76 -40.55
CA ILE C 452 30.99 1.29 -39.46
C ILE C 452 32.18 0.38 -39.21
N ILE C 453 33.37 0.98 -39.19
CA ILE C 453 34.60 0.23 -38.94
C ILE C 453 34.74 0.01 -37.44
N VAL C 454 34.83 -1.26 -37.03
CA VAL C 454 35.01 -1.61 -35.63
C VAL C 454 36.23 -2.53 -35.51
N ASN C 455 36.81 -2.54 -34.31
CA ASN C 455 37.85 -3.50 -34.00
C ASN C 455 37.24 -4.89 -33.91
N GLY C 456 37.80 -5.83 -34.66
CA GLY C 456 37.20 -7.14 -34.78
C GLY C 456 37.15 -7.95 -33.49
N GLY C 457 35.95 -8.32 -33.06
CA GLY C 457 35.77 -9.10 -31.86
C GLY C 457 35.62 -8.29 -30.60
N ALA C 458 36.00 -7.01 -30.63
CA ALA C 458 35.81 -6.11 -29.51
C ALA C 458 34.69 -5.10 -29.73
N PHE C 459 34.25 -4.94 -30.98
CA PHE C 459 33.11 -4.09 -31.35
C PHE C 459 33.31 -2.63 -30.96
N THR C 460 34.55 -2.14 -30.97
CA THR C 460 34.84 -0.77 -30.57
C THR C 460 35.12 0.09 -31.79
N THR C 461 34.46 1.24 -31.87
CA THR C 461 34.70 2.21 -32.93
C THR C 461 35.92 3.06 -32.56
N ASN C 462 36.15 4.14 -33.29
CA ASN C 462 37.26 5.02 -32.96
C ASN C 462 36.98 5.80 -31.69
N ARG C 463 35.74 6.25 -31.51
CA ARG C 463 35.38 6.99 -30.30
C ARG C 463 35.30 6.04 -29.11
N ASP C 464 35.83 6.49 -27.98
CA ASP C 464 35.75 5.70 -26.77
C ASP C 464 34.31 5.65 -26.27
N LYS C 465 34.01 4.60 -25.51
CA LYS C 465 32.73 4.34 -24.86
C LYS C 465 31.60 4.05 -25.85
N VAL C 466 31.90 3.89 -27.13
CA VAL C 466 30.89 3.68 -28.17
C VAL C 466 31.19 2.35 -28.85
N PHE C 467 30.16 1.52 -28.99
CA PHE C 467 30.25 0.19 -29.59
C PHE C 467 29.26 0.10 -30.75
N ALA C 468 29.52 -0.83 -31.67
CA ALA C 468 28.65 -0.96 -32.83
C ALA C 468 28.47 -2.44 -33.18
N GLY C 469 27.36 -2.72 -33.86
CA GLY C 469 27.04 -4.09 -34.24
C GLY C 469 25.82 -4.12 -35.13
N GLY C 470 25.54 -5.32 -35.66
CA GLY C 470 24.38 -5.51 -36.51
C GLY C 470 24.69 -5.19 -37.96
N ASP C 471 23.63 -4.88 -38.72
CA ASP C 471 23.77 -4.54 -40.14
C ASP C 471 24.58 -3.29 -40.36
N ALA C 472 24.77 -2.47 -39.33
CA ALA C 472 25.62 -1.29 -39.44
C ALA C 472 27.08 -1.65 -39.60
N VAL C 473 27.47 -2.87 -39.23
CA VAL C 473 28.87 -3.30 -39.31
C VAL C 473 29.06 -4.33 -40.42
N THR C 474 28.24 -5.38 -40.43
CA THR C 474 28.39 -6.49 -41.36
C THR C 474 27.69 -6.26 -42.69
N GLY C 475 26.91 -5.19 -42.82
CA GLY C 475 26.12 -4.98 -44.01
C GLY C 475 24.88 -5.83 -44.00
N PRO C 476 24.05 -5.73 -45.05
CA PRO C 476 22.82 -6.54 -45.12
C PRO C 476 23.05 -8.04 -45.01
N LYS C 477 22.35 -8.67 -44.07
CA LYS C 477 22.44 -10.10 -43.82
C LYS C 477 21.07 -10.56 -43.35
N ILE C 478 21.01 -11.74 -42.76
CA ILE C 478 19.76 -12.23 -42.20
C ILE C 478 19.64 -11.76 -40.75
N ALA C 479 18.46 -11.94 -40.15
CA ALA C 479 18.17 -11.34 -38.84
C ALA C 479 18.91 -12.01 -37.70
N ILE C 480 19.12 -13.32 -37.78
CA ILE C 480 19.79 -14.03 -36.69
C ILE C 480 21.27 -13.63 -36.64
N ASP C 481 21.85 -13.20 -37.76
CA ASP C 481 23.19 -12.61 -37.72
C ASP C 481 23.22 -11.34 -36.89
N ALA C 482 22.21 -10.49 -37.06
CA ALA C 482 22.10 -9.28 -36.26
C ALA C 482 21.90 -9.61 -34.79
N ILE C 483 21.08 -10.62 -34.50
CA ILE C 483 20.84 -11.03 -33.11
C ILE C 483 22.12 -11.57 -32.48
N ALA C 484 22.89 -12.38 -33.23
CA ALA C 484 24.15 -12.89 -32.71
C ALA C 484 25.14 -11.78 -32.44
N GLN C 485 25.25 -10.81 -33.35
CA GLN C 485 26.15 -9.69 -33.13
C GLN C 485 25.72 -8.86 -31.92
N GLY C 486 24.41 -8.68 -31.74
CA GLY C 486 23.92 -7.95 -30.58
C GLY C 486 24.25 -8.65 -29.27
N LYS C 487 24.08 -9.98 -29.22
CA LYS C 487 24.39 -10.71 -28.00
C LYS C 487 25.88 -10.70 -27.70
N ASN C 488 26.72 -10.89 -28.72
CA ASN C 488 28.16 -10.86 -28.50
C ASN C 488 28.62 -9.48 -28.03
N ALA C 489 28.07 -8.42 -28.63
CA ALA C 489 28.42 -7.08 -28.18
C ALA C 489 27.92 -6.80 -26.78
N ALA C 490 26.76 -7.36 -26.39
CA ALA C 490 26.29 -7.22 -25.02
C ALA C 490 27.26 -7.86 -24.04
N GLN C 491 27.77 -9.05 -24.38
CA GLN C 491 28.76 -9.68 -23.51
C GLN C 491 30.03 -8.85 -23.40
N VAL C 492 30.50 -8.32 -24.53
CA VAL C 492 31.74 -7.53 -24.53
C VAL C 492 31.56 -6.24 -23.73
N ILE C 493 30.43 -5.57 -23.90
CA ILE C 493 30.14 -4.35 -23.15
C ILE C 493 30.05 -4.65 -21.65
N ASP C 494 29.41 -5.77 -21.29
CA ASP C 494 29.31 -6.13 -19.88
C ASP C 494 30.67 -6.39 -19.27
N SER C 495 31.56 -7.06 -20.01
CA SER C 495 32.92 -7.26 -19.51
C SER C 495 33.66 -5.93 -19.38
N TYR C 496 33.45 -5.02 -20.34
CA TYR C 496 34.10 -3.71 -20.29
C TYR C 496 33.66 -2.90 -19.08
N LEU C 497 32.37 -2.99 -18.73
CA LEU C 497 31.85 -2.22 -17.60
C LEU C 497 32.36 -2.70 -16.26
N ASN C 498 32.96 -3.89 -16.19
CA ASN C 498 33.60 -4.37 -14.97
C ASN C 498 35.06 -3.96 -14.87
N GLY C 499 35.62 -3.34 -15.92
CA GLY C 499 36.97 -2.82 -15.88
C GLY C 499 38.00 -3.59 -16.66
N CYS C 500 37.62 -4.67 -17.35
CA CYS C 500 38.57 -5.46 -18.13
C CYS C 500 37.90 -5.89 -19.43
N LEU C 501 38.29 -5.27 -20.53
CA LEU C 501 37.67 -5.55 -21.83
C LEU C 501 38.28 -6.81 -22.43
N VAL C 502 37.45 -7.82 -22.65
CA VAL C 502 37.89 -9.05 -23.31
C VAL C 502 37.13 -9.24 -24.62
N PRO C 503 37.81 -9.57 -25.71
CA PRO C 503 37.11 -9.75 -26.99
C PRO C 503 36.44 -11.12 -27.07
N HIS C 504 35.50 -11.22 -27.98
CA HIS C 504 34.74 -12.45 -28.16
C HIS C 504 35.50 -13.43 -29.04
N ALA C 505 35.57 -14.69 -28.62
CA ALA C 505 36.28 -15.72 -29.35
C ALA C 505 35.43 -16.97 -29.46
N ASP C 506 35.52 -17.64 -30.61
CA ASP C 506 34.79 -18.87 -30.85
C ASP C 506 35.43 -20.03 -30.10
N SER C 507 34.61 -21.04 -29.82
CA SER C 507 35.03 -22.21 -29.07
C SER C 507 35.41 -23.35 -30.02
N GLN C 508 36.10 -24.34 -29.47
CA GLN C 508 36.58 -25.48 -30.22
C GLN C 508 35.81 -26.73 -29.81
N TYR C 509 35.32 -27.47 -30.80
CA TYR C 509 34.57 -28.68 -30.56
C TYR C 509 35.14 -29.82 -31.41
N PHE C 510 34.86 -31.04 -30.98
CA PHE C 510 35.14 -32.20 -31.81
C PHE C 510 33.98 -32.40 -32.78
N THR C 511 34.29 -32.54 -34.06
CA THR C 511 33.27 -32.68 -35.07
C THR C 511 33.58 -33.90 -35.94
N GLN C 512 32.53 -34.49 -36.49
CA GLN C 512 32.64 -35.70 -37.29
C GLN C 512 32.19 -35.38 -38.70
N LYS C 513 33.05 -35.67 -39.68
CA LYS C 513 32.75 -35.40 -41.08
C LYS C 513 32.70 -36.66 -41.92
N ASP C 514 32.76 -37.84 -41.29
CA ASP C 514 32.73 -39.12 -41.99
C ASP C 514 31.34 -39.73 -42.03
N ILE C 515 30.33 -39.00 -41.59
CA ILE C 515 28.97 -39.54 -41.57
C ILE C 515 28.40 -39.46 -42.99
N THR C 516 27.96 -40.60 -43.50
CA THR C 516 27.38 -40.71 -44.82
C THR C 516 25.98 -41.30 -44.71
N ALA C 517 25.31 -41.40 -45.86
CA ALA C 517 23.95 -41.95 -45.88
C ALA C 517 23.95 -43.44 -45.54
N ALA C 518 25.03 -44.15 -45.87
CA ALA C 518 25.09 -45.58 -45.59
C ALA C 518 25.21 -45.86 -44.11
N ASP C 519 25.80 -44.94 -43.35
CA ASP C 519 25.94 -45.13 -41.91
C ASP C 519 24.62 -44.95 -41.17
N LEU C 520 23.62 -44.35 -41.82
CA LEU C 520 22.31 -44.15 -41.22
C LEU C 520 21.25 -44.97 -41.95
N ALA C 521 21.66 -46.05 -42.60
CA ALA C 521 20.74 -46.82 -43.44
C ALA C 521 19.79 -47.68 -42.62
N ASP C 522 20.07 -47.88 -41.34
CA ASP C 522 19.19 -48.66 -40.47
C ASP C 522 18.09 -47.82 -39.82
N ARG C 523 18.12 -46.50 -40.00
CA ARG C 523 17.08 -45.65 -39.44
C ARG C 523 15.83 -45.74 -40.28
N ALA C 524 14.68 -45.85 -39.60
CA ALA C 524 13.40 -45.86 -40.30
C ALA C 524 13.08 -44.46 -40.83
N LYS C 525 12.21 -44.42 -41.83
CA LYS C 525 11.88 -43.19 -42.53
C LYS C 525 10.48 -42.73 -42.15
N ALA C 526 10.36 -41.46 -41.77
CA ALA C 526 9.08 -40.86 -41.42
C ALA C 526 8.93 -39.53 -42.14
N PRO C 527 7.81 -39.32 -42.82
CA PRO C 527 7.65 -38.10 -43.63
C PRO C 527 7.56 -36.86 -42.76
N ARG C 528 7.98 -35.74 -43.34
CA ARG C 528 7.99 -34.47 -42.64
C ARG C 528 6.57 -33.96 -42.46
N VAL C 529 6.39 -33.12 -41.43
CA VAL C 529 5.12 -32.45 -41.20
C VAL C 529 5.08 -31.24 -42.13
N SER C 530 4.26 -31.33 -43.18
CA SER C 530 4.15 -30.25 -44.15
C SER C 530 3.39 -29.08 -43.56
N LEU C 531 3.64 -27.90 -44.13
CA LEU C 531 3.07 -26.66 -43.64
C LEU C 531 1.74 -26.38 -44.36
N THR C 532 0.74 -25.95 -43.60
CA THR C 532 -0.57 -25.67 -44.16
C THR C 532 -0.56 -24.25 -44.74
N VAL C 533 -0.61 -24.16 -46.07
CA VAL C 533 -0.49 -22.90 -46.79
C VAL C 533 -1.84 -22.56 -47.39
N GLU C 534 -2.26 -21.30 -47.25
CA GLU C 534 -3.53 -20.86 -47.81
C GLU C 534 -3.49 -20.87 -49.33
N ASP C 535 -4.66 -21.05 -49.92
CA ASP C 535 -4.78 -21.10 -51.38
C ASP C 535 -4.41 -19.76 -52.00
N ALA C 536 -3.81 -19.82 -53.19
CA ALA C 536 -3.32 -18.63 -53.87
C ALA C 536 -4.44 -17.76 -54.44
N GLU C 537 -5.68 -18.23 -54.43
CA GLU C 537 -6.78 -17.39 -54.88
C GLU C 537 -7.08 -16.29 -53.88
N VAL C 538 -7.06 -16.60 -52.58
CA VAL C 538 -7.34 -15.61 -51.56
C VAL C 538 -6.09 -14.91 -51.02
N ARG C 539 -4.90 -15.39 -51.38
CA ARG C 539 -3.68 -14.75 -50.91
C ARG C 539 -3.38 -13.46 -51.66
N ASN C 540 -3.69 -13.40 -52.96
CA ASN C 540 -3.32 -12.26 -53.78
C ASN C 540 -4.06 -10.98 -53.42
N LYS C 541 -5.11 -11.06 -52.61
CA LYS C 541 -5.95 -9.92 -52.32
C LYS C 541 -5.85 -9.44 -50.89
N SER C 542 -5.37 -10.28 -49.99
CA SER C 542 -5.40 -10.00 -48.56
C SER C 542 -3.98 -9.94 -48.02
N PHE C 543 -3.82 -9.19 -46.94
CA PHE C 543 -2.58 -9.21 -46.18
C PHE C 543 -2.65 -10.20 -45.02
N MET C 544 -3.43 -11.28 -45.18
CA MET C 544 -3.57 -12.28 -44.15
C MET C 544 -2.42 -13.29 -44.23
N GLN C 545 -2.26 -14.04 -43.15
CA GLN C 545 -1.12 -14.94 -43.02
C GLN C 545 -1.20 -16.07 -44.04
N VAL C 546 -0.06 -16.34 -44.70
CA VAL C 546 -0.01 -17.38 -45.73
C VAL C 546 0.25 -18.77 -45.17
N ALA C 547 0.66 -18.87 -43.90
CA ALA C 547 0.95 -20.15 -43.29
C ALA C 547 0.45 -20.15 -41.85
N LYS C 548 0.26 -21.35 -41.32
CA LYS C 548 -0.24 -21.55 -39.97
C LYS C 548 0.84 -22.17 -39.08
N THR C 549 0.79 -21.82 -37.80
CA THR C 549 1.71 -22.39 -36.82
C THR C 549 1.35 -23.85 -36.56
N PHE C 550 2.35 -24.63 -36.15
CA PHE C 550 2.15 -26.04 -35.84
C PHE C 550 1.16 -26.20 -34.69
N THR C 551 0.37 -27.27 -34.77
CA THR C 551 -0.44 -27.72 -33.66
C THR C 551 0.43 -28.59 -32.74
N GLU C 552 -0.12 -28.99 -31.60
CA GLU C 552 0.68 -29.77 -30.65
C GLU C 552 0.95 -31.18 -31.16
N GLU C 553 -0.03 -31.78 -31.85
CA GLU C 553 0.19 -33.10 -32.44
C GLU C 553 1.25 -33.06 -33.53
N GLU C 554 1.20 -32.04 -34.40
CA GLU C 554 2.21 -31.87 -35.43
C GLU C 554 3.58 -31.63 -34.83
N ALA C 555 3.65 -30.80 -33.79
CA ALA C 555 4.92 -30.50 -33.16
C ALA C 555 5.54 -31.73 -32.51
N LEU C 556 4.73 -32.52 -31.80
CA LEU C 556 5.24 -33.75 -31.21
C LEU C 556 5.71 -34.72 -32.29
N ARG C 557 4.93 -34.87 -33.36
CA ARG C 557 5.28 -35.80 -34.42
C ARG C 557 6.58 -35.39 -35.12
N GLU C 558 6.79 -34.08 -35.28
CA GLU C 558 8.01 -33.62 -35.94
C GLU C 558 9.22 -33.70 -35.01
N SER C 559 9.04 -33.41 -33.73
CA SER C 559 10.17 -33.41 -32.81
C SER C 559 10.63 -34.81 -32.46
N LYS C 560 9.73 -35.80 -32.53
CA LYS C 560 10.11 -37.18 -32.23
C LYS C 560 10.95 -37.83 -33.33
N ARG C 561 11.36 -37.08 -34.34
CA ARG C 561 12.05 -37.61 -35.51
C ARG C 561 13.55 -37.32 -35.49
N CYS C 562 14.03 -36.63 -34.46
CA CYS C 562 15.43 -36.22 -34.37
C CYS C 562 16.33 -37.42 -34.16
N LEU C 563 17.55 -37.33 -34.69
CA LEU C 563 18.51 -38.43 -34.62
C LEU C 563 19.44 -38.35 -33.41
N GLU C 564 19.42 -37.24 -32.68
CA GLU C 564 20.26 -37.01 -31.50
C GLU C 564 21.75 -37.17 -31.85
N CYS C 565 22.22 -36.21 -32.66
CA CYS C 565 23.58 -36.30 -33.20
C CYS C 565 24.65 -35.92 -32.17
N GLY C 566 24.36 -34.98 -31.28
CA GLY C 566 25.38 -34.49 -30.37
C GLY C 566 25.62 -35.40 -29.17
N CYS C 567 26.77 -35.18 -28.53
CA CYS C 567 27.17 -35.97 -27.38
C CYS C 567 26.28 -35.64 -26.20
N ARG C 568 25.78 -36.67 -25.51
CA ARG C 568 24.94 -36.44 -24.34
C ARG C 568 25.75 -36.00 -23.13
N ASP C 569 27.06 -36.25 -23.14
CA ASP C 569 27.92 -35.97 -22.01
C ASP C 569 28.56 -34.60 -22.07
N TYR C 570 28.09 -33.73 -22.98
CA TYR C 570 28.81 -32.49 -23.24
C TYR C 570 28.87 -31.59 -22.02
N PHE C 571 27.76 -31.47 -21.29
CA PHE C 571 27.71 -30.53 -20.19
C PHE C 571 28.41 -31.03 -18.94
N GLU C 572 28.88 -32.28 -18.94
CA GLU C 572 29.65 -32.80 -17.83
C GLU C 572 30.98 -33.41 -18.24
N CYS C 573 31.29 -33.46 -19.54
CA CYS C 573 32.55 -34.04 -19.99
C CYS C 573 33.72 -33.18 -19.54
N GLN C 574 34.77 -33.85 -19.06
CA GLN C 574 35.96 -33.16 -18.60
C GLN C 574 37.05 -33.06 -19.64
N LEU C 575 36.97 -33.83 -20.72
CA LEU C 575 37.96 -33.69 -21.79
C LEU C 575 37.81 -32.36 -22.51
N ILE C 576 36.58 -32.03 -22.91
CA ILE C 576 36.36 -30.79 -23.66
C ILE C 576 36.61 -29.58 -22.77
N LYS C 577 36.41 -29.72 -21.45
CA LYS C 577 36.70 -28.62 -20.55
C LYS C 577 38.16 -28.24 -20.60
N TYR C 578 39.06 -29.23 -20.48
CA TYR C 578 40.48 -28.93 -20.52
C TYR C 578 40.95 -28.59 -21.93
N ILE C 579 40.31 -29.17 -22.96
CA ILE C 579 40.66 -28.84 -24.34
C ILE C 579 40.39 -27.36 -24.61
N GLN C 580 39.25 -26.86 -24.16
CA GLN C 580 38.94 -25.45 -24.34
C GLN C 580 39.68 -24.55 -23.36
N ASP C 581 40.05 -25.07 -22.17
CA ASP C 581 40.82 -24.27 -21.22
C ASP C 581 42.24 -24.03 -21.70
N TYR C 582 42.88 -25.06 -22.26
CA TYR C 582 44.25 -24.95 -22.70
C TYR C 582 44.38 -24.62 -24.19
N ASP C 583 43.25 -24.41 -24.86
CA ASP C 583 43.19 -23.99 -26.26
C ASP C 583 43.96 -24.95 -27.18
N VAL C 584 43.48 -26.19 -27.18
CA VAL C 584 44.04 -27.25 -28.03
C VAL C 584 43.16 -27.36 -29.26
N SER C 585 43.78 -27.39 -30.44
CA SER C 585 43.02 -27.54 -31.66
C SER C 585 42.45 -28.95 -31.75
N THR C 586 41.18 -29.05 -32.10
CA THR C 586 40.52 -30.34 -32.29
C THR C 586 40.46 -30.75 -33.75
N GLU C 587 41.13 -30.01 -34.64
CA GLU C 587 41.24 -30.42 -36.04
C GLU C 587 42.08 -31.68 -36.15
N LYS C 588 41.79 -32.50 -37.16
CA LYS C 588 42.43 -33.79 -37.32
C LYS C 588 43.18 -33.87 -38.63
N ASP C 589 44.37 -34.46 -38.57
CA ASP C 589 45.19 -34.74 -39.74
C ASP C 589 44.85 -36.14 -40.26
N SER C 590 44.69 -36.24 -41.58
CA SER C 590 44.30 -37.51 -42.19
C SER C 590 45.42 -38.52 -42.23
N GLN C 591 46.67 -38.09 -42.08
CA GLN C 591 47.80 -39.00 -42.19
C GLN C 591 48.08 -39.78 -40.91
N VAL C 592 47.44 -39.42 -39.80
CA VAL C 592 47.51 -40.19 -38.56
C VAL C 592 46.26 -41.04 -38.46
N GLU C 593 46.30 -42.08 -37.63
CA GLU C 593 45.16 -42.98 -37.52
C GLU C 593 44.50 -42.88 -36.15
N CYS C 594 43.18 -42.81 -36.16
CA CYS C 594 42.36 -42.96 -34.97
C CYS C 594 41.54 -44.23 -35.13
N HIS C 595 41.47 -45.03 -34.08
CA HIS C 595 40.71 -46.27 -34.13
C HIS C 595 39.22 -45.96 -34.26
N LYS C 596 38.58 -46.53 -35.28
CA LYS C 596 37.15 -46.46 -35.45
C LYS C 596 36.55 -47.83 -35.13
N THR C 597 35.45 -47.85 -34.39
CA THR C 597 34.84 -49.08 -33.94
C THR C 597 33.49 -49.29 -34.61
N THR C 598 33.11 -50.57 -34.70
CA THR C 598 31.80 -50.97 -35.20
C THR C 598 31.09 -51.73 -34.08
N GLU C 599 31.11 -51.12 -32.90
CA GLU C 599 30.63 -51.75 -31.68
C GLU C 599 29.14 -52.08 -31.76
N PHE C 600 28.78 -53.22 -31.18
CA PHE C 600 27.40 -53.65 -31.05
C PHE C 600 27.25 -54.16 -29.62
N ASP C 601 26.95 -53.26 -28.69
CA ASP C 601 26.65 -53.61 -27.31
C ASP C 601 25.30 -52.99 -26.99
N ASN C 602 24.22 -53.74 -27.25
CA ASN C 602 22.87 -53.27 -26.96
C ASN C 602 22.44 -53.64 -25.54
N HIS C 603 23.24 -53.24 -24.56
CA HIS C 603 22.82 -53.37 -23.18
C HIS C 603 21.67 -52.41 -22.90
N PRO C 604 20.66 -52.82 -22.13
CA PRO C 604 19.52 -51.93 -21.86
C PRO C 604 19.85 -50.71 -21.01
N PHE C 605 20.98 -50.70 -20.31
CA PHE C 605 21.23 -49.62 -19.36
C PHE C 605 22.54 -48.89 -19.58
N ILE C 606 23.60 -49.60 -19.95
CA ILE C 606 24.95 -49.04 -20.03
C ILE C 606 25.37 -48.99 -21.48
N GLU C 607 25.83 -47.82 -21.94
CA GLU C 607 26.36 -47.64 -23.28
C GLU C 607 27.85 -47.36 -23.20
N ARG C 608 28.63 -48.15 -23.95
CA ARG C 608 30.08 -48.04 -23.97
C ARG C 608 30.53 -47.63 -25.36
N ASN C 609 31.33 -46.57 -25.44
CA ASN C 609 31.88 -46.07 -26.70
C ASN C 609 33.39 -46.06 -26.60
N PRO C 610 34.08 -47.04 -27.18
CA PRO C 610 35.55 -47.03 -27.14
C PRO C 610 36.19 -45.91 -27.94
N ASP C 611 35.44 -45.24 -28.82
CA ASP C 611 35.99 -44.12 -29.58
C ASP C 611 36.23 -42.90 -28.71
N LYS C 612 35.51 -42.77 -27.60
CA LYS C 612 35.61 -41.62 -26.71
C LYS C 612 36.37 -41.94 -25.43
N CYS C 613 37.12 -43.04 -25.41
CA CYS C 613 37.80 -43.49 -24.21
C CYS C 613 39.18 -42.86 -24.13
N VAL C 614 39.51 -42.29 -22.96
CA VAL C 614 40.85 -41.77 -22.71
C VAL C 614 41.71 -42.73 -21.91
N LEU C 615 41.19 -43.93 -21.61
CA LEU C 615 41.91 -44.99 -20.92
C LEU C 615 42.45 -44.53 -19.57
N CYS C 616 41.63 -43.81 -18.82
CA CYS C 616 41.98 -43.46 -17.45
C CYS C 616 41.87 -44.65 -16.50
N GLY C 617 41.13 -45.69 -16.88
CA GLY C 617 41.03 -46.89 -16.09
C GLY C 617 40.17 -46.77 -14.85
N LEU C 618 39.39 -45.70 -14.73
CA LEU C 618 38.56 -45.53 -13.54
C LEU C 618 37.44 -46.57 -13.48
N CYS C 619 36.89 -46.94 -14.64
CA CYS C 619 35.78 -47.88 -14.66
C CYS C 619 36.21 -49.26 -14.20
N VAL C 620 37.34 -49.76 -14.71
CA VAL C 620 37.81 -51.08 -14.32
C VAL C 620 38.25 -51.09 -12.87
N ARG C 621 38.86 -49.99 -12.42
CA ARG C 621 39.29 -49.88 -11.02
C ARG C 621 38.10 -49.90 -10.07
N VAL C 622 37.02 -49.20 -10.42
CA VAL C 622 35.84 -49.19 -9.57
C VAL C 622 35.13 -50.54 -9.62
N CYS C 623 34.97 -51.13 -10.80
CA CYS C 623 34.29 -52.42 -10.89
C CYS C 623 35.08 -53.55 -10.24
N ASP C 624 36.39 -53.39 -10.09
CA ASP C 624 37.20 -54.41 -9.45
C ASP C 624 37.27 -54.17 -7.94
N GLU C 625 37.60 -52.96 -7.53
CA GLU C 625 37.91 -52.68 -6.13
C GLU C 625 36.68 -52.37 -5.29
N VAL C 626 35.64 -51.77 -5.87
CA VAL C 626 34.46 -51.35 -5.12
C VAL C 626 33.32 -52.33 -5.29
N VAL C 627 32.85 -52.52 -6.52
CA VAL C 627 31.73 -53.40 -6.76
C VAL C 627 32.14 -54.86 -6.56
N GLY C 628 33.29 -55.24 -7.09
CA GLY C 628 33.75 -56.60 -6.99
C GLY C 628 33.17 -57.55 -8.00
N ALA C 629 32.38 -57.06 -8.95
CA ALA C 629 31.86 -57.91 -10.00
C ALA C 629 32.96 -58.30 -10.97
N THR C 630 33.86 -57.36 -11.28
CA THR C 630 34.91 -57.51 -12.28
C THR C 630 34.32 -57.99 -13.60
N ALA C 631 33.35 -57.23 -14.09
CA ALA C 631 32.67 -57.55 -15.34
C ALA C 631 33.36 -56.98 -16.56
N ILE C 632 34.31 -56.07 -16.38
CA ILE C 632 35.04 -55.45 -17.49
C ILE C 632 36.52 -55.51 -17.17
N GLY C 633 37.33 -55.40 -18.22
CA GLY C 633 38.76 -55.41 -18.02
C GLY C 633 39.47 -54.92 -19.26
N LEU C 634 40.78 -54.72 -19.10
CA LEU C 634 41.63 -54.27 -20.18
C LEU C 634 42.05 -55.43 -21.06
N VAL C 635 42.17 -55.16 -22.36
CA VAL C 635 42.57 -56.13 -23.37
C VAL C 635 43.58 -55.45 -24.28
N GLY C 636 44.79 -55.97 -24.33
CA GLY C 636 45.77 -55.53 -25.30
C GLY C 636 46.91 -54.74 -24.68
N ARG C 637 47.65 -54.05 -25.55
CA ARG C 637 48.83 -53.28 -25.19
C ARG C 637 48.94 -52.08 -26.11
N GLY C 638 49.52 -50.99 -25.59
CA GLY C 638 49.84 -49.84 -26.43
C GLY C 638 48.60 -49.19 -27.01
N PHE C 639 48.64 -48.92 -28.31
CA PHE C 639 47.47 -48.43 -29.03
C PHE C 639 46.30 -49.41 -29.00
N ASP C 640 46.58 -50.71 -28.94
CA ASP C 640 45.50 -51.68 -29.02
C ASP C 640 44.78 -51.91 -27.70
N SER C 641 45.17 -51.18 -26.65
CA SER C 641 44.51 -51.32 -25.36
C SER C 641 43.07 -50.85 -25.45
N VAL C 642 42.14 -51.72 -25.10
CA VAL C 642 40.72 -51.41 -25.12
C VAL C 642 40.07 -52.07 -23.91
N ILE C 643 39.07 -51.41 -23.35
CA ILE C 643 38.36 -51.92 -22.19
C ILE C 643 37.08 -52.59 -22.66
N MET C 644 36.85 -53.83 -22.24
CA MET C 644 35.74 -54.59 -22.77
C MET C 644 35.38 -55.67 -21.76
N PRO C 645 34.16 -56.26 -21.87
CA PRO C 645 33.73 -57.26 -20.88
C PRO C 645 34.53 -58.55 -20.87
N GLU C 646 34.13 -59.49 -20.02
CA GLU C 646 34.85 -60.76 -19.90
C GLU C 646 34.75 -61.57 -21.19
N PHE C 647 35.92 -61.97 -21.71
CA PHE C 647 36.04 -62.81 -22.90
C PHE C 647 35.41 -62.19 -24.13
N LYS C 648 35.36 -60.85 -24.18
CA LYS C 648 34.72 -60.07 -25.25
C LYS C 648 33.25 -60.42 -25.43
N LEU C 649 32.60 -60.96 -24.40
CA LEU C 649 31.18 -61.25 -24.42
C LEU C 649 30.39 -59.96 -24.31
N PRO C 650 29.10 -60.00 -24.64
CA PRO C 650 28.24 -58.84 -24.32
C PRO C 650 28.14 -58.64 -22.82
N LEU C 651 27.86 -57.39 -22.42
CA LEU C 651 27.75 -57.06 -21.01
C LEU C 651 26.56 -57.75 -20.34
N SER C 652 25.59 -58.21 -21.12
CA SER C 652 24.45 -58.92 -20.54
C SER C 652 24.74 -60.40 -20.28
N GLU C 653 25.84 -60.92 -20.81
CA GLU C 653 26.21 -62.32 -20.63
C GLU C 653 27.26 -62.51 -19.55
N THR C 654 27.55 -61.48 -18.77
CA THR C 654 28.60 -61.51 -17.77
C THR C 654 28.03 -61.18 -16.40
N ALA C 655 28.92 -60.96 -15.43
CA ALA C 655 28.58 -60.80 -14.02
C ALA C 655 28.19 -59.37 -13.66
N CYS C 656 27.76 -58.56 -14.62
CA CYS C 656 27.42 -57.17 -14.35
C CYS C 656 26.18 -57.06 -13.47
N ILE C 657 26.23 -56.09 -12.54
CA ILE C 657 25.12 -55.79 -11.64
C ILE C 657 24.21 -54.70 -12.21
N SER C 658 24.66 -54.00 -13.26
CA SER C 658 24.00 -52.80 -13.80
C SER C 658 23.86 -51.72 -12.73
N CYS C 659 24.88 -51.61 -11.88
CA CYS C 659 24.87 -50.59 -10.84
C CYS C 659 25.07 -49.19 -11.41
N GLY C 660 25.94 -49.08 -12.42
CA GLY C 660 26.21 -47.80 -13.03
C GLY C 660 27.33 -47.01 -12.40
N GLN C 661 28.21 -47.64 -11.61
CA GLN C 661 29.33 -46.92 -11.02
C GLN C 661 30.39 -46.57 -12.06
N CYS C 662 30.54 -47.44 -13.07
CA CYS C 662 31.45 -47.13 -14.18
C CYS C 662 30.98 -45.90 -14.94
N VAL C 663 29.66 -45.74 -15.08
CA VAL C 663 29.10 -44.53 -15.67
C VAL C 663 29.42 -43.31 -14.81
N ASP C 664 29.30 -43.48 -13.49
CA ASP C 664 29.41 -42.33 -12.60
C ASP C 664 30.85 -41.83 -12.46
N VAL C 665 31.84 -42.70 -12.65
CA VAL C 665 33.22 -42.23 -12.52
C VAL C 665 33.86 -41.83 -13.85
N CYS C 666 33.19 -42.02 -14.98
CA CYS C 666 33.78 -41.73 -16.27
C CYS C 666 33.88 -40.23 -16.50
N PRO C 667 35.04 -39.71 -16.92
CA PRO C 667 35.15 -38.26 -17.20
C PRO C 667 34.70 -37.84 -18.58
N THR C 668 34.49 -38.78 -19.51
CA THR C 668 34.10 -38.48 -20.89
C THR C 668 32.80 -39.21 -21.22
N GLY C 669 32.47 -39.24 -22.50
CA GLY C 669 31.24 -39.89 -22.94
C GLY C 669 31.43 -41.34 -23.34
N ALA C 670 32.54 -41.95 -22.93
CA ALA C 670 32.77 -43.35 -23.25
C ALA C 670 31.77 -44.26 -22.54
N CYS C 671 31.47 -43.98 -21.27
CA CYS C 671 30.41 -44.67 -20.55
C CYS C 671 29.27 -43.70 -20.29
N MET C 672 28.09 -44.06 -20.76
CA MET C 672 26.89 -43.30 -20.41
C MET C 672 25.80 -44.26 -19.97
N GLU C 673 24.86 -43.73 -19.19
CA GLU C 673 23.71 -44.52 -18.79
C GLU C 673 22.57 -44.30 -19.78
N LYS C 674 21.65 -45.25 -19.79
CA LYS C 674 20.55 -45.17 -20.73
C LYS C 674 19.53 -44.14 -20.28
N GLN C 675 18.60 -43.86 -21.17
CA GLN C 675 17.65 -42.77 -21.01
C GLN C 675 16.45 -43.21 -20.15
N VAL C 676 16.13 -42.43 -19.13
CA VAL C 676 14.94 -42.70 -18.34
C VAL C 676 13.71 -42.02 -18.93
N SER C 677 13.89 -40.87 -19.55
CA SER C 677 12.81 -40.09 -20.13
C SER C 677 12.35 -40.69 -21.46
N TYR C 678 11.43 -40.01 -22.13
CA TYR C 678 10.92 -40.49 -23.41
C TYR C 678 11.96 -40.35 -24.52
N LYS C 679 12.74 -39.28 -24.51
CA LYS C 679 13.84 -39.11 -25.46
C LYS C 679 14.90 -38.25 -24.76
N GLN C 680 15.99 -38.88 -24.31
CA GLN C 680 16.95 -38.06 -23.57
C GLN C 680 17.79 -37.21 -24.49
N ILE C 681 18.42 -36.22 -23.85
CA ILE C 681 19.07 -35.11 -24.54
C ILE C 681 20.22 -34.62 -23.70
N PRO C 682 21.19 -33.98 -24.34
CA PRO C 682 22.19 -33.24 -23.57
C PRO C 682 21.61 -31.93 -23.06
N ALA C 683 21.50 -31.79 -21.74
CA ALA C 683 21.00 -30.55 -21.17
C ALA C 683 21.59 -30.36 -19.79
N ASN C 684 21.57 -29.11 -19.33
CA ASN C 684 21.91 -28.79 -17.95
C ASN C 684 20.67 -29.03 -17.10
N MET C 685 20.63 -30.18 -16.42
CA MET C 685 19.46 -30.55 -15.65
C MET C 685 19.48 -29.87 -14.29
N ASP C 686 18.30 -29.58 -13.76
CA ASP C 686 18.19 -29.15 -12.38
C ASP C 686 18.31 -30.35 -11.46
N SER C 687 18.92 -30.14 -10.30
CA SER C 687 19.26 -31.23 -9.39
C SER C 687 18.61 -31.00 -8.03
N MET C 688 17.99 -32.03 -7.48
CA MET C 688 17.39 -32.00 -6.15
C MET C 688 17.87 -33.19 -5.33
N ALA C 689 18.28 -32.93 -4.09
CA ALA C 689 18.84 -33.98 -3.25
C ALA C 689 17.73 -34.70 -2.48
N SER C 690 17.70 -36.02 -2.58
CA SER C 690 16.70 -36.84 -1.93
C SER C 690 17.38 -38.12 -1.47
N VAL C 691 16.59 -39.11 -1.06
CA VAL C 691 17.13 -40.41 -0.68
C VAL C 691 16.41 -41.49 -1.47
N CYS C 692 17.09 -42.62 -1.65
CA CYS C 692 16.54 -43.70 -2.46
C CYS C 692 15.36 -44.35 -1.75
N GLY C 693 14.37 -44.76 -2.54
CA GLY C 693 13.14 -45.29 -1.98
C GLY C 693 12.93 -46.76 -2.25
N TYR C 694 13.98 -47.57 -2.11
CA TYR C 694 13.89 -48.99 -2.40
C TYR C 694 14.42 -49.87 -1.28
N CYS C 695 15.50 -49.45 -0.63
CA CYS C 695 16.21 -50.26 0.35
C CYS C 695 16.21 -49.57 1.70
N GLY C 696 16.50 -50.35 2.73
CA GLY C 696 16.71 -49.77 4.04
C GLY C 696 18.07 -49.15 4.24
N VAL C 697 18.98 -49.31 3.26
CA VAL C 697 20.29 -48.67 3.34
C VAL C 697 20.16 -47.16 3.22
N GLY C 698 19.21 -46.68 2.42
CA GLY C 698 18.94 -45.26 2.38
C GLY C 698 20.03 -44.42 1.76
N CYS C 699 20.45 -44.79 0.56
CA CYS C 699 21.48 -44.03 -0.14
C CYS C 699 20.94 -42.68 -0.58
N ASN C 700 21.79 -41.66 -0.51
CA ASN C 700 21.42 -40.32 -0.92
C ASN C 700 21.62 -40.16 -2.42
N VAL C 701 20.65 -39.50 -3.06
CA VAL C 701 20.63 -39.36 -4.51
C VAL C 701 20.46 -37.89 -4.87
N ASN C 702 20.85 -37.57 -6.10
CA ASN C 702 20.56 -36.29 -6.76
C ASN C 702 19.68 -36.61 -7.95
N ILE C 703 18.43 -36.17 -7.90
CA ILE C 703 17.49 -36.34 -9.01
C ILE C 703 17.71 -35.19 -9.98
N GLU C 704 18.02 -35.50 -11.23
CA GLU C 704 18.26 -34.51 -12.27
C GLU C 704 17.10 -34.53 -13.24
N TYR C 705 16.42 -33.39 -13.36
CA TYR C 705 15.15 -33.26 -14.04
C TYR C 705 15.16 -31.99 -14.88
N LYS C 706 14.13 -31.84 -15.69
CA LYS C 706 13.96 -30.64 -16.53
C LYS C 706 12.45 -30.42 -16.68
N GLY C 707 11.91 -29.57 -15.83
CA GLY C 707 10.47 -29.30 -15.87
C GLY C 707 9.69 -30.30 -15.01
N ASP C 708 8.97 -31.21 -15.68
CA ASP C 708 8.22 -32.24 -15.01
C ASP C 708 8.63 -33.64 -15.47
N VAL C 709 9.85 -33.80 -15.95
CA VAL C 709 10.36 -35.08 -16.43
C VAL C 709 11.67 -35.37 -15.71
N VAL C 710 11.75 -36.52 -15.05
CA VAL C 710 12.97 -36.94 -14.38
C VAL C 710 13.86 -37.62 -15.40
N PHE C 711 15.08 -37.11 -15.56
CA PHE C 711 15.98 -37.59 -16.60
C PHE C 711 17.01 -38.58 -16.07
N ARG C 712 17.64 -38.27 -14.93
CA ARG C 712 18.60 -39.22 -14.40
C ARG C 712 18.70 -39.07 -12.90
N VAL C 713 19.40 -40.02 -12.27
CA VAL C 713 19.69 -40.00 -10.85
C VAL C 713 21.17 -40.27 -10.68
N THR C 714 21.84 -39.43 -9.89
CA THR C 714 23.27 -39.56 -9.66
C THR C 714 23.55 -39.70 -8.18
N PRO C 715 24.67 -40.32 -7.78
CA PRO C 715 24.98 -40.43 -6.36
C PRO C 715 25.36 -39.09 -5.76
N ASP C 716 25.22 -39.02 -4.43
CA ASP C 716 25.53 -37.81 -3.67
C ASP C 716 26.91 -38.00 -3.05
N ARG C 717 27.94 -37.51 -3.74
CA ARG C 717 29.32 -37.74 -3.31
C ARG C 717 29.77 -36.76 -2.24
N VAL C 718 28.95 -35.77 -1.89
CA VAL C 718 29.34 -34.77 -0.90
C VAL C 718 28.85 -35.16 0.48
N ASN C 719 27.60 -35.58 0.60
CA ASN C 719 27.00 -35.91 1.89
C ASN C 719 27.13 -37.39 2.27
N ASP C 720 27.44 -38.26 1.33
CA ASP C 720 27.60 -39.69 1.63
C ASP C 720 28.78 -40.22 0.85
N ASP C 721 28.87 -41.55 0.77
CA ASP C 721 29.98 -42.20 0.09
C ASP C 721 29.90 -42.03 -1.42
N GLY C 722 28.70 -41.81 -1.95
CA GLY C 722 28.56 -41.63 -3.38
C GLY C 722 28.43 -42.90 -4.18
N TRP C 723 27.88 -43.95 -3.59
CA TRP C 723 27.62 -45.19 -4.30
C TRP C 723 26.12 -45.38 -4.47
N LEU C 724 25.74 -46.16 -5.48
CA LEU C 724 24.35 -46.51 -5.72
C LEU C 724 24.31 -47.93 -6.27
N CYS C 725 23.11 -48.42 -6.49
CA CYS C 725 22.90 -49.69 -7.13
C CYS C 725 21.87 -49.51 -8.24
N GLN C 726 21.44 -50.62 -8.84
CA GLN C 726 20.58 -50.55 -10.01
C GLN C 726 19.23 -49.95 -9.69
N ARG C 727 18.66 -50.32 -8.53
CA ARG C 727 17.35 -49.81 -8.15
C ARG C 727 17.40 -48.33 -7.81
N GLY C 728 18.53 -47.83 -7.32
CA GLY C 728 18.64 -46.42 -7.03
C GLY C 728 19.07 -45.60 -8.22
N LYS C 729 19.92 -46.17 -9.08
CA LYS C 729 20.35 -45.48 -10.29
C LYS C 729 19.23 -45.37 -11.32
N PHE C 730 18.54 -46.47 -11.61
CA PHE C 730 17.59 -46.53 -12.71
C PHE C 730 16.16 -46.72 -12.28
N GLY C 731 15.86 -46.68 -10.99
CA GLY C 731 14.54 -47.05 -10.52
C GLY C 731 13.52 -45.94 -10.45
N LEU C 732 13.83 -44.74 -10.93
CA LEU C 732 12.91 -43.62 -10.86
C LEU C 732 12.24 -43.32 -12.19
N GLY C 733 12.20 -44.30 -13.10
CA GLY C 733 11.46 -44.13 -14.33
C GLY C 733 9.96 -44.21 -14.18
N HIS C 734 9.47 -44.82 -13.10
CA HIS C 734 8.04 -44.88 -12.87
C HIS C 734 7.42 -43.50 -12.64
N ALA C 735 8.24 -42.51 -12.34
CA ALA C 735 7.73 -41.14 -12.26
C ALA C 735 7.28 -40.64 -13.62
N ASN C 736 7.89 -41.14 -14.69
CA ASN C 736 7.57 -40.72 -16.04
C ASN C 736 6.58 -41.64 -16.73
N ASP C 737 6.00 -42.58 -16.00
CA ASP C 737 5.08 -43.53 -16.58
C ASP C 737 3.78 -42.85 -17.00
N LYS C 738 3.29 -43.22 -18.18
CA LYS C 738 2.02 -42.69 -18.67
C LYS C 738 0.82 -43.50 -18.18
N ALA C 739 1.06 -44.61 -17.51
CA ALA C 739 -0.01 -45.46 -16.99
C ALA C 739 -0.39 -45.10 -15.55
N ARG C 740 0.19 -44.04 -14.99
CA ARG C 740 -0.16 -43.61 -13.65
C ARG C 740 -1.58 -43.03 -13.63
N LEU C 741 -2.27 -43.25 -12.52
CA LEU C 741 -3.60 -42.70 -12.35
C LEU C 741 -3.54 -41.19 -12.12
N THR C 742 -4.63 -40.51 -12.45
CA THR C 742 -4.71 -39.06 -12.32
C THR C 742 -5.84 -38.61 -11.41
N ALA C 743 -7.00 -39.26 -11.45
CA ALA C 743 -8.14 -38.86 -10.66
C ALA C 743 -8.72 -40.07 -9.95
N PRO C 744 -9.36 -39.88 -8.79
CA PRO C 744 -10.00 -41.00 -8.11
C PRO C 744 -11.18 -41.53 -8.90
N VAL C 745 -11.41 -42.84 -8.77
CA VAL C 745 -12.47 -43.53 -9.49
C VAL C 745 -13.32 -44.32 -8.51
N ILE C 746 -14.63 -44.31 -8.73
CA ILE C 746 -15.58 -45.01 -7.88
C ILE C 746 -16.30 -46.04 -8.74
N LYS C 747 -16.47 -47.24 -8.19
CA LYS C 747 -17.11 -48.33 -8.93
C LYS C 747 -18.61 -48.22 -8.79
N ARG C 748 -19.28 -47.88 -9.88
CA ARG C 748 -20.74 -47.86 -9.95
C ARG C 748 -21.18 -48.74 -11.10
N ASN C 749 -22.12 -49.65 -10.82
CA ASN C 749 -22.64 -50.63 -11.78
C ASN C 749 -21.53 -51.46 -12.41
N GLY C 750 -20.46 -51.71 -11.68
CA GLY C 750 -19.34 -52.47 -12.21
C GLY C 750 -18.45 -51.70 -13.16
N GLN C 751 -18.53 -50.37 -13.19
CA GLN C 751 -17.63 -49.57 -13.99
C GLN C 751 -17.00 -48.49 -13.12
N PHE C 752 -15.70 -48.28 -13.30
CA PHE C 752 -15.03 -47.18 -12.61
C PHE C 752 -15.35 -45.87 -13.30
N VAL C 753 -15.90 -44.92 -12.55
CA VAL C 753 -16.21 -43.59 -13.06
C VAL C 753 -15.40 -42.57 -12.29
N LYS C 754 -14.85 -41.60 -13.00
CA LYS C 754 -14.04 -40.56 -12.37
C LYS C 754 -14.91 -39.66 -11.50
N VAL C 755 -14.33 -39.18 -10.41
CA VAL C 755 -15.01 -38.28 -9.48
C VAL C 755 -14.05 -37.16 -9.09
N ASP C 756 -14.59 -36.17 -8.39
CA ASP C 756 -13.79 -35.10 -7.82
C ASP C 756 -13.15 -35.58 -6.52
N TRP C 757 -12.26 -34.74 -5.97
CA TRP C 757 -11.60 -35.09 -4.72
C TRP C 757 -12.58 -35.02 -3.55
N ASN C 758 -13.49 -34.04 -3.57
CA ASN C 758 -14.47 -33.94 -2.49
C ASN C 758 -15.43 -35.13 -2.49
N GLU C 759 -15.89 -35.54 -3.67
CA GLU C 759 -16.79 -36.68 -3.75
C GLU C 759 -16.10 -37.96 -3.29
N ALA C 760 -14.83 -38.14 -3.67
CA ALA C 760 -14.07 -39.31 -3.23
C ALA C 760 -13.87 -39.30 -1.72
N ASN C 761 -13.53 -38.13 -1.15
CA ASN C 761 -13.35 -38.03 0.29
C ASN C 761 -14.62 -38.38 1.03
N LEU C 762 -15.75 -37.82 0.60
CA LEU C 762 -17.03 -38.10 1.24
C LEU C 762 -17.39 -39.58 1.11
N GLU C 763 -17.12 -40.17 -0.05
CA GLU C 763 -17.46 -41.57 -0.26
C GLU C 763 -16.67 -42.49 0.68
N VAL C 764 -15.36 -42.28 0.78
CA VAL C 764 -14.56 -43.18 1.61
C VAL C 764 -14.90 -43.00 3.09
N VAL C 765 -15.11 -41.76 3.53
CA VAL C 765 -15.45 -41.53 4.94
C VAL C 765 -16.79 -42.15 5.29
N LYS C 766 -17.80 -41.96 4.42
CA LYS C 766 -19.13 -42.48 4.70
C LYS C 766 -19.16 -44.00 4.65
N ARG C 767 -18.39 -44.62 3.75
CA ARG C 767 -18.39 -46.08 3.66
C ARG C 767 -17.69 -46.70 4.87
N LEU C 768 -16.61 -46.10 5.35
CA LEU C 768 -16.00 -46.58 6.57
C LEU C 768 -16.94 -46.43 7.77
N GLN C 769 -17.68 -45.32 7.81
CA GLN C 769 -18.68 -45.14 8.87
C GLN C 769 -19.77 -46.20 8.78
N ALA C 770 -20.20 -46.56 7.58
CA ALA C 770 -21.20 -47.60 7.41
C ALA C 770 -20.71 -48.94 7.92
N VAL C 771 -19.45 -49.28 7.61
CA VAL C 771 -18.89 -50.55 8.09
C VAL C 771 -18.83 -50.57 9.61
N VAL C 772 -18.40 -49.46 10.23
CA VAL C 772 -18.31 -49.40 11.69
C VAL C 772 -19.71 -49.51 12.32
N ALA C 773 -20.69 -48.81 11.75
CA ALA C 773 -22.04 -48.84 12.30
C ALA C 773 -22.65 -50.24 12.21
N ALA C 774 -22.44 -50.93 11.10
CA ALA C 774 -23.04 -52.25 10.95
C ALA C 774 -22.34 -53.30 11.80
N TYR C 775 -21.00 -53.25 11.88
CA TYR C 775 -20.25 -54.35 12.46
C TYR C 775 -19.44 -54.00 13.71
N GLY C 776 -19.42 -52.75 14.14
CA GLY C 776 -18.79 -52.43 15.40
C GLY C 776 -17.29 -52.29 15.35
N LYS C 777 -16.68 -52.45 16.53
CA LYS C 777 -15.26 -52.21 16.72
C LYS C 777 -14.40 -53.26 16.02
N ASP C 778 -13.23 -52.82 15.54
CA ASP C 778 -12.19 -53.68 14.97
C ASP C 778 -12.67 -54.44 13.73
N SER C 779 -13.55 -53.84 12.94
CA SER C 779 -14.01 -54.43 11.70
C SER C 779 -13.30 -53.85 10.48
N ILE C 780 -12.30 -53.00 10.67
CA ILE C 780 -11.56 -52.38 9.58
C ILE C 780 -10.08 -52.64 9.80
N GLY C 781 -9.39 -53.07 8.76
CA GLY C 781 -7.95 -53.27 8.79
C GLY C 781 -7.27 -52.24 7.90
N VAL C 782 -6.18 -51.67 8.40
CA VAL C 782 -5.40 -50.68 7.66
C VAL C 782 -4.07 -51.32 7.31
N VAL C 783 -3.89 -51.65 6.04
CA VAL C 783 -2.67 -52.27 5.54
C VAL C 783 -1.91 -51.21 4.75
N VAL C 784 -0.72 -50.85 5.23
CA VAL C 784 0.08 -49.82 4.58
C VAL C 784 1.30 -50.45 3.93
N SER C 785 1.98 -49.64 3.15
CA SER C 785 3.27 -49.98 2.56
C SER C 785 4.38 -49.24 3.29
N PRO C 786 5.49 -49.91 3.59
CA PRO C 786 6.62 -49.24 4.25
C PRO C 786 7.41 -48.32 3.35
N ARG C 787 6.89 -47.92 2.19
CA ARG C 787 7.57 -46.96 1.34
C ARG C 787 7.15 -45.53 1.60
N LEU C 788 6.14 -45.30 2.42
CA LEU C 788 5.65 -43.95 2.69
C LEU C 788 6.53 -43.26 3.72
N THR C 789 6.41 -41.93 3.77
CA THR C 789 7.20 -41.17 4.71
C THR C 789 6.62 -41.29 6.12
N ASN C 790 7.34 -40.74 7.10
CA ASN C 790 6.94 -40.86 8.50
C ASN C 790 5.65 -40.11 8.77
N GLU C 791 5.44 -38.97 8.11
CA GLU C 791 4.24 -38.18 8.32
C GLU C 791 3.02 -38.88 7.72
N GLU C 792 3.19 -39.50 6.55
CA GLU C 792 2.11 -40.30 5.97
C GLU C 792 1.73 -41.45 6.88
N LEU C 793 2.73 -42.14 7.46
CA LEU C 793 2.44 -43.26 8.35
C LEU C 793 1.79 -42.79 9.64
N PHE C 794 2.21 -41.64 10.15
CA PHE C 794 1.57 -41.08 11.34
C PHE C 794 0.11 -40.75 11.07
N LEU C 795 -0.18 -40.14 9.92
CA LEU C 795 -1.56 -39.82 9.59
C LEU C 795 -2.39 -41.07 9.33
N ALA C 796 -1.79 -42.11 8.77
CA ALA C 796 -2.49 -43.37 8.61
C ALA C 796 -2.82 -44.01 9.96
N GLY C 797 -1.90 -43.91 10.92
CA GLY C 797 -2.20 -44.38 12.27
C GLY C 797 -3.31 -43.58 12.93
N LYS C 798 -3.32 -42.26 12.71
CA LYS C 798 -4.39 -41.43 13.24
C LYS C 798 -5.73 -41.80 12.60
N LEU C 799 -5.73 -42.09 11.30
CA LEU C 799 -6.95 -42.51 10.61
C LEU C 799 -7.44 -43.84 11.14
N ALA C 800 -6.51 -44.76 11.44
CA ALA C 800 -6.90 -46.02 12.06
C ALA C 800 -7.52 -45.80 13.43
N ASP C 801 -6.97 -44.85 14.19
CA ASP C 801 -7.56 -44.53 15.49
C ASP C 801 -8.95 -43.91 15.36
N ALA C 802 -9.17 -43.10 14.33
CA ALA C 802 -10.42 -42.37 14.19
C ALA C 802 -11.59 -43.26 13.80
N VAL C 803 -11.34 -44.34 13.07
CA VAL C 803 -12.40 -45.26 12.67
C VAL C 803 -12.54 -46.43 13.63
N ASN C 804 -11.93 -46.34 14.82
CA ASN C 804 -12.09 -47.31 15.90
C ASN C 804 -11.63 -48.71 15.49
N THR C 805 -10.33 -48.82 15.19
CA THR C 805 -9.73 -50.11 14.90
C THR C 805 -8.32 -50.15 15.46
N THR C 806 -7.86 -51.37 15.77
CA THR C 806 -6.50 -51.59 16.22
C THR C 806 -5.70 -52.43 15.24
N ILE C 807 -6.30 -52.85 14.14
CA ILE C 807 -5.63 -53.69 13.15
C ILE C 807 -4.95 -52.74 12.16
N LYS C 808 -3.72 -52.36 12.48
CA LYS C 808 -2.86 -51.63 11.57
C LYS C 808 -1.65 -52.50 11.30
N THR C 809 -1.36 -52.75 10.03
CA THR C 809 -0.37 -53.75 9.67
C THR C 809 0.18 -53.45 8.29
N SER C 810 1.03 -54.36 7.81
CA SER C 810 1.67 -54.27 6.51
C SER C 810 2.11 -55.66 6.11
N TYR C 811 2.00 -55.96 4.82
CA TYR C 811 2.43 -57.28 4.34
C TYR C 811 3.94 -57.39 4.28
N SER C 812 4.64 -56.26 4.11
CA SER C 812 6.09 -56.28 4.02
C SER C 812 6.76 -56.35 5.38
N VAL C 813 6.24 -55.61 6.37
CA VAL C 813 6.82 -55.69 7.71
C VAL C 813 6.53 -57.04 8.34
N ASP C 814 5.28 -57.49 8.25
CA ASP C 814 4.78 -58.78 8.76
C ASP C 814 5.26 -59.10 10.17
N GLY C 815 5.09 -58.16 11.10
CA GLY C 815 5.26 -58.45 12.51
C GLY C 815 6.61 -58.11 13.10
N GLY C 816 7.52 -57.53 12.33
CA GLY C 816 8.83 -57.20 12.85
C GLY C 816 9.80 -58.37 12.80
N SER C 817 11.03 -58.08 13.24
CA SER C 817 12.12 -59.05 13.19
C SER C 817 12.27 -59.86 14.46
N GLY C 818 11.47 -59.60 15.49
CA GLY C 818 11.55 -60.36 16.72
C GLY C 818 12.65 -59.95 17.66
N LEU C 819 13.45 -58.94 17.29
CA LEU C 819 14.50 -58.44 18.18
C LEU C 819 13.92 -57.58 19.30
N GLY C 820 12.71 -57.05 19.11
CA GLY C 820 12.09 -56.24 20.14
C GLY C 820 11.70 -57.02 21.38
N SER C 821 11.28 -58.27 21.22
CA SER C 821 10.95 -59.09 22.38
C SER C 821 12.17 -59.43 23.23
N VAL C 822 13.35 -59.48 22.61
CA VAL C 822 14.56 -59.83 23.33
C VAL C 822 15.22 -58.60 23.95
N LEU C 823 15.40 -57.53 23.17
CA LEU C 823 16.15 -56.39 23.65
C LEU C 823 15.30 -55.19 24.03
N GLY C 824 14.11 -55.04 23.46
CA GLY C 824 13.21 -53.95 23.78
C GLY C 824 12.82 -53.10 22.57
N TYR C 825 13.77 -52.80 21.71
CA TYR C 825 13.52 -52.02 20.49
C TYR C 825 13.78 -52.91 19.29
N ASP C 826 12.87 -52.90 18.32
CA ASP C 826 13.05 -53.61 17.07
C ASP C 826 13.84 -52.74 16.10
N ALA C 827 15.13 -52.62 16.41
CA ALA C 827 16.01 -51.78 15.61
C ALA C 827 17.44 -52.29 15.78
N SER C 828 18.30 -51.87 14.87
CA SER C 828 19.72 -52.18 14.98
C SER C 828 20.35 -51.38 16.10
N THR C 829 21.28 -52.00 16.82
CA THR C 829 21.89 -51.38 17.98
C THR C 829 23.08 -50.49 17.64
N ASN C 830 23.49 -50.45 16.37
CA ASN C 830 24.63 -49.63 15.96
C ASN C 830 24.38 -49.09 14.57
N SER C 831 25.15 -48.07 14.22
CA SER C 831 24.98 -47.36 12.94
C SER C 831 25.89 -47.95 11.88
N PHE C 832 25.62 -47.56 10.63
CA PHE C 832 26.50 -47.94 9.53
C PHE C 832 27.86 -47.28 9.65
N ALA C 833 27.92 -46.09 10.25
CA ALA C 833 29.17 -45.34 10.39
C ALA C 833 30.19 -46.05 11.26
N GLU C 834 29.76 -47.05 12.03
CA GLU C 834 30.65 -47.83 12.87
C GLU C 834 31.13 -49.10 12.19
N LEU C 835 30.82 -49.30 10.91
CA LEU C 835 31.30 -50.49 10.21
C LEU C 835 32.79 -50.42 9.87
N ASP C 836 33.38 -49.22 9.91
CA ASP C 836 34.79 -49.09 9.55
C ASP C 836 35.74 -49.39 10.69
N ASN C 837 35.26 -49.42 11.93
CA ASN C 837 36.11 -49.63 13.09
C ASN C 837 35.98 -51.02 13.70
N SER C 838 35.11 -51.87 13.16
CA SER C 838 35.05 -53.25 13.63
C SER C 838 36.27 -54.02 13.13
N ASP C 839 36.65 -55.06 13.86
CA ASP C 839 37.67 -55.98 13.39
C ASP C 839 37.09 -57.33 12.99
N PHE C 840 35.78 -57.48 13.00
CA PHE C 840 35.14 -58.70 12.54
C PHE C 840 33.69 -58.38 12.17
N VAL C 841 33.28 -58.80 10.98
CA VAL C 841 31.91 -58.65 10.53
C VAL C 841 31.39 -60.03 10.15
N LEU C 842 30.31 -60.44 10.79
CA LEU C 842 29.65 -61.71 10.48
C LEU C 842 28.38 -61.41 9.71
N THR C 843 28.30 -61.90 8.49
CA THR C 843 27.19 -61.60 7.60
C THR C 843 26.21 -62.77 7.60
N LEU C 844 24.95 -62.48 7.89
CA LEU C 844 23.88 -63.46 7.87
C LEU C 844 22.90 -63.08 6.78
N GLY C 845 22.62 -64.00 5.87
CA GLY C 845 21.75 -63.72 4.75
C GLY C 845 22.52 -63.22 3.54
N LYS C 846 21.74 -62.84 2.52
CA LYS C 846 22.29 -62.37 1.25
C LYS C 846 22.31 -60.84 1.25
N VAL C 847 23.29 -60.28 1.93
CA VAL C 847 23.46 -58.83 1.97
C VAL C 847 23.94 -58.31 0.61
N LYS C 848 24.81 -59.08 -0.06
CA LYS C 848 25.38 -58.64 -1.33
C LYS C 848 24.32 -58.49 -2.40
N GLU C 849 23.39 -59.44 -2.50
CA GLU C 849 22.41 -59.42 -3.58
C GLU C 849 21.27 -58.44 -3.31
N ASN C 850 20.91 -58.24 -2.05
CA ASN C 850 19.74 -57.43 -1.71
C ASN C 850 20.08 -55.98 -1.42
N HIS C 851 21.15 -55.74 -0.66
CA HIS C 851 21.58 -54.39 -0.29
C HIS C 851 23.03 -54.26 -0.71
N PRO C 852 23.30 -54.08 -2.01
CA PRO C 852 24.69 -54.19 -2.49
C PRO C 852 25.58 -53.02 -2.11
N VAL C 853 25.03 -51.84 -1.86
CA VAL C 853 25.87 -50.72 -1.45
C VAL C 853 26.46 -50.98 -0.06
N LEU C 854 25.73 -51.73 0.78
CA LEU C 854 26.29 -52.15 2.06
C LEU C 854 27.51 -53.04 1.85
N ASP C 855 27.45 -53.93 0.87
CA ASP C 855 28.62 -54.74 0.54
C ASP C 855 29.74 -53.90 -0.05
N PHE C 856 29.42 -52.85 -0.82
CA PHE C 856 30.46 -51.95 -1.30
C PHE C 856 31.20 -51.33 -0.13
N LYS C 857 30.45 -50.85 0.86
CA LYS C 857 31.05 -50.21 2.03
C LYS C 857 31.89 -51.19 2.83
N ILE C 858 31.38 -52.42 3.02
CA ILE C 858 32.12 -53.41 3.79
C ILE C 858 33.41 -53.80 3.08
N ARG C 859 33.35 -53.95 1.75
CA ARG C 859 34.56 -54.28 0.99
C ARG C 859 35.57 -53.16 1.02
N LEU C 860 35.13 -51.91 0.88
CA LEU C 860 36.08 -50.80 0.89
C LEU C 860 36.64 -50.53 2.28
N SER C 861 35.93 -50.93 3.35
CA SER C 861 36.44 -50.71 4.70
C SER C 861 37.69 -51.56 4.96
N GLY C 862 37.76 -52.75 4.37
CA GLY C 862 38.93 -53.60 4.48
C GLY C 862 38.96 -54.48 5.71
N VAL C 863 37.90 -54.53 6.50
CA VAL C 863 37.88 -55.39 7.68
C VAL C 863 37.63 -56.83 7.26
N CYS C 864 37.90 -57.75 8.19
CA CYS C 864 37.74 -59.17 7.93
C CYS C 864 36.27 -59.54 8.04
N SER C 865 35.69 -60.01 6.93
CA SER C 865 34.28 -60.38 6.87
C SER C 865 34.15 -61.88 6.62
N VAL C 866 33.33 -62.53 7.44
CA VAL C 866 33.06 -63.96 7.30
C VAL C 866 31.56 -64.13 7.13
N ALA C 867 31.16 -64.84 6.09
CA ALA C 867 29.75 -65.11 5.82
C ALA C 867 29.31 -66.39 6.52
N TRP C 868 28.08 -66.38 7.02
CA TRP C 868 27.51 -67.59 7.60
C TRP C 868 27.35 -68.64 6.53
N PRO C 869 27.79 -69.87 6.76
CA PRO C 869 27.75 -70.89 5.69
C PRO C 869 26.34 -71.24 5.28
N GLN C 870 26.17 -71.51 3.99
CA GLN C 870 24.86 -71.89 3.48
C GLN C 870 24.45 -73.29 3.91
N SER C 871 25.41 -74.15 4.26
CA SER C 871 25.13 -75.50 4.69
C SER C 871 24.68 -75.57 6.15
N LEU C 872 24.41 -74.42 6.77
CA LEU C 872 23.99 -74.37 8.16
C LEU C 872 22.61 -73.73 8.25
N ALA C 873 21.70 -74.16 7.38
CA ALA C 873 20.38 -73.55 7.24
C ALA C 873 19.40 -74.03 8.30
N ASN C 874 19.88 -74.63 9.38
CA ASN C 874 19.02 -75.14 10.44
C ASN C 874 19.34 -74.40 11.74
N THR C 875 18.29 -74.19 12.54
CA THR C 875 18.45 -73.48 13.82
C THR C 875 19.26 -74.31 14.82
N ALA C 876 19.22 -75.64 14.71
CA ALA C 876 20.03 -76.49 15.59
C ALA C 876 21.52 -76.21 15.43
N ASP C 877 21.95 -75.83 14.22
CA ASP C 877 23.33 -75.41 14.02
C ASP C 877 23.63 -74.13 14.78
N MET C 878 22.66 -73.22 14.86
CA MET C 878 22.83 -72.01 15.65
C MET C 878 22.87 -72.32 17.14
N LYS C 879 22.13 -73.33 17.57
CA LYS C 879 22.22 -73.75 18.97
C LYS C 879 23.58 -74.35 19.28
N VAL C 880 24.15 -75.09 18.32
CA VAL C 880 25.52 -75.58 18.47
C VAL C 880 26.49 -74.40 18.54
N PHE C 881 26.22 -73.35 17.77
CA PHE C 881 27.03 -72.14 17.83
C PHE C 881 26.99 -71.49 19.21
N LEU C 882 25.78 -71.41 19.80
CA LEU C 882 25.64 -70.87 21.15
C LEU C 882 26.39 -71.73 22.16
N LYS C 883 26.29 -73.05 22.02
CA LYS C 883 27.00 -73.95 22.93
C LYS C 883 28.51 -73.78 22.81
N ALA C 884 29.02 -73.63 21.59
CA ALA C 884 30.45 -73.43 21.39
C ALA C 884 30.91 -72.10 21.97
N LEU C 885 30.06 -71.07 21.88
CA LEU C 885 30.39 -69.80 22.50
C LEU C 885 30.42 -69.90 24.02
N LEU C 886 29.48 -70.66 24.59
CA LEU C 886 29.44 -70.82 26.04
C LEU C 886 30.62 -71.63 26.55
N ASN C 887 31.04 -72.65 25.79
CA ASN C 887 32.19 -73.47 26.19
C ASN C 887 33.51 -72.71 26.07
N LEU C 888 33.53 -71.57 25.39
CA LEU C 888 34.74 -70.77 25.27
C LEU C 888 34.94 -69.82 26.44
N GLY C 889 34.16 -69.96 27.51
CA GLY C 889 34.39 -69.17 28.70
C GLY C 889 33.83 -67.76 28.68
N VAL C 890 32.50 -67.64 28.67
CA VAL C 890 31.86 -66.36 28.86
C VAL C 890 31.64 -66.14 30.36
N ASP C 891 31.37 -64.89 30.73
CA ASP C 891 31.11 -64.53 32.12
C ASP C 891 29.66 -64.86 32.45
N GLU C 892 29.45 -65.85 33.32
CA GLU C 892 28.10 -66.28 33.64
C GLU C 892 27.40 -65.32 34.59
N ASN C 893 28.16 -64.62 35.44
CA ASN C 893 27.53 -63.80 36.48
C ASN C 893 26.93 -62.53 35.90
N LYS C 894 27.65 -61.87 34.98
CA LYS C 894 27.12 -60.66 34.36
C LYS C 894 25.87 -60.95 33.55
N VAL C 895 25.90 -62.02 32.75
CA VAL C 895 24.74 -62.34 31.94
C VAL C 895 23.61 -62.88 32.80
N ALA C 896 23.95 -63.43 33.97
CA ALA C 896 22.91 -63.89 34.89
C ALA C 896 22.19 -62.72 35.53
N GLU C 897 22.94 -61.67 35.90
CA GLU C 897 22.31 -60.50 36.49
C GLU C 897 21.71 -59.55 35.47
N LYS C 898 22.05 -59.70 34.18
CA LYS C 898 21.52 -58.81 33.17
C LYS C 898 20.40 -59.41 32.32
N THR C 899 20.16 -60.71 32.42
CA THR C 899 19.17 -61.37 31.57
C THR C 899 18.16 -62.11 32.43
N GLU C 900 17.07 -62.53 31.78
CA GLU C 900 16.06 -63.39 32.38
C GLU C 900 15.99 -64.69 31.60
N GLY C 901 16.11 -65.81 32.32
CA GLY C 901 16.03 -67.10 31.66
C GLY C 901 17.33 -67.61 31.10
N PHE C 902 18.47 -67.17 31.64
CA PHE C 902 19.75 -67.73 31.19
C PHE C 902 19.99 -69.13 31.73
N ALA C 903 19.43 -69.44 32.91
CA ALA C 903 19.60 -70.77 33.47
C ALA C 903 18.93 -71.83 32.60
N GLU C 904 17.72 -71.55 32.12
CA GLU C 904 17.05 -72.49 31.24
C GLU C 904 17.75 -72.59 29.89
N LEU C 905 18.35 -71.50 29.42
CA LEU C 905 19.13 -71.54 28.20
C LEU C 905 20.35 -72.43 28.35
N LYS C 906 21.03 -72.35 29.50
CA LYS C 906 22.15 -73.26 29.76
C LYS C 906 21.68 -74.69 29.87
N ALA C 907 20.52 -74.92 30.51
CA ALA C 907 20.01 -76.28 30.66
C ALA C 907 19.65 -76.90 29.31
N SER C 908 19.07 -76.11 28.41
CA SER C 908 18.63 -76.65 27.13
C SER C 908 19.80 -76.97 26.18
N LEU C 909 21.01 -76.51 26.50
CA LEU C 909 22.19 -76.79 25.69
C LEU C 909 23.12 -77.79 26.38
N ALA C 910 22.55 -78.68 27.20
CA ALA C 910 23.39 -79.56 28.02
C ALA C 910 24.02 -80.67 27.18
N ASP C 911 23.25 -81.29 26.28
CA ASP C 911 23.73 -82.43 25.51
C ASP C 911 23.98 -82.08 24.05
N VAL C 912 24.41 -80.84 23.79
CA VAL C 912 24.69 -80.38 22.44
C VAL C 912 26.16 -80.61 22.12
N LYS C 913 26.41 -81.35 21.05
CA LYS C 913 27.76 -81.59 20.56
C LYS C 913 28.18 -80.48 19.61
N VAL C 914 29.50 -80.30 19.49
CA VAL C 914 30.06 -79.19 18.71
C VAL C 914 30.90 -79.77 17.59
N SER C 915 30.67 -79.27 16.37
CA SER C 915 31.41 -79.70 15.19
C SER C 915 32.64 -78.82 14.98
N GLU C 916 33.42 -79.16 13.96
CA GLU C 916 34.68 -78.46 13.70
C GLU C 916 34.45 -77.07 13.14
N GLU C 917 33.59 -76.94 12.14
CA GLU C 917 33.36 -75.64 11.51
C GLU C 917 32.65 -74.69 12.46
N ILE C 918 31.74 -75.21 13.27
CA ILE C 918 31.08 -74.40 14.29
C ILE C 918 32.10 -73.89 15.30
N GLN C 919 33.04 -74.75 15.69
CA GLN C 919 34.09 -74.35 16.62
C GLN C 919 34.97 -73.27 16.01
N ALA C 920 35.28 -73.39 14.72
CA ALA C 920 36.10 -72.37 14.06
C ALA C 920 35.38 -71.02 14.01
N LEU C 921 34.09 -71.03 13.65
CA LEU C 921 33.33 -69.79 13.60
C LEU C 921 33.19 -69.17 14.99
N ALA C 922 32.93 -69.99 16.00
CA ALA C 922 32.80 -69.47 17.36
C ALA C 922 34.12 -68.90 17.86
N GLN C 923 35.24 -69.55 17.53
CA GLN C 923 36.54 -69.03 17.91
C GLN C 923 36.82 -67.69 17.23
N LYS C 924 36.47 -67.58 15.94
CA LYS C 924 36.67 -66.32 15.23
C LYS C 924 35.82 -65.21 15.84
N TYR C 925 34.58 -65.51 16.21
CA TYR C 925 33.70 -64.50 16.77
C TYR C 925 34.15 -64.09 18.17
N ALA C 926 34.45 -65.06 19.02
CA ALA C 926 34.78 -64.77 20.42
C ALA C 926 36.19 -64.20 20.58
N LYS C 927 37.08 -64.45 19.62
CA LYS C 927 38.43 -63.90 19.72
C LYS C 927 38.43 -62.39 19.47
N ALA C 928 37.64 -61.93 18.51
CA ALA C 928 37.69 -60.55 18.08
C ALA C 928 37.16 -59.60 19.14
N ALA C 929 37.78 -58.44 19.26
CA ALA C 929 37.44 -57.50 20.32
C ALA C 929 36.13 -56.76 20.04
N LYS C 930 35.92 -56.30 18.81
CA LYS C 930 34.76 -55.48 18.45
C LYS C 930 34.07 -56.04 17.21
N PRO C 931 33.27 -57.10 17.37
CA PRO C 931 32.58 -57.69 16.22
C PRO C 931 31.20 -57.10 15.99
N LEU C 932 30.78 -57.15 14.72
CA LEU C 932 29.45 -56.76 14.30
C LEU C 932 28.78 -57.93 13.57
N ILE C 933 27.46 -58.02 13.71
CA ILE C 933 26.67 -58.99 12.95
C ILE C 933 25.72 -58.19 12.07
N VAL C 934 25.83 -58.41 10.77
CA VAL C 934 24.97 -57.74 9.79
C VAL C 934 23.98 -58.78 9.27
N ILE C 935 22.70 -58.58 9.61
CA ILE C 935 21.66 -59.54 9.31
C ILE C 935 20.76 -58.96 8.22
N ASP C 936 20.58 -59.70 7.13
CA ASP C 936 19.71 -59.27 6.04
C ASP C 936 18.29 -59.76 6.31
N GLU C 937 17.36 -58.82 6.47
CA GLU C 937 16.02 -59.17 6.91
C GLU C 937 15.21 -59.91 5.85
N ASP C 938 15.64 -59.85 4.59
CA ASP C 938 14.85 -60.47 3.51
C ASP C 938 14.93 -61.98 3.55
N THR C 939 16.12 -62.52 3.83
CA THR C 939 16.37 -63.95 3.64
C THR C 939 16.68 -64.66 4.95
N VAL C 940 16.36 -64.06 6.09
CA VAL C 940 16.65 -64.63 7.40
C VAL C 940 15.37 -64.62 8.20
N SER C 941 15.04 -65.77 8.79
CA SER C 941 13.84 -65.90 9.61
C SER C 941 14.02 -65.19 10.94
N ALA C 942 12.93 -65.10 11.71
CA ALA C 942 12.96 -64.38 12.98
C ALA C 942 13.76 -65.11 14.04
N GLU C 943 13.73 -66.44 14.03
CA GLU C 943 14.42 -67.20 15.06
C GLU C 943 15.93 -67.09 14.94
N ALA C 944 16.45 -66.99 13.71
CA ALA C 944 17.87 -66.79 13.53
C ALA C 944 18.32 -65.42 14.05
N VAL C 945 17.47 -64.40 13.87
CA VAL C 945 17.77 -63.09 14.43
C VAL C 945 17.75 -63.14 15.96
N LYS C 946 16.79 -63.87 16.53
CA LYS C 946 16.74 -64.02 17.98
C LYS C 946 17.97 -64.75 18.51
N LEU C 947 18.46 -65.75 17.77
CA LEU C 947 19.63 -66.49 18.23
C LEU C 947 20.92 -65.68 18.10
N MET C 948 21.04 -64.85 17.05
CA MET C 948 22.16 -63.92 17.00
C MET C 948 22.10 -62.91 18.13
N ALA C 949 20.88 -62.47 18.49
CA ALA C 949 20.74 -61.62 19.67
C ALA C 949 21.20 -62.34 20.93
N TYR C 950 20.85 -63.62 21.06
CA TYR C 950 21.28 -64.39 22.22
C TYR C 950 22.79 -64.49 22.28
N ALA C 951 23.44 -64.72 21.14
CA ALA C 951 24.90 -64.81 21.11
C ALA C 951 25.54 -63.49 21.51
N ALA C 952 25.07 -62.38 20.93
CA ALA C 952 25.62 -61.08 21.27
C ALA C 952 25.36 -60.70 22.73
N VAL C 953 24.27 -61.19 23.30
CA VAL C 953 23.95 -60.85 24.69
C VAL C 953 24.81 -61.67 25.65
N ILE C 954 24.86 -62.99 25.45
CA ILE C 954 25.60 -63.82 26.41
C ILE C 954 27.09 -63.62 26.27
N THR C 955 27.57 -63.21 25.10
CA THR C 955 29.00 -62.96 24.97
C THR C 955 29.39 -61.64 25.62
N GLY C 956 28.51 -60.64 25.58
CA GLY C 956 28.82 -59.33 26.08
C GLY C 956 29.19 -58.31 25.03
N LYS C 957 28.92 -58.60 23.75
CA LYS C 957 29.25 -57.73 22.64
C LYS C 957 28.07 -56.89 22.18
N ILE C 958 27.24 -56.43 23.12
CA ILE C 958 26.09 -55.59 22.80
C ILE C 958 26.09 -54.38 23.71
N GLY C 959 25.41 -53.33 23.27
CA GLY C 959 25.28 -52.14 24.10
C GLY C 959 26.53 -51.32 24.23
N ALA C 960 27.45 -51.42 23.29
CA ALA C 960 28.69 -50.66 23.31
C ALA C 960 29.03 -50.22 21.89
N ALA C 961 29.97 -49.31 21.78
CA ALA C 961 30.36 -48.79 20.47
C ALA C 961 31.16 -49.84 19.69
N TYR C 962 30.89 -49.91 18.39
CA TYR C 962 31.50 -50.82 17.43
C TYR C 962 31.23 -52.28 17.74
N ARG C 963 30.21 -52.56 18.56
CA ARG C 963 29.86 -53.93 18.95
C ARG C 963 28.35 -54.04 18.96
N GLY C 964 27.82 -55.07 18.32
CA GLY C 964 26.39 -55.26 18.39
C GLY C 964 25.87 -55.90 17.12
N ILE C 965 24.60 -55.60 16.83
CA ILE C 965 23.87 -56.19 15.72
C ILE C 965 23.37 -55.08 14.82
N ILE C 966 23.69 -55.17 13.53
CA ILE C 966 23.15 -54.28 12.52
C ILE C 966 22.11 -55.04 11.72
N LEU C 967 20.92 -54.48 11.63
CA LEU C 967 19.78 -55.13 10.99
C LEU C 967 19.36 -54.28 9.80
N VAL C 968 19.34 -54.88 8.61
CA VAL C 968 19.12 -54.15 7.37
C VAL C 968 17.70 -54.42 6.91
N ARG C 969 16.88 -53.37 6.88
CA ARG C 969 15.46 -53.53 6.63
C ARG C 969 15.18 -53.70 5.14
N THR C 970 14.01 -54.26 4.84
CA THR C 970 13.66 -54.59 3.46
C THR C 970 13.35 -53.34 2.65
N LYS C 971 12.58 -52.41 3.21
CA LYS C 971 12.12 -51.24 2.50
C LYS C 971 12.68 -49.98 3.16
N ASN C 972 12.45 -48.83 2.52
CA ASN C 972 13.12 -47.59 2.93
C ASN C 972 12.64 -47.13 4.29
N ASN C 973 11.35 -47.26 4.57
CA ASN C 973 10.76 -46.79 5.81
C ASN C 973 10.14 -47.94 6.59
N THR C 974 10.79 -49.09 6.57
CA THR C 974 10.37 -50.19 7.44
C THR C 974 10.57 -49.82 8.91
N GLN C 975 11.67 -49.13 9.21
CA GLN C 975 11.90 -48.67 10.58
C GLN C 975 10.85 -47.66 11.00
N GLY C 976 10.52 -46.72 10.11
CA GLY C 976 9.46 -45.77 10.41
C GLY C 976 8.11 -46.43 10.55
N ALA C 977 7.85 -47.47 9.78
CA ALA C 977 6.58 -48.19 9.90
C ALA C 977 6.51 -48.95 11.22
N VAL C 978 7.61 -49.55 11.65
CA VAL C 978 7.65 -50.25 12.93
C VAL C 978 7.45 -49.26 14.07
N ASP C 979 8.03 -48.07 13.96
CA ASP C 979 7.93 -47.08 15.03
C ASP C 979 6.53 -46.51 15.18
N MET C 980 5.71 -46.51 14.13
CA MET C 980 4.37 -45.95 14.20
C MET C 980 3.31 -46.98 14.55
N GLY C 981 3.69 -48.23 14.81
CA GLY C 981 2.76 -49.22 15.27
C GLY C 981 2.22 -50.19 14.24
N PHE C 982 2.81 -50.24 13.05
CA PHE C 982 2.36 -51.16 12.01
C PHE C 982 3.09 -52.50 12.12
N VAL C 983 2.89 -53.16 13.26
CA VAL C 983 3.63 -54.36 13.62
C VAL C 983 2.72 -55.56 13.84
N MET C 984 1.46 -55.46 13.46
CA MET C 984 0.56 -56.61 13.56
C MET C 984 0.87 -57.59 12.44
N PRO C 985 0.93 -58.89 12.73
CA PRO C 985 1.12 -59.88 11.67
C PRO C 985 -0.09 -59.97 10.75
N VAL C 986 0.17 -60.30 9.48
CA VAL C 986 -0.90 -60.39 8.51
C VAL C 986 -1.64 -61.71 8.56
N SER C 987 -1.13 -62.68 9.33
CA SER C 987 -1.91 -63.88 9.60
C SER C 987 -3.16 -63.54 10.38
N ALA C 988 -3.06 -62.56 11.29
CA ALA C 988 -4.25 -62.08 12.00
C ALA C 988 -5.26 -61.47 11.05
N VAL C 989 -4.78 -60.72 10.05
CA VAL C 989 -5.69 -60.12 9.06
C VAL C 989 -6.39 -61.20 8.25
N ALA C 990 -5.63 -62.21 7.79
CA ALA C 990 -6.24 -63.28 7.00
C ALA C 990 -7.26 -64.06 7.82
N GLN C 991 -6.91 -64.38 9.07
CA GLN C 991 -7.82 -65.10 9.95
C GLN C 991 -9.07 -64.28 10.24
N GLY C 992 -8.91 -62.99 10.50
CA GLY C 992 -10.06 -62.14 10.76
C GLY C 992 -10.97 -61.97 9.56
N ILE C 993 -10.39 -61.94 8.35
CA ILE C 993 -11.22 -61.87 7.16
C ILE C 993 -12.01 -63.16 6.97
N GLU C 994 -11.33 -64.30 7.09
CA GLU C 994 -12.04 -65.56 6.85
C GLU C 994 -12.97 -65.94 7.99
N SER C 995 -12.86 -65.30 9.16
CA SER C 995 -13.76 -65.58 10.27
C SER C 995 -14.92 -64.61 10.37
N GLY C 996 -15.04 -63.68 9.42
CA GLY C 996 -16.14 -62.73 9.43
C GLY C 996 -15.99 -61.57 10.38
N LYS C 997 -14.83 -61.40 11.00
CA LYS C 997 -14.63 -60.30 11.93
C LYS C 997 -14.25 -59.01 11.22
N ILE C 998 -13.45 -59.11 10.17
CA ILE C 998 -12.96 -57.95 9.42
C ILE C 998 -13.77 -57.84 8.14
N LYS C 999 -14.42 -56.69 7.94
CA LYS C 999 -15.30 -56.51 6.80
C LYS C 999 -14.80 -55.47 5.81
N ALA C 1000 -13.99 -54.51 6.23
CA ALA C 1000 -13.46 -53.49 5.34
C ALA C 1000 -11.95 -53.47 5.46
N LEU C 1001 -11.29 -53.02 4.40
CA LEU C 1001 -9.85 -52.94 4.37
C LEU C 1001 -9.43 -51.64 3.71
N VAL C 1002 -8.39 -51.01 4.25
CA VAL C 1002 -7.80 -49.82 3.66
C VAL C 1002 -6.37 -50.21 3.27
N VAL C 1003 -6.11 -50.26 1.97
CA VAL C 1003 -4.81 -50.68 1.44
C VAL C 1003 -4.14 -49.44 0.87
N ILE C 1004 -2.93 -49.15 1.35
CA ILE C 1004 -2.18 -47.97 0.94
C ILE C 1004 -0.86 -48.45 0.34
N GLY C 1005 -0.77 -48.44 -0.99
CA GLY C 1005 0.50 -48.65 -1.66
C GLY C 1005 0.93 -50.08 -1.82
N GLU C 1006 0.08 -51.05 -1.47
CA GLU C 1006 0.45 -52.45 -1.55
C GLU C 1006 -0.41 -53.17 -2.59
N ASP C 1007 0.08 -54.34 -3.00
CA ASP C 1007 -0.65 -55.21 -3.92
C ASP C 1007 -0.62 -56.64 -3.41
N PRO C 1008 -1.49 -56.97 -2.46
CA PRO C 1008 -1.58 -58.37 -2.03
C PRO C 1008 -2.25 -59.28 -3.05
N ALA C 1009 -3.11 -58.75 -3.91
CA ALA C 1009 -3.92 -59.56 -4.80
C ALA C 1009 -3.18 -60.04 -6.04
N ALA C 1010 -1.86 -59.90 -6.10
CA ALA C 1010 -1.09 -60.50 -7.18
C ALA C 1010 -0.94 -62.01 -7.00
N TYR C 1011 -1.33 -62.55 -5.85
CA TYR C 1011 -1.23 -63.96 -5.55
C TYR C 1011 -2.62 -64.52 -5.25
N PRO C 1012 -2.92 -65.73 -5.72
CA PRO C 1012 -4.32 -66.22 -5.67
C PRO C 1012 -4.90 -66.38 -4.28
N GLN C 1013 -4.10 -66.72 -3.26
CA GLN C 1013 -4.66 -66.88 -1.91
C GLN C 1013 -5.18 -65.56 -1.38
N GLU C 1014 -4.38 -64.50 -1.47
CA GLU C 1014 -4.82 -63.20 -0.99
C GLU C 1014 -5.92 -62.62 -1.87
N SER C 1015 -5.94 -62.97 -3.16
CA SER C 1015 -7.02 -62.49 -4.02
C SER C 1015 -8.35 -63.12 -3.64
N ALA C 1016 -8.36 -64.44 -3.40
CA ALA C 1016 -9.58 -65.09 -2.92
C ALA C 1016 -9.96 -64.62 -1.53
N LEU C 1017 -8.97 -64.20 -0.74
CA LEU C 1017 -9.26 -63.59 0.56
C LEU C 1017 -9.96 -62.24 0.38
N LEU C 1018 -9.43 -61.38 -0.50
CA LEU C 1018 -10.01 -60.06 -0.73
C LEU C 1018 -11.37 -60.14 -1.40
N GLN C 1019 -11.68 -61.24 -2.07
CA GLN C 1019 -13.00 -61.38 -2.67
C GLN C 1019 -14.12 -61.55 -1.64
N LYS C 1020 -13.79 -61.80 -0.36
CA LYS C 1020 -14.78 -62.00 0.68
C LYS C 1020 -15.01 -60.74 1.51
N LEU C 1021 -14.46 -59.61 1.11
CA LEU C 1021 -14.62 -58.39 1.88
C LEU C 1021 -15.96 -57.72 1.57
N SER C 1022 -16.28 -56.70 2.35
CA SER C 1022 -17.44 -55.87 2.08
C SER C 1022 -17.08 -54.55 1.42
N PHE C 1023 -15.91 -54.01 1.70
CA PHE C 1023 -15.48 -52.73 1.17
C PHE C 1023 -13.95 -52.72 1.11
N LEU C 1024 -13.40 -52.03 0.14
CA LEU C 1024 -11.95 -52.02 -0.05
C LEU C 1024 -11.54 -50.75 -0.78
N VAL C 1025 -10.68 -49.95 -0.14
CA VAL C 1025 -10.09 -48.76 -0.75
C VAL C 1025 -8.64 -49.08 -1.05
N VAL C 1026 -8.18 -48.69 -2.24
CA VAL C 1026 -6.80 -48.91 -2.64
C VAL C 1026 -6.20 -47.57 -3.01
N TYR C 1027 -5.10 -47.21 -2.35
CA TYR C 1027 -4.33 -46.02 -2.66
C TYR C 1027 -3.08 -46.47 -3.41
N ASP C 1028 -3.01 -46.17 -4.71
CA ASP C 1028 -1.89 -46.65 -5.49
C ASP C 1028 -1.66 -45.76 -6.70
N MET C 1029 -0.43 -45.82 -7.23
CA MET C 1029 -0.10 -45.07 -8.44
C MET C 1029 -0.64 -45.74 -9.70
N PHE C 1030 -0.60 -47.07 -9.76
CA PHE C 1030 -1.00 -47.81 -10.94
C PHE C 1030 -2.30 -48.56 -10.69
N MET C 1031 -3.03 -48.83 -11.77
CA MET C 1031 -4.23 -49.64 -11.70
C MET C 1031 -3.80 -51.11 -11.74
N THR C 1032 -3.34 -51.58 -10.58
CA THR C 1032 -2.76 -52.91 -10.47
C THR C 1032 -3.88 -53.94 -10.31
N LYS C 1033 -3.50 -55.16 -9.94
CA LYS C 1033 -4.47 -56.25 -9.78
C LYS C 1033 -5.39 -56.01 -8.58
N THR C 1034 -4.84 -55.47 -7.50
CA THR C 1034 -5.66 -55.20 -6.31
C THR C 1034 -6.62 -54.06 -6.55
N ALA C 1035 -6.17 -53.00 -7.23
CA ALA C 1035 -7.02 -51.83 -7.44
C ALA C 1035 -8.18 -52.15 -8.37
N THR C 1036 -8.05 -53.19 -9.19
CA THR C 1036 -9.16 -53.61 -10.03
C THR C 1036 -10.26 -54.27 -9.19
N ALA C 1037 -9.88 -54.91 -8.09
CA ALA C 1037 -10.85 -55.57 -7.21
C ALA C 1037 -11.50 -54.61 -6.23
N ALA C 1038 -11.05 -53.36 -6.19
CA ALA C 1038 -11.51 -52.40 -5.18
C ALA C 1038 -12.81 -51.74 -5.61
N ASP C 1039 -13.51 -51.20 -4.61
CA ASP C 1039 -14.69 -50.38 -4.85
C ASP C 1039 -14.35 -48.90 -5.06
N MET C 1040 -13.08 -48.53 -4.89
CA MET C 1040 -12.65 -47.15 -4.99
C MET C 1040 -11.13 -47.11 -5.01
N VAL C 1041 -10.56 -46.35 -5.94
CA VAL C 1041 -9.11 -46.21 -6.07
C VAL C 1041 -8.76 -44.73 -6.00
N VAL C 1042 -7.78 -44.40 -5.16
CA VAL C 1042 -7.30 -43.03 -5.00
C VAL C 1042 -5.84 -43.00 -5.42
N PRO C 1043 -5.43 -42.07 -6.29
CA PRO C 1043 -4.04 -42.10 -6.77
C PRO C 1043 -3.03 -41.66 -5.71
N LEU C 1044 -1.79 -42.09 -5.92
CA LEU C 1044 -0.66 -41.65 -5.11
C LEU C 1044 0.42 -41.13 -6.05
N VAL C 1045 1.28 -40.27 -5.53
CA VAL C 1045 2.37 -39.71 -6.30
C VAL C 1045 3.63 -40.50 -6.01
N SER C 1046 4.65 -40.30 -6.84
CA SER C 1046 5.91 -41.02 -6.71
C SER C 1046 6.80 -40.32 -5.69
N SER C 1047 7.97 -40.93 -5.43
CA SER C 1047 8.88 -40.41 -4.42
C SER C 1047 9.58 -39.13 -4.87
N ALA C 1048 9.53 -38.80 -6.16
CA ALA C 1048 10.12 -37.56 -6.65
C ALA C 1048 9.21 -36.37 -6.45
N GLU C 1049 8.00 -36.58 -5.90
CA GLU C 1049 7.02 -35.52 -5.72
C GLU C 1049 6.59 -35.35 -4.27
N VAL C 1050 7.32 -35.93 -3.33
CA VAL C 1050 6.91 -35.91 -1.93
C VAL C 1050 7.98 -35.22 -1.10
N ASN C 1051 7.52 -34.54 -0.05
CA ASN C 1051 8.37 -33.94 0.96
C ASN C 1051 8.10 -34.66 2.27
N GLY C 1052 9.16 -35.08 2.95
CA GLY C 1052 8.97 -35.78 4.20
C GLY C 1052 10.28 -36.26 4.75
N THR C 1053 10.22 -37.34 5.52
CA THR C 1053 11.42 -37.97 6.06
C THR C 1053 11.28 -39.48 5.99
N TYR C 1054 12.43 -40.14 5.86
CA TYR C 1054 12.53 -41.59 5.93
C TYR C 1054 13.45 -41.96 7.08
N THR C 1055 13.11 -43.02 7.81
CA THR C 1055 13.98 -43.51 8.87
C THR C 1055 14.80 -44.68 8.32
N ARG C 1056 16.12 -44.53 8.34
CA ARG C 1056 17.03 -45.55 7.85
C ARG C 1056 16.97 -46.78 8.75
N SER C 1057 17.62 -47.86 8.30
CA SER C 1057 17.61 -49.08 9.09
C SER C 1057 18.47 -48.96 10.34
N ASP C 1058 19.43 -48.02 10.34
CA ASP C 1058 20.20 -47.69 11.54
C ASP C 1058 19.65 -46.46 12.25
N ARG C 1059 18.32 -46.28 12.20
CA ARG C 1059 17.60 -45.29 12.99
C ARG C 1059 17.99 -43.86 12.66
N ARG C 1060 18.43 -43.60 11.43
CA ARG C 1060 18.76 -42.25 11.01
C ARG C 1060 17.62 -41.67 10.19
N ILE C 1061 17.21 -40.46 10.53
CA ILE C 1061 16.07 -39.79 9.90
C ILE C 1061 16.60 -38.82 8.86
N GLN C 1062 16.20 -39.02 7.60
CA GLN C 1062 16.72 -38.26 6.47
C GLN C 1062 15.59 -37.54 5.76
N ALA C 1063 15.90 -36.36 5.23
CA ALA C 1063 14.91 -35.53 4.57
C ALA C 1063 14.75 -35.93 3.11
N VAL C 1064 13.49 -36.03 2.68
CA VAL C 1064 13.12 -36.37 1.31
C VAL C 1064 12.48 -35.13 0.71
N ARG C 1065 13.01 -34.69 -0.44
CA ARG C 1065 12.58 -33.46 -1.07
C ARG C 1065 11.91 -33.76 -2.41
N ALA C 1066 10.99 -32.89 -2.80
CA ALA C 1066 10.19 -33.06 -4.00
C ALA C 1066 10.91 -32.44 -5.19
N ALA C 1067 11.28 -33.27 -6.18
CA ALA C 1067 11.90 -32.73 -7.37
C ALA C 1067 10.90 -32.01 -8.26
N ILE C 1068 9.74 -32.62 -8.50
CA ILE C 1068 8.75 -32.08 -9.40
C ILE C 1068 7.40 -32.01 -8.69
N GLN C 1069 6.55 -31.12 -9.17
CA GLN C 1069 5.24 -30.91 -8.56
C GLN C 1069 4.34 -32.12 -8.83
N PRO C 1070 3.41 -32.43 -7.93
CA PRO C 1070 2.59 -33.64 -8.09
C PRO C 1070 1.71 -33.56 -9.32
N LYS C 1071 1.71 -34.66 -10.09
CA LYS C 1071 0.96 -34.71 -11.33
C LYS C 1071 -0.51 -35.06 -11.13
N THR C 1072 -0.88 -35.56 -9.96
CA THR C 1072 -2.27 -35.84 -9.64
C THR C 1072 -3.01 -34.64 -9.07
N GLY C 1073 -2.29 -33.60 -8.65
CA GLY C 1073 -2.90 -32.44 -8.06
C GLY C 1073 -2.63 -32.31 -6.57
N LYS C 1074 -2.72 -33.42 -5.85
CA LYS C 1074 -2.51 -33.45 -4.41
C LYS C 1074 -1.52 -34.54 -4.03
N ALA C 1075 -0.73 -34.27 -3.00
CA ALA C 1075 0.20 -35.26 -2.47
C ALA C 1075 -0.52 -36.12 -1.42
N THR C 1076 0.16 -37.20 -1.01
CA THR C 1076 -0.45 -38.15 -0.09
C THR C 1076 -0.75 -37.52 1.27
N LEU C 1077 0.15 -36.65 1.74
CA LEU C 1077 -0.09 -35.97 3.00
C LEU C 1077 -1.32 -35.09 2.93
N GLN C 1078 -1.52 -34.41 1.79
CA GLN C 1078 -2.71 -33.57 1.63
C GLN C 1078 -3.99 -34.40 1.60
N ILE C 1079 -3.96 -35.56 0.93
CA ILE C 1079 -5.12 -36.44 0.88
C ILE C 1079 -5.49 -36.91 2.29
N LEU C 1080 -4.49 -37.35 3.06
CA LEU C 1080 -4.75 -37.83 4.40
C LEU C 1080 -5.19 -36.69 5.32
N ILE C 1081 -4.64 -35.49 5.13
CA ILE C 1081 -5.05 -34.35 5.94
C ILE C 1081 -6.51 -33.98 5.66
N GLU C 1082 -6.92 -34.02 4.40
CA GLU C 1082 -8.31 -33.73 4.07
C GLU C 1082 -9.25 -34.78 4.66
N THR C 1083 -8.89 -36.06 4.57
CA THR C 1083 -9.73 -37.10 5.14
C THR C 1083 -9.84 -36.97 6.66
N LEU C 1084 -8.72 -36.68 7.33
CA LEU C 1084 -8.74 -36.54 8.78
C LEU C 1084 -9.51 -35.29 9.20
N LYS C 1085 -9.44 -34.23 8.40
CA LYS C 1085 -10.23 -33.03 8.68
C LYS C 1085 -11.71 -33.32 8.56
N SER C 1086 -12.09 -34.18 7.60
CA SER C 1086 -13.47 -34.64 7.53
C SER C 1086 -13.84 -35.43 8.78
N LEU C 1087 -12.93 -36.28 9.27
CA LEU C 1087 -13.23 -37.10 10.44
C LEU C 1087 -13.18 -36.34 11.75
N GLY C 1088 -12.60 -35.13 11.77
CA GLY C 1088 -12.60 -34.32 12.97
C GLY C 1088 -11.24 -34.03 13.58
N ILE C 1089 -10.14 -34.34 12.89
CA ILE C 1089 -8.79 -34.06 13.38
C ILE C 1089 -8.19 -32.96 12.52
N LYS C 1090 -7.69 -31.91 13.15
CA LYS C 1090 -7.25 -30.71 12.45
C LYS C 1090 -5.73 -30.67 12.37
N TYR C 1091 -5.20 -30.76 11.15
CA TYR C 1091 -3.80 -30.47 10.84
C TYR C 1091 -3.80 -29.58 9.60
N ASP C 1092 -2.81 -28.69 9.51
CA ASP C 1092 -2.77 -27.74 8.42
C ASP C 1092 -1.60 -28.00 7.47
N THR C 1093 -0.38 -28.02 7.97
CA THR C 1093 0.81 -28.22 7.17
C THR C 1093 1.55 -29.45 7.65
N ILE C 1094 2.76 -29.65 7.11
CA ILE C 1094 3.61 -30.73 7.60
C ILE C 1094 4.31 -30.37 8.91
N ALA C 1095 4.41 -29.07 9.23
CA ALA C 1095 5.02 -28.67 10.50
C ALA C 1095 4.12 -29.04 11.67
N ASP C 1096 2.81 -28.89 11.51
CA ASP C 1096 1.88 -29.31 12.55
C ASP C 1096 1.96 -30.82 12.77
N VAL C 1097 2.06 -31.59 11.69
CA VAL C 1097 2.16 -33.04 11.81
C VAL C 1097 3.48 -33.44 12.44
N ARG C 1098 4.56 -32.71 12.16
CA ARG C 1098 5.84 -33.02 12.80
C ARG C 1098 5.83 -32.68 14.29
N ALA C 1099 5.16 -31.60 14.67
CA ALA C 1099 4.96 -31.31 16.09
C ALA C 1099 4.14 -32.41 16.76
N ALA C 1100 3.10 -32.90 16.07
CA ALA C 1100 2.32 -34.00 16.61
C ALA C 1100 3.14 -35.27 16.74
N ILE C 1101 4.02 -35.55 15.77
CA ILE C 1101 4.90 -36.71 15.86
C ILE C 1101 5.82 -36.59 17.06
N ALA C 1102 6.43 -35.42 17.24
CA ALA C 1102 7.32 -35.20 18.37
C ALA C 1102 6.60 -35.28 19.70
N SER C 1103 5.31 -34.96 19.73
CA SER C 1103 4.56 -35.05 20.98
C SER C 1103 3.96 -36.42 21.27
N GLU C 1104 3.72 -37.24 20.25
CA GLU C 1104 3.01 -38.50 20.45
C GLU C 1104 3.90 -39.74 20.30
N VAL C 1105 4.76 -39.80 19.28
CA VAL C 1105 5.64 -40.94 19.12
C VAL C 1105 6.77 -40.86 20.13
N SER C 1106 6.98 -41.95 20.87
CA SER C 1106 7.73 -41.89 22.12
C SER C 1106 9.20 -41.58 21.91
N ASN C 1107 9.84 -42.24 20.94
CA ASN C 1107 11.27 -42.13 20.76
C ASN C 1107 11.67 -41.10 19.71
N TYR C 1108 10.70 -40.40 19.12
CA TYR C 1108 10.96 -39.39 18.11
C TYR C 1108 11.00 -37.99 18.69
N ALA C 1109 11.39 -37.86 19.96
CA ALA C 1109 11.39 -36.57 20.62
C ALA C 1109 12.47 -35.67 20.02
N GLY C 1110 12.06 -34.54 19.45
CA GLY C 1110 12.97 -33.62 18.80
C GLY C 1110 12.79 -33.52 17.31
N MET C 1111 11.75 -34.12 16.73
CA MET C 1111 11.52 -34.04 15.30
C MET C 1111 11.08 -32.65 14.85
N ASP C 1112 10.49 -31.86 15.75
CA ASP C 1112 9.99 -30.54 15.37
C ASP C 1112 11.11 -29.62 14.91
N ALA C 1113 12.24 -29.63 15.62
CA ALA C 1113 13.38 -28.77 15.31
C ALA C 1113 14.63 -29.61 15.10
N ALA C 1114 14.50 -30.71 14.36
CA ALA C 1114 15.61 -31.64 14.19
C ALA C 1114 16.62 -31.16 13.16
N ASP C 1115 16.18 -30.40 12.15
CA ASP C 1115 17.03 -29.91 11.06
C ASP C 1115 17.69 -31.07 10.32
N PHE C 1116 16.85 -31.82 9.61
CA PHE C 1116 17.21 -33.08 8.95
C PHE C 1116 18.24 -32.94 7.84
N GLY C 1117 18.76 -31.73 7.61
CA GLY C 1117 19.93 -31.58 6.76
C GLY C 1117 21.20 -32.15 7.37
N THR C 1118 21.24 -32.29 8.69
CA THR C 1118 22.34 -32.92 9.40
C THR C 1118 21.94 -34.34 9.83
N THR C 1119 22.83 -34.99 10.55
CA THR C 1119 22.58 -36.36 11.00
C THR C 1119 21.67 -36.32 12.22
N VAL C 1120 20.52 -36.99 12.12
CA VAL C 1120 19.57 -37.10 13.23
C VAL C 1120 19.29 -38.58 13.44
N TYR C 1121 19.44 -39.04 14.68
CA TYR C 1121 19.10 -40.38 15.09
C TYR C 1121 18.02 -40.29 16.16
N TRP C 1122 17.06 -41.22 16.17
CA TRP C 1122 15.96 -40.93 17.09
C TRP C 1122 16.22 -41.16 18.58
N PRO C 1123 16.98 -42.17 19.05
CA PRO C 1123 17.17 -42.21 20.50
C PRO C 1123 18.20 -41.20 20.94
N ASN C 1124 17.72 -40.04 21.41
CA ASN C 1124 18.57 -38.98 21.99
C ASN C 1124 19.73 -38.58 21.08
N ASN C 1125 19.54 -38.74 19.76
CA ASN C 1125 20.59 -38.50 18.76
C ASN C 1125 21.83 -39.37 19.01
N LYS C 1126 21.62 -40.57 19.51
CA LYS C 1126 22.72 -41.47 19.87
C LYS C 1126 22.89 -42.54 18.80
N ASN C 1127 24.14 -42.76 18.41
CA ASN C 1127 24.46 -43.78 17.43
C ASN C 1127 24.32 -45.20 18.00
N VAL C 1128 24.46 -45.36 19.31
CA VAL C 1128 24.52 -46.67 19.95
C VAL C 1128 23.32 -46.82 20.87
N LEU C 1129 22.67 -47.98 20.81
CA LEU C 1129 21.53 -48.31 21.66
C LEU C 1129 21.98 -49.10 22.88
N TYR C 1130 21.15 -49.04 23.92
CA TYR C 1130 21.30 -49.83 25.15
C TYR C 1130 22.63 -49.53 25.86
N THR C 1131 23.07 -48.28 25.78
CA THR C 1131 24.27 -47.89 26.51
C THR C 1131 24.02 -47.79 28.01
N ASP C 1132 22.75 -47.67 28.43
CA ASP C 1132 22.38 -47.57 29.83
C ASP C 1132 21.40 -48.66 30.24
N GLY C 1133 21.44 -49.80 29.58
CA GLY C 1133 20.57 -50.91 29.88
C GLY C 1133 19.49 -51.09 28.82
N PHE C 1134 18.92 -52.28 28.80
CA PHE C 1134 17.96 -52.64 27.76
C PHE C 1134 16.62 -51.93 27.98
N ALA C 1135 15.78 -51.98 26.97
CA ALA C 1135 14.53 -51.23 26.93
C ALA C 1135 13.32 -52.06 27.34
N THR C 1136 13.54 -53.25 27.89
CA THR C 1136 12.43 -54.08 28.33
C THR C 1136 11.82 -53.52 29.62
N GLU C 1137 10.79 -54.21 30.12
CA GLU C 1137 10.10 -53.75 31.31
C GLU C 1137 11.00 -53.78 32.54
N GLY C 1138 11.73 -54.88 32.74
CA GLY C 1138 12.64 -55.01 33.86
C GLY C 1138 14.08 -54.62 33.54
N GLN C 1139 14.32 -53.96 32.41
CA GLN C 1139 15.67 -53.58 31.95
C GLN C 1139 16.58 -54.79 31.80
N LYS C 1140 16.01 -55.93 31.40
CA LYS C 1140 16.76 -57.17 31.24
C LYS C 1140 16.41 -57.82 29.91
N ALA C 1141 17.40 -58.46 29.30
CA ALA C 1141 17.19 -59.17 28.06
C ALA C 1141 16.47 -60.47 28.31
N ILE C 1142 15.39 -60.70 27.59
CA ILE C 1142 14.52 -61.85 27.83
C ILE C 1142 14.96 -62.98 26.91
N LEU C 1143 15.66 -63.96 27.45
CA LEU C 1143 16.11 -65.12 26.70
C LEU C 1143 15.10 -66.25 26.89
N ALA C 1144 14.53 -66.72 25.79
CA ALA C 1144 13.52 -67.77 25.81
C ALA C 1144 13.82 -68.80 24.74
N ALA C 1145 13.29 -70.01 24.93
CA ALA C 1145 13.56 -71.11 24.01
C ALA C 1145 12.98 -70.83 22.63
N VAL C 1146 13.68 -71.32 21.61
CA VAL C 1146 13.26 -71.21 20.23
C VAL C 1146 13.23 -72.60 19.61
N GLY C 1147 12.17 -72.90 18.86
CA GLY C 1147 11.98 -74.22 18.32
C GLY C 1147 12.88 -74.50 17.13
N ASP C 1148 12.80 -75.74 16.65
CA ASP C 1148 13.52 -76.12 15.45
C ASP C 1148 12.84 -75.54 14.22
N VAL C 1149 13.52 -74.63 13.54
CA VAL C 1149 12.96 -73.92 12.41
C VAL C 1149 13.62 -74.45 11.14
N PRO C 1150 12.85 -74.97 10.18
CA PRO C 1150 13.47 -75.61 9.02
C PRO C 1150 14.05 -74.59 8.05
N VAL C 1151 14.51 -75.09 6.90
CA VAL C 1151 15.15 -74.24 5.91
C VAL C 1151 14.18 -73.18 5.42
N PHE C 1152 14.71 -71.97 5.20
CA PHE C 1152 13.90 -70.80 4.99
C PHE C 1152 13.17 -70.85 3.65
N VAL C 1153 11.93 -70.36 3.64
CA VAL C 1153 11.11 -70.25 2.44
C VAL C 1153 11.08 -68.77 2.04
N GLU C 1154 11.45 -68.49 0.79
CA GLU C 1154 11.72 -67.13 0.35
C GLU C 1154 10.48 -66.24 0.44
N LYS C 1155 10.70 -64.98 0.81
CA LYS C 1155 9.62 -64.03 0.98
C LYS C 1155 9.17 -63.46 -0.36
N LYS C 1156 8.01 -62.81 -0.35
CA LYS C 1156 7.40 -62.26 -1.54
C LYS C 1156 7.43 -60.74 -1.49
N LYS C 1157 7.27 -60.13 -2.66
CA LYS C 1157 7.24 -58.67 -2.79
C LYS C 1157 5.79 -58.21 -2.92
N TYR C 1158 5.36 -57.33 -2.03
CA TYR C 1158 3.99 -56.84 -2.03
C TYR C 1158 3.85 -55.38 -2.40
N ASP C 1159 4.94 -54.62 -2.37
CA ASP C 1159 4.90 -53.23 -2.78
C ASP C 1159 4.78 -53.13 -4.30
N SER C 1160 3.89 -52.23 -4.77
CA SER C 1160 3.63 -52.15 -6.20
C SER C 1160 4.81 -51.61 -6.98
N VAL C 1161 5.61 -50.73 -6.36
CA VAL C 1161 6.77 -50.14 -7.04
C VAL C 1161 7.84 -51.20 -7.29
N GLU C 1162 8.07 -52.08 -6.32
CA GLU C 1162 9.07 -53.15 -6.48
C GLU C 1162 8.69 -54.08 -7.63
N MET C 1163 7.43 -54.52 -7.68
CA MET C 1163 7.04 -55.42 -8.75
C MET C 1163 6.96 -54.72 -10.09
N ASN C 1164 6.69 -53.41 -10.09
CA ASN C 1164 6.81 -52.65 -11.32
C ASN C 1164 8.23 -52.68 -11.85
N PHE C 1165 9.22 -52.47 -10.95
CA PHE C 1165 10.61 -52.53 -11.36
C PHE C 1165 10.98 -53.92 -11.88
N VAL C 1166 10.53 -54.96 -11.17
CA VAL C 1166 10.87 -56.33 -11.55
C VAL C 1166 10.26 -56.70 -12.89
N ASN C 1167 8.99 -56.33 -13.13
CA ASN C 1167 8.38 -56.64 -14.42
C ASN C 1167 8.98 -55.82 -15.54
N GLY C 1168 9.36 -54.57 -15.28
CA GLY C 1168 10.01 -53.77 -16.30
C GLY C 1168 11.44 -54.17 -16.60
N ARG C 1169 12.07 -54.92 -15.70
CA ARG C 1169 13.38 -55.48 -16.00
C ARG C 1169 13.32 -56.44 -17.17
N GLN C 1170 12.26 -57.26 -17.24
CA GLN C 1170 12.09 -58.20 -18.33
C GLN C 1170 11.66 -57.56 -19.63
N SER C 1171 11.24 -56.30 -19.62
CA SER C 1171 10.76 -55.63 -20.82
C SER C 1171 11.87 -55.16 -21.75
N LEU C 1172 13.12 -55.11 -21.26
CA LEU C 1172 14.24 -54.68 -22.09
C LEU C 1172 15.28 -55.78 -22.21
N ILE D 18 -81.52 1.91 -46.71
CA ILE D 18 -81.33 3.12 -45.92
C ILE D 18 -81.59 4.35 -46.79
N ASP D 19 -82.17 5.37 -46.19
CA ASP D 19 -82.70 6.54 -46.91
C ASP D 19 -81.73 7.71 -46.88
N LEU D 20 -80.43 7.43 -47.03
CA LEU D 20 -79.40 8.45 -46.88
C LEU D 20 -79.56 9.60 -47.86
N THR D 21 -80.19 9.34 -49.01
CA THR D 21 -80.37 10.37 -50.03
C THR D 21 -81.21 11.53 -49.48
N LEU D 22 -82.23 11.21 -48.70
CA LEU D 22 -83.03 12.23 -48.03
C LEU D 22 -82.49 12.61 -46.67
N LEU D 23 -81.49 11.88 -46.16
CA LEU D 23 -80.78 12.35 -44.97
C LEU D 23 -79.81 13.47 -45.32
N GLU D 24 -79.35 13.51 -46.58
CA GLU D 24 -78.44 14.56 -47.02
C GLU D 24 -78.96 15.99 -46.84
N PRO D 25 -80.24 16.32 -47.10
CA PRO D 25 -80.69 17.69 -46.81
C PRO D 25 -80.57 18.11 -45.36
N VAL D 26 -80.64 17.17 -44.40
CA VAL D 26 -80.64 17.55 -42.99
C VAL D 26 -79.31 18.17 -42.60
N PHE D 27 -78.20 17.49 -42.92
CA PHE D 27 -76.90 18.10 -42.64
C PHE D 27 -76.44 19.06 -43.74
N LYS D 28 -77.16 19.11 -44.86
CA LYS D 28 -76.92 20.17 -45.83
C LYS D 28 -77.50 21.50 -45.36
N GLU D 29 -78.51 21.46 -44.49
CA GLU D 29 -79.13 22.68 -43.97
C GLU D 29 -78.59 23.07 -42.60
N TYR D 30 -78.28 22.09 -41.75
CA TYR D 30 -77.81 22.36 -40.40
C TYR D 30 -76.32 22.62 -40.34
N ALA D 31 -75.61 22.55 -41.46
CA ALA D 31 -74.17 22.74 -41.47
C ALA D 31 -73.80 24.19 -41.19
N GLY D 32 -72.66 24.38 -40.53
CA GLY D 32 -72.19 25.69 -40.16
C GLY D 32 -72.63 26.16 -38.79
N LYS D 33 -73.55 25.45 -38.14
CA LYS D 33 -74.01 25.81 -36.82
C LYS D 33 -73.17 25.05 -35.79
N ALA D 34 -72.50 25.79 -34.91
CA ALA D 34 -71.70 25.15 -33.88
C ALA D 34 -72.60 24.54 -32.80
N GLY D 35 -72.19 23.38 -32.30
CA GLY D 35 -73.01 22.66 -31.34
C GLY D 35 -74.31 22.15 -31.91
N SER D 36 -74.28 21.64 -33.14
CA SER D 36 -75.48 21.18 -33.82
C SER D 36 -75.60 19.67 -33.88
N ILE D 37 -74.82 18.94 -33.08
CA ILE D 37 -74.89 17.48 -33.09
C ILE D 37 -76.24 17.01 -32.57
N ILE D 38 -76.73 17.64 -31.49
CA ILE D 38 -77.99 17.24 -30.90
C ILE D 38 -79.13 17.45 -31.90
N GLY D 39 -79.16 18.61 -32.57
CA GLY D 39 -80.23 18.86 -33.53
C GLY D 39 -80.22 17.90 -34.70
N ILE D 40 -79.03 17.59 -35.22
CA ILE D 40 -78.90 16.63 -36.32
C ILE D 40 -79.38 15.26 -35.87
N LEU D 41 -79.02 14.85 -34.65
CA LEU D 41 -79.44 13.56 -34.16
C LEU D 41 -80.95 13.49 -33.95
N GLN D 42 -81.56 14.57 -33.46
CA GLN D 42 -83.02 14.57 -33.30
C GLN D 42 -83.73 14.50 -34.65
N LYS D 43 -83.23 15.22 -35.65
CA LYS D 43 -83.86 15.14 -36.96
C LYS D 43 -83.67 13.75 -37.57
N THR D 44 -82.49 13.16 -37.39
CA THR D 44 -82.25 11.81 -37.90
C THR D 44 -83.17 10.79 -37.24
N GLN D 45 -83.38 10.92 -35.93
CA GLN D 45 -84.30 10.01 -35.25
C GLN D 45 -85.75 10.25 -35.67
N GLU D 46 -86.12 11.50 -35.93
CA GLU D 46 -87.46 11.75 -36.43
C GLU D 46 -87.67 11.15 -37.81
N ILE D 47 -86.61 11.10 -38.62
CA ILE D 47 -86.73 10.52 -39.96
C ILE D 47 -86.80 9.00 -39.88
N TYR D 48 -85.81 8.38 -39.25
CA TYR D 48 -85.68 6.92 -39.31
C TYR D 48 -86.38 6.19 -38.17
N GLY D 49 -86.88 6.90 -37.16
CA GLY D 49 -87.41 6.26 -35.98
C GLY D 49 -86.37 5.84 -34.97
N TYR D 50 -85.10 5.92 -35.33
CA TYR D 50 -83.96 5.56 -34.47
C TYR D 50 -82.71 6.10 -35.13
N LEU D 51 -81.55 5.74 -34.59
CA LEU D 51 -80.26 6.17 -35.13
C LEU D 51 -79.49 4.95 -35.60
N PRO D 52 -79.56 4.60 -36.88
CA PRO D 52 -78.76 3.48 -37.37
C PRO D 52 -77.29 3.85 -37.42
N LEU D 53 -76.45 2.81 -37.43
CA LEU D 53 -75.01 3.03 -37.44
C LEU D 53 -74.55 3.69 -38.75
N ALA D 54 -75.24 3.37 -39.85
CA ALA D 54 -74.92 4.00 -41.13
C ALA D 54 -75.24 5.49 -41.11
N ALA D 55 -76.35 5.88 -40.47
CA ALA D 55 -76.68 7.30 -40.38
C ALA D 55 -75.67 8.04 -39.51
N LEU D 56 -75.23 7.42 -38.42
CA LEU D 56 -74.18 8.02 -37.59
C LEU D 56 -72.88 8.15 -38.36
N GLN D 57 -72.56 7.14 -39.18
CA GLN D 57 -71.36 7.21 -40.02
C GLN D 57 -71.47 8.33 -41.04
N ALA D 58 -72.67 8.51 -41.62
CA ALA D 58 -72.89 9.61 -42.55
C ALA D 58 -72.79 10.97 -41.88
N ILE D 59 -73.28 11.07 -40.64
CA ILE D 59 -73.16 12.32 -39.89
C ILE D 59 -71.69 12.61 -39.58
N ALA D 60 -70.94 11.58 -39.21
CA ALA D 60 -69.52 11.76 -38.90
C ALA D 60 -68.74 12.19 -40.13
N ASP D 61 -69.14 11.72 -41.31
CA ASP D 61 -68.54 12.19 -42.54
C ASP D 61 -69.21 13.48 -43.00
N ASN D 62 -68.49 14.26 -43.80
CA ASN D 62 -69.00 15.48 -44.45
C ASN D 62 -69.31 16.59 -43.45
N THR D 63 -69.18 16.32 -42.15
CA THR D 63 -69.34 17.34 -41.13
C THR D 63 -68.30 17.22 -40.02
N ASP D 64 -67.24 16.43 -40.24
CA ASP D 64 -66.24 16.00 -39.27
C ASP D 64 -66.85 15.64 -37.91
N ASN D 65 -66.75 16.56 -36.95
CA ASN D 65 -67.45 16.48 -35.67
C ASN D 65 -67.03 15.29 -34.81
N LYS D 66 -65.91 14.64 -35.15
CA LYS D 66 -65.21 13.72 -34.23
C LYS D 66 -66.11 12.57 -33.79
N ARG D 67 -66.28 11.63 -34.72
CA ARG D 67 -67.14 10.44 -34.66
C ARG D 67 -67.30 9.82 -33.28
N ALA D 68 -66.21 9.73 -32.51
CA ALA D 68 -66.31 9.25 -31.13
C ALA D 68 -67.20 10.15 -30.28
N LYS D 69 -67.10 11.47 -30.47
CA LYS D 69 -67.96 12.39 -29.73
C LYS D 69 -69.41 12.25 -30.15
N ILE D 70 -69.66 11.97 -31.43
CA ILE D 70 -71.02 11.72 -31.90
C ILE D 70 -71.60 10.50 -31.22
N TYR D 71 -70.82 9.41 -31.14
CA TYR D 71 -71.34 8.20 -30.51
C TYR D 71 -71.57 8.41 -29.02
N GLY D 72 -70.66 9.12 -28.36
CA GLY D 72 -70.84 9.40 -26.94
C GLY D 72 -72.06 10.26 -26.67
N ILE D 73 -72.31 11.24 -27.54
CA ILE D 73 -73.50 12.08 -27.41
C ILE D 73 -74.76 11.24 -27.62
N ALA D 74 -74.77 10.40 -28.66
CA ALA D 74 -75.94 9.59 -28.96
C ALA D 74 -76.24 8.60 -27.85
N THR D 75 -75.22 8.11 -27.16
CA THR D 75 -75.44 7.12 -26.11
C THR D 75 -75.99 7.76 -24.84
N PHE D 76 -75.53 8.97 -24.51
CA PHE D 76 -75.80 9.55 -23.20
C PHE D 76 -77.28 9.87 -22.98
N TYR D 77 -77.68 11.11 -23.26
CA TYR D 77 -78.97 11.66 -23.71
C TYR D 77 -80.24 10.80 -23.61
N SER D 78 -80.29 9.85 -22.67
CA SER D 78 -81.50 9.34 -22.01
C SER D 78 -82.65 8.87 -22.91
N GLN D 79 -82.58 9.15 -24.21
CA GLN D 79 -83.76 9.01 -25.06
C GLN D 79 -83.46 8.49 -26.46
N PHE D 80 -82.23 8.55 -26.93
CA PHE D 80 -81.94 8.25 -28.33
C PHE D 80 -82.03 6.75 -28.56
N ARG D 81 -82.95 6.34 -29.43
CA ARG D 81 -83.12 4.93 -29.75
C ARG D 81 -82.06 4.48 -30.74
N LEU D 82 -81.37 3.39 -30.39
CA LEU D 82 -80.43 2.74 -31.30
C LEU D 82 -81.03 1.49 -31.92
N ASN D 83 -82.31 1.22 -31.69
CA ASN D 83 -83.00 0.04 -32.16
C ASN D 83 -84.34 0.43 -32.75
N PRO D 84 -84.84 -0.32 -33.74
CA PRO D 84 -86.12 0.00 -34.36
C PRO D 84 -87.29 -0.23 -33.41
N VAL D 85 -88.39 0.47 -33.70
CA VAL D 85 -89.58 0.40 -32.88
C VAL D 85 -90.78 0.00 -33.73
N GLY D 86 -91.85 -0.42 -33.04
CA GLY D 86 -93.07 -0.83 -33.71
C GLY D 86 -93.94 0.34 -34.13
N LYS D 87 -95.06 0.01 -34.76
CA LYS D 87 -95.97 1.03 -35.28
C LYS D 87 -96.58 1.86 -34.16
N TYR D 88 -96.99 1.21 -33.07
CA TYR D 88 -97.53 1.91 -31.91
C TYR D 88 -96.51 1.83 -30.79
N VAL D 89 -96.04 3.01 -30.34
CA VAL D 89 -95.04 3.12 -29.29
C VAL D 89 -95.78 3.33 -27.98
N ILE D 90 -95.54 2.45 -27.02
CA ILE D 90 -96.13 2.57 -25.69
C ILE D 90 -95.13 3.30 -24.80
N LEU D 91 -95.57 4.41 -24.21
CA LEU D 91 -94.79 5.17 -23.25
C LEU D 91 -95.57 5.16 -21.93
N GLN D 92 -95.04 4.44 -20.94
CA GLN D 92 -95.70 4.34 -19.64
C GLN D 92 -95.13 5.40 -18.72
N CYS D 93 -96.01 6.24 -18.17
CA CYS D 93 -95.60 7.28 -17.24
C CYS D 93 -95.14 6.65 -15.92
N GLN D 94 -93.86 6.80 -15.61
CA GLN D 94 -93.27 6.20 -14.42
C GLN D 94 -92.96 7.27 -13.36
N GLY D 95 -93.77 8.32 -13.31
CA GLY D 95 -93.56 9.39 -12.37
C GLY D 95 -93.99 9.00 -10.97
N THR D 96 -93.86 9.96 -10.05
CA THR D 96 -94.20 9.70 -8.66
C THR D 96 -95.69 9.46 -8.47
N ALA D 97 -96.53 10.28 -9.13
CA ALA D 97 -97.97 10.17 -8.95
C ALA D 97 -98.51 8.85 -9.48
N CYS D 98 -98.03 8.40 -10.64
CA CYS D 98 -98.49 7.12 -11.18
C CYS D 98 -97.95 5.95 -10.38
N HIS D 99 -96.74 6.08 -9.82
CA HIS D 99 -96.20 5.01 -8.99
C HIS D 99 -96.94 4.91 -7.66
N VAL D 100 -97.40 6.04 -7.13
CA VAL D 100 -98.20 6.04 -5.90
C VAL D 100 -99.49 5.26 -6.11
N LEU D 101 -100.14 5.48 -7.24
CA LEU D 101 -101.42 4.85 -7.54
C LEU D 101 -101.26 3.44 -8.13
N GLY D 102 -100.02 2.97 -8.29
CA GLY D 102 -99.80 1.57 -8.58
C GLY D 102 -99.50 1.22 -10.02
N SER D 103 -98.66 2.01 -10.69
CA SER D 103 -98.33 1.75 -12.09
C SER D 103 -97.51 0.48 -12.26
N LYS D 104 -96.95 -0.07 -11.18
CA LYS D 104 -96.23 -1.33 -11.26
C LYS D 104 -97.16 -2.47 -11.71
N ALA D 105 -98.39 -2.48 -11.20
CA ALA D 105 -99.34 -3.50 -11.63
C ALA D 105 -99.70 -3.35 -13.10
N ILE D 106 -99.83 -2.11 -13.59
CA ILE D 106 -100.11 -1.88 -15.00
C ILE D 106 -98.94 -2.35 -15.85
N GLY D 107 -97.71 -2.07 -15.41
CA GLY D 107 -96.54 -2.56 -16.14
C GLY D 107 -96.46 -4.06 -16.16
N SER D 108 -96.79 -4.71 -15.04
CA SER D 108 -96.82 -6.16 -14.99
C SER D 108 -97.89 -6.72 -15.93
N ALA D 109 -99.06 -6.08 -15.98
CA ALA D 109 -100.11 -6.52 -16.88
C ALA D 109 -99.67 -6.39 -18.34
N ILE D 110 -99.00 -5.29 -18.67
CA ILE D 110 -98.48 -5.10 -20.03
C ILE D 110 -97.46 -6.18 -20.37
N CYS D 111 -96.55 -6.46 -19.45
CA CYS D 111 -95.53 -7.48 -19.69
C CYS D 111 -96.15 -8.86 -19.83
N ASP D 112 -97.19 -9.15 -19.05
CA ASP D 112 -97.82 -10.46 -19.11
C ASP D 112 -98.62 -10.63 -20.41
N GLU D 113 -99.39 -9.61 -20.80
CA GLU D 113 -100.24 -9.73 -21.97
C GLU D 113 -99.43 -9.68 -23.26
N LEU D 114 -98.42 -8.80 -23.32
CA LEU D 114 -97.65 -8.61 -24.53
C LEU D 114 -96.42 -9.51 -24.62
N GLY D 115 -96.00 -10.11 -23.51
CA GLY D 115 -94.85 -10.99 -23.53
C GLY D 115 -93.53 -10.31 -23.79
N ILE D 116 -93.42 -9.01 -23.51
CA ILE D 116 -92.20 -8.26 -23.79
C ILE D 116 -91.77 -7.52 -22.53
N THR D 117 -90.50 -7.12 -22.51
CA THR D 117 -89.89 -6.35 -21.46
C THR D 117 -89.65 -4.91 -21.92
N PRO D 118 -89.53 -3.95 -20.99
CA PRO D 118 -89.28 -2.55 -21.40
C PRO D 118 -87.99 -2.42 -22.19
N GLY D 119 -88.03 -1.58 -23.22
CA GLY D 119 -86.90 -1.38 -24.11
C GLY D 119 -86.83 -2.31 -25.30
N GLN D 120 -87.78 -3.24 -25.44
CA GLN D 120 -87.78 -4.21 -26.52
C GLN D 120 -88.95 -3.96 -27.45
N THR D 121 -89.10 -4.84 -28.45
CA THR D 121 -90.13 -4.73 -29.47
C THR D 121 -90.83 -6.06 -29.63
N THR D 122 -92.12 -6.01 -29.94
CA THR D 122 -92.90 -7.22 -30.14
C THR D 122 -92.48 -7.95 -31.40
N ALA D 123 -92.84 -9.24 -31.47
CA ALA D 123 -92.45 -10.08 -32.60
C ALA D 123 -93.10 -9.61 -33.89
N ASP D 124 -94.37 -9.19 -33.82
CA ASP D 124 -95.06 -8.70 -35.00
C ASP D 124 -94.77 -7.24 -35.31
N GLY D 125 -93.94 -6.57 -34.50
CA GLY D 125 -93.56 -5.21 -34.75
C GLY D 125 -94.69 -4.20 -34.68
N LEU D 126 -95.60 -4.38 -33.72
CA LEU D 126 -96.75 -3.50 -33.57
C LEU D 126 -96.71 -2.69 -32.28
N PHE D 127 -96.10 -3.22 -31.21
CA PHE D 127 -96.06 -2.55 -29.92
C PHE D 127 -94.62 -2.48 -29.44
N THR D 128 -94.24 -1.33 -28.87
CA THR D 128 -92.92 -1.13 -28.30
C THR D 128 -93.08 -0.50 -26.92
N LEU D 129 -92.50 -1.13 -25.91
CA LEU D 129 -92.65 -0.69 -24.53
C LEU D 129 -91.46 0.15 -24.11
N GLU D 130 -91.73 1.37 -23.64
CA GLU D 130 -90.70 2.25 -23.12
C GLU D 130 -91.20 2.90 -21.84
N ASP D 131 -90.28 3.20 -20.94
CA ASP D 131 -90.59 3.83 -19.67
C ASP D 131 -90.07 5.27 -19.70
N VAL D 132 -90.98 6.23 -19.50
CA VAL D 132 -90.62 7.64 -19.50
C VAL D 132 -90.65 8.15 -18.07
N ALA D 133 -90.01 9.30 -17.85
CA ALA D 133 -89.94 9.87 -16.51
C ALA D 133 -91.32 10.31 -16.04
N CYS D 134 -92.02 11.09 -16.85
CA CYS D 134 -93.33 11.61 -16.48
C CYS D 134 -94.01 12.18 -17.71
N LEU D 135 -95.29 11.84 -17.88
CA LEU D 135 -96.07 12.40 -18.97
C LEU D 135 -96.70 13.75 -18.60
N GLY D 136 -96.88 14.00 -17.29
CA GLY D 136 -97.35 15.27 -16.81
C GLY D 136 -98.83 15.33 -16.49
N CYS D 137 -99.62 14.36 -16.93
CA CYS D 137 -101.06 14.33 -16.64
C CYS D 137 -101.32 13.56 -15.35
N CYS D 138 -100.67 14.02 -14.27
CA CYS D 138 -100.65 13.30 -13.00
C CYS D 138 -102.01 13.24 -12.32
N SER D 139 -102.97 14.07 -12.73
CA SER D 139 -104.31 13.98 -12.16
C SER D 139 -105.02 12.70 -12.58
N LEU D 140 -104.75 12.20 -13.79
CA LEU D 140 -105.35 10.97 -14.30
C LEU D 140 -104.39 9.80 -14.18
N ALA D 141 -103.59 9.76 -13.12
CA ALA D 141 -102.68 8.66 -12.92
C ALA D 141 -103.45 7.38 -12.64
N PRO D 142 -103.02 6.23 -13.20
CA PRO D 142 -101.90 6.04 -14.13
C PRO D 142 -102.22 6.46 -15.57
N VAL D 143 -101.21 6.87 -16.32
CA VAL D 143 -101.36 7.34 -17.70
C VAL D 143 -100.50 6.47 -18.60
N ILE D 144 -101.00 6.20 -19.81
CA ILE D 144 -100.23 5.51 -20.84
C ILE D 144 -100.37 6.28 -22.14
N MET D 145 -99.25 6.58 -22.79
CA MET D 145 -99.24 7.23 -24.09
C MET D 145 -99.05 6.19 -25.18
N ILE D 146 -99.92 6.21 -26.19
CA ILE D 146 -99.80 5.36 -27.36
C ILE D 146 -99.97 6.28 -28.57
N ASN D 147 -98.86 6.56 -29.26
CA ASN D 147 -98.83 7.38 -30.47
C ASN D 147 -99.46 8.77 -30.25
N GLY D 148 -99.25 9.32 -29.06
CA GLY D 148 -99.79 10.61 -28.73
C GLY D 148 -101.18 10.60 -28.13
N GLU D 149 -101.81 9.43 -28.01
CA GLU D 149 -103.10 9.31 -27.34
C GLU D 149 -102.88 8.83 -25.91
N ALA D 150 -103.38 9.61 -24.96
CA ALA D 150 -103.15 9.35 -23.54
C ALA D 150 -104.39 8.71 -22.92
N TYR D 151 -104.16 7.65 -22.15
CA TYR D 151 -105.22 6.99 -21.39
C TYR D 151 -104.91 7.18 -19.91
N GLY D 152 -105.86 7.77 -19.19
CA GLY D 152 -105.69 8.08 -17.78
C GLY D 152 -106.75 7.42 -16.92
N LYS D 153 -106.49 7.42 -15.61
CA LYS D 153 -107.32 6.74 -14.62
C LYS D 153 -107.52 5.27 -15.00
N LEU D 154 -106.40 4.56 -15.02
CA LEU D 154 -106.26 3.30 -15.72
C LEU D 154 -106.17 2.14 -14.74
N THR D 155 -106.69 1.00 -15.17
CA THR D 155 -106.65 -0.29 -14.48
C THR D 155 -106.14 -1.33 -15.44
N PRO D 156 -105.57 -2.44 -14.93
CA PRO D 156 -105.05 -3.49 -15.85
C PRO D 156 -106.10 -4.06 -16.78
N THR D 157 -107.34 -4.22 -16.31
CA THR D 157 -108.42 -4.64 -17.21
C THR D 157 -108.64 -3.60 -18.30
N SER D 158 -108.58 -2.32 -17.94
CA SER D 158 -108.78 -1.26 -18.92
C SER D 158 -107.68 -1.27 -19.98
N VAL D 159 -106.42 -1.46 -19.58
CA VAL D 159 -105.35 -1.45 -20.57
C VAL D 159 -105.40 -2.72 -21.42
N ARG D 160 -105.80 -3.85 -20.85
CA ARG D 160 -105.94 -5.06 -21.65
C ARG D 160 -107.04 -4.88 -22.71
N LYS D 161 -108.17 -4.29 -22.31
CA LYS D 161 -109.23 -4.00 -23.26
C LYS D 161 -108.78 -2.99 -24.32
N ILE D 162 -108.01 -1.99 -23.91
CA ILE D 162 -107.53 -0.97 -24.84
C ILE D 162 -106.59 -1.57 -25.88
N LEU D 163 -105.65 -2.42 -25.42
CA LEU D 163 -104.70 -3.01 -26.36
C LEU D 163 -105.39 -4.04 -27.26
N GLN D 164 -106.42 -4.72 -26.75
CA GLN D 164 -107.20 -5.61 -27.61
C GLN D 164 -108.01 -4.82 -28.64
N ASP D 165 -108.51 -3.65 -28.26
CA ASP D 165 -109.26 -2.82 -29.19
C ASP D 165 -108.36 -2.22 -30.26
N ILE D 166 -107.14 -1.85 -29.90
CA ILE D 166 -106.19 -1.33 -30.88
C ILE D 166 -105.78 -2.41 -31.86
N ALA D 167 -105.40 -3.58 -31.34
CA ALA D 167 -104.94 -4.68 -32.18
C ALA D 167 -106.11 -5.35 -32.90
N MET E 1 -122.07 35.35 -27.48
CA MET E 1 -121.75 34.16 -26.69
C MET E 1 -120.27 33.79 -26.83
N LYS E 2 -119.66 33.41 -25.72
CA LYS E 2 -118.26 33.00 -25.69
C LYS E 2 -118.16 31.61 -25.08
N VAL E 3 -117.42 30.73 -25.75
CA VAL E 3 -117.15 29.39 -25.25
C VAL E 3 -115.64 29.23 -25.16
N ARG E 4 -115.16 28.86 -23.97
CA ARG E 4 -113.75 28.59 -23.73
C ARG E 4 -113.57 27.11 -23.46
N VAL E 5 -112.58 26.49 -24.12
CA VAL E 5 -112.23 25.10 -23.89
C VAL E 5 -110.80 25.05 -23.41
N GLY E 6 -110.58 24.41 -22.26
CA GLY E 6 -109.24 24.25 -21.72
C GLY E 6 -108.50 23.09 -22.34
N LEU E 7 -108.49 23.03 -23.67
CA LEU E 7 -107.88 21.92 -24.37
C LEU E 7 -106.36 22.06 -24.37
N GLY E 8 -105.69 21.14 -23.71
CA GLY E 8 -104.24 21.16 -23.60
C GLY E 8 -103.69 19.75 -23.46
N SER E 9 -102.52 19.65 -22.84
CA SER E 9 -101.86 18.35 -22.68
C SER E 9 -102.68 17.41 -21.80
N CYS E 10 -103.25 17.92 -20.71
CA CYS E 10 -104.13 17.10 -19.88
C CYS E 10 -105.44 16.82 -20.59
N GLY E 11 -105.86 17.72 -21.49
CA GLY E 11 -107.05 17.47 -22.28
C GLY E 11 -106.90 16.29 -23.21
N ILE E 12 -105.71 16.11 -23.77
CA ILE E 12 -105.43 14.94 -24.60
C ILE E 12 -105.53 13.66 -23.78
N ALA E 13 -105.26 13.76 -22.47
CA ALA E 13 -105.52 12.67 -21.53
C ALA E 13 -107.00 12.57 -21.14
N ALA E 14 -107.87 13.22 -21.89
CA ALA E 14 -109.31 13.20 -21.67
C ALA E 14 -109.97 13.25 -23.04
N GLY E 15 -111.25 13.64 -23.09
CA GLY E 15 -111.97 13.75 -24.34
C GLY E 15 -111.27 14.67 -25.33
N GLY E 16 -110.83 15.83 -24.85
CA GLY E 16 -109.90 16.66 -25.61
C GLY E 16 -110.39 17.18 -26.93
N ARG E 17 -109.89 16.59 -28.02
CA ARG E 17 -110.31 17.01 -29.35
C ARG E 17 -111.75 16.65 -29.66
N LYS E 18 -112.32 15.67 -28.95
CA LYS E 18 -113.70 15.26 -29.21
C LYS E 18 -114.68 16.38 -28.88
N VAL E 19 -114.55 16.98 -27.71
CA VAL E 19 -115.47 18.06 -27.34
C VAL E 19 -115.26 19.27 -28.23
N MET E 20 -114.00 19.55 -28.59
CA MET E 20 -113.69 20.70 -29.43
C MET E 20 -114.30 20.55 -30.83
N ASP E 21 -114.06 19.41 -31.48
CA ASP E 21 -114.58 19.29 -32.85
C ASP E 21 -116.08 19.02 -32.85
N ARG E 22 -116.64 18.45 -31.78
CA ARG E 22 -118.09 18.33 -31.70
C ARG E 22 -118.75 19.69 -31.55
N LEU E 23 -118.18 20.57 -30.71
CA LEU E 23 -118.69 21.93 -30.59
C LEU E 23 -118.53 22.69 -31.89
N ALA E 24 -117.41 22.48 -32.58
CA ALA E 24 -117.20 23.13 -33.88
C ALA E 24 -118.23 22.66 -34.90
N GLN E 25 -118.54 21.36 -34.93
CA GLN E 25 -119.56 20.86 -35.83
C GLN E 25 -120.94 21.41 -35.48
N GLU E 26 -121.24 21.51 -34.19
CA GLU E 26 -122.53 22.04 -33.76
C GLU E 26 -122.69 23.50 -34.15
N ILE E 27 -121.64 24.31 -33.96
CA ILE E 27 -121.75 25.72 -34.35
C ILE E 27 -121.73 25.87 -35.87
N LYS E 28 -121.06 24.95 -36.59
CA LYS E 28 -121.11 24.98 -38.05
C LYS E 28 -122.50 24.68 -38.57
N ASN E 29 -123.19 23.72 -37.94
CA ASN E 29 -124.55 23.39 -38.36
C ASN E 29 -125.53 24.49 -37.97
N HIS E 30 -125.40 25.05 -36.77
CA HIS E 30 -126.32 26.09 -36.33
C HIS E 30 -126.06 27.41 -37.02
N GLY E 31 -124.78 27.74 -37.26
CA GLY E 31 -124.44 28.96 -37.95
C GLY E 31 -124.36 30.20 -37.09
N LYS E 32 -124.43 30.06 -35.77
CA LYS E 32 -124.36 31.22 -34.89
C LYS E 32 -122.92 31.75 -34.81
N GLU E 33 -122.82 33.04 -34.46
CA GLU E 33 -121.52 33.71 -34.34
C GLU E 33 -121.08 33.65 -32.88
N ILE E 34 -120.49 32.53 -32.50
CA ILE E 34 -120.04 32.28 -31.13
C ILE E 34 -118.54 32.06 -31.17
N GLU E 35 -117.82 32.76 -30.30
CA GLU E 35 -116.37 32.71 -30.29
C GLU E 35 -115.89 31.53 -29.47
N LEU E 36 -115.28 30.55 -30.12
CA LEU E 36 -114.73 29.36 -29.49
C LEU E 36 -113.22 29.55 -29.32
N LEU E 37 -112.77 29.53 -28.07
CA LEU E 37 -111.38 29.87 -27.75
C LEU E 37 -110.73 28.71 -27.00
N PRO E 38 -109.65 28.13 -27.54
CA PRO E 38 -108.89 27.15 -26.77
C PRO E 38 -107.99 27.83 -25.74
N THR E 39 -108.08 27.36 -24.49
CA THR E 39 -107.32 27.92 -23.39
C THR E 39 -106.52 26.81 -22.72
N GLY E 40 -105.68 27.21 -21.75
CA GLY E 40 -104.96 26.25 -20.94
C GLY E 40 -105.78 25.82 -19.73
N CYS E 41 -105.20 24.90 -18.97
CA CYS E 41 -105.85 24.46 -17.74
C CYS E 41 -105.87 25.58 -16.71
N ILE E 42 -106.98 25.68 -15.98
CA ILE E 42 -107.05 26.60 -14.86
C ILE E 42 -106.04 26.18 -13.78
N GLY E 43 -105.94 24.88 -13.53
CA GLY E 43 -105.10 24.35 -12.50
C GLY E 43 -105.75 23.15 -11.86
N MET E 44 -107.08 23.06 -12.00
CA MET E 44 -107.84 21.89 -11.56
C MET E 44 -107.83 20.88 -12.69
N CYS E 45 -106.77 20.07 -12.73
CA CYS E 45 -106.63 19.07 -13.79
C CYS E 45 -107.60 17.91 -13.61
N PHE E 46 -108.13 17.71 -12.41
CA PHE E 46 -109.29 16.84 -12.25
C PHE E 46 -110.50 17.49 -12.90
N TYR E 47 -111.53 16.69 -13.17
CA TYR E 47 -112.82 17.14 -13.69
C TYR E 47 -112.69 17.68 -15.13
N GLU E 48 -111.52 17.46 -15.75
CA GLU E 48 -111.24 17.83 -17.14
C GLU E 48 -112.14 17.03 -18.07
N PRO E 49 -112.39 17.52 -19.31
CA PRO E 49 -111.95 18.76 -19.98
C PRO E 49 -112.79 19.98 -19.62
N ILE E 50 -112.17 21.07 -19.16
CA ILE E 50 -112.95 22.20 -18.64
C ILE E 50 -113.58 22.97 -19.79
N VAL E 51 -114.86 23.29 -19.64
CA VAL E 51 -115.63 24.08 -20.60
C VAL E 51 -116.23 25.26 -19.85
N ASP E 52 -116.05 26.47 -20.39
CA ASP E 52 -116.60 27.68 -19.81
C ASP E 52 -117.56 28.31 -20.80
N VAL E 53 -118.75 28.66 -20.32
CA VAL E 53 -119.82 29.20 -21.15
C VAL E 53 -120.18 30.59 -20.63
N PHE E 54 -120.25 31.56 -21.54
CA PHE E 54 -120.55 32.95 -21.20
C PHE E 54 -121.99 33.24 -21.61
N ASP E 55 -122.82 33.56 -20.64
CA ASP E 55 -124.17 34.08 -20.89
C ASP E 55 -124.21 35.46 -20.25
N GLY E 56 -124.19 36.49 -21.10
CA GLY E 56 -124.13 37.86 -20.63
C GLY E 56 -122.86 38.15 -19.86
N ASP E 57 -123.00 38.53 -18.59
CA ASP E 57 -121.85 38.72 -17.71
C ASP E 57 -121.57 37.50 -16.84
N LYS E 58 -122.30 36.40 -17.03
CA LYS E 58 -122.18 35.23 -16.18
C LYS E 58 -121.37 34.15 -16.87
N VAL E 59 -120.53 33.46 -16.10
CA VAL E 59 -119.67 32.38 -16.60
C VAL E 59 -120.01 31.11 -15.85
N TYR E 60 -120.25 30.03 -16.59
CA TYR E 60 -120.56 28.74 -16.02
C TYR E 60 -119.54 27.70 -16.46
N SER E 61 -119.27 26.76 -15.56
CA SER E 61 -118.33 25.66 -15.81
C SER E 61 -118.97 24.38 -15.28
N TYR E 62 -119.36 23.49 -16.19
CA TYR E 62 -120.04 22.24 -15.87
C TYR E 62 -119.42 21.09 -16.66
N ALA E 63 -118.10 20.97 -16.53
CA ALA E 63 -117.27 20.07 -17.34
C ALA E 63 -117.39 18.61 -16.90
N ASN E 64 -116.40 17.78 -17.29
CA ASN E 64 -116.47 16.33 -17.45
C ASN E 64 -117.36 16.03 -18.65
N VAL E 65 -117.01 16.61 -19.80
CA VAL E 65 -117.86 16.64 -20.98
C VAL E 65 -117.25 15.78 -22.06
N THR E 66 -118.06 14.85 -22.59
CA THR E 66 -117.68 14.04 -23.74
C THR E 66 -118.35 14.61 -24.99
N ALA E 67 -118.25 13.88 -26.11
CA ALA E 67 -118.86 14.32 -27.35
C ALA E 67 -120.38 14.36 -27.24
N ASP E 68 -120.97 13.32 -26.65
CA ASP E 68 -122.41 13.30 -26.42
C ASP E 68 -122.81 14.37 -25.41
N MET E 69 -122.00 14.57 -24.37
CA MET E 69 -122.27 15.62 -23.40
C MET E 69 -122.17 17.00 -24.04
N ALA E 70 -121.19 17.20 -24.93
CA ALA E 70 -121.07 18.48 -25.63
C ALA E 70 -122.25 18.71 -26.55
N THR E 71 -122.73 17.66 -27.22
CA THR E 71 -123.92 17.77 -28.04
C THR E 71 -125.13 18.15 -27.20
N GLU E 72 -125.27 17.54 -26.02
CA GLU E 72 -126.37 17.89 -25.12
C GLU E 72 -126.25 19.32 -24.61
N ILE E 73 -125.01 19.78 -24.39
CA ILE E 73 -124.79 21.17 -23.98
C ILE E 73 -125.24 22.13 -25.06
N PHE E 74 -124.86 21.84 -26.32
CA PHE E 74 -125.26 22.72 -27.42
C PHE E 74 -126.77 22.68 -27.62
N ASN E 75 -127.39 21.52 -27.50
CA ASN E 75 -128.82 21.39 -27.73
C ASN E 75 -129.64 22.04 -26.62
N SER E 76 -129.15 21.97 -25.37
CA SER E 76 -129.94 22.40 -24.23
C SER E 76 -129.57 23.79 -23.73
N HIS E 77 -128.28 24.12 -23.65
CA HIS E 77 -127.85 25.34 -22.97
C HIS E 77 -127.35 26.41 -23.93
N ILE E 78 -126.56 26.02 -24.94
CA ILE E 78 -126.00 27.02 -25.85
C ILE E 78 -127.09 27.63 -26.72
N ILE E 79 -128.07 26.83 -27.14
CA ILE E 79 -129.20 27.32 -27.92
C ILE E 79 -130.42 27.58 -27.06
N GLY E 80 -130.81 26.60 -26.23
CA GLY E 80 -132.02 26.74 -25.44
C GLY E 80 -131.90 27.65 -24.24
N GLY E 81 -130.68 27.92 -23.77
CA GLY E 81 -130.50 28.75 -22.61
C GLY E 81 -130.79 28.07 -21.29
N GLN E 82 -130.88 26.74 -21.26
CA GLN E 82 -131.19 26.00 -20.05
C GLN E 82 -129.94 25.32 -19.51
N PRO E 83 -129.43 25.73 -18.35
CA PRO E 83 -128.30 25.01 -17.75
C PRO E 83 -128.71 23.62 -17.29
N LEU E 84 -127.74 22.71 -17.26
CA LEU E 84 -127.92 21.36 -16.74
C LEU E 84 -127.39 21.34 -15.30
N THR E 85 -128.31 21.41 -14.33
CA THR E 85 -127.91 21.55 -12.93
C THR E 85 -127.24 20.31 -12.38
N GLN E 86 -127.42 19.14 -13.02
CA GLN E 86 -126.80 17.92 -12.53
C GLN E 86 -125.30 17.87 -12.82
N TYR E 87 -124.80 18.75 -13.67
CA TYR E 87 -123.37 18.83 -13.95
C TYR E 87 -122.72 20.12 -13.46
N ILE E 88 -123.51 21.05 -12.93
CA ILE E 88 -123.00 22.35 -12.53
C ILE E 88 -122.23 22.21 -11.22
N VAL E 89 -120.97 22.66 -11.22
CA VAL E 89 -120.16 22.68 -10.01
C VAL E 89 -119.54 24.05 -9.74
N SER E 90 -119.62 24.98 -10.69
CA SER E 90 -119.06 26.31 -10.49
C SER E 90 -119.84 27.31 -11.33
N THR E 91 -120.33 28.37 -10.68
CA THR E 91 -121.03 29.45 -11.38
C THR E 91 -120.33 30.78 -11.11
N THR E 92 -120.90 31.88 -11.59
CA THR E 92 -120.33 33.19 -11.30
C THR E 92 -120.58 33.59 -9.84
N GLU E 93 -121.81 33.39 -9.35
CA GLU E 93 -122.09 33.65 -7.95
C GLU E 93 -121.49 32.58 -7.04
N LYS E 94 -121.23 31.38 -7.56
CA LYS E 94 -120.64 30.30 -6.78
C LYS E 94 -119.40 29.82 -7.53
N PRO E 95 -118.28 30.54 -7.42
CA PRO E 95 -117.06 30.12 -8.09
C PRO E 95 -116.40 28.95 -7.37
N TYR E 96 -115.21 28.55 -7.84
CA TYR E 96 -114.51 27.43 -7.23
C TYR E 96 -114.06 27.80 -5.82
N THR E 97 -114.38 26.92 -4.85
CA THR E 97 -113.90 27.13 -3.50
C THR E 97 -112.39 26.94 -3.40
N ILE E 98 -111.82 26.17 -4.31
CA ILE E 98 -110.38 25.92 -4.30
C ILE E 98 -109.61 27.20 -4.62
N LEU E 99 -110.11 27.99 -5.58
CA LEU E 99 -109.43 29.24 -5.94
C LEU E 99 -109.73 30.37 -4.98
N ALA E 100 -110.62 30.17 -4.02
CA ALA E 100 -110.95 31.23 -3.07
C ALA E 100 -109.75 31.61 -2.21
N LYS E 101 -108.96 30.63 -1.80
CA LYS E 101 -107.75 30.89 -1.02
C LYS E 101 -106.52 31.07 -1.88
N GLN E 102 -106.62 30.93 -3.20
CA GLN E 102 -105.48 31.03 -4.10
C GLN E 102 -105.30 32.47 -4.57
N VAL E 103 -104.12 33.02 -4.36
CA VAL E 103 -103.76 34.33 -4.91
C VAL E 103 -103.09 34.06 -6.25
N ARG E 104 -103.91 33.94 -7.30
CA ARG E 104 -103.41 33.54 -8.61
C ARG E 104 -102.60 34.68 -9.22
N ILE E 105 -101.29 34.45 -9.37
CA ILE E 105 -100.39 35.47 -9.89
C ILE E 105 -99.66 34.90 -11.10
N ALA E 106 -99.12 33.69 -10.95
CA ALA E 106 -98.40 33.05 -12.06
C ALA E 106 -99.36 32.51 -13.11
N LEU E 107 -100.60 32.17 -12.74
CA LEU E 107 -101.58 31.64 -13.66
C LEU E 107 -102.71 32.62 -13.92
N ARG E 108 -102.41 33.92 -13.92
CA ARG E 108 -103.46 34.92 -14.10
C ARG E 108 -104.00 34.98 -15.52
N ASN E 109 -103.39 34.26 -16.46
CA ASN E 109 -103.91 34.14 -17.82
C ASN E 109 -104.30 32.72 -18.18
N CYS E 110 -104.00 31.73 -17.34
CA CYS E 110 -104.29 30.34 -17.69
C CYS E 110 -105.79 30.08 -17.58
N GLY E 111 -106.38 29.60 -18.67
CA GLY E 111 -107.80 29.38 -18.75
C GLY E 111 -108.63 30.60 -19.04
N VAL E 112 -107.99 31.76 -19.22
CA VAL E 112 -108.69 33.03 -19.44
C VAL E 112 -108.41 33.58 -20.84
N ILE E 113 -107.15 33.61 -21.24
CA ILE E 113 -106.77 34.17 -22.53
C ILE E 113 -106.46 33.05 -23.50
N ASP E 114 -106.41 33.40 -24.78
CA ASP E 114 -105.99 32.48 -25.82
C ASP E 114 -104.48 32.54 -25.92
N PRO E 115 -103.76 31.46 -25.62
CA PRO E 115 -102.28 31.51 -25.67
C PRO E 115 -101.73 31.74 -27.06
N GLU E 116 -102.43 31.33 -28.11
CA GLU E 116 -101.98 31.45 -29.48
C GLU E 116 -102.27 32.82 -30.09
N ASN E 117 -102.88 33.71 -29.31
CA ASN E 117 -103.25 35.05 -29.77
C ASN E 117 -102.63 36.08 -28.84
N VAL E 118 -101.87 37.01 -29.41
CA VAL E 118 -101.30 38.10 -28.62
C VAL E 118 -102.37 39.13 -28.23
N ASP E 119 -103.49 39.17 -28.97
CA ASP E 119 -104.53 40.15 -28.70
C ASP E 119 -105.19 39.90 -27.35
N GLU E 120 -105.42 38.63 -27.01
CA GLU E 120 -106.03 38.31 -25.73
C GLU E 120 -105.10 38.65 -24.57
N TYR E 121 -103.80 38.42 -24.74
CA TYR E 121 -102.83 38.82 -23.73
C TYR E 121 -102.81 40.34 -23.56
N LYS E 122 -102.83 41.07 -24.67
CA LYS E 122 -102.82 42.53 -24.60
C LYS E 122 -104.09 43.05 -23.94
N ALA E 123 -105.22 42.39 -24.19
CA ALA E 123 -106.49 42.80 -23.58
C ALA E 123 -106.57 42.42 -22.11
N ASN E 124 -105.70 41.55 -21.63
CA ASN E 124 -105.66 41.15 -20.22
C ASN E 124 -104.53 41.82 -19.47
N ASP E 125 -104.28 43.10 -19.78
CA ASP E 125 -103.22 43.91 -19.15
C ASP E 125 -101.84 43.30 -19.37
N GLY E 126 -101.62 42.69 -20.53
CA GLY E 126 -100.33 42.12 -20.85
C GLY E 126 -99.52 43.01 -21.78
N TYR E 127 -98.19 42.87 -21.69
CA TYR E 127 -97.17 43.64 -22.39
C TYR E 127 -97.15 45.10 -22.00
N LYS E 128 -98.00 45.54 -21.07
CA LYS E 128 -97.99 46.92 -20.62
C LYS E 128 -96.80 47.18 -19.70
N ALA E 129 -96.44 46.19 -18.89
CA ALA E 129 -95.23 46.29 -18.07
C ALA E 129 -93.99 46.37 -18.94
N LEU E 130 -94.00 45.73 -20.11
CA LEU E 130 -92.88 45.85 -21.04
C LEU E 130 -92.71 47.29 -21.50
N SER E 131 -93.81 47.94 -21.90
CA SER E 131 -93.75 49.34 -22.30
C SER E 131 -93.33 50.23 -21.14
N LYS E 132 -93.84 49.95 -19.94
CA LYS E 132 -93.48 50.76 -18.78
C LYS E 132 -91.99 50.66 -18.46
N ALA E 133 -91.44 49.45 -18.51
CA ALA E 133 -90.02 49.27 -18.23
C ALA E 133 -89.16 49.87 -19.34
N LEU E 134 -89.63 49.80 -20.58
CA LEU E 134 -88.83 50.32 -21.69
C LEU E 134 -88.82 51.85 -21.69
N LYS E 135 -89.95 52.48 -21.41
CA LYS E 135 -90.07 53.92 -21.60
C LYS E 135 -89.89 54.74 -20.34
N GLU E 136 -90.26 54.22 -19.16
CA GLU E 136 -90.30 55.03 -17.96
C GLU E 136 -89.28 54.64 -16.90
N MET E 137 -88.56 53.54 -17.07
CA MET E 137 -87.66 53.08 -16.03
C MET E 137 -86.30 52.71 -16.61
N THR E 138 -85.25 52.93 -15.81
CA THR E 138 -83.90 52.54 -16.15
C THR E 138 -83.65 51.10 -15.70
N PRO E 139 -82.64 50.44 -16.30
CA PRO E 139 -82.28 49.08 -15.82
C PRO E 139 -81.87 49.04 -14.36
N GLU E 140 -81.19 50.07 -13.86
CA GLU E 140 -80.87 50.14 -12.44
C GLU E 140 -82.14 50.26 -11.61
N GLU E 141 -83.13 51.02 -12.09
CA GLU E 141 -84.42 51.07 -11.43
C GLU E 141 -85.10 49.71 -11.44
N VAL E 142 -84.94 48.96 -12.54
CA VAL E 142 -85.48 47.60 -12.61
C VAL E 142 -84.86 46.73 -11.53
N ILE E 143 -83.53 46.81 -11.38
CA ILE E 143 -82.82 46.01 -10.38
C ILE E 143 -83.26 46.41 -8.97
N GLU E 144 -83.40 47.71 -8.72
CA GLU E 144 -83.77 48.14 -7.37
C GLU E 144 -85.21 47.78 -7.05
N GLU E 145 -86.11 47.84 -8.04
CA GLU E 145 -87.47 47.39 -7.84
C GLU E 145 -87.53 45.89 -7.58
N ILE E 146 -86.67 45.12 -8.26
CA ILE E 146 -86.56 43.70 -7.96
C ILE E 146 -86.07 43.49 -6.54
N LYS E 147 -85.12 44.32 -6.09
CA LYS E 147 -84.56 44.18 -4.76
C LYS E 147 -85.59 44.47 -3.67
N VAL E 148 -86.37 45.55 -3.82
CA VAL E 148 -87.41 45.83 -2.83
C VAL E 148 -88.52 44.77 -2.93
N ALA E 149 -88.71 44.20 -4.13
CA ALA E 149 -89.64 43.09 -4.29
C ALA E 149 -89.17 41.82 -3.58
N GLY E 150 -87.91 41.76 -3.16
CA GLY E 150 -87.43 40.64 -2.36
C GLY E 150 -87.08 39.39 -3.13
N LEU E 151 -86.85 39.49 -4.44
CA LEU E 151 -86.54 38.32 -5.24
C LEU E 151 -85.07 37.92 -5.07
N ARG E 152 -84.83 36.63 -4.90
CA ARG E 152 -83.49 36.08 -4.80
C ARG E 152 -83.22 34.96 -5.80
N GLY E 153 -84.19 34.08 -6.03
CA GLY E 153 -84.00 33.00 -6.98
C GLY E 153 -85.11 31.97 -6.92
N ARG E 154 -85.42 31.35 -8.06
CA ARG E 154 -86.46 30.34 -8.13
C ARG E 154 -85.91 29.08 -8.80
N GLY E 155 -86.55 27.95 -8.50
CA GLY E 155 -86.04 26.68 -8.97
C GLY E 155 -84.88 26.20 -8.13
N GLY E 156 -85.12 26.03 -6.84
CA GLY E 156 -84.05 25.66 -5.93
C GLY E 156 -83.12 26.83 -5.70
N ALA E 157 -81.81 26.55 -5.77
CA ALA E 157 -80.75 27.55 -5.57
C ALA E 157 -80.92 28.29 -4.25
N GLY E 158 -80.99 29.62 -4.32
CA GLY E 158 -81.20 30.40 -3.12
C GLY E 158 -80.32 31.63 -3.01
N PHE E 159 -79.24 31.69 -3.79
CA PHE E 159 -78.36 32.84 -3.74
C PHE E 159 -79.07 34.07 -4.33
N PRO E 160 -78.88 35.25 -3.75
CA PRO E 160 -79.65 36.42 -4.17
C PRO E 160 -79.32 36.86 -5.59
N THR E 161 -80.34 37.45 -6.24
CA THR E 161 -80.18 37.88 -7.62
C THR E 161 -79.14 38.98 -7.76
N TRP E 162 -79.15 39.96 -6.84
CA TRP E 162 -78.26 41.11 -6.96
C TRP E 162 -76.79 40.73 -6.93
N PHE E 163 -76.45 39.56 -6.40
CA PHE E 163 -75.09 39.04 -6.46
C PHE E 163 -74.85 38.14 -7.67
N LYS E 164 -75.88 37.85 -8.45
CA LYS E 164 -75.73 37.05 -9.66
C LYS E 164 -76.35 37.69 -10.90
N TRP E 165 -77.52 38.32 -10.75
CA TRP E 165 -78.21 38.96 -11.87
C TRP E 165 -77.59 40.34 -12.16
N ASN E 166 -77.51 41.17 -11.13
CA ASN E 166 -76.77 42.42 -11.24
C ASN E 166 -75.29 42.15 -11.48
N ALA E 167 -74.76 41.05 -10.96
CA ALA E 167 -73.38 40.69 -11.27
C ALA E 167 -73.22 40.30 -12.74
N ALA E 168 -74.23 39.64 -13.31
CA ALA E 168 -74.19 39.32 -14.73
C ALA E 168 -74.30 40.58 -15.59
N ARG E 169 -75.12 41.55 -15.16
CA ARG E 169 -75.19 42.81 -15.87
C ARG E 169 -73.85 43.57 -15.78
N GLN E 170 -73.26 43.59 -14.58
CA GLN E 170 -71.98 44.26 -14.36
C GLN E 170 -70.80 43.50 -14.94
N SER E 171 -71.02 42.27 -15.40
CA SER E 171 -69.94 41.47 -15.95
C SER E 171 -69.40 42.07 -17.24
N LYS E 172 -68.09 42.09 -17.37
CA LYS E 172 -67.45 42.68 -18.55
C LYS E 172 -67.70 41.81 -19.76
N GLY E 173 -68.05 42.45 -20.88
CA GLY E 173 -68.28 41.73 -22.11
C GLY E 173 -69.27 42.42 -23.02
N GLU E 174 -68.95 42.48 -24.31
CA GLU E 174 -69.84 43.07 -25.29
C GLU E 174 -71.06 42.19 -25.56
N ILE E 175 -70.95 40.89 -25.31
CA ILE E 175 -72.03 39.94 -25.57
C ILE E 175 -72.40 39.28 -24.25
N LYS E 176 -73.68 39.35 -23.90
CA LYS E 176 -74.21 38.68 -22.72
C LYS E 176 -75.36 37.79 -23.15
N TYR E 177 -75.59 36.73 -22.39
CA TYR E 177 -76.58 35.73 -22.75
C TYR E 177 -77.59 35.56 -21.63
N VAL E 178 -78.83 35.29 -22.02
CA VAL E 178 -79.90 34.93 -21.10
C VAL E 178 -80.34 33.52 -21.44
N VAL E 179 -80.37 32.65 -20.43
CA VAL E 179 -80.89 31.30 -20.57
C VAL E 179 -82.04 31.13 -19.59
N CYS E 180 -83.18 30.67 -20.09
CA CYS E 180 -84.30 30.29 -19.25
C CYS E 180 -84.31 28.78 -19.16
N ASN E 181 -84.03 28.25 -17.98
CA ASN E 181 -83.97 26.81 -17.80
C ASN E 181 -85.38 26.23 -17.79
N ALA E 182 -85.89 26.06 -19.00
CA ALA E 182 -87.29 25.63 -19.12
C ALA E 182 -87.37 24.11 -19.24
N ASP E 183 -86.37 23.40 -18.71
CA ASP E 183 -86.51 21.92 -18.67
C ASP E 183 -87.00 21.59 -17.26
N GLU E 184 -88.06 20.79 -17.18
CA GLU E 184 -88.61 20.43 -15.86
C GLU E 184 -88.36 18.94 -15.63
N GLY E 185 -87.11 18.56 -15.36
CA GLY E 185 -86.84 17.14 -15.23
C GLY E 185 -87.45 16.47 -14.02
N ASP E 186 -88.13 17.23 -13.18
CA ASP E 186 -88.75 16.68 -11.99
C ASP E 186 -89.96 15.84 -12.40
N PRO E 187 -90.04 14.57 -11.99
CA PRO E 187 -91.28 13.82 -12.18
C PRO E 187 -92.36 14.36 -11.25
N GLY E 188 -93.54 14.61 -11.81
CA GLY E 188 -94.66 15.09 -11.05
C GLY E 188 -94.77 16.60 -10.96
N ALA E 189 -93.71 17.33 -11.27
CA ALA E 189 -93.73 18.79 -11.29
C ALA E 189 -93.82 19.22 -12.75
N PHE E 190 -94.89 19.93 -13.09
CA PHE E 190 -95.18 20.32 -14.47
C PHE E 190 -95.63 21.77 -14.52
N MET E 191 -95.05 22.63 -13.70
CA MET E 191 -95.40 24.04 -13.74
C MET E 191 -94.89 24.72 -15.00
N ASP E 192 -93.72 24.32 -15.51
CA ASP E 192 -93.18 24.97 -16.69
C ASP E 192 -93.95 24.62 -17.94
N ARG E 193 -94.32 23.34 -18.09
CA ARG E 193 -95.14 22.94 -19.23
C ARG E 193 -96.50 23.62 -19.19
N SER E 194 -97.09 23.73 -18.01
CA SER E 194 -98.38 24.39 -17.88
C SER E 194 -98.29 25.87 -18.23
N VAL E 195 -97.22 26.55 -17.77
CA VAL E 195 -97.05 27.95 -18.11
C VAL E 195 -96.80 28.12 -19.60
N LEU E 196 -95.98 27.26 -20.20
CA LEU E 196 -95.67 27.36 -21.61
C LEU E 196 -96.90 27.14 -22.49
N GLU E 197 -97.72 26.14 -22.13
CA GLU E 197 -98.92 25.84 -22.92
C GLU E 197 -100.10 26.73 -22.56
N GLY E 198 -100.02 27.48 -21.46
CA GLY E 198 -101.13 28.32 -21.04
C GLY E 198 -100.90 29.80 -21.24
N ASP E 199 -99.66 30.25 -21.08
CA ASP E 199 -99.33 31.66 -21.22
C ASP E 199 -97.84 31.82 -21.53
N PRO E 200 -97.44 31.56 -22.78
CA PRO E 200 -96.03 31.79 -23.15
C PRO E 200 -95.72 33.25 -23.40
N HIS E 201 -96.73 34.09 -23.60
CA HIS E 201 -96.47 35.51 -23.85
C HIS E 201 -95.93 36.20 -22.62
N ALA E 202 -96.39 35.80 -21.43
CA ALA E 202 -95.83 36.35 -20.20
C ALA E 202 -94.35 35.99 -20.06
N LEU E 203 -93.99 34.75 -20.42
CA LEU E 203 -92.58 34.36 -20.36
C LEU E 203 -91.74 35.11 -21.39
N LEU E 204 -92.27 35.30 -22.60
CA LEU E 204 -91.52 36.05 -23.60
C LEU E 204 -91.34 37.52 -23.18
N GLU E 205 -92.40 38.13 -22.64
CA GLU E 205 -92.29 39.47 -22.09
C GLU E 205 -91.24 39.51 -20.98
N GLY E 206 -91.27 38.52 -20.09
CA GLY E 206 -90.34 38.50 -18.98
C GLY E 206 -88.90 38.37 -19.43
N MET E 207 -88.65 37.49 -20.41
CA MET E 207 -87.30 37.30 -20.90
C MET E 207 -86.81 38.55 -21.62
N ALA E 208 -87.71 39.23 -22.36
CA ALA E 208 -87.35 40.50 -22.98
C ALA E 208 -86.99 41.54 -21.92
N ILE E 209 -87.75 41.58 -20.82
CA ILE E 209 -87.49 42.58 -19.78
C ILE E 209 -86.16 42.33 -19.08
N CYS E 210 -85.85 41.09 -18.75
CA CYS E 210 -84.56 40.86 -18.08
C CYS E 210 -83.41 41.03 -19.06
N GLY E 211 -83.63 40.73 -20.35
CA GLY E 211 -82.61 41.02 -21.34
C GLY E 211 -82.34 42.50 -21.48
N TYR E 212 -83.39 43.32 -21.44
CA TYR E 212 -83.21 44.77 -21.47
C TYR E 212 -82.50 45.26 -20.21
N ALA E 213 -82.84 44.68 -19.06
CA ALA E 213 -82.25 45.16 -17.82
C ALA E 213 -80.79 44.78 -17.70
N ILE E 214 -80.44 43.52 -17.97
CA ILE E 214 -79.05 43.08 -17.82
C ILE E 214 -78.18 43.44 -19.01
N GLY E 215 -78.75 44.05 -20.05
CA GLY E 215 -77.94 44.45 -21.19
C GLY E 215 -77.56 43.32 -22.11
N ALA E 216 -78.39 42.30 -22.23
CA ALA E 216 -78.16 41.19 -23.14
C ALA E 216 -79.14 41.28 -24.31
N ASN E 217 -78.62 41.16 -25.52
CA ASN E 217 -79.41 41.30 -26.74
C ASN E 217 -79.92 39.98 -27.29
N GLU E 218 -79.30 38.86 -26.92
CA GLU E 218 -79.66 37.56 -27.44
C GLU E 218 -79.86 36.57 -26.30
N GLY E 219 -80.92 35.76 -26.39
CA GLY E 219 -81.22 34.81 -25.35
C GLY E 219 -81.67 33.49 -25.94
N HIS E 220 -81.62 32.45 -25.10
CA HIS E 220 -81.99 31.10 -25.50
C HIS E 220 -82.97 30.49 -24.51
N ILE E 221 -83.83 29.62 -25.03
CA ILE E 221 -84.75 28.82 -24.23
C ILE E 221 -84.29 27.38 -24.31
N TYR E 222 -83.94 26.80 -23.16
CA TYR E 222 -83.58 25.38 -23.12
C TYR E 222 -84.85 24.60 -22.78
N CYS E 223 -85.51 24.09 -23.81
CA CYS E 223 -86.79 23.41 -23.65
C CYS E 223 -86.69 21.99 -24.19
N ARG E 224 -87.31 21.06 -23.46
CA ARG E 224 -87.21 19.64 -23.87
C ARG E 224 -88.05 19.41 -25.13
N ALA E 225 -87.70 18.40 -25.91
CA ALA E 225 -88.39 18.06 -27.14
C ALA E 225 -89.60 17.16 -26.90
N GLU E 226 -89.84 16.75 -25.67
CA GLU E 226 -91.08 15.99 -25.39
C GLU E 226 -92.10 17.05 -24.97
N TYR E 227 -91.80 18.32 -25.26
CA TYR E 227 -92.72 19.44 -24.94
C TYR E 227 -93.21 20.08 -26.24
N PRO E 228 -93.75 19.34 -27.24
CA PRO E 228 -94.10 19.94 -28.52
C PRO E 228 -95.22 20.98 -28.35
N LEU E 229 -96.43 20.57 -27.96
CA LEU E 229 -97.47 21.59 -27.90
C LEU E 229 -96.91 22.91 -27.36
N ALA E 230 -96.06 22.81 -26.33
CA ALA E 230 -95.43 24.01 -25.77
C ALA E 230 -94.51 24.67 -26.79
N ILE E 231 -93.75 23.87 -27.54
CA ILE E 231 -92.85 24.44 -28.55
C ILE E 231 -93.64 25.13 -29.65
N LYS E 232 -94.74 24.50 -30.10
CA LYS E 232 -95.58 25.10 -31.13
C LYS E 232 -96.21 26.39 -30.64
N ARG E 233 -96.71 26.42 -29.41
CA ARG E 233 -97.32 27.64 -28.90
C ARG E 233 -96.27 28.73 -28.70
N LEU E 234 -95.07 28.36 -28.27
CA LEU E 234 -94.01 29.34 -28.08
C LEU E 234 -93.55 29.91 -29.41
N GLU E 235 -93.45 29.08 -30.46
CA GLU E 235 -93.05 29.60 -31.75
C GLU E 235 -94.14 30.45 -32.38
N ILE E 236 -95.41 30.12 -32.13
CA ILE E 236 -96.50 30.98 -32.61
C ILE E 236 -96.45 32.33 -31.91
N ALA E 237 -96.23 32.34 -30.60
CA ALA E 237 -96.09 33.60 -29.86
C ALA E 237 -94.89 34.39 -30.35
N ILE E 238 -93.79 33.70 -30.66
CA ILE E 238 -92.59 34.37 -31.15
C ILE E 238 -92.85 35.01 -32.51
N ALA E 239 -93.57 34.30 -33.39
CA ALA E 239 -93.93 34.86 -34.69
C ALA E 239 -94.84 36.07 -34.54
N ASP E 240 -95.81 36.00 -33.63
CA ASP E 240 -96.71 37.12 -33.40
C ASP E 240 -95.96 38.33 -32.85
N ALA E 241 -95.05 38.11 -31.92
CA ALA E 241 -94.28 39.21 -31.34
C ALA E 241 -93.34 39.83 -32.36
N LYS E 242 -92.78 39.00 -33.26
CA LYS E 242 -91.99 39.54 -34.36
C LYS E 242 -92.85 40.36 -35.30
N GLN E 243 -94.08 39.93 -35.54
CA GLN E 243 -94.94 40.62 -36.50
C GLN E 243 -95.46 41.95 -35.95
N ARG E 244 -95.79 41.99 -34.66
CA ARG E 244 -96.35 43.19 -34.04
C ARG E 244 -95.28 44.11 -33.44
N ASN E 245 -94.03 43.96 -33.86
CA ASN E 245 -92.90 44.77 -33.38
C ASN E 245 -92.73 44.68 -31.87
N LEU E 246 -93.12 43.56 -31.28
CA LEU E 246 -92.89 43.30 -29.88
C LEU E 246 -91.55 42.61 -29.63
N LEU E 247 -90.88 42.15 -30.69
CA LEU E 247 -89.65 41.39 -30.56
C LEU E 247 -88.85 41.57 -31.84
N GLY E 248 -87.53 41.47 -31.70
CA GLY E 248 -86.65 41.63 -32.85
C GLY E 248 -85.76 42.85 -32.73
N LYS E 249 -86.00 43.86 -33.56
CA LYS E 249 -85.22 45.08 -33.58
C LYS E 249 -86.16 46.28 -33.37
N ASN E 250 -85.77 47.17 -32.45
CA ASN E 250 -86.46 48.44 -32.19
C ASN E 250 -87.92 48.20 -31.80
N ILE E 251 -88.08 47.57 -30.64
CA ILE E 251 -89.41 47.34 -30.08
C ILE E 251 -89.94 48.64 -29.51
N MET E 252 -91.10 49.08 -30.01
CA MET E 252 -91.78 50.31 -29.57
C MET E 252 -90.83 51.52 -29.73
N GLY E 253 -90.10 51.53 -30.84
CA GLY E 253 -89.17 52.61 -31.13
C GLY E 253 -87.93 52.66 -30.25
N THR E 254 -87.88 51.93 -29.14
CA THR E 254 -86.74 51.96 -28.26
C THR E 254 -85.54 51.28 -28.93
N ASN E 255 -84.35 51.79 -28.66
CA ASN E 255 -83.13 51.33 -29.31
C ASN E 255 -82.77 49.89 -28.99
N PHE E 256 -83.35 49.30 -27.95
CA PHE E 256 -82.95 47.98 -27.49
C PHE E 256 -83.57 46.91 -28.39
N SER E 257 -82.73 46.01 -28.89
CA SER E 257 -83.16 44.91 -29.73
C SER E 257 -82.99 43.60 -28.99
N PHE E 258 -83.95 42.70 -29.14
CA PHE E 258 -83.93 41.40 -28.46
C PHE E 258 -84.45 40.37 -29.44
N ASP E 259 -83.66 39.34 -29.71
CA ASP E 259 -84.06 38.28 -30.61
C ASP E 259 -84.09 36.95 -29.87
N MET E 260 -84.95 36.06 -30.36
CA MET E 260 -85.23 34.81 -29.69
C MET E 260 -84.77 33.63 -30.52
N LYS E 261 -84.23 32.61 -29.85
CA LYS E 261 -83.92 31.34 -30.46
C LYS E 261 -84.39 30.22 -29.53
N ILE E 262 -84.89 29.16 -30.14
CA ILE E 262 -85.43 28.01 -29.41
C ILE E 262 -84.47 26.85 -29.59
N LYS E 263 -83.92 26.37 -28.48
CA LYS E 263 -83.02 25.22 -28.48
C LYS E 263 -83.73 24.04 -27.83
N LYS E 264 -83.86 22.94 -28.56
CA LYS E 264 -84.55 21.76 -28.07
C LYS E 264 -83.52 20.84 -27.43
N GLY E 265 -83.66 20.63 -26.12
CA GLY E 265 -82.79 19.70 -25.43
C GLY E 265 -83.17 18.26 -25.70
N ALA E 266 -82.25 17.36 -25.37
CA ALA E 266 -82.46 15.94 -25.58
C ALA E 266 -83.13 15.26 -24.40
N GLY E 267 -83.35 15.96 -23.30
CA GLY E 267 -84.14 15.41 -22.21
C GLY E 267 -83.40 14.57 -21.20
N ALA E 268 -82.41 15.15 -20.52
CA ALA E 268 -81.74 14.51 -19.40
C ALA E 268 -81.94 15.36 -18.15
N PHE E 269 -82.17 14.70 -17.01
CA PHE E 269 -82.41 15.41 -15.78
C PHE E 269 -81.18 16.18 -15.31
N VAL E 270 -79.98 15.63 -15.53
CA VAL E 270 -78.76 16.33 -15.13
C VAL E 270 -78.48 17.54 -16.02
N CYS E 271 -79.18 17.69 -17.14
CA CYS E 271 -78.94 18.82 -18.03
C CYS E 271 -79.64 20.07 -17.52
N GLY E 272 -79.45 20.37 -16.25
CA GLY E 272 -79.75 21.66 -15.66
C GLY E 272 -78.44 22.14 -15.07
N GLU E 273 -78.42 22.45 -13.79
CA GLU E 273 -77.21 22.67 -13.00
C GLU E 273 -76.35 23.84 -13.49
N GLU E 274 -76.78 24.54 -14.55
CA GLU E 274 -76.18 25.76 -15.08
C GLU E 274 -74.76 25.57 -15.61
N THR E 275 -74.17 24.39 -15.44
CA THR E 275 -72.90 24.04 -16.07
C THR E 275 -73.04 22.87 -17.01
N ALA E 276 -73.87 21.89 -16.66
CA ALA E 276 -74.25 20.86 -17.62
C ALA E 276 -75.16 21.41 -18.69
N LEU E 277 -76.02 22.37 -18.34
CA LEU E 277 -76.90 22.98 -19.34
C LEU E 277 -76.10 23.80 -20.33
N ILE E 278 -75.03 24.45 -19.87
CA ILE E 278 -74.14 25.18 -20.77
C ILE E 278 -73.47 24.23 -21.75
N ALA E 279 -73.00 23.08 -21.25
CA ALA E 279 -72.37 22.09 -22.12
C ALA E 279 -73.37 21.51 -23.12
N SER E 280 -74.62 21.33 -22.68
CA SER E 280 -75.66 20.87 -23.61
C SER E 280 -75.93 21.91 -24.69
N LEU E 281 -75.96 23.20 -24.29
CA LEU E 281 -76.13 24.27 -25.25
C LEU E 281 -74.93 24.39 -26.18
N GLU E 282 -73.75 23.96 -25.71
CA GLU E 282 -72.51 24.01 -26.46
C GLU E 282 -72.32 22.82 -27.38
N GLY E 283 -73.26 21.86 -27.36
CA GLY E 283 -73.18 20.71 -28.24
C GLY E 283 -72.30 19.57 -27.75
N GLU E 284 -72.19 19.39 -26.44
CA GLU E 284 -71.38 18.33 -25.86
C GLU E 284 -72.24 17.46 -24.94
N ARG E 285 -71.59 16.53 -24.25
CA ARG E 285 -72.25 15.74 -23.23
C ARG E 285 -72.55 16.62 -22.02
N GLY E 286 -73.79 16.62 -21.57
CA GLY E 286 -74.09 17.39 -20.38
C GLY E 286 -73.47 16.74 -19.16
N MET E 287 -72.35 17.31 -18.70
CA MET E 287 -71.64 16.84 -17.54
C MET E 287 -71.29 18.10 -16.76
N PRO E 288 -71.65 18.17 -15.49
CA PRO E 288 -71.32 19.35 -14.69
C PRO E 288 -69.82 19.56 -14.59
N ARG E 289 -69.42 20.82 -14.66
CA ARG E 289 -68.03 21.23 -14.63
C ARG E 289 -67.69 21.72 -13.23
N LEU E 290 -66.49 22.28 -13.10
CA LEU E 290 -66.01 22.71 -11.79
C LEU E 290 -66.40 24.16 -11.52
N LYS E 291 -67.01 24.38 -10.34
CA LYS E 291 -67.36 25.71 -9.87
C LYS E 291 -66.60 25.99 -8.59
N PRO E 292 -65.79 27.05 -8.50
CA PRO E 292 -65.49 28.10 -9.50
C PRO E 292 -64.62 27.59 -10.64
N PRO E 293 -64.61 28.22 -11.82
CA PRO E 293 -65.29 29.47 -12.21
C PRO E 293 -66.80 29.34 -12.41
N PHE E 294 -67.51 30.38 -12.06
CA PHE E 294 -68.97 30.49 -12.17
C PHE E 294 -69.35 30.99 -13.55
N PRO E 295 -70.57 30.69 -14.00
CA PRO E 295 -71.01 31.18 -15.32
C PRO E 295 -71.09 32.70 -15.42
N ALA E 296 -71.11 33.41 -14.29
CA ALA E 296 -71.07 34.87 -14.32
C ALA E 296 -69.73 35.39 -14.84
N GLN E 297 -68.66 34.59 -14.78
CA GLN E 297 -67.39 34.97 -15.35
C GLN E 297 -67.03 34.22 -16.62
N SER E 298 -67.55 33.01 -16.81
CA SER E 298 -67.28 32.25 -18.03
C SER E 298 -68.43 31.26 -18.23
N GLY E 299 -69.36 31.62 -19.13
CA GLY E 299 -70.49 30.76 -19.41
C GLY E 299 -70.52 30.26 -20.85
N PHE E 300 -71.49 30.76 -21.62
CA PHE E 300 -71.68 30.33 -23.00
C PHE E 300 -70.46 30.70 -23.83
N TRP E 301 -69.68 29.68 -24.21
CA TRP E 301 -68.48 29.81 -25.02
C TRP E 301 -67.42 30.69 -24.38
N GLY E 302 -67.43 30.82 -23.05
CA GLY E 302 -66.52 31.70 -22.36
C GLY E 302 -67.02 33.11 -22.14
N LYS E 303 -68.30 33.38 -22.38
CA LYS E 303 -68.92 34.68 -22.21
C LYS E 303 -69.87 34.66 -21.01
N PRO E 304 -69.99 35.78 -20.29
CA PRO E 304 -70.86 35.81 -19.10
C PRO E 304 -72.32 35.49 -19.44
N THR E 305 -72.97 34.79 -18.52
CA THR E 305 -74.30 34.24 -18.76
C THR E 305 -75.13 34.32 -17.49
N ASN E 306 -76.41 34.66 -17.64
CA ASN E 306 -77.37 34.61 -16.55
C ASN E 306 -78.40 33.53 -16.84
N ILE E 307 -78.61 32.64 -15.87
CA ILE E 307 -79.55 31.52 -16.00
C ILE E 307 -80.57 31.63 -14.89
N ASN E 308 -81.85 31.56 -15.26
CA ASN E 308 -82.93 31.63 -14.29
C ASN E 308 -84.06 30.73 -14.74
N ASN E 309 -84.97 30.46 -13.81
CA ASN E 309 -86.14 29.65 -14.09
C ASN E 309 -87.17 30.47 -14.88
N VAL E 310 -88.20 29.78 -15.37
CA VAL E 310 -89.35 30.47 -15.96
C VAL E 310 -90.08 31.26 -14.88
N GLU E 311 -90.09 30.75 -13.65
CA GLU E 311 -90.81 31.41 -12.56
C GLU E 311 -90.27 32.81 -12.28
N THR E 312 -88.95 32.95 -12.24
CA THR E 312 -88.32 34.24 -11.97
C THR E 312 -88.65 35.25 -13.06
N PHE E 313 -88.48 34.84 -14.32
CA PHE E 313 -88.73 35.75 -15.44
C PHE E 313 -90.22 36.05 -15.58
N ALA E 314 -91.07 35.17 -15.09
CA ALA E 314 -92.50 35.47 -15.07
C ALA E 314 -92.81 36.50 -14.00
N ASN E 315 -92.14 36.38 -12.84
CA ASN E 315 -92.43 37.25 -11.71
C ASN E 315 -91.90 38.66 -11.95
N VAL E 316 -90.83 38.80 -12.72
CA VAL E 316 -90.17 40.11 -12.86
C VAL E 316 -91.09 41.18 -13.47
N PRO E 317 -91.76 40.98 -14.65
CA PRO E 317 -92.64 42.04 -15.17
C PRO E 317 -93.82 42.38 -14.29
N TRP E 318 -94.39 41.37 -13.62
CA TRP E 318 -95.56 41.63 -12.79
C TRP E 318 -95.17 42.43 -11.56
N ILE E 319 -93.90 42.30 -11.14
CA ILE E 319 -93.33 43.22 -10.18
C ILE E 319 -93.13 44.60 -10.82
N MET E 320 -92.70 44.61 -12.08
CA MET E 320 -92.35 45.84 -12.78
C MET E 320 -93.54 46.78 -12.94
N TYR E 321 -94.69 46.20 -13.29
CA TYR E 321 -95.92 46.94 -13.56
C TYR E 321 -96.44 47.64 -12.31
N ASN E 322 -96.75 46.87 -11.28
CA ASN E 322 -97.34 47.40 -10.06
C ASN E 322 -96.30 48.03 -9.16
N GLY E 323 -95.26 47.28 -8.83
CA GLY E 323 -94.23 47.77 -7.94
C GLY E 323 -93.94 46.78 -6.82
N GLY E 324 -92.65 46.56 -6.55
CA GLY E 324 -92.25 45.55 -5.58
C GLY E 324 -92.67 45.85 -4.15
N SER E 325 -93.04 47.10 -3.86
CA SER E 325 -93.50 47.45 -2.53
C SER E 325 -94.83 46.80 -2.20
N ALA E 326 -95.64 46.47 -3.22
CA ALA E 326 -96.92 45.82 -2.98
C ALA E 326 -96.72 44.37 -2.55
N TYR E 327 -95.73 43.69 -3.11
CA TYR E 327 -95.50 42.27 -2.85
C TYR E 327 -94.75 42.01 -1.55
N ALA E 328 -94.30 43.05 -0.86
CA ALA E 328 -93.66 42.87 0.44
C ALA E 328 -94.65 42.51 1.53
N ALA E 329 -95.95 42.68 1.27
CA ALA E 329 -96.97 42.34 2.25
C ALA E 329 -97.33 40.87 2.26
N TYR E 330 -97.31 40.21 1.10
CA TYR E 330 -97.64 38.79 1.02
C TYR E 330 -96.53 37.95 1.65
N GLY E 331 -96.94 37.00 2.48
CA GLY E 331 -96.06 35.98 2.98
C GLY E 331 -95.11 36.42 4.07
N THR E 332 -94.08 35.59 4.26
CA THR E 332 -93.14 35.76 5.36
C THR E 332 -92.19 36.92 5.09
N GLU E 333 -91.18 37.08 5.95
CA GLU E 333 -90.27 38.20 5.84
C GLU E 333 -89.06 37.85 4.98
N LYS E 334 -88.45 36.69 5.24
CA LYS E 334 -87.17 36.35 4.62
C LYS E 334 -87.28 36.10 3.11
N SER E 335 -88.42 35.60 2.64
CA SER E 335 -88.61 35.35 1.23
C SER E 335 -89.92 35.96 0.77
N LYS E 336 -89.92 36.59 -0.39
CA LYS E 336 -91.08 37.27 -0.93
C LYS E 336 -91.47 36.68 -2.28
N GLY E 337 -92.69 36.98 -2.71
CA GLY E 337 -93.19 36.53 -3.98
C GLY E 337 -94.40 35.63 -3.83
N THR E 338 -94.45 34.60 -4.68
CA THR E 338 -95.49 33.57 -4.62
C THR E 338 -94.90 32.25 -5.09
N LYS E 339 -95.53 31.16 -4.66
CA LYS E 339 -95.05 29.81 -4.96
C LYS E 339 -96.08 29.08 -5.81
N VAL E 340 -95.57 28.24 -6.69
CA VAL E 340 -96.36 27.46 -7.64
C VAL E 340 -96.13 25.99 -7.31
N PHE E 341 -97.20 25.26 -7.05
CA PHE E 341 -97.08 23.87 -6.62
C PHE E 341 -97.97 22.99 -7.48
N ALA E 342 -97.59 21.72 -7.62
CA ALA E 342 -98.42 20.73 -8.30
C ALA E 342 -98.77 19.65 -7.29
N LEU E 343 -100.03 19.61 -6.88
CA LEU E 343 -100.51 18.63 -5.92
C LEU E 343 -100.88 17.35 -6.64
N ALA E 344 -100.37 16.22 -6.14
CA ALA E 344 -100.67 14.92 -6.73
C ALA E 344 -100.53 13.85 -5.66
N GLY E 345 -100.86 12.61 -6.04
CA GLY E 345 -100.82 11.50 -5.11
C GLY E 345 -102.20 11.11 -4.63
N LYS E 346 -102.28 10.59 -3.40
CA LYS E 346 -103.55 10.19 -2.82
C LYS E 346 -104.29 11.42 -2.29
N ILE E 347 -104.79 12.21 -3.24
CA ILE E 347 -105.48 13.46 -2.97
C ILE E 347 -106.77 13.49 -3.77
N LYS E 348 -107.71 14.32 -3.33
CA LYS E 348 -109.00 14.43 -4.01
C LYS E 348 -108.97 15.51 -5.10
N ASN E 349 -108.72 16.75 -4.72
CA ASN E 349 -108.69 17.88 -5.66
C ASN E 349 -107.24 18.17 -6.00
N GLY E 350 -106.67 17.34 -6.89
CA GLY E 350 -105.30 17.51 -7.29
C GLY E 350 -105.16 18.38 -8.53
N GLY E 351 -103.93 18.83 -8.77
CA GLY E 351 -103.67 19.70 -9.88
C GLY E 351 -102.77 20.84 -9.45
N LEU E 352 -102.78 21.92 -10.21
CA LEU E 352 -101.83 23.00 -10.04
C LEU E 352 -102.43 24.04 -9.10
N VAL E 353 -101.67 24.45 -8.08
CA VAL E 353 -102.13 25.39 -7.07
C VAL E 353 -101.14 26.55 -6.99
N GLU E 354 -101.67 27.77 -7.02
CA GLU E 354 -100.91 28.98 -6.80
C GLU E 354 -101.12 29.45 -5.36
N VAL E 355 -100.04 29.69 -4.64
CA VAL E 355 -100.16 30.02 -3.21
C VAL E 355 -99.16 31.10 -2.86
N PRO E 356 -99.44 31.85 -1.80
CA PRO E 356 -98.37 32.60 -1.13
C PRO E 356 -97.69 31.74 -0.07
N MET E 357 -96.53 32.20 0.38
CA MET E 357 -95.76 31.52 1.41
C MET E 357 -96.30 31.86 2.79
N GLY E 358 -95.88 31.06 3.77
CA GLY E 358 -96.37 31.16 5.12
C GLY E 358 -97.63 30.38 5.37
N MET E 359 -98.31 29.92 4.33
CA MET E 359 -99.55 29.18 4.48
C MET E 359 -99.24 27.75 4.93
N SER E 360 -99.95 27.29 5.94
CA SER E 360 -99.66 26.01 6.55
C SER E 360 -99.94 24.85 5.59
N LEU E 361 -99.16 23.78 5.75
CA LEU E 361 -99.30 22.63 4.87
C LEU E 361 -100.64 21.92 5.04
N ARG E 362 -101.19 21.93 6.25
CA ARG E 362 -102.50 21.33 6.48
C ARG E 362 -103.59 22.10 5.73
N GLU E 363 -103.41 23.41 5.56
CA GLU E 363 -104.31 24.18 4.71
C GLU E 363 -104.24 23.71 3.26
N VAL E 364 -103.01 23.47 2.77
CA VAL E 364 -102.82 23.09 1.37
C VAL E 364 -103.39 21.71 1.10
N ILE E 365 -103.11 20.76 2.00
CA ILE E 365 -103.54 19.38 1.77
C ILE E 365 -105.04 19.21 1.99
N TYR E 366 -105.58 19.79 3.06
CA TYR E 366 -106.96 19.55 3.43
C TYR E 366 -107.91 20.59 2.83
N ASP E 367 -107.65 21.88 3.09
CA ASP E 367 -108.59 22.92 2.67
C ASP E 367 -108.58 23.10 1.16
N ILE E 368 -107.41 23.07 0.54
CA ILE E 368 -107.31 23.26 -0.90
C ILE E 368 -107.50 21.96 -1.66
N GLY E 369 -106.80 20.90 -1.23
CA GLY E 369 -106.88 19.63 -1.92
C GLY E 369 -108.09 18.79 -1.60
N GLY E 370 -108.95 19.25 -0.68
CA GLY E 370 -110.11 18.49 -0.29
C GLY E 370 -109.84 17.38 0.69
N GLY E 371 -108.61 17.23 1.17
CA GLY E 371 -108.27 16.16 2.08
C GLY E 371 -107.55 15.02 1.40
N ILE E 372 -107.87 13.80 1.79
CA ILE E 372 -107.21 12.60 1.27
C ILE E 372 -108.23 11.83 0.44
N LEU E 373 -107.78 11.29 -0.69
CA LEU E 373 -108.63 10.47 -1.54
C LEU E 373 -109.12 9.24 -0.78
N ASN E 374 -110.39 8.88 -1.01
CA ASN E 374 -111.10 7.81 -0.33
C ASN E 374 -111.19 8.04 1.18
N ASP E 375 -111.01 9.29 1.61
CA ASP E 375 -111.09 9.70 3.02
C ASP E 375 -110.17 8.88 3.91
N ARG E 376 -108.99 8.57 3.39
CA ARG E 376 -108.01 7.80 4.14
C ARG E 376 -107.23 8.72 5.09
N GLU E 377 -106.32 8.12 5.85
CA GLU E 377 -105.57 8.87 6.85
C GLU E 377 -104.28 9.41 6.25
N PHE E 378 -104.03 10.69 6.46
CA PHE E 378 -102.83 11.34 5.95
C PHE E 378 -101.59 10.78 6.63
N LYS E 379 -100.55 10.50 5.83
CA LYS E 379 -99.31 9.97 6.37
C LYS E 379 -98.14 10.93 6.15
N ALA E 380 -97.87 11.34 4.91
CA ALA E 380 -96.71 12.16 4.65
C ALA E 380 -96.90 12.95 3.36
N VAL E 381 -96.07 13.96 3.19
CA VAL E 381 -96.05 14.76 1.98
C VAL E 381 -94.61 14.94 1.51
N GLN E 382 -94.37 14.71 0.22
CA GLN E 382 -93.05 14.77 -0.37
C GLN E 382 -92.89 16.08 -1.13
N MET E 383 -91.76 16.75 -0.89
CA MET E 383 -91.42 18.03 -1.50
C MET E 383 -90.11 17.93 -2.26
N GLY E 384 -90.09 18.50 -3.46
CA GLY E 384 -88.89 18.56 -4.28
C GLY E 384 -88.65 17.37 -5.18
N GLY E 385 -89.56 16.40 -5.19
CA GLY E 385 -89.38 15.23 -6.01
C GLY E 385 -88.27 14.33 -5.51
N PRO E 386 -87.61 13.63 -6.43
CA PRO E 386 -86.53 12.70 -6.03
C PRO E 386 -85.35 13.39 -5.38
N SER E 387 -85.10 14.67 -5.66
CA SER E 387 -84.03 15.40 -5.00
C SER E 387 -84.48 16.05 -3.71
N GLY E 388 -85.77 15.99 -3.38
CA GLY E 388 -86.30 16.61 -2.19
C GLY E 388 -86.43 15.63 -1.03
N GLY E 389 -87.25 16.01 -0.06
CA GLY E 389 -87.43 15.22 1.15
C GLY E 389 -88.89 14.95 1.44
N CYS E 390 -89.12 14.41 2.63
CA CYS E 390 -90.43 13.98 3.08
C CYS E 390 -90.76 14.67 4.41
N ILE E 391 -92.02 15.05 4.58
CA ILE E 391 -92.52 15.70 5.77
C ILE E 391 -93.61 14.82 6.36
N PRO E 392 -93.51 14.44 7.64
CA PRO E 392 -94.45 13.45 8.19
C PRO E 392 -95.78 14.02 8.67
N LYS E 393 -96.57 13.19 9.32
CA LYS E 393 -97.88 13.55 9.88
C LYS E 393 -97.78 14.48 11.09
N GLN E 394 -96.59 14.71 11.62
CA GLN E 394 -96.49 15.56 12.81
C GLN E 394 -96.09 17.00 12.47
N LEU E 395 -95.68 17.25 11.22
CA LEU E 395 -95.27 18.59 10.81
C LEU E 395 -96.14 19.22 9.72
N LEU E 396 -97.46 19.11 9.79
CA LEU E 396 -98.26 19.87 8.84
C LEU E 396 -98.36 21.34 9.20
N ASP E 397 -97.89 21.74 10.37
CA ASP E 397 -97.95 23.13 10.80
C ASP E 397 -96.76 23.94 10.32
N THR E 398 -95.86 23.35 9.57
CA THR E 398 -94.69 24.05 9.04
C THR E 398 -95.09 24.94 7.87
N PRO E 399 -94.79 26.23 7.92
CA PRO E 399 -95.10 27.10 6.77
C PRO E 399 -94.21 26.79 5.57
N VAL E 400 -94.75 27.04 4.38
CA VAL E 400 -93.99 26.82 3.15
C VAL E 400 -93.09 28.02 2.91
N ASP E 401 -91.78 27.80 3.00
CA ASP E 401 -90.78 28.83 2.73
C ASP E 401 -89.44 28.13 2.57
N TYR E 402 -88.41 28.90 2.24
CA TYR E 402 -87.09 28.30 2.08
C TYR E 402 -86.52 27.83 3.41
N ASP E 403 -86.66 28.64 4.46
CA ASP E 403 -86.01 28.34 5.73
C ASP E 403 -86.68 27.17 6.45
N SER E 404 -88.01 27.16 6.51
CA SER E 404 -88.70 26.11 7.24
C SER E 404 -88.55 24.76 6.56
N ILE E 405 -88.66 24.72 5.23
CA ILE E 405 -88.47 23.47 4.51
C ILE E 405 -87.01 23.04 4.54
N ASN E 406 -86.08 23.99 4.53
CA ASN E 406 -84.67 23.66 4.70
C ASN E 406 -84.39 23.10 6.09
N LYS E 407 -85.18 23.51 7.08
CA LYS E 407 -84.98 23.04 8.45
C LYS E 407 -85.34 21.57 8.60
N THR E 408 -86.43 21.14 7.97
CA THR E 408 -86.90 19.77 8.15
C THR E 408 -86.20 18.77 7.23
N GLY E 409 -85.10 19.16 6.60
CA GLY E 409 -84.31 18.25 5.80
C GLY E 409 -84.73 18.12 4.35
N ALA E 410 -85.83 18.76 3.95
CA ALA E 410 -86.28 18.69 2.58
C ALA E 410 -85.73 19.87 1.78
N ILE E 411 -86.05 19.89 0.48
CA ILE E 411 -85.58 20.92 -0.44
C ILE E 411 -86.77 21.42 -1.23
N MET E 412 -86.85 22.74 -1.41
CA MET E 412 -87.93 23.32 -2.20
C MET E 412 -87.92 22.80 -3.64
N GLY E 413 -86.78 22.89 -4.31
CA GLY E 413 -86.64 22.34 -5.65
C GLY E 413 -87.60 23.00 -6.63
N SER E 414 -88.33 22.16 -7.36
CA SER E 414 -89.34 22.65 -8.29
C SER E 414 -90.69 22.92 -7.63
N GLY E 415 -90.87 22.52 -6.37
CA GLY E 415 -92.12 22.77 -5.68
C GLY E 415 -93.23 21.82 -6.10
N GLY E 416 -93.08 20.53 -5.80
CA GLY E 416 -94.10 19.54 -6.08
C GLY E 416 -94.64 18.94 -4.80
N MET E 417 -95.96 18.86 -4.70
CA MET E 417 -96.63 18.26 -3.57
C MET E 417 -96.99 16.83 -3.94
N ILE E 418 -96.47 15.86 -3.17
CA ILE E 418 -96.93 14.49 -3.29
C ILE E 418 -97.54 14.09 -1.95
N VAL E 419 -98.79 13.64 -1.98
CA VAL E 419 -99.51 13.25 -0.76
C VAL E 419 -99.57 11.73 -0.70
N MET E 420 -99.07 11.15 0.39
CA MET E 420 -99.12 9.71 0.60
C MET E 420 -99.86 9.41 1.90
N ASP E 421 -100.76 8.43 1.84
CA ASP E 421 -101.56 7.97 2.96
C ASP E 421 -100.91 6.75 3.61
N GLU E 422 -101.66 6.09 4.50
CA GLU E 422 -101.11 4.98 5.27
C GLU E 422 -100.89 3.72 4.43
N THR E 423 -101.38 3.66 3.21
CA THR E 423 -101.22 2.49 2.36
C THR E 423 -99.99 2.56 1.47
N THR E 424 -99.11 3.53 1.68
CA THR E 424 -97.87 3.64 0.95
C THR E 424 -96.71 3.22 1.85
N CYS E 425 -95.91 2.25 1.38
CA CYS E 425 -94.70 1.85 2.08
C CYS E 425 -93.66 2.94 1.91
N MET E 426 -93.06 3.39 3.02
CA MET E 426 -92.09 4.47 2.93
C MET E 426 -90.74 4.00 2.42
N VAL E 427 -90.34 2.78 2.77
CA VAL E 427 -89.06 2.27 2.28
C VAL E 427 -89.11 2.04 0.78
N ASP E 428 -90.24 1.58 0.27
CA ASP E 428 -90.42 1.47 -1.17
C ASP E 428 -90.42 2.83 -1.87
N MET E 429 -90.99 3.86 -1.24
CA MET E 429 -90.91 5.21 -1.79
C MET E 429 -89.49 5.73 -1.85
N ALA E 430 -88.71 5.50 -0.79
CA ALA E 430 -87.30 5.87 -0.82
C ALA E 430 -86.53 5.11 -1.90
N ARG E 431 -86.84 3.82 -2.06
CA ARG E 431 -86.20 3.03 -3.12
C ARG E 431 -86.56 3.57 -4.50
N PHE E 432 -87.81 3.96 -4.70
CA PHE E 432 -88.23 4.52 -5.99
C PHE E 432 -87.52 5.84 -6.29
N PHE E 433 -87.45 6.72 -5.30
CA PHE E 433 -86.80 8.01 -5.50
C PHE E 433 -85.31 7.85 -5.72
N LEU E 434 -84.68 6.85 -5.07
CA LEU E 434 -83.26 6.63 -5.30
C LEU E 434 -83.00 5.96 -6.63
N ASP E 435 -83.91 5.10 -7.09
CA ASP E 435 -83.78 4.51 -8.42
C ASP E 435 -83.85 5.57 -9.50
N PHE E 436 -84.69 6.59 -9.31
CA PHE E 436 -84.71 7.67 -10.30
C PHE E 436 -83.37 8.39 -10.40
N THR E 437 -82.72 8.70 -9.27
CA THR E 437 -81.43 9.36 -9.33
C THR E 437 -80.32 8.44 -9.82
N VAL E 438 -80.45 7.13 -9.60
CA VAL E 438 -79.49 6.19 -10.17
C VAL E 438 -79.61 6.20 -11.69
N LYS E 439 -80.82 6.21 -12.23
CA LYS E 439 -81.00 6.21 -13.67
C LYS E 439 -80.66 7.53 -14.34
N GLU E 440 -80.42 8.60 -13.59
CA GLU E 440 -80.20 9.92 -14.17
C GLU E 440 -78.96 10.58 -13.61
N SER E 441 -77.85 9.84 -13.51
CA SER E 441 -76.60 10.39 -13.05
C SER E 441 -75.57 10.27 -14.16
N CYS E 442 -74.83 11.36 -14.42
CA CYS E 442 -73.91 11.38 -15.54
C CYS E 442 -72.71 10.46 -15.36
N GLY E 443 -72.46 9.99 -14.14
CA GLY E 443 -71.36 9.08 -13.89
C GLY E 443 -69.98 9.65 -14.10
N LYS E 444 -69.74 10.88 -13.63
CA LYS E 444 -68.42 11.49 -13.73
C LYS E 444 -67.63 11.34 -12.44
N CYS E 445 -68.16 11.87 -11.34
CA CYS E 445 -67.52 11.72 -10.04
C CYS E 445 -67.90 10.38 -9.43
N ILE E 446 -67.01 9.83 -8.60
CA ILE E 446 -67.17 8.45 -8.18
C ILE E 446 -68.24 8.29 -7.10
N TYR E 447 -68.55 9.34 -6.35
CA TYR E 447 -69.55 9.22 -5.30
C TYR E 447 -70.94 8.98 -5.89
N CYS E 448 -71.40 9.91 -6.74
CA CYS E 448 -72.67 9.72 -7.42
C CYS E 448 -72.64 8.57 -8.43
N ARG E 449 -71.46 8.10 -8.83
CA ARG E 449 -71.43 7.00 -9.79
C ARG E 449 -71.64 5.66 -9.11
N ILE E 450 -70.98 5.44 -7.97
CA ILE E 450 -70.99 4.13 -7.32
C ILE E 450 -71.83 4.12 -6.05
N GLY E 451 -71.69 5.14 -5.20
CA GLY E 451 -72.36 5.10 -3.91
C GLY E 451 -73.87 5.16 -4.00
N THR E 452 -74.39 5.92 -4.96
CA THR E 452 -75.84 6.00 -5.08
C THR E 452 -76.44 4.70 -5.60
N LYS E 453 -75.64 3.86 -6.26
CA LYS E 453 -76.05 2.52 -6.64
C LYS E 453 -75.93 1.55 -5.49
N ARG E 454 -74.91 1.73 -4.64
CA ARG E 454 -74.77 0.89 -3.46
C ARG E 454 -75.93 1.10 -2.49
N MET E 455 -76.35 2.35 -2.29
CA MET E 455 -77.52 2.60 -1.45
C MET E 455 -78.79 2.01 -2.07
N LEU E 456 -78.91 2.06 -3.40
CA LEU E 456 -80.05 1.46 -4.07
C LEU E 456 -80.09 -0.05 -3.88
N GLU E 457 -78.92 -0.70 -3.93
CA GLU E 457 -78.85 -2.13 -3.67
C GLU E 457 -79.27 -2.45 -2.25
N ILE E 458 -78.85 -1.63 -1.29
CA ILE E 458 -79.28 -1.82 0.11
C ILE E 458 -80.80 -1.70 0.21
N LEU E 459 -81.38 -0.68 -0.43
CA LEU E 459 -82.83 -0.47 -0.30
C LEU E 459 -83.63 -1.57 -0.99
N GLU E 460 -83.18 -2.01 -2.17
CA GLU E 460 -83.89 -3.10 -2.83
C GLU E 460 -83.73 -4.42 -2.09
N ARG E 461 -82.63 -4.60 -1.36
CA ARG E 461 -82.50 -5.79 -0.53
C ARG E 461 -83.39 -5.71 0.70
N ILE E 462 -83.61 -4.51 1.24
CA ILE E 462 -84.52 -4.34 2.37
C ILE E 462 -85.96 -4.60 1.94
N THR E 463 -86.38 -4.01 0.82
CA THR E 463 -87.76 -4.14 0.36
C THR E 463 -88.09 -5.50 -0.22
N THR E 464 -87.20 -6.48 -0.10
CA THR E 464 -87.50 -7.86 -0.43
C THR E 464 -87.63 -8.74 0.80
N GLY E 465 -86.79 -8.55 1.80
CA GLY E 465 -86.80 -9.40 2.97
C GLY E 465 -85.49 -10.07 3.24
N GLU E 466 -84.40 -9.59 2.65
CA GLU E 466 -83.07 -10.14 2.87
C GLU E 466 -82.16 -9.13 3.59
N GLY E 467 -82.75 -8.15 4.26
CA GLY E 467 -81.96 -7.20 5.01
C GLY E 467 -81.32 -7.84 6.24
N ARG E 468 -80.29 -7.17 6.73
CA ARG E 468 -79.55 -7.67 7.89
C ARG E 468 -79.48 -6.61 8.97
N GLU E 469 -78.74 -6.88 10.04
CA GLU E 469 -78.56 -5.90 11.10
C GLU E 469 -77.47 -4.91 10.73
N GLY E 470 -77.74 -3.63 10.98
CA GLY E 470 -76.79 -2.58 10.69
C GLY E 470 -76.97 -1.90 9.35
N ASP E 471 -77.95 -2.33 8.55
CA ASP E 471 -78.17 -1.72 7.25
C ASP E 471 -78.50 -0.24 7.36
N ILE E 472 -79.14 0.16 8.46
CA ILE E 472 -79.39 1.57 8.72
C ILE E 472 -78.07 2.33 8.86
N GLU E 473 -77.11 1.74 9.57
CA GLU E 473 -75.81 2.38 9.74
C GLU E 473 -75.08 2.53 8.41
N GLU E 474 -75.10 1.48 7.57
CA GLU E 474 -74.48 1.61 6.25
C GLU E 474 -75.17 2.67 5.42
N LEU E 475 -76.50 2.76 5.52
CA LEU E 475 -77.23 3.78 4.78
C LEU E 475 -76.84 5.19 5.22
N GLU E 476 -76.74 5.43 6.53
CA GLU E 476 -76.37 6.75 7.03
C GLU E 476 -74.92 7.09 6.65
N GLU E 477 -74.01 6.13 6.79
CA GLU E 477 -72.62 6.33 6.46
C GLU E 477 -72.43 6.61 4.98
N LEU E 478 -73.18 5.95 4.11
CA LEU E 478 -73.12 6.25 2.69
C LEU E 478 -73.74 7.61 2.38
N SER E 479 -74.86 7.91 3.01
CA SER E 479 -75.60 9.13 2.68
C SER E 479 -74.80 10.38 3.00
N ILE E 480 -74.21 10.44 4.20
CA ILE E 480 -73.49 11.65 4.59
C ILE E 480 -72.25 11.84 3.72
N SER E 481 -71.61 10.74 3.31
CA SER E 481 -70.40 10.84 2.51
C SER E 481 -70.71 11.25 1.08
N ILE E 482 -71.79 10.68 0.49
CA ILE E 482 -72.20 11.06 -0.84
C ILE E 482 -72.63 12.51 -0.88
N LYS E 483 -73.34 12.97 0.16
CA LYS E 483 -73.75 14.36 0.23
C LYS E 483 -72.56 15.29 0.33
N ASP E 484 -71.54 14.90 1.12
CA ASP E 484 -70.37 15.78 1.27
C ASP E 484 -69.53 15.81 0.00
N GLY E 485 -69.25 14.66 -0.61
CA GLY E 485 -68.21 14.59 -1.60
C GLY E 485 -68.60 14.69 -3.06
N SER E 486 -69.89 14.74 -3.38
CA SER E 486 -70.30 14.77 -4.78
C SER E 486 -70.00 16.13 -5.41
N LEU E 487 -69.51 16.10 -6.66
CA LEU E 487 -69.19 17.32 -7.37
C LEU E 487 -70.43 18.06 -7.85
N CYS E 488 -71.42 17.34 -8.34
CA CYS E 488 -72.60 17.92 -8.96
C CYS E 488 -73.68 18.15 -7.91
N GLY E 489 -74.67 18.95 -8.28
CA GLY E 489 -75.79 19.16 -7.36
C GLY E 489 -76.73 17.98 -7.26
N LEU E 490 -76.68 17.06 -8.22
CA LEU E 490 -77.57 15.91 -8.20
C LEU E 490 -77.18 14.93 -7.11
N GLY E 491 -75.90 14.59 -7.02
CA GLY E 491 -75.46 13.65 -6.01
C GLY E 491 -75.40 14.23 -4.63
N GLN E 492 -75.26 15.55 -4.52
CA GLN E 492 -75.26 16.19 -3.21
C GLN E 492 -76.62 16.07 -2.54
N THR E 493 -77.68 16.46 -3.25
CA THR E 493 -79.04 16.20 -2.77
C THR E 493 -79.61 14.93 -3.38
N ALA E 494 -78.83 13.86 -3.41
CA ALA E 494 -79.33 12.55 -3.77
C ALA E 494 -79.91 11.76 -2.59
N PRO E 495 -79.23 11.66 -1.44
CA PRO E 495 -79.78 10.85 -0.34
C PRO E 495 -80.77 11.58 0.56
N ASN E 496 -81.27 12.73 0.14
CA ASN E 496 -82.28 13.43 0.94
C ASN E 496 -83.54 12.60 1.21
N PRO E 497 -84.12 11.84 0.26
CA PRO E 497 -85.25 10.98 0.64
C PRO E 497 -84.92 9.97 1.72
N VAL E 498 -83.77 9.30 1.63
CA VAL E 498 -83.40 8.33 2.66
C VAL E 498 -83.14 9.03 3.98
N LEU E 499 -82.45 10.17 3.95
CA LEU E 499 -82.11 10.88 5.18
C LEU E 499 -83.34 11.46 5.86
N THR E 500 -84.38 11.80 5.10
CA THR E 500 -85.59 12.31 5.74
C THR E 500 -86.54 11.20 6.16
N THR E 501 -86.57 10.07 5.46
CA THR E 501 -87.43 8.97 5.85
C THR E 501 -86.75 8.03 6.84
N ILE E 502 -85.49 8.26 7.18
CA ILE E 502 -84.83 7.48 8.22
C ILE E 502 -84.91 8.15 9.59
N ARG E 503 -85.30 9.43 9.66
CA ARG E 503 -85.48 10.12 10.92
C ARG E 503 -86.95 10.40 11.22
N TYR E 504 -87.83 10.28 10.24
CA TYR E 504 -89.25 10.50 10.44
C TYR E 504 -90.07 9.22 10.32
N PHE E 505 -89.50 8.16 9.76
CA PHE E 505 -90.18 6.88 9.66
C PHE E 505 -89.20 5.75 9.97
N ARG E 506 -88.37 5.95 11.00
CA ARG E 506 -87.35 4.96 11.34
C ARG E 506 -87.98 3.67 11.86
N ASP E 507 -89.20 3.74 12.40
CA ASP E 507 -89.84 2.56 12.96
C ASP E 507 -90.28 1.58 11.88
N GLU E 508 -90.39 2.01 10.63
CA GLU E 508 -90.80 1.11 9.56
C GLU E 508 -89.62 0.39 8.91
N TYR E 509 -88.42 0.99 8.96
CA TYR E 509 -87.24 0.30 8.50
C TYR E 509 -86.97 -0.95 9.34
N GLU E 510 -87.12 -0.81 10.66
CA GLU E 510 -86.96 -1.97 11.55
C GLU E 510 -88.02 -3.02 11.28
N ALA E 511 -89.26 -2.58 11.00
CA ALA E 511 -90.32 -3.51 10.66
C ALA E 511 -89.99 -4.29 9.39
N HIS E 512 -89.43 -3.61 8.40
CA HIS E 512 -89.02 -4.30 7.18
C HIS E 512 -87.78 -5.16 7.39
N ILE E 513 -86.97 -4.87 8.40
CA ILE E 513 -85.72 -5.59 8.64
C ILE E 513 -85.89 -6.65 9.72
N ARG E 514 -86.34 -6.26 10.91
CA ARG E 514 -86.40 -7.19 12.04
C ARG E 514 -87.62 -8.08 11.96
N ASP E 515 -88.81 -7.48 11.96
CA ASP E 515 -90.06 -8.22 11.91
C ASP E 515 -90.32 -8.86 10.55
N LYS E 516 -89.61 -8.40 9.50
CA LYS E 516 -89.78 -8.90 8.14
C LYS E 516 -91.23 -8.80 7.68
N LYS E 517 -91.88 -7.69 8.03
CA LYS E 517 -93.25 -7.45 7.60
C LYS E 517 -93.40 -5.97 7.26
N CYS E 518 -94.37 -5.68 6.40
CA CYS E 518 -94.56 -4.34 5.86
C CYS E 518 -95.74 -3.68 6.55
N PRO E 519 -95.54 -2.61 7.34
CA PRO E 519 -96.66 -2.00 8.06
C PRO E 519 -97.76 -1.47 7.15
N ALA E 520 -97.39 -0.94 5.98
CA ALA E 520 -98.41 -0.49 5.02
C ALA E 520 -99.01 -1.64 4.23
N LYS E 521 -98.41 -2.84 4.30
CA LYS E 521 -98.91 -4.05 3.65
C LYS E 521 -99.07 -3.86 2.14
N SER E 522 -98.15 -3.10 1.55
CA SER E 522 -98.14 -2.85 0.11
C SER E 522 -96.73 -3.05 -0.44
N CYS E 523 -96.01 -4.03 0.10
CA CYS E 523 -94.60 -4.22 -0.16
C CYS E 523 -94.32 -5.68 -0.46
N LYS E 524 -95.09 -6.24 -1.41
CA LYS E 524 -95.18 -7.58 -2.01
C LYS E 524 -94.53 -8.72 -1.21
N PRO E 525 -93.21 -9.00 -1.27
CA PRO E 525 -92.74 -10.27 -0.66
C PRO E 525 -92.76 -10.26 0.86
N LEU E 526 -92.95 -9.12 1.50
CA LEU E 526 -92.95 -9.03 2.96
C LEU E 526 -94.36 -9.14 3.52
N LEU E 527 -95.09 -10.19 3.15
CA LEU E 527 -96.49 -10.34 3.52
C LEU E 527 -96.80 -11.79 3.83
N THR E 528 -98.01 -12.01 4.34
CA THR E 528 -98.59 -13.34 4.45
C THR E 528 -100.11 -13.20 4.46
N TYR E 529 -100.79 -14.26 4.06
CA TYR E 529 -102.23 -14.26 3.87
C TYR E 529 -102.89 -15.32 4.75
N THR E 530 -104.02 -14.97 5.36
CA THR E 530 -104.83 -15.89 6.13
C THR E 530 -106.30 -15.66 5.80
N ILE E 531 -107.10 -16.69 6.02
CA ILE E 531 -108.54 -16.65 5.79
C ILE E 531 -109.24 -16.74 7.13
N ASN E 532 -110.10 -15.76 7.42
CA ASN E 532 -110.91 -15.79 8.63
C ASN E 532 -112.08 -16.74 8.42
N GLN E 533 -112.11 -17.83 9.18
CA GLN E 533 -113.13 -18.86 9.00
C GLN E 533 -114.51 -18.43 9.50
N ASP E 534 -114.58 -17.33 10.26
CA ASP E 534 -115.85 -16.90 10.84
C ASP E 534 -116.59 -15.90 9.95
N ASN E 535 -115.86 -15.04 9.24
CA ASN E 535 -116.46 -13.94 8.49
C ASN E 535 -116.43 -14.17 6.98
N CYS E 536 -116.46 -15.43 6.54
CA CYS E 536 -116.50 -15.74 5.12
C CYS E 536 -117.17 -17.09 4.93
N LYS E 537 -118.07 -17.18 3.94
CA LYS E 537 -118.86 -18.40 3.70
C LYS E 537 -118.76 -18.81 2.23
N GLY E 538 -117.68 -19.51 1.90
CA GLY E 538 -117.54 -20.34 0.71
C GLY E 538 -118.17 -19.93 -0.60
N CYS E 539 -118.00 -18.69 -1.03
CA CYS E 539 -118.50 -18.28 -2.34
C CYS E 539 -117.48 -18.50 -3.45
N THR E 540 -116.25 -18.86 -3.08
CA THR E 540 -115.17 -19.20 -4.02
C THR E 540 -114.93 -18.05 -5.01
N LEU E 541 -115.10 -16.81 -4.54
CA LEU E 541 -114.84 -15.66 -5.39
C LEU E 541 -113.35 -15.38 -5.50
N CYS E 542 -112.62 -15.61 -4.41
CA CYS E 542 -111.17 -15.39 -4.42
C CYS E 542 -110.42 -16.51 -5.13
N ALA E 543 -110.87 -17.75 -4.96
CA ALA E 543 -110.18 -18.87 -5.58
C ALA E 543 -110.41 -18.92 -7.09
N GLN E 544 -111.55 -18.41 -7.56
CA GLN E 544 -111.78 -18.32 -9.00
C GLN E 544 -110.90 -17.25 -9.64
N LYS E 545 -110.56 -16.20 -8.89
CA LYS E 545 -109.72 -15.11 -9.39
C LYS E 545 -108.26 -15.25 -8.98
N CYS E 546 -107.78 -16.49 -8.84
CA CYS E 546 -106.38 -16.78 -8.57
C CYS E 546 -105.97 -17.87 -9.56
N PRO E 547 -105.49 -17.51 -10.76
CA PRO E 547 -105.30 -18.52 -11.81
C PRO E 547 -104.06 -19.39 -11.64
N VAL E 548 -103.80 -19.80 -10.41
CA VAL E 548 -102.85 -20.87 -10.11
C VAL E 548 -103.47 -21.94 -9.22
N GLN E 549 -104.57 -21.62 -8.54
CA GLN E 549 -105.34 -22.52 -7.69
C GLN E 549 -104.50 -23.03 -6.52
N ALA E 550 -103.97 -22.07 -5.76
CA ALA E 550 -103.33 -22.32 -4.49
C ALA E 550 -104.30 -22.26 -3.32
N ILE E 551 -105.55 -21.89 -3.56
CA ILE E 551 -106.58 -21.82 -2.54
C ILE E 551 -107.58 -22.93 -2.82
N THR E 552 -107.75 -23.83 -1.86
CA THR E 552 -108.55 -25.04 -2.04
C THR E 552 -109.68 -25.07 -1.03
N GLY E 553 -110.87 -25.49 -1.48
CA GLY E 553 -112.00 -25.60 -0.60
C GLY E 553 -113.26 -25.90 -1.39
N GLU E 554 -114.27 -26.34 -0.65
CA GLU E 554 -115.56 -26.67 -1.24
C GLU E 554 -116.50 -25.47 -1.19
N LYS E 555 -117.67 -25.63 -1.80
CA LYS E 555 -118.66 -24.57 -1.81
C LYS E 555 -119.31 -24.41 -0.43
N LYS E 556 -119.61 -23.15 -0.09
CA LYS E 556 -120.26 -22.75 1.17
C LYS E 556 -119.43 -23.14 2.40
N LYS E 557 -118.13 -23.34 2.23
CA LYS E 557 -117.21 -23.62 3.32
C LYS E 557 -115.96 -22.76 3.17
N PRO E 558 -115.37 -22.32 4.28
CA PRO E 558 -114.14 -21.53 4.18
C PRO E 558 -113.00 -22.33 3.55
N HIS E 559 -112.18 -21.64 2.77
CA HIS E 559 -111.11 -22.26 2.01
C HIS E 559 -109.79 -22.18 2.77
N VAL E 560 -108.74 -22.74 2.19
CA VAL E 560 -107.41 -22.77 2.79
C VAL E 560 -106.40 -22.25 1.77
N ILE E 561 -105.57 -21.30 2.19
CA ILE E 561 -104.53 -20.73 1.33
C ILE E 561 -103.25 -21.53 1.52
N ASP E 562 -102.72 -22.08 0.42
CA ASP E 562 -101.45 -22.80 0.45
C ASP E 562 -100.32 -21.79 0.30
N GLN E 563 -99.53 -21.62 1.37
CA GLN E 563 -98.49 -20.60 1.37
C GLN E 563 -97.36 -20.93 0.42
N ALA E 564 -97.07 -22.23 0.22
CA ALA E 564 -95.95 -22.62 -0.63
C ALA E 564 -96.22 -22.42 -2.11
N LEU E 565 -97.48 -22.21 -2.50
CA LEU E 565 -97.84 -22.10 -3.90
C LEU E 565 -98.27 -20.70 -4.32
N CYS E 566 -98.98 -19.97 -3.45
CA CYS E 566 -99.37 -18.60 -3.76
C CYS E 566 -98.15 -17.70 -3.77
N THR E 567 -98.08 -16.82 -4.77
CA THR E 567 -96.96 -15.90 -4.94
C THR E 567 -97.25 -14.52 -4.35
N LYS E 568 -98.35 -14.38 -3.61
CA LYS E 568 -98.72 -13.14 -2.92
C LYS E 568 -98.88 -11.97 -3.91
N CYS E 569 -99.64 -12.22 -4.98
CA CYS E 569 -99.83 -11.20 -6.00
C CYS E 569 -100.74 -10.09 -5.50
N GLY E 570 -101.71 -10.42 -4.65
CA GLY E 570 -102.60 -9.43 -4.07
C GLY E 570 -104.04 -9.47 -4.54
N ASN E 571 -104.38 -10.37 -5.46
CA ASN E 571 -105.75 -10.45 -5.95
C ASN E 571 -106.64 -11.32 -5.06
N CYS E 572 -106.10 -11.93 -4.01
CA CYS E 572 -106.91 -12.74 -3.11
C CYS E 572 -107.76 -11.88 -2.18
N ALA E 573 -107.46 -10.58 -2.06
CA ALA E 573 -108.20 -9.69 -1.18
C ALA E 573 -108.87 -8.53 -1.90
N SER E 574 -108.54 -8.29 -3.17
CA SER E 574 -109.08 -7.16 -3.90
C SER E 574 -110.54 -7.33 -4.28
N VAL E 575 -111.07 -8.56 -4.22
CA VAL E 575 -112.43 -8.85 -4.68
C VAL E 575 -113.31 -9.42 -3.59
N CYS E 576 -112.77 -9.70 -2.41
CA CYS E 576 -113.56 -10.29 -1.33
C CYS E 576 -114.49 -9.23 -0.74
N ARG E 577 -115.80 -9.45 -0.87
CA ARG E 577 -116.78 -8.49 -0.38
C ARG E 577 -116.95 -8.54 1.13
N LEU E 578 -116.62 -9.65 1.77
CA LEU E 578 -116.73 -9.78 3.22
C LEU E 578 -115.46 -9.34 3.95
N ASP E 579 -114.38 -9.07 3.22
CA ASP E 579 -113.12 -8.56 3.76
C ASP E 579 -112.54 -9.46 4.84
N ALA E 580 -112.68 -10.78 4.66
CA ALA E 580 -112.15 -11.74 5.61
C ALA E 580 -110.74 -12.21 5.28
N VAL E 581 -110.14 -11.69 4.20
CA VAL E 581 -108.77 -12.03 3.82
C VAL E 581 -107.84 -11.16 4.66
N CYS E 582 -107.26 -11.74 5.70
CA CYS E 582 -106.35 -11.01 6.58
C CYS E 582 -104.95 -11.06 6.00
N ILE E 583 -104.27 -9.91 5.98
CA ILE E 583 -102.90 -9.81 5.49
C ILE E 583 -102.02 -9.39 6.65
N GLU E 584 -101.00 -10.20 6.94
CA GLU E 584 -100.12 -9.95 8.08
C GLU E 584 -98.66 -9.87 7.65
N MET F 1 -45.44 40.45 -7.15
CA MET F 1 -44.22 39.86 -6.61
C MET F 1 -44.47 39.72 -5.10
N SER F 2 -43.76 40.49 -4.27
CA SER F 2 -43.93 40.59 -2.84
C SER F 2 -43.89 39.25 -2.11
N LYS F 3 -43.32 38.21 -2.74
CA LYS F 3 -43.19 36.89 -2.15
C LYS F 3 -44.54 36.30 -1.73
N ILE F 4 -45.36 35.91 -2.69
CA ILE F 4 -46.60 35.17 -2.42
C ILE F 4 -46.27 33.98 -1.55
N SER F 5 -46.84 33.94 -0.35
CA SER F 5 -46.52 32.91 0.63
C SER F 5 -47.82 32.34 1.17
N ILE F 6 -47.91 31.02 1.19
CA ILE F 6 -49.07 30.33 1.73
C ILE F 6 -48.64 29.54 2.95
N ASN F 7 -49.63 29.13 3.74
CA ASN F 7 -49.38 28.37 4.95
C ASN F 7 -50.19 27.09 4.85
N ILE F 8 -49.52 25.97 4.60
CA ILE F 8 -50.18 24.69 4.43
C ILE F 8 -49.68 23.73 5.48
N ASN F 9 -50.63 23.11 6.18
CA ASN F 9 -50.37 21.99 7.09
C ASN F 9 -49.43 22.40 8.23
N GLY F 10 -49.45 23.67 8.60
CA GLY F 10 -48.61 24.19 9.64
C GLY F 10 -47.35 24.88 9.16
N ARG F 11 -46.88 24.58 7.95
CA ARG F 11 -45.66 25.16 7.43
C ARG F 11 -45.95 26.39 6.59
N GLU F 12 -44.98 27.30 6.54
CA GLU F 12 -45.06 28.49 5.72
C GLU F 12 -44.16 28.30 4.51
N LEU F 13 -44.74 28.45 3.32
CA LEU F 13 -44.04 28.19 2.07
C LEU F 13 -44.15 29.39 1.15
N VAL F 14 -43.13 29.57 0.32
CA VAL F 14 -43.09 30.63 -0.68
C VAL F 14 -43.31 29.99 -2.04
N VAL F 15 -44.35 30.44 -2.75
CA VAL F 15 -44.79 29.83 -3.99
C VAL F 15 -44.91 30.90 -5.06
N SER F 16 -45.41 30.49 -6.22
CA SER F 16 -45.59 31.36 -7.37
C SER F 16 -47.06 31.41 -7.73
N ALA F 17 -47.52 32.59 -8.17
CA ALA F 17 -48.93 32.76 -8.50
C ALA F 17 -49.28 31.96 -9.75
N GLY F 18 -50.53 31.54 -9.83
CA GLY F 18 -50.99 30.78 -10.98
C GLY F 18 -50.90 29.28 -10.81
N GLN F 19 -50.04 28.82 -9.91
CA GLN F 19 -49.94 27.41 -9.63
C GLN F 19 -51.12 26.95 -8.77
N THR F 20 -51.48 25.68 -8.93
CA THR F 20 -52.47 25.06 -8.08
C THR F 20 -51.86 24.73 -6.72
N ILE F 21 -52.73 24.45 -5.74
CA ILE F 21 -52.25 24.05 -4.43
C ILE F 21 -51.58 22.69 -4.50
N LEU F 22 -52.03 21.82 -5.41
CA LEU F 22 -51.43 20.50 -5.56
C LEU F 22 -49.96 20.60 -5.98
N GLN F 23 -49.69 21.41 -7.00
CA GLN F 23 -48.32 21.63 -7.46
C GLN F 23 -47.48 22.30 -6.38
N ALA F 24 -48.04 23.30 -5.70
CA ALA F 24 -47.31 24.03 -4.70
C ALA F 24 -46.93 23.15 -3.51
N ALA F 25 -47.84 22.27 -3.09
CA ALA F 25 -47.53 21.35 -2.01
C ALA F 25 -46.53 20.29 -2.45
N ALA F 26 -46.63 19.81 -3.69
CA ALA F 26 -45.72 18.77 -4.14
C ALA F 26 -44.31 19.32 -4.37
N GLU F 27 -44.20 20.62 -4.69
CA GLU F 27 -42.87 21.23 -4.85
C GLU F 27 -42.11 21.26 -3.54
N HIS F 28 -42.81 21.32 -2.42
CA HIS F 28 -42.19 21.42 -1.09
C HIS F 28 -42.32 20.12 -0.31
N GLY F 29 -42.52 19.00 -0.99
CA GLY F 29 -42.58 17.71 -0.32
C GLY F 29 -43.76 17.48 0.60
N ILE F 30 -44.95 17.91 0.20
CA ILE F 30 -46.19 17.58 0.90
C ILE F 30 -47.04 16.76 -0.05
N GLU F 31 -47.44 15.57 0.38
CA GLU F 31 -48.11 14.61 -0.48
C GLU F 31 -49.61 14.73 -0.32
N ILE F 32 -50.30 15.02 -1.42
CA ILE F 32 -51.76 15.05 -1.48
C ILE F 32 -52.19 14.03 -2.52
N PRO F 33 -53.10 13.12 -2.19
CA PRO F 33 -53.53 12.12 -3.18
C PRO F 33 -54.25 12.76 -4.36
N HIS F 34 -54.04 12.17 -5.53
CA HIS F 34 -54.75 12.58 -6.74
C HIS F 34 -54.72 11.43 -7.73
N LEU F 35 -55.79 11.32 -8.50
CA LEU F 35 -55.87 10.32 -9.55
C LEU F 35 -56.16 10.92 -10.92
N CYS F 36 -56.97 11.98 -10.99
CA CYS F 36 -57.42 12.54 -12.25
C CYS F 36 -56.74 13.86 -12.59
N HIS F 37 -55.57 14.13 -12.03
CA HIS F 37 -54.90 15.41 -12.24
C HIS F 37 -53.70 15.23 -13.15
N ASP F 38 -53.66 16.00 -14.23
CA ASP F 38 -52.49 16.16 -15.07
C ASP F 38 -52.22 17.64 -15.22
N GLU F 39 -50.98 18.05 -14.95
CA GLU F 39 -50.65 19.46 -14.87
C GLU F 39 -50.57 20.13 -16.23
N ARG F 40 -50.62 19.36 -17.32
CA ARG F 40 -50.50 19.90 -18.67
C ARG F 40 -51.83 20.07 -19.37
N ILE F 41 -52.95 19.68 -18.74
CA ILE F 41 -54.27 19.86 -19.29
C ILE F 41 -55.17 20.47 -18.22
N GLN F 42 -56.43 20.69 -18.58
CA GLN F 42 -57.37 21.36 -17.69
C GLN F 42 -57.77 20.45 -16.53
N PRO F 43 -58.21 21.02 -15.41
CA PRO F 43 -58.77 20.20 -14.32
C PRO F 43 -60.08 19.53 -14.72
N TYR F 44 -60.35 18.40 -14.07
CA TYR F 44 -61.52 17.59 -14.33
C TYR F 44 -62.44 17.46 -13.13
N GLY F 45 -61.90 17.08 -11.97
CA GLY F 45 -62.74 16.91 -10.79
C GLY F 45 -63.53 15.62 -10.75
N ALA F 46 -62.91 14.49 -11.07
CA ALA F 46 -63.62 13.22 -11.02
C ALA F 46 -63.41 12.46 -9.74
N CYS F 47 -62.16 12.21 -9.35
CA CYS F 47 -61.90 11.35 -8.20
C CYS F 47 -62.29 12.03 -6.89
N GLY F 48 -61.89 13.29 -6.71
CA GLY F 48 -62.13 13.97 -5.46
C GLY F 48 -61.16 13.64 -4.34
N LEU F 49 -60.01 13.05 -4.67
CA LEU F 49 -59.03 12.68 -3.65
C LEU F 49 -58.15 13.85 -3.23
N CYS F 50 -58.17 14.96 -3.96
CA CYS F 50 -57.28 16.08 -3.69
C CYS F 50 -57.92 17.13 -2.80
N VAL F 51 -58.92 16.75 -2.01
CA VAL F 51 -59.66 17.72 -1.22
C VAL F 51 -58.82 18.16 -0.03
N VAL F 52 -58.80 19.47 0.21
CA VAL F 52 -58.16 20.05 1.39
C VAL F 52 -59.17 20.97 2.05
N GLU F 53 -58.86 21.37 3.28
CA GLU F 53 -59.64 22.37 3.99
C GLU F 53 -58.91 23.71 3.94
N VAL F 54 -59.61 24.75 3.48
CA VAL F 54 -59.05 26.08 3.37
C VAL F 54 -59.89 27.01 4.25
N GLU F 55 -59.22 27.80 5.09
CA GLU F 55 -59.92 28.71 5.99
C GLU F 55 -60.69 29.76 5.21
N GLY F 56 -61.91 30.03 5.66
CA GLY F 56 -62.82 30.90 4.95
C GLY F 56 -63.75 30.20 3.99
N SER F 57 -63.59 28.90 3.80
CA SER F 57 -64.43 28.12 2.90
C SER F 57 -65.23 27.11 3.71
N PRO F 58 -66.56 27.09 3.61
CA PRO F 58 -67.35 26.12 4.40
C PRO F 58 -67.15 24.69 3.96
N LYS F 59 -66.87 24.43 2.69
CA LYS F 59 -66.76 23.07 2.17
C LYS F 59 -65.34 22.82 1.69
N LEU F 60 -65.01 21.53 1.55
CA LEU F 60 -63.68 21.15 1.10
C LEU F 60 -63.46 21.57 -0.33
N VAL F 61 -62.27 22.09 -0.62
CA VAL F 61 -61.93 22.54 -1.96
C VAL F 61 -60.99 21.53 -2.59
N ARG F 62 -61.03 21.46 -3.91
CA ARG F 62 -60.18 20.54 -4.67
C ARG F 62 -58.90 21.26 -5.02
N SER F 63 -57.79 20.81 -4.43
CA SER F 63 -56.51 21.47 -4.61
C SER F 63 -55.96 21.34 -6.03
N CYS F 64 -56.54 20.47 -6.86
CA CYS F 64 -56.13 20.39 -8.25
C CYS F 64 -56.76 21.47 -9.12
N ALA F 65 -57.72 22.21 -8.59
CA ALA F 65 -58.46 23.18 -9.40
C ALA F 65 -58.48 24.58 -8.79
N THR F 66 -57.82 24.80 -7.67
CA THR F 66 -57.75 26.12 -7.05
C THR F 66 -56.32 26.61 -7.06
N SER F 67 -56.11 27.81 -7.60
CA SER F 67 -54.79 28.41 -7.66
C SER F 67 -54.44 29.05 -6.33
N VAL F 68 -53.14 29.15 -6.06
CA VAL F 68 -52.68 29.71 -4.79
C VAL F 68 -52.90 31.22 -4.79
N GLN F 69 -53.24 31.75 -3.62
CA GLN F 69 -53.32 33.17 -3.35
C GLN F 69 -52.34 33.51 -2.25
N ASN F 70 -52.38 34.75 -1.79
CA ASN F 70 -51.49 35.18 -0.73
C ASN F 70 -52.13 34.97 0.63
N GLY F 71 -51.40 34.34 1.54
CA GLY F 71 -51.82 34.23 2.93
C GLY F 71 -53.07 33.43 3.18
N GLN F 72 -53.17 32.24 2.57
CA GLN F 72 -54.29 31.35 2.80
C GLN F 72 -53.81 30.12 3.56
N VAL F 73 -54.63 29.67 4.50
CA VAL F 73 -54.26 28.62 5.44
C VAL F 73 -54.94 27.33 5.01
N ILE F 74 -54.14 26.29 4.77
CA ILE F 74 -54.59 25.04 4.18
C ILE F 74 -54.22 23.89 5.11
N ARG F 75 -55.14 22.94 5.27
CA ARG F 75 -54.88 21.71 6.02
C ARG F 75 -55.28 20.53 5.15
N THR F 76 -54.38 19.55 5.05
CA THR F 76 -54.62 18.40 4.18
C THR F 76 -54.84 17.10 4.92
N ASP F 77 -54.69 17.07 6.25
CA ASP F 77 -54.72 15.84 7.02
C ASP F 77 -55.73 15.94 8.16
N THR F 78 -56.89 16.53 7.89
CA THR F 78 -57.91 16.65 8.92
C THR F 78 -58.72 15.37 8.99
N SER F 79 -59.75 15.37 9.84
CA SER F 79 -60.66 14.23 9.89
C SER F 79 -61.55 14.17 8.66
N ARG F 80 -62.02 15.34 8.20
CA ARG F 80 -62.94 15.37 7.07
C ARG F 80 -62.28 14.91 5.78
N THR F 81 -61.06 15.38 5.50
CA THR F 81 -60.37 14.99 4.28
C THR F 81 -60.02 13.50 4.30
N VAL F 82 -59.57 12.99 5.44
CA VAL F 82 -59.23 11.58 5.54
C VAL F 82 -60.47 10.71 5.37
N VAL F 83 -61.59 11.13 5.97
CA VAL F 83 -62.84 10.39 5.83
C VAL F 83 -63.30 10.38 4.37
N ALA F 84 -63.21 11.54 3.70
CA ALA F 84 -63.64 11.61 2.30
C ALA F 84 -62.76 10.75 1.40
N ARG F 85 -61.44 10.76 1.64
CA ARG F 85 -60.55 9.95 0.82
C ARG F 85 -60.76 8.46 1.07
N LYS F 86 -60.97 8.06 2.32
CA LYS F 86 -61.23 6.65 2.62
C LYS F 86 -62.53 6.19 2.00
N THR F 87 -63.58 7.01 2.05
CA THR F 87 -64.84 6.63 1.43
C THR F 87 -64.70 6.51 -0.08
N ALA F 88 -63.98 7.44 -0.70
CA ALA F 88 -63.76 7.37 -2.14
C ALA F 88 -62.99 6.12 -2.52
N LEU F 89 -61.95 5.79 -1.76
CA LEU F 89 -61.15 4.61 -2.06
C LEU F 89 -61.93 3.32 -1.81
N GLN F 90 -62.80 3.29 -0.81
CA GLN F 90 -63.66 2.13 -0.61
C GLN F 90 -64.62 1.93 -1.77
N LEU F 91 -65.20 3.03 -2.26
CA LEU F 91 -66.09 2.94 -3.41
C LEU F 91 -65.34 2.49 -4.66
N LEU F 92 -64.10 2.94 -4.82
CA LEU F 92 -63.32 2.51 -5.97
C LEU F 92 -62.92 1.05 -5.87
N ALA F 93 -62.54 0.59 -4.68
CA ALA F 93 -62.20 -0.81 -4.46
C ALA F 93 -63.41 -1.72 -4.52
N SER F 94 -64.61 -1.15 -4.46
CA SER F 94 -65.83 -1.91 -4.66
C SER F 94 -66.04 -2.35 -6.09
N ASP F 95 -65.23 -1.88 -7.05
CA ASP F 95 -65.45 -2.13 -8.47
C ASP F 95 -64.24 -2.67 -9.21
N HIS F 96 -63.20 -3.10 -8.52
CA HIS F 96 -61.93 -3.41 -9.14
C HIS F 96 -61.73 -4.92 -9.18
N ARG F 97 -61.40 -5.45 -10.35
CA ARG F 97 -61.06 -6.85 -10.51
C ARG F 97 -59.62 -6.96 -10.99
N GLY F 98 -58.80 -7.68 -10.24
CA GLY F 98 -57.44 -7.92 -10.68
C GLY F 98 -56.64 -8.59 -9.59
N ASP F 99 -55.49 -9.11 -10.00
CA ASP F 99 -54.48 -9.68 -9.11
C ASP F 99 -53.34 -8.69 -9.01
N CYS F 100 -53.19 -8.06 -7.84
CA CYS F 100 -52.02 -7.21 -7.64
C CYS F 100 -50.75 -8.04 -7.65
N ARG F 101 -50.79 -9.22 -7.02
CA ARG F 101 -49.66 -10.13 -6.94
C ARG F 101 -50.13 -11.52 -7.30
N PRO F 102 -49.27 -12.33 -7.93
CA PRO F 102 -49.71 -13.64 -8.43
C PRO F 102 -49.94 -14.62 -7.29
N PRO F 103 -50.69 -15.70 -7.54
CA PRO F 103 -50.92 -16.69 -6.48
C PRO F 103 -49.66 -17.35 -5.97
N CYS F 104 -48.68 -17.55 -6.85
CA CYS F 104 -47.44 -18.20 -6.45
C CYS F 104 -46.68 -17.39 -5.41
N MET F 105 -46.68 -16.06 -5.56
CA MET F 105 -45.98 -15.23 -4.60
C MET F 105 -46.73 -15.15 -3.28
N LEU F 106 -48.05 -15.06 -3.33
CA LEU F 106 -48.83 -14.95 -2.11
C LEU F 106 -48.85 -16.26 -1.33
N ALA F 107 -48.57 -17.38 -1.99
CA ALA F 107 -48.45 -18.65 -1.26
C ALA F 107 -47.10 -18.85 -0.59
N CYS F 108 -46.06 -18.15 -1.05
CA CYS F 108 -44.75 -18.26 -0.41
C CYS F 108 -44.77 -17.59 0.94
N PRO F 109 -44.23 -18.22 1.99
CA PRO F 109 -44.16 -17.55 3.30
C PRO F 109 -43.31 -16.30 3.31
N ALA F 110 -42.24 -16.22 2.52
CA ALA F 110 -41.40 -15.04 2.48
C ALA F 110 -41.83 -14.03 1.42
N GLN F 111 -42.89 -14.33 0.67
CA GLN F 111 -43.43 -13.45 -0.37
C GLN F 111 -42.38 -13.10 -1.41
N THR F 112 -41.60 -14.10 -1.82
CA THR F 112 -40.64 -13.93 -2.90
C THR F 112 -41.38 -13.74 -4.22
N ASP F 113 -40.88 -12.81 -5.03
CA ASP F 113 -41.52 -12.51 -6.31
C ASP F 113 -41.25 -13.61 -7.32
N CYS F 114 -42.06 -14.67 -7.29
CA CYS F 114 -41.82 -15.83 -8.15
C CYS F 114 -42.00 -15.48 -9.62
N GLN F 115 -43.04 -14.70 -9.93
CA GLN F 115 -43.28 -14.31 -11.31
C GLN F 115 -42.13 -13.51 -11.88
N GLY F 116 -41.56 -12.62 -11.08
CA GLY F 116 -40.45 -11.78 -11.49
C GLY F 116 -39.22 -12.55 -11.90
N TYR F 117 -38.71 -13.46 -11.06
CA TYR F 117 -37.51 -14.15 -11.50
C TYR F 117 -37.80 -15.29 -12.46
N VAL F 118 -39.01 -15.87 -12.44
CA VAL F 118 -39.35 -16.82 -13.51
C VAL F 118 -39.35 -16.12 -14.86
N GLY F 119 -39.94 -14.93 -14.93
CA GLY F 119 -39.97 -14.20 -16.19
C GLY F 119 -38.65 -13.56 -16.55
N LEU F 120 -37.76 -13.36 -15.57
CA LEU F 120 -36.42 -12.91 -15.91
C LEU F 120 -35.57 -14.07 -16.46
N ILE F 121 -35.78 -15.28 -15.93
CA ILE F 121 -35.14 -16.45 -16.53
C ILE F 121 -35.64 -16.66 -17.96
N ALA F 122 -36.94 -16.44 -18.18
CA ALA F 122 -37.48 -16.56 -19.53
C ALA F 122 -36.88 -15.57 -20.52
N ASN F 123 -36.31 -14.47 -20.05
CA ASN F 123 -35.63 -13.50 -20.91
C ASN F 123 -34.14 -13.74 -21.00
N GLY F 124 -33.60 -14.76 -20.33
CA GLY F 124 -32.19 -15.04 -20.38
C GLY F 124 -31.32 -14.23 -19.44
N GLN F 125 -31.92 -13.52 -18.49
CA GLN F 125 -31.18 -12.70 -17.54
C GLN F 125 -31.13 -13.45 -16.20
N TYR F 126 -29.96 -13.97 -15.86
CA TYR F 126 -29.82 -14.77 -14.64
C TYR F 126 -29.22 -14.00 -13.48
N GLU F 127 -28.34 -13.03 -13.74
CA GLU F 127 -27.84 -12.19 -12.66
C GLU F 127 -28.97 -11.34 -12.10
N GLU F 128 -29.85 -10.83 -12.94
CA GLU F 128 -31.01 -10.08 -12.47
C GLU F 128 -31.97 -10.96 -11.69
N ALA F 129 -32.15 -12.21 -12.12
CA ALA F 129 -33.00 -13.13 -11.38
C ALA F 129 -32.44 -13.41 -9.99
N LEU F 130 -31.11 -13.58 -9.89
CA LEU F 130 -30.51 -13.75 -8.58
C LEU F 130 -30.62 -12.50 -7.73
N LYS F 131 -30.44 -11.32 -8.33
CA LYS F 131 -30.61 -10.07 -7.60
C LYS F 131 -32.01 -9.95 -7.05
N LEU F 132 -33.01 -10.41 -7.80
CA LEU F 132 -34.39 -10.39 -7.33
C LEU F 132 -34.60 -11.40 -6.21
N ILE F 133 -34.00 -12.59 -6.32
CA ILE F 133 -34.20 -13.60 -5.28
C ILE F 133 -33.54 -13.18 -3.98
N LYS F 134 -32.35 -12.60 -4.05
CA LYS F 134 -31.56 -12.25 -2.87
C LYS F 134 -32.14 -11.09 -2.07
N ASP F 135 -33.19 -10.44 -2.57
CA ASP F 135 -33.89 -9.43 -1.77
C ASP F 135 -34.66 -10.02 -0.61
N LYS F 136 -34.82 -11.34 -0.55
CA LYS F 136 -35.58 -11.99 0.50
C LYS F 136 -34.78 -13.00 1.32
N MET F 137 -33.87 -13.74 0.70
CA MET F 137 -33.08 -14.71 1.44
C MET F 137 -31.61 -14.58 1.07
N PRO F 138 -30.71 -14.93 2.00
CA PRO F 138 -29.27 -14.93 1.68
C PRO F 138 -28.74 -16.23 1.12
N ILE F 139 -29.52 -17.31 1.17
CA ILE F 139 -29.05 -18.63 0.80
C ILE F 139 -30.04 -19.29 -0.17
N PRO F 140 -30.12 -18.83 -1.43
CA PRO F 140 -31.20 -19.33 -2.30
C PRO F 140 -30.97 -20.72 -2.86
N ALA F 141 -29.73 -21.19 -2.99
CA ALA F 141 -29.52 -22.51 -3.57
C ALA F 141 -30.00 -23.62 -2.63
N SER F 142 -29.67 -23.52 -1.34
CA SER F 142 -30.12 -24.51 -0.37
C SER F 142 -31.64 -24.53 -0.27
N ILE F 143 -32.25 -23.35 -0.19
CA ILE F 143 -33.69 -23.26 -0.06
C ILE F 143 -34.39 -23.78 -1.31
N GLY F 144 -33.87 -23.45 -2.49
CA GLY F 144 -34.42 -24.01 -3.71
C GLY F 144 -34.25 -25.51 -3.79
N LYS F 145 -33.21 -26.04 -3.15
CA LYS F 145 -32.99 -27.48 -3.19
C LYS F 145 -33.95 -28.22 -2.25
N ILE F 146 -34.29 -27.63 -1.11
CA ILE F 146 -34.98 -28.38 -0.05
C ILE F 146 -36.39 -27.87 0.24
N CYS F 147 -36.88 -26.85 -0.46
CA CYS F 147 -38.17 -26.28 -0.08
C CYS F 147 -39.31 -27.24 -0.45
N PRO F 148 -40.34 -27.35 0.39
CA PRO F 148 -41.52 -28.13 0.03
C PRO F 148 -42.46 -27.39 -0.91
N HIS F 149 -42.08 -26.19 -1.35
CA HIS F 149 -42.72 -25.30 -2.33
C HIS F 149 -44.23 -25.21 -2.18
N PRO F 150 -44.73 -24.45 -1.20
CA PRO F 150 -46.15 -24.08 -1.21
C PRO F 150 -46.54 -23.25 -2.41
N CYS F 151 -45.58 -22.59 -3.06
CA CYS F 151 -45.89 -21.73 -4.20
C CYS F 151 -46.38 -22.54 -5.39
N GLU F 152 -45.82 -23.74 -5.58
CA GLU F 152 -46.24 -24.56 -6.71
C GLU F 152 -47.61 -25.17 -6.51
N THR F 153 -48.10 -25.24 -5.27
CA THR F 153 -49.45 -25.70 -5.03
C THR F 153 -50.47 -24.70 -5.52
N ALA F 154 -50.18 -23.41 -5.37
CA ALA F 154 -51.10 -22.34 -5.75
C ALA F 154 -50.90 -21.85 -7.17
N CYS F 155 -49.97 -22.44 -7.92
CA CYS F 155 -49.70 -22.01 -9.28
C CYS F 155 -50.91 -22.26 -10.17
N ARG F 156 -51.27 -21.26 -10.97
CA ARG F 156 -52.44 -21.36 -11.84
C ARG F 156 -52.19 -22.21 -13.06
N ARG F 157 -50.93 -22.49 -13.40
CA ARG F 157 -50.63 -23.45 -14.46
C ARG F 157 -51.15 -24.85 -14.12
N GLU F 158 -51.44 -25.11 -12.83
CA GLU F 158 -52.09 -26.35 -12.44
C GLU F 158 -53.46 -26.52 -13.08
N LEU F 159 -54.10 -25.42 -13.50
CA LEU F 159 -55.40 -25.52 -14.16
C LEU F 159 -55.29 -25.93 -15.62
N VAL F 160 -54.10 -25.91 -16.18
CA VAL F 160 -53.86 -26.38 -17.55
C VAL F 160 -53.22 -27.75 -17.57
N GLU F 161 -52.20 -27.94 -16.75
CA GLU F 161 -51.35 -29.13 -16.69
C GLU F 161 -50.67 -29.11 -15.33
N GLU F 162 -49.55 -29.79 -15.20
CA GLU F 162 -48.75 -29.65 -14.00
C GLU F 162 -48.08 -28.26 -13.96
N PRO F 163 -47.83 -27.72 -12.75
CA PRO F 163 -47.39 -26.31 -12.64
C PRO F 163 -45.93 -26.03 -12.99
N ILE F 164 -45.50 -24.80 -12.74
CA ILE F 164 -44.14 -24.36 -13.03
C ILE F 164 -43.22 -24.84 -11.91
N SER F 165 -42.00 -25.25 -12.28
CA SER F 165 -41.00 -25.73 -11.32
C SER F 165 -40.23 -24.55 -10.77
N ILE F 166 -40.81 -23.90 -9.77
CA ILE F 166 -40.28 -22.64 -9.27
C ILE F 166 -38.99 -22.87 -8.47
N ALA F 167 -39.00 -23.90 -7.60
CA ALA F 167 -37.85 -24.16 -6.74
C ALA F 167 -36.64 -24.60 -7.55
N GLN F 168 -36.85 -25.41 -8.59
CA GLN F 168 -35.75 -25.85 -9.44
C GLN F 168 -35.12 -24.68 -10.19
N LEU F 169 -35.95 -23.76 -10.68
CA LEU F 169 -35.41 -22.58 -11.36
C LEU F 169 -34.60 -21.71 -10.42
N LYS F 170 -35.09 -21.53 -9.18
CA LYS F 170 -34.35 -20.74 -8.20
C LYS F 170 -33.01 -21.38 -7.87
N SER F 171 -33.00 -22.71 -7.68
CA SER F 171 -31.74 -23.41 -7.41
C SER F 171 -30.78 -23.28 -8.58
N PHE F 172 -31.29 -23.37 -9.81
CA PHE F 172 -30.46 -23.23 -11.00
C PHE F 172 -29.78 -21.87 -11.04
N VAL F 173 -30.56 -20.80 -10.83
CA VAL F 173 -30.01 -19.45 -10.91
C VAL F 173 -28.98 -19.23 -9.79
N ALA F 174 -29.30 -19.69 -8.58
CA ALA F 174 -28.40 -19.49 -7.45
C ALA F 174 -27.07 -20.21 -7.65
N GLU F 175 -27.11 -21.45 -8.17
CA GLU F 175 -25.86 -22.17 -8.37
C GLU F 175 -25.08 -21.63 -9.56
N VAL F 176 -25.77 -21.18 -10.62
CA VAL F 176 -25.08 -20.58 -11.76
C VAL F 176 -24.34 -19.33 -11.34
N ASP F 177 -24.95 -18.51 -10.49
CA ASP F 177 -24.26 -17.29 -10.07
C ASP F 177 -23.34 -17.50 -8.87
N LEU F 178 -23.40 -18.65 -8.20
CA LEU F 178 -22.33 -18.99 -7.27
C LEU F 178 -21.07 -19.44 -8.01
N ASN F 179 -21.26 -20.23 -9.08
CA ASN F 179 -20.11 -20.72 -9.84
C ASN F 179 -19.51 -19.68 -10.77
N GLY F 180 -20.11 -18.50 -10.87
CA GLY F 180 -19.56 -17.43 -11.69
C GLY F 180 -19.14 -16.23 -10.88
N ASN F 181 -19.68 -15.06 -11.22
CA ASN F 181 -19.37 -13.83 -10.51
C ASN F 181 -20.33 -13.68 -9.34
N GLN F 182 -19.79 -13.76 -8.12
CA GLN F 182 -20.64 -13.73 -6.94
C GLN F 182 -21.15 -12.32 -6.68
N TYR F 183 -22.43 -12.22 -6.35
CA TYR F 183 -23.13 -10.95 -6.22
C TYR F 183 -23.16 -10.51 -4.76
N GLN F 184 -22.75 -9.29 -4.50
CA GLN F 184 -22.81 -8.70 -3.16
C GLN F 184 -23.70 -7.48 -3.20
N PRO F 185 -24.77 -7.44 -2.40
CA PRO F 185 -25.70 -6.32 -2.47
C PRO F 185 -25.10 -5.06 -1.88
N PRO F 186 -25.58 -3.89 -2.30
CA PRO F 186 -25.08 -2.64 -1.71
C PRO F 186 -25.47 -2.51 -0.24
N MET F 187 -24.60 -1.87 0.52
CA MET F 187 -24.73 -1.74 1.97
C MET F 187 -24.77 -0.29 2.37
N LYS F 188 -25.60 0.03 3.35
CA LYS F 188 -25.70 1.39 3.86
C LYS F 188 -24.44 1.77 4.63
N PRO F 189 -24.15 3.07 4.76
CA PRO F 189 -22.98 3.48 5.56
C PRO F 189 -23.13 3.08 7.02
N ALA F 190 -21.99 2.85 7.66
CA ALA F 190 -21.99 2.30 9.01
C ALA F 190 -22.67 3.23 10.00
N THR F 191 -23.54 2.66 10.83
CA THR F 191 -24.34 3.43 11.78
C THR F 191 -23.71 3.50 13.16
N GLY F 192 -22.74 2.63 13.46
CA GLY F 192 -22.15 2.59 14.79
C GLY F 192 -22.90 1.76 15.80
N LYS F 193 -23.89 0.98 15.38
CA LYS F 193 -24.66 0.11 16.26
C LYS F 193 -24.13 -1.30 16.21
N LYS F 194 -24.47 -2.08 17.24
CA LYS F 194 -24.02 -3.46 17.35
C LYS F 194 -25.18 -4.38 17.68
N VAL F 195 -25.30 -5.46 16.91
CA VAL F 195 -26.34 -6.46 17.09
C VAL F 195 -25.67 -7.81 17.26
N ALA F 196 -26.09 -8.56 18.26
CA ALA F 196 -25.62 -9.92 18.50
C ALA F 196 -26.73 -10.89 18.14
N VAL F 197 -26.42 -11.84 17.27
CA VAL F 197 -27.36 -12.86 16.82
C VAL F 197 -26.91 -14.19 17.40
N VAL F 198 -27.82 -14.90 18.04
CA VAL F 198 -27.52 -16.16 18.72
C VAL F 198 -28.05 -17.30 17.86
N GLY F 199 -27.15 -18.03 17.23
CA GLY F 199 -27.52 -19.10 16.33
C GLY F 199 -27.24 -18.71 14.89
N ALA F 200 -26.79 -19.67 14.10
CA ALA F 200 -26.47 -19.46 12.69
C ALA F 200 -27.28 -20.39 11.81
N GLY F 201 -28.56 -20.59 12.14
CA GLY F 201 -29.47 -21.31 11.28
C GLY F 201 -30.01 -20.38 10.22
N PRO F 202 -31.07 -20.80 9.53
CA PRO F 202 -31.69 -19.91 8.53
C PRO F 202 -32.17 -18.58 9.11
N ALA F 203 -32.78 -18.59 10.29
CA ALA F 203 -33.31 -17.36 10.86
C ALA F 203 -32.21 -16.40 11.27
N GLY F 204 -31.20 -16.92 11.99
CA GLY F 204 -30.11 -16.07 12.42
C GLY F 204 -29.28 -15.54 11.27
N LEU F 205 -29.00 -16.38 10.28
CA LEU F 205 -28.26 -15.94 9.11
C LEU F 205 -29.04 -14.89 8.33
N THR F 206 -30.36 -15.06 8.20
CA THR F 206 -31.15 -14.07 7.49
C THR F 206 -31.20 -12.75 8.23
N ALA F 207 -31.37 -12.79 9.56
CA ALA F 207 -31.38 -11.56 10.34
C ALA F 207 -30.05 -10.84 10.27
N ALA F 208 -28.95 -11.58 10.33
CA ALA F 208 -27.63 -10.97 10.18
C ALA F 208 -27.43 -10.39 8.79
N TYR F 209 -27.91 -11.09 7.77
CA TYR F 209 -27.77 -10.62 6.39
C TYR F 209 -28.53 -9.32 6.18
N PHE F 210 -29.71 -9.20 6.78
CA PHE F 210 -30.52 -8.01 6.56
C PHE F 210 -30.25 -6.91 7.56
N LEU F 211 -29.49 -7.18 8.62
CA LEU F 211 -29.02 -6.11 9.48
C LEU F 211 -27.66 -5.59 9.05
N ALA F 212 -26.85 -6.41 8.40
CA ALA F 212 -25.61 -5.92 7.82
C ALA F 212 -25.89 -5.03 6.64
N ARG F 213 -26.93 -5.30 5.85
CA ARG F 213 -27.30 -4.44 4.74
C ARG F 213 -27.89 -3.11 5.18
N ASP F 214 -28.22 -2.96 6.46
CA ASP F 214 -28.68 -1.70 7.01
C ASP F 214 -27.55 -0.86 7.59
N GLY F 215 -26.31 -1.36 7.54
CA GLY F 215 -25.17 -0.64 8.04
C GLY F 215 -24.72 -1.00 9.44
N HIS F 216 -25.43 -1.90 10.12
CA HIS F 216 -25.06 -2.28 11.47
C HIS F 216 -23.92 -3.29 11.46
N LYS F 217 -23.31 -3.48 12.62
CA LYS F 217 -22.26 -4.47 12.80
C LYS F 217 -22.85 -5.67 13.52
N VAL F 218 -22.78 -6.84 12.89
CA VAL F 218 -23.47 -8.04 13.36
C VAL F 218 -22.42 -9.07 13.74
N VAL F 219 -22.62 -9.71 14.90
CA VAL F 219 -21.82 -10.83 15.36
C VAL F 219 -22.76 -12.00 15.61
N ILE F 220 -22.40 -13.18 15.13
CA ILE F 220 -23.21 -14.38 15.28
C ILE F 220 -22.52 -15.32 16.24
N TYR F 221 -23.27 -15.80 17.24
CA TYR F 221 -22.77 -16.76 18.21
C TYR F 221 -23.41 -18.11 17.94
N GLU F 222 -22.62 -19.08 17.50
CA GLU F 222 -23.11 -20.40 17.12
C GLU F 222 -22.50 -21.44 18.04
N ALA F 223 -23.30 -22.39 18.50
CA ALA F 223 -22.85 -23.40 19.44
C ALA F 223 -22.14 -24.57 18.78
N MET F 224 -22.12 -24.62 17.45
CA MET F 224 -21.67 -25.76 16.67
C MET F 224 -20.40 -25.40 15.90
N PRO F 225 -19.60 -26.39 15.51
CA PRO F 225 -18.36 -26.08 14.78
C PRO F 225 -18.58 -25.37 13.45
N HIS F 226 -19.70 -25.60 12.79
CA HIS F 226 -19.96 -25.09 11.46
C HIS F 226 -21.35 -24.47 11.41
N PRO F 227 -21.54 -23.46 10.56
CA PRO F 227 -22.84 -22.80 10.49
C PRO F 227 -23.80 -23.51 9.56
N GLY F 228 -25.09 -23.25 9.77
CA GLY F 228 -26.12 -23.83 8.95
C GLY F 228 -27.34 -24.27 9.71
N GLY F 229 -27.15 -24.70 10.96
CA GLY F 229 -28.28 -25.14 11.76
C GLY F 229 -28.78 -26.49 11.35
N MET F 230 -30.10 -26.70 11.39
CA MET F 230 -30.67 -27.97 10.96
C MET F 230 -30.54 -28.20 9.47
N LEU F 231 -30.15 -27.19 8.70
CA LEU F 231 -29.80 -27.42 7.31
C LEU F 231 -28.51 -28.21 7.18
N ARG F 232 -27.67 -28.19 8.19
CA ARG F 232 -26.42 -28.95 8.18
C ARG F 232 -26.49 -30.21 9.03
N TYR F 233 -27.14 -30.15 10.18
CA TYR F 233 -27.18 -31.27 11.11
C TYR F 233 -28.52 -31.98 11.14
N GLY F 234 -29.45 -31.63 10.26
CA GLY F 234 -30.65 -32.42 10.13
C GLY F 234 -30.95 -32.85 8.71
N ILE F 235 -30.56 -32.04 7.74
CA ILE F 235 -30.79 -32.39 6.33
C ILE F 235 -29.68 -33.33 5.90
N PRO F 236 -30.00 -34.49 5.35
CA PRO F 236 -28.96 -35.43 4.94
C PRO F 236 -28.16 -34.91 3.75
N GLN F 237 -26.95 -35.45 3.62
CA GLN F 237 -26.02 -34.96 2.62
C GLN F 237 -26.51 -35.22 1.20
N TYR F 238 -27.19 -36.34 0.98
CA TYR F 238 -27.63 -36.66 -0.38
C TYR F 238 -28.72 -35.72 -0.88
N ARG F 239 -29.40 -35.01 0.02
CA ARG F 239 -30.43 -34.05 -0.37
C ARG F 239 -29.91 -32.61 -0.41
N LEU F 240 -29.01 -32.26 0.50
CA LEU F 240 -28.38 -30.94 0.51
C LEU F 240 -26.88 -31.14 0.63
N ASP F 241 -26.14 -30.67 -0.36
CA ASP F 241 -24.69 -30.70 -0.29
C ASP F 241 -24.21 -29.63 0.68
N LYS F 242 -23.27 -30.00 1.55
CA LYS F 242 -22.75 -29.03 2.51
C LYS F 242 -21.74 -28.07 1.89
N ALA F 243 -21.21 -28.40 0.71
CA ALA F 243 -20.33 -27.47 0.01
C ALA F 243 -21.08 -26.22 -0.43
N LEU F 244 -22.33 -26.38 -0.89
CA LEU F 244 -23.14 -25.23 -1.25
C LEU F 244 -23.38 -24.34 -0.04
N LEU F 245 -23.72 -24.93 1.09
CA LEU F 245 -24.00 -24.17 2.30
C LEU F 245 -22.76 -23.43 2.79
N ASP F 246 -21.60 -24.10 2.75
CA ASP F 246 -20.35 -23.45 3.14
C ASP F 246 -20.00 -22.30 2.20
N ALA F 247 -20.18 -22.48 0.90
CA ALA F 247 -19.88 -21.42 -0.05
C ALA F 247 -20.78 -20.21 0.15
N GLU F 248 -22.08 -20.44 0.39
CA GLU F 248 -22.98 -19.33 0.65
C GLU F 248 -22.62 -18.58 1.94
N VAL F 249 -22.28 -19.32 3.00
CA VAL F 249 -21.93 -18.65 4.24
C VAL F 249 -20.62 -17.87 4.08
N ALA F 250 -19.68 -18.39 3.28
CA ALA F 250 -18.47 -17.64 2.99
C ALA F 250 -18.77 -16.35 2.24
N LEU F 251 -19.71 -16.42 1.29
CA LEU F 251 -20.14 -15.21 0.59
C LEU F 251 -20.73 -14.20 1.55
N MET F 252 -21.54 -14.67 2.50
CA MET F 252 -22.15 -13.78 3.48
C MET F 252 -21.10 -13.16 4.41
N THR F 253 -20.13 -13.95 4.85
CA THR F 253 -19.11 -13.45 5.77
C THR F 253 -18.10 -12.55 5.08
N LYS F 254 -18.06 -12.56 3.74
CA LYS F 254 -17.26 -11.56 3.03
C LYS F 254 -17.84 -10.15 3.22
N MET F 255 -19.14 -10.05 3.50
CA MET F 255 -19.81 -8.76 3.65
C MET F 255 -19.47 -8.05 4.95
N GLY F 256 -18.83 -8.71 5.89
CA GLY F 256 -18.47 -8.11 7.15
C GLY F 256 -19.20 -8.64 8.36
N ILE F 257 -19.72 -9.86 8.31
CA ILE F 257 -20.39 -10.47 9.44
C ILE F 257 -19.44 -11.46 10.10
N GLU F 258 -19.24 -11.31 11.40
CA GLU F 258 -18.34 -12.17 12.15
C GLU F 258 -19.14 -13.28 12.82
N ILE F 259 -18.74 -14.53 12.60
CA ILE F 259 -19.39 -15.68 13.18
C ILE F 259 -18.42 -16.35 14.15
N ILE F 260 -18.84 -16.52 15.39
CA ILE F 260 -18.03 -17.10 16.44
C ILE F 260 -18.60 -18.48 16.75
N TYR F 261 -17.85 -19.52 16.44
CA TYR F 261 -18.31 -20.88 16.59
C TYR F 261 -17.95 -21.41 17.97
N ASN F 262 -18.56 -22.54 18.32
CA ASN F 262 -18.33 -23.25 19.58
C ASN F 262 -18.58 -22.37 20.80
N THR F 263 -19.59 -21.50 20.72
CA THR F 263 -19.93 -20.59 21.81
C THR F 263 -21.42 -20.74 22.11
N LYS F 264 -21.75 -21.41 23.20
CA LYS F 264 -23.13 -21.63 23.60
C LYS F 264 -23.53 -20.58 24.62
N ILE F 265 -24.53 -19.76 24.28
CA ILE F 265 -24.97 -18.69 25.16
C ILE F 265 -25.75 -19.29 26.32
N GLY F 266 -25.39 -18.88 27.54
CA GLY F 266 -25.96 -19.40 28.75
C GLY F 266 -25.15 -20.51 29.37
N ASP F 267 -24.35 -21.20 28.57
CA ASP F 267 -23.45 -22.24 29.03
C ASP F 267 -21.98 -21.82 29.01
N ASP F 268 -21.59 -20.99 28.04
CA ASP F 268 -20.24 -20.48 27.92
C ASP F 268 -20.17 -18.98 28.11
N VAL F 269 -21.06 -18.24 27.46
CA VAL F 269 -21.16 -16.79 27.57
C VAL F 269 -22.56 -16.47 28.06
N SER F 270 -22.66 -15.60 29.06
CA SER F 270 -23.94 -15.22 29.61
C SER F 270 -24.73 -14.37 28.61
N LEU F 271 -26.05 -14.34 28.78
CA LEU F 271 -26.86 -13.42 28.00
C LEU F 271 -26.78 -11.99 28.56
N ASP F 272 -26.47 -11.83 29.84
CA ASP F 272 -26.27 -10.49 30.39
C ASP F 272 -25.04 -9.82 29.79
N TYR F 273 -24.01 -10.61 29.46
CA TYR F 273 -22.84 -10.07 28.77
C TYR F 273 -23.20 -9.49 27.41
N LEU F 274 -24.01 -10.23 26.63
CA LEU F 274 -24.44 -9.74 25.33
C LEU F 274 -25.40 -8.57 25.47
N HIS F 275 -26.21 -8.58 26.52
CA HIS F 275 -27.13 -7.48 26.77
C HIS F 275 -26.38 -6.20 27.07
N ASP F 276 -25.30 -6.29 27.85
CA ASP F 276 -24.51 -5.11 28.19
C ASP F 276 -23.66 -4.63 27.03
N ASN F 277 -23.11 -5.54 26.23
CA ASN F 277 -22.11 -5.14 25.25
C ASN F 277 -22.67 -4.82 23.86
N TYR F 278 -23.95 -5.04 23.61
CA TYR F 278 -24.50 -4.90 22.28
C TYR F 278 -25.78 -4.06 22.30
N ASP F 279 -26.04 -3.38 21.18
CA ASP F 279 -27.22 -2.53 21.07
C ASP F 279 -28.50 -3.33 20.86
N ALA F 280 -28.41 -4.56 20.32
CA ALA F 280 -29.59 -5.41 20.28
C ALA F 280 -29.16 -6.86 20.26
N VAL F 281 -30.08 -7.75 20.66
CA VAL F 281 -29.84 -9.19 20.70
C VAL F 281 -31.01 -9.90 20.02
N PHE F 282 -30.71 -10.84 19.13
CA PHE F 282 -31.71 -11.65 18.46
C PHE F 282 -31.44 -13.12 18.77
N LEU F 283 -32.49 -13.86 19.14
CA LEU F 283 -32.37 -15.25 19.55
C LEU F 283 -33.01 -16.16 18.50
N GLY F 284 -32.18 -16.86 17.74
CA GLY F 284 -32.63 -17.79 16.73
C GLY F 284 -32.22 -19.21 17.04
N ILE F 285 -32.41 -19.63 18.30
CA ILE F 285 -31.79 -20.86 18.80
C ILE F 285 -32.42 -22.12 18.20
N GLY F 286 -33.66 -22.06 17.74
CA GLY F 286 -34.27 -23.22 17.12
C GLY F 286 -34.75 -24.24 18.13
N SER F 287 -35.31 -25.33 17.61
CA SER F 287 -35.86 -26.41 18.44
C SER F 287 -34.96 -27.63 18.32
N TRP F 288 -34.10 -27.82 19.32
CA TRP F 288 -33.02 -28.80 19.27
C TRP F 288 -33.17 -29.85 20.35
N GLN F 289 -34.40 -30.29 20.59
CA GLN F 289 -34.66 -31.45 21.44
C GLN F 289 -35.54 -32.43 20.68
N SER F 290 -35.44 -33.70 21.06
CA SER F 290 -36.22 -34.74 20.44
C SER F 290 -37.24 -35.27 21.45
N GLN F 291 -38.48 -35.45 21.00
CA GLN F 291 -39.50 -36.04 21.84
C GLN F 291 -39.22 -37.52 22.05
N GLY F 292 -39.48 -38.00 23.26
CA GLY F 292 -39.29 -39.40 23.57
C GLY F 292 -40.46 -40.25 23.11
N LEU F 293 -40.31 -41.56 23.31
CA LEU F 293 -41.34 -42.49 22.86
C LEU F 293 -42.62 -42.40 23.68
N ARG F 294 -42.55 -41.86 24.90
CA ARG F 294 -43.69 -41.78 25.81
C ARG F 294 -44.30 -43.15 26.07
N CYS F 295 -43.45 -44.13 26.33
CA CYS F 295 -43.88 -45.51 26.55
C CYS F 295 -43.06 -46.13 27.67
N LYS F 296 -43.46 -47.34 28.06
CA LYS F 296 -42.73 -48.05 29.10
C LYS F 296 -41.38 -48.53 28.58
N GLY F 297 -40.33 -48.31 29.35
CA GLY F 297 -39.00 -48.71 28.94
C GLY F 297 -38.35 -47.80 27.91
N GLU F 298 -38.80 -46.55 27.79
CA GLU F 298 -38.23 -45.62 26.83
C GLU F 298 -36.81 -45.20 27.21
N ASP F 299 -36.41 -45.41 28.46
CA ASP F 299 -35.10 -45.00 28.96
C ASP F 299 -34.05 -46.09 28.83
N MET F 300 -34.41 -47.23 28.24
CA MET F 300 -33.49 -48.35 28.15
C MET F 300 -32.40 -48.07 27.12
N GLU F 301 -31.25 -48.71 27.32
CA GLU F 301 -30.16 -48.58 26.36
C GLU F 301 -30.50 -49.27 25.06
N GLY F 302 -30.16 -48.63 23.94
CA GLY F 302 -30.54 -49.09 22.64
C GLY F 302 -31.64 -48.29 21.98
N VAL F 303 -32.17 -47.26 22.65
CA VAL F 303 -33.16 -46.35 22.10
C VAL F 303 -32.53 -44.97 22.03
N LEU F 304 -32.55 -44.36 20.85
CA LEU F 304 -31.94 -43.05 20.68
C LEU F 304 -32.85 -42.17 19.83
N GLY F 305 -32.73 -40.86 20.05
CA GLY F 305 -33.57 -39.92 19.32
C GLY F 305 -33.10 -39.71 17.90
N GLY F 306 -34.04 -39.28 17.05
CA GLY F 306 -33.72 -39.08 15.65
C GLY F 306 -32.78 -37.92 15.39
N ILE F 307 -32.97 -36.81 16.12
CA ILE F 307 -32.13 -35.64 15.94
C ILE F 307 -30.70 -35.94 16.36
N ASP F 308 -30.52 -36.62 17.49
CA ASP F 308 -29.19 -37.00 17.94
C ASP F 308 -28.52 -37.94 16.95
N PHE F 309 -29.28 -38.90 16.42
CA PHE F 309 -28.74 -39.82 15.42
C PHE F 309 -28.26 -39.09 14.18
N LEU F 310 -29.07 -38.14 13.68
CA LEU F 310 -28.67 -37.41 12.48
C LEU F 310 -27.47 -36.51 12.74
N ARG F 311 -27.39 -35.94 13.95
CA ARG F 311 -26.24 -35.13 14.30
C ARG F 311 -24.96 -35.95 14.37
N GLU F 312 -25.00 -37.15 14.95
CA GLU F 312 -23.81 -37.99 14.94
C GLU F 312 -23.45 -38.49 13.55
N VAL F 313 -24.46 -38.71 12.69
CA VAL F 313 -24.14 -39.06 11.30
C VAL F 313 -23.39 -37.92 10.63
N THR F 314 -23.85 -36.70 10.84
CA THR F 314 -23.25 -35.54 10.17
C THR F 314 -21.81 -35.30 10.61
N MET F 315 -21.54 -35.45 11.91
CA MET F 315 -20.21 -35.16 12.45
C MET F 315 -19.21 -36.29 12.24
N ASN F 316 -19.58 -37.32 11.47
CA ASN F 316 -18.70 -38.44 11.16
C ASN F 316 -18.23 -39.15 12.43
N SER F 317 -19.11 -39.24 13.41
CA SER F 317 -18.79 -39.86 14.67
C SER F 317 -18.99 -41.37 14.58
N ASN F 318 -18.69 -42.08 15.67
CA ASN F 318 -18.81 -43.53 15.71
C ASN F 318 -20.18 -43.90 16.24
N ILE F 319 -20.98 -44.58 15.43
CA ILE F 319 -22.34 -44.95 15.76
C ILE F 319 -22.45 -46.46 15.74
N THR F 320 -23.55 -46.96 16.29
CA THR F 320 -23.91 -48.37 16.20
C THR F 320 -25.37 -48.48 15.76
N LEU F 321 -25.62 -49.32 14.77
CA LEU F 321 -26.96 -49.48 14.23
C LEU F 321 -27.48 -50.91 14.36
N GLY F 322 -26.73 -51.89 13.88
CA GLY F 322 -27.21 -53.25 13.83
C GLY F 322 -27.92 -53.56 12.52
N GLY F 323 -28.29 -54.83 12.38
CA GLY F 323 -28.95 -55.26 11.16
C GLY F 323 -30.35 -54.70 11.00
N LYS F 324 -31.12 -54.68 12.08
CA LYS F 324 -32.52 -54.29 12.04
C LYS F 324 -32.76 -53.05 12.88
N VAL F 325 -33.40 -52.05 12.27
CA VAL F 325 -33.67 -50.77 12.92
C VAL F 325 -35.14 -50.42 12.71
N LEU F 326 -35.80 -50.02 13.80
CA LEU F 326 -37.19 -49.61 13.79
C LEU F 326 -37.27 -48.12 14.04
N VAL F 327 -37.83 -47.38 13.08
CA VAL F 327 -37.97 -45.93 13.19
C VAL F 327 -39.42 -45.62 13.51
N VAL F 328 -39.65 -44.90 14.60
CA VAL F 328 -40.98 -44.55 15.06
C VAL F 328 -41.26 -43.10 14.69
N GLY F 329 -42.34 -42.88 13.95
CA GLY F 329 -42.68 -41.55 13.48
C GLY F 329 -43.09 -41.53 12.03
N GLY F 330 -43.60 -40.40 11.55
CA GLY F 330 -44.08 -40.33 10.18
C GLY F 330 -43.79 -39.03 9.46
N GLY F 331 -43.08 -38.11 10.10
CA GLY F 331 -42.77 -36.84 9.50
C GLY F 331 -41.54 -36.92 8.61
N ASN F 332 -40.92 -35.77 8.39
CA ASN F 332 -39.70 -35.76 7.58
C ASN F 332 -38.49 -36.25 8.37
N THR F 333 -38.51 -36.11 9.70
CA THR F 333 -37.44 -36.67 10.52
C THR F 333 -37.38 -38.18 10.38
N ALA F 334 -38.55 -38.83 10.37
CA ALA F 334 -38.59 -40.28 10.20
C ALA F 334 -38.08 -40.70 8.83
N MET F 335 -38.45 -39.95 7.79
CA MET F 335 -37.97 -40.27 6.44
C MET F 335 -36.45 -40.13 6.33
N ASP F 336 -35.91 -39.03 6.87
CA ASP F 336 -34.46 -38.82 6.82
C ASP F 336 -33.73 -39.90 7.61
N VAL F 337 -34.25 -40.25 8.79
CA VAL F 337 -33.61 -41.29 9.60
C VAL F 337 -33.64 -42.63 8.88
N ALA F 338 -34.79 -42.97 8.28
CA ALA F 338 -34.92 -44.26 7.61
C ALA F 338 -34.02 -44.36 6.39
N ARG F 339 -33.93 -43.30 5.59
CA ARG F 339 -33.09 -43.38 4.40
C ARG F 339 -31.61 -43.33 4.74
N THR F 340 -31.22 -42.53 5.75
CA THR F 340 -29.83 -42.54 6.20
C THR F 340 -29.46 -43.90 6.78
N SER F 341 -30.41 -44.56 7.46
CA SER F 341 -30.16 -45.89 7.97
C SER F 341 -29.98 -46.90 6.84
N LYS F 342 -30.77 -46.78 5.77
CA LYS F 342 -30.58 -47.65 4.63
C LYS F 342 -29.21 -47.45 4.00
N ARG F 343 -28.72 -46.22 3.98
CA ARG F 343 -27.38 -45.98 3.46
C ARG F 343 -26.28 -46.43 4.41
N LEU F 344 -26.55 -46.53 5.71
CA LEU F 344 -25.53 -46.86 6.70
C LEU F 344 -25.47 -48.36 6.99
N GLY F 345 -25.86 -49.19 6.03
CA GLY F 345 -25.66 -50.62 6.15
C GLY F 345 -26.72 -51.38 6.90
N ALA F 346 -27.84 -50.76 7.25
CA ALA F 346 -28.93 -51.50 7.87
C ALA F 346 -29.63 -52.36 6.83
N GLU F 347 -29.74 -53.65 7.11
CA GLU F 347 -30.24 -54.57 6.10
C GLU F 347 -31.75 -54.45 5.92
N GLU F 348 -32.49 -54.18 6.99
CA GLU F 348 -33.92 -53.96 6.87
C GLU F 348 -34.36 -52.85 7.81
N VAL F 349 -35.04 -51.86 7.26
CA VAL F 349 -35.54 -50.70 7.99
C VAL F 349 -37.06 -50.69 7.87
N THR F 350 -37.74 -50.52 9.01
CA THR F 350 -39.19 -50.48 9.04
C THR F 350 -39.63 -49.24 9.79
N ILE F 351 -40.67 -48.59 9.29
CA ILE F 351 -41.20 -47.38 9.89
C ILE F 351 -42.52 -47.70 10.58
N ILE F 352 -42.63 -47.37 11.86
CA ILE F 352 -43.80 -47.65 12.68
C ILE F 352 -44.61 -46.37 12.79
N TYR F 353 -45.80 -46.35 12.20
CA TYR F 353 -46.65 -45.19 12.20
C TYR F 353 -48.07 -45.57 12.62
N ARG F 354 -48.75 -44.64 13.28
CA ARG F 354 -50.07 -44.92 13.84
C ARG F 354 -51.21 -44.52 12.92
N ARG F 355 -50.91 -44.06 11.70
CA ARG F 355 -51.96 -43.76 10.72
C ARG F 355 -51.58 -44.32 9.36
N THR F 356 -52.29 -43.92 8.31
CA THR F 356 -52.11 -44.47 6.98
C THR F 356 -51.10 -43.64 6.18
N ILE F 357 -50.78 -44.13 4.99
CA ILE F 357 -49.80 -43.45 4.13
C ILE F 357 -50.32 -42.09 3.68
N ASP F 358 -51.58 -42.05 3.27
CA ASP F 358 -52.18 -40.79 2.83
C ASP F 358 -52.33 -39.78 3.96
N GLU F 359 -52.24 -40.23 5.21
CA GLU F 359 -52.36 -39.38 6.37
C GLU F 359 -51.02 -38.85 6.86
N MET F 360 -49.93 -39.28 6.23
CA MET F 360 -48.59 -38.95 6.72
C MET F 360 -48.25 -37.50 6.43
N PRO F 361 -47.65 -36.78 7.38
CA PRO F 361 -47.25 -35.39 7.13
C PRO F 361 -46.01 -35.25 6.26
N ALA F 362 -45.33 -36.34 5.92
CA ALA F 362 -44.19 -36.27 5.03
C ALA F 362 -44.64 -36.04 3.59
N GLU F 363 -43.73 -35.53 2.77
CA GLU F 363 -44.04 -35.31 1.37
C GLU F 363 -44.18 -36.63 0.63
N LYS F 364 -45.08 -36.64 -0.35
CA LYS F 364 -45.31 -37.86 -1.14
C LYS F 364 -44.09 -38.21 -1.97
N ILE F 365 -43.34 -37.21 -2.42
CA ILE F 365 -42.12 -37.47 -3.19
C ILE F 365 -41.09 -38.19 -2.32
N GLU F 366 -40.93 -37.73 -1.08
CA GLU F 366 -39.99 -38.37 -0.16
C GLU F 366 -40.43 -39.79 0.18
N ILE F 367 -41.73 -40.00 0.37
CA ILE F 367 -42.24 -41.33 0.65
C ILE F 367 -42.01 -42.26 -0.53
N HIS F 368 -42.25 -41.77 -1.75
CA HIS F 368 -42.04 -42.59 -2.94
C HIS F 368 -40.57 -42.94 -3.12
N GLU F 369 -39.68 -41.97 -2.92
CA GLU F 369 -38.25 -42.22 -3.04
C GLU F 369 -37.77 -43.19 -1.95
N ALA F 370 -38.30 -43.04 -0.74
CA ALA F 370 -37.96 -43.97 0.34
C ALA F 370 -38.41 -45.39 0.02
N GLN F 371 -39.63 -45.54 -0.48
CA GLN F 371 -40.12 -46.87 -0.86
C GLN F 371 -39.30 -47.46 -1.99
N GLU F 372 -38.86 -46.62 -2.93
CA GLU F 372 -37.98 -47.10 -4.00
C GLU F 372 -36.63 -47.55 -3.46
N GLU F 373 -36.13 -46.87 -2.42
CA GLU F 373 -34.81 -47.22 -1.91
C GLU F 373 -34.83 -48.50 -1.09
N GLY F 374 -35.95 -48.82 -0.44
CA GLY F 374 -36.07 -50.12 0.18
C GLY F 374 -36.53 -50.18 1.62
N VAL F 375 -37.08 -49.09 2.15
CA VAL F 375 -37.57 -49.09 3.52
C VAL F 375 -39.05 -49.48 3.52
N LYS F 376 -39.40 -50.41 4.39
CA LYS F 376 -40.77 -50.91 4.50
C LYS F 376 -41.56 -50.07 5.50
N PHE F 377 -42.86 -49.95 5.26
CA PHE F 377 -43.73 -49.13 6.07
C PHE F 377 -44.74 -50.00 6.79
N GLN F 378 -44.84 -49.82 8.10
CA GLN F 378 -45.82 -50.53 8.91
C GLN F 378 -46.80 -49.50 9.46
N LEU F 379 -48.07 -49.66 9.12
CA LEU F 379 -49.05 -48.59 9.27
C LEU F 379 -50.09 -48.97 10.31
N LEU F 380 -50.71 -47.94 10.89
CA LEU F 380 -51.79 -48.10 11.88
C LEU F 380 -51.34 -48.93 13.08
N VAL F 381 -50.16 -48.60 13.58
CA VAL F 381 -49.54 -49.32 14.68
C VAL F 381 -48.92 -48.31 15.64
N ALA F 382 -49.22 -48.44 16.93
CA ALA F 382 -48.75 -47.49 17.93
C ALA F 382 -47.93 -48.20 18.99
N PRO F 383 -46.70 -47.75 19.26
CA PRO F 383 -45.86 -48.43 20.25
C PRO F 383 -46.43 -48.35 21.66
N VAL F 384 -46.19 -49.41 22.44
CA VAL F 384 -46.68 -49.52 23.80
C VAL F 384 -45.53 -49.76 24.79
N GLU F 385 -44.64 -50.68 24.46
CA GLU F 385 -43.60 -51.08 25.40
C GLU F 385 -42.33 -51.42 24.63
N VAL F 386 -41.18 -51.19 25.25
CA VAL F 386 -39.89 -51.57 24.68
C VAL F 386 -39.37 -52.75 25.50
N LEU F 387 -39.15 -53.87 24.82
CA LEU F 387 -38.72 -55.11 25.48
C LEU F 387 -37.22 -55.31 25.27
N GLY F 388 -36.56 -55.77 26.32
CA GLY F 388 -35.13 -56.04 26.23
C GLY F 388 -34.67 -56.89 27.39
N GLU F 389 -33.47 -57.43 27.24
CA GLU F 389 -32.85 -58.23 28.28
C GLU F 389 -31.46 -57.67 28.59
N ASN F 390 -31.14 -57.62 29.90
CA ASN F 390 -29.89 -57.07 30.41
C ASN F 390 -29.67 -55.62 29.96
N GLY F 391 -30.75 -54.85 29.89
CA GLY F 391 -30.67 -53.44 29.58
C GLY F 391 -30.58 -53.10 28.11
N HIS F 392 -30.46 -54.08 27.24
CA HIS F 392 -30.33 -53.85 25.81
C HIS F 392 -31.69 -54.08 25.16
N ALA F 393 -32.26 -53.01 24.60
CA ALA F 393 -33.58 -53.11 23.97
C ALA F 393 -33.52 -54.00 22.74
N LYS F 394 -34.45 -54.95 22.65
CA LYS F 394 -34.44 -55.91 21.55
C LYS F 394 -35.76 -56.07 20.83
N ALA F 395 -36.85 -55.50 21.33
CA ALA F 395 -38.15 -55.66 20.67
C ALA F 395 -39.02 -54.46 21.00
N LEU F 396 -40.05 -54.27 20.20
CA LEU F 396 -41.03 -53.22 20.40
C LEU F 396 -42.42 -53.85 20.38
N LYS F 397 -43.10 -53.84 21.51
CA LYS F 397 -44.47 -54.33 21.61
C LYS F 397 -45.41 -53.17 21.35
N CYS F 398 -46.29 -53.31 20.36
CA CYS F 398 -47.12 -52.21 19.89
C CYS F 398 -48.57 -52.64 19.83
N GLU F 399 -49.45 -51.65 19.89
CA GLU F 399 -50.89 -51.86 19.77
C GLU F 399 -51.35 -51.55 18.35
N ILE F 400 -52.31 -52.34 17.88
CA ILE F 400 -52.87 -52.18 16.53
C ILE F 400 -54.05 -51.23 16.62
N MET F 401 -54.05 -50.20 15.79
CA MET F 401 -55.06 -49.16 15.82
C MET F 401 -56.03 -49.32 14.65
N ARG F 402 -57.10 -48.53 14.68
CA ARG F 402 -58.07 -48.46 13.60
C ARG F 402 -58.39 -46.99 13.33
N LEU F 403 -58.83 -46.72 12.11
CA LEU F 403 -59.17 -45.35 11.73
C LEU F 403 -60.45 -44.91 12.45
N GLY F 404 -60.45 -43.66 12.91
CA GLY F 404 -61.55 -43.12 13.68
C GLY F 404 -62.05 -41.81 13.10
N GLU F 405 -62.60 -40.98 13.99
CA GLU F 405 -63.16 -39.69 13.60
C GLU F 405 -62.06 -38.69 13.30
N PRO F 406 -62.33 -37.74 12.39
CA PRO F 406 -61.37 -36.66 12.16
C PRO F 406 -61.24 -35.75 13.37
N ASP F 407 -60.08 -35.12 13.48
CA ASP F 407 -59.83 -34.15 14.54
C ASP F 407 -60.23 -32.75 14.05
N ALA F 408 -59.83 -31.73 14.81
CA ALA F 408 -60.05 -30.35 14.37
C ALA F 408 -59.19 -29.98 13.17
N SER F 409 -58.08 -30.68 12.95
CA SER F 409 -57.18 -30.38 11.84
C SER F 409 -57.53 -31.13 10.57
N GLY F 410 -58.55 -31.98 10.58
CA GLY F 410 -58.93 -32.73 9.40
C GLY F 410 -58.23 -34.06 9.22
N ARG F 411 -57.72 -34.65 10.30
CA ARG F 411 -57.06 -35.94 10.24
C ARG F 411 -57.75 -36.92 11.19
N ARG F 412 -57.90 -38.17 10.74
CA ARG F 412 -58.60 -39.18 11.54
C ARG F 412 -57.79 -39.56 12.77
N LYS F 413 -58.48 -39.80 13.89
CA LYS F 413 -57.83 -40.14 15.14
C LYS F 413 -57.75 -41.65 15.32
N PRO F 414 -56.55 -42.23 15.45
CA PRO F 414 -56.45 -43.68 15.60
C PRO F 414 -56.98 -44.15 16.94
N GLU F 415 -57.55 -45.36 16.94
CA GLU F 415 -58.13 -45.96 18.13
C GLU F 415 -57.70 -47.42 18.21
N PRO F 416 -57.14 -47.86 19.34
CA PRO F 416 -56.78 -49.28 19.49
C PRO F 416 -58.03 -50.14 19.56
N THR F 417 -57.91 -51.40 19.14
CA THR F 417 -59.04 -52.32 19.17
C THR F 417 -58.83 -53.45 20.16
N GLY F 418 -57.94 -54.40 19.87
CA GLY F 418 -57.64 -55.43 20.85
C GLY F 418 -56.30 -56.13 20.69
N GLU F 419 -55.50 -55.71 19.71
CA GLU F 419 -54.42 -56.54 19.20
C GLU F 419 -53.08 -55.89 19.42
N THR F 420 -52.10 -56.70 19.81
CA THR F 420 -50.72 -56.27 19.97
C THR F 420 -49.84 -57.11 19.04
N VAL F 421 -48.77 -56.48 18.56
CA VAL F 421 -47.79 -57.15 17.72
C VAL F 421 -46.40 -56.74 18.20
N VAL F 422 -45.47 -57.70 18.22
CA VAL F 422 -44.11 -57.46 18.69
C VAL F 422 -43.18 -57.49 17.49
N TYR F 423 -42.42 -56.43 17.31
CA TYR F 423 -41.45 -56.31 16.24
C TYR F 423 -40.05 -56.47 16.79
N GLU F 424 -39.25 -57.32 16.15
CA GLU F 424 -37.86 -57.48 16.54
C GLU F 424 -37.01 -56.40 15.93
N ALA F 425 -36.08 -55.86 16.72
CA ALA F 425 -35.20 -54.81 16.24
C ALA F 425 -33.92 -54.79 17.04
N ASP F 426 -32.81 -54.53 16.35
CA ASP F 426 -31.55 -54.29 17.03
C ASP F 426 -31.45 -52.87 17.55
N ARG F 427 -31.99 -51.91 16.81
CA ARG F 427 -31.99 -50.51 17.24
C ARG F 427 -33.39 -49.93 17.07
N ILE F 428 -33.76 -49.04 17.97
CA ILE F 428 -35.05 -48.36 17.91
C ILE F 428 -34.79 -46.86 17.95
N ILE F 429 -35.15 -46.16 16.88
CA ILE F 429 -34.90 -44.74 16.76
C ILE F 429 -36.25 -44.01 16.82
N ALA F 430 -36.38 -43.13 17.80
CA ALA F 430 -37.60 -42.36 18.02
C ALA F 430 -37.48 -41.04 17.27
N ALA F 431 -38.22 -40.92 16.16
CA ALA F 431 -38.21 -39.73 15.34
C ALA F 431 -39.57 -39.05 15.49
N ILE F 432 -40.05 -39.01 16.74
CA ILE F 432 -41.41 -38.62 17.04
C ILE F 432 -41.69 -37.15 16.78
N GLY F 433 -40.74 -36.28 17.05
CA GLY F 433 -40.97 -34.85 16.90
C GLY F 433 -39.82 -34.07 17.49
N GLN F 434 -40.05 -32.76 17.63
CA GLN F 434 -39.06 -31.83 18.14
C GLN F 434 -39.68 -30.95 19.22
N LYS F 435 -38.83 -30.42 20.09
CA LYS F 435 -39.26 -29.49 21.12
C LYS F 435 -38.21 -28.43 21.29
N THR F 436 -38.65 -27.20 21.56
CA THR F 436 -37.73 -26.11 21.82
C THR F 436 -37.23 -26.19 23.25
N VAL F 437 -35.93 -26.07 23.43
CA VAL F 437 -35.33 -26.00 24.76
C VAL F 437 -34.60 -24.67 24.89
N ILE F 438 -34.83 -23.99 26.02
CA ILE F 438 -34.14 -22.73 26.27
C ILE F 438 -32.78 -22.95 26.89
N GLY F 439 -32.56 -24.12 27.51
CA GLY F 439 -31.26 -24.38 28.11
C GLY F 439 -31.05 -23.55 29.36
N ASN F 440 -29.83 -23.05 29.51
CA ASN F 440 -29.44 -22.30 30.69
C ASN F 440 -29.64 -20.80 30.54
N ILE F 441 -30.23 -20.34 29.44
CA ILE F 441 -30.53 -18.92 29.28
C ILE F 441 -31.60 -18.53 30.29
N LYS F 442 -31.32 -17.51 31.10
CA LYS F 442 -32.19 -17.12 32.18
C LYS F 442 -32.91 -15.82 31.87
N ASP F 443 -34.01 -15.61 32.60
CA ASP F 443 -34.89 -14.44 32.46
C ASP F 443 -35.49 -14.35 31.06
N ILE F 444 -35.88 -15.50 30.50
CA ILE F 444 -36.64 -15.56 29.25
C ILE F 444 -37.85 -16.44 29.50
N ALA F 445 -39.04 -15.89 29.29
CA ALA F 445 -40.28 -16.63 29.51
C ALA F 445 -40.56 -17.56 28.34
N THR F 446 -41.06 -18.76 28.65
CA THR F 446 -41.35 -19.78 27.66
C THR F 446 -42.77 -20.30 27.85
N ASP F 447 -43.30 -20.88 26.78
CA ASP F 447 -44.64 -21.44 26.78
C ASP F 447 -44.67 -22.79 27.50
N LYS F 448 -45.85 -23.40 27.51
CA LYS F 448 -45.98 -24.76 28.02
C LYS F 448 -45.35 -25.79 27.08
N SER F 449 -45.18 -25.44 25.80
CA SER F 449 -44.54 -26.30 24.83
C SER F 449 -43.06 -25.97 24.62
N GLY F 450 -42.51 -25.02 25.39
CA GLY F 450 -41.12 -24.67 25.31
C GLY F 450 -40.81 -23.48 24.42
N ASN F 451 -41.76 -23.04 23.60
CA ASN F 451 -41.50 -21.95 22.68
C ASN F 451 -41.38 -20.62 23.43
N ILE F 452 -40.52 -19.74 22.92
CA ILE F 452 -40.32 -18.43 23.52
C ILE F 452 -41.54 -17.56 23.26
N ILE F 453 -42.09 -16.98 24.32
CA ILE F 453 -43.23 -16.09 24.19
C ILE F 453 -42.74 -14.72 23.77
N VAL F 454 -43.26 -14.22 22.65
CA VAL F 454 -42.91 -12.89 22.16
C VAL F 454 -44.19 -12.11 21.91
N ASN F 455 -44.06 -10.80 21.92
CA ASN F 455 -45.15 -9.92 21.53
C ASN F 455 -45.37 -10.05 20.02
N GLY F 456 -46.60 -10.34 19.63
CA GLY F 456 -46.89 -10.65 18.24
C GLY F 456 -46.65 -9.51 17.28
N GLY F 457 -45.78 -9.72 16.30
CA GLY F 457 -45.46 -8.73 15.30
C GLY F 457 -44.36 -7.78 15.68
N ALA F 458 -44.00 -7.69 16.97
CA ALA F 458 -42.88 -6.89 17.42
C ALA F 458 -41.68 -7.72 17.81
N PHE F 459 -41.85 -9.03 18.00
CA PHE F 459 -40.77 -9.98 18.27
C PHE F 459 -40.00 -9.66 19.54
N THR F 460 -40.66 -9.09 20.55
CA THR F 460 -39.99 -8.69 21.78
C THR F 460 -40.33 -9.67 22.89
N THR F 461 -39.31 -10.14 23.59
CA THR F 461 -39.49 -11.01 24.75
C THR F 461 -39.78 -10.14 25.97
N ASN F 462 -39.74 -10.75 27.17
CA ASN F 462 -39.94 -9.95 28.38
C ASN F 462 -38.75 -9.05 28.66
N ARG F 463 -37.54 -9.56 28.43
CA ARG F 463 -36.34 -8.77 28.65
C ARG F 463 -36.21 -7.71 27.57
N ASP F 464 -35.83 -6.50 27.97
CA ASP F 464 -35.61 -5.44 27.01
C ASP F 464 -34.35 -5.72 26.20
N LYS F 465 -34.31 -5.15 24.99
CA LYS F 465 -33.20 -5.23 24.04
C LYS F 465 -33.00 -6.63 23.47
N VAL F 466 -33.90 -7.57 23.73
CA VAL F 466 -33.76 -8.95 23.28
C VAL F 466 -34.96 -9.29 22.41
N PHE F 467 -34.70 -9.86 21.23
CA PHE F 467 -35.71 -10.23 20.27
C PHE F 467 -35.58 -11.71 19.95
N ALA F 468 -36.67 -12.32 19.46
CA ALA F 468 -36.66 -13.75 19.17
C ALA F 468 -37.42 -14.03 17.88
N GLY F 469 -37.08 -15.15 17.26
CA GLY F 469 -37.72 -15.54 16.01
C GLY F 469 -37.28 -16.91 15.58
N GLY F 470 -37.91 -17.42 14.53
CA GLY F 470 -37.57 -18.73 14.00
C GLY F 470 -38.31 -19.85 14.70
N ASP F 471 -37.75 -21.05 14.63
CA ASP F 471 -38.34 -22.22 15.26
C ASP F 471 -38.40 -22.10 16.78
N ALA F 472 -37.63 -21.18 17.36
CA ALA F 472 -37.72 -20.93 18.79
C ALA F 472 -39.04 -20.31 19.20
N VAL F 473 -39.76 -19.70 18.26
CA VAL F 473 -41.04 -19.04 18.56
C VAL F 473 -42.21 -19.82 17.98
N THR F 474 -42.15 -20.17 16.70
CA THR F 474 -43.24 -20.81 16.01
C THR F 474 -43.24 -22.32 16.13
N GLY F 475 -42.20 -22.90 16.71
CA GLY F 475 -42.09 -24.34 16.77
C GLY F 475 -41.60 -24.89 15.44
N PRO F 476 -41.45 -26.22 15.36
CA PRO F 476 -41.00 -26.84 14.10
C PRO F 476 -41.87 -26.53 12.90
N LYS F 477 -41.23 -26.02 11.84
CA LYS F 477 -41.90 -25.65 10.60
C LYS F 477 -40.92 -25.91 9.47
N ILE F 478 -41.20 -25.34 8.30
CA ILE F 478 -40.27 -25.45 7.18
C ILE F 478 -39.27 -24.30 7.24
N ALA F 479 -38.22 -24.36 6.41
CA ALA F 479 -37.10 -23.43 6.54
C ALA F 479 -37.44 -22.02 6.07
N ILE F 480 -38.29 -21.90 5.06
CA ILE F 480 -38.62 -20.57 4.55
C ILE F 480 -39.47 -19.80 5.57
N ASP F 481 -40.20 -20.51 6.44
CA ASP F 481 -40.86 -19.84 7.56
C ASP F 481 -39.84 -19.21 8.50
N ALA F 482 -38.76 -19.93 8.81
CA ALA F 482 -37.70 -19.37 9.63
C ALA F 482 -37.03 -18.19 8.95
N ILE F 483 -36.82 -18.28 7.64
CA ILE F 483 -36.20 -17.17 6.91
C ILE F 483 -37.10 -15.94 6.91
N ALA F 484 -38.41 -16.15 6.74
CA ALA F 484 -39.34 -15.03 6.77
C ALA F 484 -39.38 -14.37 8.14
N GLN F 485 -39.39 -15.18 9.21
CA GLN F 485 -39.38 -14.61 10.56
C GLN F 485 -38.08 -13.85 10.81
N GLY F 486 -36.96 -14.37 10.32
CA GLY F 486 -35.70 -13.67 10.49
C GLY F 486 -35.66 -12.33 9.77
N LYS F 487 -36.19 -12.28 8.55
CA LYS F 487 -36.21 -11.01 7.81
C LYS F 487 -37.15 -10.00 8.46
N ASN F 488 -38.34 -10.44 8.89
CA ASN F 488 -39.26 -9.53 9.56
C ASN F 488 -38.68 -8.99 10.85
N ALA F 489 -38.03 -9.86 11.64
CA ALA F 489 -37.39 -9.40 12.86
C ALA F 489 -36.22 -8.47 12.59
N ALA F 490 -35.50 -8.69 11.49
CA ALA F 490 -34.43 -7.76 11.12
C ALA F 490 -34.99 -6.37 10.82
N GLN F 491 -36.13 -6.31 10.11
CA GLN F 491 -36.76 -5.03 9.85
C GLN F 491 -37.21 -4.35 11.14
N VAL F 492 -37.82 -5.12 12.04
CA VAL F 492 -38.32 -4.56 13.29
C VAL F 492 -37.17 -4.05 14.16
N ILE F 493 -36.08 -4.82 14.25
CA ILE F 493 -34.91 -4.41 15.01
C ILE F 493 -34.29 -3.15 14.41
N ASP F 494 -34.23 -3.08 13.08
CA ASP F 494 -33.67 -1.89 12.44
C ASP F 494 -34.50 -0.66 12.74
N SER F 495 -35.84 -0.80 12.72
CA SER F 495 -36.68 0.34 13.08
C SER F 495 -36.50 0.72 14.54
N TYR F 496 -36.32 -0.27 15.42
CA TYR F 496 -36.12 0.00 16.84
C TYR F 496 -34.83 0.75 17.09
N LEU F 497 -33.77 0.41 16.34
CA LEU F 497 -32.47 1.06 16.53
C LEU F 497 -32.46 2.52 16.09
N ASN F 498 -33.46 2.97 15.34
CA ASN F 498 -33.60 4.38 14.98
C ASN F 498 -34.41 5.16 15.99
N GLY F 499 -34.99 4.50 16.99
CA GLY F 499 -35.68 5.17 18.07
C GLY F 499 -37.19 5.07 18.04
N CYS F 500 -37.78 4.38 17.08
CA CYS F 500 -39.23 4.24 16.99
C CYS F 500 -39.56 2.82 16.58
N LEU F 501 -40.05 2.01 17.51
CA LEU F 501 -40.36 0.61 17.25
C LEU F 501 -41.72 0.49 16.56
N VAL F 502 -41.73 -0.05 15.34
CA VAL F 502 -42.97 -0.29 14.63
C VAL F 502 -43.13 -1.79 14.38
N PRO F 503 -44.30 -2.36 14.63
CA PRO F 503 -44.49 -3.80 14.39
C PRO F 503 -44.73 -4.09 12.92
N HIS F 504 -44.53 -5.36 12.57
CA HIS F 504 -44.67 -5.80 11.20
C HIS F 504 -46.13 -6.10 10.89
N ALA F 505 -46.61 -5.61 9.76
CA ALA F 505 -48.00 -5.81 9.35
C ALA F 505 -48.06 -6.24 7.88
N ASP F 506 -49.00 -7.14 7.59
CA ASP F 506 -49.20 -7.62 6.24
C ASP F 506 -49.90 -6.57 5.39
N SER F 507 -49.69 -6.66 4.08
CA SER F 507 -50.24 -5.72 3.11
C SER F 507 -51.52 -6.27 2.50
N GLN F 508 -52.27 -5.36 1.88
CA GLN F 508 -53.55 -5.68 1.26
C GLN F 508 -53.42 -5.63 -0.26
N TYR F 509 -53.90 -6.67 -0.93
CA TYR F 509 -53.86 -6.76 -2.37
C TYR F 509 -55.24 -7.11 -2.91
N PHE F 510 -55.46 -6.80 -4.17
CA PHE F 510 -56.63 -7.28 -4.88
C PHE F 510 -56.34 -8.68 -5.39
N THR F 511 -57.23 -9.61 -5.12
CA THR F 511 -57.04 -11.00 -5.52
C THR F 511 -58.29 -11.49 -6.24
N GLN F 512 -58.08 -12.44 -7.14
CA GLN F 512 -59.15 -13.00 -7.95
C GLN F 512 -59.33 -14.47 -7.61
N LYS F 513 -60.55 -14.86 -7.27
CA LYS F 513 -60.85 -16.23 -6.90
C LYS F 513 -61.85 -16.88 -7.84
N ASP F 514 -62.18 -16.22 -8.94
CA ASP F 514 -63.14 -16.74 -9.92
C ASP F 514 -62.46 -17.43 -11.09
N ILE F 515 -61.14 -17.61 -11.03
CA ILE F 515 -60.42 -18.25 -12.13
C ILE F 515 -60.63 -19.76 -12.05
N THR F 516 -61.13 -20.33 -13.13
CA THR F 516 -61.38 -21.76 -13.23
C THR F 516 -60.62 -22.32 -14.42
N ALA F 517 -60.70 -23.64 -14.59
CA ALA F 517 -60.01 -24.30 -15.69
C ALA F 517 -60.60 -23.91 -17.03
N ALA F 518 -61.90 -23.60 -17.09
CA ALA F 518 -62.53 -23.22 -18.33
C ALA F 518 -62.08 -21.85 -18.82
N ASP F 519 -61.68 -20.98 -17.90
CA ASP F 519 -61.20 -19.65 -18.29
C ASP F 519 -59.81 -19.69 -18.90
N LEU F 520 -59.09 -20.79 -18.73
CA LEU F 520 -57.75 -20.97 -19.27
C LEU F 520 -57.73 -22.06 -20.34
N ALA F 521 -58.89 -22.34 -20.94
CA ALA F 521 -58.99 -23.46 -21.87
C ALA F 521 -58.36 -23.18 -23.22
N ASP F 522 -58.05 -21.92 -23.52
CA ASP F 522 -57.40 -21.56 -24.77
C ASP F 522 -55.89 -21.61 -24.70
N ARG F 523 -55.32 -21.85 -23.52
CA ARG F 523 -53.88 -21.96 -23.37
C ARG F 523 -53.40 -23.31 -23.89
N ALA F 524 -52.31 -23.29 -24.65
CA ALA F 524 -51.72 -24.53 -25.12
C ALA F 524 -51.03 -25.25 -23.96
N LYS F 525 -50.84 -26.56 -24.12
CA LYS F 525 -50.31 -27.41 -23.07
C LYS F 525 -48.89 -27.84 -23.41
N ALA F 526 -47.98 -27.66 -22.45
CA ALA F 526 -46.59 -28.05 -22.60
C ALA F 526 -46.15 -28.84 -21.39
N PRO F 527 -45.54 -30.01 -21.60
CA PRO F 527 -45.19 -30.87 -20.46
C PRO F 527 -44.10 -30.26 -19.61
N ARG F 528 -44.11 -30.63 -18.33
CA ARG F 528 -43.14 -30.12 -17.37
C ARG F 528 -41.77 -30.71 -17.64
N VAL F 529 -40.73 -29.98 -17.21
CA VAL F 529 -39.37 -30.48 -17.27
C VAL F 529 -39.17 -31.40 -16.07
N SER F 530 -39.11 -32.70 -16.31
CA SER F 530 -38.94 -33.67 -15.25
C SER F 530 -37.52 -33.63 -14.70
N LEU F 531 -37.37 -34.08 -13.46
CA LEU F 531 -36.10 -34.04 -12.75
C LEU F 531 -35.34 -35.35 -13.00
N THR F 532 -34.04 -35.23 -13.25
CA THR F 532 -33.21 -36.40 -13.51
C THR F 532 -32.78 -37.00 -12.17
N VAL F 533 -33.31 -38.17 -11.84
CA VAL F 533 -33.10 -38.82 -10.56
C VAL F 533 -32.24 -40.05 -10.78
N GLU F 534 -31.23 -40.24 -9.92
CA GLU F 534 -30.34 -41.38 -10.02
C GLU F 534 -31.09 -42.67 -9.71
N ASP F 535 -30.61 -43.77 -10.30
CA ASP F 535 -31.24 -45.06 -10.10
C ASP F 535 -31.12 -45.52 -8.65
N ALA F 536 -32.15 -46.23 -8.18
CA ALA F 536 -32.21 -46.65 -6.79
C ALA F 536 -31.23 -47.77 -6.45
N GLU F 537 -30.57 -48.36 -7.45
CA GLU F 537 -29.56 -49.37 -7.14
C GLU F 537 -28.31 -48.74 -6.53
N VAL F 538 -27.89 -47.58 -7.06
CA VAL F 538 -26.69 -46.91 -6.54
C VAL F 538 -27.00 -45.89 -5.47
N ARG F 539 -28.27 -45.56 -5.24
CA ARG F 539 -28.62 -44.58 -4.22
C ARG F 539 -28.53 -45.16 -2.81
N ASN F 540 -28.88 -46.45 -2.65
CA ASN F 540 -28.96 -47.05 -1.32
C ASN F 540 -27.62 -47.21 -0.65
N LYS F 541 -26.52 -47.04 -1.38
CA LYS F 541 -25.20 -47.30 -0.83
C LYS F 541 -24.35 -46.05 -0.67
N SER F 542 -24.71 -44.97 -1.34
CA SER F 542 -23.87 -43.78 -1.40
C SER F 542 -24.62 -42.60 -0.80
N PHE F 543 -23.85 -41.64 -0.29
CA PHE F 543 -24.41 -40.36 0.12
C PHE F 543 -24.31 -39.33 -1.00
N MET F 544 -24.36 -39.77 -2.25
CA MET F 544 -24.28 -38.89 -3.39
C MET F 544 -25.66 -38.31 -3.71
N GLN F 545 -25.66 -37.24 -4.50
CA GLN F 545 -26.88 -36.49 -4.76
C GLN F 545 -27.86 -37.32 -5.57
N VAL F 546 -29.13 -37.30 -5.14
CA VAL F 546 -30.17 -38.08 -5.80
C VAL F 546 -30.79 -37.36 -6.98
N ALA F 547 -30.56 -36.05 -7.13
CA ALA F 547 -31.13 -35.29 -8.22
C ALA F 547 -30.10 -34.29 -8.74
N LYS F 548 -30.31 -33.86 -9.97
CA LYS F 548 -29.41 -32.93 -10.64
C LYS F 548 -30.09 -31.58 -10.85
N THR F 549 -29.28 -30.52 -10.83
CA THR F 549 -29.77 -29.17 -11.09
C THR F 549 -30.13 -29.02 -12.56
N PHE F 550 -31.06 -28.11 -12.84
CA PHE F 550 -31.47 -27.84 -14.22
C PHE F 550 -30.31 -27.34 -15.06
N THR F 551 -30.31 -27.73 -16.33
CA THR F 551 -29.42 -27.14 -17.31
C THR F 551 -30.06 -25.85 -17.84
N GLU F 552 -29.33 -25.12 -18.67
CA GLU F 552 -29.85 -23.84 -19.15
C GLU F 552 -31.00 -24.04 -20.14
N GLU F 553 -30.92 -25.08 -20.98
CA GLU F 553 -32.01 -25.37 -21.90
C GLU F 553 -33.28 -25.79 -21.14
N GLU F 554 -33.13 -26.64 -20.13
CA GLU F 554 -34.26 -27.03 -19.30
C GLU F 554 -34.86 -25.84 -18.56
N ALA F 555 -34.00 -24.97 -18.03
CA ALA F 555 -34.48 -23.81 -17.29
C ALA F 555 -35.25 -22.84 -18.19
N LEU F 556 -34.73 -22.58 -19.39
CA LEU F 556 -35.44 -21.73 -20.33
C LEU F 556 -36.78 -22.34 -20.73
N ARG F 557 -36.78 -23.64 -21.02
CA ARG F 557 -38.00 -24.32 -21.43
C ARG F 557 -39.06 -24.29 -20.33
N GLU F 558 -38.64 -24.42 -19.08
CA GLU F 558 -39.60 -24.41 -17.98
C GLU F 558 -40.08 -22.99 -17.67
N SER F 559 -39.20 -22.00 -17.76
CA SER F 559 -39.58 -20.64 -17.41
C SER F 559 -40.46 -20.00 -18.48
N LYS F 560 -40.34 -20.44 -19.74
CA LYS F 560 -41.18 -19.90 -20.80
C LYS F 560 -42.61 -20.38 -20.76
N ARG F 561 -43.01 -21.10 -19.70
CA ARG F 561 -44.34 -21.70 -19.60
C ARG F 561 -45.26 -20.95 -18.66
N CYS F 562 -44.77 -19.87 -18.04
CA CYS F 562 -45.55 -19.12 -17.06
C CYS F 562 -46.71 -18.40 -17.72
N LEU F 563 -47.80 -18.25 -16.96
CA LEU F 563 -49.02 -17.62 -17.47
C LEU F 563 -49.09 -16.12 -17.21
N GLU F 564 -48.17 -15.58 -16.41
CA GLU F 564 -48.11 -14.16 -16.05
C GLU F 564 -49.43 -13.69 -15.41
N CYS F 565 -49.68 -14.23 -14.22
CA CYS F 565 -50.95 -13.99 -13.54
C CYS F 565 -51.06 -12.61 -12.92
N GLY F 566 -49.96 -12.04 -12.42
CA GLY F 566 -50.02 -10.79 -11.71
C GLY F 566 -50.10 -9.58 -12.62
N CYS F 567 -50.53 -8.46 -12.03
CA CYS F 567 -50.67 -7.21 -12.75
C CYS F 567 -49.30 -6.66 -13.11
N ARG F 568 -49.13 -6.25 -14.37
CA ARG F 568 -47.87 -5.68 -14.79
C ARG F 568 -47.66 -4.27 -14.28
N ASP F 569 -48.74 -3.60 -13.89
CA ASP F 569 -48.70 -2.21 -13.48
C ASP F 569 -48.50 -2.05 -11.99
N TYR F 570 -48.15 -3.12 -11.27
CA TYR F 570 -48.17 -3.07 -9.81
C TYR F 570 -47.18 -2.07 -9.26
N PHE F 571 -45.98 -2.01 -9.82
CA PHE F 571 -44.94 -1.16 -9.25
C PHE F 571 -45.12 0.31 -9.61
N GLU F 572 -46.09 0.64 -10.46
CA GLU F 572 -46.40 2.03 -10.77
C GLU F 572 -47.86 2.38 -10.59
N CYS F 573 -48.72 1.43 -10.22
CA CYS F 573 -50.13 1.72 -10.04
C CYS F 573 -50.34 2.64 -8.85
N GLN F 574 -51.21 3.63 -9.02
CA GLN F 574 -51.51 4.57 -7.97
C GLN F 574 -52.74 4.21 -7.16
N LEU F 575 -53.59 3.29 -7.65
CA LEU F 575 -54.74 2.88 -6.85
C LEU F 575 -54.29 2.08 -5.64
N ILE F 576 -53.41 1.09 -5.84
CA ILE F 576 -52.99 0.25 -4.73
C ILE F 576 -52.14 1.04 -3.75
N LYS F 577 -51.45 2.08 -4.23
CA LYS F 577 -50.68 2.93 -3.33
C LYS F 577 -51.58 3.60 -2.30
N TYR F 578 -52.66 4.22 -2.75
CA TYR F 578 -53.57 4.88 -1.83
C TYR F 578 -54.39 3.88 -1.03
N ILE F 579 -54.70 2.72 -1.62
CA ILE F 579 -55.44 1.69 -0.90
C ILE F 579 -54.64 1.20 0.31
N GLN F 580 -53.33 0.98 0.11
CA GLN F 580 -52.48 0.57 1.21
C GLN F 580 -52.11 1.72 2.14
N ASP F 581 -52.08 2.96 1.63
CA ASP F 581 -51.79 4.11 2.48
C ASP F 581 -52.92 4.38 3.45
N TYR F 582 -54.16 4.31 2.98
CA TYR F 582 -55.32 4.62 3.80
C TYR F 582 -55.94 3.37 4.44
N ASP F 583 -55.33 2.21 4.23
CA ASP F 583 -55.74 0.94 4.83
C ASP F 583 -57.20 0.61 4.56
N VAL F 584 -57.49 0.46 3.27
CA VAL F 584 -58.82 0.10 2.79
C VAL F 584 -58.81 -1.40 2.53
N SER F 585 -59.83 -2.10 3.02
CA SER F 585 -59.93 -3.53 2.79
C SER F 585 -60.28 -3.79 1.33
N THR F 586 -59.56 -4.72 0.72
CA THR F 586 -59.81 -5.12 -0.66
C THR F 586 -60.67 -6.38 -0.75
N GLU F 587 -61.20 -6.86 0.37
CA GLU F 587 -62.14 -7.97 0.35
C GLU F 587 -63.44 -7.56 -0.31
N LYS F 588 -64.11 -8.51 -0.95
CA LYS F 588 -65.30 -8.22 -1.72
C LYS F 588 -66.50 -8.97 -1.19
N ASP F 589 -67.63 -8.28 -1.15
CA ASP F 589 -68.91 -8.85 -0.77
C ASP F 589 -69.62 -9.37 -2.03
N SER F 590 -70.17 -10.58 -1.93
CA SER F 590 -70.81 -11.21 -3.08
C SER F 590 -72.15 -10.60 -3.42
N GLN F 591 -72.77 -9.86 -2.49
CA GLN F 591 -74.11 -9.33 -2.72
C GLN F 591 -74.10 -8.02 -3.52
N VAL F 592 -72.93 -7.42 -3.73
CA VAL F 592 -72.79 -6.26 -4.61
C VAL F 592 -72.27 -6.75 -5.94
N GLU F 593 -72.43 -5.94 -6.99
CA GLU F 593 -72.01 -6.35 -8.32
C GLU F 593 -70.83 -5.50 -8.81
N CYS F 594 -69.84 -6.19 -9.38
CA CYS F 594 -68.77 -5.56 -10.13
C CYS F 594 -68.89 -6.02 -11.57
N HIS F 595 -68.75 -5.10 -12.51
CA HIS F 595 -68.85 -5.44 -13.91
C HIS F 595 -67.67 -6.31 -14.32
N LYS F 596 -67.98 -7.47 -14.91
CA LYS F 596 -66.98 -8.34 -15.49
C LYS F 596 -67.09 -8.27 -17.01
N THR F 597 -65.95 -8.18 -17.67
CA THR F 597 -65.91 -8.02 -19.12
C THR F 597 -65.36 -9.25 -19.80
N THR F 598 -65.76 -9.43 -21.06
CA THR F 598 -65.25 -10.49 -21.92
C THR F 598 -64.60 -9.84 -23.12
N GLU F 599 -63.75 -8.85 -22.83
CA GLU F 599 -63.14 -7.99 -23.84
C GLU F 599 -62.28 -8.79 -24.80
N PHE F 600 -62.32 -8.39 -26.07
CA PHE F 600 -61.46 -8.94 -27.12
C PHE F 600 -60.94 -7.75 -27.92
N ASP F 601 -59.84 -7.17 -27.46
CA ASP F 601 -59.15 -6.11 -28.19
C ASP F 601 -57.71 -6.56 -28.34
N ASN F 602 -57.42 -7.26 -29.44
CA ASN F 602 -56.07 -7.73 -29.74
C ASN F 602 -55.28 -6.71 -30.53
N HIS F 603 -55.20 -5.49 -30.01
CA HIS F 603 -54.31 -4.50 -30.60
C HIS F 603 -52.87 -4.92 -30.36
N PRO F 604 -51.98 -4.73 -31.35
CA PRO F 604 -50.58 -5.14 -31.16
C PRO F 604 -49.81 -4.33 -30.14
N PHE F 605 -50.29 -3.15 -29.74
CA PHE F 605 -49.48 -2.29 -28.89
C PHE F 605 -50.17 -1.88 -27.60
N ILE F 606 -51.47 -1.60 -27.63
CA ILE F 606 -52.20 -1.03 -26.51
C ILE F 606 -53.16 -2.08 -25.96
N GLU F 607 -53.11 -2.32 -24.66
CA GLU F 607 -54.04 -3.22 -23.99
C GLU F 607 -54.95 -2.42 -23.07
N ARG F 608 -56.25 -2.62 -23.23
CA ARG F 608 -57.26 -1.91 -22.45
C ARG F 608 -58.03 -2.92 -21.61
N ASN F 609 -58.12 -2.66 -20.31
CA ASN F 609 -58.86 -3.50 -19.37
C ASN F 609 -59.91 -2.66 -18.66
N PRO F 610 -61.17 -2.73 -19.07
CA PRO F 610 -62.21 -1.96 -18.38
C PRO F 610 -62.48 -2.42 -16.96
N ASP F 611 -62.01 -3.60 -16.56
CA ASP F 611 -62.21 -4.05 -15.19
C ASP F 611 -61.36 -3.27 -14.19
N LYS F 612 -60.25 -2.69 -14.64
CA LYS F 612 -59.33 -1.96 -13.79
C LYS F 612 -59.44 -0.46 -13.96
N CYS F 613 -60.52 0.03 -14.56
CA CYS F 613 -60.68 1.44 -14.87
C CYS F 613 -61.34 2.16 -13.70
N VAL F 614 -60.74 3.29 -13.29
CA VAL F 614 -61.32 4.13 -12.27
C VAL F 614 -62.05 5.33 -12.85
N LEU F 615 -62.15 5.41 -14.18
CA LEU F 615 -62.89 6.45 -14.90
C LEU F 615 -62.42 7.85 -14.52
N CYS F 616 -61.10 8.03 -14.43
CA CYS F 616 -60.53 9.35 -14.25
C CYS F 616 -60.62 10.21 -15.51
N GLY F 617 -60.78 9.58 -16.67
CA GLY F 617 -60.94 10.31 -17.91
C GLY F 617 -59.67 10.93 -18.46
N LEU F 618 -58.50 10.56 -17.94
CA LEU F 618 -57.27 11.15 -18.41
C LEU F 618 -56.95 10.72 -19.84
N CYS F 619 -57.28 9.47 -20.18
CA CYS F 619 -56.96 8.95 -21.51
C CYS F 619 -57.75 9.67 -22.59
N VAL F 620 -59.06 9.85 -22.38
CA VAL F 620 -59.88 10.50 -23.38
C VAL F 620 -59.53 11.99 -23.48
N ARG F 621 -59.20 12.60 -22.34
CA ARG F 621 -58.82 14.01 -22.32
C ARG F 621 -57.51 14.22 -23.08
N VAL F 622 -56.54 13.33 -22.92
CA VAL F 622 -55.28 13.46 -23.63
C VAL F 622 -55.46 13.17 -25.13
N CYS F 623 -56.19 12.11 -25.46
CA CYS F 623 -56.39 11.78 -26.87
C CYS F 623 -57.23 12.83 -27.59
N ASP F 624 -58.03 13.61 -26.87
CA ASP F 624 -58.84 14.64 -27.51
C ASP F 624 -58.07 15.96 -27.58
N GLU F 625 -57.50 16.40 -26.45
CA GLU F 625 -56.93 17.72 -26.35
C GLU F 625 -55.48 17.81 -26.82
N VAL F 626 -54.70 16.74 -26.69
CA VAL F 626 -53.28 16.76 -27.02
C VAL F 626 -53.02 16.10 -28.36
N VAL F 627 -53.36 14.82 -28.50
CA VAL F 627 -53.10 14.12 -29.74
C VAL F 627 -54.03 14.61 -30.84
N GLY F 628 -55.32 14.76 -30.52
CA GLY F 628 -56.29 15.19 -31.50
C GLY F 628 -56.83 14.09 -32.39
N ALA F 629 -56.43 12.83 -32.15
CA ALA F 629 -56.99 11.73 -32.91
C ALA F 629 -58.44 11.48 -32.54
N THR F 630 -58.75 11.60 -31.24
CA THR F 630 -60.07 11.27 -30.68
C THR F 630 -60.50 9.88 -31.11
N ALA F 631 -59.64 8.91 -30.81
CA ALA F 631 -59.90 7.52 -31.15
C ALA F 631 -60.69 6.77 -30.09
N ILE F 632 -60.82 7.34 -28.89
CA ILE F 632 -61.56 6.71 -27.80
C ILE F 632 -62.51 7.73 -27.22
N GLY F 633 -63.54 7.23 -26.54
CA GLY F 633 -64.49 8.13 -25.91
C GLY F 633 -65.34 7.39 -24.92
N LEU F 634 -66.12 8.16 -24.17
CA LEU F 634 -67.02 7.63 -23.17
C LEU F 634 -68.32 7.17 -23.79
N VAL F 635 -68.87 6.09 -23.24
CA VAL F 635 -70.12 5.51 -23.69
C VAL F 635 -70.94 5.18 -22.44
N GLY F 636 -72.11 5.78 -22.31
CA GLY F 636 -73.05 5.40 -21.28
C GLY F 636 -73.19 6.47 -20.20
N ARG F 637 -73.78 6.03 -19.08
CA ARG F 637 -74.09 6.87 -17.94
C ARG F 637 -73.99 6.05 -16.66
N GLY F 638 -73.62 6.71 -15.56
CA GLY F 638 -73.67 6.06 -14.26
C GLY F 638 -72.70 4.89 -14.16
N PHE F 639 -73.21 3.77 -13.65
CA PHE F 639 -72.45 2.54 -13.63
C PHE F 639 -72.09 2.04 -15.03
N ASP F 640 -72.92 2.32 -16.02
CA ASP F 640 -72.66 1.78 -17.35
C ASP F 640 -71.63 2.58 -18.14
N SER F 641 -71.06 3.62 -17.56
CA SER F 641 -70.04 4.42 -18.23
C SER F 641 -68.80 3.56 -18.49
N VAL F 642 -68.40 3.46 -19.75
CA VAL F 642 -67.22 2.71 -20.14
C VAL F 642 -66.52 3.47 -21.26
N ILE F 643 -65.19 3.40 -21.26
CA ILE F 643 -64.40 4.08 -22.27
C ILE F 643 -64.03 3.07 -23.35
N MET F 644 -64.29 3.41 -24.61
CA MET F 644 -64.11 2.45 -25.68
C MET F 644 -63.92 3.22 -26.98
N PRO F 645 -63.38 2.56 -28.03
CA PRO F 645 -63.11 3.27 -29.30
C PRO F 645 -64.34 3.77 -30.04
N GLU F 646 -64.13 4.37 -31.20
CA GLU F 646 -65.23 4.93 -31.98
C GLU F 646 -66.17 3.83 -32.46
N PHE F 647 -67.47 4.01 -32.16
CA PHE F 647 -68.54 3.11 -32.59
C PHE F 647 -68.34 1.68 -32.10
N LYS F 648 -67.65 1.52 -30.96
CA LYS F 648 -67.30 0.22 -30.38
C LYS F 648 -66.49 -0.66 -31.33
N LEU F 649 -65.81 -0.05 -32.30
CA LEU F 649 -64.94 -0.77 -33.21
C LEU F 649 -63.66 -1.17 -32.50
N PRO F 650 -62.89 -2.10 -33.06
CA PRO F 650 -61.54 -2.35 -32.54
C PRO F 650 -60.66 -1.11 -32.71
N LEU F 651 -59.65 -1.01 -31.84
CA LEU F 651 -58.74 0.13 -31.91
C LEU F 651 -57.91 0.15 -33.18
N SER F 652 -57.80 -0.98 -33.88
CA SER F 652 -57.05 -0.99 -35.14
C SER F 652 -57.89 -0.51 -36.32
N GLU F 653 -59.20 -0.38 -36.15
CA GLU F 653 -60.09 0.06 -37.22
C GLU F 653 -60.44 1.54 -37.11
N THR F 654 -59.77 2.27 -36.24
CA THR F 654 -60.08 3.67 -35.98
C THR F 654 -58.85 4.54 -36.23
N ALA F 655 -58.93 5.81 -35.82
CA ALA F 655 -57.94 6.83 -36.11
C ALA F 655 -56.77 6.84 -35.15
N CYS F 656 -56.50 5.74 -34.47
CA CYS F 656 -55.43 5.69 -33.48
C CYS F 656 -54.06 5.83 -34.14
N ILE F 657 -53.17 6.57 -33.47
CA ILE F 657 -51.80 6.76 -33.91
C ILE F 657 -50.86 5.73 -33.29
N SER F 658 -51.31 5.01 -32.26
CA SER F 658 -50.49 4.13 -31.43
C SER F 658 -49.34 4.90 -30.78
N CYS F 659 -49.62 6.13 -30.38
CA CYS F 659 -48.61 6.95 -29.71
C CYS F 659 -48.34 6.45 -28.31
N GLY F 660 -49.37 6.01 -27.60
CA GLY F 660 -49.21 5.54 -26.24
C GLY F 660 -49.33 6.58 -25.16
N GLN F 661 -49.92 7.74 -25.47
CA GLN F 661 -50.08 8.76 -24.43
C GLN F 661 -51.17 8.38 -23.43
N CYS F 662 -52.19 7.65 -23.90
CA CYS F 662 -53.21 7.13 -22.99
C CYS F 662 -52.61 6.14 -22.00
N VAL F 663 -51.63 5.35 -22.45
CA VAL F 663 -50.90 4.47 -21.55
C VAL F 663 -50.11 5.29 -20.53
N ASP F 664 -49.49 6.37 -20.99
CA ASP F 664 -48.58 7.12 -20.13
C ASP F 664 -49.30 7.91 -19.06
N VAL F 665 -50.55 8.32 -19.30
CA VAL F 665 -51.26 9.09 -18.28
C VAL F 665 -52.14 8.24 -17.37
N CYS F 666 -52.27 6.94 -17.62
CA CYS F 666 -53.17 6.10 -16.83
C CYS F 666 -52.59 5.85 -15.44
N PRO F 667 -53.36 6.03 -14.37
CA PRO F 667 -52.85 5.74 -13.02
C PRO F 667 -52.95 4.29 -12.59
N THR F 668 -53.72 3.45 -13.30
CA THR F 668 -53.93 2.06 -12.96
C THR F 668 -53.50 1.18 -14.13
N GLY F 669 -53.87 -0.10 -14.06
CA GLY F 669 -53.52 -1.04 -15.10
C GLY F 669 -54.57 -1.19 -16.18
N ALA F 670 -55.49 -0.23 -16.27
CA ALA F 670 -56.51 -0.29 -17.30
C ALA F 670 -55.92 -0.11 -18.69
N CYS F 671 -54.96 0.81 -18.85
CA CYS F 671 -54.21 0.94 -20.09
C CYS F 671 -52.78 0.52 -19.83
N MET F 672 -52.30 -0.45 -20.60
CA MET F 672 -50.89 -0.80 -20.57
C MET F 672 -50.38 -0.90 -22.00
N GLU F 673 -49.07 -0.75 -22.14
CA GLU F 673 -48.44 -0.93 -23.44
C GLU F 673 -47.98 -2.37 -23.58
N LYS F 674 -47.79 -2.78 -24.84
CA LYS F 674 -47.40 -4.15 -25.09
C LYS F 674 -45.91 -4.35 -24.77
N GLN F 675 -45.51 -5.61 -24.79
CA GLN F 675 -44.20 -6.03 -24.34
C GLN F 675 -43.16 -5.87 -25.44
N VAL F 676 -42.05 -5.21 -25.12
CA VAL F 676 -40.95 -5.10 -26.08
C VAL F 676 -39.99 -6.28 -25.95
N SER F 677 -39.83 -6.80 -24.74
CA SER F 677 -38.92 -7.90 -24.47
C SER F 677 -39.53 -9.24 -24.94
N TYR F 678 -38.82 -10.34 -24.64
CA TYR F 678 -39.29 -11.66 -25.03
C TYR F 678 -40.51 -12.09 -24.21
N LYS F 679 -40.53 -11.77 -22.92
CA LYS F 679 -41.68 -12.04 -22.06
C LYS F 679 -41.69 -10.97 -20.98
N GLN F 680 -42.58 -9.99 -21.09
CA GLN F 680 -42.53 -8.92 -20.10
C GLN F 680 -43.14 -9.35 -18.77
N ILE F 681 -42.80 -8.57 -17.76
CA ILE F 681 -43.02 -8.92 -16.37
C ILE F 681 -43.22 -7.66 -15.57
N PRO F 682 -43.91 -7.75 -14.45
CA PRO F 682 -43.89 -6.64 -13.49
C PRO F 682 -42.57 -6.60 -12.74
N ALA F 683 -41.80 -5.52 -12.92
CA ALA F 683 -40.55 -5.38 -12.22
C ALA F 683 -40.24 -3.89 -12.05
N ASN F 684 -39.38 -3.60 -11.08
CA ASN F 684 -38.82 -2.27 -10.92
C ASN F 684 -37.64 -2.15 -11.88
N MET F 685 -37.87 -1.51 -13.01
CA MET F 685 -36.85 -1.40 -14.03
C MET F 685 -35.88 -0.27 -13.71
N ASP F 686 -34.63 -0.44 -14.13
CA ASP F 686 -33.68 0.66 -14.09
C ASP F 686 -33.95 1.61 -15.25
N SER F 687 -33.74 2.90 -15.02
CA SER F 687 -34.11 3.93 -15.98
C SER F 687 -32.89 4.76 -16.34
N MET F 688 -32.70 4.99 -17.64
CA MET F 688 -31.62 5.83 -18.16
C MET F 688 -32.20 6.86 -19.12
N ALA F 689 -31.77 8.12 -18.96
CA ALA F 689 -32.31 9.21 -19.77
C ALA F 689 -31.51 9.36 -21.06
N SER F 690 -32.21 9.35 -22.18
CA SER F 690 -31.59 9.47 -23.50
C SER F 690 -32.52 10.30 -24.37
N VAL F 691 -32.25 10.33 -25.68
CA VAL F 691 -33.11 11.03 -26.61
C VAL F 691 -33.50 10.07 -27.73
N CYS F 692 -34.65 10.34 -28.34
CA CYS F 692 -35.17 9.45 -29.37
C CYS F 692 -34.31 9.51 -30.62
N GLY F 693 -34.17 8.36 -31.28
CA GLY F 693 -33.29 8.27 -32.42
C GLY F 693 -34.00 8.03 -33.73
N TYR F 694 -35.11 8.74 -33.96
CA TYR F 694 -35.89 8.55 -35.18
C TYR F 694 -36.20 9.85 -35.91
N CYS F 695 -36.46 10.92 -35.17
CA CYS F 695 -36.93 12.18 -35.73
C CYS F 695 -35.95 13.29 -35.41
N GLY F 696 -36.07 14.38 -36.16
CA GLY F 696 -35.32 15.57 -35.82
C GLY F 696 -35.90 16.39 -34.68
N VAL F 697 -37.09 16.02 -34.20
CA VAL F 697 -37.68 16.70 -33.05
C VAL F 697 -36.88 16.42 -31.78
N GLY F 698 -36.32 15.22 -31.66
CA GLY F 698 -35.43 14.93 -30.56
C GLY F 698 -36.09 14.89 -29.20
N CYS F 699 -37.15 14.09 -29.07
CA CYS F 699 -37.84 13.95 -27.80
C CYS F 699 -36.97 13.20 -26.81
N ASN F 700 -37.04 13.62 -25.54
CA ASN F 700 -36.29 12.98 -24.47
C ASN F 700 -37.06 11.77 -23.96
N VAL F 701 -36.33 10.68 -23.70
CA VAL F 701 -36.92 9.43 -23.30
C VAL F 701 -36.22 8.91 -22.05
N ASN F 702 -36.92 8.04 -21.33
CA ASN F 702 -36.37 7.23 -20.25
C ASN F 702 -36.45 5.78 -20.70
N ILE F 703 -35.30 5.16 -20.92
CA ILE F 703 -35.23 3.75 -21.27
C ILE F 703 -35.25 2.94 -19.99
N GLU F 704 -36.22 2.04 -19.87
CA GLU F 704 -36.39 1.20 -18.68
C GLU F 704 -36.01 -0.23 -19.06
N TYR F 705 -35.00 -0.75 -18.37
CA TYR F 705 -34.32 -1.99 -18.72
C TYR F 705 -34.10 -2.80 -17.46
N LYS F 706 -33.64 -4.04 -17.64
CA LYS F 706 -33.32 -4.93 -16.53
C LYS F 706 -32.18 -5.84 -17.00
N GLY F 707 -30.97 -5.44 -16.70
CA GLY F 707 -29.80 -6.22 -17.13
C GLY F 707 -29.33 -5.81 -18.53
N ASP F 708 -29.59 -6.67 -19.51
CA ASP F 708 -29.24 -6.39 -20.90
C ASP F 708 -30.46 -6.48 -21.81
N VAL F 709 -31.65 -6.27 -21.27
CA VAL F 709 -32.89 -6.34 -22.05
C VAL F 709 -33.65 -5.03 -21.82
N VAL F 710 -33.98 -4.34 -22.91
CA VAL F 710 -34.76 -3.11 -22.84
C VAL F 710 -36.24 -3.49 -22.80
N PHE F 711 -36.93 -3.05 -21.74
CA PHE F 711 -38.31 -3.46 -21.54
C PHE F 711 -39.31 -2.41 -22.00
N ARG F 712 -39.08 -1.14 -21.68
CA ARG F 712 -40.02 -0.12 -22.16
C ARG F 712 -39.30 1.22 -22.28
N VAL F 713 -40.00 2.17 -22.89
CA VAL F 713 -39.53 3.54 -23.03
C VAL F 713 -40.66 4.46 -22.60
N THR F 714 -40.35 5.41 -21.73
CA THR F 714 -41.35 6.33 -21.21
C THR F 714 -40.93 7.77 -21.50
N PRO F 715 -41.86 8.71 -21.59
CA PRO F 715 -41.48 10.10 -21.82
C PRO F 715 -40.80 10.71 -20.61
N ASP F 716 -40.04 11.77 -20.87
CA ASP F 716 -39.30 12.50 -19.85
C ASP F 716 -40.10 13.74 -19.49
N ARG F 717 -40.93 13.63 -18.44
CA ARG F 717 -41.84 14.72 -18.08
C ARG F 717 -41.18 15.80 -17.24
N VAL F 718 -39.92 15.61 -16.84
CA VAL F 718 -39.23 16.58 -16.00
C VAL F 718 -38.43 17.56 -16.84
N ASN F 719 -37.68 17.05 -17.82
CA ASN F 719 -36.81 17.89 -18.64
C ASN F 719 -37.46 18.39 -19.92
N ASP F 720 -38.57 17.80 -20.34
CA ASP F 720 -39.26 18.24 -21.55
C ASP F 720 -40.76 18.21 -21.31
N ASP F 721 -41.53 18.28 -22.39
CA ASP F 721 -42.98 18.30 -22.30
C ASP F 721 -43.54 16.95 -21.88
N GLY F 722 -42.81 15.87 -22.16
CA GLY F 722 -43.28 14.56 -21.77
C GLY F 722 -44.20 13.90 -22.76
N TRP F 723 -44.06 14.21 -24.05
CA TRP F 723 -44.83 13.55 -25.10
C TRP F 723 -43.91 12.67 -25.92
N LEU F 724 -44.51 11.67 -26.57
CA LEU F 724 -43.79 10.79 -27.48
C LEU F 724 -44.73 10.40 -28.60
N CYS F 725 -44.20 9.64 -29.55
CA CYS F 725 -45.00 9.07 -30.62
C CYS F 725 -44.67 7.59 -30.72
N GLN F 726 -45.21 6.95 -31.75
CA GLN F 726 -45.10 5.50 -31.85
C GLN F 726 -43.66 5.05 -32.04
N ARG F 727 -42.90 5.78 -32.85
CA ARG F 727 -41.52 5.40 -33.10
C ARG F 727 -40.64 5.61 -31.88
N GLY F 728 -40.99 6.57 -31.02
CA GLY F 728 -40.21 6.77 -29.81
C GLY F 728 -40.67 5.90 -28.67
N LYS F 729 -41.97 5.63 -28.59
CA LYS F 729 -42.51 4.76 -27.54
C LYS F 729 -42.11 3.30 -27.76
N PHE F 730 -42.31 2.80 -28.98
CA PHE F 730 -42.18 1.37 -29.25
C PHE F 730 -41.03 1.03 -30.19
N GLY F 731 -40.18 1.99 -30.54
CA GLY F 731 -39.20 1.75 -31.58
C GLY F 731 -37.87 1.21 -31.11
N LEU F 732 -37.71 0.87 -29.84
CA LEU F 732 -36.44 0.38 -29.32
C LEU F 732 -36.42 -1.12 -29.10
N GLY F 733 -37.30 -1.86 -29.79
CA GLY F 733 -37.26 -3.29 -29.73
C GLY F 733 -36.16 -3.92 -30.54
N HIS F 734 -35.59 -3.19 -31.50
CA HIS F 734 -34.48 -3.72 -32.29
C HIS F 734 -33.23 -3.92 -31.44
N ALA F 735 -33.17 -3.32 -30.25
CA ALA F 735 -32.09 -3.62 -29.33
C ALA F 735 -32.15 -5.05 -28.83
N ASN F 736 -33.35 -5.63 -28.76
CA ASN F 736 -33.53 -6.99 -28.27
C ASN F 736 -33.60 -8.01 -29.40
N ASP F 737 -33.31 -7.59 -30.63
CA ASP F 737 -33.39 -8.49 -31.77
C ASP F 737 -32.31 -9.56 -31.69
N LYS F 738 -32.68 -10.80 -32.00
CA LYS F 738 -31.73 -11.90 -32.05
C LYS F 738 -31.04 -12.02 -33.40
N ALA F 739 -31.45 -11.24 -34.39
CA ALA F 739 -30.86 -11.26 -35.72
C ALA F 739 -29.73 -10.25 -35.87
N ARG F 740 -29.36 -9.55 -34.80
CA ARG F 740 -28.25 -8.61 -34.87
C ARG F 740 -26.93 -9.35 -35.03
N LEU F 741 -26.01 -8.73 -35.77
CA LEU F 741 -24.69 -9.30 -35.95
C LEU F 741 -23.87 -9.18 -34.67
N THR F 742 -22.89 -10.06 -34.53
CA THR F 742 -22.04 -10.10 -33.36
C THR F 742 -20.56 -9.91 -33.67
N ALA F 743 -20.07 -10.48 -34.76
CA ALA F 743 -18.67 -10.41 -35.11
C ALA F 743 -18.52 -10.00 -36.58
N PRO F 744 -17.42 -9.34 -36.93
CA PRO F 744 -17.20 -8.99 -38.34
C PRO F 744 -16.99 -10.23 -39.20
N VAL F 745 -17.40 -10.13 -40.45
CA VAL F 745 -17.34 -11.24 -41.39
C VAL F 745 -16.66 -10.76 -42.66
N ILE F 746 -15.81 -11.61 -43.23
CA ILE F 746 -15.07 -11.31 -44.45
C ILE F 746 -15.47 -12.33 -45.50
N LYS F 747 -15.70 -11.86 -46.72
CA LYS F 747 -16.13 -12.73 -47.81
C LYS F 747 -14.91 -13.38 -48.46
N ARG F 748 -14.76 -14.70 -48.25
CA ARG F 748 -13.73 -15.49 -48.91
C ARG F 748 -14.40 -16.63 -49.64
N ASN F 749 -14.04 -16.80 -50.92
CA ASN F 749 -14.61 -17.81 -51.81
C ASN F 749 -16.13 -17.74 -51.88
N GLY F 750 -16.69 -16.54 -51.74
CA GLY F 750 -18.13 -16.39 -51.76
C GLY F 750 -18.83 -16.82 -50.49
N GLN F 751 -18.12 -16.97 -49.39
CA GLN F 751 -18.74 -17.27 -48.11
C GLN F 751 -18.26 -16.28 -47.07
N PHE F 752 -19.16 -15.80 -46.23
CA PHE F 752 -18.79 -14.94 -45.11
C PHE F 752 -18.21 -15.80 -44.00
N VAL F 753 -16.98 -15.50 -43.59
CA VAL F 753 -16.33 -16.20 -42.49
C VAL F 753 -16.04 -15.20 -41.38
N LYS F 754 -16.29 -15.60 -40.14
CA LYS F 754 -16.05 -14.73 -39.00
C LYS F 754 -14.55 -14.49 -38.81
N VAL F 755 -14.22 -13.29 -38.34
CA VAL F 755 -12.84 -12.91 -38.07
C VAL F 755 -12.79 -12.18 -36.73
N ASP F 756 -11.57 -11.91 -36.28
CA ASP F 756 -11.34 -11.09 -35.10
C ASP F 756 -11.44 -9.61 -35.46
N TRP F 757 -11.42 -8.76 -34.44
CA TRP F 757 -11.48 -7.32 -34.68
C TRP F 757 -10.18 -6.81 -35.30
N ASN F 758 -9.04 -7.36 -34.91
CA ASN F 758 -7.77 -6.94 -35.48
C ASN F 758 -7.67 -7.33 -36.95
N GLU F 759 -8.09 -8.55 -37.30
CA GLU F 759 -8.06 -8.98 -38.68
C GLU F 759 -8.99 -8.16 -39.55
N ALA F 760 -10.18 -7.83 -39.03
CA ALA F 760 -11.11 -6.98 -39.77
C ALA F 760 -10.55 -5.57 -39.96
N ASN F 761 -9.95 -5.00 -38.92
CA ASN F 761 -9.35 -3.68 -39.04
C ASN F 761 -8.24 -3.65 -40.08
N LEU F 762 -7.35 -4.64 -40.04
CA LEU F 762 -6.27 -4.72 -41.01
C LEU F 762 -6.81 -4.89 -42.42
N GLU F 763 -7.86 -5.71 -42.58
CA GLU F 763 -8.40 -5.96 -43.91
C GLU F 763 -9.00 -4.70 -44.51
N VAL F 764 -9.79 -3.96 -43.73
CA VAL F 764 -10.44 -2.77 -44.30
C VAL F 764 -9.41 -1.68 -44.60
N VAL F 765 -8.42 -1.50 -43.72
CA VAL F 765 -7.40 -0.48 -43.95
C VAL F 765 -6.58 -0.81 -45.20
N LYS F 766 -6.16 -2.07 -45.33
CA LYS F 766 -5.32 -2.47 -46.46
C LYS F 766 -6.10 -2.42 -47.77
N ARG F 767 -7.39 -2.75 -47.75
CA ARG F 767 -8.16 -2.72 -48.99
C ARG F 767 -8.42 -1.29 -49.46
N LEU F 768 -8.67 -0.37 -48.51
CA LEU F 768 -8.79 1.03 -48.89
C LEU F 768 -7.47 1.56 -49.45
N GLN F 769 -6.35 1.15 -48.85
CA GLN F 769 -5.04 1.54 -49.38
C GLN F 769 -4.81 1.00 -50.78
N ALA F 770 -5.26 -0.23 -51.04
CA ALA F 770 -5.12 -0.80 -52.38
C ALA F 770 -5.92 -0.01 -53.40
N VAL F 771 -7.16 0.37 -53.05
CA VAL F 771 -7.97 1.17 -53.96
C VAL F 771 -7.31 2.51 -54.26
N VAL F 772 -6.79 3.17 -53.22
CA VAL F 772 -6.12 4.47 -53.43
C VAL F 772 -4.88 4.31 -54.30
N ALA F 773 -4.08 3.27 -54.05
CA ALA F 773 -2.86 3.07 -54.82
C ALA F 773 -3.16 2.79 -56.28
N ALA F 774 -4.19 1.99 -56.56
CA ALA F 774 -4.48 1.66 -57.95
C ALA F 774 -5.12 2.82 -58.69
N TYR F 775 -6.02 3.57 -58.04
CA TYR F 775 -6.85 4.53 -58.76
C TYR F 775 -6.69 5.98 -58.33
N GLY F 776 -5.88 6.27 -57.32
CA GLY F 776 -5.56 7.65 -57.01
C GLY F 776 -6.62 8.35 -56.16
N LYS F 777 -6.60 9.68 -56.26
CA LYS F 777 -7.41 10.55 -55.42
C LYS F 777 -8.89 10.46 -55.79
N ASP F 778 -9.74 10.60 -54.76
CA ASP F 778 -11.20 10.69 -54.90
C ASP F 778 -11.81 9.45 -55.54
N SER F 779 -11.23 8.28 -55.27
CA SER F 779 -11.78 7.02 -55.74
C SER F 779 -12.58 6.29 -54.67
N ILE F 780 -12.78 6.89 -53.51
CA ILE F 780 -13.51 6.28 -52.41
C ILE F 780 -14.63 7.23 -51.99
N GLY F 781 -15.83 6.71 -51.82
CA GLY F 781 -16.96 7.48 -51.32
C GLY F 781 -17.35 6.98 -49.94
N VAL F 782 -17.62 7.92 -49.04
CA VAL F 782 -18.03 7.61 -47.68
C VAL F 782 -19.48 8.03 -47.54
N VAL F 783 -20.37 7.05 -47.48
CA VAL F 783 -21.81 7.27 -47.34
C VAL F 783 -22.19 6.91 -45.91
N VAL F 784 -22.65 7.89 -45.15
CA VAL F 784 -23.02 7.66 -43.75
C VAL F 784 -24.52 7.76 -43.60
N SER F 785 -24.99 7.37 -42.42
CA SER F 785 -26.36 7.54 -41.99
C SER F 785 -26.45 8.67 -40.99
N PRO F 786 -27.45 9.54 -41.10
CA PRO F 786 -27.62 10.62 -40.13
C PRO F 786 -28.16 10.19 -38.77
N ARG F 787 -28.12 8.90 -38.45
CA ARG F 787 -28.53 8.43 -37.14
C ARG F 787 -27.38 8.35 -36.15
N LEU F 788 -26.14 8.52 -36.59
CA LEU F 788 -24.99 8.40 -35.72
C LEU F 788 -24.79 9.68 -34.92
N THR F 789 -24.02 9.57 -33.84
CA THR F 789 -23.76 10.72 -33.00
C THR F 789 -22.75 11.65 -33.66
N ASN F 790 -22.53 12.81 -33.04
CA ASN F 790 -21.64 13.82 -33.62
C ASN F 790 -20.20 13.35 -33.63
N GLU F 791 -19.79 12.59 -32.60
CA GLU F 791 -18.42 12.11 -32.54
C GLU F 791 -18.16 11.03 -33.59
N GLU F 792 -19.15 10.16 -33.82
CA GLU F 792 -19.05 9.17 -34.89
C GLU F 792 -18.92 9.85 -36.24
N LEU F 793 -19.71 10.90 -36.48
CA LEU F 793 -19.66 11.61 -37.76
C LEU F 793 -18.34 12.36 -37.92
N PHE F 794 -17.83 12.92 -36.83
CA PHE F 794 -16.53 13.59 -36.89
C PHE F 794 -15.42 12.59 -37.24
N LEU F 795 -15.45 11.41 -36.62
CA LEU F 795 -14.43 10.40 -36.92
C LEU F 795 -14.59 9.84 -38.33
N ALA F 796 -15.82 9.75 -38.83
CA ALA F 796 -16.02 9.35 -40.22
C ALA F 796 -15.46 10.39 -41.19
N GLY F 797 -15.63 11.68 -40.87
CA GLY F 797 -15.01 12.71 -41.67
C GLY F 797 -13.50 12.66 -41.64
N LYS F 798 -12.93 12.38 -40.46
CA LYS F 798 -11.48 12.22 -40.37
C LYS F 798 -11.00 11.04 -41.18
N LEU F 799 -11.75 9.93 -41.16
CA LEU F 799 -11.40 8.77 -41.96
C LEU F 799 -11.48 9.06 -43.45
N ALA F 800 -12.47 9.87 -43.86
CA ALA F 800 -12.54 10.29 -45.26
C ALA F 800 -11.34 11.15 -45.62
N ASP F 801 -10.89 12.01 -44.70
CA ASP F 801 -9.70 12.81 -44.97
C ASP F 801 -8.44 11.95 -45.05
N ALA F 802 -8.37 10.88 -44.26
CA ALA F 802 -7.13 10.09 -44.19
C ALA F 802 -6.92 9.22 -45.42
N VAL F 803 -8.00 8.80 -46.09
CA VAL F 803 -7.87 7.98 -47.29
C VAL F 803 -7.92 8.83 -48.56
N ASN F 804 -7.75 10.15 -48.43
CA ASN F 804 -7.62 11.08 -49.56
C ASN F 804 -8.85 11.06 -50.46
N THR F 805 -9.98 11.47 -49.89
CA THR F 805 -11.20 11.61 -50.67
C THR F 805 -12.00 12.80 -50.15
N THR F 806 -12.79 13.39 -51.04
CA THR F 806 -13.68 14.49 -50.69
C THR F 806 -15.15 14.12 -50.84
N ILE F 807 -15.43 12.89 -51.26
CA ILE F 807 -16.82 12.44 -51.47
C ILE F 807 -17.29 11.86 -50.15
N LYS F 808 -17.83 12.72 -49.30
CA LYS F 808 -18.52 12.32 -48.08
C LYS F 808 -19.97 12.77 -48.21
N THR F 809 -20.89 11.83 -48.04
CA THR F 809 -22.29 12.10 -48.37
C THR F 809 -23.19 11.16 -47.57
N SER F 810 -24.48 11.26 -47.86
CA SER F 810 -25.50 10.45 -47.22
C SER F 810 -26.72 10.43 -48.14
N TYR F 811 -27.40 9.28 -48.18
CA TYR F 811 -28.59 9.18 -49.03
C TYR F 811 -29.78 9.91 -48.39
N SER F 812 -29.79 10.03 -47.07
CA SER F 812 -30.90 10.68 -46.39
C SER F 812 -30.78 12.20 -46.41
N VAL F 813 -29.57 12.74 -46.21
CA VAL F 813 -29.40 14.19 -46.27
C VAL F 813 -29.58 14.68 -47.69
N ASP F 814 -28.94 14.01 -48.66
CA ASP F 814 -28.99 14.28 -50.09
C ASP F 814 -28.83 15.76 -50.44
N GLY F 815 -27.80 16.41 -49.89
CA GLY F 815 -27.42 17.73 -50.34
C GLY F 815 -27.95 18.89 -49.54
N GLY F 816 -28.67 18.65 -48.45
CA GLY F 816 -29.21 19.73 -47.66
C GLY F 816 -30.52 20.26 -48.20
N SER F 817 -31.07 21.24 -47.48
CA SER F 817 -32.37 21.81 -47.78
C SER F 817 -32.30 23.05 -48.67
N GLY F 818 -31.10 23.51 -49.02
CA GLY F 818 -30.96 24.66 -49.88
C GLY F 818 -31.12 26.00 -49.20
N LEU F 819 -31.36 26.01 -47.88
CA LEU F 819 -31.45 27.26 -47.14
C LEU F 819 -30.08 27.88 -46.90
N GLY F 820 -29.02 27.07 -46.97
CA GLY F 820 -27.68 27.58 -46.77
C GLY F 820 -27.21 28.51 -47.87
N SER F 821 -27.62 28.25 -49.11
CA SER F 821 -27.24 29.13 -50.21
C SER F 821 -27.89 30.50 -50.10
N VAL F 822 -29.06 30.57 -49.46
CA VAL F 822 -29.78 31.83 -49.34
C VAL F 822 -29.35 32.61 -48.10
N LEU F 823 -29.31 31.95 -46.94
CA LEU F 823 -29.05 32.65 -45.69
C LEU F 823 -27.65 32.46 -45.14
N GLY F 824 -26.98 31.36 -45.45
CA GLY F 824 -25.63 31.09 -45.01
C GLY F 824 -25.49 29.81 -44.22
N TYR F 825 -26.43 29.52 -43.34
CA TYR F 825 -26.43 28.29 -42.55
C TYR F 825 -27.63 27.45 -42.94
N ASP F 826 -27.40 26.16 -43.16
CA ASP F 826 -28.49 25.22 -43.45
C ASP F 826 -29.08 24.72 -42.14
N ALA F 827 -29.81 25.62 -41.48
CA ALA F 827 -30.40 25.32 -40.19
C ALA F 827 -31.60 26.23 -39.99
N SER F 828 -32.45 25.85 -39.04
CA SER F 828 -33.59 26.69 -38.67
C SER F 828 -33.11 27.91 -37.91
N THR F 829 -33.76 29.03 -38.15
CA THR F 829 -33.35 30.30 -37.56
C THR F 829 -33.93 30.54 -36.18
N ASN F 830 -34.80 29.66 -35.69
CA ASN F 830 -35.40 29.81 -34.37
C ASN F 830 -35.60 28.45 -33.75
N SER F 831 -35.81 28.45 -32.44
CA SER F 831 -35.92 27.23 -31.66
C SER F 831 -37.39 26.81 -31.52
N PHE F 832 -37.58 25.57 -31.06
CA PHE F 832 -38.91 25.09 -30.75
C PHE F 832 -39.52 25.84 -29.57
N ALA F 833 -38.68 26.29 -28.64
CA ALA F 833 -39.14 26.98 -27.44
C ALA F 833 -39.83 28.31 -27.75
N GLU F 834 -39.67 28.83 -28.96
CA GLU F 834 -40.31 30.05 -29.38
C GLU F 834 -41.63 29.81 -30.11
N LEU F 835 -42.09 28.56 -30.18
CA LEU F 835 -43.37 28.30 -30.83
C LEU F 835 -44.56 28.75 -30.00
N ASP F 836 -44.39 28.99 -28.71
CA ASP F 836 -45.50 29.37 -27.86
C ASP F 836 -45.81 30.86 -27.91
N ASN F 837 -44.90 31.69 -28.40
CA ASN F 837 -45.08 33.12 -28.42
C ASN F 837 -45.40 33.69 -29.80
N SER F 838 -45.46 32.85 -30.83
CA SER F 838 -45.89 33.33 -32.14
C SER F 838 -47.39 33.57 -32.13
N ASP F 839 -47.84 34.46 -33.00
CA ASP F 839 -49.27 34.65 -33.21
C ASP F 839 -49.72 34.11 -34.56
N PHE F 840 -48.84 33.46 -35.31
CA PHE F 840 -49.20 32.83 -36.57
C PHE F 840 -48.17 31.77 -36.89
N VAL F 841 -48.64 30.57 -37.21
CA VAL F 841 -47.77 29.48 -37.64
C VAL F 841 -48.27 28.99 -38.99
N LEU F 842 -47.39 29.03 -39.99
CA LEU F 842 -47.70 28.52 -41.32
C LEU F 842 -46.98 27.20 -41.50
N THR F 843 -47.75 26.14 -41.71
CA THR F 843 -47.22 24.80 -41.80
C THR F 843 -47.09 24.39 -43.27
N LEU F 844 -45.89 23.98 -43.66
CA LEU F 844 -45.62 23.50 -45.01
C LEU F 844 -45.22 22.04 -44.91
N GLY F 845 -45.92 21.18 -45.66
CA GLY F 845 -45.67 19.76 -45.60
C GLY F 845 -46.54 19.06 -44.57
N LYS F 846 -46.27 17.77 -44.40
CA LYS F 846 -47.02 16.91 -43.49
C LYS F 846 -46.26 16.81 -42.16
N VAL F 847 -46.38 17.86 -41.35
CA VAL F 847 -45.74 17.86 -40.04
C VAL F 847 -46.48 16.91 -39.09
N LYS F 848 -47.80 16.82 -39.21
CA LYS F 848 -48.59 15.98 -38.31
C LYS F 848 -48.24 14.51 -38.46
N GLU F 849 -48.10 14.03 -39.69
CA GLU F 849 -47.88 12.61 -39.92
C GLU F 849 -46.44 12.18 -39.67
N ASN F 850 -45.48 13.06 -39.92
CA ASN F 850 -44.06 12.72 -39.83
C ASN F 850 -43.45 13.04 -38.48
N HIS F 851 -43.74 14.21 -37.93
CA HIS F 851 -43.21 14.64 -36.65
C HIS F 851 -44.40 15.01 -35.77
N PRO F 852 -45.11 14.01 -35.23
CA PRO F 852 -46.39 14.30 -34.58
C PRO F 852 -46.27 14.99 -33.23
N VAL F 853 -45.15 14.84 -32.51
CA VAL F 853 -45.01 15.54 -31.24
C VAL F 853 -44.92 17.05 -31.47
N LEU F 854 -44.37 17.46 -32.62
CA LEU F 854 -44.39 18.88 -32.98
C LEU F 854 -45.82 19.38 -33.13
N ASP F 855 -46.69 18.56 -33.74
CA ASP F 855 -48.10 18.93 -33.82
C ASP F 855 -48.77 18.93 -32.44
N PHE F 856 -48.36 18.03 -31.54
CA PHE F 856 -48.89 18.07 -30.18
C PHE F 856 -48.57 19.40 -29.53
N LYS F 857 -47.32 19.84 -29.67
CA LYS F 857 -46.88 21.10 -29.07
C LYS F 857 -47.61 22.29 -29.69
N ILE F 858 -47.77 22.29 -31.01
CA ILE F 858 -48.45 23.39 -31.68
C ILE F 858 -49.91 23.46 -31.27
N ARG F 859 -50.57 22.30 -31.15
CA ARG F 859 -51.97 22.28 -30.73
C ARG F 859 -52.13 22.74 -29.29
N LEU F 860 -51.23 22.30 -28.39
CA LEU F 860 -51.36 22.72 -27.00
C LEU F 860 -50.98 24.17 -26.78
N SER F 861 -50.17 24.75 -27.67
CA SER F 861 -49.80 26.16 -27.51
C SER F 861 -51.02 27.07 -27.71
N GLY F 862 -51.94 26.68 -28.59
CA GLY F 862 -53.15 27.45 -28.79
C GLY F 862 -53.05 28.57 -29.78
N VAL F 863 -51.93 28.72 -30.47
CA VAL F 863 -51.81 29.79 -31.46
C VAL F 863 -52.53 29.41 -32.74
N CYS F 864 -52.77 30.42 -33.59
CA CYS F 864 -53.49 30.22 -34.84
C CYS F 864 -52.55 29.60 -35.87
N SER F 865 -52.89 28.39 -36.32
CA SER F 865 -52.08 27.65 -37.28
C SER F 865 -52.86 27.49 -38.58
N VAL F 866 -52.21 27.82 -39.69
CA VAL F 866 -52.79 27.67 -41.03
C VAL F 866 -51.87 26.78 -41.84
N ALA F 867 -52.43 25.74 -42.43
CA ALA F 867 -51.66 24.83 -43.26
C ALA F 867 -51.66 25.30 -44.71
N TRP F 868 -50.54 25.10 -45.38
CA TRP F 868 -50.46 25.40 -46.80
C TRP F 868 -51.38 24.47 -47.57
N PRO F 869 -52.21 24.98 -48.47
CA PRO F 869 -53.19 24.13 -49.14
C PRO F 869 -52.53 23.09 -50.04
N GLN F 870 -53.15 21.91 -50.08
CA GLN F 870 -52.64 20.83 -50.92
C GLN F 870 -52.84 21.11 -52.40
N SER F 871 -53.81 21.95 -52.76
CA SER F 871 -54.08 22.29 -54.15
C SER F 871 -53.12 23.32 -54.71
N LEU F 872 -52.04 23.63 -53.98
CA LEU F 872 -51.06 24.61 -54.40
C LEU F 872 -49.69 23.94 -54.52
N ALA F 873 -49.67 22.77 -55.14
CA ALA F 873 -48.46 21.94 -55.20
C ALA F 873 -47.50 22.39 -56.28
N ASN F 874 -47.64 23.60 -56.81
CA ASN F 874 -46.77 24.12 -57.85
C ASN F 874 -46.02 25.35 -57.33
N THR F 875 -44.78 25.50 -57.79
CA THR F 875 -43.95 26.62 -57.36
C THR F 875 -44.48 27.95 -57.90
N ALA F 876 -45.18 27.93 -59.04
CA ALA F 876 -45.78 29.16 -59.57
C ALA F 876 -46.79 29.75 -58.59
N ASP F 877 -47.48 28.90 -57.83
CA ASP F 877 -48.37 29.39 -56.78
C ASP F 877 -47.58 30.11 -55.69
N MET F 878 -46.38 29.62 -55.37
CA MET F 878 -45.53 30.29 -54.41
C MET F 878 -45.01 31.62 -54.95
N LYS F 879 -44.77 31.69 -56.27
CA LYS F 879 -44.40 32.97 -56.86
C LYS F 879 -45.55 33.96 -56.80
N VAL F 880 -46.78 33.49 -56.99
CA VAL F 880 -47.96 34.34 -56.79
C VAL F 880 -48.03 34.81 -55.34
N PHE F 881 -47.67 33.93 -54.40
CA PHE F 881 -47.62 34.30 -52.98
C PHE F 881 -46.61 35.41 -52.73
N LEU F 882 -45.42 35.31 -53.34
CA LEU F 882 -44.42 36.36 -53.21
C LEU F 882 -44.90 37.67 -53.80
N LYS F 883 -45.58 37.60 -54.96
CA LYS F 883 -46.12 38.80 -55.59
C LYS F 883 -47.18 39.45 -54.72
N ALA F 884 -48.04 38.65 -54.10
CA ALA F 884 -49.08 39.19 -53.22
C ALA F 884 -48.48 39.81 -51.97
N LEU F 885 -47.38 39.23 -51.47
CA LEU F 885 -46.69 39.84 -50.33
C LEU F 885 -46.05 41.16 -50.72
N LEU F 886 -45.48 41.24 -51.92
CA LEU F 886 -44.86 42.49 -52.37
C LEU F 886 -45.88 43.58 -52.62
N ASN F 887 -47.05 43.20 -53.15
CA ASN F 887 -48.11 44.18 -53.39
C ASN F 887 -48.74 44.70 -52.11
N LEU F 888 -48.50 44.04 -50.98
CA LEU F 888 -49.03 44.48 -49.70
C LEU F 888 -48.14 45.52 -49.02
N GLY F 889 -47.15 46.06 -49.73
CA GLY F 889 -46.37 47.14 -49.16
C GLY F 889 -45.26 46.73 -48.21
N VAL F 890 -44.25 46.05 -48.73
CA VAL F 890 -43.03 45.80 -47.96
C VAL F 890 -42.06 46.95 -48.18
N ASP F 891 -41.06 47.05 -47.30
CA ASP F 891 -40.04 48.08 -47.41
C ASP F 891 -39.00 47.67 -48.44
N GLU F 892 -38.95 48.39 -49.56
CA GLU F 892 -38.02 48.00 -50.62
C GLU F 892 -36.59 48.41 -50.31
N ASN F 893 -36.39 49.46 -49.53
CA ASN F 893 -35.03 49.97 -49.32
C ASN F 893 -34.23 49.09 -48.39
N LYS F 894 -34.85 48.61 -47.31
CA LYS F 894 -34.15 47.72 -46.38
C LYS F 894 -33.77 46.41 -47.05
N VAL F 895 -34.71 45.82 -47.80
CA VAL F 895 -34.40 44.55 -48.46
C VAL F 895 -33.46 44.78 -49.63
N ALA F 896 -33.43 45.99 -50.18
CA ALA F 896 -32.48 46.29 -51.24
C ALA F 896 -31.07 46.40 -50.70
N GLU F 897 -30.91 47.00 -49.52
CA GLU F 897 -29.57 47.12 -48.94
C GLU F 897 -29.14 45.87 -48.19
N LYS F 898 -30.06 44.94 -47.90
CA LYS F 898 -29.71 43.73 -47.17
C LYS F 898 -29.60 42.48 -48.04
N THR F 899 -30.03 42.53 -49.30
CA THR F 899 -30.04 41.36 -50.15
C THR F 899 -29.29 41.64 -51.45
N GLU F 900 -29.01 40.56 -52.18
CA GLU F 900 -28.42 40.64 -53.51
C GLU F 900 -29.40 40.03 -54.51
N GLY F 901 -29.71 40.78 -55.56
CA GLY F 901 -30.61 40.28 -56.58
C GLY F 901 -32.08 40.49 -56.30
N PHE F 902 -32.43 41.50 -55.49
CA PHE F 902 -33.85 41.79 -55.28
C PHE F 902 -34.47 42.48 -56.49
N ALA F 903 -33.67 43.24 -57.24
CA ALA F 903 -34.20 43.91 -58.44
C ALA F 903 -34.66 42.91 -59.49
N GLU F 904 -33.87 41.86 -59.71
CA GLU F 904 -34.27 40.83 -60.66
C GLU F 904 -35.46 40.03 -60.15
N LEU F 905 -35.56 39.84 -58.83
CA LEU F 905 -36.72 39.19 -58.25
C LEU F 905 -37.98 40.01 -58.48
N LYS F 906 -37.90 41.32 -58.32
CA LYS F 906 -39.04 42.19 -58.63
C LYS F 906 -39.38 42.15 -60.12
N ALA F 907 -38.36 42.13 -60.98
CA ALA F 907 -38.60 42.10 -62.41
C ALA F 907 -39.28 40.81 -62.84
N SER F 908 -38.88 39.68 -62.26
CA SER F 908 -39.44 38.40 -62.67
C SER F 908 -40.89 38.20 -62.21
N LEU F 909 -41.38 39.04 -61.31
CA LEU F 909 -42.76 38.97 -60.84
C LEU F 909 -43.61 40.10 -61.41
N ALA F 910 -43.27 40.59 -62.60
CA ALA F 910 -43.94 41.77 -63.13
C ALA F 910 -45.35 41.46 -63.63
N ASP F 911 -45.53 40.34 -64.33
CA ASP F 911 -46.80 40.00 -64.93
C ASP F 911 -47.49 38.85 -64.21
N VAL F 912 -47.31 38.75 -62.91
CA VAL F 912 -47.90 37.68 -62.10
C VAL F 912 -49.23 38.18 -61.55
N LYS F 913 -50.30 37.43 -61.85
CA LYS F 913 -51.62 37.72 -61.34
C LYS F 913 -51.82 37.03 -59.98
N VAL F 914 -52.73 37.57 -59.18
CA VAL F 914 -52.95 37.12 -57.82
C VAL F 914 -54.38 36.60 -57.70
N SER F 915 -54.54 35.40 -57.14
CA SER F 915 -55.84 34.80 -56.92
C SER F 915 -56.38 35.17 -55.54
N GLU F 916 -57.60 34.70 -55.26
CA GLU F 916 -58.28 35.08 -54.03
C GLU F 916 -57.67 34.37 -52.81
N GLU F 917 -57.46 33.06 -52.91
CA GLU F 917 -56.93 32.31 -51.77
C GLU F 917 -55.49 32.70 -51.48
N ILE F 918 -54.71 32.98 -52.53
CA ILE F 918 -53.35 33.46 -52.34
C ILE F 918 -53.36 34.80 -51.63
N GLN F 919 -54.30 35.67 -52.00
CA GLN F 919 -54.42 36.97 -51.35
C GLN F 919 -54.80 36.81 -49.88
N ALA F 920 -55.69 35.87 -49.58
CA ALA F 920 -56.07 35.64 -48.18
C ALA F 920 -54.89 35.14 -47.36
N LEU F 921 -54.14 34.17 -47.90
CA LEU F 921 -52.98 33.66 -47.18
C LEU F 921 -51.92 34.74 -46.98
N ALA F 922 -51.67 35.54 -48.02
CA ALA F 922 -50.68 36.61 -47.90
C ALA F 922 -51.11 37.66 -46.89
N GLN F 923 -52.41 37.98 -46.86
CA GLN F 923 -52.91 38.93 -45.87
C GLN F 923 -52.77 38.39 -44.46
N LYS F 924 -53.05 37.10 -44.27
CA LYS F 924 -52.89 36.49 -42.95
C LYS F 924 -51.44 36.51 -42.51
N TYR F 925 -50.52 36.22 -43.43
CA TYR F 925 -49.10 36.19 -43.07
C TYR F 925 -48.56 37.58 -42.80
N ALA F 926 -48.88 38.55 -43.66
CA ALA F 926 -48.31 39.89 -43.53
C ALA F 926 -48.96 40.70 -42.42
N LYS F 927 -50.19 40.34 -42.03
CA LYS F 927 -50.85 41.06 -40.94
C LYS F 927 -50.22 40.73 -39.59
N ALA F 928 -49.85 39.47 -39.38
CA ALA F 928 -49.39 39.03 -38.07
C ALA F 928 -48.02 39.60 -37.73
N ALA F 929 -47.84 39.93 -36.45
CA ALA F 929 -46.61 40.61 -36.01
C ALA F 929 -45.43 39.65 -35.95
N LYS F 930 -45.62 38.44 -35.39
CA LYS F 930 -44.53 37.49 -35.16
C LYS F 930 -44.91 36.13 -35.72
N PRO F 931 -44.77 35.93 -37.03
CA PRO F 931 -45.11 34.63 -37.63
C PRO F 931 -43.92 33.69 -37.73
N LEU F 932 -44.24 32.40 -37.72
CA LEU F 932 -43.26 31.34 -37.93
C LEU F 932 -43.71 30.46 -39.08
N ILE F 933 -42.74 29.93 -39.82
CA ILE F 933 -43.00 28.94 -40.87
C ILE F 933 -42.34 27.65 -40.45
N VAL F 934 -43.13 26.60 -40.33
CA VAL F 934 -42.63 25.27 -39.96
C VAL F 934 -42.68 24.41 -41.21
N ILE F 935 -41.50 24.04 -41.71
CA ILE F 935 -41.36 23.31 -42.97
C ILE F 935 -40.92 21.89 -42.66
N ASP F 936 -41.68 20.92 -43.16
CA ASP F 936 -41.35 19.51 -42.98
C ASP F 936 -40.43 19.06 -44.13
N GLU F 937 -39.20 18.67 -43.79
CA GLU F 937 -38.20 18.39 -44.80
C GLU F 937 -38.48 17.12 -45.60
N ASP F 938 -39.36 16.24 -45.10
CA ASP F 938 -39.60 14.98 -45.78
C ASP F 938 -40.41 15.16 -47.05
N THR F 939 -41.41 16.03 -47.03
CA THR F 939 -42.40 16.11 -48.10
C THR F 939 -42.37 17.44 -48.82
N VAL F 940 -41.30 18.21 -48.68
CA VAL F 940 -41.19 19.53 -49.30
C VAL F 940 -39.87 19.57 -50.06
N SER F 941 -39.94 20.01 -51.32
CA SER F 941 -38.76 20.11 -52.15
C SER F 941 -37.89 21.30 -51.72
N ALA F 942 -36.71 21.40 -52.31
CA ALA F 942 -35.77 22.45 -51.92
C ALA F 942 -36.22 23.83 -52.40
N GLU F 943 -36.88 23.90 -53.56
CA GLU F 943 -37.27 25.19 -54.10
C GLU F 943 -38.37 25.84 -53.27
N ALA F 944 -39.27 25.04 -52.69
CA ALA F 944 -40.29 25.58 -51.81
C ALA F 944 -39.68 26.15 -50.54
N VAL F 945 -38.64 25.50 -50.01
CA VAL F 945 -37.92 26.02 -48.87
C VAL F 945 -37.23 27.34 -49.23
N LYS F 946 -36.63 27.40 -50.42
CA LYS F 946 -35.99 28.64 -50.85
C LYS F 946 -37.00 29.77 -51.01
N LEU F 947 -38.20 29.46 -51.49
CA LEU F 947 -39.21 30.50 -51.67
C LEU F 947 -39.80 30.97 -50.35
N MET F 948 -39.96 30.07 -49.38
CA MET F 948 -40.33 30.52 -48.04
C MET F 948 -39.24 31.38 -47.42
N ALA F 949 -37.97 31.05 -47.68
CA ALA F 949 -36.88 31.92 -47.25
C ALA F 949 -36.99 33.29 -47.90
N TYR F 950 -37.32 33.33 -49.20
CA TYR F 950 -37.48 34.60 -49.90
C TYR F 950 -38.60 35.43 -49.29
N ALA F 951 -39.72 34.79 -48.95
CA ALA F 951 -40.84 35.50 -48.34
C ALA F 951 -40.44 36.07 -46.99
N ALA F 952 -39.81 35.25 -46.14
CA ALA F 952 -39.41 35.72 -44.82
C ALA F 952 -38.35 36.83 -44.91
N VAL F 953 -37.52 36.80 -45.96
CA VAL F 953 -36.48 37.81 -46.09
C VAL F 953 -37.06 39.13 -46.59
N ILE F 954 -37.85 39.09 -47.67
CA ILE F 954 -38.36 40.34 -48.23
C ILE F 954 -39.41 40.96 -47.32
N THR F 955 -40.11 40.16 -46.53
CA THR F 955 -41.07 40.75 -45.60
C THR F 955 -40.38 41.41 -44.41
N GLY F 956 -39.26 40.86 -43.96
CA GLY F 956 -38.59 41.35 -42.78
C GLY F 956 -38.84 40.55 -41.52
N LYS F 957 -39.39 39.35 -41.64
CA LYS F 957 -39.71 38.49 -40.51
C LYS F 957 -38.64 37.43 -40.26
N ILE F 958 -37.36 37.79 -40.44
CA ILE F 958 -36.27 36.87 -40.19
C ILE F 958 -35.23 37.58 -39.32
N GLY F 959 -34.40 36.77 -38.66
CA GLY F 959 -33.32 37.33 -37.87
C GLY F 959 -33.76 38.01 -36.59
N ALA F 960 -34.92 37.67 -36.06
CA ALA F 960 -35.43 38.25 -34.83
C ALA F 960 -36.11 37.18 -34.01
N ALA F 961 -36.40 37.49 -32.76
CA ALA F 961 -37.02 36.52 -31.88
C ALA F 961 -38.49 36.33 -32.25
N TYR F 962 -38.95 35.07 -32.16
CA TYR F 962 -40.30 34.63 -32.47
C TYR F 962 -40.70 34.87 -33.92
N ARG F 963 -39.72 35.08 -34.80
CA ARG F 963 -39.97 35.34 -36.22
C ARG F 963 -38.93 34.60 -37.03
N GLY F 964 -39.36 33.86 -38.03
CA GLY F 964 -38.39 33.21 -38.88
C GLY F 964 -38.93 31.90 -39.42
N ILE F 965 -37.99 30.99 -39.70
CA ILE F 965 -38.27 29.71 -40.33
C ILE F 965 -37.77 28.60 -39.42
N ILE F 966 -38.65 27.66 -39.10
CA ILE F 966 -38.29 26.45 -38.37
C ILE F 966 -38.29 25.30 -39.36
N LEU F 967 -37.19 24.57 -39.42
CA LEU F 967 -36.98 23.50 -40.38
C LEU F 967 -36.81 22.19 -39.61
N VAL F 968 -37.65 21.21 -39.89
CA VAL F 968 -37.70 19.98 -39.12
C VAL F 968 -37.04 18.88 -39.92
N ARG F 969 -35.92 18.38 -39.40
CA ARG F 969 -35.09 17.45 -40.16
C ARG F 969 -35.67 16.04 -40.13
N THR F 970 -35.24 15.23 -41.10
CA THR F 970 -35.79 13.90 -41.27
C THR F 970 -35.32 12.95 -40.18
N LYS F 971 -34.03 12.97 -39.86
CA LYS F 971 -33.44 12.05 -38.91
C LYS F 971 -32.91 12.80 -37.69
N ASN F 972 -32.47 12.04 -36.70
CA ASN F 972 -32.13 12.64 -35.40
C ASN F 972 -30.91 13.54 -35.50
N ASN F 973 -29.91 13.14 -36.27
CA ASN F 973 -28.67 13.88 -36.38
C ASN F 973 -28.42 14.33 -37.82
N THR F 974 -29.49 14.71 -38.51
CA THR F 974 -29.33 15.33 -39.83
C THR F 974 -28.61 16.67 -39.71
N GLN F 975 -28.91 17.44 -38.66
CA GLN F 975 -28.21 18.70 -38.43
C GLN F 975 -26.74 18.45 -38.14
N GLY F 976 -26.43 17.44 -37.31
CA GLY F 976 -25.05 17.10 -37.04
C GLY F 976 -24.33 16.59 -38.27
N ALA F 977 -25.03 15.87 -39.14
CA ALA F 977 -24.42 15.39 -40.38
C ALA F 977 -24.13 16.55 -41.33
N VAL F 978 -25.04 17.51 -41.41
CA VAL F 978 -24.82 18.69 -42.25
C VAL F 978 -23.65 19.50 -41.72
N ASP F 979 -23.52 19.61 -40.40
CA ASP F 979 -22.44 20.40 -39.81
C ASP F 979 -21.06 19.79 -40.01
N MET F 980 -20.96 18.47 -40.18
CA MET F 980 -19.67 17.82 -40.34
C MET F 980 -19.26 17.65 -41.80
N GLY F 981 -20.05 18.16 -42.74
CA GLY F 981 -19.65 18.17 -44.13
C GLY F 981 -20.23 17.08 -45.00
N PHE F 982 -21.24 16.35 -44.53
CA PHE F 982 -21.86 15.29 -45.33
C PHE F 982 -23.01 15.85 -46.16
N VAL F 983 -22.67 16.80 -47.04
CA VAL F 983 -23.66 17.56 -47.80
C VAL F 983 -23.48 17.38 -49.31
N MET F 984 -22.70 16.41 -49.74
CA MET F 984 -22.58 16.13 -51.16
C MET F 984 -23.82 15.38 -51.65
N PRO F 985 -24.39 15.77 -52.79
CA PRO F 985 -25.53 15.02 -53.34
C PRO F 985 -25.12 13.64 -53.80
N VAL F 986 -26.07 12.70 -53.72
CA VAL F 986 -25.79 11.32 -54.10
C VAL F 986 -25.89 11.10 -55.59
N SER F 987 -26.40 12.08 -56.34
CA SER F 987 -26.32 12.02 -57.79
C SER F 987 -24.86 12.03 -58.25
N ALA F 988 -24.02 12.79 -57.53
CA ALA F 988 -22.58 12.77 -57.81
C ALA F 988 -21.99 11.39 -57.57
N VAL F 989 -22.43 10.71 -56.50
CA VAL F 989 -21.93 9.37 -56.22
C VAL F 989 -22.35 8.40 -57.32
N ALA F 990 -23.62 8.45 -57.74
CA ALA F 990 -24.09 7.55 -58.78
C ALA F 990 -23.37 7.80 -60.09
N GLN F 991 -23.18 9.07 -60.46
CA GLN F 991 -22.47 9.42 -61.68
C GLN F 991 -21.01 8.99 -61.62
N GLY F 992 -20.36 9.19 -60.49
CA GLY F 992 -18.97 8.77 -60.34
C GLY F 992 -18.80 7.28 -60.38
N ILE F 993 -19.76 6.52 -59.84
CA ILE F 993 -19.68 5.06 -59.94
C ILE F 993 -19.85 4.61 -61.37
N GLU F 994 -20.86 5.14 -62.06
CA GLU F 994 -21.10 4.67 -63.43
C GLU F 994 -20.08 5.21 -64.43
N SER F 995 -19.29 6.22 -64.05
CA SER F 995 -18.26 6.74 -64.93
C SER F 995 -16.88 6.17 -64.66
N GLY F 996 -16.76 5.22 -63.73
CA GLY F 996 -15.48 4.60 -63.43
C GLY F 996 -14.56 5.41 -62.55
N LYS F 997 -15.03 6.52 -61.98
CA LYS F 997 -14.18 7.34 -61.14
C LYS F 997 -14.14 6.83 -59.70
N ILE F 998 -15.27 6.33 -59.20
CA ILE F 998 -15.38 5.85 -57.83
C ILE F 998 -15.34 4.33 -57.84
N LYS F 999 -14.38 3.75 -57.13
CA LYS F 999 -14.19 2.31 -57.15
C LYS F 999 -14.49 1.63 -55.83
N ALA F 1000 -14.40 2.33 -54.71
CA ALA F 1000 -14.68 1.76 -53.41
C ALA F 1000 -15.72 2.63 -52.70
N LEU F 1001 -16.46 2.01 -51.79
CA LEU F 1001 -17.48 2.71 -51.05
C LEU F 1001 -17.44 2.25 -49.60
N VAL F 1002 -17.62 3.19 -48.69
CA VAL F 1002 -17.74 2.89 -47.26
C VAL F 1002 -19.14 3.31 -46.85
N VAL F 1003 -19.98 2.32 -46.51
CA VAL F 1003 -21.37 2.55 -46.15
C VAL F 1003 -21.51 2.31 -44.66
N ILE F 1004 -22.01 3.32 -43.94
CA ILE F 1004 -22.15 3.24 -42.50
C ILE F 1004 -23.63 3.44 -42.16
N GLY F 1005 -24.31 2.34 -41.85
CA GLY F 1005 -25.65 2.41 -41.30
C GLY F 1005 -26.76 2.60 -42.30
N GLU F 1006 -26.48 2.54 -43.59
CA GLU F 1006 -27.48 2.76 -44.62
C GLU F 1006 -27.71 1.51 -45.43
N ASP F 1007 -28.84 1.47 -46.13
CA ASP F 1007 -29.19 0.37 -47.02
C ASP F 1007 -29.69 0.93 -48.35
N PRO F 1008 -28.77 1.33 -49.24
CA PRO F 1008 -29.22 1.77 -50.56
C PRO F 1008 -29.67 0.62 -51.46
N ALA F 1009 -29.18 -0.60 -51.22
CA ALA F 1009 -29.42 -1.71 -52.13
C ALA F 1009 -30.78 -2.38 -51.94
N ALA F 1010 -31.70 -1.77 -51.19
CA ALA F 1010 -33.06 -2.26 -51.14
C ALA F 1010 -33.85 -1.93 -52.40
N TYR F 1011 -33.30 -1.08 -53.27
CA TYR F 1011 -33.94 -0.67 -54.51
C TYR F 1011 -33.07 -1.08 -55.70
N PRO F 1012 -33.69 -1.53 -56.80
CA PRO F 1012 -32.90 -2.16 -57.88
C PRO F 1012 -31.90 -1.25 -58.56
N GLN F 1013 -32.17 0.05 -58.69
CA GLN F 1013 -31.22 0.94 -59.35
C GLN F 1013 -29.92 1.04 -58.57
N GLU F 1014 -30.02 1.29 -57.25
CA GLU F 1014 -28.81 1.39 -56.45
C GLU F 1014 -28.14 0.02 -56.28
N SER F 1015 -28.90 -1.07 -56.33
CA SER F 1015 -28.27 -2.39 -56.26
C SER F 1015 -27.45 -2.69 -57.50
N ALA F 1016 -28.00 -2.39 -58.68
CA ALA F 1016 -27.22 -2.54 -59.91
C ALA F 1016 -26.06 -1.56 -59.96
N LEU F 1017 -26.20 -0.41 -59.31
CA LEU F 1017 -25.06 0.50 -59.16
C LEU F 1017 -23.96 -0.09 -58.30
N LEU F 1018 -24.33 -0.65 -57.13
CA LEU F 1018 -23.34 -1.24 -56.22
C LEU F 1018 -22.71 -2.50 -56.79
N GLN F 1019 -23.36 -3.15 -57.75
CA GLN F 1019 -22.75 -4.32 -58.38
C GLN F 1019 -21.54 -3.98 -59.25
N LYS F 1020 -21.32 -2.70 -59.57
CA LYS F 1020 -20.20 -2.29 -60.40
C LYS F 1020 -19.01 -1.77 -59.61
N LEU F 1021 -19.02 -1.94 -58.29
CA LEU F 1021 -17.93 -1.44 -57.47
C LEU F 1021 -16.78 -2.43 -57.46
N SER F 1022 -15.66 -1.99 -56.89
CA SER F 1022 -14.52 -2.87 -56.66
C SER F 1022 -14.43 -3.37 -55.23
N PHE F 1023 -14.89 -2.57 -54.27
CA PHE F 1023 -14.80 -2.91 -52.86
C PHE F 1023 -15.92 -2.18 -52.13
N LEU F 1024 -16.44 -2.80 -51.07
CA LEU F 1024 -17.57 -2.23 -50.35
C LEU F 1024 -17.56 -2.74 -48.92
N VAL F 1025 -17.48 -1.82 -47.96
CA VAL F 1025 -17.60 -2.14 -46.53
C VAL F 1025 -18.96 -1.65 -46.07
N VAL F 1026 -19.65 -2.45 -45.28
CA VAL F 1026 -20.94 -2.09 -44.75
C VAL F 1026 -20.88 -2.20 -43.23
N TYR F 1027 -21.18 -1.11 -42.55
CA TYR F 1027 -21.29 -1.07 -41.10
C TYR F 1027 -22.78 -1.06 -40.74
N ASP F 1028 -23.28 -2.16 -40.20
CA ASP F 1028 -24.72 -2.23 -39.93
C ASP F 1028 -24.99 -3.23 -38.81
N MET F 1029 -26.16 -3.06 -38.18
CA MET F 1029 -26.59 -3.99 -37.14
C MET F 1029 -27.14 -5.29 -37.72
N PHE F 1030 -27.86 -5.23 -38.84
CA PHE F 1030 -28.50 -6.39 -39.42
C PHE F 1030 -27.81 -6.78 -40.72
N MET F 1031 -27.93 -8.05 -41.08
CA MET F 1031 -27.43 -8.54 -42.37
C MET F 1031 -28.50 -8.25 -43.40
N THR F 1032 -28.53 -6.99 -43.83
CA THR F 1032 -29.56 -6.50 -44.73
C THR F 1032 -29.20 -6.84 -46.17
N LYS F 1033 -29.92 -6.24 -47.12
CA LYS F 1033 -29.69 -6.52 -48.54
C LYS F 1033 -28.35 -5.97 -49.00
N THR F 1034 -27.95 -4.80 -48.50
CA THR F 1034 -26.67 -4.21 -48.90
C THR F 1034 -25.50 -4.98 -48.31
N ALA F 1035 -25.62 -5.41 -47.05
CA ALA F 1035 -24.52 -6.12 -46.40
C ALA F 1035 -24.26 -7.48 -47.04
N THR F 1036 -25.28 -8.05 -47.70
CA THR F 1036 -25.07 -9.30 -48.42
C THR F 1036 -24.22 -9.08 -49.67
N ALA F 1037 -24.30 -7.90 -50.27
CA ALA F 1037 -23.51 -7.58 -51.46
C ALA F 1037 -22.10 -7.12 -51.13
N ALA F 1038 -21.76 -6.96 -49.86
CA ALA F 1038 -20.49 -6.40 -49.45
C ALA F 1038 -19.40 -7.46 -49.40
N ASP F 1039 -18.15 -7.00 -49.45
CA ASP F 1039 -17.01 -7.87 -49.26
C ASP F 1039 -16.60 -7.98 -47.79
N MET F 1040 -17.25 -7.22 -46.92
CA MET F 1040 -16.92 -7.20 -45.50
C MET F 1040 -18.01 -6.45 -44.75
N VAL F 1041 -18.48 -7.01 -43.64
CA VAL F 1041 -19.51 -6.40 -42.82
C VAL F 1041 -18.99 -6.28 -41.39
N VAL F 1042 -19.14 -5.09 -40.81
CA VAL F 1042 -18.72 -4.81 -39.45
C VAL F 1042 -19.97 -4.44 -38.65
N PRO F 1043 -20.22 -5.04 -37.49
CA PRO F 1043 -21.45 -4.76 -36.77
C PRO F 1043 -21.47 -3.37 -36.13
N LEU F 1044 -22.68 -2.89 -35.88
CA LEU F 1044 -22.91 -1.67 -35.13
C LEU F 1044 -23.87 -1.97 -33.99
N VAL F 1045 -23.81 -1.15 -32.95
CA VAL F 1045 -24.68 -1.30 -31.80
C VAL F 1045 -25.86 -0.35 -31.95
N SER F 1046 -26.89 -0.57 -31.13
CA SER F 1046 -28.10 0.23 -31.19
C SER F 1046 -27.93 1.51 -30.37
N SER F 1047 -28.95 2.36 -30.40
CA SER F 1047 -28.88 3.65 -29.73
C SER F 1047 -28.95 3.53 -28.22
N ALA F 1048 -29.35 2.37 -27.69
CA ALA F 1048 -29.38 2.16 -26.25
C ALA F 1048 -28.03 1.77 -25.70
N GLU F 1049 -27.01 1.65 -26.55
CA GLU F 1049 -25.68 1.23 -26.12
C GLU F 1049 -24.59 2.25 -26.48
N VAL F 1050 -24.98 3.47 -26.82
CA VAL F 1050 -24.02 4.47 -27.28
C VAL F 1050 -24.05 5.67 -26.35
N ASN F 1051 -22.89 6.29 -26.18
CA ASN F 1051 -22.72 7.55 -25.48
C ASN F 1051 -22.28 8.59 -26.48
N GLY F 1052 -22.95 9.74 -26.49
CA GLY F 1052 -22.57 10.77 -27.43
C GLY F 1052 -23.51 11.95 -27.34
N THR F 1053 -23.65 12.66 -28.45
CA THR F 1053 -24.58 13.77 -28.54
C THR F 1053 -25.28 13.76 -29.89
N TYR F 1054 -26.50 14.27 -29.90
CA TYR F 1054 -27.27 14.48 -31.12
C TYR F 1054 -27.59 15.97 -31.23
N THR F 1055 -27.53 16.50 -32.45
CA THR F 1055 -27.92 17.89 -32.68
C THR F 1055 -29.35 17.91 -33.18
N ARG F 1056 -30.23 18.59 -32.44
CA ARG F 1056 -31.63 18.70 -32.79
C ARG F 1056 -31.79 19.54 -34.06
N SER F 1057 -33.01 19.56 -34.59
CA SER F 1057 -33.26 20.32 -35.81
C SER F 1057 -33.22 21.82 -35.55
N ASP F 1058 -33.45 22.24 -34.30
CA ASP F 1058 -33.29 23.62 -33.89
C ASP F 1058 -31.94 23.87 -33.24
N ARG F 1059 -30.91 23.14 -33.69
CA ARG F 1059 -29.50 23.39 -33.34
C ARG F 1059 -29.23 23.20 -31.86
N ARG F 1060 -29.99 22.35 -31.18
CA ARG F 1060 -29.75 22.05 -29.78
C ARG F 1060 -29.01 20.73 -29.65
N ILE F 1061 -27.94 20.72 -28.85
CA ILE F 1061 -27.08 19.56 -28.70
C ILE F 1061 -27.46 18.86 -27.41
N GLN F 1062 -27.85 17.59 -27.51
CA GLN F 1062 -28.38 16.82 -26.39
C GLN F 1062 -27.53 15.58 -26.16
N ALA F 1063 -27.40 15.20 -24.89
CA ALA F 1063 -26.58 14.06 -24.50
C ALA F 1063 -27.35 12.76 -24.64
N VAL F 1064 -26.70 11.76 -25.22
CA VAL F 1064 -27.23 10.43 -25.41
C VAL F 1064 -26.43 9.49 -24.53
N ARG F 1065 -27.12 8.73 -23.68
CA ARG F 1065 -26.49 7.88 -22.69
C ARG F 1065 -26.78 6.42 -22.99
N ALA F 1066 -25.86 5.55 -22.59
CA ALA F 1066 -25.93 4.13 -22.88
C ALA F 1066 -26.70 3.42 -21.76
N ALA F 1067 -27.84 2.83 -22.10
CA ALA F 1067 -28.59 2.07 -21.11
C ALA F 1067 -27.91 0.75 -20.79
N ILE F 1068 -27.49 0.00 -21.81
CA ILE F 1068 -26.92 -1.32 -21.62
C ILE F 1068 -25.58 -1.38 -22.34
N GLN F 1069 -24.72 -2.30 -21.87
CA GLN F 1069 -23.40 -2.44 -22.44
C GLN F 1069 -23.47 -3.04 -23.84
N PRO F 1070 -22.53 -2.71 -24.72
CA PRO F 1070 -22.62 -3.18 -26.11
C PRO F 1070 -22.52 -4.69 -26.22
N LYS F 1071 -23.43 -5.27 -27.00
CA LYS F 1071 -23.50 -6.71 -27.14
C LYS F 1071 -22.52 -7.25 -28.18
N THR F 1072 -21.94 -6.39 -29.02
CA THR F 1072 -20.93 -6.81 -29.98
C THR F 1072 -19.52 -6.77 -29.41
N GLY F 1073 -19.32 -6.13 -28.25
CA GLY F 1073 -18.01 -6.01 -27.66
C GLY F 1073 -17.46 -4.61 -27.72
N LYS F 1074 -17.62 -3.94 -28.87
CA LYS F 1074 -17.10 -2.59 -29.07
C LYS F 1074 -18.19 -1.69 -29.62
N ALA F 1075 -18.14 -0.42 -29.23
CA ALA F 1075 -19.06 0.58 -29.76
C ALA F 1075 -18.49 1.18 -31.03
N THR F 1076 -19.33 1.96 -31.73
CA THR F 1076 -18.94 2.51 -33.02
C THR F 1076 -17.77 3.48 -32.89
N LEU F 1077 -17.76 4.27 -31.82
CA LEU F 1077 -16.66 5.19 -31.59
C LEU F 1077 -15.36 4.44 -31.40
N GLN F 1078 -15.39 3.31 -30.68
CA GLN F 1078 -14.19 2.51 -30.49
C GLN F 1078 -13.69 1.90 -31.80
N ILE F 1079 -14.61 1.43 -32.64
CA ILE F 1079 -14.23 0.87 -33.94
C ILE F 1079 -13.55 1.92 -34.79
N LEU F 1080 -14.14 3.12 -34.85
CA LEU F 1080 -13.55 4.19 -35.66
C LEU F 1080 -12.23 4.67 -35.08
N ILE F 1081 -12.11 4.69 -33.75
CA ILE F 1081 -10.85 5.09 -33.11
C ILE F 1081 -9.75 4.10 -33.43
N GLU F 1082 -10.06 2.79 -33.39
CA GLU F 1082 -9.06 1.79 -33.74
C GLU F 1082 -8.62 1.91 -35.19
N THR F 1083 -9.58 2.11 -36.10
CA THR F 1083 -9.23 2.26 -37.52
C THR F 1083 -8.37 3.50 -37.75
N LEU F 1084 -8.73 4.62 -37.12
CA LEU F 1084 -7.94 5.84 -37.30
C LEU F 1084 -6.57 5.72 -36.66
N LYS F 1085 -6.46 4.99 -35.55
CA LYS F 1085 -5.16 4.75 -34.95
C LYS F 1085 -4.28 3.90 -35.87
N SER F 1086 -4.89 2.96 -36.60
CA SER F 1086 -4.16 2.24 -37.63
C SER F 1086 -3.70 3.19 -38.74
N LEU F 1087 -4.55 4.12 -39.14
CA LEU F 1087 -4.22 5.04 -40.22
C LEU F 1087 -3.25 6.15 -39.79
N GLY F 1088 -3.05 6.37 -38.50
CA GLY F 1088 -2.08 7.34 -38.02
C GLY F 1088 -2.63 8.53 -37.26
N ILE F 1089 -3.91 8.52 -36.88
CA ILE F 1089 -4.51 9.59 -36.11
C ILE F 1089 -4.80 9.06 -34.71
N LYS F 1090 -4.33 9.79 -33.69
CA LYS F 1090 -4.39 9.32 -32.32
C LYS F 1090 -5.51 10.01 -31.56
N TYR F 1091 -6.50 9.24 -31.14
CA TYR F 1091 -7.51 9.65 -30.17
C TYR F 1091 -7.65 8.53 -29.16
N ASP F 1092 -7.96 8.89 -27.91
CA ASP F 1092 -8.02 7.89 -26.85
C ASP F 1092 -9.44 7.67 -26.35
N THR F 1093 -10.11 8.72 -25.89
CA THR F 1093 -11.45 8.64 -25.33
C THR F 1093 -12.39 9.53 -26.14
N ILE F 1094 -13.61 9.69 -25.65
CA ILE F 1094 -14.55 10.62 -26.28
C ILE F 1094 -14.25 12.07 -25.90
N ALA F 1095 -13.53 12.31 -24.81
CA ALA F 1095 -13.18 13.67 -24.43
C ALA F 1095 -12.17 14.26 -25.40
N ASP F 1096 -11.21 13.45 -25.86
CA ASP F 1096 -10.26 13.90 -26.87
C ASP F 1096 -10.96 14.24 -28.17
N VAL F 1097 -11.94 13.42 -28.56
CA VAL F 1097 -12.69 13.68 -29.78
C VAL F 1097 -13.55 14.93 -29.64
N ARG F 1098 -14.09 15.17 -28.44
CA ARG F 1098 -14.88 16.38 -28.24
C ARG F 1098 -14.01 17.64 -28.27
N ALA F 1099 -12.79 17.54 -27.71
CA ALA F 1099 -11.85 18.65 -27.84
C ALA F 1099 -11.48 18.89 -29.31
N ALA F 1100 -11.30 17.82 -30.08
CA ALA F 1100 -11.03 17.96 -31.50
C ALA F 1100 -12.21 18.59 -32.24
N ILE F 1101 -13.44 18.22 -31.87
CA ILE F 1101 -14.62 18.82 -32.47
C ILE F 1101 -14.68 20.31 -32.18
N ALA F 1102 -14.44 20.68 -30.92
CA ALA F 1102 -14.45 22.09 -30.54
C ALA F 1102 -13.33 22.87 -31.22
N SER F 1103 -12.22 22.23 -31.55
CA SER F 1103 -11.13 22.93 -32.23
C SER F 1103 -11.27 22.99 -33.75
N GLU F 1104 -11.97 22.04 -34.37
CA GLU F 1104 -12.02 21.95 -35.82
C GLU F 1104 -13.35 22.35 -36.44
N VAL F 1105 -14.48 21.93 -35.88
CA VAL F 1105 -15.78 22.31 -36.42
C VAL F 1105 -16.06 23.75 -36.03
N SER F 1106 -16.43 24.57 -37.01
CA SER F 1106 -16.36 26.02 -36.86
C SER F 1106 -17.37 26.55 -35.87
N ASN F 1107 -18.61 26.09 -35.94
CA ASN F 1107 -19.69 26.65 -35.14
C ASN F 1107 -19.95 25.87 -33.86
N TYR F 1108 -19.17 24.83 -33.58
CA TYR F 1108 -19.32 24.01 -32.39
C TYR F 1108 -18.38 24.43 -31.28
N ALA F 1109 -17.99 25.70 -31.25
CA ALA F 1109 -17.03 26.17 -30.26
C ALA F 1109 -17.64 26.14 -28.87
N GLY F 1110 -17.04 25.36 -27.98
CA GLY F 1110 -17.55 25.20 -26.63
C GLY F 1110 -18.06 23.81 -26.32
N MET F 1111 -17.88 22.83 -27.22
CA MET F 1111 -18.35 21.48 -26.97
C MET F 1111 -17.53 20.76 -25.88
N ASP F 1112 -16.29 21.18 -25.66
CA ASP F 1112 -15.44 20.51 -24.68
C ASP F 1112 -16.00 20.61 -23.27
N ALA F 1113 -16.50 21.79 -22.90
CA ALA F 1113 -17.03 22.03 -21.56
C ALA F 1113 -18.47 22.54 -21.65
N ALA F 1114 -19.27 21.93 -22.52
CA ALA F 1114 -20.62 22.41 -22.76
C ALA F 1114 -21.60 22.00 -21.67
N ASP F 1115 -21.37 20.85 -21.02
CA ASP F 1115 -22.25 20.30 -19.98
C ASP F 1115 -23.66 20.09 -20.52
N PHE F 1116 -23.75 19.11 -21.42
CA PHE F 1116 -24.96 18.81 -22.20
C PHE F 1116 -26.16 18.36 -21.38
N GLY F 1117 -26.04 18.33 -20.05
CA GLY F 1117 -27.21 18.18 -19.20
C GLY F 1117 -28.12 19.40 -19.21
N THR F 1118 -27.62 20.56 -19.59
CA THR F 1118 -28.39 21.78 -19.75
C THR F 1118 -28.62 22.04 -21.24
N THR F 1119 -29.26 23.17 -21.54
CA THR F 1119 -29.55 23.53 -22.92
C THR F 1119 -28.30 24.12 -23.56
N VAL F 1120 -27.84 23.50 -24.64
CA VAL F 1120 -26.71 23.98 -25.42
C VAL F 1120 -27.14 24.13 -26.86
N TYR F 1121 -26.90 25.31 -27.43
CA TYR F 1121 -27.14 25.59 -28.84
C TYR F 1121 -25.80 25.96 -29.46
N TRP F 1122 -25.57 25.55 -30.72
CA TRP F 1122 -24.20 25.77 -31.17
C TRP F 1122 -23.80 27.20 -31.54
N PRO F 1123 -24.64 28.06 -32.15
CA PRO F 1123 -24.13 29.41 -32.40
C PRO F 1123 -24.16 30.23 -31.13
N ASN F 1124 -23.01 30.32 -30.45
CA ASN F 1124 -22.81 31.15 -29.26
C ASN F 1124 -23.88 30.92 -28.19
N ASN F 1125 -24.44 29.72 -28.14
CA ASN F 1125 -25.56 29.37 -27.25
C ASN F 1125 -26.77 30.26 -27.46
N LYS F 1126 -27.00 30.68 -28.71
CA LYS F 1126 -28.07 31.61 -29.03
C LYS F 1126 -29.23 30.85 -29.65
N ASN F 1127 -30.44 31.16 -29.18
CA ASN F 1127 -31.66 30.56 -29.72
C ASN F 1127 -31.99 31.08 -31.11
N VAL F 1128 -31.55 32.28 -31.45
CA VAL F 1128 -31.96 32.97 -32.68
C VAL F 1128 -30.74 33.18 -33.55
N LEU F 1129 -30.88 32.88 -34.84
CA LEU F 1129 -29.82 33.05 -35.82
C LEU F 1129 -29.97 34.39 -36.54
N TYR F 1130 -28.85 34.86 -37.09
CA TYR F 1130 -28.79 36.06 -37.95
C TYR F 1130 -29.27 37.31 -37.21
N THR F 1131 -29.00 37.38 -35.91
CA THR F 1131 -29.32 38.58 -35.15
C THR F 1131 -28.38 39.74 -35.49
N ASP F 1132 -27.22 39.44 -36.06
CA ASP F 1132 -26.23 40.47 -36.43
C ASP F 1132 -25.88 40.40 -37.91
N GLY F 1133 -26.81 39.94 -38.74
CA GLY F 1133 -26.58 39.83 -40.16
C GLY F 1133 -26.38 38.39 -40.61
N PHE F 1134 -26.58 38.17 -41.91
CA PHE F 1134 -26.56 36.82 -42.45
C PHE F 1134 -25.12 36.29 -42.51
N ALA F 1135 -25.01 34.99 -42.75
CA ALA F 1135 -23.74 34.28 -42.67
C ALA F 1135 -23.09 34.08 -44.04
N THR F 1136 -23.59 34.75 -45.08
CA THR F 1136 -23.00 34.63 -46.40
C THR F 1136 -21.68 35.39 -46.46
N GLU F 1137 -21.04 35.36 -47.63
CA GLU F 1137 -19.74 36.01 -47.80
C GLU F 1137 -19.84 37.52 -47.64
N GLY F 1138 -20.82 38.14 -48.29
CA GLY F 1138 -21.03 39.57 -48.20
C GLY F 1138 -22.03 39.99 -47.14
N GLN F 1139 -22.40 39.09 -46.22
CA GLN F 1139 -23.40 39.35 -45.17
C GLN F 1139 -24.74 39.76 -45.76
N LYS F 1140 -25.09 39.22 -46.92
CA LYS F 1140 -26.33 39.55 -47.61
C LYS F 1140 -27.03 38.28 -48.08
N ALA F 1141 -28.35 38.30 -48.02
CA ALA F 1141 -29.14 37.17 -48.48
C ALA F 1141 -29.16 37.13 -50.01
N ILE F 1142 -28.82 35.98 -50.56
CA ILE F 1142 -28.66 35.82 -52.01
C ILE F 1142 -29.99 35.33 -52.59
N LEU F 1143 -30.73 36.25 -53.22
CA LEU F 1143 -32.00 35.91 -53.85
C LEU F 1143 -31.75 35.65 -55.33
N ALA F 1144 -32.09 34.45 -55.78
CA ALA F 1144 -31.87 34.04 -57.16
C ALA F 1144 -33.11 33.34 -57.69
N ALA F 1145 -33.25 33.32 -59.01
CA ALA F 1145 -34.43 32.75 -59.66
C ALA F 1145 -34.51 31.24 -59.41
N VAL F 1146 -35.75 30.76 -59.30
CA VAL F 1146 -36.03 29.34 -59.12
C VAL F 1146 -37.00 28.90 -60.20
N GLY F 1147 -36.73 27.75 -60.81
CA GLY F 1147 -37.52 27.28 -61.93
C GLY F 1147 -38.86 26.73 -61.51
N ASP F 1148 -39.66 26.37 -62.52
CA ASP F 1148 -40.93 25.73 -62.27
C ASP F 1148 -40.72 24.28 -61.85
N VAL F 1149 -41.08 23.98 -60.61
CA VAL F 1149 -40.84 22.67 -60.02
C VAL F 1149 -42.18 21.95 -59.93
N PRO F 1150 -42.33 20.78 -60.53
CA PRO F 1150 -43.65 20.14 -60.56
C PRO F 1150 -44.01 19.52 -59.22
N VAL F 1151 -45.13 18.79 -59.21
CA VAL F 1151 -45.63 18.20 -57.98
C VAL F 1151 -44.62 17.22 -57.42
N PHE F 1152 -44.51 17.20 -56.09
CA PHE F 1152 -43.42 16.53 -55.41
C PHE F 1152 -43.55 15.01 -55.54
N VAL F 1153 -42.41 14.34 -55.70
CA VAL F 1153 -42.32 12.89 -55.74
C VAL F 1153 -41.74 12.42 -54.41
N GLU F 1154 -42.46 11.51 -53.74
CA GLU F 1154 -42.17 11.18 -52.35
C GLU F 1154 -40.79 10.56 -52.18
N LYS F 1155 -40.13 10.89 -51.07
CA LYS F 1155 -38.79 10.43 -50.79
C LYS F 1155 -38.81 9.00 -50.25
N LYS F 1156 -37.64 8.38 -50.24
CA LYS F 1156 -37.46 7.00 -49.80
C LYS F 1156 -36.70 6.95 -48.49
N LYS F 1157 -36.81 5.82 -47.80
CA LYS F 1157 -36.13 5.59 -46.54
C LYS F 1157 -34.92 4.70 -46.80
N TYR F 1158 -33.73 5.19 -46.42
CA TYR F 1158 -32.49 4.46 -46.64
C TYR F 1158 -31.84 3.96 -45.37
N ASP F 1159 -32.23 4.48 -44.22
CA ASP F 1159 -31.68 4.00 -42.96
C ASP F 1159 -32.25 2.63 -42.63
N SER F 1160 -31.39 1.72 -42.18
CA SER F 1160 -31.82 0.34 -41.94
C SER F 1160 -32.78 0.23 -40.76
N VAL F 1161 -32.62 1.09 -39.75
CA VAL F 1161 -33.48 1.05 -38.57
C VAL F 1161 -34.91 1.45 -38.92
N GLU F 1162 -35.06 2.48 -39.78
CA GLU F 1162 -36.39 2.91 -40.19
C GLU F 1162 -37.14 1.81 -40.94
N MET F 1163 -36.47 1.17 -41.90
CA MET F 1163 -37.14 0.12 -42.65
C MET F 1163 -37.35 -1.13 -41.80
N ASN F 1164 -36.50 -1.37 -40.81
CA ASN F 1164 -36.78 -2.43 -39.85
C ASN F 1164 -38.07 -2.15 -39.10
N PHE F 1165 -38.26 -0.91 -38.64
CA PHE F 1165 -39.50 -0.54 -37.96
C PHE F 1165 -40.71 -0.70 -38.89
N VAL F 1166 -40.57 -0.25 -40.13
CA VAL F 1166 -41.68 -0.30 -41.08
C VAL F 1166 -42.07 -1.74 -41.40
N ASN F 1167 -41.07 -2.60 -41.64
CA ASN F 1167 -41.39 -4.00 -41.93
C ASN F 1167 -41.94 -4.73 -40.71
N GLY F 1168 -41.45 -4.39 -39.51
CA GLY F 1168 -41.99 -5.01 -38.31
C GLY F 1168 -43.37 -4.53 -37.94
N ARG F 1169 -43.79 -3.37 -38.46
CA ARG F 1169 -45.17 -2.93 -38.26
C ARG F 1169 -46.16 -3.90 -38.90
N GLN F 1170 -45.82 -4.43 -40.07
CA GLN F 1170 -46.70 -5.37 -40.76
C GLN F 1170 -46.68 -6.77 -40.14
N SER F 1171 -45.72 -7.05 -39.25
CA SER F 1171 -45.59 -8.38 -38.67
C SER F 1171 -46.60 -8.65 -37.55
N LEU F 1172 -47.25 -7.61 -37.03
CA LEU F 1172 -48.23 -7.79 -35.96
C LEU F 1172 -49.61 -7.29 -36.39
N ILE G 18 -33.24 85.68 19.67
CA ILE G 18 -34.10 84.98 18.70
C ILE G 18 -35.55 85.05 19.17
N ASP G 19 -36.46 85.17 18.22
CA ASP G 19 -37.87 85.48 18.48
C ASP G 19 -38.74 84.23 18.48
N LEU G 20 -38.23 83.14 19.05
CA LEU G 20 -38.90 81.84 18.98
C LEU G 20 -40.30 81.88 19.60
N THR G 21 -40.52 82.79 20.55
CA THR G 21 -41.82 82.89 21.22
C THR G 21 -42.92 83.21 20.21
N LEU G 22 -42.63 84.10 19.26
CA LEU G 22 -43.57 84.40 18.18
C LEU G 22 -43.40 83.47 16.98
N LEU G 23 -42.37 82.64 16.96
CA LEU G 23 -42.31 81.59 15.95
C LEU G 23 -43.23 80.44 16.31
N GLU G 24 -43.53 80.28 17.60
CA GLU G 24 -44.43 79.22 18.06
C GLU G 24 -45.82 79.25 17.42
N PRO G 25 -46.49 80.40 17.22
CA PRO G 25 -47.79 80.37 16.52
C PRO G 25 -47.73 79.81 15.10
N VAL G 26 -46.60 79.94 14.40
CA VAL G 26 -46.54 79.51 13.01
C VAL G 26 -46.71 78.01 12.89
N PHE G 27 -45.94 77.24 13.66
CA PHE G 27 -46.13 75.80 13.63
C PHE G 27 -47.24 75.34 14.58
N LYS G 28 -47.76 76.24 15.41
CA LYS G 28 -48.99 75.91 16.15
C LYS G 28 -50.21 75.98 15.25
N GLU G 29 -50.15 76.75 14.16
CA GLU G 29 -51.27 76.85 13.23
C GLU G 29 -51.13 75.93 12.02
N TYR G 30 -49.89 75.74 11.54
CA TYR G 30 -49.66 74.92 10.35
C TYR G 30 -49.54 73.44 10.66
N ALA G 31 -49.65 73.05 11.92
CA ALA G 31 -49.51 71.66 12.32
C ALA G 31 -50.71 70.84 11.84
N GLY G 32 -50.43 69.57 11.52
CA GLY G 32 -51.45 68.67 11.02
C GLY G 32 -51.59 68.64 9.50
N LYS G 33 -50.95 69.56 8.80
CA LYS G 33 -50.99 69.59 7.34
C LYS G 33 -49.81 68.81 6.80
N ALA G 34 -50.09 67.79 6.01
CA ALA G 34 -49.03 66.99 5.41
C ALA G 34 -48.36 67.76 4.29
N GLY G 35 -47.03 67.61 4.20
CA GLY G 35 -46.26 68.36 3.22
C GLY G 35 -46.24 69.85 3.49
N SER G 36 -46.11 70.25 4.76
CA SER G 36 -46.15 71.65 5.14
C SER G 36 -44.78 72.22 5.50
N ILE G 37 -43.71 71.52 5.15
CA ILE G 37 -42.36 72.02 5.45
C ILE G 37 -42.08 73.29 4.68
N ILE G 38 -42.46 73.32 3.39
CA ILE G 38 -42.19 74.49 2.57
C ILE G 38 -42.93 75.70 3.12
N GLY G 39 -44.21 75.55 3.48
CA GLY G 39 -44.96 76.68 4.02
C GLY G 39 -44.39 77.20 5.33
N ILE G 40 -44.00 76.30 6.22
CA ILE G 40 -43.39 76.70 7.48
C ILE G 40 -42.09 77.44 7.23
N LEU G 41 -41.28 76.95 6.30
CA LEU G 41 -40.01 77.61 5.99
C LEU G 41 -40.23 79.00 5.38
N GLN G 42 -41.23 79.15 4.50
CA GLN G 42 -41.51 80.47 3.94
C GLN G 42 -41.99 81.44 5.00
N LYS G 43 -42.84 81.00 5.92
CA LYS G 43 -43.28 81.89 6.99
C LYS G 43 -42.12 82.26 7.93
N THR G 44 -41.25 81.29 8.21
CA THR G 44 -40.08 81.55 9.05
C THR G 44 -39.15 82.57 8.40
N GLN G 45 -38.94 82.44 7.08
CA GLN G 45 -38.10 83.41 6.39
C GLN G 45 -38.77 84.78 6.32
N GLU G 46 -40.09 84.83 6.17
CA GLU G 46 -40.76 86.12 6.20
C GLU G 46 -40.64 86.78 7.55
N ILE G 47 -40.60 85.99 8.63
CA ILE G 47 -40.47 86.56 9.96
C ILE G 47 -39.04 87.05 10.21
N TYR G 48 -38.06 86.17 10.05
CA TYR G 48 -36.69 86.47 10.45
C TYR G 48 -35.85 87.10 9.35
N GLY G 49 -36.32 87.13 8.12
CA GLY G 49 -35.50 87.56 7.00
C GLY G 49 -34.59 86.49 6.46
N TYR G 50 -34.48 85.35 7.13
CA TYR G 50 -33.65 84.21 6.74
C TYR G 50 -34.07 83.03 7.60
N LEU G 51 -33.32 81.93 7.50
CA LEU G 51 -33.60 80.72 8.28
C LEU G 51 -32.42 80.46 9.23
N PRO G 52 -32.48 80.91 10.46
CA PRO G 52 -31.39 80.60 11.40
C PRO G 52 -31.43 79.13 11.80
N LEU G 53 -30.28 78.65 12.26
CA LEU G 53 -30.17 77.24 12.65
C LEU G 53 -31.06 76.93 13.85
N ALA G 54 -31.23 77.89 14.76
CA ALA G 54 -32.13 77.69 15.89
C ALA G 54 -33.58 77.56 15.45
N ALA G 55 -34.00 78.35 14.46
CA ALA G 55 -35.37 78.22 13.96
C ALA G 55 -35.58 76.88 13.27
N LEU G 56 -34.59 76.40 12.52
CA LEU G 56 -34.68 75.08 11.93
C LEU G 56 -34.74 73.99 12.99
N GLN G 57 -33.96 74.15 14.07
CA GLN G 57 -34.01 73.21 15.17
C GLN G 57 -35.37 73.21 15.86
N ALA G 58 -35.96 74.39 16.00
CA ALA G 58 -37.29 74.50 16.58
C ALA G 58 -38.35 73.87 15.68
N ILE G 59 -38.20 74.02 14.36
CA ILE G 59 -39.14 73.38 13.43
C ILE G 59 -38.99 71.86 13.48
N ALA G 60 -37.74 71.37 13.58
CA ALA G 60 -37.51 69.94 13.67
C ALA G 60 -38.10 69.35 14.95
N ASP G 61 -38.10 70.11 16.03
CA ASP G 61 -38.75 69.69 17.26
C ASP G 61 -40.23 70.06 17.20
N ASN G 62 -41.03 69.33 17.97
CA ASN G 62 -42.46 69.59 18.17
C ASN G 62 -43.29 69.35 16.90
N THR G 63 -42.63 69.01 15.79
CA THR G 63 -43.32 68.65 14.56
C THR G 63 -42.65 67.46 13.86
N ASP G 64 -41.76 66.75 14.55
CA ASP G 64 -40.84 65.72 14.03
C ASP G 64 -40.27 66.11 12.66
N ASN G 65 -40.81 65.53 11.59
CA ASN G 65 -40.53 65.93 10.21
C ASN G 65 -39.08 65.69 9.80
N LYS G 66 -38.32 64.91 10.58
CA LYS G 66 -37.06 64.32 10.13
C LYS G 66 -36.04 65.40 9.71
N ARG G 67 -35.48 66.03 10.74
CA ARG G 67 -34.55 67.16 10.70
C ARG G 67 -33.59 67.18 9.49
N ALA G 68 -33.04 66.03 9.11
CA ALA G 68 -32.24 65.95 7.90
C ALA G 68 -33.02 66.35 6.66
N LYS G 69 -34.28 65.90 6.56
CA LYS G 69 -35.11 66.28 5.42
C LYS G 69 -35.42 67.77 5.44
N ILE G 70 -35.59 68.35 6.62
CA ILE G 70 -35.80 69.80 6.72
C ILE G 70 -34.58 70.55 6.19
N TYR G 71 -33.38 70.12 6.57
CA TYR G 71 -32.19 70.81 6.11
C TYR G 71 -31.99 70.63 4.60
N GLY G 72 -32.27 69.44 4.09
CA GLY G 72 -32.16 69.23 2.66
C GLY G 72 -33.16 70.04 1.86
N ILE G 73 -34.38 70.19 2.38
CA ILE G 73 -35.38 71.03 1.74
C ILE G 73 -34.95 72.49 1.75
N ALA G 74 -34.45 72.96 2.91
CA ALA G 74 -34.05 74.36 3.02
C ALA G 74 -32.87 74.69 2.13
N THR G 75 -31.99 73.71 1.89
CA THR G 75 -30.82 73.99 1.07
C THR G 75 -31.18 74.02 -0.42
N PHE G 76 -32.11 73.17 -0.86
CA PHE G 76 -32.33 72.97 -2.29
C PHE G 76 -32.89 74.21 -2.99
N TYR G 77 -34.21 74.30 -3.11
CA TYR G 77 -35.13 75.44 -3.19
C TYR G 77 -34.58 76.83 -3.46
N SER G 78 -33.44 76.95 -4.14
CA SER G 78 -33.04 78.08 -4.98
C SER G 78 -33.12 79.49 -4.39
N GLN G 79 -33.74 79.63 -3.22
CA GLN G 79 -34.11 80.95 -2.73
C GLN G 79 -33.97 81.14 -1.23
N PHE G 80 -33.89 80.08 -0.45
CA PHE G 80 -33.94 80.20 1.00
C PHE G 80 -32.63 80.76 1.53
N ARG G 81 -32.71 81.93 2.17
CA ARG G 81 -31.52 82.56 2.71
C ARG G 81 -31.15 81.92 4.04
N LEU G 82 -29.88 81.51 4.17
CA LEU G 82 -29.33 81.03 5.42
C LEU G 82 -28.48 82.09 6.11
N ASN G 83 -28.45 83.31 5.57
CA ASN G 83 -27.63 84.40 6.08
C ASN G 83 -28.46 85.68 6.16
N PRO G 84 -28.15 86.55 7.11
CA PRO G 84 -28.93 87.79 7.24
C PRO G 84 -28.69 88.75 6.08
N VAL G 85 -29.66 89.64 5.87
CA VAL G 85 -29.63 90.59 4.77
C VAL G 85 -29.78 92.00 5.31
N GLY G 86 -29.41 92.97 4.47
CA GLY G 86 -29.49 94.37 4.82
C GLY G 86 -30.90 94.94 4.69
N LYS G 87 -31.02 96.23 5.04
CA LYS G 87 -32.32 96.88 5.03
C LYS G 87 -32.90 96.96 3.62
N TYR G 88 -32.07 97.29 2.64
CA TYR G 88 -32.50 97.34 1.25
C TYR G 88 -31.90 96.16 0.51
N VAL G 89 -32.76 95.29 -0.01
CA VAL G 89 -32.33 94.10 -0.73
C VAL G 89 -32.31 94.43 -2.22
N ILE G 90 -31.16 94.26 -2.85
CA ILE G 90 -31.03 94.48 -4.29
C ILE G 90 -31.24 93.15 -5.00
N LEU G 91 -32.19 93.10 -5.91
CA LEU G 91 -32.45 91.94 -6.75
C LEU G 91 -32.23 92.37 -8.20
N GLN G 92 -31.16 91.88 -8.82
CA GLN G 92 -30.84 92.23 -10.18
C GLN G 92 -31.44 91.20 -11.13
N CYS G 93 -32.26 91.65 -12.07
CA CYS G 93 -32.87 90.76 -13.06
C CYS G 93 -31.80 90.24 -14.01
N GLN G 94 -31.56 88.92 -13.96
CA GLN G 94 -30.54 88.29 -14.78
C GLN G 94 -31.16 87.46 -15.90
N GLY G 95 -32.31 87.89 -16.41
CA GLY G 95 -32.98 87.19 -17.47
C GLY G 95 -32.31 87.40 -18.81
N THR G 96 -32.91 86.79 -19.84
CA THR G 96 -32.34 86.87 -21.18
C THR G 96 -32.40 88.30 -21.73
N ALA G 97 -33.53 88.98 -21.52
CA ALA G 97 -33.70 90.31 -22.09
C ALA G 97 -32.74 91.32 -21.46
N CYS G 98 -32.55 91.25 -20.14
CA CYS G 98 -31.62 92.18 -19.50
C CYS G 98 -30.16 91.83 -19.83
N HIS G 99 -29.85 90.55 -20.03
CA HIS G 99 -28.50 90.17 -20.42
C HIS G 99 -28.19 90.59 -21.84
N VAL G 100 -29.20 90.58 -22.72
CA VAL G 100 -29.01 91.05 -24.08
C VAL G 100 -28.65 92.53 -24.10
N LEU G 101 -29.33 93.32 -23.28
CA LEU G 101 -29.09 94.76 -23.22
C LEU G 101 -27.92 95.14 -22.32
N GLY G 102 -27.25 94.17 -21.72
CA GLY G 102 -25.98 94.42 -21.07
C GLY G 102 -26.00 94.56 -19.57
N SER G 103 -26.76 93.70 -18.88
CA SER G 103 -26.84 93.78 -17.42
C SER G 103 -25.52 93.41 -16.74
N LYS G 104 -24.58 92.82 -17.48
CA LYS G 104 -23.26 92.54 -16.91
C LYS G 104 -22.54 93.82 -16.51
N ALA G 105 -22.65 94.87 -17.33
CA ALA G 105 -22.04 96.14 -16.99
C ALA G 105 -22.68 96.75 -15.76
N ILE G 106 -24.00 96.62 -15.61
CA ILE G 106 -24.69 97.12 -14.42
C ILE G 106 -24.24 96.35 -13.18
N GLY G 107 -24.10 95.03 -13.31
CA GLY G 107 -23.60 94.24 -12.18
C GLY G 107 -22.18 94.61 -11.80
N SER G 108 -21.33 94.86 -12.82
CA SER G 108 -19.97 95.30 -12.55
C SER G 108 -19.94 96.65 -11.86
N ALA G 109 -20.82 97.57 -12.28
CA ALA G 109 -20.90 98.88 -11.64
C ALA G 109 -21.36 98.75 -10.19
N ILE G 110 -22.32 97.87 -9.93
CA ILE G 110 -22.78 97.64 -8.56
C ILE G 110 -21.64 97.09 -7.71
N CYS G 111 -20.91 96.10 -8.24
CA CYS G 111 -19.81 95.50 -7.50
C CYS G 111 -18.68 96.50 -7.25
N ASP G 112 -18.43 97.39 -8.21
CA ASP G 112 -17.37 98.37 -8.05
C ASP G 112 -17.76 99.45 -7.04
N GLU G 113 -18.99 99.96 -7.12
CA GLU G 113 -19.39 101.05 -6.24
C GLU G 113 -19.64 100.55 -4.81
N LEU G 114 -20.26 99.38 -4.66
CA LEU G 114 -20.61 98.87 -3.34
C LEU G 114 -19.53 98.00 -2.72
N GLY G 115 -18.56 97.54 -3.50
CA GLY G 115 -17.49 96.73 -2.96
C GLY G 115 -17.91 95.36 -2.47
N ILE G 116 -19.01 94.81 -2.99
CA ILE G 116 -19.53 93.53 -2.56
C ILE G 116 -19.75 92.64 -3.77
N THR G 117 -19.85 91.34 -3.51
CA THR G 117 -20.12 90.31 -4.48
C THR G 117 -21.54 89.78 -4.30
N PRO G 118 -22.14 89.19 -5.34
CA PRO G 118 -23.50 88.64 -5.18
C PRO G 118 -23.58 87.56 -4.11
N GLY G 119 -24.67 87.58 -3.35
CA GLY G 119 -24.86 86.67 -2.24
C GLY G 119 -24.32 87.14 -0.91
N GLN G 120 -23.69 88.31 -0.85
CA GLN G 120 -23.10 88.84 0.38
C GLN G 120 -23.86 90.07 0.86
N THR G 121 -23.36 90.66 1.94
CA THR G 121 -23.99 91.82 2.56
C THR G 121 -22.94 92.89 2.80
N THR G 122 -23.37 94.15 2.71
CA THR G 122 -22.48 95.28 2.93
C THR G 122 -22.06 95.37 4.39
N ALA G 123 -20.96 96.09 4.64
CA ALA G 123 -20.42 96.22 5.98
C ALA G 123 -21.37 96.98 6.89
N ASP G 124 -22.02 98.02 6.38
CA ASP G 124 -22.98 98.79 7.18
C ASP G 124 -24.36 98.15 7.22
N GLY G 125 -24.55 97.02 6.56
CA GLY G 125 -25.83 96.32 6.61
C GLY G 125 -26.98 97.07 5.99
N LEU G 126 -26.75 97.75 4.87
CA LEU G 126 -27.78 98.54 4.21
C LEU G 126 -28.14 97.99 2.84
N PHE G 127 -27.22 97.35 2.14
CA PHE G 127 -27.47 96.82 0.80
C PHE G 127 -27.07 95.35 0.76
N THR G 128 -27.89 94.56 0.08
CA THR G 128 -27.62 93.13 -0.12
C THR G 128 -27.85 92.80 -1.58
N LEU G 129 -26.85 92.21 -2.22
CA LEU G 129 -26.89 91.93 -3.65
C LEU G 129 -27.29 90.48 -3.88
N GLU G 130 -28.33 90.28 -4.67
CA GLU G 130 -28.78 88.95 -5.05
C GLU G 130 -29.14 88.95 -6.53
N ASP G 131 -28.95 87.80 -7.18
CA ASP G 131 -29.26 87.62 -8.58
C ASP G 131 -30.49 86.74 -8.72
N VAL G 132 -31.52 87.25 -9.37
CA VAL G 132 -32.75 86.51 -9.58
C VAL G 132 -32.82 86.08 -11.03
N ALA G 133 -33.69 85.11 -11.30
CA ALA G 133 -33.82 84.60 -12.66
C ALA G 133 -34.40 85.64 -13.60
N CYS G 134 -35.52 86.25 -13.22
CA CYS G 134 -36.18 87.23 -14.05
C CYS G 134 -37.22 87.98 -13.23
N LEU G 135 -37.23 89.31 -13.36
CA LEU G 135 -38.25 90.11 -12.70
C LEU G 135 -39.52 90.22 -13.53
N GLY G 136 -39.43 90.04 -14.84
CA GLY G 136 -40.58 90.00 -15.71
C GLY G 136 -40.87 91.29 -16.45
N CYS G 137 -40.25 92.41 -16.05
CA CYS G 137 -40.47 93.69 -16.73
C CYS G 137 -39.43 93.87 -17.83
N CYS G 138 -39.41 92.89 -18.74
CA CYS G 138 -38.38 92.80 -19.77
C CYS G 138 -38.42 93.93 -20.79
N SER G 139 -39.53 94.68 -20.87
CA SER G 139 -39.57 95.84 -21.75
C SER G 139 -38.66 96.95 -21.29
N LEU G 140 -38.48 97.11 -19.99
CA LEU G 140 -37.62 98.14 -19.41
C LEU G 140 -36.28 97.55 -18.98
N ALA G 141 -35.76 96.60 -19.74
CA ALA G 141 -34.46 96.01 -19.42
C ALA G 141 -33.36 97.05 -19.61
N PRO G 142 -32.37 97.10 -18.72
CA PRO G 142 -32.20 96.32 -17.48
C PRO G 142 -33.09 96.81 -16.33
N VAL G 143 -33.46 95.91 -15.42
CA VAL G 143 -34.33 96.22 -14.29
C VAL G 143 -33.59 95.87 -13.01
N ILE G 144 -33.80 96.68 -11.96
CA ILE G 144 -33.28 96.39 -10.64
C ILE G 144 -34.40 96.59 -9.63
N MET G 145 -34.62 95.59 -8.77
CA MET G 145 -35.60 95.68 -7.70
C MET G 145 -34.90 96.05 -6.40
N ILE G 146 -35.40 97.07 -5.72
CA ILE G 146 -34.93 97.47 -4.40
C ILE G 146 -36.17 97.62 -3.52
N ASN G 147 -36.38 96.65 -2.62
CA ASN G 147 -37.50 96.66 -1.66
C ASN G 147 -38.85 96.79 -2.36
N GLY G 148 -38.98 96.17 -3.53
CA GLY G 148 -40.21 96.23 -4.28
C GLY G 148 -40.32 97.40 -5.24
N GLU G 149 -39.34 98.31 -5.27
CA GLU G 149 -39.32 99.39 -6.24
C GLU G 149 -38.43 99.01 -7.40
N ALA G 150 -38.97 99.05 -8.60
CA ALA G 150 -38.27 98.59 -9.80
C ALA G 150 -37.78 99.78 -10.59
N TYR G 151 -36.52 99.73 -11.02
CA TYR G 151 -35.91 100.72 -11.88
C TYR G 151 -35.60 100.06 -13.22
N GLY G 152 -36.15 100.61 -14.30
CA GLY G 152 -36.00 100.06 -15.63
C GLY G 152 -35.36 101.05 -16.58
N LYS G 153 -34.94 100.53 -17.73
CA LYS G 153 -34.20 101.28 -18.75
C LYS G 153 -32.99 101.96 -18.12
N LEU G 154 -32.08 101.13 -17.63
CA LEU G 154 -31.07 101.51 -16.66
C LEU G 154 -29.69 101.55 -17.29
N THR G 155 -28.87 102.47 -16.78
CA THR G 155 -27.47 102.65 -17.14
C THR G 155 -26.65 102.68 -15.86
N PRO G 156 -25.35 102.35 -15.93
CA PRO G 156 -24.52 102.38 -14.71
C PRO G 156 -24.49 103.74 -14.01
N THR G 157 -24.48 104.83 -14.77
CA THR G 157 -24.58 106.15 -14.15
C THR G 157 -25.92 106.30 -13.43
N SER G 158 -26.99 105.79 -14.02
CA SER G 158 -28.31 105.89 -13.40
C SER G 158 -28.36 105.11 -12.09
N VAL G 159 -27.79 103.89 -12.07
CA VAL G 159 -27.84 103.11 -10.83
C VAL G 159 -26.92 103.70 -9.78
N ARG G 160 -25.78 104.28 -10.18
CA ARG G 160 -24.93 104.94 -9.19
C ARG G 160 -25.64 106.14 -8.58
N LYS G 161 -26.32 106.94 -9.40
CA LYS G 161 -27.10 108.05 -8.88
C LYS G 161 -28.24 107.57 -7.99
N ILE G 162 -28.89 106.47 -8.36
CA ILE G 162 -30.00 105.94 -7.59
C ILE G 162 -29.53 105.46 -6.22
N LEU G 163 -28.41 104.73 -6.19
CA LEU G 163 -27.91 104.24 -4.90
C LEU G 163 -27.37 105.37 -4.04
N GLN G 164 -26.82 106.41 -4.67
CA GLN G 164 -26.41 107.58 -3.89
C GLN G 164 -27.61 108.32 -3.33
N ASP G 165 -28.71 108.38 -4.10
CA ASP G 165 -29.91 109.04 -3.63
C ASP G 165 -30.58 108.26 -2.50
N ILE G 166 -30.56 106.93 -2.56
CA ILE G 166 -31.12 106.12 -1.49
C ILE G 166 -30.29 106.26 -0.22
N ALA G 167 -28.97 106.14 -0.35
CA ALA G 167 -28.09 106.21 0.82
C ALA G 167 -27.93 107.64 1.30
N MET H 1 -67.81 109.58 -17.29
CA MET H 1 -66.41 109.45 -17.68
C MET H 1 -65.79 108.22 -17.04
N LYS H 2 -64.97 107.50 -17.82
CA LYS H 2 -64.27 106.31 -17.35
C LYS H 2 -62.78 106.48 -17.58
N VAL H 3 -61.99 106.20 -16.54
CA VAL H 3 -60.53 106.21 -16.65
C VAL H 3 -60.03 104.83 -16.26
N ARG H 4 -59.23 104.25 -17.14
CA ARG H 4 -58.59 102.96 -16.90
C ARG H 4 -57.09 103.15 -16.77
N VAL H 5 -56.51 102.56 -15.75
CA VAL H 5 -55.06 102.59 -15.55
C VAL H 5 -54.56 101.15 -15.58
N GLY H 6 -53.58 100.88 -16.44
CA GLY H 6 -52.99 99.56 -16.53
C GLY H 6 -51.92 99.35 -15.48
N LEU H 7 -52.25 99.64 -14.23
CA LEU H 7 -51.27 99.54 -13.15
C LEU H 7 -51.07 98.10 -12.75
N GLY H 8 -49.87 97.59 -12.97
CA GLY H 8 -49.53 96.21 -12.65
C GLY H 8 -48.07 96.08 -12.32
N SER H 9 -47.53 94.87 -12.55
CA SER H 9 -46.13 94.60 -12.22
C SER H 9 -45.18 95.44 -13.06
N CYS H 10 -45.48 95.59 -14.36
CA CYS H 10 -44.66 96.45 -15.20
C CYS H 10 -44.90 97.92 -14.85
N GLY H 11 -46.09 98.25 -14.34
CA GLY H 11 -46.35 99.61 -13.89
C GLY H 11 -45.47 100.01 -12.72
N ILE H 12 -45.21 99.08 -11.81
CA ILE H 12 -44.29 99.33 -10.69
C ILE H 12 -42.89 99.61 -11.22
N ALA H 13 -42.55 99.05 -12.38
CA ALA H 13 -41.32 99.40 -13.09
C ALA H 13 -41.43 100.71 -13.86
N ALA H 14 -42.44 101.51 -13.54
CA ALA H 14 -42.69 102.80 -14.17
C ALA H 14 -43.28 103.71 -13.09
N GLY H 15 -43.93 104.79 -13.50
CA GLY H 15 -44.56 105.71 -12.57
C GLY H 15 -45.55 105.02 -11.65
N GLY H 16 -46.39 104.16 -12.22
CA GLY H 16 -47.17 103.22 -11.42
C GLY H 16 -48.16 103.82 -10.44
N ARG H 17 -47.81 103.77 -9.16
CA ARG H 17 -48.67 104.32 -8.12
C ARG H 17 -48.74 105.85 -8.18
N LYS H 18 -47.75 106.50 -8.78
CA LYS H 18 -47.75 107.95 -8.85
C LYS H 18 -48.91 108.48 -9.69
N VAL H 19 -49.12 107.93 -10.88
CA VAL H 19 -50.22 108.39 -11.73
C VAL H 19 -51.56 108.03 -11.10
N MET H 20 -51.64 106.85 -10.46
CA MET H 20 -52.88 106.43 -9.85
C MET H 20 -53.28 107.35 -8.69
N ASP H 21 -52.36 107.59 -7.75
CA ASP H 21 -52.74 108.41 -6.61
C ASP H 21 -52.84 109.90 -6.98
N ARG H 22 -52.11 110.35 -8.00
CA ARG H 22 -52.30 111.71 -8.47
C ARG H 22 -53.67 111.90 -9.11
N LEU H 23 -54.11 110.93 -9.90
CA LEU H 23 -55.46 111.00 -10.47
C LEU H 23 -56.52 110.90 -9.38
N ALA H 24 -56.28 110.07 -8.36
CA ALA H 24 -57.20 109.98 -7.24
C ALA H 24 -57.28 111.30 -6.48
N GLN H 25 -56.15 111.96 -6.26
CA GLN H 25 -56.16 113.26 -5.59
C GLN H 25 -56.88 114.30 -6.44
N GLU H 26 -56.67 114.28 -7.76
CA GLU H 26 -57.33 115.24 -8.64
C GLU H 26 -58.84 115.05 -8.65
N ILE H 27 -59.31 113.79 -8.70
CA ILE H 27 -60.76 113.56 -8.67
C ILE H 27 -61.32 113.84 -7.28
N LYS H 28 -60.53 113.65 -6.23
CA LYS H 28 -60.99 114.00 -4.89
C LYS H 28 -61.17 115.50 -4.74
N ASN H 29 -60.25 116.28 -5.31
CA ASN H 29 -60.36 117.73 -5.24
C ASN H 29 -61.48 118.25 -6.12
N HIS H 30 -61.63 117.69 -7.33
CA HIS H 30 -62.67 118.16 -8.23
C HIS H 30 -64.05 117.67 -7.80
N GLY H 31 -64.14 116.45 -7.28
CA GLY H 31 -65.40 115.93 -6.81
C GLY H 31 -66.30 115.31 -7.86
N LYS H 32 -65.80 115.11 -9.08
CA LYS H 32 -66.61 114.52 -10.14
C LYS H 32 -66.77 113.02 -9.91
N GLU H 33 -67.83 112.47 -10.48
CA GLU H 33 -68.15 111.05 -10.38
C GLU H 33 -67.58 110.34 -11.60
N ILE H 34 -66.28 110.03 -11.53
CA ILE H 34 -65.57 109.38 -12.63
C ILE H 34 -65.04 108.05 -12.11
N GLU H 35 -65.26 106.98 -12.87
CA GLU H 35 -64.91 105.63 -12.44
C GLU H 35 -63.46 105.36 -12.82
N LEU H 36 -62.61 105.21 -11.81
CA LEU H 36 -61.20 104.91 -11.98
C LEU H 36 -60.99 103.42 -11.76
N LEU H 37 -60.51 102.72 -12.79
CA LEU H 37 -60.43 101.26 -12.76
C LEU H 37 -58.99 100.83 -13.00
N PRO H 38 -58.37 100.10 -12.08
CA PRO H 38 -57.05 99.50 -12.36
C PRO H 38 -57.20 98.25 -13.21
N THR H 39 -56.42 98.20 -14.29
CA THR H 39 -56.46 97.08 -15.23
C THR H 39 -55.05 96.50 -15.37
N GLY H 40 -54.96 95.40 -16.11
CA GLY H 40 -53.68 94.83 -16.46
C GLY H 40 -53.12 95.45 -17.72
N CYS H 41 -51.91 95.00 -18.08
CA CYS H 41 -51.29 95.48 -19.30
C CYS H 41 -52.03 94.93 -20.51
N ILE H 42 -52.16 95.78 -21.53
CA ILE H 42 -52.71 95.33 -22.81
C ILE H 42 -51.80 94.28 -23.42
N GLY H 43 -50.49 94.51 -23.34
CA GLY H 43 -49.50 93.64 -23.95
C GLY H 43 -48.35 94.47 -24.47
N MET H 44 -48.61 95.76 -24.71
CA MET H 44 -47.55 96.70 -25.08
C MET H 44 -46.93 97.24 -23.79
N CYS H 45 -45.96 96.50 -23.28
CA CYS H 45 -45.30 96.88 -22.04
C CYS H 45 -44.38 98.08 -22.22
N PHE H 46 -43.96 98.37 -23.46
CA PHE H 46 -43.37 99.66 -23.75
C PHE H 46 -44.43 100.75 -23.63
N TYR H 47 -43.98 101.99 -23.49
CA TYR H 47 -44.84 103.19 -23.47
C TYR H 47 -45.72 103.22 -22.22
N GLU H 48 -45.45 102.34 -21.26
CA GLU H 48 -46.12 102.27 -19.97
C GLU H 48 -45.86 103.55 -19.17
N PRO H 49 -46.72 103.91 -18.20
CA PRO H 49 -47.98 103.29 -17.72
C PRO H 49 -49.18 103.64 -18.57
N ILE H 50 -49.93 102.65 -19.07
CA ILE H 50 -51.01 102.93 -20.01
C ILE H 50 -52.19 103.55 -19.29
N VAL H 51 -52.73 104.62 -19.88
CA VAL H 51 -53.92 105.32 -19.38
C VAL H 51 -54.94 105.38 -20.50
N ASP H 52 -56.17 104.97 -20.22
CA ASP H 52 -57.26 105.01 -21.19
C ASP H 52 -58.34 105.94 -20.68
N VAL H 53 -58.79 106.85 -21.54
CA VAL H 53 -59.77 107.87 -21.19
C VAL H 53 -60.99 107.69 -22.08
N PHE H 54 -62.18 107.67 -21.47
CA PHE H 54 -63.43 107.46 -22.18
C PHE H 54 -64.15 108.81 -22.28
N ASP H 55 -64.35 109.29 -23.50
CA ASP H 55 -65.20 110.44 -23.76
C ASP H 55 -66.32 109.96 -24.67
N GLY H 56 -67.52 109.82 -24.11
CA GLY H 56 -68.64 109.26 -24.83
C GLY H 56 -68.41 107.83 -25.23
N ASP H 57 -68.42 107.57 -26.54
CA ASP H 57 -68.10 106.26 -27.08
C ASP H 57 -66.65 106.16 -27.54
N LYS H 58 -65.84 107.19 -27.33
CA LYS H 58 -64.47 107.22 -27.84
C LYS H 58 -63.49 106.94 -26.70
N VAL H 59 -62.44 106.19 -27.03
CA VAL H 59 -61.40 105.80 -26.09
C VAL H 59 -60.07 106.33 -26.61
N TYR H 60 -59.33 107.03 -25.74
CA TYR H 60 -58.02 107.56 -26.08
C TYR H 60 -56.96 107.01 -25.15
N SER H 61 -55.76 106.82 -25.71
CA SER H 61 -54.61 106.33 -24.97
C SER H 61 -53.40 107.18 -25.36
N TYR H 62 -52.92 108.00 -24.43
CA TYR H 62 -51.82 108.92 -24.65
C TYR H 62 -50.83 108.85 -23.48
N ALA H 63 -50.38 107.63 -23.19
CA ALA H 63 -49.60 107.30 -22.00
C ALA H 63 -48.14 107.73 -22.13
N ASN H 64 -47.27 107.13 -21.30
CA ASN H 64 -45.98 107.64 -20.84
C ASN H 64 -46.23 108.83 -19.91
N VAL H 65 -47.02 108.58 -18.88
CA VAL H 65 -47.59 109.63 -18.03
C VAL H 65 -46.95 109.55 -16.66
N THR H 66 -46.43 110.68 -16.19
CA THR H 66 -45.93 110.82 -14.83
C THR H 66 -46.96 111.56 -13.98
N ALA H 67 -46.57 111.91 -12.76
CA ALA H 67 -47.48 112.63 -11.87
C ALA H 67 -47.82 114.01 -12.42
N ASP H 68 -46.81 114.74 -12.90
CA ASP H 68 -47.04 116.03 -13.54
C ASP H 68 -47.85 115.87 -14.83
N MET H 69 -47.55 114.83 -15.60
CA MET H 69 -48.31 114.56 -16.81
C MET H 69 -49.76 114.21 -16.49
N ALA H 70 -49.98 113.43 -15.43
CA ALA H 70 -51.34 113.11 -15.02
C ALA H 70 -52.09 114.35 -14.55
N THR H 71 -51.40 115.24 -13.84
CA THR H 71 -52.01 116.51 -13.44
C THR H 71 -52.39 117.34 -14.65
N GLU H 72 -51.51 117.38 -15.66
CA GLU H 72 -51.83 118.11 -16.88
C GLU H 72 -52.99 117.47 -17.65
N ILE H 73 -53.08 116.14 -17.60
CA ILE H 73 -54.19 115.43 -18.23
C ILE H 73 -55.50 115.81 -17.55
N PHE H 74 -55.52 115.82 -16.21
CA PHE H 74 -56.73 116.18 -15.49
C PHE H 74 -57.11 117.65 -15.73
N ASN H 75 -56.10 118.53 -15.77
CA ASN H 75 -56.38 119.96 -15.94
C ASN H 75 -56.84 120.28 -17.36
N SER H 76 -56.31 119.58 -18.35
CA SER H 76 -56.56 119.94 -19.74
C SER H 76 -57.63 119.08 -20.41
N HIS H 77 -57.62 117.76 -20.18
CA HIS H 77 -58.46 116.87 -20.96
C HIS H 77 -59.63 116.30 -20.16
N ILE H 78 -59.39 115.90 -18.91
CA ILE H 78 -60.45 115.29 -18.11
C ILE H 78 -61.51 116.32 -17.74
N ILE H 79 -61.11 117.55 -17.47
CA ILE H 79 -62.03 118.63 -17.16
C ILE H 79 -62.30 119.50 -18.38
N GLY H 80 -61.24 119.96 -19.05
CA GLY H 80 -61.40 120.88 -20.16
C GLY H 80 -61.88 120.24 -21.45
N GLY H 81 -61.73 118.93 -21.58
CA GLY H 81 -62.12 118.26 -22.81
C GLY H 81 -61.17 118.44 -23.97
N GLN H 82 -59.95 118.91 -23.73
CA GLN H 82 -58.98 119.13 -24.79
C GLN H 82 -57.91 118.05 -24.78
N PRO H 83 -57.85 117.20 -25.80
CA PRO H 83 -56.75 116.23 -25.88
C PRO H 83 -55.42 116.92 -26.12
N LEU H 84 -54.35 116.25 -25.68
CA LEU H 84 -52.99 116.71 -25.92
C LEU H 84 -52.44 115.91 -27.09
N THR H 85 -52.42 116.52 -28.28
CA THR H 85 -52.06 115.81 -29.49
C THR H 85 -50.59 115.42 -29.56
N GLN H 86 -49.74 116.06 -28.76
CA GLN H 86 -48.31 115.73 -28.76
C GLN H 86 -48.03 114.42 -28.05
N TYR H 87 -48.98 113.87 -27.31
CA TYR H 87 -48.82 112.58 -26.64
C TYR H 87 -49.73 111.51 -27.20
N ILE H 88 -50.63 111.86 -28.13
CA ILE H 88 -51.61 110.91 -28.64
C ILE H 88 -50.93 109.95 -29.61
N VAL H 89 -51.07 108.66 -29.34
CA VAL H 89 -50.57 107.61 -30.23
C VAL H 89 -51.62 106.59 -30.61
N SER H 90 -52.79 106.60 -29.96
CA SER H 90 -53.85 105.65 -30.28
C SER H 90 -55.19 106.27 -29.94
N THR H 91 -56.09 106.28 -30.91
CA THR H 91 -57.46 106.76 -30.69
C THR H 91 -58.46 105.67 -31.05
N THR H 92 -59.75 106.00 -31.01
CA THR H 92 -60.76 105.01 -31.40
C THR H 92 -60.78 104.83 -32.91
N GLU H 93 -60.72 105.92 -33.68
CA GLU H 93 -60.62 105.79 -35.13
C GLU H 93 -59.24 105.34 -35.57
N LYS H 94 -58.21 105.56 -34.75
CA LYS H 94 -56.84 105.15 -35.06
C LYS H 94 -56.32 104.30 -33.91
N PRO H 95 -56.73 103.03 -33.85
CA PRO H 95 -56.25 102.16 -32.77
C PRO H 95 -54.81 101.72 -32.99
N TYR H 96 -54.32 100.84 -32.13
CA TYR H 96 -52.93 100.37 -32.25
C TYR H 96 -52.77 99.54 -33.51
N THR H 97 -51.76 99.87 -34.31
CA THR H 97 -51.46 99.07 -35.49
C THR H 97 -50.92 97.70 -35.11
N ILE H 98 -50.33 97.58 -33.91
CA ILE H 98 -49.78 96.31 -33.46
C ILE H 98 -50.90 95.29 -33.21
N LEU H 99 -52.02 95.73 -32.64
CA LEU H 99 -53.13 94.83 -32.38
C LEU H 99 -53.98 94.56 -33.61
N ALA H 100 -53.71 95.25 -34.73
CA ALA H 100 -54.49 95.05 -35.94
C ALA H 100 -54.34 93.63 -36.47
N LYS H 101 -53.12 93.08 -36.42
CA LYS H 101 -52.89 91.71 -36.85
C LYS H 101 -53.02 90.69 -35.73
N GLN H 102 -53.30 91.13 -34.50
CA GLN H 102 -53.40 90.23 -33.37
C GLN H 102 -54.83 89.76 -33.18
N VAL H 103 -55.03 88.45 -33.15
CA VAL H 103 -56.33 87.86 -32.83
C VAL H 103 -56.31 87.60 -31.33
N ARG H 104 -56.69 88.62 -30.57
CA ARG H 104 -56.59 88.57 -29.11
C ARG H 104 -57.63 87.62 -28.55
N ILE H 105 -57.18 86.50 -27.99
CA ILE H 105 -58.08 85.47 -27.47
C ILE H 105 -57.74 85.22 -26.01
N ALA H 106 -56.45 85.03 -25.72
CA ALA H 106 -56.01 84.80 -24.35
C ALA H 106 -56.02 86.07 -23.52
N LEU H 107 -55.87 87.24 -24.15
CA LEU H 107 -55.86 88.52 -23.45
C LEU H 107 -57.10 89.35 -23.76
N ARG H 108 -58.24 88.69 -23.96
CA ARG H 108 -59.46 89.42 -24.31
C ARG H 108 -60.04 90.22 -23.14
N ASN H 109 -59.51 90.06 -21.94
CA ASN H 109 -59.90 90.88 -20.81
C ASN H 109 -58.77 91.74 -20.26
N CYS H 110 -57.55 91.55 -20.74
CA CYS H 110 -56.41 92.30 -20.21
C CYS H 110 -56.46 93.75 -20.67
N GLY H 111 -56.46 94.68 -19.71
CA GLY H 111 -56.59 96.09 -20.01
C GLY H 111 -58.00 96.56 -20.25
N VAL H 112 -58.99 95.68 -20.15
CA VAL H 112 -60.39 96.02 -20.42
C VAL H 112 -61.24 95.91 -19.16
N ILE H 113 -61.11 94.81 -18.42
CA ILE H 113 -61.92 94.56 -17.24
C ILE H 113 -61.09 94.82 -16.00
N ASP H 114 -61.77 94.96 -14.87
CA ASP H 114 -61.12 95.06 -13.58
C ASP H 114 -60.87 93.65 -13.06
N PRO H 115 -59.61 93.22 -12.90
CA PRO H 115 -59.35 91.85 -12.43
C PRO H 115 -59.84 91.56 -11.03
N GLU H 116 -59.92 92.58 -10.17
CA GLU H 116 -60.33 92.41 -8.78
C GLU H 116 -61.84 92.43 -8.61
N ASN H 117 -62.59 92.57 -9.70
CA ASN H 117 -64.04 92.64 -9.67
C ASN H 117 -64.60 91.56 -10.59
N VAL H 118 -65.46 90.70 -10.04
CA VAL H 118 -66.12 89.68 -10.86
C VAL H 118 -67.20 90.29 -11.75
N ASP H 119 -67.69 91.48 -11.39
CA ASP H 119 -68.76 92.10 -12.16
C ASP H 119 -68.29 92.51 -13.55
N GLU H 120 -67.06 93.01 -13.66
CA GLU H 120 -66.52 93.39 -14.96
C GLU H 120 -66.31 92.17 -15.85
N TYR H 121 -65.86 91.07 -15.26
CA TYR H 121 -65.73 89.82 -16.02
C TYR H 121 -67.08 89.32 -16.50
N LYS H 122 -68.09 89.37 -15.62
CA LYS H 122 -69.43 88.93 -16.01
C LYS H 122 -70.01 89.81 -17.10
N ALA H 123 -69.72 91.12 -17.06
CA ALA H 123 -70.20 92.04 -18.07
C ALA H 123 -69.44 91.92 -19.39
N ASN H 124 -68.29 91.25 -19.39
CA ASN H 124 -67.51 91.03 -20.60
C ASN H 124 -67.67 89.60 -21.12
N ASP H 125 -68.90 89.07 -21.05
CA ASP H 125 -69.23 87.72 -21.50
C ASP H 125 -68.42 86.64 -20.77
N GLY H 126 -68.14 86.88 -19.50
CA GLY H 126 -67.42 85.91 -18.70
C GLY H 126 -68.34 85.09 -17.80
N TYR H 127 -67.88 83.88 -17.47
CA TYR H 127 -68.57 82.86 -16.68
C TYR H 127 -69.82 82.33 -17.37
N LYS H 128 -70.15 82.80 -18.57
CA LYS H 128 -71.32 82.28 -19.29
C LYS H 128 -71.02 80.91 -19.87
N ALA H 129 -69.78 80.68 -20.30
CA ALA H 129 -69.37 79.35 -20.74
C ALA H 129 -69.43 78.35 -19.59
N LEU H 130 -69.17 78.80 -18.36
CA LEU H 130 -69.30 77.94 -17.20
C LEU H 130 -70.74 77.46 -17.03
N SER H 131 -71.70 78.38 -17.13
CA SER H 131 -73.11 78.01 -17.04
C SER H 131 -73.51 77.11 -18.19
N LYS H 132 -73.01 77.39 -19.40
CA LYS H 132 -73.35 76.57 -20.56
C LYS H 132 -72.85 75.15 -20.40
N ALA H 133 -71.61 74.99 -19.94
CA ALA H 133 -71.05 73.66 -19.75
C ALA H 133 -71.73 72.93 -18.60
N LEU H 134 -72.14 73.66 -17.55
CA LEU H 134 -72.76 73.01 -16.41
C LEU H 134 -74.18 72.56 -16.73
N LYS H 135 -74.94 73.36 -17.47
CA LYS H 135 -76.37 73.10 -17.63
C LYS H 135 -76.73 72.42 -18.95
N GLU H 136 -75.98 72.67 -20.03
CA GLU H 136 -76.40 72.19 -21.35
C GLU H 136 -75.51 71.13 -21.96
N MET H 137 -74.37 70.80 -21.35
CA MET H 137 -73.44 69.87 -21.96
C MET H 137 -72.96 68.85 -20.95
N THR H 138 -72.71 67.63 -21.44
CA THR H 138 -72.14 66.56 -20.64
C THR H 138 -70.62 66.63 -20.66
N PRO H 139 -69.94 66.02 -19.68
CA PRO H 139 -68.47 65.97 -19.72
C PRO H 139 -67.92 65.29 -20.96
N GLU H 140 -68.59 64.24 -21.44
CA GLU H 140 -68.18 63.61 -22.70
C GLU H 140 -68.32 64.57 -23.87
N GLU H 141 -69.39 65.38 -23.86
CA GLU H 141 -69.54 66.42 -24.87
C GLU H 141 -68.42 67.45 -24.75
N VAL H 142 -67.99 67.75 -23.52
CA VAL H 142 -66.87 68.67 -23.31
C VAL H 142 -65.60 68.10 -23.93
N ILE H 143 -65.35 66.81 -23.72
CA ILE H 143 -64.16 66.17 -24.28
C ILE H 143 -64.22 66.15 -25.79
N GLU H 144 -65.39 65.84 -26.36
CA GLU H 144 -65.49 65.78 -27.81
C GLU H 144 -65.38 67.15 -28.45
N GLU H 145 -65.92 68.19 -27.79
CA GLU H 145 -65.74 69.55 -28.29
C GLU H 145 -64.28 69.98 -28.21
N ILE H 146 -63.57 69.56 -27.16
CA ILE H 146 -62.13 69.79 -27.09
C ILE H 146 -61.42 69.08 -28.24
N LYS H 147 -61.85 67.85 -28.55
CA LYS H 147 -61.22 67.08 -29.62
C LYS H 147 -61.41 67.72 -30.99
N VAL H 148 -62.63 68.17 -31.31
CA VAL H 148 -62.84 68.84 -32.58
C VAL H 148 -62.12 70.18 -32.58
N ALA H 149 -61.98 70.80 -31.40
CA ALA H 149 -61.19 72.02 -31.27
C ALA H 149 -59.71 71.79 -31.52
N GLY H 150 -59.24 70.55 -31.54
CA GLY H 150 -57.87 70.25 -31.89
C GLY H 150 -56.85 70.46 -30.80
N LEU H 151 -57.26 70.50 -29.54
CA LEU H 151 -56.32 70.72 -28.44
C LEU H 151 -55.59 69.44 -28.09
N ARG H 152 -54.28 69.55 -27.90
CA ARG H 152 -53.44 68.43 -27.48
C ARG H 152 -52.63 68.72 -26.23
N GLY H 153 -52.09 69.93 -26.09
CA GLY H 153 -51.32 70.28 -24.91
C GLY H 153 -50.59 71.60 -25.06
N ARG H 154 -50.40 72.31 -23.96
CA ARG H 154 -49.71 73.59 -23.97
C ARG H 154 -48.60 73.59 -22.92
N GLY H 155 -47.62 74.45 -23.12
CA GLY H 155 -46.45 74.45 -22.27
C GLY H 155 -45.51 73.31 -22.60
N GLY H 156 -45.03 73.30 -23.84
CA GLY H 156 -44.18 72.22 -24.30
C GLY H 156 -45.00 70.96 -24.51
N ALA H 157 -44.48 69.83 -24.01
CA ALA H 157 -45.11 68.53 -24.10
C ALA H 157 -45.47 68.17 -25.53
N GLY H 158 -46.73 67.86 -25.79
CA GLY H 158 -47.16 67.56 -27.14
C GLY H 158 -48.08 66.37 -27.27
N PHE H 159 -48.13 65.52 -26.25
CA PHE H 159 -48.99 64.36 -26.29
C PHE H 159 -50.46 64.79 -26.21
N PRO H 160 -51.35 64.14 -26.96
CA PRO H 160 -52.74 64.61 -27.05
C PRO H 160 -53.49 64.50 -25.73
N THR H 161 -54.44 65.42 -25.54
CA THR H 161 -55.21 65.44 -24.29
C THR H 161 -56.05 64.19 -24.11
N TRP H 162 -56.69 63.71 -25.19
CA TRP H 162 -57.60 62.58 -25.08
C TRP H 162 -56.91 61.31 -24.59
N PHE H 163 -55.60 61.22 -24.74
CA PHE H 163 -54.83 60.11 -24.17
C PHE H 163 -54.28 60.42 -22.77
N LYS H 164 -54.47 61.64 -22.28
CA LYS H 164 -54.03 61.99 -20.93
C LYS H 164 -55.13 62.65 -20.11
N TRP H 165 -55.93 63.53 -20.70
CA TRP H 165 -57.00 64.22 -20.00
C TRP H 165 -58.22 63.33 -19.86
N ASN H 166 -58.69 62.78 -20.99
CA ASN H 166 -59.72 61.74 -20.95
C ASN H 166 -59.23 60.50 -20.23
N ALA H 167 -57.92 60.22 -20.32
CA ALA H 167 -57.36 59.11 -19.55
C ALA H 167 -57.40 59.39 -18.05
N ALA H 168 -57.17 60.66 -17.66
CA ALA H 168 -57.27 61.02 -16.26
C ALA H 168 -58.70 60.94 -15.77
N ARG H 169 -59.66 61.33 -16.61
CA ARG H 169 -61.07 61.17 -16.25
C ARG H 169 -61.45 59.71 -16.12
N GLN H 170 -61.00 58.87 -17.06
CA GLN H 170 -61.28 57.44 -17.06
C GLN H 170 -60.48 56.69 -16.02
N SER H 171 -59.51 57.35 -15.36
CA SER H 171 -58.68 56.70 -14.37
C SER H 171 -59.50 56.31 -13.15
N LYS H 172 -59.27 55.10 -12.66
CA LYS H 172 -60.01 54.60 -11.51
C LYS H 172 -59.61 55.35 -10.24
N GLY H 173 -60.60 55.73 -9.45
CA GLY H 173 -60.34 56.44 -8.22
C GLY H 173 -61.45 57.36 -7.80
N GLU H 174 -61.82 57.31 -6.52
CA GLU H 174 -62.84 58.20 -5.99
C GLU H 174 -62.37 59.64 -5.89
N ILE H 175 -61.06 59.87 -5.80
CA ILE H 175 -60.49 61.20 -5.68
C ILE H 175 -59.58 61.45 -6.87
N LYS H 176 -59.82 62.54 -7.58
CA LYS H 176 -58.99 62.97 -8.68
C LYS H 176 -58.53 64.39 -8.41
N TYR H 177 -57.37 64.75 -8.96
CA TYR H 177 -56.77 66.03 -8.68
C TYR H 177 -56.49 66.78 -9.97
N VAL H 178 -56.63 68.10 -9.91
CA VAL H 178 -56.28 69.00 -11.00
C VAL H 178 -55.15 69.90 -10.51
N VAL H 179 -54.06 69.94 -11.26
CA VAL H 179 -52.97 70.85 -10.98
C VAL H 179 -52.78 71.75 -12.19
N CYS H 180 -52.73 73.06 -11.95
CA CYS H 180 -52.39 74.02 -12.97
C CYS H 180 -50.96 74.46 -12.72
N ASN H 181 -50.07 74.09 -13.63
CA ASN H 181 -48.65 74.42 -13.47
C ASN H 181 -48.42 75.89 -13.75
N ALA H 182 -48.72 76.68 -12.74
CA ALA H 182 -48.67 78.13 -12.93
C ALA H 182 -47.31 78.67 -12.51
N ASP H 183 -46.27 77.85 -12.56
CA ASP H 183 -44.91 78.38 -12.32
C ASP H 183 -44.31 78.63 -13.69
N GLU H 184 -43.78 79.83 -13.90
CA GLU H 184 -43.18 80.16 -15.22
C GLU H 184 -41.67 80.30 -15.03
N GLY H 185 -40.95 79.19 -14.82
CA GLY H 185 -39.53 79.32 -14.56
C GLY H 185 -38.70 79.81 -15.72
N ASP H 186 -39.31 80.03 -16.87
CA ASP H 186 -38.60 80.53 -18.04
C ASP H 186 -38.20 81.97 -17.82
N PRO H 187 -36.93 82.33 -17.94
CA PRO H 187 -36.55 83.75 -17.96
C PRO H 187 -37.02 84.39 -19.25
N GLY H 188 -37.67 85.54 -19.13
CA GLY H 188 -38.16 86.28 -20.27
C GLY H 188 -39.56 85.93 -20.71
N ALA H 189 -40.09 84.79 -20.28
CA ALA H 189 -41.46 84.41 -20.58
C ALA H 189 -42.31 84.67 -19.35
N PHE H 190 -43.31 85.54 -19.50
CA PHE H 190 -44.13 86.00 -18.38
C PHE H 190 -45.60 86.02 -18.76
N MET H 191 -46.03 85.04 -19.56
CA MET H 191 -47.44 84.98 -19.95
C MET H 191 -48.32 84.58 -18.77
N ASP H 192 -47.83 83.72 -17.86
CA ASP H 192 -48.67 83.28 -16.75
C ASP H 192 -48.86 84.38 -15.73
N ARG H 193 -47.80 85.13 -15.42
CA ARG H 193 -47.93 86.26 -14.50
C ARG H 193 -48.86 87.32 -15.07
N SER H 194 -48.75 87.58 -16.38
CA SER H 194 -49.62 88.56 -17.02
C SER H 194 -51.07 88.12 -16.99
N VAL H 195 -51.34 86.83 -17.26
CA VAL H 195 -52.71 86.33 -17.20
C VAL H 195 -53.24 86.40 -15.77
N LEU H 196 -52.41 86.00 -14.80
CA LEU H 196 -52.86 86.00 -13.40
C LEU H 196 -53.16 87.39 -12.90
N GLU H 197 -52.32 88.38 -13.23
CA GLU H 197 -52.53 89.75 -12.80
C GLU H 197 -53.52 90.51 -13.66
N GLY H 198 -53.89 89.97 -14.82
CA GLY H 198 -54.78 90.68 -15.72
C GLY H 198 -56.17 90.09 -15.79
N ASP H 199 -56.27 88.77 -15.69
CA ASP H 199 -57.56 88.07 -15.77
C ASP H 199 -57.47 86.72 -15.09
N PRO H 200 -57.50 86.69 -13.75
CA PRO H 200 -57.51 85.40 -13.05
C PRO H 200 -58.87 84.73 -13.05
N HIS H 201 -59.94 85.48 -13.34
CA HIS H 201 -61.27 84.89 -13.34
C HIS H 201 -61.44 83.91 -14.49
N ALA H 202 -60.82 84.18 -15.64
CA ALA H 202 -60.85 83.24 -16.74
C ALA H 202 -60.16 81.94 -16.36
N LEU H 203 -59.03 82.02 -15.66
CA LEU H 203 -58.33 80.81 -15.22
C LEU H 203 -59.14 80.05 -14.19
N LEU H 204 -59.79 80.75 -13.26
CA LEU H 204 -60.61 80.06 -12.27
C LEU H 204 -61.80 79.37 -12.92
N GLU H 205 -62.45 80.06 -13.87
CA GLU H 205 -63.52 79.45 -14.65
C GLU H 205 -63.02 78.22 -15.40
N GLY H 206 -61.85 78.34 -16.02
CA GLY H 206 -61.31 77.23 -16.77
C GLY H 206 -60.99 76.03 -15.90
N MET H 207 -60.39 76.27 -14.73
CA MET H 207 -60.06 75.16 -13.84
C MET H 207 -61.33 74.51 -13.31
N ALA H 208 -62.37 75.31 -13.03
CA ALA H 208 -63.65 74.74 -12.63
C ALA H 208 -64.24 73.88 -13.73
N ILE H 209 -64.12 74.32 -14.99
CA ILE H 209 -64.70 73.59 -16.10
C ILE H 209 -63.98 72.25 -16.32
N CYS H 210 -62.64 72.25 -16.26
CA CYS H 210 -61.95 70.97 -16.46
C CYS H 210 -62.15 70.06 -15.25
N GLY H 211 -62.29 70.64 -14.05
CA GLY H 211 -62.62 69.83 -12.90
C GLY H 211 -63.97 69.17 -13.02
N TYR H 212 -64.96 69.91 -13.54
CA TYR H 212 -66.27 69.33 -13.77
C TYR H 212 -66.22 68.25 -14.84
N ALA H 213 -65.42 68.47 -15.90
CA ALA H 213 -65.38 67.52 -17.00
C ALA H 213 -64.68 66.24 -16.60
N ILE H 214 -63.50 66.33 -15.96
CA ILE H 214 -62.74 65.13 -15.61
C ILE H 214 -63.22 64.49 -14.32
N GLY H 215 -64.21 65.06 -13.66
CA GLY H 215 -64.74 64.45 -12.46
C GLY H 215 -63.87 64.62 -11.24
N ALA H 216 -63.13 65.72 -11.14
CA ALA H 216 -62.32 66.03 -9.97
C ALA H 216 -62.95 67.16 -9.20
N ASN H 217 -63.06 66.98 -7.88
CA ASN H 217 -63.72 67.93 -7.01
C ASN H 217 -62.77 68.91 -6.34
N GLU H 218 -61.48 68.58 -6.27
CA GLU H 218 -60.49 69.42 -5.60
C GLU H 218 -59.29 69.63 -6.51
N GLY H 219 -58.80 70.87 -6.55
CA GLY H 219 -57.67 71.20 -7.40
C GLY H 219 -56.71 72.13 -6.68
N HIS H 220 -55.50 72.20 -7.23
CA HIS H 220 -54.44 73.02 -6.67
C HIS H 220 -53.80 73.89 -7.73
N ILE H 221 -53.33 75.06 -7.31
CA ILE H 221 -52.56 75.97 -8.14
C ILE H 221 -51.13 75.98 -7.62
N TYR H 222 -50.18 75.56 -8.46
CA TYR H 222 -48.77 75.63 -8.09
C TYR H 222 -48.22 76.96 -8.59
N CYS H 223 -48.19 77.95 -7.71
CA CYS H 223 -47.80 79.31 -8.08
C CYS H 223 -46.61 79.74 -7.24
N ARG H 224 -45.67 80.42 -7.88
CA ARG H 224 -44.44 80.84 -7.17
C ARG H 224 -44.77 81.97 -6.18
N ALA H 225 -43.98 82.09 -5.14
CA ALA H 225 -44.17 83.11 -4.12
C ALA H 225 -43.53 84.45 -4.48
N GLU H 226 -42.84 84.51 -5.61
CA GLU H 226 -42.33 85.84 -6.07
C GLU H 226 -43.42 86.39 -6.99
N TYR H 227 -44.62 85.80 -6.90
CA TYR H 227 -45.78 86.26 -7.70
C TYR H 227 -46.86 86.83 -6.79
N PRO H 228 -46.57 87.75 -5.85
CA PRO H 228 -47.58 88.20 -4.89
C PRO H 228 -48.75 88.89 -5.58
N LEU H 229 -48.53 90.06 -6.21
CA LEU H 229 -49.69 90.72 -6.80
C LEU H 229 -50.62 89.70 -7.43
N ALA H 230 -50.06 88.71 -8.13
CA ALA H 230 -50.87 87.65 -8.72
C ALA H 230 -51.58 86.82 -7.66
N ILE H 231 -50.89 86.51 -6.56
CA ILE H 231 -51.51 85.73 -5.49
C ILE H 231 -52.63 86.52 -4.84
N LYS H 232 -52.42 87.82 -4.60
CA LYS H 232 -53.47 88.65 -4.02
C LYS H 232 -54.68 88.76 -4.93
N ARG H 233 -54.45 88.96 -6.23
CA ARG H 233 -55.57 89.05 -7.15
C ARG H 233 -56.31 87.71 -7.27
N LEU H 234 -55.56 86.61 -7.25
CA LEU H 234 -56.19 85.30 -7.34
C LEU H 234 -57.00 84.99 -6.09
N GLU H 235 -56.51 85.37 -4.90
CA GLU H 235 -57.27 85.13 -3.68
C GLU H 235 -58.50 86.05 -3.60
N ILE H 236 -58.40 87.27 -4.13
CA ILE H 236 -59.57 88.14 -4.20
C ILE H 236 -60.63 87.55 -5.12
N ALA H 237 -60.21 87.05 -6.29
CA ALA H 237 -61.13 86.41 -7.20
C ALA H 237 -61.75 85.15 -6.58
N ILE H 238 -60.96 84.40 -5.83
CA ILE H 238 -61.45 83.20 -5.16
C ILE H 238 -62.50 83.56 -4.12
N ALA H 239 -62.25 84.62 -3.34
CA ALA H 239 -63.22 85.08 -2.36
C ALA H 239 -64.51 85.54 -3.03
N ASP H 240 -64.38 86.27 -4.14
CA ASP H 240 -65.58 86.73 -4.86
C ASP H 240 -66.38 85.57 -5.41
N ALA H 241 -65.69 84.57 -5.99
CA ALA H 241 -66.38 83.41 -6.55
C ALA H 241 -67.05 82.59 -5.45
N LYS H 242 -66.42 82.50 -4.28
CA LYS H 242 -67.05 81.86 -3.14
C LYS H 242 -68.29 82.62 -2.70
N GLN H 243 -68.22 83.95 -2.72
CA GLN H 243 -69.34 84.76 -2.22
C GLN H 243 -70.53 84.73 -3.18
N ARG H 244 -70.27 84.75 -4.49
CA ARG H 244 -71.33 84.78 -5.49
C ARG H 244 -71.77 83.40 -5.95
N ASN H 245 -71.49 82.36 -5.17
CA ASN H 245 -71.86 80.97 -5.47
C ASN H 245 -71.30 80.51 -6.81
N LEU H 246 -70.17 81.08 -7.21
CA LEU H 246 -69.46 80.62 -8.40
C LEU H 246 -68.46 79.52 -8.09
N LEU H 247 -68.20 79.25 -6.81
CA LEU H 247 -67.18 78.30 -6.42
C LEU H 247 -67.53 77.77 -5.03
N GLY H 248 -67.11 76.55 -4.75
CA GLY H 248 -67.40 75.93 -3.48
C GLY H 248 -68.29 74.72 -3.59
N LYS H 249 -69.53 74.85 -3.11
CA LYS H 249 -70.51 73.77 -3.14
C LYS H 249 -71.76 74.26 -3.86
N ASN H 250 -72.24 73.44 -4.80
CA ASN H 250 -73.50 73.66 -5.52
C ASN H 250 -73.49 75.00 -6.26
N ILE H 251 -72.61 75.07 -7.25
CA ILE H 251 -72.52 76.26 -8.10
C ILE H 251 -73.70 76.25 -9.08
N MET H 252 -74.50 77.31 -9.04
CA MET H 252 -75.67 77.49 -9.91
C MET H 252 -76.63 76.30 -9.76
N GLY H 253 -76.81 75.85 -8.52
CA GLY H 253 -77.68 74.73 -8.21
C GLY H 253 -77.21 73.37 -8.68
N THR H 254 -76.19 73.30 -9.54
CA THR H 254 -75.72 72.02 -10.04
C THR H 254 -75.01 71.26 -8.92
N ASN H 255 -75.15 69.94 -8.95
CA ASN H 255 -74.63 69.08 -7.88
C ASN H 255 -73.12 69.09 -7.77
N PHE H 256 -72.40 69.56 -8.78
CA PHE H 256 -70.95 69.48 -8.78
C PHE H 256 -70.35 70.57 -7.90
N SER H 257 -69.47 70.15 -7.00
CA SER H 257 -68.78 71.05 -6.08
C SER H 257 -67.30 71.10 -6.45
N PHE H 258 -66.73 72.31 -6.39
CA PHE H 258 -65.32 72.50 -6.72
C PHE H 258 -64.75 73.51 -5.74
N ASP H 259 -63.70 73.13 -5.03
CA ASP H 259 -63.04 73.99 -4.06
C ASP H 259 -61.61 74.25 -4.48
N MET H 260 -61.11 75.41 -4.08
CA MET H 260 -59.81 75.88 -4.51
C MET H 260 -58.85 75.99 -3.34
N LYS H 261 -57.59 75.63 -3.59
CA LYS H 261 -56.51 75.84 -2.65
C LYS H 261 -55.31 76.40 -3.41
N ILE H 262 -54.60 77.32 -2.75
CA ILE H 262 -53.43 77.99 -3.33
C ILE H 262 -52.19 77.45 -2.63
N LYS H 263 -51.30 76.84 -3.39
CA LYS H 263 -50.04 76.33 -2.88
C LYS H 263 -48.92 77.19 -3.44
N LYS H 264 -48.14 77.79 -2.55
CA LYS H 264 -47.04 78.67 -2.95
C LYS H 264 -45.77 77.84 -3.06
N GLY H 265 -45.22 77.73 -4.26
CA GLY H 265 -43.98 77.04 -4.45
C GLY H 265 -42.79 77.87 -4.00
N ALA H 266 -41.65 77.20 -3.85
CA ALA H 266 -40.43 77.85 -3.39
C ALA H 266 -39.61 78.42 -4.54
N GLY H 267 -40.00 78.18 -5.79
CA GLY H 267 -39.35 78.84 -6.90
C GLY H 267 -38.11 78.17 -7.45
N ALA H 268 -38.23 76.94 -7.92
CA ALA H 268 -37.17 76.24 -8.64
C ALA H 268 -37.64 75.91 -10.04
N PHE H 269 -36.75 76.07 -11.02
CA PHE H 269 -37.11 75.81 -12.41
C PHE H 269 -37.42 74.34 -12.66
N VAL H 270 -36.71 73.43 -11.98
CA VAL H 270 -36.98 72.01 -12.14
C VAL H 270 -38.29 71.58 -11.50
N CYS H 271 -38.91 72.44 -10.70
CA CYS H 271 -40.16 72.08 -10.05
C CYS H 271 -41.34 72.26 -11.00
N GLY H 272 -41.21 71.72 -12.21
CA GLY H 272 -42.30 71.49 -13.11
C GLY H 272 -42.31 70.01 -13.39
N GLU H 273 -42.20 69.62 -14.66
CA GLU H 273 -41.92 68.25 -15.09
C GLU H 273 -42.96 67.24 -14.64
N GLU H 274 -44.02 67.66 -13.94
CA GLU H 274 -45.18 66.86 -13.54
C GLU H 274 -44.84 65.70 -12.59
N THR H 275 -43.56 65.47 -12.31
CA THR H 275 -43.14 64.51 -11.29
C THR H 275 -42.34 65.20 -10.19
N ALA H 276 -41.51 66.18 -10.54
CA ALA H 276 -40.90 67.03 -9.54
C ALA H 276 -41.95 67.96 -8.91
N LEU H 277 -42.92 68.42 -9.70
CA LEU H 277 -43.97 69.27 -9.16
C LEU H 277 -44.85 68.50 -8.18
N ILE H 278 -45.08 67.22 -8.45
CA ILE H 278 -45.82 66.38 -7.51
C ILE H 278 -45.06 66.25 -6.19
N ALA H 279 -43.74 66.03 -6.27
CA ALA H 279 -42.94 65.92 -5.06
C ALA H 279 -42.91 67.24 -4.30
N SER H 280 -42.89 68.36 -5.02
CA SER H 280 -42.96 69.66 -4.36
C SER H 280 -44.30 69.85 -3.66
N LEU H 281 -45.39 69.42 -4.31
CA LEU H 281 -46.71 69.47 -3.70
C LEU H 281 -46.81 68.52 -2.53
N GLU H 282 -46.02 67.46 -2.53
CA GLU H 282 -46.02 66.45 -1.48
C GLU H 282 -45.11 66.82 -0.31
N GLY H 283 -44.43 67.96 -0.38
CA GLY H 283 -43.59 68.41 0.71
C GLY H 283 -42.21 67.82 0.76
N GLU H 284 -41.63 67.48 -0.39
CA GLU H 284 -40.29 66.90 -0.46
C GLU H 284 -39.41 67.76 -1.37
N ARG H 285 -38.21 67.26 -1.63
CA ARG H 285 -37.31 67.89 -2.60
C ARG H 285 -37.85 67.64 -4.01
N GLY H 286 -37.99 68.71 -4.79
CA GLY H 286 -38.44 68.49 -6.15
C GLY H 286 -37.35 67.84 -6.97
N MET H 287 -37.49 66.54 -7.19
CA MET H 287 -36.57 65.75 -7.98
C MET H 287 -37.43 64.89 -8.87
N PRO H 288 -37.22 64.92 -10.18
CA PRO H 288 -38.02 64.10 -11.09
C PRO H 288 -37.85 62.62 -10.79
N ARG H 289 -38.96 61.90 -10.89
CA ARG H 289 -39.02 60.49 -10.60
C ARG H 289 -39.00 59.71 -11.91
N LEU H 290 -39.22 58.40 -11.83
CA LEU H 290 -39.15 57.53 -13.00
C LEU H 290 -40.49 57.44 -13.68
N LYS H 291 -40.51 57.67 -15.00
CA LYS H 291 -41.68 57.51 -15.84
C LYS H 291 -41.40 56.43 -16.88
N PRO H 292 -42.20 55.35 -16.96
CA PRO H 292 -43.38 55.00 -16.17
C PRO H 292 -43.04 54.59 -14.74
N PRO H 293 -43.97 54.66 -13.77
CA PRO H 293 -45.40 55.02 -13.89
C PRO H 293 -45.66 56.50 -14.11
N PHE H 294 -46.70 56.79 -14.87
CA PHE H 294 -47.15 58.13 -15.21
C PHE H 294 -48.09 58.65 -14.13
N PRO H 295 -48.22 59.97 -14.01
CA PRO H 295 -49.16 60.53 -13.01
C PRO H 295 -50.61 60.18 -13.28
N ALA H 296 -50.96 59.76 -14.50
CA ALA H 296 -52.32 59.30 -14.76
C ALA H 296 -52.66 58.01 -14.01
N GLN H 297 -51.65 57.25 -13.59
CA GLN H 297 -51.89 56.06 -12.77
C GLN H 297 -51.48 56.23 -11.31
N SER H 298 -50.52 57.11 -11.02
CA SER H 298 -50.10 57.35 -9.64
C SER H 298 -49.50 58.74 -9.56
N GLY H 299 -50.29 59.69 -9.08
CA GLY H 299 -49.82 61.06 -8.94
C GLY H 299 -49.78 61.56 -7.52
N PHE H 300 -50.68 62.48 -7.19
CA PHE H 300 -50.71 63.08 -5.85
C PHE H 300 -51.03 62.03 -4.82
N TRP H 301 -50.02 61.67 -4.01
CA TRP H 301 -50.11 60.69 -2.92
C TRP H 301 -50.51 59.31 -3.43
N GLY H 302 -50.25 59.00 -4.69
CA GLY H 302 -50.67 57.75 -5.27
C GLY H 302 -52.03 57.76 -5.93
N LYS H 303 -52.63 58.92 -6.13
CA LYS H 303 -53.93 59.08 -6.75
C LYS H 303 -53.79 59.71 -8.13
N PRO H 304 -54.64 59.35 -9.10
CA PRO H 304 -54.52 59.89 -10.46
C PRO H 304 -54.65 61.41 -10.49
N THR H 305 -53.87 62.03 -11.38
CA THR H 305 -53.73 63.47 -11.41
C THR H 305 -53.62 63.93 -12.86
N ASN H 306 -54.25 65.06 -13.16
CA ASN H 306 -54.11 65.74 -14.45
C ASN H 306 -53.41 67.07 -14.24
N ILE H 307 -52.35 67.30 -15.00
CA ILE H 307 -51.55 68.53 -14.91
C ILE H 307 -51.57 69.22 -16.26
N ASN H 308 -51.88 70.51 -16.27
CA ASN H 308 -51.91 71.28 -17.50
C ASN H 308 -51.45 72.70 -17.21
N ASN H 309 -51.13 73.42 -18.28
CA ASN H 309 -50.71 74.81 -18.17
C ASN H 309 -51.92 75.70 -17.92
N VAL H 310 -51.65 76.97 -17.60
CA VAL H 310 -52.73 77.97 -17.54
C VAL H 310 -53.32 78.18 -18.93
N GLU H 311 -52.49 78.06 -19.96
CA GLU H 311 -52.94 78.30 -21.34
C GLU H 311 -54.05 77.34 -21.74
N THR H 312 -53.87 76.05 -21.44
CA THR H 312 -54.87 75.04 -21.79
C THR H 312 -56.19 75.30 -21.08
N PHE H 313 -56.13 75.54 -19.77
CA PHE H 313 -57.35 75.74 -19.01
C PHE H 313 -58.01 77.07 -19.36
N ALA H 314 -57.24 78.02 -19.88
CA ALA H 314 -57.82 79.26 -20.37
C ALA H 314 -58.54 79.02 -21.69
N ASN H 315 -57.95 78.18 -22.54
CA ASN H 315 -58.51 77.94 -23.87
C ASN H 315 -59.77 77.10 -23.81
N VAL H 316 -59.88 76.22 -22.82
CA VAL H 316 -61.00 75.27 -22.78
C VAL H 316 -62.37 75.94 -22.71
N PRO H 317 -62.68 76.89 -21.75
CA PRO H 317 -64.02 77.51 -21.77
C PRO H 317 -64.33 78.33 -23.00
N TRP H 318 -63.33 79.00 -23.56
CA TRP H 318 -63.60 79.83 -24.73
C TRP H 318 -63.89 78.97 -25.94
N ILE H 319 -63.38 77.73 -25.93
CA ILE H 319 -63.83 76.72 -26.87
C ILE H 319 -65.24 76.28 -26.52
N MET H 320 -65.54 76.15 -25.23
CA MET H 320 -66.81 75.62 -24.74
C MET H 320 -67.98 76.50 -25.14
N TYR H 321 -67.80 77.81 -25.03
CA TYR H 321 -68.83 78.80 -25.29
C TYR H 321 -69.25 78.81 -26.75
N ASN H 322 -68.29 79.09 -27.63
CA ASN H 322 -68.57 79.24 -29.05
C ASN H 322 -68.67 77.88 -29.74
N GLY H 323 -67.64 77.05 -29.57
CA GLY H 323 -67.62 75.75 -30.23
C GLY H 323 -66.32 75.52 -30.95
N GLY H 324 -65.74 74.33 -30.79
CA GLY H 324 -64.44 74.03 -31.36
C GLY H 324 -64.39 74.03 -32.87
N SER H 325 -65.55 73.95 -33.52
CA SER H 325 -65.60 73.97 -34.98
C SER H 325 -65.18 75.34 -35.52
N ALA H 326 -65.37 76.40 -34.74
CA ALA H 326 -64.96 77.73 -35.19
C ALA H 326 -63.45 77.88 -35.21
N TYR H 327 -62.76 77.26 -34.26
CA TYR H 327 -61.31 77.41 -34.13
C TYR H 327 -60.53 76.50 -35.06
N ALA H 328 -61.20 75.62 -35.80
CA ALA H 328 -60.51 74.79 -36.77
C ALA H 328 -60.08 75.59 -38.01
N ALA H 329 -60.60 76.81 -38.18
CA ALA H 329 -60.22 77.63 -39.32
C ALA H 329 -58.92 78.40 -39.10
N TYR H 330 -58.65 78.82 -37.86
CA TYR H 330 -57.43 79.55 -37.58
C TYR H 330 -56.21 78.63 -37.66
N GLY H 331 -55.18 79.10 -38.35
CA GLY H 331 -53.88 78.46 -38.34
C GLY H 331 -53.77 77.22 -39.17
N THR H 332 -52.72 76.44 -38.87
CA THR H 332 -52.36 75.28 -39.66
C THR H 332 -53.31 74.12 -39.38
N GLU H 333 -52.98 72.95 -39.94
CA GLU H 333 -53.86 71.79 -39.81
C GLU H 333 -53.51 70.95 -38.59
N LYS H 334 -52.22 70.67 -38.40
CA LYS H 334 -51.81 69.71 -37.38
C LYS H 334 -52.03 70.22 -35.96
N SER H 335 -51.95 71.53 -35.74
CA SER H 335 -52.16 72.09 -34.40
C SER H 335 -53.15 73.24 -34.51
N LYS H 336 -54.08 73.30 -33.55
CA LYS H 336 -55.12 74.31 -33.53
C LYS H 336 -55.05 75.14 -32.25
N GLY H 337 -55.71 76.28 -32.28
CA GLY H 337 -55.77 77.17 -31.13
C GLY H 337 -55.15 78.53 -31.43
N THR H 338 -54.45 79.04 -30.43
CA THR H 338 -53.71 80.29 -30.55
C THR H 338 -52.48 80.23 -29.66
N LYS H 339 -51.47 81.04 -30.00
CA LYS H 339 -50.22 81.05 -29.29
C LYS H 339 -50.00 82.41 -28.64
N VAL H 340 -49.34 82.37 -27.48
CA VAL H 340 -49.07 83.53 -26.65
C VAL H 340 -47.56 83.67 -26.57
N PHE H 341 -47.04 84.84 -26.96
CA PHE H 341 -45.60 85.03 -27.02
C PHE H 341 -45.22 86.29 -26.28
N ALA H 342 -44.00 86.34 -25.77
CA ALA H 342 -43.45 87.54 -25.15
C ALA H 342 -42.23 87.96 -25.96
N LEU H 343 -42.35 89.06 -26.69
CA LEU H 343 -41.26 89.57 -27.51
C LEU H 343 -40.36 90.45 -26.66
N ALA H 344 -39.05 90.19 -26.73
CA ALA H 344 -38.08 90.98 -25.98
C ALA H 344 -36.75 90.92 -26.71
N GLY H 345 -35.78 91.66 -26.17
CA GLY H 345 -34.46 91.74 -26.78
C GLY H 345 -34.27 93.04 -27.54
N LYS H 346 -33.45 92.99 -28.60
CA LYS H 346 -33.18 94.17 -29.42
C LYS H 346 -34.34 94.39 -30.39
N ILE H 347 -35.46 94.83 -29.81
CA ILE H 347 -36.71 95.05 -30.56
C ILE H 347 -37.25 96.42 -30.18
N LYS H 348 -38.10 96.97 -31.04
CA LYS H 348 -38.69 98.28 -30.81
C LYS H 348 -39.99 98.19 -30.02
N ASN H 349 -40.99 97.51 -30.58
CA ASN H 349 -42.30 97.37 -29.94
C ASN H 349 -42.35 96.00 -29.27
N GLY H 350 -41.71 95.91 -28.10
CA GLY H 350 -41.68 94.66 -27.37
C GLY H 350 -42.81 94.56 -26.36
N GLY H 351 -43.03 93.35 -25.87
CA GLY H 351 -44.11 93.09 -24.96
C GLY H 351 -44.85 91.83 -25.36
N LEU H 352 -46.07 91.70 -24.88
CA LEU H 352 -46.82 90.44 -25.01
C LEU H 352 -47.65 90.51 -26.28
N VAL H 353 -47.58 89.46 -27.09
CA VAL H 353 -48.26 89.39 -28.39
C VAL H 353 -49.10 88.11 -28.44
N GLU H 354 -50.36 88.26 -28.82
CA GLU H 354 -51.27 87.15 -29.07
C GLU H 354 -51.33 86.90 -30.57
N VAL H 355 -51.11 85.66 -30.99
CA VAL H 355 -51.03 85.37 -32.43
C VAL H 355 -51.71 84.04 -32.71
N PRO H 356 -52.17 83.85 -33.95
CA PRO H 356 -52.44 82.50 -34.43
C PRO H 356 -51.18 81.88 -35.03
N MET H 357 -51.22 80.57 -35.20
CA MET H 357 -50.12 79.82 -35.81
C MET H 357 -50.16 79.92 -37.31
N GLY H 358 -49.04 79.54 -37.94
CA GLY H 358 -48.85 79.67 -39.36
C GLY H 358 -48.33 81.02 -39.79
N MET H 359 -48.36 82.01 -38.91
CA MET H 359 -47.90 83.35 -39.25
C MET H 359 -46.37 83.38 -39.25
N SER H 360 -45.80 83.95 -40.30
CA SER H 360 -44.36 83.91 -40.51
C SER H 360 -43.63 84.73 -39.45
N LEU H 361 -42.41 84.27 -39.13
CA LEU H 361 -41.62 84.93 -38.08
C LEU H 361 -41.22 86.34 -38.48
N ARG H 362 -40.98 86.58 -39.78
CA ARG H 362 -40.66 87.92 -40.23
C ARG H 362 -41.83 88.88 -40.02
N GLU H 363 -43.07 88.37 -40.09
CA GLU H 363 -44.21 89.19 -39.73
C GLU H 363 -44.18 89.56 -38.25
N VAL H 364 -43.83 88.60 -37.39
CA VAL H 364 -43.85 88.84 -35.95
C VAL H 364 -42.76 89.83 -35.56
N ILE H 365 -41.55 89.65 -36.11
CA ILE H 365 -40.42 90.49 -35.71
C ILE H 365 -40.54 91.89 -36.32
N TYR H 366 -40.88 91.99 -37.59
CA TYR H 366 -40.86 93.27 -38.29
C TYR H 366 -42.21 93.99 -38.23
N ASP H 367 -43.27 93.31 -38.68
CA ASP H 367 -44.57 93.98 -38.78
C ASP H 367 -45.18 94.25 -37.42
N ILE H 368 -45.06 93.31 -36.49
CA ILE H 368 -45.64 93.48 -35.16
C ILE H 368 -44.69 94.19 -34.22
N GLY H 369 -43.43 93.76 -34.18
CA GLY H 369 -42.45 94.34 -33.30
C GLY H 369 -41.86 95.65 -33.75
N GLY H 370 -42.21 96.11 -34.96
CA GLY H 370 -41.64 97.33 -35.49
C GLY H 370 -40.25 97.18 -36.08
N GLY H 371 -39.72 95.97 -36.14
CA GLY H 371 -38.38 95.77 -36.66
C GLY H 371 -37.35 95.57 -35.56
N ILE H 372 -36.18 96.13 -35.75
CA ILE H 372 -35.06 96.00 -34.81
C ILE H 372 -34.80 97.34 -34.16
N LEU H 373 -34.53 97.33 -32.86
CA LEU H 373 -34.20 98.54 -32.13
C LEU H 373 -32.94 99.19 -32.71
N ASN H 374 -32.96 100.52 -32.78
CA ASN H 374 -31.91 101.34 -33.40
C ASN H 374 -31.72 101.03 -34.88
N ASP H 375 -32.72 100.40 -35.50
CA ASP H 375 -32.72 100.06 -36.92
C ASP H 375 -31.48 99.24 -37.30
N ARG H 376 -31.08 98.33 -36.42
CA ARG H 376 -29.94 97.47 -36.67
C ARG H 376 -30.35 96.28 -37.53
N GLU H 377 -29.38 95.44 -37.85
CA GLU H 377 -29.61 94.30 -38.73
C GLU H 377 -30.01 93.09 -37.91
N PHE H 378 -31.09 92.43 -38.32
CA PHE H 378 -31.57 91.24 -37.64
C PHE H 378 -30.58 90.10 -37.79
N LYS H 379 -30.32 89.39 -36.69
CA LYS H 379 -29.40 88.25 -36.71
C LYS H 379 -30.10 86.94 -36.39
N ALA H 380 -30.77 86.84 -35.24
CA ALA H 380 -31.36 85.57 -34.84
C ALA H 380 -32.49 85.81 -33.87
N VAL H 381 -33.32 84.78 -33.70
CA VAL H 381 -34.41 84.81 -32.72
C VAL H 381 -34.39 83.51 -31.93
N GLN H 382 -34.49 83.65 -30.60
CA GLN H 382 -34.42 82.52 -29.68
C GLN H 382 -35.83 82.16 -29.22
N MET H 383 -36.13 80.86 -29.26
CA MET H 383 -37.44 80.31 -28.88
C MET H 383 -37.27 79.28 -27.77
N GLY H 384 -38.14 79.37 -26.77
CA GLY H 384 -38.17 78.41 -25.68
C GLY H 384 -37.27 78.73 -24.51
N GLY H 385 -36.56 79.85 -24.54
CA GLY H 385 -35.66 80.21 -23.47
C GLY H 385 -34.45 79.32 -23.41
N PRO H 386 -33.91 79.11 -22.22
CA PRO H 386 -32.70 78.29 -22.07
C PRO H 386 -32.88 76.84 -22.50
N SER H 387 -34.09 76.31 -22.44
CA SER H 387 -34.35 74.95 -22.91
C SER H 387 -34.69 74.90 -24.39
N GLY H 388 -34.83 76.04 -25.05
CA GLY H 388 -35.18 76.11 -26.45
C GLY H 388 -33.96 76.25 -27.35
N GLY H 389 -34.21 76.70 -28.58
CA GLY H 389 -33.18 76.82 -29.58
C GLY H 389 -33.15 78.20 -30.21
N CYS H 390 -32.35 78.30 -31.27
CA CYS H 390 -32.12 79.55 -31.98
C CYS H 390 -32.44 79.36 -33.46
N ILE H 391 -33.04 80.39 -34.06
CA ILE H 391 -33.41 80.41 -35.47
C ILE H 391 -32.66 81.56 -36.13
N PRO H 392 -31.92 81.30 -37.21
CA PRO H 392 -31.04 82.32 -37.78
C PRO H 392 -31.74 83.29 -38.72
N LYS H 393 -30.94 84.13 -39.39
CA LYS H 393 -31.40 85.12 -40.36
C LYS H 393 -31.90 84.50 -41.67
N GLN H 394 -31.70 83.20 -41.88
CA GLN H 394 -32.14 82.60 -43.13
C GLN H 394 -33.48 81.88 -43.01
N LEU H 395 -33.99 81.71 -41.79
CA LEU H 395 -35.27 81.02 -41.58
C LEU H 395 -36.35 81.89 -40.95
N LEU H 396 -36.52 83.14 -41.38
CA LEU H 396 -37.68 83.88 -40.89
C LEU H 396 -38.97 83.47 -41.58
N ASP H 397 -38.89 82.65 -42.63
CA ASP H 397 -40.08 82.22 -43.35
C ASP H 397 -40.72 80.98 -42.73
N THR H 398 -40.17 80.48 -41.63
CA THR H 398 -40.73 79.31 -40.96
C THR H 398 -41.99 79.67 -40.19
N PRO H 399 -43.12 79.01 -40.42
CA PRO H 399 -44.32 79.30 -39.64
C PRO H 399 -44.17 78.83 -38.20
N VAL H 400 -44.88 79.52 -37.30
CA VAL H 400 -44.85 79.15 -35.89
C VAL H 400 -45.84 78.00 -35.66
N ASP H 401 -45.32 76.83 -35.32
CA ASP H 401 -46.13 75.66 -35.01
C ASP H 401 -45.24 74.65 -34.31
N TYR H 402 -45.82 73.54 -33.89
CA TYR H 402 -45.02 72.52 -33.22
C TYR H 402 -44.06 71.83 -34.20
N ASP H 403 -44.56 71.50 -35.39
CA ASP H 403 -43.76 70.70 -36.32
C ASP H 403 -42.62 71.50 -36.92
N SER H 404 -42.88 72.74 -37.36
CA SER H 404 -41.84 73.52 -38.02
C SER H 404 -40.74 73.92 -37.04
N ILE H 405 -41.12 74.33 -35.83
CA ILE H 405 -40.11 74.67 -34.83
C ILE H 405 -39.39 73.42 -34.33
N ASN H 406 -40.07 72.29 -34.28
CA ASN H 406 -39.39 71.03 -33.94
C ASN H 406 -38.42 70.63 -35.04
N LYS H 407 -38.69 71.02 -36.29
CA LYS H 407 -37.82 70.67 -37.40
C LYS H 407 -36.48 71.39 -37.31
N THR H 408 -36.49 72.68 -36.95
CA THR H 408 -35.28 73.48 -36.95
C THR H 408 -34.46 73.31 -35.68
N GLY H 409 -34.76 72.31 -34.85
CA GLY H 409 -33.97 72.01 -33.68
C GLY H 409 -34.35 72.76 -32.43
N ALA H 410 -35.30 73.69 -32.50
CA ALA H 410 -35.74 74.45 -31.34
C ALA H 410 -36.94 73.76 -30.70
N ILE H 411 -37.41 74.34 -29.60
CA ILE H 411 -38.53 73.80 -28.82
C ILE H 411 -39.49 74.94 -28.53
N MET H 412 -40.79 74.67 -28.67
CA MET H 412 -41.80 75.68 -28.38
C MET H 412 -41.72 76.14 -26.93
N GLY H 413 -41.74 75.20 -25.99
CA GLY H 413 -41.58 75.53 -24.58
C GLY H 413 -42.69 76.43 -24.08
N SER H 414 -42.29 77.52 -23.43
CA SER H 414 -43.23 78.53 -22.97
C SER H 414 -43.59 79.56 -24.03
N GLY H 415 -42.90 79.56 -25.16
CA GLY H 415 -43.21 80.52 -26.21
C GLY H 415 -42.69 81.91 -25.95
N GLY H 416 -41.37 82.08 -25.90
CA GLY H 416 -40.75 83.38 -25.70
C GLY H 416 -39.94 83.77 -26.93
N MET H 417 -40.13 85.01 -27.38
CA MET H 417 -39.38 85.56 -28.50
C MET H 417 -38.24 86.38 -27.95
N ILE H 418 -37.01 86.01 -28.30
CA ILE H 418 -35.86 86.86 -28.03
C ILE H 418 -35.24 87.26 -29.35
N VAL H 419 -35.11 88.56 -29.59
CA VAL H 419 -34.54 89.06 -30.85
C VAL H 419 -33.13 89.55 -30.58
N MET H 420 -32.16 89.01 -31.33
CA MET H 420 -30.77 89.42 -31.23
C MET H 420 -30.28 89.91 -32.58
N ASP H 421 -29.59 91.05 -32.57
CA ASP H 421 -29.02 91.68 -33.74
C ASP H 421 -27.54 91.29 -33.90
N GLU H 422 -26.84 91.97 -34.79
CA GLU H 422 -25.46 91.63 -35.11
C GLU H 422 -24.47 91.96 -33.99
N THR H 423 -24.90 92.71 -32.97
CA THR H 423 -24.00 93.09 -31.88
C THR H 423 -24.06 92.11 -30.72
N THR H 424 -24.70 90.96 -30.88
CA THR H 424 -24.73 89.93 -29.85
C THR H 424 -23.83 88.78 -30.27
N CYS H 425 -22.89 88.42 -29.39
CA CYS H 425 -22.05 87.25 -29.60
C CYS H 425 -22.88 86.00 -29.39
N MET H 426 -22.84 85.07 -30.34
CA MET H 426 -23.67 83.88 -30.23
C MET H 426 -23.08 82.87 -29.25
N VAL H 427 -21.75 82.77 -29.19
CA VAL H 427 -21.13 81.83 -28.27
C VAL H 427 -21.37 82.27 -26.82
N ASP H 428 -21.33 83.58 -26.57
CA ASP H 428 -21.69 84.08 -25.25
C ASP H 428 -23.15 83.85 -24.91
N MET H 429 -24.05 83.94 -25.89
CA MET H 429 -25.45 83.61 -25.64
C MET H 429 -25.65 82.14 -25.30
N ALA H 430 -24.95 81.24 -26.01
CA ALA H 430 -24.99 79.83 -25.65
C ALA H 430 -24.43 79.58 -24.26
N ARG H 431 -23.33 80.27 -23.90
CA ARG H 431 -22.76 80.13 -22.57
C ARG H 431 -23.74 80.61 -21.50
N PHE H 432 -24.45 81.72 -21.75
CA PHE H 432 -25.43 82.23 -20.80
C PHE H 432 -26.58 81.25 -20.60
N PHE H 433 -27.11 80.71 -21.71
CA PHE H 433 -28.22 79.77 -21.62
C PHE H 433 -27.81 78.47 -20.95
N LEU H 434 -26.56 78.04 -21.15
CA LEU H 434 -26.10 76.84 -20.49
C LEU H 434 -25.80 77.07 -19.01
N ASP H 435 -25.33 78.28 -18.66
CA ASP H 435 -25.13 78.62 -17.26
C ASP H 435 -26.46 78.62 -16.50
N PHE H 436 -27.54 79.06 -17.14
CA PHE H 436 -28.82 78.98 -16.47
C PHE H 436 -29.23 77.55 -16.16
N THR H 437 -29.05 76.60 -17.08
CA THR H 437 -29.39 75.22 -16.81
C THR H 437 -28.43 74.56 -15.82
N VAL H 438 -27.18 75.01 -15.78
CA VAL H 438 -26.27 74.52 -14.75
C VAL H 438 -26.73 74.95 -13.37
N LYS H 439 -27.17 76.21 -13.24
CA LYS H 439 -27.61 76.69 -11.93
C LYS H 439 -28.96 76.14 -11.51
N GLU H 440 -29.69 75.44 -12.37
CA GLU H 440 -31.04 74.99 -12.06
C GLU H 440 -31.22 73.50 -12.37
N SER H 441 -30.26 72.68 -11.98
CA SER H 441 -30.36 71.23 -12.16
C SER H 441 -30.34 70.56 -10.80
N CYS H 442 -31.26 69.62 -10.59
CA CYS H 442 -31.41 68.99 -9.28
C CYS H 442 -30.23 68.10 -8.92
N GLY H 443 -29.38 67.74 -9.87
CA GLY H 443 -28.22 66.92 -9.58
C GLY H 443 -28.51 65.51 -9.12
N LYS H 444 -29.46 64.84 -9.75
CA LYS H 444 -29.78 63.46 -9.42
C LYS H 444 -29.09 62.48 -10.37
N CYS H 445 -29.37 62.57 -11.66
CA CYS H 445 -28.73 61.73 -12.66
C CYS H 445 -27.39 62.35 -13.04
N ILE H 446 -26.45 61.49 -13.43
CA ILE H 446 -25.07 61.95 -13.57
C ILE H 446 -24.83 62.76 -14.84
N TYR H 447 -25.67 62.57 -15.86
CA TYR H 447 -25.49 63.31 -17.11
C TYR H 447 -25.75 64.80 -16.89
N CYS H 448 -26.94 65.15 -16.44
CA CYS H 448 -27.24 66.54 -16.14
C CYS H 448 -26.47 67.06 -14.94
N ARG H 449 -25.88 66.19 -14.12
CA ARG H 449 -25.12 66.69 -12.97
C ARG H 449 -23.72 67.13 -13.37
N ILE H 450 -23.04 66.33 -14.19
CA ILE H 450 -21.65 66.56 -14.52
C ILE H 450 -21.46 67.08 -15.94
N GLY H 451 -22.12 66.47 -16.92
CA GLY H 451 -21.86 66.80 -18.31
C GLY H 451 -22.28 68.22 -18.67
N THR H 452 -23.38 68.70 -18.09
CA THR H 452 -23.81 70.05 -18.42
C THR H 452 -22.88 71.10 -17.81
N LYS H 453 -22.11 70.75 -16.79
CA LYS H 453 -21.06 71.60 -16.25
C LYS H 453 -19.80 71.51 -17.08
N ARG H 454 -19.50 70.33 -17.61
CA ARG H 454 -18.35 70.18 -18.49
C ARG H 454 -18.52 70.98 -19.78
N MET H 455 -19.71 70.97 -20.36
CA MET H 455 -19.97 71.81 -21.53
C MET H 455 -19.88 73.30 -21.19
N LEU H 456 -20.33 73.69 -20.00
CA LEU H 456 -20.22 75.07 -19.58
C LEU H 456 -18.76 75.49 -19.43
N GLU H 457 -17.92 74.61 -18.89
CA GLU H 457 -16.49 74.90 -18.81
C GLU H 457 -15.88 75.07 -20.19
N ILE H 458 -16.27 74.23 -21.14
CA ILE H 458 -15.79 74.39 -22.51
C ILE H 458 -16.20 75.74 -23.08
N LEU H 459 -17.47 76.13 -22.88
CA LEU H 459 -17.95 77.38 -23.46
C LEU H 459 -17.31 78.60 -22.80
N GLU H 460 -17.12 78.57 -21.48
CA GLU H 460 -16.45 79.69 -20.83
C GLU H 460 -14.98 79.75 -21.18
N ARG H 461 -14.36 78.62 -21.51
CA ARG H 461 -12.98 78.67 -21.98
C ARG H 461 -12.90 79.20 -23.41
N ILE H 462 -13.91 78.93 -24.23
CA ILE H 462 -13.94 79.48 -25.58
C ILE H 462 -14.15 81.00 -25.54
N THR H 463 -15.10 81.47 -24.74
CA THR H 463 -15.43 82.90 -24.70
C THR H 463 -14.40 83.72 -23.94
N THR H 464 -13.25 83.14 -23.58
CA THR H 464 -12.14 83.90 -23.06
C THR H 464 -10.99 84.01 -24.05
N GLY H 465 -10.68 82.94 -24.78
CA GLY H 465 -9.56 82.94 -25.69
C GLY H 465 -8.56 81.85 -25.42
N GLU H 466 -8.96 80.83 -24.65
CA GLU H 466 -8.08 79.70 -24.36
C GLU H 466 -8.61 78.42 -24.98
N GLY H 467 -9.46 78.53 -26.00
CA GLY H 467 -9.95 77.34 -26.68
C GLY H 467 -8.88 76.67 -27.50
N ARG H 468 -9.11 75.40 -27.81
CA ARG H 468 -8.16 74.61 -28.57
C ARG H 468 -8.82 74.01 -29.79
N GLU H 469 -8.09 73.14 -30.50
CA GLU H 469 -8.66 72.48 -31.67
C GLU H 469 -9.45 71.25 -31.23
N GLY H 470 -10.62 71.07 -31.82
CA GLY H 470 -11.47 69.95 -31.51
C GLY H 470 -12.53 70.21 -30.46
N ASP H 471 -12.59 71.43 -29.90
CA ASP H 471 -13.59 71.75 -28.87
C ASP H 471 -15.01 71.60 -29.40
N ILE H 472 -15.20 71.84 -30.69
CA ILE H 472 -16.50 71.60 -31.32
C ILE H 472 -16.86 70.13 -31.24
N GLU H 473 -15.89 69.25 -31.48
CA GLU H 473 -16.17 67.81 -31.42
C GLU H 473 -16.52 67.38 -30.01
N GLU H 474 -15.80 67.89 -29.00
CA GLU H 474 -16.15 67.56 -27.62
C GLU H 474 -17.53 68.09 -27.27
N LEU H 475 -17.88 69.28 -27.77
CA LEU H 475 -19.22 69.82 -27.51
C LEU H 475 -20.30 68.95 -28.12
N GLU H 476 -20.13 68.50 -29.37
CA GLU H 476 -21.14 67.66 -30.01
C GLU H 476 -21.25 66.30 -29.32
N GLU H 477 -20.10 65.70 -28.98
CA GLU H 477 -20.08 64.41 -28.30
C GLU H 477 -20.73 64.48 -26.94
N LEU H 478 -20.53 65.57 -26.21
CA LEU H 478 -21.20 65.73 -24.92
C LEU H 478 -22.69 65.99 -25.10
N SER H 479 -23.05 66.81 -26.09
CA SER H 479 -24.44 67.22 -26.26
C SER H 479 -25.34 66.04 -26.62
N ILE H 480 -24.90 65.21 -27.57
CA ILE H 480 -25.76 64.10 -28.00
C ILE H 480 -25.93 63.09 -26.87
N SER H 481 -24.88 62.90 -26.06
CA SER H 481 -24.94 61.92 -24.97
C SER H 481 -25.79 62.41 -23.82
N ILE H 482 -25.67 63.70 -23.47
CA ILE H 482 -26.50 64.27 -22.42
C ILE H 482 -27.96 64.25 -22.84
N LYS H 483 -28.25 64.56 -24.11
CA LYS H 483 -29.62 64.53 -24.59
C LYS H 483 -30.18 63.12 -24.55
N ASP H 484 -29.37 62.12 -24.91
CA ASP H 484 -29.88 60.75 -24.90
C ASP H 484 -30.10 60.22 -23.48
N GLY H 485 -29.14 60.43 -22.59
CA GLY H 485 -29.12 59.69 -21.34
C GLY H 485 -29.73 60.35 -20.12
N SER H 486 -30.15 61.60 -20.19
CA SER H 486 -30.68 62.29 -19.03
C SER H 486 -32.05 61.75 -18.64
N LEU H 487 -32.27 61.58 -17.34
CA LEU H 487 -33.55 61.09 -16.86
C LEU H 487 -34.65 62.14 -16.91
N CYS H 488 -34.34 63.38 -16.59
CA CYS H 488 -35.32 64.44 -16.49
C CYS H 488 -35.47 65.14 -17.82
N GLY H 489 -36.54 65.93 -17.94
CA GLY H 489 -36.72 66.70 -19.16
C GLY H 489 -35.80 67.90 -19.28
N LEU H 490 -35.21 68.33 -18.16
CA LEU H 490 -34.33 69.49 -18.17
C LEU H 490 -33.01 69.18 -18.87
N GLY H 491 -32.39 68.06 -18.50
CA GLY H 491 -31.13 67.70 -19.11
C GLY H 491 -31.25 67.17 -20.52
N GLN H 492 -32.42 66.63 -20.87
CA GLN H 492 -32.63 66.15 -22.23
C GLN H 492 -32.63 67.32 -23.21
N THR H 493 -33.43 68.34 -22.94
CA THR H 493 -33.36 69.58 -23.72
C THR H 493 -32.47 70.62 -23.05
N ALA H 494 -31.32 70.20 -22.56
CA ALA H 494 -30.30 71.14 -22.08
C ALA H 494 -29.36 71.63 -23.17
N PRO H 495 -28.78 70.78 -24.03
CA PRO H 495 -27.84 71.29 -25.02
C PRO H 495 -28.47 71.79 -26.32
N ASN H 496 -29.78 72.03 -26.33
CA ASN H 496 -30.42 72.59 -27.51
C ASN H 496 -29.86 73.94 -27.95
N PRO H 497 -29.55 74.91 -27.07
CA PRO H 497 -28.88 76.13 -27.55
C PRO H 497 -27.56 75.87 -28.24
N VAL H 498 -26.71 75.02 -27.67
CA VAL H 498 -25.43 74.72 -28.31
C VAL H 498 -25.64 73.98 -29.62
N LEU H 499 -26.56 73.01 -29.64
CA LEU H 499 -26.79 72.23 -30.85
C LEU H 499 -27.40 73.06 -31.97
N THR H 500 -28.17 74.10 -31.64
CA THR H 500 -28.73 74.94 -32.69
C THR H 500 -27.78 76.06 -33.12
N THR H 501 -26.94 76.55 -32.21
CA THR H 501 -25.98 77.59 -32.59
C THR H 501 -24.67 77.01 -33.10
N ILE H 502 -24.52 75.69 -33.12
CA ILE H 502 -23.35 75.08 -33.72
C ILE H 502 -23.59 74.67 -35.18
N ARG H 503 -24.85 74.63 -35.62
CA ARG H 503 -25.16 74.34 -37.01
C ARG H 503 -25.66 75.54 -37.77
N TYR H 504 -26.04 76.62 -37.08
CA TYR H 504 -26.49 77.84 -37.73
C TYR H 504 -25.52 79.00 -37.57
N PHE H 505 -24.57 78.90 -36.65
CA PHE H 505 -23.55 79.92 -36.48
C PHE H 505 -22.20 79.27 -36.22
N ARG H 506 -21.91 78.21 -36.99
CA ARG H 506 -20.66 77.48 -36.81
C ARG H 506 -19.44 78.32 -37.18
N ASP H 507 -19.63 79.31 -38.06
CA ASP H 507 -18.51 80.13 -38.50
C ASP H 507 -17.99 81.05 -37.41
N GLU H 508 -18.79 81.32 -36.37
CA GLU H 508 -18.34 82.19 -35.29
C GLU H 508 -17.60 81.44 -34.20
N TYR H 509 -17.88 80.14 -34.03
CA TYR H 509 -17.10 79.34 -33.10
C TYR H 509 -15.65 79.27 -33.54
N GLU H 510 -15.41 79.07 -34.84
CA GLU H 510 -14.05 79.06 -35.36
C GLU H 510 -13.39 80.42 -35.19
N ALA H 511 -14.15 81.50 -35.38
CA ALA H 511 -13.60 82.83 -35.17
C ALA H 511 -13.19 83.04 -33.72
N HIS H 512 -13.98 82.53 -32.77
CA HIS H 512 -13.59 82.61 -31.37
C HIS H 512 -12.46 81.65 -31.02
N ILE H 513 -12.26 80.60 -31.80
CA ILE H 513 -11.24 79.59 -31.50
C ILE H 513 -9.97 79.81 -32.33
N ARG H 514 -10.11 79.87 -33.65
CA ARG H 514 -8.93 79.94 -34.51
C ARG H 514 -8.38 81.36 -34.60
N ASP H 515 -9.21 82.29 -35.07
CA ASP H 515 -8.80 83.68 -35.21
C ASP H 515 -8.67 84.40 -33.88
N LYS H 516 -9.23 83.84 -32.81
CA LYS H 516 -9.21 84.43 -31.47
C LYS H 516 -9.75 85.86 -31.48
N LYS H 517 -10.81 86.08 -32.24
CA LYS H 517 -11.48 87.38 -32.29
C LYS H 517 -12.97 87.16 -32.34
N CYS H 518 -13.72 88.17 -31.89
CA CYS H 518 -15.16 88.08 -31.73
C CYS H 518 -15.84 88.83 -32.86
N PRO H 519 -16.56 88.17 -33.76
CA PRO H 519 -17.17 88.88 -34.90
C PRO H 519 -18.17 89.95 -34.48
N ALA H 520 -18.93 89.71 -33.40
CA ALA H 520 -19.83 90.73 -32.90
C ALA H 520 -19.12 91.79 -32.08
N LYS H 521 -17.85 91.57 -31.72
CA LYS H 521 -17.03 92.53 -30.98
C LYS H 521 -17.68 92.95 -29.66
N SER H 522 -18.35 92.01 -29.01
CA SER H 522 -18.99 92.24 -27.72
C SER H 522 -18.66 91.11 -26.76
N CYS H 523 -17.43 90.62 -26.84
CA CYS H 523 -17.01 89.40 -26.15
C CYS H 523 -15.67 89.64 -25.47
N LYS H 524 -15.60 90.71 -24.68
CA LYS H 524 -14.55 91.33 -23.87
C LYS H 524 -13.11 90.87 -24.16
N PRO H 525 -12.57 89.73 -23.67
CA PRO H 525 -11.12 89.52 -23.82
C PRO H 525 -10.68 89.21 -25.25
N LEU H 526 -11.61 88.91 -26.15
CA LEU H 526 -11.27 88.57 -27.53
C LEU H 526 -11.32 89.79 -28.44
N LEU H 527 -10.60 90.85 -28.07
CA LEU H 527 -10.68 92.12 -28.78
C LEU H 527 -9.29 92.76 -28.84
N THR H 528 -9.21 93.84 -29.62
CA THR H 528 -8.07 94.74 -29.60
C THR H 528 -8.54 96.11 -30.07
N TYR H 529 -7.80 97.15 -29.66
CA TYR H 529 -8.18 98.54 -29.90
C TYR H 529 -7.08 99.25 -30.68
N THR H 530 -7.48 100.07 -31.65
CA THR H 530 -6.59 100.92 -32.40
C THR H 530 -7.22 102.30 -32.57
N ILE H 531 -6.37 103.30 -32.78
CA ILE H 531 -6.80 104.68 -32.98
C ILE H 531 -6.49 105.06 -34.42
N ASN H 532 -7.51 105.52 -35.15
CA ASN H 532 -7.30 106.02 -36.50
C ASN H 532 -6.74 107.43 -36.43
N GLN H 533 -5.51 107.60 -36.92
CA GLN H 533 -4.83 108.89 -36.81
C GLN H 533 -5.39 109.93 -37.77
N ASP H 534 -6.20 109.51 -38.74
CA ASP H 534 -6.73 110.45 -39.74
C ASP H 534 -8.07 111.04 -39.34
N ASN H 535 -8.92 110.27 -38.66
CA ASN H 535 -10.29 110.69 -38.37
C ASN H 535 -10.51 111.05 -36.91
N CYS H 536 -9.47 111.55 -36.24
CA CYS H 536 -9.60 111.98 -34.86
C CYS H 536 -8.54 113.03 -34.56
N LYS H 537 -8.94 114.12 -33.89
CA LYS H 537 -8.05 115.26 -33.63
C LYS H 537 -8.08 115.61 -32.13
N GLY H 538 -7.27 114.87 -31.36
CA GLY H 538 -6.81 115.24 -30.03
C GLY H 538 -7.71 116.01 -29.07
N CYS H 539 -8.96 115.58 -28.91
CA CYS H 539 -9.82 116.22 -27.91
C CYS H 539 -9.71 115.57 -26.54
N THR H 540 -8.99 114.44 -26.44
CA THR H 540 -8.72 113.75 -25.19
C THR H 540 -10.02 113.40 -24.45
N LEU H 541 -11.08 113.11 -25.21
CA LEU H 541 -12.34 112.73 -24.59
C LEU H 541 -12.29 111.27 -24.12
N CYS H 542 -11.61 110.41 -24.87
CA CYS H 542 -11.50 109.01 -24.50
C CYS H 542 -10.49 108.80 -23.38
N ALA H 543 -9.38 109.53 -23.39
CA ALA H 543 -8.36 109.35 -22.37
C ALA H 543 -8.81 109.90 -21.02
N GLN H 544 -9.66 110.92 -21.03
CA GLN H 544 -10.22 111.42 -19.77
C GLN H 544 -11.21 110.44 -19.16
N LYS H 545 -11.89 109.64 -19.98
CA LYS H 545 -12.87 108.67 -19.51
C LYS H 545 -12.30 107.26 -19.45
N CYS H 546 -10.99 107.14 -19.16
CA CYS H 546 -10.34 105.86 -18.95
C CYS H 546 -9.51 106.01 -17.67
N PRO H 547 -10.09 105.72 -16.49
CA PRO H 547 -9.41 106.07 -15.23
C PRO H 547 -8.28 105.13 -14.84
N VAL H 548 -7.48 104.72 -15.82
CA VAL H 548 -6.18 104.08 -15.59
C VAL H 548 -5.07 104.78 -16.37
N GLN H 549 -5.42 105.57 -17.40
CA GLN H 549 -4.50 106.35 -18.21
C GLN H 549 -3.50 105.46 -18.94
N ALA H 550 -4.07 104.53 -19.71
CA ALA H 550 -3.31 103.71 -20.65
C ALA H 550 -3.25 104.34 -22.03
N ILE H 551 -3.95 105.45 -22.25
CA ILE H 551 -3.94 106.17 -23.52
C ILE H 551 -3.21 107.49 -23.30
N THR H 552 -2.13 107.69 -24.04
CA THR H 552 -1.24 108.83 -23.85
C THR H 552 -1.17 109.67 -25.11
N GLY H 553 -1.18 110.99 -24.93
CA GLY H 553 -1.07 111.89 -26.06
C GLY H 553 -1.29 113.32 -25.62
N GLU H 554 -0.89 114.24 -26.50
CA GLU H 554 -1.03 115.67 -26.25
C GLU H 554 -2.36 116.17 -26.83
N LYS H 555 -2.64 117.45 -26.57
CA LYS H 555 -3.85 118.07 -27.07
C LYS H 555 -3.74 118.31 -28.57
N LYS H 556 -4.88 118.16 -29.26
CA LYS H 556 -5.03 118.37 -30.70
C LYS H 556 -4.14 117.45 -31.53
N LYS H 557 -3.71 116.33 -30.96
CA LYS H 557 -2.93 115.31 -31.65
C LYS H 557 -3.49 113.94 -31.33
N PRO H 558 -3.45 113.00 -32.30
CA PRO H 558 -3.94 111.65 -32.02
C PRO H 558 -3.14 110.96 -30.93
N HIS H 559 -3.83 110.17 -30.11
CA HIS H 559 -3.22 109.52 -28.97
C HIS H 559 -2.80 108.10 -29.32
N VAL H 560 -2.20 107.41 -28.34
CA VAL H 560 -1.70 106.04 -28.52
C VAL H 560 -2.27 105.18 -27.39
N ILE H 561 -2.85 104.04 -27.75
CA ILE H 561 -3.39 103.10 -26.78
C ILE H 561 -2.31 102.10 -26.40
N ASP H 562 -2.01 102.00 -25.11
CA ASP H 562 -1.04 101.02 -24.62
C ASP H 562 -1.77 99.71 -24.38
N GLN H 563 -1.45 98.69 -25.18
CA GLN H 563 -2.16 97.42 -25.11
C GLN H 563 -1.88 96.67 -23.81
N ALA H 564 -0.67 96.83 -23.27
CA ALA H 564 -0.30 96.08 -22.07
C ALA H 564 -0.98 96.60 -20.80
N LEU H 565 -1.57 97.79 -20.84
CA LEU H 565 -2.15 98.41 -19.66
C LEU H 565 -3.66 98.50 -19.72
N CYS H 566 -4.25 98.75 -20.89
CA CYS H 566 -5.70 98.80 -21.02
C CYS H 566 -6.28 97.40 -20.85
N THR H 567 -7.37 97.30 -20.08
CA THR H 567 -8.03 96.03 -19.82
C THR H 567 -9.20 95.77 -20.75
N LYS H 568 -9.37 96.60 -21.79
CA LYS H 568 -10.41 96.43 -22.80
C LYS H 568 -11.81 96.46 -22.19
N CYS H 569 -12.06 97.46 -21.35
CA CYS H 569 -13.35 97.58 -20.69
C CYS H 569 -14.44 97.99 -21.66
N GLY H 570 -14.10 98.82 -22.65
CA GLY H 570 -15.05 99.22 -23.67
C GLY H 570 -15.46 100.68 -23.64
N ASN H 571 -14.97 101.46 -22.68
CA ASN H 571 -15.34 102.87 -22.61
C ASN H 571 -14.46 103.76 -23.49
N CYS H 572 -13.48 103.19 -24.18
CA CYS H 572 -12.65 103.99 -25.08
C CYS H 572 -13.37 104.33 -26.38
N ALA H 573 -14.47 103.64 -26.69
CA ALA H 573 -15.21 103.89 -27.92
C ALA H 573 -16.65 104.33 -27.69
N SER H 574 -17.16 104.24 -26.46
CA SER H 574 -18.55 104.57 -26.19
C SER H 574 -18.83 106.07 -26.21
N VAL H 575 -17.78 106.90 -26.16
CA VAL H 575 -17.94 108.35 -26.06
C VAL H 575 -17.28 109.09 -27.20
N CYS H 576 -16.57 108.41 -28.08
CA CYS H 576 -15.89 109.09 -29.18
C CYS H 576 -16.90 109.51 -30.23
N ARG H 577 -17.03 110.83 -30.45
CA ARG H 577 -18.00 111.35 -31.39
C ARG H 577 -17.56 111.20 -32.84
N LEU H 578 -16.26 111.06 -33.10
CA LEU H 578 -15.76 110.88 -34.45
C LEU H 578 -15.67 109.43 -34.86
N ASP H 579 -15.90 108.49 -33.93
CA ASP H 579 -15.94 107.06 -34.19
C ASP H 579 -14.65 106.54 -34.83
N ALA H 580 -13.51 107.08 -34.41
CA ALA H 580 -12.22 106.66 -34.94
C ALA H 580 -11.57 105.56 -34.11
N VAL H 581 -12.23 105.09 -33.05
CA VAL H 581 -11.71 103.99 -32.23
C VAL H 581 -12.08 102.69 -32.93
N CYS H 582 -11.11 102.08 -33.61
CA CYS H 582 -11.35 100.83 -34.32
C CYS H 582 -11.15 99.66 -33.37
N ILE H 583 -12.09 98.71 -33.41
CA ILE H 583 -12.02 97.51 -32.58
C ILE H 583 -11.88 96.31 -33.50
N GLU H 584 -10.81 95.53 -33.30
CA GLU H 584 -10.52 94.40 -34.16
C GLU H 584 -10.39 93.10 -33.36
N MET I 1 -49.79 32.23 -15.30
CA MET I 1 -48.82 31.15 -15.31
C MET I 1 -48.30 31.09 -16.77
N SER I 2 -48.63 30.03 -17.50
CA SER I 2 -48.34 29.83 -18.92
C SER I 2 -46.88 30.03 -19.29
N LYS I 3 -45.97 29.93 -18.31
CA LYS I 3 -44.53 30.07 -18.53
C LYS I 3 -44.16 31.39 -19.19
N ILE I 4 -44.26 32.49 -18.43
CA ILE I 4 -43.77 33.80 -18.87
C ILE I 4 -42.33 33.64 -19.32
N SER I 5 -42.07 33.93 -20.60
CA SER I 5 -40.76 33.71 -21.20
C SER I 5 -40.36 34.96 -21.96
N ILE I 6 -39.14 35.43 -21.70
CA ILE I 6 -38.61 36.59 -22.39
C ILE I 6 -37.42 36.15 -23.24
N ASN I 7 -37.04 37.01 -24.16
CA ASN I 7 -35.92 36.73 -25.06
C ASN I 7 -34.93 37.87 -24.92
N ILE I 8 -33.82 37.63 -24.25
CA ILE I 8 -32.82 38.66 -24.00
C ILE I 8 -31.51 38.24 -24.62
N ASN I 9 -30.93 39.14 -25.42
CA ASN I 9 -29.58 39.02 -25.94
C ASN I 9 -29.41 37.79 -26.81
N GLY I 10 -30.50 37.36 -27.45
CA GLY I 10 -30.51 36.19 -28.29
C GLY I 10 -31.01 34.92 -27.63
N ARG I 11 -30.96 34.85 -26.30
CA ARG I 11 -31.39 33.64 -25.59
C ARG I 11 -32.85 33.76 -25.16
N GLU I 12 -33.49 32.59 -25.05
CA GLU I 12 -34.85 32.49 -24.55
C GLU I 12 -34.83 31.99 -23.12
N LEU I 13 -35.44 32.74 -22.21
CA LEU I 13 -35.39 32.44 -20.80
C LEU I 13 -36.81 32.41 -20.23
N VAL I 14 -36.99 31.58 -19.20
CA VAL I 14 -38.26 31.45 -18.50
C VAL I 14 -38.10 32.15 -17.15
N VAL I 15 -38.96 33.13 -16.89
CA VAL I 15 -38.84 33.99 -15.72
C VAL I 15 -40.18 34.03 -15.00
N SER I 16 -40.24 34.87 -13.97
CA SER I 16 -41.42 35.04 -13.13
C SER I 16 -41.90 36.48 -13.23
N ALA I 17 -43.22 36.67 -13.22
CA ALA I 17 -43.79 38.00 -13.35
C ALA I 17 -43.48 38.83 -12.11
N GLY I 18 -43.37 40.14 -12.31
CA GLY I 18 -43.11 41.04 -11.20
C GLY I 18 -41.64 41.35 -11.00
N GLN I 19 -40.76 40.47 -11.49
CA GLN I 19 -39.34 40.74 -11.43
C GLN I 19 -38.93 41.78 -12.45
N THR I 20 -37.88 42.51 -12.13
CA THR I 20 -37.27 43.44 -13.08
C THR I 20 -36.45 42.66 -14.10
N ILE I 21 -36.09 43.34 -15.18
CA ILE I 21 -35.22 42.72 -16.19
C ILE I 21 -33.82 42.50 -15.64
N LEU I 22 -33.38 43.36 -14.72
CA LEU I 22 -32.07 43.22 -14.12
C LEU I 22 -31.95 41.92 -13.34
N GLN I 23 -32.94 41.66 -12.48
CA GLN I 23 -32.98 40.42 -11.71
C GLN I 23 -33.11 39.21 -12.61
N ALA I 24 -33.96 39.30 -13.63
CA ALA I 24 -34.20 38.17 -14.52
C ALA I 24 -32.95 37.82 -15.31
N ALA I 25 -32.21 38.82 -15.77
CA ALA I 25 -30.97 38.57 -16.50
C ALA I 25 -29.88 38.04 -15.57
N ALA I 26 -29.82 38.55 -14.34
CA ALA I 26 -28.78 38.08 -13.42
C ALA I 26 -29.06 36.67 -12.92
N GLU I 27 -30.32 36.25 -12.87
CA GLU I 27 -30.64 34.89 -12.47
C GLU I 27 -30.13 33.88 -13.48
N HIS I 28 -30.02 34.27 -14.76
CA HIS I 28 -29.59 33.38 -15.82
C HIS I 28 -28.18 33.69 -16.31
N GLY I 29 -27.38 34.36 -15.49
CA GLY I 29 -26.00 34.64 -15.83
C GLY I 29 -25.79 35.59 -16.99
N ILE I 30 -26.56 36.67 -17.05
CA ILE I 30 -26.33 37.76 -17.99
C ILE I 30 -26.03 39.01 -17.17
N GLU I 31 -24.88 39.63 -17.43
CA GLU I 31 -24.38 40.71 -16.60
C GLU I 31 -24.78 42.05 -17.22
N ILE I 32 -25.52 42.85 -16.45
CA ILE I 32 -25.89 44.21 -16.82
C ILE I 32 -25.33 45.12 -15.75
N PRO I 33 -24.59 46.17 -16.11
CA PRO I 33 -24.04 47.08 -15.10
C PRO I 33 -25.13 47.82 -14.36
N HIS I 34 -24.86 48.07 -13.07
CA HIS I 34 -25.76 48.86 -12.25
C HIS I 34 -24.97 49.40 -11.06
N LEU I 35 -25.33 50.58 -10.61
CA LEU I 35 -24.71 51.18 -9.44
C LEU I 35 -25.72 51.58 -8.38
N CYS I 36 -26.90 52.04 -8.78
CA CYS I 36 -27.90 52.58 -7.85
C CYS I 36 -29.07 51.63 -7.63
N HIS I 37 -28.91 50.34 -7.89
CA HIS I 37 -30.01 49.39 -7.78
C HIS I 37 -29.83 48.53 -6.54
N ASP I 38 -30.86 48.51 -5.70
CA ASP I 38 -30.98 47.55 -4.61
C ASP I 38 -32.35 46.91 -4.70
N GLU I 39 -32.38 45.58 -4.71
CA GLU I 39 -33.61 44.84 -4.98
C GLU I 39 -34.60 44.87 -3.83
N ARG I 40 -34.22 45.38 -2.68
CA ARG I 40 -35.07 45.41 -1.49
C ARG I 40 -35.73 46.77 -1.27
N ILE I 41 -35.44 47.77 -2.09
CA ILE I 41 -36.05 49.08 -2.00
C ILE I 41 -36.50 49.50 -3.39
N GLN I 42 -37.10 50.69 -3.47
CA GLN I 42 -37.67 51.17 -4.71
C GLN I 42 -36.58 51.56 -5.72
N PRO I 43 -36.88 51.56 -7.01
CA PRO I 43 -35.93 52.07 -8.00
C PRO I 43 -35.70 53.57 -7.86
N TYR I 44 -34.52 54.01 -8.30
CA TYR I 44 -34.10 55.41 -8.22
C TYR I 44 -33.85 56.03 -9.58
N GLY I 45 -33.04 55.38 -10.41
CA GLY I 45 -32.71 55.94 -11.71
C GLY I 45 -31.68 57.05 -11.69
N ALA I 46 -30.58 56.87 -10.98
CA ALA I 46 -29.55 57.89 -10.95
C ALA I 46 -28.42 57.64 -11.91
N CYS I 47 -27.80 56.46 -11.86
CA CYS I 47 -26.61 56.20 -12.67
C CYS I 47 -26.95 56.08 -14.16
N GLY I 48 -27.98 55.30 -14.47
CA GLY I 48 -28.31 55.06 -15.87
C GLY I 48 -27.47 54.01 -16.54
N LEU I 49 -26.77 53.17 -15.78
CA LEU I 49 -25.92 52.15 -16.37
C LEU I 49 -26.68 50.90 -16.76
N CYS I 50 -27.93 50.76 -16.33
CA CYS I 50 -28.70 49.54 -16.58
C CYS I 50 -29.56 49.64 -17.83
N VAL I 51 -29.20 50.50 -18.76
CA VAL I 51 -30.04 50.74 -19.93
C VAL I 51 -29.93 49.57 -20.89
N VAL I 52 -31.07 49.12 -21.40
CA VAL I 52 -31.13 48.10 -22.43
C VAL I 52 -32.03 48.63 -23.55
N GLU I 53 -31.98 47.95 -24.69
CA GLU I 53 -32.87 48.25 -25.80
C GLU I 53 -33.97 47.19 -25.84
N VAL I 54 -35.23 47.63 -25.84
CA VAL I 54 -36.38 46.75 -25.88
C VAL I 54 -37.18 47.07 -27.13
N GLU I 55 -37.53 46.03 -27.90
CA GLU I 55 -38.26 46.23 -29.13
C GLU I 55 -39.64 46.82 -28.86
N GLY I 56 -40.03 47.78 -29.70
CA GLY I 56 -41.25 48.53 -29.49
C GLY I 56 -41.08 49.81 -28.71
N SER I 57 -39.89 50.08 -28.18
CA SER I 57 -39.60 51.28 -27.43
C SER I 57 -38.61 52.14 -28.19
N PRO I 58 -38.91 53.41 -28.48
CA PRO I 58 -37.96 54.25 -29.21
C PRO I 58 -36.69 54.58 -28.44
N LYS I 59 -36.76 54.67 -27.12
CA LYS I 59 -35.62 55.07 -26.30
C LYS I 59 -35.21 53.93 -25.39
N LEU I 60 -33.97 54.01 -24.89
CA LEU I 60 -33.45 52.99 -24.01
C LEU I 60 -34.22 52.98 -22.69
N VAL I 61 -34.52 51.79 -22.19
CA VAL I 61 -35.25 51.63 -20.95
C VAL I 61 -34.29 51.18 -19.87
N ARG I 62 -34.61 51.53 -18.63
CA ARG I 62 -33.78 51.18 -17.49
C ARG I 62 -34.26 49.84 -16.94
N SER I 63 -33.43 48.81 -17.08
CA SER I 63 -33.82 47.46 -16.68
C SER I 63 -33.99 47.31 -15.18
N CYS I 64 -33.55 48.28 -14.38
CA CYS I 64 -33.77 48.24 -12.94
C CYS I 64 -35.17 48.69 -12.56
N ALA I 65 -35.92 49.26 -13.49
CA ALA I 65 -37.21 49.84 -13.16
C ALA I 65 -38.35 49.33 -14.02
N THR I 66 -38.09 48.40 -14.95
CA THR I 66 -39.13 47.82 -15.79
C THR I 66 -39.27 46.34 -15.48
N SER I 67 -40.49 45.92 -15.18
CA SER I 67 -40.78 44.53 -14.87
C SER I 67 -40.92 43.73 -16.16
N VAL I 68 -40.64 42.43 -16.06
CA VAL I 68 -40.70 41.56 -17.23
C VAL I 68 -42.16 41.33 -17.62
N GLN I 69 -42.38 41.24 -18.93
CA GLN I 69 -43.66 40.84 -19.51
C GLN I 69 -43.43 39.58 -20.33
N ASN I 70 -44.47 39.17 -21.04
CA ASN I 70 -44.36 37.98 -21.87
C ASN I 70 -43.92 38.34 -23.28
N GLY I 71 -42.91 37.64 -23.78
CA GLY I 71 -42.50 37.75 -25.17
C GLY I 71 -41.95 39.10 -25.58
N GLN I 72 -41.06 39.67 -24.78
CA GLN I 72 -40.40 40.91 -25.12
C GLN I 72 -38.93 40.67 -25.41
N VAL I 73 -38.41 41.35 -26.43
CA VAL I 73 -37.09 41.10 -26.97
C VAL I 73 -36.15 42.20 -26.49
N ILE I 74 -35.08 41.80 -25.80
CA ILE I 74 -34.19 42.72 -25.11
C ILE I 74 -32.76 42.50 -25.62
N ARG I 75 -32.04 43.58 -25.82
CA ARG I 75 -30.63 43.54 -26.17
C ARG I 75 -29.86 44.44 -25.22
N THR I 76 -28.77 43.92 -24.64
CA THR I 76 -28.01 44.66 -23.66
C THR I 76 -26.62 45.08 -24.13
N ASP I 77 -26.19 44.65 -25.31
CA ASP I 77 -24.83 44.88 -25.77
C ASP I 77 -24.81 45.54 -27.14
N THR I 78 -25.70 46.50 -27.36
CA THR I 78 -25.74 47.18 -28.64
C THR I 78 -24.70 48.31 -28.65
N SER I 79 -24.69 49.08 -29.75
CA SER I 79 -23.81 50.23 -29.81
C SER I 79 -24.31 51.35 -28.90
N ARG I 80 -25.63 51.56 -28.86
CA ARG I 80 -26.19 52.66 -28.08
C ARG I 80 -25.99 52.45 -26.58
N THR I 81 -26.24 51.24 -26.08
CA THR I 81 -26.07 50.98 -24.65
C THR I 81 -24.61 51.08 -24.24
N VAL I 82 -23.70 50.56 -25.07
CA VAL I 82 -22.28 50.63 -24.75
C VAL I 82 -21.79 52.07 -24.76
N VAL I 83 -22.26 52.87 -25.73
CA VAL I 83 -21.89 54.28 -25.80
C VAL I 83 -22.40 55.02 -24.57
N ALA I 84 -23.65 54.75 -24.17
CA ALA I 84 -24.22 55.44 -23.01
C ALA I 84 -23.48 55.06 -21.73
N ARG I 85 -23.13 53.79 -21.57
CA ARG I 85 -22.40 53.36 -20.38
C ARG I 85 -21.00 53.93 -20.34
N LYS I 86 -20.31 53.98 -21.49
CA LYS I 86 -18.97 54.56 -21.53
C LYS I 86 -19.00 56.05 -21.23
N THR I 87 -19.99 56.77 -21.76
CA THR I 87 -20.09 58.19 -21.46
C THR I 87 -20.38 58.42 -19.97
N ALA I 88 -21.28 57.62 -19.39
CA ALA I 88 -21.57 57.76 -17.97
C ALA I 88 -20.34 57.48 -17.11
N LEU I 89 -19.58 56.43 -17.46
CA LEU I 89 -18.39 56.11 -16.69
C LEU I 89 -17.30 57.15 -16.85
N GLN I 90 -17.17 57.75 -18.04
CA GLN I 90 -16.22 58.84 -18.23
C GLN I 90 -16.59 60.05 -17.38
N LEU I 91 -17.88 60.38 -17.33
CA LEU I 91 -18.32 61.50 -16.49
C LEU I 91 -18.10 61.20 -15.01
N LEU I 92 -18.29 59.93 -14.60
CA LEU I 92 -18.05 59.58 -13.21
C LEU I 92 -16.56 59.62 -12.87
N ALA I 93 -15.70 59.13 -13.77
CA ALA I 93 -14.27 59.17 -13.56
C ALA I 93 -13.71 60.58 -13.66
N SER I 94 -14.48 61.52 -14.19
CA SER I 94 -14.11 62.92 -14.19
C SER I 94 -14.15 63.55 -12.82
N ASP I 95 -14.69 62.87 -11.79
CA ASP I 95 -14.91 63.46 -10.48
C ASP I 95 -14.35 62.65 -9.32
N HIS I 96 -13.53 61.66 -9.57
CA HIS I 96 -13.13 60.69 -8.55
C HIS I 96 -11.70 60.95 -8.12
N ARG I 97 -11.47 61.06 -6.82
CA ARG I 97 -10.13 61.19 -6.26
C ARG I 97 -9.85 59.99 -5.39
N GLY I 98 -8.78 59.27 -5.69
CA GLY I 98 -8.39 58.16 -4.84
C GLY I 98 -7.27 57.37 -5.47
N ASP I 99 -6.65 56.53 -4.63
CA ASP I 99 -5.64 55.58 -5.06
C ASP I 99 -6.29 54.20 -5.05
N CYS I 100 -6.50 53.62 -6.23
CA CYS I 100 -6.97 52.24 -6.26
C CYS I 100 -5.92 51.29 -5.70
N ARG I 101 -4.65 51.53 -6.05
CA ARG I 101 -3.53 50.73 -5.60
C ARG I 101 -2.43 51.65 -5.09
N PRO I 102 -1.68 51.23 -4.08
CA PRO I 102 -0.70 52.10 -3.45
C PRO I 102 0.49 52.37 -4.36
N PRO I 103 1.25 53.43 -4.11
CA PRO I 103 2.43 53.69 -4.95
C PRO I 103 3.48 52.60 -4.92
N CYS I 104 3.64 51.93 -3.77
CA CYS I 104 4.63 50.87 -3.63
C CYS I 104 4.33 49.71 -4.57
N MET I 105 3.06 49.36 -4.71
CA MET I 105 2.70 48.25 -5.59
C MET I 105 2.85 48.63 -7.05
N LEU I 106 2.45 49.86 -7.41
CA LEU I 106 2.54 50.28 -8.80
C LEU I 106 3.98 50.50 -9.25
N ALA I 107 4.90 50.71 -8.31
CA ALA I 107 6.31 50.82 -8.68
C ALA I 107 6.98 49.46 -8.85
N CYS I 108 6.43 48.39 -8.29
CA CYS I 108 7.01 47.07 -8.47
C CYS I 108 6.78 46.59 -9.90
N PRO I 109 7.78 46.05 -10.58
CA PRO I 109 7.55 45.49 -11.93
C PRO I 109 6.57 44.33 -11.97
N ALA I 110 6.52 43.49 -10.94
CA ALA I 110 5.59 42.37 -10.91
C ALA I 110 4.25 42.72 -10.28
N GLN I 111 4.08 43.96 -9.83
CA GLN I 111 2.83 44.44 -9.20
C GLN I 111 2.45 43.58 -7.99
N THR I 112 3.43 43.25 -7.18
CA THR I 112 3.17 42.54 -5.93
C THR I 112 2.45 43.45 -4.95
N ASP I 113 1.45 42.90 -4.26
CA ASP I 113 0.67 43.69 -3.32
C ASP I 113 1.47 43.98 -2.06
N CYS I 114 2.29 45.04 -2.08
CA CYS I 114 3.16 45.34 -0.95
C CYS I 114 2.38 45.73 0.29
N GLN I 115 1.33 46.53 0.11
CA GLN I 115 0.51 46.95 1.24
C GLN I 115 -0.15 45.76 1.92
N GLY I 116 -0.60 44.80 1.13
CA GLY I 116 -1.26 43.62 1.66
C GLY I 116 -0.40 42.79 2.57
N TYR I 117 0.80 42.39 2.13
CA TYR I 117 1.60 41.56 3.03
C TYR I 117 2.32 42.37 4.09
N VAL I 118 2.60 43.67 3.87
CA VAL I 118 3.10 44.49 4.96
C VAL I 118 2.06 44.58 6.07
N GLY I 119 0.80 44.82 5.71
CA GLY I 119 -0.25 44.90 6.70
C GLY I 119 -0.67 43.57 7.29
N LEU I 120 -0.38 42.47 6.58
CA LEU I 120 -0.60 41.15 7.19
C LEU I 120 0.51 40.82 8.20
N ILE I 121 1.74 41.25 7.92
CA ILE I 121 2.80 41.12 8.92
C ILE I 121 2.49 41.96 10.14
N ALA I 122 1.92 43.16 9.93
CA ALA I 122 1.53 44.01 11.05
C ALA I 122 0.46 43.37 11.93
N ASN I 123 -0.30 42.42 11.41
CA ASN I 123 -1.31 41.70 12.20
C ASN I 123 -0.78 40.39 12.78
N GLY I 124 0.48 40.04 12.52
CA GLY I 124 1.04 38.82 13.04
C GLY I 124 0.75 37.58 12.23
N GLN I 125 0.21 37.71 11.02
CA GLN I 125 -0.09 36.57 10.16
C GLN I 125 0.99 36.46 9.10
N TYR I 126 1.85 35.44 9.24
CA TYR I 126 2.97 35.26 8.31
C TYR I 126 2.71 34.24 7.23
N GLU I 127 1.93 33.19 7.53
CA GLU I 127 1.56 32.25 6.47
C GLU I 127 0.68 32.93 5.43
N GLU I 128 -0.23 33.79 5.87
CA GLU I 128 -1.05 34.56 4.93
C GLU I 128 -0.22 35.53 4.10
N ALA I 129 0.79 36.15 4.73
CA ALA I 129 1.67 37.04 3.99
C ALA I 129 2.45 36.29 2.93
N LEU I 130 2.94 35.10 3.26
CA LEU I 130 3.60 34.29 2.23
C LEU I 130 2.65 33.84 1.14
N LYS I 131 1.42 33.47 1.50
CA LYS I 131 0.44 33.09 0.49
C LYS I 131 0.17 34.26 -0.46
N LEU I 132 0.16 35.48 0.07
CA LEU I 132 -0.02 36.65 -0.78
C LEU I 132 1.20 36.90 -1.67
N ILE I 133 2.40 36.71 -1.13
CA ILE I 133 3.61 36.95 -1.92
C ILE I 133 3.74 35.93 -3.05
N LYS I 134 3.43 34.66 -2.76
CA LYS I 134 3.62 33.58 -3.71
C LYS I 134 2.64 33.61 -4.88
N ASP I 135 1.66 34.51 -4.87
CA ASP I 135 0.79 34.69 -6.02
C ASP I 135 1.51 35.33 -7.20
N LYS I 136 2.72 35.84 -7.01
CA LYS I 136 3.46 36.51 -8.07
C LYS I 136 4.81 35.88 -8.37
N MET I 137 5.53 35.38 -7.37
CA MET I 137 6.81 34.76 -7.63
C MET I 137 6.91 33.43 -6.89
N PRO I 138 7.70 32.49 -7.41
CA PRO I 138 7.93 31.22 -6.70
C PRO I 138 9.10 31.23 -5.73
N ILE I 139 9.94 32.25 -5.78
CA ILE I 139 11.18 32.28 -5.01
C ILE I 139 11.29 33.59 -4.24
N PRO I 140 10.48 33.82 -3.20
CA PRO I 140 10.46 35.16 -2.59
C PRO I 140 11.64 35.48 -1.69
N ALA I 141 12.32 34.48 -1.11
CA ALA I 141 13.43 34.79 -0.21
C ALA I 141 14.63 35.36 -0.98
N SER I 142 14.98 34.74 -2.11
CA SER I 142 16.07 35.23 -2.93
C SER I 142 15.79 36.63 -3.47
N ILE I 143 14.58 36.84 -3.97
CA ILE I 143 14.22 38.14 -4.53
C ILE I 143 14.18 39.20 -3.44
N GLY I 144 13.65 38.87 -2.27
CA GLY I 144 13.70 39.82 -1.17
C GLY I 144 15.11 40.12 -0.72
N LYS I 145 16.02 39.16 -0.89
CA LYS I 145 17.40 39.38 -0.49
C LYS I 145 18.15 40.28 -1.47
N ILE I 146 17.85 40.18 -2.77
CA ILE I 146 18.70 40.80 -3.78
C ILE I 146 18.01 41.90 -4.57
N CYS I 147 16.75 42.22 -4.29
CA CYS I 147 16.04 43.18 -5.13
C CYS I 147 16.58 44.59 -4.91
N PRO I 148 16.69 45.40 -5.97
CA PRO I 148 17.04 46.81 -5.79
C PRO I 148 15.88 47.69 -5.35
N HIS I 149 14.72 47.07 -5.09
CA HIS I 149 13.47 47.62 -4.56
C HIS I 149 13.09 48.97 -5.16
N PRO I 150 12.56 49.01 -6.38
CA PRO I 150 11.90 50.22 -6.87
C PRO I 150 10.69 50.61 -6.03
N CYS I 151 10.09 49.67 -5.30
CA CYS I 151 8.90 49.95 -4.52
C CYS I 151 9.21 50.92 -3.38
N GLU I 152 10.38 50.79 -2.76
CA GLU I 152 10.73 51.65 -1.65
C GLU I 152 11.06 53.07 -2.10
N THR I 153 11.37 53.27 -3.38
CA THR I 153 11.57 54.61 -3.90
C THR I 153 10.27 55.38 -3.95
N ALA I 154 9.18 54.70 -4.29
CA ALA I 154 7.88 55.33 -4.44
C ALA I 154 7.05 55.31 -3.16
N CYS I 155 7.60 54.78 -2.07
CA CYS I 155 6.86 54.71 -0.82
C CYS I 155 6.57 56.11 -0.29
N ARG I 156 5.33 56.33 0.14
CA ARG I 156 4.91 57.63 0.64
C ARG I 156 5.41 57.92 2.05
N ARG I 157 5.86 56.89 2.78
CA ARG I 157 6.52 57.14 4.06
C ARG I 157 7.79 57.95 3.89
N GLU I 158 8.34 58.00 2.68
CA GLU I 158 9.46 58.88 2.39
C GLU I 158 9.13 60.35 2.63
N LEU I 159 7.85 60.72 2.60
CA LEU I 159 7.46 62.10 2.86
C LEU I 159 7.45 62.44 4.33
N VAL I 160 7.54 61.45 5.21
CA VAL I 160 7.63 61.67 6.65
C VAL I 160 9.05 61.47 7.15
N GLU I 161 9.68 60.38 6.73
CA GLU I 161 10.98 59.93 7.19
C GLU I 161 11.51 58.99 6.10
N GLU I 162 12.44 58.12 6.46
CA GLU I 162 12.82 57.07 5.53
C GLU I 162 11.70 56.04 5.38
N PRO I 163 11.59 55.37 4.21
CA PRO I 163 10.41 54.54 3.93
C PRO I 163 10.37 53.18 4.61
N ILE I 164 9.39 52.36 4.23
CA ILE I 164 9.21 51.03 4.79
C ILE I 164 10.17 50.06 4.13
N SER I 165 10.71 49.12 4.91
CA SER I 165 11.65 48.12 4.41
C SER I 165 10.89 46.93 3.86
N ILE I 166 10.44 47.08 2.61
CA ILE I 166 9.53 46.10 2.02
C ILE I 166 10.27 44.80 1.70
N ALA I 167 11.46 44.91 1.12
CA ALA I 167 12.20 43.73 0.71
C ALA I 167 12.66 42.90 1.91
N GLN I 168 13.05 43.57 2.99
CA GLN I 168 13.47 42.86 4.19
C GLN I 168 12.30 42.09 4.81
N LEU I 169 11.12 42.70 4.84
CA LEU I 169 9.94 42.01 5.36
C LEU I 169 9.58 40.80 4.52
N LYS I 170 9.67 40.94 3.19
CA LYS I 170 9.37 39.80 2.32
C LYS I 170 10.37 38.66 2.54
N SER I 171 11.66 38.99 2.66
CA SER I 171 12.66 37.97 2.92
C SER I 171 12.42 37.28 4.26
N PHE I 172 12.04 38.07 5.28
CA PHE I 172 11.75 37.50 6.59
C PHE I 172 10.62 36.49 6.53
N VAL I 173 9.51 36.87 5.88
CA VAL I 173 8.36 35.97 5.80
C VAL I 173 8.70 34.71 5.01
N ALA I 174 9.40 34.87 3.89
CA ALA I 174 9.74 33.73 3.06
C ALA I 174 10.65 32.74 3.79
N GLU I 175 11.65 33.26 4.52
CA GLU I 175 12.53 32.34 5.24
C GLU I 175 11.87 31.71 6.45
N VAL I 176 10.99 32.46 7.14
CA VAL I 176 10.26 31.90 8.26
C VAL I 176 9.37 30.76 7.82
N ASP I 177 8.72 30.90 6.67
CA ASP I 177 7.86 29.82 6.22
C ASP I 177 8.59 28.75 5.40
N LEU I 178 9.85 28.99 5.00
CA LEU I 178 10.68 27.88 4.53
C LEU I 178 11.15 27.02 5.69
N ASN I 179 11.53 27.64 6.80
CA ASN I 179 12.04 26.89 7.95
C ASN I 179 10.93 26.23 8.76
N GLY I 180 9.66 26.47 8.42
CA GLY I 180 8.57 25.82 9.10
C GLY I 180 7.76 24.91 8.21
N ASN I 181 6.46 25.15 8.11
CA ASN I 181 5.57 24.35 7.27
C ASN I 181 5.56 24.95 5.87
N GLN I 182 6.11 24.21 4.90
CA GLN I 182 6.24 24.73 3.55
C GLN I 182 4.89 24.74 2.84
N TYR I 183 4.61 25.83 2.15
CA TYR I 183 3.30 26.08 1.55
C TYR I 183 3.32 25.67 0.09
N GLN I 184 2.33 24.87 -0.31
CA GLN I 184 2.17 24.47 -1.69
C GLN I 184 0.81 24.95 -2.20
N PRO I 185 0.77 25.75 -3.25
CA PRO I 185 -0.50 26.32 -3.71
C PRO I 185 -1.37 25.27 -4.36
N PRO I 186 -2.69 25.46 -4.36
CA PRO I 186 -3.58 24.51 -5.05
C PRO I 186 -3.36 24.52 -6.55
N MET I 187 -3.55 23.34 -7.15
CA MET I 187 -3.27 23.12 -8.56
C MET I 187 -4.53 22.64 -9.27
N LYS I 188 -4.72 23.11 -10.50
CA LYS I 188 -5.87 22.70 -11.28
C LYS I 188 -5.71 21.25 -11.74
N PRO I 189 -6.82 20.57 -12.05
CA PRO I 189 -6.72 19.19 -12.55
C PRO I 189 -5.96 19.13 -13.87
N ALA I 190 -5.31 17.99 -14.10
CA ALA I 190 -4.41 17.84 -15.23
C ALA I 190 -5.15 17.99 -16.55
N THR I 191 -4.57 18.79 -17.45
CA THR I 191 -5.17 19.10 -18.73
C THR I 191 -4.70 18.19 -19.86
N GLY I 192 -3.60 17.48 -19.68
CA GLY I 192 -3.05 16.65 -20.73
C GLY I 192 -2.15 17.36 -21.71
N LYS I 193 -1.77 18.60 -21.42
CA LYS I 193 -0.88 19.37 -22.28
C LYS I 193 0.55 19.30 -21.76
N LYS I 194 1.50 19.62 -22.65
CA LYS I 194 2.92 19.56 -22.32
C LYS I 194 3.61 20.85 -22.75
N VAL I 195 4.37 21.44 -21.83
CA VAL I 195 5.12 22.66 -22.08
C VAL I 195 6.57 22.38 -21.75
N ALA I 196 7.47 22.78 -22.66
CA ALA I 196 8.90 22.68 -22.43
C ALA I 196 9.46 24.07 -22.20
N VAL I 197 10.17 24.25 -21.09
CA VAL I 197 10.79 25.51 -20.72
C VAL I 197 12.29 25.35 -20.84
N VAL I 198 12.93 26.27 -21.55
CA VAL I 198 14.36 26.19 -21.81
C VAL I 198 15.06 27.20 -20.92
N GLY I 199 15.76 26.72 -19.90
CA GLY I 199 16.42 27.57 -18.94
C GLY I 199 15.70 27.51 -17.61
N ALA I 200 16.48 27.54 -16.53
CA ALA I 200 15.94 27.50 -15.18
C ALA I 200 16.38 28.72 -14.38
N GLY I 201 16.37 29.89 -15.01
CA GLY I 201 16.60 31.13 -14.32
C GLY I 201 15.31 31.61 -13.69
N PRO I 202 15.27 32.86 -13.24
CA PRO I 202 14.01 33.40 -12.69
C PRO I 202 12.82 33.34 -13.66
N ALA I 203 13.04 33.65 -14.94
CA ALA I 203 11.94 33.67 -15.90
C ALA I 203 11.42 32.27 -16.17
N GLY I 204 12.32 31.32 -16.43
CA GLY I 204 11.90 29.96 -16.71
C GLY I 204 11.26 29.29 -15.51
N LEU I 205 11.82 29.50 -14.33
CA LEU I 205 11.23 28.93 -13.12
C LEU I 205 9.86 29.53 -12.84
N THR I 206 9.69 30.83 -13.06
CA THR I 206 8.38 31.45 -12.85
C THR I 206 7.35 30.94 -13.85
N ALA I 207 7.74 30.82 -15.12
CA ALA I 207 6.82 30.31 -16.13
C ALA I 207 6.42 28.87 -15.83
N ALA I 208 7.37 28.04 -15.41
CA ALA I 208 7.05 26.68 -15.03
C ALA I 208 6.15 26.62 -13.80
N TYR I 209 6.40 27.50 -12.83
CA TYR I 209 5.60 27.54 -11.61
C TYR I 209 4.16 27.92 -11.92
N PHE I 210 3.96 28.86 -12.84
CA PHE I 210 2.61 29.32 -13.14
C PHE I 210 1.93 28.52 -14.23
N LEU I 211 2.66 27.66 -14.94
CA LEU I 211 2.01 26.72 -15.84
C LEU I 211 1.71 25.40 -15.17
N ALA I 212 2.47 25.03 -14.14
CA ALA I 212 2.11 23.86 -13.36
C ALA I 212 0.87 24.12 -12.53
N ARG I 213 0.69 25.33 -12.04
CA ARG I 213 -0.53 25.68 -11.29
C ARG I 213 -1.76 25.76 -12.17
N ASP I 214 -1.61 25.73 -13.49
CA ASP I 214 -2.74 25.67 -14.41
C ASP I 214 -3.09 24.24 -14.80
N GLY I 215 -2.37 23.25 -14.30
CA GLY I 215 -2.65 21.87 -14.59
C GLY I 215 -1.81 21.25 -15.69
N HIS I 216 -0.93 22.02 -16.32
CA HIS I 216 -0.10 21.49 -17.40
C HIS I 216 1.08 20.72 -16.83
N LYS I 217 1.72 19.95 -17.70
CA LYS I 217 2.94 19.22 -17.36
C LYS I 217 4.13 19.96 -17.94
N VAL I 218 5.05 20.37 -17.06
CA VAL I 218 6.15 21.25 -17.44
C VAL I 218 7.46 20.49 -17.27
N VAL I 219 8.34 20.61 -18.25
CA VAL I 219 9.69 20.09 -18.21
C VAL I 219 10.65 21.24 -18.47
N ILE I 220 11.69 21.35 -17.64
CA ILE I 220 12.66 22.42 -17.75
C ILE I 220 13.98 21.85 -18.25
N TYR I 221 14.54 22.45 -19.28
CA TYR I 221 15.84 22.05 -19.85
C TYR I 221 16.87 23.11 -19.49
N GLU I 222 17.82 22.74 -18.63
CA GLU I 222 18.83 23.66 -18.13
C GLU I 222 20.20 23.19 -18.58
N ALA I 223 21.03 24.12 -19.02
CA ALA I 223 22.35 23.78 -19.56
C ALA I 223 23.41 23.60 -18.47
N MET I 224 23.08 23.88 -17.22
CA MET I 224 24.02 23.96 -16.12
C MET I 224 23.73 22.86 -15.10
N PRO I 225 24.74 22.48 -14.29
CA PRO I 225 24.50 21.39 -13.32
C PRO I 225 23.41 21.68 -12.30
N HIS I 226 23.19 22.94 -11.96
CA HIS I 226 22.27 23.33 -10.91
C HIS I 226 21.37 24.44 -11.40
N PRO I 227 20.14 24.53 -10.88
CA PRO I 227 19.21 25.56 -11.34
C PRO I 227 19.40 26.87 -10.59
N GLY I 228 18.93 27.94 -11.22
CA GLY I 228 19.00 29.25 -10.61
C GLY I 228 19.37 30.35 -11.58
N GLY I 229 20.17 30.03 -12.60
CA GLY I 229 20.56 31.02 -13.57
C GLY I 229 21.60 31.97 -13.04
N MET I 230 21.50 33.25 -13.41
CA MET I 230 22.44 34.25 -12.90
C MET I 230 22.27 34.52 -11.42
N LEU I 231 21.18 34.04 -10.81
CA LEU I 231 21.08 34.08 -9.35
C LEU I 231 22.05 33.14 -8.69
N ARG I 232 22.52 32.12 -9.40
CA ARG I 232 23.49 31.19 -8.87
C ARG I 232 24.90 31.43 -9.40
N TYR I 233 25.03 31.76 -10.67
CA TYR I 233 26.34 31.91 -11.30
C TYR I 233 26.72 33.36 -11.56
N GLY I 234 25.92 34.32 -11.09
CA GLY I 234 26.35 35.70 -11.13
C GLY I 234 26.28 36.42 -9.81
N ILE I 235 25.34 36.04 -8.96
CA ILE I 235 25.20 36.66 -7.65
C ILE I 235 26.21 35.99 -6.72
N PRO I 236 27.05 36.75 -6.03
CA PRO I 236 28.04 36.13 -5.15
C PRO I 236 27.39 35.50 -3.94
N GLN I 237 28.13 34.56 -3.34
CA GLN I 237 27.58 33.77 -2.24
C GLN I 237 27.30 34.61 -1.01
N TYR I 238 28.13 35.62 -0.75
CA TYR I 238 27.95 36.42 0.45
C TYR I 238 26.69 37.27 0.40
N ARG I 239 26.13 37.50 -0.78
CA ARG I 239 24.89 38.27 -0.93
C ARG I 239 23.66 37.38 -1.06
N LEU I 240 23.79 36.24 -1.72
CA LEU I 240 22.71 35.28 -1.84
C LEU I 240 23.26 33.91 -1.48
N ASP I 241 22.69 33.30 -0.44
CA ASP I 241 23.06 31.94 -0.08
C ASP I 241 22.45 30.96 -1.08
N LYS I 242 23.26 30.01 -1.55
CA LYS I 242 22.75 29.03 -2.51
C LYS I 242 21.90 27.95 -1.85
N ALA I 243 21.98 27.81 -0.53
CA ALA I 243 21.11 26.88 0.18
C ALA I 243 19.65 27.31 0.10
N LEU I 244 19.39 28.62 0.20
CA LEU I 244 18.04 29.13 0.05
C LEU I 244 17.51 28.83 -1.33
N LEU I 245 18.31 29.06 -2.36
CA LEU I 245 17.88 28.83 -3.73
C LEU I 245 17.61 27.36 -3.99
N ASP I 246 18.47 26.48 -3.47
CA ASP I 246 18.26 25.05 -3.63
C ASP I 246 17.01 24.59 -2.91
N ALA I 247 16.75 25.11 -1.70
CA ALA I 247 15.55 24.72 -0.96
C ALA I 247 14.28 25.17 -1.68
N GLU I 248 14.28 26.39 -2.23
CA GLU I 248 13.12 26.85 -2.97
C GLU I 248 12.88 26.03 -4.24
N VAL I 249 13.94 25.68 -4.96
CA VAL I 249 13.76 24.89 -6.17
C VAL I 249 13.28 23.48 -5.81
N ALA I 250 13.74 22.93 -4.68
CA ALA I 250 13.22 21.64 -4.22
C ALA I 250 11.73 21.73 -3.89
N LEU I 251 11.32 22.83 -3.26
CA LEU I 251 9.89 23.03 -3.00
C LEU I 251 9.10 23.08 -4.29
N MET I 252 9.64 23.75 -5.30
CA MET I 252 8.94 23.85 -6.58
C MET I 252 8.88 22.51 -7.29
N THR I 253 9.96 21.72 -7.25
CA THR I 253 9.97 20.43 -7.92
C THR I 253 9.16 19.38 -7.17
N LYS I 254 8.79 19.63 -5.92
CA LYS I 254 7.84 18.76 -5.26
C LYS I 254 6.46 18.84 -5.90
N MET I 255 6.14 19.97 -6.55
CA MET I 255 4.84 20.18 -7.17
C MET I 255 4.62 19.38 -8.44
N GLY I 256 5.66 18.77 -8.99
CA GLY I 256 5.53 17.99 -10.20
C GLY I 256 6.22 18.55 -11.43
N ILE I 257 7.23 19.39 -11.25
CA ILE I 257 7.97 19.96 -12.37
C ILE I 257 9.28 19.21 -12.49
N GLU I 258 9.57 18.70 -13.67
CA GLU I 258 10.79 17.93 -13.93
C GLU I 258 11.83 18.86 -14.53
N ILE I 259 13.03 18.88 -13.93
CA ILE I 259 14.13 19.71 -14.42
C ILE I 259 15.23 18.78 -14.89
N ILE I 260 15.65 18.95 -16.13
CA ILE I 260 16.69 18.13 -16.74
C ILE I 260 17.93 18.99 -16.90
N TYR I 261 18.97 18.66 -16.16
CA TYR I 261 20.19 19.45 -16.14
C TYR I 261 21.16 18.97 -17.20
N ASN I 262 22.18 19.79 -17.47
CA ASN I 262 23.25 19.49 -18.41
C ASN I 262 22.72 19.20 -19.81
N THR I 263 21.67 19.91 -20.22
CA THR I 263 21.06 19.74 -21.53
C THR I 263 20.95 21.09 -22.21
N LYS I 264 21.83 21.36 -23.18
CA LYS I 264 21.84 22.61 -23.89
C LYS I 264 21.07 22.45 -25.19
N ILE I 265 19.99 23.22 -25.34
CA ILE I 265 19.14 23.14 -26.53
C ILE I 265 19.86 23.78 -27.70
N GLY I 266 19.91 23.06 -28.82
CA GLY I 266 20.62 23.48 -30.00
C GLY I 266 22.02 22.90 -30.11
N ASP I 267 22.60 22.53 -28.97
CA ASP I 267 23.91 21.89 -28.92
C ASP I 267 23.83 20.41 -28.57
N ASP I 268 22.87 20.02 -27.74
CA ASP I 268 22.65 18.64 -27.34
C ASP I 268 21.32 18.11 -27.84
N VAL I 269 20.25 18.86 -27.64
CA VAL I 269 18.91 18.51 -28.09
C VAL I 269 18.43 19.61 -29.02
N SER I 270 17.90 19.22 -30.17
CA SER I 270 17.41 20.21 -31.13
C SER I 270 16.16 20.91 -30.62
N LEU I 271 15.89 22.10 -31.17
CA LEU I 271 14.63 22.75 -30.89
C LEU I 271 13.48 22.14 -31.68
N ASP I 272 13.77 21.52 -32.84
CA ASP I 272 12.72 20.83 -33.58
C ASP I 272 12.19 19.62 -32.81
N TYR I 273 13.06 18.96 -32.04
CA TYR I 273 12.62 17.87 -31.18
C TYR I 273 11.61 18.34 -30.14
N LEU I 274 11.89 19.47 -29.48
CA LEU I 274 10.98 20.03 -28.50
C LEU I 274 9.71 20.54 -29.16
N HIS I 275 9.84 21.08 -30.38
CA HIS I 275 8.68 21.56 -31.11
C HIS I 275 7.73 20.42 -31.45
N ASP I 276 8.29 19.27 -31.85
CA ASP I 276 7.46 18.12 -32.21
C ASP I 276 6.86 17.45 -30.98
N ASN I 277 7.61 17.37 -29.88
CA ASN I 277 7.17 16.54 -28.76
C ASN I 277 6.36 17.28 -27.71
N TYR I 278 6.21 18.60 -27.79
CA TYR I 278 5.56 19.36 -26.73
C TYR I 278 4.51 20.30 -27.30
N ASP I 279 3.50 20.59 -26.48
CA ASP I 279 2.42 21.47 -26.90
C ASP I 279 2.81 22.94 -26.90
N ALA I 280 3.81 23.32 -26.12
CA ALA I 280 4.34 24.69 -26.23
C ALA I 280 5.79 24.71 -25.76
N VAL I 281 6.52 25.72 -26.20
CA VAL I 281 7.93 25.91 -25.85
C VAL I 281 8.13 27.35 -25.41
N PHE I 282 8.82 27.54 -24.28
CA PHE I 282 9.17 28.87 -23.76
C PHE I 282 10.67 28.96 -23.66
N LEU I 283 11.24 30.07 -24.14
CA LEU I 283 12.69 30.28 -24.19
C LEU I 283 13.09 31.36 -23.19
N GLY I 284 13.71 30.96 -22.10
CA GLY I 284 14.18 31.87 -21.08
C GLY I 284 15.69 31.83 -20.94
N ILE I 285 16.40 31.85 -22.07
CA ILE I 285 17.82 31.52 -22.09
C ILE I 285 18.69 32.59 -21.43
N GLY I 286 18.22 33.84 -21.37
CA GLY I 286 18.99 34.88 -20.71
C GLY I 286 20.13 35.40 -21.57
N SER I 287 20.87 36.35 -21.01
CA SER I 287 21.99 36.99 -21.70
C SER I 287 23.30 36.53 -21.07
N TRP I 288 23.96 35.56 -21.71
CA TRP I 288 25.10 34.86 -21.13
C TRP I 288 26.35 35.06 -21.96
N GLN I 289 26.57 36.27 -22.44
CA GLN I 289 27.82 36.67 -23.05
C GLN I 289 28.32 37.94 -22.38
N SER I 290 29.63 38.13 -22.43
CA SER I 290 30.27 39.30 -21.84
C SER I 290 30.81 40.17 -22.95
N GLN I 291 30.57 41.48 -22.86
CA GLN I 291 31.15 42.41 -23.81
C GLN I 291 32.65 42.54 -23.59
N GLY I 292 33.39 42.64 -24.69
CA GLY I 292 34.82 42.81 -24.62
C GLY I 292 35.22 44.25 -24.34
N LEU I 293 36.53 44.45 -24.19
CA LEU I 293 37.05 45.77 -23.86
C LEU I 293 36.91 46.75 -25.02
N ARG I 294 36.77 46.27 -26.26
CA ARG I 294 36.71 47.11 -27.45
C ARG I 294 37.93 48.02 -27.57
N CYS I 295 39.12 47.44 -27.36
CA CYS I 295 40.35 48.20 -27.38
C CYS I 295 41.43 47.37 -28.04
N LYS I 296 42.59 48.00 -28.26
CA LYS I 296 43.73 47.30 -28.86
C LYS I 296 44.30 46.30 -27.88
N GLY I 297 44.56 45.08 -28.35
CA GLY I 297 45.09 44.05 -27.49
C GLY I 297 44.10 43.41 -26.55
N GLU I 298 42.81 43.50 -26.84
CA GLU I 298 41.80 42.90 -25.98
C GLU I 298 41.82 41.38 -26.03
N ASP I 299 42.47 40.79 -27.02
CA ASP I 299 42.51 39.35 -27.20
C ASP I 299 43.72 38.71 -26.54
N MET I 300 44.55 39.50 -25.85
CA MET I 300 45.76 38.99 -25.25
C MET I 300 45.44 38.11 -24.04
N GLU I 301 46.36 37.19 -23.75
CA GLU I 301 46.20 36.34 -22.57
C GLU I 301 46.39 37.16 -21.30
N GLY I 302 45.55 36.88 -20.31
CA GLY I 302 45.51 37.67 -19.09
C GLY I 302 44.33 38.60 -18.98
N VAL I 303 43.45 38.64 -19.98
CA VAL I 303 42.23 39.43 -19.95
C VAL I 303 41.07 38.45 -20.01
N LEU I 304 40.15 38.56 -19.05
CA LEU I 304 39.01 37.65 -19.00
C LEU I 304 37.75 38.43 -18.67
N GLY I 305 36.61 37.90 -19.13
CA GLY I 305 35.35 38.56 -18.90
C GLY I 305 34.84 38.37 -17.48
N GLY I 306 33.99 39.31 -17.06
CA GLY I 306 33.47 39.27 -15.70
C GLY I 306 32.53 38.12 -15.45
N ILE I 307 31.66 37.82 -16.43
CA ILE I 307 30.70 36.73 -16.27
C ILE I 307 31.41 35.39 -16.18
N ASP I 308 32.41 35.18 -17.04
CA ASP I 308 33.19 33.94 -16.99
C ASP I 308 33.93 33.81 -15.67
N PHE I 309 34.50 34.91 -15.18
CA PHE I 309 35.20 34.90 -13.90
C PHE I 309 34.26 34.51 -12.76
N LEU I 310 33.06 35.09 -12.74
CA LEU I 310 32.12 34.79 -11.67
C LEU I 310 31.62 33.35 -11.77
N ARG I 311 31.46 32.83 -12.99
CA ARG I 311 31.05 31.46 -13.16
C ARG I 311 32.12 30.48 -12.67
N GLU I 312 33.40 30.75 -12.97
CA GLU I 312 34.44 29.87 -12.42
C GLU I 312 34.58 30.00 -10.92
N VAL I 313 34.33 31.18 -10.36
CA VAL I 313 34.32 31.30 -8.90
C VAL I 313 33.24 30.42 -8.30
N THR I 314 32.04 30.44 -8.90
CA THR I 314 30.91 29.70 -8.36
C THR I 314 31.13 28.19 -8.42
N MET I 315 31.71 27.69 -9.51
CA MET I 315 31.89 26.26 -9.69
C MET I 315 33.10 25.70 -8.97
N ASN I 316 33.75 26.50 -8.12
CA ASN I 316 34.91 26.08 -7.33
C ASN I 316 36.04 25.56 -8.21
N SER I 317 36.21 26.20 -9.37
CA SER I 317 37.22 25.81 -10.33
C SER I 317 38.56 26.44 -9.96
N ASN I 318 39.59 26.12 -10.73
CA ASN I 318 40.93 26.65 -10.48
C ASN I 318 41.14 27.92 -11.30
N ILE I 319 41.34 29.03 -10.62
CA ILE I 319 41.49 30.34 -11.24
C ILE I 319 42.87 30.88 -10.92
N THR I 320 43.25 31.93 -11.64
CA THR I 320 44.45 32.69 -11.34
C THR I 320 44.11 34.18 -11.34
N LEU I 321 44.56 34.87 -10.31
CA LEU I 321 44.25 36.30 -10.16
C LEU I 321 45.50 37.16 -10.11
N GLY I 322 46.45 36.84 -9.23
CA GLY I 322 47.59 37.70 -9.02
C GLY I 322 47.34 38.73 -7.93
N GLY I 323 48.40 39.48 -7.63
CA GLY I 323 48.31 40.49 -6.59
C GLY I 323 47.43 41.66 -6.96
N LYS I 324 47.56 42.14 -8.20
CA LYS I 324 46.88 43.34 -8.65
C LYS I 324 45.90 43.02 -9.78
N VAL I 325 44.66 43.46 -9.61
CA VAL I 325 43.60 43.20 -10.58
C VAL I 325 42.88 44.50 -10.88
N LEU I 326 42.68 44.77 -12.17
CA LEU I 326 41.98 45.95 -12.65
C LEU I 326 40.64 45.54 -13.23
N VAL I 327 39.56 46.06 -12.67
CA VAL I 327 38.21 45.76 -13.13
C VAL I 327 37.69 46.95 -13.92
N VAL I 328 37.28 46.70 -15.15
CA VAL I 328 36.80 47.75 -16.05
C VAL I 328 35.28 47.68 -16.10
N GLY I 329 34.62 48.77 -15.76
CA GLY I 329 33.17 48.82 -15.72
C GLY I 329 32.64 49.51 -14.48
N GLY I 330 31.33 49.76 -14.44
CA GLY I 330 30.78 50.48 -13.32
C GLY I 330 29.42 50.00 -12.83
N GLY I 331 28.90 48.94 -13.44
CA GLY I 331 27.61 48.40 -13.06
C GLY I 331 27.70 47.49 -11.87
N ASN I 332 26.70 46.62 -11.73
CA ASN I 332 26.73 45.65 -10.63
C ASN I 332 27.68 44.50 -10.91
N THR I 333 27.93 44.18 -12.18
CA THR I 333 28.92 43.17 -12.51
C THR I 333 30.31 43.58 -12.05
N ALA I 334 30.66 44.86 -12.22
CA ALA I 334 31.94 45.35 -11.76
C ALA I 334 32.05 45.30 -10.25
N MET I 335 30.97 45.65 -9.54
CA MET I 335 31.00 45.59 -8.08
C MET I 335 31.16 44.17 -7.57
N ASP I 336 30.41 43.22 -8.16
CA ASP I 336 30.53 41.83 -7.75
C ASP I 336 31.92 41.28 -8.03
N VAL I 337 32.48 41.60 -9.21
CA VAL I 337 33.81 41.13 -9.55
C VAL I 337 34.84 41.71 -8.59
N ALA I 338 34.74 43.01 -8.28
CA ALA I 338 35.73 43.65 -7.42
C ALA I 338 35.67 43.11 -6.00
N ARG I 339 34.46 42.90 -5.46
CA ARG I 339 34.38 42.40 -4.10
C ARG I 339 34.76 40.92 -3.99
N THR I 340 34.39 40.11 -5.00
CA THR I 340 34.85 38.72 -5.02
C THR I 340 36.36 38.65 -5.15
N SER I 341 36.95 39.57 -5.91
CA SER I 341 38.40 39.60 -6.02
C SER I 341 39.05 39.98 -4.70
N LYS I 342 38.44 40.92 -3.95
CA LYS I 342 38.98 41.24 -2.64
C LYS I 342 38.92 40.05 -1.70
N ARG I 343 37.86 39.24 -1.82
CA ARG I 343 37.79 38.03 -1.00
C ARG I 343 38.73 36.92 -1.46
N LEU I 344 39.13 36.93 -2.73
CA LEU I 344 39.96 35.86 -3.29
C LEU I 344 41.45 36.17 -3.22
N GLY I 345 41.86 36.98 -2.26
CA GLY I 345 43.27 37.18 -1.99
C GLY I 345 43.96 38.23 -2.83
N ALA I 346 43.24 39.02 -3.62
CA ALA I 346 43.87 40.10 -4.35
C ALA I 346 44.20 41.23 -3.38
N GLU I 347 45.47 41.65 -3.40
CA GLU I 347 45.92 42.60 -2.39
C GLU I 347 45.43 44.02 -2.69
N GLU I 348 45.33 44.38 -3.96
CA GLU I 348 44.76 45.68 -4.30
C GLU I 348 43.90 45.56 -5.55
N VAL I 349 42.67 46.04 -5.46
CA VAL I 349 41.69 46.00 -6.53
C VAL I 349 41.32 47.44 -6.87
N THR I 350 41.34 47.77 -8.15
CA THR I 350 41.00 49.11 -8.61
C THR I 350 39.95 49.00 -9.72
N ILE I 351 38.97 49.89 -9.69
CA ILE I 351 37.89 49.91 -10.67
C ILE I 351 38.10 51.08 -11.61
N ILE I 352 38.13 50.80 -12.91
CA ILE I 352 38.38 51.78 -13.95
C ILE I 352 37.04 52.15 -14.57
N TYR I 353 36.60 53.39 -14.36
CA TYR I 353 35.31 53.84 -14.87
C TYR I 353 35.47 55.18 -15.58
N ARG I 354 34.65 55.40 -16.61
CA ARG I 354 34.79 56.59 -17.44
C ARG I 354 33.90 57.74 -17.00
N ARG I 355 33.18 57.60 -15.88
CA ARG I 355 32.39 58.70 -15.34
C ARG I 355 32.59 58.81 -13.83
N THR I 356 31.77 59.59 -13.15
CA THR I 356 31.94 59.86 -11.73
C THR I 356 31.15 58.86 -10.88
N ILE I 357 31.34 58.97 -9.56
CA ILE I 357 30.68 58.05 -8.63
C ILE I 357 29.18 58.24 -8.66
N ASP I 358 28.72 59.50 -8.66
CA ASP I 358 27.29 59.78 -8.69
C ASP I 358 26.65 59.38 -10.02
N GLU I 359 27.44 59.16 -11.05
CA GLU I 359 26.96 58.77 -12.36
C GLU I 359 26.91 57.26 -12.54
N MET I 360 27.37 56.50 -11.55
CA MET I 360 27.50 55.06 -11.70
C MET I 360 26.13 54.38 -11.64
N PRO I 361 25.88 53.40 -12.51
CA PRO I 361 24.59 52.69 -12.46
C PRO I 361 24.48 51.69 -11.34
N ALA I 362 25.55 51.44 -10.59
CA ALA I 362 25.49 50.55 -9.43
C ALA I 362 24.76 51.23 -8.28
N GLU I 363 24.25 50.41 -7.37
CA GLU I 363 23.56 50.93 -6.19
C GLU I 363 24.55 51.61 -5.25
N LYS I 364 24.09 52.68 -4.59
CA LYS I 364 24.94 53.41 -3.67
C LYS I 364 25.30 52.57 -2.45
N ILE I 365 24.41 51.66 -2.03
CA ILE I 365 24.70 50.78 -0.91
C ILE I 365 25.83 49.83 -1.27
N GLU I 366 25.80 49.27 -2.49
CA GLU I 366 26.88 48.38 -2.93
C GLU I 366 28.19 49.13 -3.06
N ILE I 367 28.15 50.36 -3.56
CA ILE I 367 29.37 51.16 -3.68
C ILE I 367 29.94 51.47 -2.30
N HIS I 368 29.08 51.82 -1.35
CA HIS I 368 29.55 52.12 0.00
C HIS I 368 30.15 50.89 0.68
N GLU I 369 29.49 49.74 0.53
CA GLU I 369 30.03 48.50 1.10
C GLU I 369 31.34 48.10 0.43
N ALA I 370 31.44 48.29 -0.88
CA ALA I 370 32.68 47.99 -1.58
C ALA I 370 33.81 48.89 -1.09
N GLN I 371 33.54 50.20 -0.95
CA GLN I 371 34.56 51.12 -0.44
C GLN I 371 34.98 50.76 0.98
N GLU I 372 34.02 50.32 1.81
CA GLU I 372 34.35 49.88 3.15
C GLU I 372 35.22 48.62 3.14
N GLU I 373 34.99 47.74 2.16
CA GLU I 373 35.75 46.50 2.13
C GLU I 373 37.18 46.71 1.65
N GLY I 374 37.42 47.69 0.79
CA GLY I 374 38.78 48.04 0.47
C GLY I 374 39.16 48.18 -1.00
N VAL I 375 38.17 48.26 -1.89
CA VAL I 375 38.45 48.42 -3.31
C VAL I 375 38.49 49.91 -3.66
N LYS I 376 39.54 50.31 -4.36
CA LYS I 376 39.73 51.70 -4.73
C LYS I 376 39.06 51.97 -6.08
N PHE I 377 38.60 53.21 -6.26
CA PHE I 377 37.86 53.61 -7.44
C PHE I 377 38.67 54.64 -8.22
N GLN I 378 38.85 54.40 -9.51
CA GLN I 378 39.54 55.33 -10.40
C GLN I 378 38.51 55.82 -11.41
N LEU I 379 38.27 57.13 -11.42
CA LEU I 379 37.11 57.71 -12.08
C LEU I 379 37.54 58.56 -13.27
N LEU I 380 36.61 58.71 -14.21
CA LEU I 380 36.79 59.55 -15.41
C LEU I 380 38.01 59.10 -16.22
N VAL I 381 38.12 57.79 -16.41
CA VAL I 381 39.25 57.17 -17.11
C VAL I 381 38.71 56.10 -18.05
N ALA I 382 39.13 56.14 -19.31
CA ALA I 382 38.64 55.21 -20.31
C ALA I 382 39.80 54.41 -20.90
N PRO I 383 39.73 53.08 -20.90
CA PRO I 383 40.84 52.27 -21.43
C PRO I 383 41.03 52.47 -22.93
N VAL I 384 42.29 52.38 -23.35
CA VAL I 384 42.69 52.57 -24.74
C VAL I 384 43.44 51.36 -25.27
N GLU I 385 44.41 50.85 -24.51
CA GLU I 385 45.28 49.80 -25.00
C GLU I 385 45.66 48.88 -23.85
N VAL I 386 45.87 47.61 -24.14
CA VAL I 386 46.36 46.64 -23.16
C VAL I 386 47.80 46.31 -23.50
N LEU I 387 48.71 46.58 -22.57
CA LEU I 387 50.12 46.40 -22.78
C LEU I 387 50.58 45.11 -22.11
N GLY I 388 51.47 44.39 -22.79
CA GLY I 388 52.01 43.16 -22.25
C GLY I 388 53.23 42.72 -23.01
N GLU I 389 53.96 41.78 -22.40
CA GLU I 389 55.15 41.22 -23.02
C GLU I 389 55.03 39.69 -23.03
N ASN I 390 55.41 39.09 -24.16
CA ASN I 390 55.33 37.65 -24.40
C ASN I 390 53.91 37.13 -24.25
N GLY I 391 52.92 37.93 -24.66
CA GLY I 391 51.54 37.52 -24.66
C GLY I 391 50.83 37.65 -23.34
N HIS I 392 51.52 38.01 -22.27
CA HIS I 392 50.91 38.15 -20.95
C HIS I 392 50.64 39.62 -20.68
N ALA I 393 49.35 39.97 -20.56
CA ALA I 393 48.98 41.36 -20.33
C ALA I 393 49.46 41.83 -18.97
N LYS I 394 50.12 42.99 -18.95
CA LYS I 394 50.70 43.50 -17.71
C LYS I 394 50.35 44.94 -17.39
N ALA I 395 49.72 45.69 -18.29
CA ALA I 395 49.39 47.08 -18.02
C ALA I 395 48.18 47.48 -18.84
N LEU I 396 47.54 48.56 -18.43
CA LEU I 396 46.40 49.13 -19.14
C LEU I 396 46.68 50.60 -19.36
N LYS I 397 46.84 50.99 -20.63
CA LYS I 397 47.02 52.39 -21.00
C LYS I 397 45.65 52.99 -21.29
N CYS I 398 45.31 54.06 -20.58
CA CYS I 398 43.97 54.61 -20.63
C CYS I 398 44.03 56.11 -20.90
N GLU I 399 42.93 56.63 -21.43
CA GLU I 399 42.76 58.05 -21.68
C GLU I 399 41.97 58.71 -20.56
N ILE I 400 42.35 59.93 -20.22
CA ILE I 400 41.71 60.70 -19.16
C ILE I 400 40.58 61.52 -19.80
N MET I 401 39.39 61.39 -19.24
CA MET I 401 38.20 62.03 -19.79
C MET I 401 37.81 63.24 -18.95
N ARG I 402 36.83 63.99 -19.45
CA ARG I 402 36.23 65.12 -18.73
C ARG I 402 34.73 65.05 -18.90
N LEU I 403 34.01 65.65 -17.95
CA LEU I 403 32.56 65.66 -18.01
C LEU I 403 32.07 66.56 -19.13
N GLY I 404 31.04 66.11 -19.85
CA GLY I 404 30.52 66.81 -20.99
C GLY I 404 29.02 67.01 -20.88
N GLU I 405 28.38 67.10 -22.06
CA GLU I 405 26.95 67.33 -22.14
C GLU I 405 26.16 66.08 -21.75
N PRO I 406 24.97 66.25 -21.19
CA PRO I 406 24.11 65.10 -20.93
C PRO I 406 23.62 64.45 -22.23
N ASP I 407 23.32 63.16 -22.14
CA ASP I 407 22.78 62.42 -23.26
C ASP I 407 21.26 62.49 -23.24
N ALA I 408 20.61 61.66 -24.05
CA ALA I 408 19.15 61.56 -24.02
C ALA I 408 18.65 60.92 -22.72
N SER I 409 19.49 60.14 -22.05
CA SER I 409 19.09 59.45 -20.82
C SER I 409 19.34 60.28 -19.57
N GLY I 410 19.92 61.47 -19.69
CA GLY I 410 20.19 62.30 -18.54
C GLY I 410 21.53 62.08 -17.88
N ARG I 411 22.50 61.53 -18.61
CA ARG I 411 23.84 61.29 -18.07
C ARG I 411 24.87 62.01 -18.94
N ARG I 412 25.86 62.62 -18.29
CA ARG I 412 26.88 63.38 -19.01
C ARG I 412 27.78 62.47 -19.83
N LYS I 413 28.17 62.94 -21.02
CA LYS I 413 28.99 62.14 -21.93
C LYS I 413 30.46 62.47 -21.75
N PRO I 414 31.30 61.50 -21.40
CA PRO I 414 32.72 61.79 -21.19
C PRO I 414 33.43 62.13 -22.50
N GLU I 415 34.43 63.01 -22.38
CA GLU I 415 35.21 63.46 -23.53
C GLU I 415 36.69 63.45 -23.16
N PRO I 416 37.55 62.81 -23.95
CA PRO I 416 38.98 62.86 -23.68
C PRO I 416 39.53 64.26 -23.92
N THR I 417 40.61 64.59 -23.20
CA THR I 417 41.22 65.91 -23.37
C THR I 417 42.62 65.83 -23.98
N GLY I 418 43.61 65.34 -23.24
CA GLY I 418 44.92 65.13 -23.84
C GLY I 418 45.81 64.13 -23.16
N GLU I 419 45.33 63.48 -22.11
CA GLU I 419 46.19 62.83 -21.14
C GLU I 419 45.95 61.34 -21.10
N THR I 420 47.03 60.57 -21.01
CA THR I 420 46.99 59.13 -20.84
C THR I 420 47.68 58.75 -19.54
N VAL I 421 47.20 57.68 -18.93
CA VAL I 421 47.80 57.14 -17.71
C VAL I 421 47.86 55.62 -17.86
N VAL I 422 48.96 55.04 -17.40
CA VAL I 422 49.18 53.60 -17.50
C VAL I 422 49.07 53.00 -16.10
N TYR I 423 48.19 52.02 -15.94
CA TYR I 423 47.98 51.33 -14.68
C TYR I 423 48.60 49.94 -14.76
N GLU I 424 49.39 49.58 -13.76
CA GLU I 424 49.96 48.25 -13.69
C GLU I 424 48.97 47.27 -13.10
N ALA I 425 48.90 46.08 -13.70
CA ALA I 425 47.97 45.07 -13.22
C ALA I 425 48.47 43.69 -13.60
N ASP I 426 48.27 42.73 -12.70
CA ASP I 426 48.52 41.34 -13.02
C ASP I 426 47.37 40.72 -13.79
N ARG I 427 46.13 41.11 -13.47
CA ARG I 427 44.96 40.61 -14.18
C ARG I 427 44.07 41.78 -14.54
N ILE I 428 43.41 41.68 -15.70
CA ILE I 428 42.47 42.69 -16.16
C ILE I 428 41.15 42.00 -16.44
N ILE I 429 40.11 42.37 -15.71
CA ILE I 429 38.79 41.76 -15.83
C ILE I 429 37.85 42.79 -16.44
N ALA I 430 37.28 42.45 -17.59
CA ALA I 430 36.35 43.31 -18.30
C ALA I 430 34.93 42.99 -17.87
N ALA I 431 34.34 43.88 -17.08
CA ALA I 431 32.99 43.71 -16.57
C ALA I 431 32.11 44.75 -17.24
N ILE I 432 32.32 44.90 -18.55
CA ILE I 432 31.75 46.00 -19.32
C ILE I 432 30.23 45.89 -19.47
N GLY I 433 29.71 44.69 -19.65
CA GLY I 433 28.29 44.53 -19.89
C GLY I 433 27.98 43.11 -20.28
N GLN I 434 26.75 42.91 -20.77
CA GLN I 434 26.26 41.60 -21.16
C GLN I 434 25.61 41.69 -22.52
N LYS I 435 25.56 40.55 -23.22
CA LYS I 435 24.90 40.46 -24.50
C LYS I 435 24.17 39.13 -24.59
N THR I 436 23.01 39.13 -25.23
CA THR I 436 22.27 37.90 -25.45
C THR I 436 22.88 37.15 -26.63
N VAL I 437 23.11 35.86 -26.45
CA VAL I 437 23.55 34.99 -27.53
C VAL I 437 22.50 33.90 -27.74
N ILE I 438 22.15 33.66 -29.00
CA ILE I 438 21.20 32.60 -29.31
C ILE I 438 21.90 31.26 -29.46
N GLY I 439 23.20 31.25 -29.71
CA GLY I 439 23.91 29.99 -29.84
C GLY I 439 23.54 29.29 -31.13
N ASN I 440 23.38 27.96 -31.02
CA ASN I 440 23.11 27.13 -32.18
C ASN I 440 21.63 26.92 -32.43
N ILE I 441 20.75 27.57 -31.66
CA ILE I 441 19.32 27.48 -31.92
C ILE I 441 19.00 28.14 -33.25
N LYS I 442 18.34 27.41 -34.15
CA LYS I 442 18.11 27.88 -35.50
C LYS I 442 16.65 28.24 -35.70
N ASP I 443 16.42 29.04 -36.75
CA ASP I 443 15.10 29.55 -37.13
C ASP I 443 14.47 30.39 -36.01
N ILE I 444 15.30 31.21 -35.35
CA ILE I 444 14.82 32.21 -34.39
C ILE I 444 15.45 33.54 -34.78
N ALA I 445 14.61 34.54 -35.05
CA ALA I 445 15.09 35.85 -35.45
C ALA I 445 15.56 36.64 -34.23
N THR I 446 16.65 37.38 -34.40
CA THR I 446 17.26 38.17 -33.34
C THR I 446 17.49 39.60 -33.81
N ASP I 447 17.61 40.49 -32.84
CA ASP I 447 17.83 41.91 -33.10
C ASP I 447 19.28 42.16 -33.48
N LYS I 448 19.60 43.44 -33.70
CA LYS I 448 20.98 43.83 -33.90
C LYS I 448 21.80 43.76 -32.63
N SER I 449 21.16 43.78 -31.46
CA SER I 449 21.83 43.64 -30.18
C SER I 449 21.78 42.22 -29.64
N GLY I 450 21.23 41.27 -30.40
CA GLY I 450 21.18 39.88 -30.00
C GLY I 450 19.89 39.45 -29.35
N ASN I 451 19.03 40.38 -28.95
CA ASN I 451 17.81 40.02 -28.26
C ASN I 451 16.82 39.37 -29.22
N ILE I 452 16.04 38.42 -28.68
CA ILE I 452 15.05 37.72 -29.48
C ILE I 452 13.88 38.66 -29.77
N ILE I 453 13.52 38.78 -31.05
CA ILE I 453 12.41 39.62 -31.46
C ILE I 453 11.11 38.85 -31.22
N VAL I 454 10.21 39.44 -30.44
CA VAL I 454 8.92 38.84 -30.17
C VAL I 454 7.83 39.87 -30.47
N ASN I 455 6.63 39.36 -30.74
CA ASN I 455 5.47 40.21 -30.88
C ASN I 455 5.10 40.78 -29.51
N GLY I 456 4.99 42.10 -29.43
CA GLY I 456 4.81 42.76 -28.15
C GLY I 456 3.52 42.42 -27.44
N GLY I 457 3.64 41.88 -26.23
CA GLY I 457 2.49 41.53 -25.43
C GLY I 457 1.96 40.13 -25.67
N ALA I 458 2.33 39.51 -26.79
CA ALA I 458 1.96 38.13 -27.07
C ALA I 458 3.12 37.15 -26.90
N PHE I 459 4.36 37.66 -26.84
CA PHE I 459 5.56 36.86 -26.56
C PHE I 459 5.79 35.77 -27.60
N THR I 460 5.40 35.99 -28.85
CA THR I 460 5.53 34.99 -29.89
C THR I 460 6.69 35.34 -30.82
N THR I 461 7.56 34.37 -31.07
CA THR I 461 8.66 34.54 -32.01
C THR I 461 8.14 34.28 -33.42
N ASN I 462 9.05 34.17 -34.40
CA ASN I 462 8.62 33.86 -35.76
C ASN I 462 8.13 32.42 -35.87
N ARG I 463 8.80 31.49 -35.20
CA ARG I 463 8.38 30.10 -35.23
C ARG I 463 7.12 29.92 -34.41
N ASP I 464 6.19 29.13 -34.96
CA ASP I 464 4.98 28.82 -34.23
C ASP I 464 5.30 27.90 -33.05
N LYS I 465 4.42 27.97 -32.04
CA LYS I 465 4.45 27.17 -30.81
C LYS I 465 5.64 27.50 -29.91
N VAL I 466 6.39 28.56 -30.20
CA VAL I 466 7.58 28.92 -29.44
C VAL I 466 7.39 30.33 -28.91
N PHE I 467 7.63 30.52 -27.62
CA PHE I 467 7.48 31.78 -26.92
C PHE I 467 8.80 32.16 -26.26
N ALA I 468 8.98 33.45 -25.98
CA ALA I 468 10.23 33.92 -25.39
C ALA I 468 9.95 35.00 -24.35
N GLY I 469 10.90 35.14 -23.43
CA GLY I 469 10.75 36.12 -22.36
C GLY I 469 12.02 36.19 -21.53
N GLY I 470 12.04 37.17 -20.63
CA GLY I 470 13.18 37.35 -19.74
C GLY I 470 14.26 38.20 -20.37
N ASP I 471 15.49 38.04 -19.87
CA ASP I 471 16.63 38.79 -20.38
C ASP I 471 16.94 38.48 -21.82
N ALA I 472 16.42 37.38 -22.36
CA ALA I 472 16.59 37.06 -23.77
C ALA I 472 15.82 38.03 -24.66
N VAL I 473 14.83 38.73 -24.13
CA VAL I 473 14.02 39.65 -24.92
C VAL I 473 14.32 41.10 -24.55
N THR I 474 14.29 41.42 -23.26
CA THR I 474 14.44 42.79 -22.78
C THR I 474 15.89 43.20 -22.58
N GLY I 475 16.84 42.27 -22.69
CA GLY I 475 18.21 42.56 -22.39
C GLY I 475 18.45 42.56 -20.90
N PRO I 476 19.69 42.82 -20.48
CA PRO I 476 20.01 42.86 -19.04
C PRO I 476 19.18 43.84 -18.24
N LYS I 477 18.56 43.33 -17.19
CA LYS I 477 17.70 44.13 -16.30
C LYS I 477 17.83 43.53 -14.90
N ILE I 478 16.90 43.88 -14.03
CA ILE I 478 16.88 43.30 -12.69
C ILE I 478 16.06 42.01 -12.71
N ALA I 479 16.10 41.25 -11.62
CA ALA I 479 15.52 39.91 -11.63
C ALA I 479 14.00 39.91 -11.59
N ILE I 480 13.40 40.89 -10.92
CA ILE I 480 11.95 40.93 -10.84
C ILE I 480 11.33 41.28 -12.20
N ASP I 481 12.08 41.96 -13.06
CA ASP I 481 11.64 42.14 -14.45
C ASP I 481 11.55 40.81 -15.18
N ALA I 482 12.54 39.94 -14.98
CA ALA I 482 12.51 38.61 -15.57
C ALA I 482 11.35 37.80 -15.01
N ILE I 483 11.11 37.90 -13.70
CA ILE I 483 10.00 37.17 -13.07
C ILE I 483 8.66 37.66 -13.62
N ALA I 484 8.50 38.98 -13.77
CA ALA I 484 7.26 39.52 -14.33
C ALA I 484 7.04 39.05 -15.76
N GLN I 485 8.09 39.07 -16.58
CA GLN I 485 7.96 38.59 -17.95
C GLN I 485 7.61 37.11 -18.00
N GLY I 486 8.20 36.32 -17.10
CA GLY I 486 7.87 34.90 -17.04
C GLY I 486 6.43 34.65 -16.66
N LYS I 487 5.91 35.39 -15.69
CA LYS I 487 4.52 35.20 -15.29
C LYS I 487 3.55 35.64 -16.38
N ASN I 488 3.83 36.78 -17.03
CA ASN I 488 2.96 37.23 -18.11
C ASN I 488 2.96 36.26 -19.28
N ALA I 489 4.13 35.73 -19.61
CA ALA I 489 4.22 34.73 -20.68
C ALA I 489 3.52 33.44 -20.30
N ALA I 490 3.56 33.05 -19.01
CA ALA I 490 2.82 31.88 -18.56
C ALA I 490 1.33 32.08 -18.76
N GLN I 491 0.82 33.26 -18.43
CA GLN I 491 -0.60 33.54 -18.65
C GLN I 491 -0.96 33.48 -20.13
N VAL I 492 -0.11 34.07 -20.98
CA VAL I 492 -0.39 34.10 -22.41
C VAL I 492 -0.36 32.69 -23.00
N ILE I 493 0.62 31.88 -22.59
CA ILE I 493 0.71 30.50 -23.06
C ILE I 493 -0.49 29.69 -22.61
N ASP I 494 -0.93 29.90 -21.36
CA ASP I 494 -2.09 29.18 -20.86
C ASP I 494 -3.34 29.55 -21.65
N SER I 495 -3.51 30.83 -21.99
CA SER I 495 -4.65 31.22 -22.82
C SER I 495 -4.55 30.61 -24.22
N TYR I 496 -3.34 30.54 -24.76
CA TYR I 496 -3.13 29.96 -26.09
C TYR I 496 -3.47 28.47 -26.11
N LEU I 497 -3.14 27.75 -25.04
CA LEU I 497 -3.40 26.32 -24.99
C LEU I 497 -4.88 25.99 -24.89
N ASN I 498 -5.74 26.95 -24.58
CA ASN I 498 -7.18 26.75 -24.60
C ASN I 498 -7.81 27.06 -25.94
N GLY I 499 -7.03 27.57 -26.89
CA GLY I 499 -7.51 27.79 -28.24
C GLY I 499 -7.75 29.23 -28.64
N CYS I 500 -7.50 30.19 -27.75
CA CYS I 500 -7.72 31.60 -28.06
C CYS I 500 -6.59 32.41 -27.44
N LEU I 501 -5.68 32.89 -28.29
CA LEU I 501 -4.52 33.64 -27.83
C LEU I 501 -4.91 35.09 -27.55
N VAL I 502 -4.76 35.53 -26.30
CA VAL I 502 -5.01 36.92 -25.93
C VAL I 502 -3.72 37.54 -25.41
N PRO I 503 -3.38 38.74 -25.86
CA PRO I 503 -2.15 39.39 -25.38
C PRO I 503 -2.34 40.02 -24.02
N HIS I 504 -1.22 40.28 -23.35
CA HIS I 504 -1.24 40.84 -22.01
C HIS I 504 -1.37 42.36 -22.09
N ALA I 505 -2.26 42.92 -21.27
CA ALA I 505 -2.49 44.35 -21.25
C ALA I 505 -2.54 44.86 -19.81
N ASP I 506 -1.99 46.05 -19.61
CA ASP I 506 -1.98 46.68 -18.30
C ASP I 506 -3.36 47.21 -17.93
N SER I 507 -3.59 47.32 -16.63
CA SER I 507 -4.87 47.78 -16.10
C SER I 507 -4.83 49.27 -15.78
N GLN I 508 -6.01 49.84 -15.61
CA GLN I 508 -6.17 51.26 -15.34
C GLN I 508 -6.63 51.46 -13.90
N TYR I 509 -5.96 52.35 -13.19
CA TYR I 509 -6.29 52.66 -11.79
C TYR I 509 -6.41 54.16 -11.63
N PHE I 510 -7.12 54.55 -10.57
CA PHE I 510 -7.14 55.95 -10.15
C PHE I 510 -5.91 56.19 -9.28
N THR I 511 -5.16 57.24 -9.60
CA THR I 511 -3.94 57.55 -8.86
C THR I 511 -3.96 59.00 -8.43
N GLN I 512 -3.29 59.28 -7.32
CA GLN I 512 -3.25 60.62 -6.75
C GLN I 512 -1.81 61.13 -6.79
N LYS I 513 -1.63 62.31 -7.38
CA LYS I 513 -0.31 62.91 -7.52
C LYS I 513 -0.19 64.23 -6.78
N ASP I 514 -1.20 64.59 -5.99
CA ASP I 514 -1.20 65.84 -5.25
C ASP I 514 -0.74 65.67 -3.81
N ILE I 515 -0.27 64.49 -3.45
CA ILE I 515 0.16 64.24 -2.08
C ILE I 515 1.55 64.85 -1.89
N THR I 516 1.67 65.72 -0.89
CA THR I 516 2.91 66.38 -0.56
C THR I 516 3.27 66.10 0.90
N ALA I 517 4.42 66.61 1.32
CA ALA I 517 4.87 66.39 2.69
C ALA I 517 3.98 67.11 3.69
N ALA I 518 3.39 68.25 3.29
CA ALA I 518 2.54 69.01 4.20
C ALA I 518 1.24 68.29 4.48
N ASP I 519 0.77 67.46 3.54
CA ASP I 519 -0.48 66.72 3.75
C ASP I 519 -0.31 65.57 4.73
N LEU I 520 0.94 65.18 5.02
CA LEU I 520 1.23 64.11 5.96
C LEU I 520 1.95 64.64 7.20
N ALA I 521 1.77 65.93 7.49
CA ALA I 521 2.53 66.55 8.56
C ALA I 521 2.01 66.18 9.94
N ASP I 522 0.83 65.60 10.03
CA ASP I 522 0.27 65.16 11.30
C ASP I 522 0.69 63.74 11.68
N ARG I 523 1.36 63.03 10.80
CA ARG I 523 1.82 61.68 11.11
C ARG I 523 3.05 61.74 12.02
N ALA I 524 3.05 60.89 13.04
CA ALA I 524 4.21 60.80 13.92
C ALA I 524 5.36 60.11 13.19
N LYS I 525 6.57 60.35 13.70
CA LYS I 525 7.79 59.87 13.06
C LYS I 525 8.40 58.74 13.87
N ALA I 526 8.72 57.63 13.20
CA ALA I 526 9.33 56.48 13.83
C ALA I 526 10.53 56.03 12.99
N PRO I 527 11.68 55.85 13.62
CA PRO I 527 12.89 55.52 12.85
C PRO I 527 12.81 54.14 12.24
N ARG I 528 13.53 53.98 11.13
CA ARG I 528 13.53 52.73 10.41
C ARG I 528 14.32 51.66 11.17
N VAL I 529 13.99 50.41 10.91
CA VAL I 529 14.73 49.29 11.47
C VAL I 529 15.98 49.10 10.60
N SER I 530 17.13 49.47 11.14
CA SER I 530 18.38 49.36 10.40
C SER I 530 18.82 47.91 10.29
N LEU I 531 19.62 47.63 9.28
CA LEU I 531 20.09 46.28 8.98
C LEU I 531 21.39 46.00 9.71
N THR I 532 21.49 44.81 10.30
CA THR I 532 22.69 44.43 11.03
C THR I 532 23.73 43.90 10.04
N VAL I 533 24.79 44.67 9.84
CA VAL I 533 25.82 44.38 8.85
C VAL I 533 27.09 43.97 9.58
N GLU I 534 27.73 42.90 9.11
CA GLU I 534 28.97 42.43 9.70
C GLU I 534 30.09 43.43 9.48
N ASP I 535 31.05 43.43 10.40
CA ASP I 535 32.19 44.34 10.33
C ASP I 535 33.05 44.04 9.12
N ALA I 536 33.62 45.10 8.54
CA ALA I 536 34.40 44.99 7.31
C ALA I 536 35.76 44.33 7.52
N GLU I 537 36.18 44.09 8.77
CA GLU I 537 37.42 43.37 9.01
C GLU I 537 37.28 41.89 8.66
N VAL I 538 36.15 41.28 9.01
CA VAL I 538 35.94 39.85 8.72
C VAL I 538 35.22 39.61 7.41
N ARG I 539 34.69 40.66 6.77
CA ARG I 539 34.01 40.47 5.49
C ARG I 539 34.98 40.25 4.34
N ASN I 540 36.13 40.91 4.37
CA ASN I 540 37.06 40.88 3.24
C ASN I 540 37.71 39.52 3.03
N LYS I 541 37.58 38.60 3.99
CA LYS I 541 38.27 37.33 3.92
C LYS I 541 37.33 36.14 3.74
N SER I 542 36.06 36.30 4.03
CA SER I 542 35.12 35.20 4.06
C SER I 542 34.04 35.42 3.02
N PHE I 543 33.45 34.32 2.55
CA PHE I 543 32.26 34.37 1.74
C PHE I 543 31.00 34.23 2.58
N MET I 544 31.04 34.68 3.83
CA MET I 544 29.89 34.60 4.72
C MET I 544 28.96 35.79 4.49
N GLN I 545 27.74 35.66 4.99
CA GLN I 545 26.70 36.64 4.72
C GLN I 545 27.02 37.97 5.37
N VAL I 546 26.83 39.05 4.61
CA VAL I 546 27.15 40.38 5.09
C VAL I 546 26.00 41.02 5.85
N ALA I 547 24.79 40.46 5.79
CA ALA I 547 23.64 41.01 6.47
C ALA I 547 22.80 39.88 7.03
N LYS I 548 21.98 40.21 8.02
CA LYS I 548 21.11 39.26 8.70
C LYS I 548 19.65 39.54 8.39
N THR I 549 18.85 38.48 8.38
CA THR I 549 17.42 38.60 8.18
C THR I 549 16.77 39.23 9.42
N PHE I 550 15.63 39.89 9.22
CA PHE I 550 14.89 40.49 10.32
C PHE I 550 14.44 39.44 11.33
N THR I 551 14.46 39.83 12.59
CA THR I 551 13.81 39.06 13.63
C THR I 551 12.31 39.39 13.66
N GLU I 552 11.54 38.69 14.49
CA GLU I 552 10.10 38.91 14.50
C GLU I 552 9.75 40.26 15.14
N GLU I 553 10.50 40.67 16.16
CA GLU I 553 10.27 41.98 16.77
C GLU I 553 10.59 43.10 15.80
N GLU I 554 11.71 42.99 15.08
CA GLU I 554 12.06 43.98 14.07
C GLU I 554 11.03 44.02 12.95
N ALA I 555 10.56 42.85 12.51
CA ALA I 555 9.59 42.81 11.42
C ALA I 555 8.27 43.43 11.84
N LEU I 556 7.79 43.14 13.04
CA LEU I 556 6.56 43.76 13.53
C LEU I 556 6.72 45.27 13.65
N ARG I 557 7.86 45.72 14.20
CA ARG I 557 8.10 47.14 14.38
C ARG I 557 8.15 47.88 13.05
N GLU I 558 8.73 47.25 12.03
CA GLU I 558 8.81 47.90 10.73
C GLU I 558 7.48 47.87 9.99
N SER I 559 6.73 46.78 10.11
CA SER I 559 5.47 46.68 9.38
C SER I 559 4.38 47.55 9.98
N LYS I 560 4.45 47.84 11.28
CA LYS I 560 3.45 48.68 11.91
C LYS I 560 3.60 50.16 11.56
N ARG I 561 4.48 50.50 10.62
CA ARG I 561 4.78 51.89 10.28
C ARG I 561 4.15 52.33 8.97
N CYS I 562 3.43 51.43 8.30
CA CYS I 562 2.85 51.71 7.00
C CYS I 562 1.72 52.73 7.11
N LEU I 563 1.56 53.54 6.06
CA LEU I 563 0.57 54.60 6.05
C LEU I 563 -0.77 54.18 5.45
N GLU I 564 -0.85 52.99 4.85
CA GLU I 564 -2.06 52.45 4.22
C GLU I 564 -2.59 53.40 3.15
N CYS I 565 -1.81 53.53 2.08
CA CYS I 565 -2.10 54.50 1.04
C CYS I 565 -3.25 54.06 0.13
N GLY I 566 -3.38 52.76 -0.15
CA GLY I 566 -4.36 52.30 -1.11
C GLY I 566 -5.78 52.23 -0.55
N CYS I 567 -6.73 52.16 -1.48
CA CYS I 567 -8.14 52.10 -1.12
C CYS I 567 -8.46 50.74 -0.51
N ARG I 568 -9.17 50.75 0.63
CA ARG I 568 -9.54 49.49 1.27
C ARG I 568 -10.66 48.78 0.54
N ASP I 569 -11.41 49.50 -0.29
CA ASP I 569 -12.58 48.99 -0.97
C ASP I 569 -12.26 48.42 -2.34
N TYR I 570 -10.97 48.24 -2.67
CA TYR I 570 -10.60 47.93 -4.05
C TYR I 570 -11.17 46.59 -4.49
N PHE I 571 -11.12 45.58 -3.64
CA PHE I 571 -11.51 44.25 -4.06
C PHE I 571 -13.02 44.07 -4.10
N GLU I 572 -13.79 45.06 -3.66
CA GLU I 572 -15.23 45.02 -3.75
C GLU I 572 -15.85 46.24 -4.43
N CYS I 573 -15.04 47.23 -4.81
CA CYS I 573 -15.57 48.43 -5.45
C CYS I 573 -16.12 48.09 -6.82
N GLN I 574 -17.29 48.66 -7.13
CA GLN I 574 -17.93 48.43 -8.41
C GLN I 574 -17.63 49.51 -9.43
N LEU I 575 -17.11 50.66 -9.01
CA LEU I 575 -16.75 51.67 -10.00
C LEU I 575 -15.55 51.24 -10.83
N ILE I 576 -14.49 50.75 -10.17
CA ILE I 576 -13.30 50.34 -10.90
C ILE I 576 -13.57 49.11 -11.74
N LYS I 577 -14.52 48.27 -11.32
CA LYS I 577 -14.88 47.10 -12.12
C LYS I 577 -15.40 47.52 -13.49
N TYR I 578 -16.35 48.47 -13.51
CA TYR I 578 -16.90 48.92 -14.78
C TYR I 578 -15.92 49.80 -15.54
N ILE I 579 -15.09 50.54 -14.83
CA ILE I 579 -14.07 51.37 -15.49
C ILE I 579 -13.11 50.50 -16.27
N GLN I 580 -12.66 49.39 -15.66
CA GLN I 580 -11.77 48.47 -16.36
C GLN I 580 -12.50 47.58 -17.37
N ASP I 581 -13.79 47.33 -17.15
CA ASP I 581 -14.55 46.53 -18.11
C ASP I 581 -14.79 47.29 -19.41
N TYR I 582 -15.12 48.58 -19.31
CA TYR I 582 -15.42 49.38 -20.48
C TYR I 582 -14.23 50.17 -20.98
N ASP I 583 -13.07 49.99 -20.36
CA ASP I 583 -11.79 50.60 -20.76
C ASP I 583 -11.90 52.12 -20.85
N VAL I 584 -12.19 52.72 -19.70
CA VAL I 584 -12.28 54.16 -19.54
C VAL I 584 -10.96 54.65 -18.98
N SER I 585 -10.40 55.69 -19.57
CA SER I 585 -9.15 56.25 -19.08
C SER I 585 -9.41 56.97 -17.75
N THR I 586 -8.56 56.70 -16.78
CA THR I 586 -8.63 57.36 -15.48
C THR I 586 -7.68 58.54 -15.36
N GLU I 587 -7.02 58.93 -16.46
CA GLU I 587 -6.19 60.12 -16.46
C GLU I 587 -7.07 61.37 -16.31
N LYS I 588 -6.50 62.40 -15.69
CA LYS I 588 -7.26 63.60 -15.38
C LYS I 588 -6.67 64.82 -16.07
N ASP I 589 -7.56 65.67 -16.58
CA ASP I 589 -7.21 66.94 -17.16
C ASP I 589 -7.22 68.02 -16.09
N SER I 590 -6.21 68.87 -16.08
CA SER I 590 -6.09 69.88 -15.04
C SER I 590 -7.06 71.04 -15.25
N GLN I 591 -7.60 71.21 -16.46
CA GLN I 591 -8.47 72.35 -16.74
C GLN I 591 -9.90 72.14 -16.28
N VAL I 592 -10.28 70.92 -15.89
CA VAL I 592 -11.57 70.65 -15.28
C VAL I 592 -11.39 70.59 -13.77
N GLU I 593 -12.48 70.75 -13.03
CA GLU I 593 -12.39 70.76 -11.58
C GLU I 593 -13.06 69.54 -10.97
N CYS I 594 -12.37 68.93 -10.00
CA CYS I 594 -12.93 67.91 -9.13
C CYS I 594 -12.94 68.48 -7.73
N HIS I 595 -14.05 68.28 -7.01
CA HIS I 595 -14.16 68.78 -5.65
C HIS I 595 -13.20 68.03 -4.74
N LYS I 596 -12.34 68.78 -4.03
CA LYS I 596 -11.47 68.23 -3.00
C LYS I 596 -12.01 68.64 -1.64
N THR I 597 -12.03 67.70 -0.70
CA THR I 597 -12.60 67.93 0.61
C THR I 597 -11.51 67.93 1.68
N THR I 598 -11.80 68.64 2.77
CA THR I 598 -10.95 68.65 3.95
C THR I 598 -11.77 68.11 5.12
N GLU I 599 -12.41 66.98 4.87
CA GLU I 599 -13.36 66.39 5.80
C GLU I 599 -12.71 66.01 7.13
N PHE I 600 -13.46 66.22 8.21
CA PHE I 600 -13.05 65.81 9.55
C PHE I 600 -14.27 65.16 10.19
N ASP I 601 -14.44 63.86 9.95
CA ASP I 601 -15.49 63.07 10.59
C ASP I 601 -14.79 61.89 11.26
N ASN I 602 -14.39 62.08 12.51
CA ASN I 602 -13.74 61.02 13.28
C ASN I 602 -14.76 60.16 14.02
N HIS I 603 -15.72 59.62 13.30
CA HIS I 603 -16.61 58.63 13.87
C HIS I 603 -15.84 57.35 14.17
N PRO I 604 -16.10 56.69 15.30
CA PRO I 604 -15.36 55.47 15.63
C PRO I 604 -15.65 54.29 14.71
N PHE I 605 -16.73 54.30 13.95
CA PHE I 605 -17.11 53.12 13.19
C PHE I 605 -17.27 53.36 11.70
N ILE I 606 -17.83 54.50 11.30
CA ILE I 606 -18.20 54.76 9.91
C ILE I 606 -17.28 55.84 9.36
N GLU I 607 -16.66 55.58 8.21
CA GLU I 607 -15.84 56.56 7.52
C GLU I 607 -16.53 56.97 6.23
N ARG I 608 -16.67 58.28 6.03
CA ARG I 608 -17.32 58.85 4.87
C ARG I 608 -16.32 59.67 4.08
N ASN I 609 -16.21 59.39 2.78
CA ASN I 609 -15.31 60.11 1.89
C ASN I 609 -16.14 60.69 0.74
N PRO I 610 -16.45 61.97 0.77
CA PRO I 610 -17.21 62.57 -0.35
C PRO I 610 -16.43 62.64 -1.65
N ASP I 611 -15.12 62.47 -1.63
CA ASP I 611 -14.34 62.47 -2.86
C ASP I 611 -14.59 61.24 -3.71
N LYS I 612 -15.01 60.13 -3.10
CA LYS I 612 -15.25 58.89 -3.79
C LYS I 612 -16.73 58.58 -3.99
N CYS I 613 -17.59 59.59 -3.86
CA CYS I 613 -19.02 59.40 -3.92
C CYS I 613 -19.51 59.55 -5.36
N VAL I 614 -20.30 58.57 -5.82
CA VAL I 614 -20.93 58.65 -7.13
C VAL I 614 -22.37 59.12 -7.05
N LEU I 615 -22.86 59.47 -5.86
CA LEU I 615 -24.19 60.01 -5.62
C LEU I 615 -25.29 59.08 -6.15
N CYS I 616 -25.13 57.78 -5.89
CA CYS I 616 -26.19 56.84 -6.20
C CYS I 616 -27.36 56.95 -5.23
N GLY I 617 -27.15 57.53 -4.06
CA GLY I 617 -28.22 57.75 -3.11
C GLY I 617 -28.67 56.51 -2.37
N LEU I 618 -27.92 55.41 -2.44
CA LEU I 618 -28.34 54.18 -1.76
C LEU I 618 -28.28 54.33 -0.26
N CYS I 619 -27.29 55.08 0.24
CA CYS I 619 -27.11 55.21 1.69
C CYS I 619 -28.27 55.99 2.31
N VAL I 620 -28.66 57.12 1.70
CA VAL I 620 -29.75 57.91 2.26
C VAL I 620 -31.08 57.17 2.11
N ARG I 621 -31.26 56.44 1.01
CA ARG I 621 -32.47 55.66 0.81
C ARG I 621 -32.61 54.56 1.85
N VAL I 622 -31.50 53.87 2.16
CA VAL I 622 -31.56 52.81 3.16
C VAL I 622 -31.75 53.39 4.56
N CYS I 623 -31.03 54.47 4.90
CA CYS I 623 -31.17 55.05 6.22
C CYS I 623 -32.54 55.70 6.43
N ASP I 624 -33.24 56.06 5.36
CA ASP I 624 -34.56 56.65 5.49
C ASP I 624 -35.63 55.56 5.48
N GLU I 625 -35.59 54.66 4.51
CA GLU I 625 -36.68 53.71 4.28
C GLU I 625 -36.57 52.45 5.12
N VAL I 626 -35.37 52.00 5.45
CA VAL I 626 -35.17 50.74 6.17
C VAL I 626 -34.89 50.99 7.64
N VAL I 627 -33.81 51.70 7.95
CA VAL I 627 -33.45 51.94 9.34
C VAL I 627 -34.43 52.91 9.98
N GLY I 628 -34.76 53.99 9.28
CA GLY I 628 -35.66 54.99 9.83
C GLY I 628 -35.01 56.00 10.73
N ALA I 629 -33.69 55.94 10.91
CA ALA I 629 -32.99 56.95 11.70
C ALA I 629 -32.97 58.30 10.99
N THR I 630 -32.78 58.27 9.66
CA THR I 630 -32.61 59.46 8.83
C THR I 630 -31.53 60.36 9.41
N ALA I 631 -30.34 59.77 9.59
CA ALA I 631 -29.22 60.49 10.15
C ALA I 631 -28.38 61.21 9.09
N ILE I 632 -28.59 60.91 7.81
CA ILE I 632 -27.86 61.53 6.72
C ILE I 632 -28.85 62.00 5.68
N GLY I 633 -28.42 62.95 4.86
CA GLY I 633 -29.29 63.44 3.82
C GLY I 633 -28.49 64.23 2.80
N LEU I 634 -29.17 64.56 1.71
CA LEU I 634 -28.59 65.33 0.62
C LEU I 634 -28.63 66.82 0.93
N VAL I 635 -27.58 67.52 0.51
CA VAL I 635 -27.44 68.96 0.69
C VAL I 635 -26.95 69.54 -0.64
N GLY I 636 -27.74 70.43 -1.23
CA GLY I 636 -27.30 71.19 -2.38
C GLY I 636 -28.00 70.77 -3.66
N ARG I 637 -27.40 71.20 -4.77
CA ARG I 637 -27.94 70.99 -6.11
C ARG I 637 -26.79 70.86 -7.09
N GLY I 638 -27.00 70.08 -8.15
CA GLY I 638 -26.03 70.02 -9.24
C GLY I 638 -24.70 69.44 -8.80
N PHE I 639 -23.62 70.14 -9.18
CA PHE I 639 -22.28 69.77 -8.70
C PHE I 639 -22.15 69.89 -7.19
N ASP I 640 -22.89 70.79 -6.56
CA ASP I 640 -22.71 71.01 -5.13
C ASP I 640 -23.45 70.00 -4.27
N SER I 641 -24.13 69.02 -4.88
CA SER I 641 -24.84 68.00 -4.12
C SER I 641 -23.85 67.14 -3.35
N VAL I 642 -24.03 67.08 -2.04
CA VAL I 642 -23.17 66.28 -1.18
C VAL I 642 -24.04 65.65 -0.10
N ILE I 643 -23.69 64.44 0.32
CA ILE I 643 -24.44 63.72 1.33
C ILE I 643 -23.73 63.89 2.67
N MET I 644 -24.47 64.33 3.68
CA MET I 644 -23.84 64.67 4.95
C MET I 644 -24.89 64.56 6.04
N PRO I 645 -24.46 64.48 7.33
CA PRO I 645 -25.43 64.30 8.42
C PRO I 645 -26.37 65.46 8.65
N GLU I 646 -27.22 65.35 9.66
CA GLU I 646 -28.21 66.38 9.95
C GLU I 646 -27.53 67.68 10.37
N PHE I 647 -27.89 68.77 9.68
CA PHE I 647 -27.42 70.13 9.96
C PHE I 647 -25.90 70.25 9.88
N LYS I 648 -25.27 69.41 9.05
CA LYS I 648 -23.82 69.32 8.89
C LYS I 648 -23.10 69.03 10.21
N LEU I 649 -23.79 68.45 11.18
CA LEU I 649 -23.20 68.03 12.44
C LEU I 649 -22.33 66.79 12.23
N PRO I 650 -21.45 66.47 13.19
CA PRO I 650 -20.78 65.17 13.13
C PRO I 650 -21.78 64.04 13.27
N LEU I 651 -21.41 62.87 12.74
CA LEU I 651 -22.27 61.71 12.80
C LEU I 651 -22.48 61.20 14.23
N SER I 652 -21.61 61.59 15.16
CA SER I 652 -21.79 61.18 16.55
C SER I 652 -22.77 62.07 17.30
N GLU I 653 -23.13 63.22 16.74
CA GLU I 653 -24.05 64.15 17.39
C GLU I 653 -25.47 64.03 16.85
N THR I 654 -25.76 63.00 16.08
CA THR I 654 -27.05 62.83 15.43
C THR I 654 -27.66 61.49 15.85
N ALA I 655 -28.74 61.12 15.16
CA ALA I 655 -29.56 59.96 15.49
C ALA I 655 -29.04 58.65 14.92
N CYS I 656 -27.75 58.56 14.60
CA CYS I 656 -27.19 57.37 14.01
C CYS I 656 -27.20 56.19 14.98
N ILE I 657 -27.51 55.00 14.45
CA ILE I 657 -27.51 53.76 15.22
C ILE I 657 -26.16 53.05 15.13
N SER I 658 -25.29 53.46 14.21
CA SER I 658 -24.04 52.75 13.86
C SER I 658 -24.32 51.33 13.42
N CYS I 659 -25.42 51.14 12.69
CA CYS I 659 -25.77 49.82 12.18
C CYS I 659 -24.83 49.40 11.05
N GLY I 660 -24.45 50.33 10.19
CA GLY I 660 -23.58 50.02 9.08
C GLY I 660 -24.28 49.59 7.82
N GLN I 661 -25.57 49.88 7.67
CA GLN I 661 -26.26 49.52 6.43
C GLN I 661 -25.85 50.41 5.27
N CYS I 662 -25.55 51.68 5.57
CA CYS I 662 -25.01 52.58 4.55
C CYS I 662 -23.69 52.08 4.02
N VAL I 663 -22.86 51.50 4.89
CA VAL I 663 -21.62 50.87 4.45
C VAL I 663 -21.90 49.68 3.56
N ASP I 664 -22.91 48.89 3.92
CA ASP I 664 -23.15 47.63 3.23
C ASP I 664 -23.76 47.84 1.84
N VAL I 665 -24.48 48.94 1.62
CA VAL I 665 -25.05 49.15 0.28
C VAL I 665 -24.20 50.02 -0.63
N CYS I 666 -23.09 50.58 -0.14
CA CYS I 666 -22.28 51.48 -0.96
C CYS I 666 -21.51 50.71 -2.03
N PRO I 667 -21.55 51.14 -3.29
CA PRO I 667 -20.77 50.45 -4.33
C PRO I 667 -19.32 50.88 -4.44
N THR I 668 -18.92 51.98 -3.82
CA THR I 668 -17.56 52.51 -3.90
C THR I 668 -16.98 52.63 -2.49
N GLY I 669 -15.85 53.32 -2.38
CA GLY I 669 -15.21 53.49 -1.10
C GLY I 669 -15.61 54.75 -0.36
N ALA I 670 -16.73 55.35 -0.76
CA ALA I 670 -17.19 56.55 -0.08
C ALA I 670 -17.63 56.24 1.36
N CYS I 671 -18.32 55.13 1.57
CA CYS I 671 -18.64 54.66 2.91
C CYS I 671 -17.85 53.39 3.18
N MET I 672 -17.07 53.39 4.25
CA MET I 672 -16.42 52.17 4.71
C MET I 672 -16.62 52.04 6.20
N GLU I 673 -16.51 50.81 6.69
CA GLU I 673 -16.58 50.55 8.11
C GLU I 673 -15.18 50.58 8.70
N LYS I 674 -15.11 50.78 10.01
CA LYS I 674 -13.82 50.87 10.66
C LYS I 674 -13.22 49.48 10.84
N GLN I 675 -11.96 49.48 11.24
CA GLN I 675 -11.15 48.28 11.29
C GLN I 675 -11.40 47.50 12.59
N VAL I 676 -11.68 46.21 12.46
CA VAL I 676 -11.81 45.36 13.64
C VAL I 676 -10.45 44.78 14.06
N SER I 677 -9.58 44.52 13.10
CA SER I 677 -8.27 43.93 13.34
C SER I 677 -7.31 44.98 13.90
N TYR I 678 -6.04 44.58 14.07
CA TYR I 678 -5.02 45.49 14.59
C TYR I 678 -4.65 46.56 13.57
N LYS I 679 -4.59 46.20 12.29
CA LYS I 679 -4.33 47.17 11.22
C LYS I 679 -5.02 46.62 9.97
N GLN I 680 -6.17 47.20 9.61
CA GLN I 680 -6.87 46.62 8.46
C GLN I 680 -6.22 47.03 7.15
N ILE I 681 -6.58 46.25 6.13
CA ILE I 681 -5.90 46.26 4.83
C ILE I 681 -6.90 45.90 3.76
N PRO I 682 -6.64 46.33 2.53
CA PRO I 682 -7.38 45.78 1.40
C PRO I 682 -6.93 44.38 1.07
N ALA I 683 -7.81 43.39 1.24
CA ALA I 683 -7.47 42.03 0.90
C ALA I 683 -8.72 41.27 0.52
N ASN I 684 -8.53 40.17 -0.20
CA ASN I 684 -9.60 39.22 -0.50
C ASN I 684 -9.73 38.30 0.72
N MET I 685 -10.71 38.58 1.57
CA MET I 685 -10.88 37.83 2.79
C MET I 685 -11.62 36.53 2.52
N ASP I 686 -11.31 35.50 3.30
CA ASP I 686 -12.12 34.29 3.29
C ASP I 686 -13.38 34.52 4.09
N SER I 687 -14.48 33.91 3.65
CA SER I 687 -15.80 34.16 4.21
C SER I 687 -16.40 32.86 4.73
N MET I 688 -16.96 32.91 5.94
CA MET I 688 -17.64 31.78 6.55
C MET I 688 -19.01 32.22 7.05
N ALA I 689 -20.04 31.43 6.74
CA ALA I 689 -21.41 31.79 7.11
C ALA I 689 -21.74 31.29 8.51
N SER I 690 -22.22 32.18 9.36
CA SER I 690 -22.57 31.86 10.73
C SER I 690 -23.81 32.68 11.10
N VAL I 691 -24.15 32.71 12.39
CA VAL I 691 -25.26 33.52 12.87
C VAL I 691 -24.77 34.41 13.99
N CYS I 692 -25.45 35.53 14.17
CA CYS I 692 -25.04 36.50 15.18
C CYS I 692 -25.25 35.96 16.58
N GLY I 693 -24.34 36.29 17.48
CA GLY I 693 -24.38 35.76 18.83
C GLY I 693 -24.71 36.78 19.90
N TYR I 694 -25.68 37.65 19.64
CA TYR I 694 -26.02 38.70 20.59
C TYR I 694 -27.51 38.78 20.89
N CYS I 695 -28.36 38.55 19.89
CA CYS I 695 -29.79 38.75 20.00
C CYS I 695 -30.52 37.44 19.74
N GLY I 696 -31.78 37.39 20.17
CA GLY I 696 -32.63 36.28 19.81
C GLY I 696 -33.17 36.34 18.40
N VAL I 697 -32.96 37.45 17.70
CA VAL I 697 -33.40 37.56 16.31
C VAL I 697 -32.60 36.61 15.42
N GLY I 698 -31.32 36.41 15.71
CA GLY I 698 -30.53 35.41 15.00
C GLY I 698 -30.25 35.75 13.56
N CYS I 699 -29.71 36.94 13.31
CA CYS I 699 -29.36 37.34 11.96
C CYS I 699 -28.19 36.53 11.45
N ASN I 700 -28.23 36.20 10.17
CA ASN I 700 -27.16 35.46 9.52
C ASN I 700 -26.05 36.40 9.08
N VAL I 701 -24.81 35.97 9.29
CA VAL I 701 -23.64 36.80 9.03
C VAL I 701 -22.65 36.02 8.17
N ASN I 702 -21.78 36.77 7.50
CA ASN I 702 -20.60 36.26 6.83
C ASN I 702 -19.39 36.85 7.53
N ILE I 703 -18.62 36.00 8.20
CA ILE I 703 -17.40 36.42 8.87
C ILE I 703 -16.28 36.40 7.84
N GLU I 704 -15.62 37.53 7.65
CA GLU I 704 -14.53 37.66 6.69
C GLU I 704 -13.23 37.81 7.45
N TYR I 705 -12.32 36.86 7.22
CA TYR I 705 -11.12 36.67 8.00
C TYR I 705 -9.94 36.42 7.07
N LYS I 706 -8.75 36.39 7.64
CA LYS I 706 -7.52 36.10 6.90
C LYS I 706 -6.56 35.41 7.88
N GLY I 707 -6.57 34.10 7.86
CA GLY I 707 -5.72 33.33 8.76
C GLY I 707 -6.41 33.08 10.11
N ASP I 708 -5.93 33.79 11.14
CA ASP I 708 -6.51 33.69 12.47
C ASP I 708 -6.96 35.05 12.99
N VAL I 709 -7.27 35.99 12.11
CA VAL I 709 -7.71 37.32 12.48
C VAL I 709 -9.03 37.60 11.76
N VAL I 710 -10.06 37.95 12.53
CA VAL I 710 -11.35 38.31 11.97
C VAL I 710 -11.32 39.78 11.59
N PHE I 711 -11.58 40.07 10.32
CA PHE I 711 -11.44 41.43 9.81
C PHE I 711 -12.78 42.16 9.73
N ARG I 712 -13.81 41.51 9.22
CA ARG I 712 -15.11 42.18 9.17
C ARG I 712 -16.23 41.16 9.19
N VAL I 713 -17.45 41.67 9.35
CA VAL I 713 -18.66 40.87 9.31
C VAL I 713 -19.64 41.56 8.38
N THR I 714 -20.20 40.81 7.45
CA THR I 714 -21.14 41.36 6.49
C THR I 714 -22.47 40.61 6.56
N PRO I 715 -23.58 41.24 6.16
CA PRO I 715 -24.86 40.53 6.19
C PRO I 715 -24.93 39.45 5.12
N ASP I 716 -25.83 38.50 5.35
CA ASP I 716 -26.05 37.37 4.45
C ASP I 716 -27.28 37.68 3.60
N ARG I 717 -27.06 38.26 2.43
CA ARG I 717 -28.16 38.71 1.58
C ARG I 717 -28.77 37.59 0.75
N VAL I 718 -28.21 36.39 0.78
CA VAL I 718 -28.72 35.29 -0.02
C VAL I 718 -29.70 34.44 0.78
N ASN I 719 -29.35 34.10 2.03
CA ASN I 719 -30.16 33.23 2.85
C ASN I 719 -31.14 33.97 3.75
N ASP I 720 -30.96 35.28 3.95
CA ASP I 720 -31.87 36.05 4.79
C ASP I 720 -32.10 37.41 4.13
N ASP I 721 -32.66 38.33 4.91
CA ASP I 721 -32.97 39.66 4.40
C ASP I 721 -31.72 40.49 4.15
N GLY I 722 -30.63 40.18 4.84
CA GLY I 722 -29.40 40.91 4.63
C GLY I 722 -29.28 42.17 5.45
N TRP I 723 -29.89 42.24 6.62
CA TRP I 723 -29.75 43.38 7.51
C TRP I 723 -28.97 42.96 8.74
N LEU I 724 -28.36 43.94 9.39
CA LEU I 724 -27.64 43.73 10.64
C LEU I 724 -27.81 44.96 11.50
N CYS I 725 -27.26 44.90 12.70
CA CYS I 725 -27.21 46.04 13.59
C CYS I 725 -25.78 46.19 14.11
N GLN I 726 -25.60 47.11 15.06
CA GLN I 726 -24.25 47.44 15.51
C GLN I 726 -23.58 46.27 16.20
N ARG I 727 -24.31 45.52 17.01
CA ARG I 727 -23.73 44.39 17.73
C ARG I 727 -23.38 43.25 16.79
N GLY I 728 -24.11 43.11 15.67
CA GLY I 728 -23.78 42.07 14.72
C GLY I 728 -22.74 42.49 13.72
N LYS I 729 -22.75 43.77 13.33
CA LYS I 729 -21.75 44.29 12.40
C LYS I 729 -20.38 44.38 13.04
N PHE I 730 -20.29 44.99 14.23
CA PHE I 730 -19.01 45.34 14.83
C PHE I 730 -18.70 44.56 16.10
N GLY I 731 -19.52 43.58 16.47
CA GLY I 731 -19.37 42.96 17.76
C GLY I 731 -18.45 41.76 17.84
N LEU I 732 -17.72 41.44 16.77
CA LEU I 732 -16.85 40.29 16.76
C LEU I 732 -15.38 40.66 16.90
N GLY I 733 -15.09 41.84 17.43
CA GLY I 733 -13.72 42.22 17.72
C GLY I 733 -13.12 41.54 18.93
N HIS I 734 -13.96 41.01 19.83
CA HIS I 734 -13.45 40.30 20.99
C HIS I 734 -12.73 39.01 20.61
N ALA I 735 -12.94 38.52 19.38
CA ALA I 735 -12.16 37.39 18.90
C ALA I 735 -10.69 37.75 18.74
N ASN I 736 -10.40 39.02 18.46
CA ASN I 736 -9.03 39.48 18.25
C ASN I 736 -8.43 40.08 19.50
N ASP I 737 -9.09 39.96 20.63
CA ASP I 737 -8.60 40.54 21.86
C ASP I 737 -7.35 39.83 22.34
N LYS I 738 -6.37 40.60 22.80
CA LYS I 738 -5.15 40.04 23.35
C LYS I 738 -5.27 39.73 24.84
N ALA I 739 -6.37 40.12 25.48
CA ALA I 739 -6.61 39.86 26.89
C ALA I 739 -7.34 38.55 27.15
N ARG I 740 -7.60 37.77 26.10
CA ARG I 740 -8.25 36.48 26.27
C ARG I 740 -7.32 35.50 26.97
N LEU I 741 -7.91 34.62 27.77
CA LEU I 741 -7.15 33.59 28.45
C LEU I 741 -6.70 32.51 27.47
N THR I 742 -5.62 31.83 27.82
CA THR I 742 -5.06 30.78 26.97
C THR I 742 -5.00 29.42 27.65
N ALA I 743 -4.67 29.38 28.94
CA ALA I 743 -4.53 28.12 29.66
C ALA I 743 -5.31 28.19 30.96
N PRO I 744 -5.78 27.05 31.46
CA PRO I 744 -6.45 27.06 32.77
C PRO I 744 -5.50 27.40 33.89
N VAL I 745 -6.04 28.04 34.93
CA VAL I 745 -5.27 28.50 36.07
C VAL I 745 -5.93 28.01 37.35
N ILE I 746 -5.12 27.59 38.31
CA ILE I 746 -5.58 27.08 39.58
C ILE I 746 -5.02 27.98 40.68
N LYS I 747 -5.85 28.32 41.65
CA LYS I 747 -5.46 29.22 42.73
C LYS I 747 -4.77 28.42 43.82
N ARG I 748 -3.46 28.60 43.96
CA ARG I 748 -2.68 28.01 45.04
C ARG I 748 -1.98 29.13 45.79
N ASN I 749 -2.12 29.12 47.12
CA ASN I 749 -1.53 30.14 48.01
C ASN I 749 -1.97 31.55 47.62
N GLY I 750 -3.17 31.70 47.07
CA GLY I 750 -3.63 33.00 46.64
C GLY I 750 -3.03 33.50 45.35
N GLN I 751 -2.40 32.63 44.56
CA GLN I 751 -1.89 33.03 43.25
C GLN I 751 -2.41 32.05 42.20
N PHE I 752 -2.82 32.58 41.05
CA PHE I 752 -3.21 31.74 39.94
C PHE I 752 -1.96 31.20 39.24
N VAL I 753 -1.85 29.88 39.15
CA VAL I 753 -0.74 29.23 38.47
C VAL I 753 -1.30 28.42 37.31
N LYS I 754 -0.61 28.51 36.16
CA LYS I 754 -1.04 27.78 34.97
C LYS I 754 -0.88 26.28 35.17
N VAL I 755 -1.79 25.52 34.57
CA VAL I 755 -1.77 24.06 34.63
C VAL I 755 -2.06 23.50 33.24
N ASP I 756 -1.90 22.19 33.11
CA ASP I 756 -2.27 21.49 31.90
C ASP I 756 -3.78 21.23 31.88
N TRP I 757 -4.27 20.74 30.74
CA TRP I 757 -5.69 20.43 30.64
C TRP I 757 -6.06 19.22 31.48
N ASN I 758 -5.18 18.22 31.55
CA ASN I 758 -5.47 17.04 32.37
C ASN I 758 -5.50 17.39 33.86
N GLU I 759 -4.56 18.21 34.32
CA GLU I 759 -4.54 18.60 35.72
C GLU I 759 -5.78 19.42 36.08
N ALA I 760 -6.20 20.32 35.18
CA ALA I 760 -7.40 21.11 35.40
C ALA I 760 -8.64 20.22 35.46
N ASN I 761 -8.74 19.26 34.53
CA ASN I 761 -9.88 18.35 34.51
C ASN I 761 -9.96 17.55 35.80
N LEU I 762 -8.82 16.99 36.23
CA LEU I 762 -8.80 16.21 37.46
C LEU I 762 -9.16 17.08 38.66
N GLU I 763 -8.67 18.32 38.69
CA GLU I 763 -8.94 19.20 39.82
C GLU I 763 -10.43 19.52 39.93
N VAL I 764 -11.07 19.88 38.81
CA VAL I 764 -12.48 20.27 38.90
C VAL I 764 -13.34 19.06 39.24
N VAL I 765 -13.05 17.89 38.66
CA VAL I 765 -13.85 16.70 38.96
C VAL I 765 -13.70 16.30 40.42
N LYS I 766 -12.47 16.30 40.94
CA LYS I 766 -12.25 15.88 42.32
C LYS I 766 -12.85 16.87 43.31
N ARG I 767 -12.81 18.18 42.99
CA ARG I 767 -13.37 19.16 43.93
C ARG I 767 -14.89 19.08 43.97
N LEU I 768 -15.53 18.85 42.82
CA LEU I 768 -16.98 18.63 42.82
C LEU I 768 -17.34 17.38 43.60
N GLN I 769 -16.53 16.32 43.46
CA GLN I 769 -16.77 15.11 44.24
C GLN I 769 -16.61 15.36 45.74
N ALA I 770 -15.64 16.19 46.12
CA ALA I 770 -15.46 16.52 47.53
C ALA I 770 -16.67 17.26 48.09
N VAL I 771 -17.21 18.22 47.31
CA VAL I 771 -18.39 18.95 47.76
C VAL I 771 -19.58 18.01 47.92
N VAL I 772 -19.78 17.10 46.97
CA VAL I 772 -20.89 16.16 47.06
C VAL I 772 -20.73 15.24 48.26
N ALA I 773 -19.51 14.74 48.50
CA ALA I 773 -19.28 13.82 49.60
C ALA I 773 -19.50 14.50 50.95
N ALA I 774 -19.06 15.76 51.09
CA ALA I 774 -19.22 16.44 52.36
C ALA I 774 -20.66 16.85 52.62
N TYR I 775 -21.37 17.34 51.58
CA TYR I 775 -22.64 18.00 51.81
C TYR I 775 -23.84 17.32 51.13
N GLY I 776 -23.64 16.26 50.37
CA GLY I 776 -24.76 15.51 49.86
C GLY I 776 -25.41 16.10 48.62
N LYS I 777 -26.68 15.71 48.42
CA LYS I 777 -27.41 16.04 47.21
C LYS I 777 -27.77 17.53 47.15
N ASP I 778 -27.79 18.05 45.92
CA ASP I 778 -28.25 19.41 45.61
C ASP I 778 -27.40 20.48 46.29
N SER I 779 -26.11 20.22 46.46
CA SER I 779 -25.19 21.20 47.03
C SER I 779 -24.37 21.93 45.97
N ILE I 780 -24.65 21.69 44.69
CA ILE I 780 -23.92 22.30 43.59
C ILE I 780 -24.94 22.96 42.67
N GLY I 781 -24.67 24.21 42.28
CA GLY I 781 -25.49 24.93 41.32
C GLY I 781 -24.72 25.12 40.02
N VAL I 782 -25.39 24.90 38.90
CA VAL I 782 -24.80 25.08 37.58
C VAL I 782 -25.46 26.28 36.94
N VAL I 783 -24.74 27.39 36.85
CA VAL I 783 -25.22 28.62 36.26
C VAL I 783 -24.55 28.78 34.90
N VAL I 784 -25.35 28.75 33.83
CA VAL I 784 -24.81 28.85 32.48
C VAL I 784 -25.19 30.19 31.88
N SER I 785 -24.60 30.48 30.74
CA SER I 785 -24.94 31.62 29.91
C SER I 785 -25.72 31.14 28.69
N PRO I 786 -26.79 31.85 28.31
CA PRO I 786 -27.56 31.48 27.12
C PRO I 786 -26.87 31.82 25.81
N ARG I 787 -25.57 32.09 25.80
CA ARG I 787 -24.85 32.31 24.55
C ARG I 787 -24.22 31.04 23.98
N LEU I 788 -24.25 29.94 24.73
CA LEU I 788 -23.63 28.70 24.25
C LEU I 788 -24.54 27.97 23.28
N THR I 789 -23.97 27.06 22.53
CA THR I 789 -24.74 26.30 21.57
C THR I 789 -25.57 25.22 22.28
N ASN I 790 -26.43 24.56 21.50
CA ASN I 790 -27.33 23.57 22.08
C ASN I 790 -26.57 22.35 22.60
N GLU I 791 -25.49 21.97 21.94
CA GLU I 791 -24.71 20.81 22.37
C GLU I 791 -23.96 21.12 23.66
N GLU I 792 -23.43 22.34 23.78
CA GLU I 792 -22.80 22.76 25.02
C GLU I 792 -23.79 22.76 26.18
N LEU I 793 -25.01 23.24 25.94
CA LEU I 793 -26.02 23.26 26.99
C LEU I 793 -26.48 21.86 27.36
N PHE I 794 -26.59 20.97 26.37
CA PHE I 794 -26.93 19.59 26.65
C PHE I 794 -25.85 18.91 27.50
N LEU I 795 -24.58 19.15 27.18
CA LEU I 795 -23.50 18.56 27.98
C LEU I 795 -23.43 19.17 29.37
N ALA I 796 -23.76 20.46 29.51
CA ALA I 796 -23.83 21.07 30.83
C ALA I 796 -24.96 20.46 31.66
N GLY I 797 -26.10 20.18 31.03
CA GLY I 797 -27.16 19.48 31.74
C GLY I 797 -26.77 18.07 32.16
N LYS I 798 -26.04 17.37 31.29
CA LYS I 798 -25.55 16.04 31.64
C LYS I 798 -24.56 16.12 32.80
N LEU I 799 -23.70 17.13 32.80
CA LEU I 799 -22.77 17.32 33.91
C LEU I 799 -23.49 17.63 35.21
N ALA I 800 -24.56 18.41 35.14
CA ALA I 800 -25.39 18.66 36.32
C ALA I 800 -26.03 17.37 36.82
N ASP I 801 -26.46 16.50 35.90
CA ASP I 801 -27.03 15.22 36.32
C ASP I 801 -25.97 14.31 36.94
N ALA I 802 -24.72 14.37 36.46
CA ALA I 802 -23.69 13.45 36.92
C ALA I 802 -23.20 13.77 38.32
N VAL I 803 -23.23 15.03 38.74
CA VAL I 803 -22.79 15.42 40.07
C VAL I 803 -23.96 15.50 41.05
N ASN I 804 -25.11 14.93 40.69
CA ASN I 804 -26.28 14.79 41.57
C ASN I 804 -26.79 16.15 42.07
N THR I 805 -27.25 16.96 41.12
CA THR I 805 -27.87 18.23 41.46
C THR I 805 -29.02 18.51 40.49
N THR I 806 -29.99 19.27 40.97
CA THR I 806 -31.11 19.71 40.13
C THR I 806 -31.13 21.22 39.94
N ILE I 807 -30.17 21.93 40.52
CA ILE I 807 -30.13 23.38 40.41
C ILE I 807 -29.31 23.70 39.16
N LYS I 808 -29.99 23.77 38.03
CA LYS I 808 -29.42 24.27 36.79
C LYS I 808 -30.19 25.51 36.39
N THR I 809 -29.47 26.61 36.18
CA THR I 809 -30.12 27.90 36.01
C THR I 809 -29.22 28.84 35.23
N SER I 810 -29.67 30.09 35.10
CA SER I 810 -28.97 31.13 34.39
C SER I 810 -29.47 32.46 34.89
N TYR I 811 -28.57 33.45 35.00
CA TYR I 811 -28.99 34.76 35.45
C TYR I 811 -29.74 35.52 34.37
N SER I 812 -29.48 35.21 33.09
CA SER I 812 -30.13 35.91 32.00
C SER I 812 -31.53 35.35 31.72
N VAL I 813 -31.70 34.03 31.77
CA VAL I 813 -33.03 33.47 31.56
C VAL I 813 -33.94 33.80 32.73
N ASP I 814 -33.45 33.60 33.96
CA ASP I 814 -34.14 33.89 35.22
C ASP I 814 -35.58 33.40 35.26
N GLY I 815 -35.79 32.13 34.90
CA GLY I 815 -37.06 31.49 35.15
C GLY I 815 -38.04 31.47 33.99
N GLY I 816 -37.66 31.98 32.82
CA GLY I 816 -38.56 32.00 31.68
C GLY I 816 -39.49 33.19 31.69
N SER I 817 -40.33 33.25 30.64
CA SER I 817 -41.23 34.36 30.44
C SER I 817 -42.62 34.13 31.01
N GLY I 818 -42.89 32.96 31.58
CA GLY I 818 -44.18 32.69 32.18
C GLY I 818 -45.26 32.30 31.20
N LEU I 819 -44.96 32.23 29.90
CA LEU I 819 -45.92 31.79 28.90
C LEU I 819 -46.13 30.29 28.94
N GLY I 820 -45.16 29.54 29.49
CA GLY I 820 -45.28 28.10 29.58
C GLY I 820 -46.35 27.63 30.54
N SER I 821 -46.57 28.36 31.63
CA SER I 821 -47.61 28.00 32.56
C SER I 821 -49.00 28.19 31.96
N VAL I 822 -49.15 29.12 31.03
CA VAL I 822 -50.44 29.40 30.43
C VAL I 822 -50.71 28.51 29.22
N LEU I 823 -49.76 28.40 28.30
CA LEU I 823 -50.00 27.69 27.06
C LEU I 823 -49.36 26.30 26.99
N GLY I 824 -48.27 26.08 27.71
CA GLY I 824 -47.59 24.79 27.74
C GLY I 824 -46.13 24.85 27.34
N TYR I 825 -45.81 25.63 26.31
CA TYR I 825 -44.45 25.81 25.84
C TYR I 825 -44.05 27.25 26.05
N ASP I 826 -42.85 27.47 26.61
CA ASP I 826 -42.31 28.81 26.76
C ASP I 826 -41.60 29.22 25.48
N ALA I 827 -42.40 29.49 24.46
CA ALA I 827 -41.88 29.85 23.15
C ALA I 827 -42.93 30.66 22.41
N SER I 828 -42.49 31.36 21.37
CA SER I 828 -43.42 32.09 20.52
C SER I 828 -44.23 31.12 19.68
N THR I 829 -45.50 31.45 19.47
CA THR I 829 -46.42 30.58 18.77
C THR I 829 -46.37 30.75 17.25
N ASN I 830 -45.60 31.70 16.73
CA ASN I 830 -45.50 31.93 15.31
C ASN I 830 -44.09 32.37 14.95
N SER I 831 -43.76 32.28 13.67
CA SER I 831 -42.42 32.57 13.19
C SER I 831 -42.31 34.02 12.73
N PHE I 832 -41.07 34.45 12.51
CA PHE I 832 -40.83 35.77 11.95
C PHE I 832 -41.33 35.87 10.51
N ALA I 833 -41.29 34.75 9.78
CA ALA I 833 -41.70 34.71 8.38
C ALA I 833 -43.16 35.04 8.19
N GLU I 834 -43.95 35.00 9.25
CA GLU I 834 -45.37 35.34 9.19
C GLU I 834 -45.65 36.79 9.54
N LEU I 835 -44.60 37.61 9.75
CA LEU I 835 -44.83 39.02 10.05
C LEU I 835 -45.27 39.82 8.84
N ASP I 836 -45.09 39.30 7.63
CA ASP I 836 -45.45 40.04 6.43
C ASP I 836 -46.91 39.91 6.06
N ASN I 837 -47.62 38.92 6.60
CA ASN I 837 -49.01 38.68 6.24
C ASN I 837 -50.00 39.12 7.31
N SER I 838 -49.53 39.64 8.44
CA SER I 838 -50.45 40.19 9.42
C SER I 838 -50.99 41.53 8.94
N ASP I 839 -52.18 41.88 9.42
CA ASP I 839 -52.73 43.20 9.18
C ASP I 839 -52.72 44.08 10.42
N PHE I 840 -52.13 43.59 11.51
CA PHE I 840 -51.99 44.40 12.71
C PHE I 840 -50.87 43.82 13.55
N VAL I 841 -49.94 44.66 13.98
CA VAL I 841 -48.85 44.27 14.87
C VAL I 841 -48.91 45.17 16.08
N LEU I 842 -49.03 44.57 17.26
CA LEU I 842 -49.01 45.29 18.52
C LEU I 842 -47.67 45.04 19.19
N THR I 843 -46.92 46.11 19.40
CA THR I 843 -45.57 46.02 19.94
C THR I 843 -45.58 46.34 21.41
N LEU I 844 -45.05 45.43 22.22
CA LEU I 844 -44.93 45.61 23.65
C LEU I 844 -43.45 45.64 24.01
N GLY I 845 -43.03 46.70 24.69
CA GLY I 845 -41.63 46.87 25.02
C GLY I 845 -40.87 47.65 23.95
N LYS I 846 -39.55 47.74 24.17
CA LYS I 846 -38.67 48.49 23.28
C LYS I 846 -38.02 47.53 22.29
N VAL I 847 -38.79 47.14 21.27
CA VAL I 847 -38.27 46.27 20.23
C VAL I 847 -37.27 47.01 19.35
N LYS I 848 -37.52 48.30 19.11
CA LYS I 848 -36.65 49.08 18.21
C LYS I 848 -35.25 49.22 18.77
N GLU I 849 -35.13 49.49 20.08
CA GLU I 849 -33.82 49.74 20.65
C GLU I 849 -33.04 48.47 20.93
N ASN I 850 -33.72 47.37 21.25
CA ASN I 850 -33.05 46.15 21.66
C ASN I 850 -32.82 45.18 20.50
N HIS I 851 -33.82 45.00 19.65
CA HIS I 851 -33.74 44.09 18.50
C HIS I 851 -34.08 44.90 17.27
N PRO I 852 -33.15 45.73 16.78
CA PRO I 852 -33.52 46.69 15.73
C PRO I 852 -33.76 46.08 14.37
N VAL I 853 -33.16 44.93 14.05
CA VAL I 853 -33.42 44.31 12.75
C VAL I 853 -34.87 43.84 12.66
N LEU I 854 -35.47 43.47 13.79
CA LEU I 854 -36.88 43.16 13.82
C LEU I 854 -37.72 44.38 13.43
N ASP I 855 -37.32 45.56 13.93
CA ASP I 855 -38.00 46.78 13.51
C ASP I 855 -37.76 47.10 12.05
N PHE I 856 -36.57 46.79 11.53
CA PHE I 856 -36.32 46.97 10.09
C PHE I 856 -37.31 46.14 9.28
N LYS I 857 -37.49 44.88 9.68
CA LYS I 857 -38.39 43.98 8.97
C LYS I 857 -39.84 44.44 9.07
N ILE I 858 -40.26 44.89 10.27
CA ILE I 858 -41.62 45.35 10.46
C ILE I 858 -41.89 46.61 9.63
N ARG I 859 -40.91 47.52 9.58
CA ARG I 859 -41.09 48.74 8.79
C ARG I 859 -41.13 48.44 7.30
N LEU I 860 -40.28 47.54 6.82
CA LEU I 860 -40.29 47.24 5.40
C LEU I 860 -41.50 46.41 4.99
N SER I 861 -42.12 45.68 5.91
CA SER I 861 -43.30 44.90 5.57
C SER I 861 -44.47 45.80 5.20
N GLY I 862 -44.57 46.97 5.83
CA GLY I 862 -45.60 47.93 5.51
C GLY I 862 -46.93 47.73 6.21
N VAL I 863 -47.01 46.79 7.16
CA VAL I 863 -48.27 46.58 7.87
C VAL I 863 -48.44 47.65 8.93
N CYS I 864 -49.68 47.77 9.44
CA CYS I 864 -50.01 48.77 10.44
C CYS I 864 -49.52 48.31 11.80
N SER I 865 -48.60 49.07 12.40
CA SER I 865 -48.00 48.74 13.69
C SER I 865 -48.40 49.80 14.71
N VAL I 866 -48.88 49.35 15.86
CA VAL I 866 -49.26 50.22 16.96
C VAL I 866 -48.46 49.80 18.19
N ALA I 867 -47.78 50.75 18.81
CA ALA I 867 -47.00 50.48 20.00
C ALA I 867 -47.86 50.66 21.25
N TRP I 868 -47.62 49.82 22.24
CA TRP I 868 -48.29 49.96 23.52
C TRP I 868 -47.84 51.27 24.18
N PRO I 869 -48.76 52.09 24.67
CA PRO I 869 -48.38 53.40 25.20
C PRO I 869 -47.52 53.28 26.45
N GLN I 870 -46.57 54.21 26.57
CA GLN I 870 -45.70 54.23 27.74
C GLN I 870 -46.43 54.65 29.01
N SER I 871 -47.53 55.40 28.86
CA SER I 871 -48.31 55.85 30.01
C SER I 871 -49.21 54.78 30.58
N LEU I 872 -49.06 53.53 30.14
CA LEU I 872 -49.87 52.43 30.60
C LEU I 872 -48.98 51.38 31.26
N ALA I 873 -48.06 51.83 32.10
CA ALA I 873 -47.04 50.96 32.69
C ALA I 873 -47.56 50.16 33.88
N ASN I 874 -48.87 50.06 34.05
CA ASN I 874 -49.47 49.33 35.15
C ASN I 874 -50.28 48.16 34.63
N THR I 875 -50.28 47.07 35.38
CA THR I 875 -51.02 45.88 34.98
C THR I 875 -52.54 46.10 35.02
N ALA I 876 -53.01 47.00 35.89
CA ALA I 876 -54.42 47.32 35.94
C ALA I 876 -54.92 47.89 34.62
N ASP I 877 -54.07 48.61 33.89
CA ASP I 877 -54.43 49.05 32.55
C ASP I 877 -54.61 47.87 31.60
N MET I 878 -53.78 46.83 31.76
CA MET I 878 -53.95 45.63 30.96
C MET I 878 -55.23 44.89 31.32
N LYS I 879 -55.62 44.93 32.59
CA LYS I 879 -56.90 44.34 32.99
C LYS I 879 -58.07 45.12 32.37
N VAL I 880 -57.94 46.44 32.30
CA VAL I 880 -58.93 47.25 31.60
C VAL I 880 -58.97 46.87 30.11
N PHE I 881 -57.81 46.58 29.54
CA PHE I 881 -57.74 46.11 28.15
C PHE I 881 -58.48 44.79 27.96
N LEU I 882 -58.29 43.85 28.88
CA LEU I 882 -59.00 42.58 28.83
C LEU I 882 -60.51 42.79 28.95
N LYS I 883 -60.92 43.68 29.85
CA LYS I 883 -62.34 43.99 30.02
C LYS I 883 -62.94 44.59 28.75
N ALA I 884 -62.20 45.49 28.11
CA ALA I 884 -62.68 46.11 26.87
C ALA I 884 -62.76 45.09 25.75
N LEU I 885 -61.84 44.12 25.72
CA LEU I 885 -61.93 43.06 24.72
C LEU I 885 -63.13 42.16 24.98
N LEU I 886 -63.42 41.88 26.26
CA LEU I 886 -64.57 41.03 26.58
C LEU I 886 -65.89 41.74 26.27
N ASN I 887 -65.95 43.05 26.51
CA ASN I 887 -67.17 43.80 26.22
C ASN I 887 -67.42 43.97 24.73
N LEU I 888 -66.43 43.68 23.89
CA LEU I 888 -66.59 43.76 22.44
C LEU I 888 -67.16 42.49 21.83
N GLY I 889 -67.65 41.56 22.66
CA GLY I 889 -68.32 40.39 22.13
C GLY I 889 -67.43 39.27 21.66
N VAL I 890 -66.71 38.63 22.58
CA VAL I 890 -65.99 37.41 22.26
C VAL I 890 -66.92 36.22 22.49
N ASP I 891 -66.52 35.07 21.94
CA ASP I 891 -67.30 33.84 22.10
C ASP I 891 -66.97 33.22 23.45
N GLU I 892 -67.95 33.21 24.36
CA GLU I 892 -67.70 32.69 25.70
C GLU I 892 -67.67 31.17 25.74
N ASN I 893 -68.39 30.50 24.82
CA ASN I 893 -68.51 29.05 24.92
C ASN I 893 -67.23 28.36 24.48
N LYS I 894 -66.61 28.83 23.39
CA LYS I 894 -65.36 28.23 22.93
C LYS I 894 -64.25 28.41 23.96
N VAL I 895 -64.11 29.62 24.51
CA VAL I 895 -63.06 29.84 25.48
C VAL I 895 -63.39 29.15 26.80
N ALA I 896 -64.68 28.90 27.05
CA ALA I 896 -65.05 28.16 28.25
C ALA I 896 -64.69 26.69 28.12
N GLU I 897 -64.87 26.11 26.94
CA GLU I 897 -64.53 24.70 26.75
C GLU I 897 -63.04 24.49 26.45
N LYS I 898 -62.31 25.56 26.12
CA LYS I 898 -60.89 25.43 25.81
C LYS I 898 -59.96 25.86 26.93
N THR I 899 -60.46 26.53 27.97
CA THR I 899 -59.62 27.07 29.03
C THR I 899 -60.09 26.56 30.38
N GLU I 900 -59.23 26.78 31.38
CA GLU I 900 -59.55 26.52 32.78
C GLU I 900 -59.49 27.81 33.56
N GLY I 901 -60.56 28.12 34.28
CA GLY I 901 -60.59 29.32 35.08
C GLY I 901 -61.02 30.57 34.35
N PHE I 902 -61.80 30.44 33.28
CA PHE I 902 -62.33 31.62 32.60
C PHE I 902 -63.46 32.27 33.40
N ALA I 903 -64.21 31.47 34.18
CA ALA I 903 -65.29 32.03 34.98
C ALA I 903 -64.77 32.98 36.04
N GLU I 904 -63.68 32.59 36.72
CA GLU I 904 -63.08 33.47 37.72
C GLU I 904 -62.45 34.70 37.07
N LEU I 905 -61.92 34.55 35.84
CA LEU I 905 -61.39 35.70 35.12
C LEU I 905 -62.50 36.70 34.79
N LYS I 906 -63.67 36.20 34.39
CA LYS I 906 -64.81 37.08 34.15
C LYS I 906 -65.28 37.74 35.44
N ALA I 907 -65.29 36.98 36.54
CA ALA I 907 -65.73 37.52 37.82
C ALA I 907 -64.80 38.63 38.30
N SER I 908 -63.48 38.46 38.13
CA SER I 908 -62.53 39.44 38.63
C SER I 908 -62.54 40.73 37.83
N LEU I 909 -63.17 40.75 36.66
CA LEU I 909 -63.27 41.96 35.84
C LEU I 909 -64.67 42.56 35.88
N ALA I 910 -65.40 42.36 36.98
CA ALA I 910 -66.80 42.75 37.03
C ALA I 910 -66.97 44.26 37.14
N ASP I 911 -66.17 44.90 38.00
CA ASP I 911 -66.30 46.33 38.27
C ASP I 911 -65.17 47.15 37.65
N VAL I 912 -64.67 46.72 36.51
CA VAL I 912 -63.58 47.40 35.83
C VAL I 912 -64.17 48.38 34.82
N LYS I 913 -63.81 49.65 34.95
CA LYS I 913 -64.21 50.69 34.03
C LYS I 913 -63.23 50.77 32.87
N VAL I 914 -63.70 51.30 31.74
CA VAL I 914 -62.93 51.33 30.50
C VAL I 914 -62.73 52.79 30.09
N SER I 915 -61.49 53.15 29.78
CA SER I 915 -61.15 54.49 29.34
C SER I 915 -61.22 54.59 27.81
N GLU I 916 -60.97 55.80 27.31
CA GLU I 916 -61.12 56.05 25.88
C GLU I 916 -59.97 55.43 25.08
N GLU I 917 -58.73 55.62 25.52
CA GLU I 917 -57.59 55.10 24.78
C GLU I 917 -57.55 53.58 24.83
N ILE I 918 -57.94 53.00 25.96
CA ILE I 918 -58.03 51.55 26.08
C ILE I 918 -59.08 51.02 25.11
N GLN I 919 -60.21 51.72 25.01
CA GLN I 919 -61.26 51.32 24.08
C GLN I 919 -60.77 51.38 22.64
N ALA I 920 -60.00 52.43 22.30
CA ALA I 920 -59.47 52.54 20.95
C ALA I 920 -58.50 51.42 20.63
N LEU I 921 -57.59 51.10 21.56
CA LEU I 921 -56.64 50.01 21.34
C LEU I 921 -57.36 48.67 21.22
N ALA I 922 -58.35 48.43 22.08
CA ALA I 922 -59.09 47.18 22.02
C ALA I 922 -59.88 47.06 20.73
N GLN I 923 -60.46 48.16 20.24
CA GLN I 923 -61.17 48.14 18.98
C GLN I 923 -60.23 47.85 17.83
N LYS I 924 -59.03 48.45 17.85
CA LYS I 924 -58.05 48.19 16.80
C LYS I 924 -57.62 46.73 16.80
N TYR I 925 -57.41 46.16 17.99
CA TYR I 925 -56.96 44.77 18.07
C TYR I 925 -58.06 43.80 17.66
N ALA I 926 -59.29 44.01 18.17
CA ALA I 926 -60.37 43.07 17.91
C ALA I 926 -60.95 43.20 16.51
N LYS I 927 -60.78 44.36 15.87
CA LYS I 927 -61.28 44.52 14.51
C LYS I 927 -60.45 43.72 13.51
N ALA I 928 -59.13 43.70 13.69
CA ALA I 928 -58.23 43.12 12.70
C ALA I 928 -58.38 41.60 12.64
N ALA I 929 -58.28 41.05 11.44
CA ALA I 929 -58.50 39.63 11.23
C ALA I 929 -57.33 38.78 11.72
N LYS I 930 -56.09 39.18 11.42
CA LYS I 930 -54.90 38.39 11.73
C LYS I 930 -53.87 39.26 12.44
N PRO I 931 -54.03 39.48 13.75
CA PRO I 931 -53.07 40.30 14.48
C PRO I 931 -51.96 39.49 15.13
N LEU I 932 -50.83 40.15 15.31
CA LEU I 932 -49.68 39.60 16.02
C LEU I 932 -49.29 40.52 17.15
N ILE I 933 -48.79 39.94 18.24
CA ILE I 933 -48.24 40.69 19.35
C ILE I 933 -46.76 40.36 19.46
N VAL I 934 -45.91 41.37 19.34
CA VAL I 934 -44.47 41.21 19.43
C VAL I 934 -44.03 41.77 20.76
N ILE I 935 -43.57 40.90 21.65
CA ILE I 935 -43.23 41.25 23.02
C ILE I 935 -41.73 41.18 23.18
N ASP I 936 -41.12 42.27 23.65
CA ASP I 936 -39.69 42.34 23.89
C ASP I 936 -39.40 41.87 25.31
N GLU I 937 -38.66 40.77 25.43
CA GLU I 937 -38.47 40.13 26.72
C GLU I 937 -37.58 40.94 27.67
N ASP I 938 -36.82 41.89 27.15
CA ASP I 938 -35.88 42.63 27.99
C ASP I 938 -36.60 43.62 28.91
N THR I 939 -37.63 44.29 28.40
CA THR I 939 -38.22 45.42 29.09
C THR I 939 -39.67 45.18 29.49
N VAL I 940 -40.10 43.92 29.50
CA VAL I 940 -41.48 43.56 29.80
C VAL I 940 -41.46 42.50 30.89
N SER I 941 -42.24 42.71 31.94
CA SER I 941 -42.32 41.76 33.04
C SER I 941 -43.11 40.52 32.62
N ALA I 942 -43.11 39.52 33.50
CA ALA I 942 -43.77 38.26 33.18
C ALA I 942 -45.29 38.39 33.19
N GLU I 943 -45.83 39.23 34.06
CA GLU I 943 -47.29 39.34 34.17
C GLU I 943 -47.89 40.00 32.93
N ALA I 944 -47.17 40.94 32.32
CA ALA I 944 -47.66 41.54 31.09
C ALA I 944 -47.69 40.52 29.94
N VAL I 945 -46.70 39.63 29.91
CA VAL I 945 -46.70 38.56 28.91
C VAL I 945 -47.87 37.61 29.16
N LYS I 946 -48.14 37.30 30.44
CA LYS I 946 -49.28 36.45 30.75
C LYS I 946 -50.60 37.09 30.36
N LEU I 947 -50.71 38.41 30.54
CA LEU I 947 -51.96 39.08 30.19
C LEU I 947 -52.15 39.20 28.68
N MET I 948 -51.06 39.40 27.92
CA MET I 948 -51.17 39.33 26.47
C MET I 948 -51.57 37.92 26.02
N ALA I 949 -51.05 36.89 26.70
CA ALA I 949 -51.50 35.53 26.41
C ALA I 949 -52.99 35.38 26.70
N TYR I 950 -53.47 35.97 27.81
CA TYR I 950 -54.89 35.90 28.13
C TYR I 950 -55.73 36.57 27.04
N ALA I 951 -55.28 37.73 26.56
CA ALA I 951 -56.02 38.42 25.51
C ALA I 951 -56.08 37.59 24.23
N ALA I 952 -54.93 37.06 23.80
CA ALA I 952 -54.90 36.25 22.59
C ALA I 952 -55.71 34.97 22.74
N VAL I 953 -55.82 34.43 23.96
CA VAL I 953 -56.56 33.20 24.16
C VAL I 953 -58.06 33.47 24.17
N ILE I 954 -58.50 34.45 24.95
CA ILE I 954 -59.94 34.70 25.06
C ILE I 954 -60.51 35.29 23.77
N THR I 955 -59.67 35.99 23.00
CA THR I 955 -60.17 36.53 21.73
C THR I 955 -60.30 35.43 20.68
N GLY I 956 -59.40 34.45 20.70
CA GLY I 956 -59.37 33.42 19.69
C GLY I 956 -58.33 33.61 18.63
N LYS I 957 -57.36 34.49 18.84
CA LYS I 957 -56.30 34.79 17.87
C LYS I 957 -55.01 34.04 18.19
N ILE I 958 -55.11 32.79 18.64
CA ILE I 958 -53.94 31.98 18.93
C ILE I 958 -54.12 30.62 18.27
N GLY I 959 -52.99 29.94 18.06
CA GLY I 959 -53.04 28.59 17.51
C GLY I 959 -53.41 28.52 16.05
N ALA I 960 -53.19 29.59 15.29
CA ALA I 960 -53.50 29.62 13.88
C ALA I 960 -52.41 30.39 13.15
N ALA I 961 -52.41 30.29 11.82
CA ALA I 961 -51.39 30.96 11.04
C ALA I 961 -51.64 32.46 11.00
N TYR I 962 -50.55 33.23 11.06
CA TYR I 962 -50.52 34.69 11.06
C TYR I 962 -51.24 35.30 12.25
N ARG I 963 -51.49 34.53 13.31
CA ARG I 963 -52.19 34.99 14.50
C ARG I 963 -51.50 34.42 15.71
N GLY I 964 -51.20 35.25 16.69
CA GLY I 964 -50.62 34.71 17.90
C GLY I 964 -49.67 35.72 18.54
N ILE I 965 -48.70 35.17 19.27
CA ILE I 965 -47.75 35.95 20.05
C ILE I 965 -46.34 35.60 19.58
N ILE I 966 -45.57 36.63 19.24
CA ILE I 966 -44.15 36.47 18.93
C ILE I 966 -43.37 37.03 20.12
N LEU I 967 -42.47 36.21 20.64
CA LEU I 967 -41.68 36.55 21.83
C LEU I 967 -40.21 36.59 21.44
N VAL I 968 -39.57 37.73 21.68
CA VAL I 968 -38.21 37.96 21.22
C VAL I 968 -37.26 37.82 22.41
N ARG I 969 -36.40 36.82 22.37
CA ARG I 969 -35.57 36.47 23.50
C ARG I 969 -34.38 37.42 23.62
N THR I 970 -33.82 37.46 24.83
CA THR I 970 -32.74 38.42 25.12
C THR I 970 -31.43 38.00 24.44
N LYS I 971 -31.08 36.73 24.51
CA LYS I 971 -29.80 36.23 24.01
C LYS I 971 -30.05 35.25 22.86
N ASN I 972 -28.96 34.84 22.21
CA ASN I 972 -29.07 34.07 20.97
C ASN I 972 -29.67 32.70 21.22
N ASN I 973 -29.30 32.05 22.32
CA ASN I 973 -29.74 30.70 22.62
C ASN I 973 -30.51 30.66 23.93
N THR I 974 -31.32 31.69 24.19
CA THR I 974 -32.24 31.65 25.32
C THR I 974 -33.29 30.57 25.12
N GLN I 975 -33.77 30.40 23.89
CA GLN I 975 -34.72 29.33 23.60
C GLN I 975 -34.08 27.96 23.81
N GLY I 976 -32.84 27.79 23.34
CA GLY I 976 -32.14 26.54 23.57
C GLY I 976 -31.85 26.29 25.03
N ALA I 977 -31.58 27.34 25.79
CA ALA I 977 -31.36 27.18 27.23
C ALA I 977 -32.65 26.79 27.95
N VAL I 978 -33.77 27.38 27.55
CA VAL I 978 -35.06 27.01 28.14
C VAL I 978 -35.41 25.57 27.81
N ASP I 979 -35.10 25.13 26.58
CA ASP I 979 -35.43 23.76 26.17
C ASP I 979 -34.61 22.69 26.89
N MET I 980 -33.41 23.03 27.36
CA MET I 980 -32.56 22.05 28.03
C MET I 980 -32.73 22.04 29.54
N GLY I 981 -33.66 22.83 30.08
CA GLY I 981 -33.97 22.76 31.49
C GLY I 981 -33.33 23.81 32.37
N PHE I 982 -32.75 24.86 31.80
CA PHE I 982 -32.13 25.91 32.60
C PHE I 982 -33.15 27.01 32.92
N VAL I 983 -34.20 26.62 33.64
CA VAL I 983 -35.35 27.47 33.90
C VAL I 983 -35.58 27.70 35.39
N MET I 984 -34.62 27.35 36.23
CA MET I 984 -34.75 27.63 37.65
C MET I 984 -34.47 29.10 37.92
N PRO I 985 -35.28 29.77 38.74
CA PRO I 985 -35.00 31.17 39.08
C PRO I 985 -33.74 31.30 39.93
N VAL I 986 -33.06 32.43 39.78
CA VAL I 986 -31.82 32.65 40.51
C VAL I 986 -32.07 33.13 41.94
N SER I 987 -33.31 33.50 42.27
CA SER I 987 -33.65 33.74 43.66
C SER I 987 -33.46 32.49 44.49
N ALA I 988 -33.78 31.34 43.91
CA ALA I 988 -33.53 30.06 44.59
C ALA I 988 -32.05 29.85 44.83
N VAL I 989 -31.20 30.22 43.87
CA VAL I 989 -29.76 30.07 44.03
C VAL I 989 -29.25 30.99 45.16
N ALA I 990 -29.72 32.25 45.16
CA ALA I 990 -29.28 33.18 46.20
C ALA I 990 -29.72 32.72 47.59
N GLN I 991 -30.98 32.27 47.69
CA GLN I 991 -31.50 31.78 48.96
C GLN I 991 -30.75 30.53 49.42
N GLY I 992 -30.47 29.61 48.50
CA GLY I 992 -29.73 28.41 48.86
C GLY I 992 -28.30 28.68 49.28
N ILE I 993 -27.66 29.69 48.67
CA ILE I 993 -26.32 30.05 49.09
C ILE I 993 -26.34 30.65 50.49
N GLU I 994 -27.26 31.60 50.72
CA GLU I 994 -27.27 32.25 52.03
C GLU I 994 -27.83 31.36 53.13
N SER I 995 -28.49 30.26 52.79
CA SER I 995 -29.01 29.34 53.79
C SER I 995 -28.09 28.16 54.06
N GLY I 996 -26.92 28.11 53.43
CA GLY I 996 -25.97 27.05 53.66
C GLY I 996 -26.27 25.76 52.93
N LYS I 997 -27.24 25.75 52.02
CA LYS I 997 -27.56 24.52 51.30
C LYS I 997 -26.67 24.33 50.09
N ILE I 998 -26.31 25.42 49.40
CA ILE I 998 -25.50 25.35 48.19
C ILE I 998 -24.08 25.76 48.56
N LYS I 999 -23.11 24.88 48.30
CA LYS I 999 -21.74 25.11 48.68
C LYS I 999 -20.78 25.30 47.52
N ALA I 1000 -21.10 24.77 46.35
CA ALA I 1000 -20.26 24.91 45.17
C ALA I 1000 -21.08 25.47 44.03
N LEU I 1001 -20.41 26.15 43.11
CA LEU I 1001 -21.08 26.73 41.96
C LEU I 1001 -20.23 26.51 40.73
N VAL I 1002 -20.88 26.20 39.61
CA VAL I 1002 -20.21 26.08 38.31
C VAL I 1002 -20.79 27.18 37.43
N VAL I 1003 -19.96 28.17 37.09
CA VAL I 1003 -20.38 29.32 36.31
C VAL I 1003 -19.76 29.18 34.93
N ILE I 1004 -20.60 29.22 33.90
CA ILE I 1004 -20.15 29.04 32.53
C ILE I 1004 -20.56 30.29 31.74
N GLY I 1005 -19.60 31.17 31.49
CA GLY I 1005 -19.81 32.28 30.58
C GLY I 1005 -20.51 33.48 31.15
N GLU I 1006 -20.76 33.52 32.47
CA GLU I 1006 -21.49 34.61 33.08
C GLU I 1006 -20.59 35.37 34.04
N ASP I 1007 -21.02 36.59 34.37
CA ASP I 1007 -20.33 37.42 35.35
C ASP I 1007 -21.35 38.02 36.32
N PRO I 1008 -21.77 37.25 37.32
CA PRO I 1008 -22.66 37.83 38.33
C PRO I 1008 -21.95 38.77 39.29
N ALA I 1009 -20.64 38.62 39.48
CA ALA I 1009 -19.91 39.37 40.51
C ALA I 1009 -19.54 40.78 40.09
N ALA I 1010 -20.09 41.29 38.99
CA ALA I 1010 -19.91 42.70 38.66
C ALA I 1010 -20.76 43.61 39.52
N TYR I 1011 -21.69 43.05 40.32
CA TYR I 1011 -22.55 43.80 41.19
C TYR I 1011 -22.34 43.37 42.64
N PRO I 1012 -22.36 44.31 43.58
CA PRO I 1012 -21.92 44.00 44.95
C PRO I 1012 -22.73 42.95 45.69
N GLN I 1013 -24.05 42.87 45.44
CA GLN I 1013 -24.86 41.87 46.14
C GLN I 1013 -24.44 40.46 45.75
N GLU I 1014 -24.32 40.18 44.46
CA GLU I 1014 -23.90 38.85 44.03
C GLU I 1014 -22.44 38.58 44.35
N SER I 1015 -21.61 39.61 44.43
CA SER I 1015 -20.21 39.40 44.83
C SER I 1015 -20.12 38.99 46.29
N ALA I 1016 -20.85 39.68 47.18
CA ALA I 1016 -20.89 39.27 48.57
C ALA I 1016 -21.56 37.91 48.73
N LEU I 1017 -22.47 37.56 47.83
CA LEU I 1017 -23.04 36.21 47.83
C LEU I 1017 -21.99 35.17 47.46
N LEU I 1018 -21.21 35.41 46.41
CA LEU I 1018 -20.19 34.47 45.97
C LEU I 1018 -19.04 34.36 46.95
N GLN I 1019 -18.85 35.37 47.81
CA GLN I 1019 -17.80 35.27 48.82
C GLN I 1019 -18.11 34.24 49.90
N LYS I 1020 -19.34 33.74 49.98
CA LYS I 1020 -19.72 32.76 51.00
C LYS I 1020 -19.70 31.33 50.49
N LEU I 1021 -19.18 31.09 49.29
CA LEU I 1021 -19.16 29.76 48.74
C LEU I 1021 -17.97 28.97 49.27
N SER I 1022 -17.97 27.67 48.96
CA SER I 1022 -16.84 26.82 49.27
C SER I 1022 -15.95 26.55 48.07
N PHE I 1023 -16.51 26.54 46.87
CA PHE I 1023 -15.77 26.24 45.65
C PHE I 1023 -16.49 26.92 44.49
N LEU I 1024 -15.72 27.35 43.49
CA LEU I 1024 -16.30 28.08 42.38
C LEU I 1024 -15.40 27.91 41.15
N VAL I 1025 -15.97 27.36 40.08
CA VAL I 1025 -15.29 27.25 38.79
C VAL I 1025 -15.92 28.26 37.85
N VAL I 1026 -15.09 28.97 37.10
CA VAL I 1026 -15.56 29.96 36.15
C VAL I 1026 -15.00 29.59 34.78
N TYR I 1027 -15.89 29.42 33.81
CA TYR I 1027 -15.54 29.18 32.41
C TYR I 1027 -15.77 30.48 31.66
N ASP I 1028 -14.70 31.16 31.25
CA ASP I 1028 -14.87 32.45 30.60
C ASP I 1028 -13.68 32.75 29.70
N MET I 1029 -13.92 33.65 28.73
CA MET I 1029 -12.84 34.10 27.85
C MET I 1029 -11.92 35.11 28.52
N PHE I 1030 -12.47 36.01 29.33
CA PHE I 1030 -11.68 37.06 29.95
C PHE I 1030 -11.55 36.82 31.45
N MET I 1031 -10.48 37.38 32.02
CA MET I 1031 -10.29 37.34 33.47
C MET I 1031 -11.10 38.48 34.08
N THR I 1032 -12.41 38.24 34.18
CA THR I 1032 -13.35 39.25 34.61
C THR I 1032 -13.36 39.34 36.14
N LYS I 1033 -14.36 40.03 36.68
CA LYS I 1033 -14.46 40.21 38.13
C LYS I 1033 -14.80 38.91 38.83
N THR I 1034 -15.66 38.09 38.22
CA THR I 1034 -16.05 36.82 38.82
C THR I 1034 -14.90 35.81 38.79
N ALA I 1035 -14.16 35.77 37.67
CA ALA I 1035 -13.07 34.81 37.55
C ALA I 1035 -11.93 35.11 38.51
N THR I 1036 -11.82 36.35 38.97
CA THR I 1036 -10.81 36.68 39.97
C THR I 1036 -11.19 36.11 41.32
N ALA I 1037 -12.48 35.97 41.60
CA ALA I 1037 -12.94 35.40 42.86
C ALA I 1037 -12.97 33.88 42.86
N ALA I 1038 -12.68 33.25 41.74
CA ALA I 1038 -12.80 31.81 41.60
C ALA I 1038 -11.55 31.10 42.11
N ASP I 1039 -11.72 29.81 42.41
CA ASP I 1039 -10.61 28.94 42.76
C ASP I 1039 -9.99 28.28 41.53
N MET I 1040 -10.59 28.47 40.35
CA MET I 1040 -10.13 27.84 39.13
C MET I 1040 -10.85 28.48 37.95
N VAL I 1041 -10.10 28.84 36.91
CA VAL I 1041 -10.67 29.45 35.70
C VAL I 1041 -10.26 28.60 34.50
N VAL I 1042 -11.24 28.28 33.65
CA VAL I 1042 -11.01 27.51 32.44
C VAL I 1042 -11.40 28.39 31.26
N PRO I 1043 -10.57 28.53 30.23
CA PRO I 1043 -10.89 29.45 29.14
C PRO I 1043 -12.00 28.92 28.24
N LEU I 1044 -12.65 29.85 27.55
CA LEU I 1044 -13.62 29.55 26.51
C LEU I 1044 -13.23 30.28 25.25
N VAL I 1045 -13.68 29.76 24.11
CA VAL I 1045 -13.40 30.36 22.82
C VAL I 1045 -14.58 31.23 22.42
N SER I 1046 -14.37 32.06 21.42
CA SER I 1046 -15.40 32.98 20.94
C SER I 1046 -16.31 32.26 19.95
N SER I 1047 -17.35 32.98 19.49
CA SER I 1047 -18.34 32.39 18.60
C SER I 1047 -17.80 32.16 17.19
N ALA I 1048 -16.67 32.75 16.85
CA ALA I 1048 -16.06 32.53 15.55
C ALA I 1048 -15.24 31.25 15.49
N GLU I 1049 -15.16 30.52 16.61
CA GLU I 1049 -14.34 29.31 16.70
C GLU I 1049 -15.16 28.09 17.11
N VAL I 1050 -16.48 28.17 17.06
CA VAL I 1050 -17.33 27.08 17.54
C VAL I 1050 -18.18 26.57 16.39
N ASN I 1051 -18.45 25.26 16.44
CA ASN I 1051 -19.39 24.59 15.55
C ASN I 1051 -20.55 24.10 16.39
N GLY I 1052 -21.77 24.40 15.96
CA GLY I 1052 -22.92 23.95 16.71
C GLY I 1052 -24.19 24.47 16.10
N THR I 1053 -25.22 24.63 16.94
CA THR I 1053 -26.49 25.20 16.51
C THR I 1053 -27.00 26.16 17.57
N TYR I 1054 -27.76 27.14 17.11
CA TYR I 1054 -28.47 28.07 17.99
C TYR I 1054 -29.96 27.96 17.68
N THR I 1055 -30.80 28.02 18.70
CA THR I 1055 -32.24 28.04 18.50
C THR I 1055 -32.73 29.47 18.56
N ARG I 1056 -33.34 29.93 17.46
CA ARG I 1056 -33.86 31.28 17.37
C ARG I 1056 -35.04 31.47 18.31
N SER I 1057 -35.48 32.72 18.46
CA SER I 1057 -36.60 32.99 19.35
C SER I 1057 -37.90 32.47 18.78
N ASP I 1058 -37.98 32.29 17.46
CA ASP I 1058 -39.12 31.64 16.82
C ASP I 1058 -38.86 30.16 16.55
N ARG I 1059 -38.10 29.52 17.43
CA ARG I 1059 -37.91 28.06 17.45
C ARG I 1059 -37.24 27.53 16.19
N ARG I 1060 -36.42 28.34 15.53
CA ARG I 1060 -35.69 27.90 14.35
C ARG I 1060 -34.26 27.57 14.73
N ILE I 1061 -33.79 26.39 14.32
CA ILE I 1061 -32.47 25.89 14.67
C ILE I 1061 -31.52 26.16 13.51
N GLN I 1062 -30.46 26.93 13.77
CA GLN I 1062 -29.54 27.38 12.74
C GLN I 1062 -28.13 26.90 13.04
N ALA I 1063 -27.38 26.62 11.98
CA ALA I 1063 -26.03 26.10 12.11
C ALA I 1063 -25.02 27.22 12.29
N VAL I 1064 -24.12 27.02 13.24
CA VAL I 1064 -23.04 27.95 13.56
C VAL I 1064 -21.73 27.28 13.18
N ARG I 1065 -20.94 27.96 12.35
CA ARG I 1065 -19.73 27.40 11.80
C ARG I 1065 -18.52 28.16 12.31
N ALA I 1066 -17.39 27.45 12.40
CA ALA I 1066 -16.17 28.00 12.96
C ALA I 1066 -15.36 28.67 11.86
N ALA I 1067 -15.14 29.98 11.98
CA ALA I 1067 -14.32 30.68 11.00
C ALA I 1067 -12.85 30.36 11.18
N ILE I 1068 -12.35 30.41 12.42
CA ILE I 1068 -10.94 30.22 12.70
C ILE I 1068 -10.79 29.14 13.78
N GLN I 1069 -9.62 28.51 13.78
CA GLN I 1069 -9.34 27.44 14.72
C GLN I 1069 -9.21 27.99 16.13
N PRO I 1070 -9.57 27.21 17.16
CA PRO I 1070 -9.56 27.73 18.53
C PRO I 1070 -8.15 28.10 18.99
N LYS I 1071 -8.04 29.28 19.58
CA LYS I 1071 -6.75 29.80 20.02
C LYS I 1071 -6.33 29.27 21.38
N THR I 1072 -7.25 28.67 22.13
CA THR I 1072 -6.91 28.06 23.42
C THR I 1072 -6.47 26.61 23.28
N GLY I 1073 -6.69 25.99 22.13
CA GLY I 1073 -6.35 24.60 21.92
C GLY I 1073 -7.55 23.69 21.84
N LYS I 1074 -8.53 23.89 22.71
CA LYS I 1074 -9.73 23.06 22.76
C LYS I 1074 -10.96 23.96 22.75
N ALA I 1075 -12.03 23.46 22.12
CA ALA I 1075 -13.30 24.13 22.13
C ALA I 1075 -14.12 23.72 23.36
N THR I 1076 -15.22 24.42 23.59
CA THR I 1076 -16.02 24.17 24.79
C THR I 1076 -16.64 22.79 24.79
N LEU I 1077 -17.07 22.31 23.61
CA LEU I 1077 -17.61 20.96 23.52
C LEU I 1077 -16.56 19.92 23.89
N GLN I 1078 -15.32 20.13 23.45
CA GLN I 1078 -14.25 19.20 23.79
C GLN I 1078 -13.95 19.20 25.29
N ILE I 1079 -13.95 20.38 25.91
CA ILE I 1079 -13.72 20.47 27.35
C ILE I 1079 -14.80 19.71 28.12
N LEU I 1080 -16.06 19.92 27.74
CA LEU I 1080 -17.16 19.25 28.42
C LEU I 1080 -17.15 17.76 28.16
N ILE I 1081 -16.76 17.35 26.94
CA ILE I 1081 -16.67 15.93 26.63
C ILE I 1081 -15.59 15.25 27.45
N GLU I 1082 -14.44 15.90 27.62
CA GLU I 1082 -13.38 15.34 28.45
C GLU I 1082 -13.82 15.22 29.91
N THR I 1083 -14.48 16.26 30.44
CA THR I 1083 -14.94 16.19 31.83
C THR I 1083 -15.98 15.09 32.02
N LEU I 1084 -16.91 14.96 31.08
CA LEU I 1084 -17.93 13.92 31.20
C LEU I 1084 -17.34 12.53 31.04
N LYS I 1085 -16.31 12.39 30.20
CA LYS I 1085 -15.63 11.11 30.06
C LYS I 1085 -14.91 10.75 31.36
N SER I 1086 -14.37 11.75 32.05
CA SER I 1086 -13.84 11.49 33.39
C SER I 1086 -14.94 11.04 34.35
N LEU I 1087 -16.12 11.66 34.27
CA LEU I 1087 -17.20 11.30 35.17
C LEU I 1087 -17.90 9.99 34.82
N GLY I 1088 -17.69 9.46 33.61
CA GLY I 1088 -18.25 8.18 33.24
C GLY I 1088 -19.26 8.18 32.11
N ILE I 1089 -19.42 9.29 31.39
CA ILE I 1089 -20.33 9.37 30.25
C ILE I 1089 -19.50 9.48 28.99
N LYS I 1090 -19.78 8.61 28.01
CA LYS I 1090 -18.96 8.50 26.82
C LYS I 1090 -19.64 9.17 25.64
N TYR I 1091 -19.01 10.24 25.13
CA TYR I 1091 -19.34 10.84 23.85
C TYR I 1091 -18.03 11.08 23.11
N ASP I 1092 -18.07 10.99 21.78
CA ASP I 1092 -16.85 11.10 21.00
C ASP I 1092 -16.82 12.38 20.16
N THR I 1093 -17.81 12.59 19.31
CA THR I 1093 -17.88 13.74 18.43
C THR I 1093 -19.15 14.53 18.72
N ILE I 1094 -19.42 15.52 17.86
CA ILE I 1094 -20.67 16.26 17.98
C ILE I 1094 -21.84 15.49 17.40
N ALA I 1095 -21.59 14.50 16.53
CA ALA I 1095 -22.68 13.70 15.98
C ALA I 1095 -23.29 12.80 17.04
N ASP I 1096 -22.45 12.24 17.93
CA ASP I 1096 -22.95 11.44 19.04
C ASP I 1096 -23.80 12.30 19.97
N VAL I 1097 -23.36 13.52 20.24
CA VAL I 1097 -24.13 14.42 21.11
C VAL I 1097 -25.44 14.82 20.45
N ARG I 1098 -25.44 15.00 19.13
CA ARG I 1098 -26.69 15.34 18.45
C ARG I 1098 -27.66 14.17 18.44
N ALA I 1099 -27.15 12.94 18.30
CA ALA I 1099 -28.01 11.77 18.46
C ALA I 1099 -28.58 11.69 19.86
N ALA I 1100 -27.75 12.01 20.87
CA ALA I 1100 -28.24 12.01 22.26
C ALA I 1100 -29.29 13.09 22.45
N ILE I 1101 -29.12 14.27 21.84
CA ILE I 1101 -30.11 15.33 21.94
C ILE I 1101 -31.42 14.88 21.32
N ALA I 1102 -31.36 14.28 20.13
CA ALA I 1102 -32.57 13.80 19.46
C ALA I 1102 -33.25 12.68 20.23
N SER I 1103 -32.50 11.90 21.02
CA SER I 1103 -33.10 10.84 21.80
C SER I 1103 -33.62 11.27 23.16
N GLU I 1104 -33.07 12.35 23.75
CA GLU I 1104 -33.42 12.73 25.12
C GLU I 1104 -34.27 13.99 25.22
N VAL I 1105 -33.96 15.04 24.47
CA VAL I 1105 -34.76 16.26 24.52
C VAL I 1105 -36.04 16.04 23.75
N SER I 1106 -37.18 16.35 24.39
CA SER I 1106 -38.47 15.82 23.94
C SER I 1106 -38.90 16.39 22.60
N ASN I 1107 -38.77 17.71 22.42
CA ASN I 1107 -39.30 18.37 21.23
C ASN I 1107 -38.26 18.56 20.14
N TYR I 1108 -37.04 18.07 20.34
CA TYR I 1108 -35.96 18.19 19.36
C TYR I 1108 -35.83 16.94 18.50
N ALA I 1109 -36.92 16.21 18.30
CA ALA I 1109 -36.87 14.96 17.56
C ALA I 1109 -36.57 15.23 16.10
N GLY I 1110 -35.45 14.70 15.61
CA GLY I 1110 -35.02 14.93 14.25
C GLY I 1110 -33.75 15.74 14.10
N MET I 1111 -33.07 16.04 15.21
CA MET I 1111 -31.83 16.82 15.14
C MET I 1111 -30.67 16.03 14.53
N ASP I 1112 -30.73 14.70 14.58
CA ASP I 1112 -29.63 13.89 14.06
C ASP I 1112 -29.45 14.06 12.56
N ALA I 1113 -30.54 14.11 11.81
CA ALA I 1113 -30.50 14.25 10.36
C ALA I 1113 -31.32 15.45 9.92
N ALA I 1114 -31.17 16.57 10.64
CA ALA I 1114 -31.99 17.75 10.36
C ALA I 1114 -31.50 18.53 9.15
N ASP I 1115 -30.20 18.51 8.86
CA ASP I 1115 -29.59 19.26 7.77
C ASP I 1115 -29.86 20.76 7.91
N PHE I 1116 -29.21 21.33 8.94
CA PHE I 1116 -29.44 22.70 9.38
C PHE I 1116 -29.04 23.77 8.36
N GLY I 1117 -28.61 23.37 7.16
CA GLY I 1117 -28.49 24.32 6.08
C GLY I 1117 -29.82 24.83 5.56
N THR I 1118 -30.90 24.09 5.80
CA THR I 1118 -32.25 24.51 5.46
C THR I 1118 -32.98 24.97 6.73
N THR I 1119 -34.26 25.31 6.57
CA THR I 1119 -35.05 25.78 7.70
C THR I 1119 -35.52 24.59 8.53
N VAL I 1120 -35.14 24.58 9.80
CA VAL I 1120 -35.56 23.54 10.74
C VAL I 1120 -36.21 24.22 11.93
N TYR I 1121 -37.42 23.78 12.27
CA TYR I 1121 -38.15 24.23 13.45
C TYR I 1121 -38.37 23.02 14.35
N TRP I 1122 -38.30 23.20 15.66
CA TRP I 1122 -38.33 21.96 16.43
C TRP I 1122 -39.68 21.26 16.58
N PRO I 1123 -40.84 21.93 16.72
CA PRO I 1123 -42.06 21.10 16.80
C PRO I 1123 -42.47 20.62 15.42
N ASN I 1124 -42.10 19.37 15.11
CA ASN I 1124 -42.49 18.69 13.87
C ASN I 1124 -42.21 19.51 12.61
N ASN I 1125 -41.19 20.38 12.68
CA ASN I 1125 -40.84 21.32 11.60
C ASN I 1125 -42.02 22.24 11.25
N LYS I 1126 -42.82 22.60 12.25
CA LYS I 1126 -44.01 23.41 12.05
C LYS I 1126 -43.74 24.85 12.44
N ASN I 1127 -44.16 25.78 11.59
CA ASN I 1127 -44.03 27.20 11.88
C ASN I 1127 -44.98 27.67 12.96
N VAL I 1128 -46.11 26.98 13.15
CA VAL I 1128 -47.19 27.44 14.01
C VAL I 1128 -47.36 26.43 15.15
N LEU I 1129 -47.48 26.93 16.38
CA LEU I 1129 -47.70 26.12 17.55
C LEU I 1129 -49.18 26.03 17.88
N TYR I 1130 -49.53 24.97 18.61
CA TYR I 1130 -50.88 24.76 19.16
C TYR I 1130 -51.94 24.67 18.07
N THR I 1131 -51.56 24.11 16.92
CA THR I 1131 -52.55 23.90 15.86
C THR I 1131 -53.51 22.77 16.19
N ASP I 1132 -53.15 21.89 17.12
CA ASP I 1132 -53.99 20.77 17.52
C ASP I 1132 -54.28 20.78 19.02
N GLY I 1133 -54.28 21.96 19.62
CA GLY I 1133 -54.55 22.09 21.05
C GLY I 1133 -53.30 22.42 21.83
N PHE I 1134 -53.51 22.95 23.03
CA PHE I 1134 -52.40 23.43 23.84
C PHE I 1134 -51.61 22.27 24.43
N ALA I 1135 -50.43 22.59 24.96
CA ALA I 1135 -49.47 21.60 25.43
C ALA I 1135 -49.54 21.35 26.92
N THR I 1136 -50.57 21.85 27.59
CA THR I 1136 -50.71 21.62 29.02
C THR I 1136 -51.14 20.19 29.29
N GLU I 1137 -51.31 19.86 30.58
CA GLU I 1137 -51.67 18.50 30.97
C GLU I 1137 -53.06 18.12 30.47
N GLY I 1138 -54.04 19.00 30.65
CA GLY I 1138 -55.39 18.77 30.18
C GLY I 1138 -55.70 19.33 28.82
N GLN I 1139 -54.68 19.74 28.06
CA GLN I 1139 -54.83 20.36 26.74
C GLN I 1139 -55.69 21.63 26.79
N LYS I 1140 -55.59 22.36 27.91
CA LYS I 1140 -56.37 23.58 28.12
C LYS I 1140 -55.48 24.69 28.62
N ALA I 1141 -55.78 25.91 28.20
CA ALA I 1141 -55.03 27.08 28.64
C ALA I 1141 -55.43 27.44 30.07
N ILE I 1142 -54.45 27.58 30.94
CA ILE I 1142 -54.69 27.79 32.36
C ILE I 1142 -54.69 29.29 32.63
N LEU I 1143 -55.88 29.87 32.80
CA LEU I 1143 -56.04 31.28 33.10
C LEU I 1143 -56.16 31.45 34.60
N ALA I 1144 -55.24 32.21 35.19
CA ALA I 1144 -55.21 32.43 36.63
C ALA I 1144 -54.99 33.91 36.92
N ALA I 1145 -55.38 34.33 38.12
CA ALA I 1145 -55.29 35.72 38.50
C ALA I 1145 -53.84 36.19 38.58
N VAL I 1146 -53.63 37.46 38.24
CA VAL I 1146 -52.32 38.09 38.29
C VAL I 1146 -52.44 39.37 39.12
N GLY I 1147 -51.48 39.58 40.01
CA GLY I 1147 -51.53 40.68 40.94
C GLY I 1147 -51.21 42.01 40.28
N ASP I 1148 -51.33 43.07 41.08
CA ASP I 1148 -50.95 44.40 40.61
C ASP I 1148 -49.43 44.52 40.60
N VAL I 1149 -48.87 44.67 39.40
CA VAL I 1149 -47.43 44.71 39.22
C VAL I 1149 -47.03 46.14 38.90
N PRO I 1150 -46.14 46.75 39.67
CA PRO I 1150 -45.84 48.17 39.47
C PRO I 1150 -44.96 48.39 38.24
N VAL I 1151 -44.53 49.65 38.07
CA VAL I 1151 -43.73 50.01 36.91
C VAL I 1151 -42.43 49.22 36.89
N PHE I 1152 -42.02 48.83 35.70
CA PHE I 1152 -40.95 47.86 35.52
C PHE I 1152 -39.60 48.45 35.93
N VAL I 1153 -38.77 47.61 36.55
CA VAL I 1153 -37.40 47.96 36.95
C VAL I 1153 -36.46 47.26 35.97
N GLU I 1154 -35.57 48.04 35.34
CA GLU I 1154 -34.81 47.57 34.20
C GLU I 1154 -33.87 46.43 34.58
N LYS I 1155 -33.71 45.48 33.66
CA LYS I 1155 -32.90 44.30 33.89
C LYS I 1155 -31.42 44.60 33.69
N LYS I 1156 -30.58 43.69 34.15
CA LYS I 1156 -29.14 43.83 34.10
C LYS I 1156 -28.54 42.85 33.11
N LYS I 1157 -27.32 43.13 32.69
CA LYS I 1157 -26.59 42.28 31.77
C LYS I 1157 -25.57 41.46 32.54
N TYR I 1158 -25.64 40.14 32.42
CA TYR I 1158 -24.76 39.24 33.14
C TYR I 1158 -23.79 38.48 32.26
N ASP I 1159 -24.02 38.44 30.95
CA ASP I 1159 -23.09 37.81 30.05
C ASP I 1159 -21.84 38.66 29.87
N SER I 1160 -20.68 38.03 29.91
CA SER I 1160 -19.42 38.77 29.86
C SER I 1160 -19.20 39.43 28.51
N VAL I 1161 -19.67 38.81 27.43
CA VAL I 1161 -19.48 39.36 26.09
C VAL I 1161 -20.27 40.66 25.92
N GLU I 1162 -21.50 40.70 26.44
CA GLU I 1162 -22.33 41.90 26.36
C GLU I 1162 -21.68 43.08 27.08
N MET I 1163 -21.20 42.86 28.30
CA MET I 1163 -20.59 43.95 29.03
C MET I 1163 -19.23 44.32 28.47
N ASN I 1164 -18.54 43.37 27.83
CA ASN I 1164 -17.34 43.73 27.10
C ASN I 1164 -17.66 44.69 25.96
N PHE I 1165 -18.73 44.40 25.21
CA PHE I 1165 -19.14 45.31 24.14
C PHE I 1165 -19.52 46.67 24.68
N VAL I 1166 -20.28 46.69 25.79
CA VAL I 1166 -20.76 47.95 26.35
C VAL I 1166 -19.60 48.80 26.87
N ASN I 1167 -18.64 48.17 27.56
CA ASN I 1167 -17.49 48.93 28.05
C ASN I 1167 -16.58 49.39 26.92
N GLY I 1168 -16.43 48.58 25.87
CA GLY I 1168 -15.64 49.00 24.73
C GLY I 1168 -16.29 50.06 23.87
N ARG I 1169 -17.61 50.23 23.99
CA ARG I 1169 -18.27 51.35 23.32
C ARG I 1169 -17.76 52.68 23.83
N GLN I 1170 -17.53 52.78 25.14
CA GLN I 1170 -17.04 54.02 25.73
C GLN I 1170 -15.56 54.26 25.47
N SER I 1171 -14.83 53.27 24.97
CA SER I 1171 -13.39 53.41 24.76
C SER I 1171 -13.05 54.17 23.48
N LEU I 1172 -14.00 54.37 22.58
CA LEU I 1172 -13.75 55.11 21.35
C LEU I 1172 -14.65 56.33 21.24
N ILE J 18 76.51 -6.15 54.23
CA ILE J 18 76.33 -7.36 53.42
C ILE J 18 77.64 -7.69 52.71
N ASP J 19 77.92 -8.98 52.58
CA ASP J 19 79.22 -9.49 52.13
C ASP J 19 79.22 -9.84 50.65
N LEU J 20 78.57 -9.01 49.83
CA LEU J 20 78.37 -9.31 48.41
C LEU J 20 79.69 -9.48 47.67
N THR J 21 80.75 -8.84 48.16
CA THR J 21 82.07 -8.94 47.50
C THR J 21 82.55 -10.38 47.46
N LEU J 22 82.34 -11.12 48.55
CA LEU J 22 82.67 -12.54 48.59
C LEU J 22 81.53 -13.43 48.11
N LEU J 23 80.34 -12.86 47.88
CA LEU J 23 79.29 -13.62 47.20
C LEU J 23 79.55 -13.69 45.71
N GLU J 24 80.29 -12.72 45.18
CA GLU J 24 80.63 -12.69 43.75
C GLU J 24 81.35 -13.95 43.26
N PRO J 25 82.33 -14.54 43.97
CA PRO J 25 82.92 -15.80 43.47
C PRO J 25 81.94 -16.95 43.31
N VAL J 26 80.86 -16.99 44.09
CA VAL J 26 79.95 -18.13 44.03
C VAL J 26 79.25 -18.20 42.68
N PHE J 27 78.67 -17.10 42.22
CA PHE J 27 78.06 -17.11 40.90
C PHE J 27 79.08 -16.82 39.80
N LYS J 28 80.31 -16.44 40.16
CA LYS J 28 81.37 -16.40 39.16
C LYS J 28 81.87 -17.80 38.81
N GLU J 29 81.70 -18.76 39.72
CA GLU J 29 82.14 -20.13 39.47
C GLU J 29 81.00 -21.02 39.00
N TYR J 30 79.78 -20.80 39.50
CA TYR J 30 78.64 -21.65 39.15
C TYR J 30 77.96 -21.22 37.87
N ALA J 31 78.44 -20.15 37.23
CA ALA J 31 77.81 -19.65 36.02
C ALA J 31 78.05 -20.60 34.84
N GLY J 32 77.06 -20.64 33.95
CA GLY J 32 77.10 -21.52 32.80
C GLY J 32 76.48 -22.88 33.01
N LYS J 33 76.15 -23.25 34.25
CA LYS J 33 75.52 -24.52 34.54
C LYS J 33 74.01 -24.33 34.53
N ALA J 34 73.32 -25.08 33.67
CA ALA J 34 71.88 -25.00 33.61
C ALA J 34 71.24 -25.68 34.82
N GLY J 35 70.18 -25.08 35.32
CA GLY J 35 69.54 -25.59 36.53
C GLY J 35 70.40 -25.46 37.77
N SER J 36 71.10 -24.33 37.91
CA SER J 36 72.02 -24.12 39.02
C SER J 36 71.47 -23.17 40.07
N ILE J 37 70.18 -22.87 40.05
CA ILE J 37 69.59 -21.98 41.04
C ILE J 37 69.67 -22.59 42.43
N ILE J 38 69.35 -23.89 42.54
CA ILE J 38 69.37 -24.54 43.84
C ILE J 38 70.77 -24.54 44.42
N GLY J 39 71.79 -24.86 43.62
CA GLY J 39 73.15 -24.86 44.13
C GLY J 39 73.63 -23.49 44.59
N ILE J 40 73.30 -22.45 43.81
CA ILE J 40 73.65 -21.09 44.19
C ILE J 40 72.96 -20.70 45.49
N LEU J 41 71.69 -21.06 45.63
CA LEU J 41 70.96 -20.74 46.86
C LEU J 41 71.53 -21.47 48.07
N GLN J 42 71.92 -22.74 47.90
CA GLN J 42 72.52 -23.47 49.03
C GLN J 42 73.86 -22.86 49.43
N LYS J 43 74.69 -22.47 48.46
CA LYS J 43 75.95 -21.84 48.81
C LYS J 43 75.73 -20.48 49.47
N THR J 44 74.75 -19.72 49.00
CA THR J 44 74.43 -18.43 49.60
C THR J 44 73.96 -18.60 51.04
N GLN J 45 73.13 -19.61 51.29
CA GLN J 45 72.68 -19.86 52.66
C GLN J 45 73.82 -20.36 53.54
N GLU J 46 74.73 -21.16 52.99
CA GLU J 46 75.89 -21.56 53.79
C GLU J 46 76.77 -20.39 54.14
N ILE J 47 76.84 -19.39 53.26
CA ILE J 47 77.66 -18.21 53.55
C ILE J 47 76.99 -17.32 54.58
N TYR J 48 75.75 -16.90 54.32
CA TYR J 48 75.11 -15.88 55.14
C TYR J 48 74.29 -16.44 56.29
N GLY J 49 74.07 -17.76 56.35
CA GLY J 49 73.17 -18.32 57.33
C GLY J 49 71.71 -18.26 56.93
N TYR J 50 71.38 -17.54 55.87
CA TYR J 50 70.02 -17.38 55.36
C TYR J 50 70.13 -16.76 53.98
N LEU J 51 68.99 -16.38 53.40
CA LEU J 51 68.94 -15.76 52.08
C LEU J 51 68.39 -14.35 52.21
N PRO J 52 69.25 -13.34 52.33
CA PRO J 52 68.74 -11.96 52.38
C PRO J 52 68.21 -11.53 51.01
N LEU J 53 67.36 -10.51 51.05
CA LEU J 53 66.76 -10.02 49.81
C LEU J 53 67.80 -9.42 48.88
N ALA J 54 68.83 -8.80 49.46
CA ALA J 54 69.91 -8.25 48.64
C ALA J 54 70.70 -9.35 47.93
N ALA J 55 70.93 -10.47 48.61
CA ALA J 55 71.63 -11.58 47.96
C ALA J 55 70.78 -12.18 46.84
N LEU J 56 69.47 -12.29 47.04
CA LEU J 56 68.59 -12.76 45.97
C LEU J 56 68.58 -11.79 44.81
N GLN J 57 68.60 -10.48 45.09
CA GLN J 57 68.68 -9.48 44.04
C GLN J 57 69.99 -9.58 43.27
N ALA J 58 71.09 -9.85 43.98
CA ALA J 58 72.38 -10.04 43.32
C ALA J 58 72.41 -11.29 42.47
N ILE J 59 71.75 -12.36 42.93
CA ILE J 59 71.67 -13.59 42.14
C ILE J 59 70.82 -13.35 40.89
N ALA J 60 69.72 -12.60 41.03
CA ALA J 60 68.88 -12.30 39.89
C ALA J 60 69.60 -11.46 38.84
N ASP J 61 70.49 -10.58 39.28
CA ASP J 61 71.32 -9.82 38.37
C ASP J 61 72.55 -10.65 38.00
N ASN J 62 73.14 -10.33 36.85
CA ASN J 62 74.40 -10.90 36.37
C ASN J 62 74.28 -12.39 36.02
N THR J 63 73.12 -12.99 36.26
CA THR J 63 72.86 -14.37 35.87
C THR J 63 71.44 -14.55 35.31
N ASP J 64 70.76 -13.45 34.98
CA ASP J 64 69.33 -13.37 34.63
C ASP J 64 68.47 -14.28 35.50
N ASN J 65 68.07 -15.43 34.96
CA ASN J 65 67.42 -16.51 35.71
C ASN J 65 66.06 -16.11 36.28
N LYS J 66 65.48 -15.00 35.80
CA LYS J 66 64.05 -14.71 35.98
C LYS J 66 63.67 -14.65 37.46
N ARG J 67 64.05 -13.52 38.06
CA ARG J 67 63.93 -13.16 39.47
C ARG J 67 62.68 -13.72 40.19
N ALA J 68 61.53 -13.69 39.53
CA ALA J 68 60.33 -14.32 40.09
C ALA J 68 60.52 -15.81 40.30
N LYS J 69 61.16 -16.49 39.34
CA LYS J 69 61.43 -17.92 39.51
C LYS J 69 62.41 -18.18 40.64
N ILE J 70 63.38 -17.29 40.84
CA ILE J 70 64.30 -17.42 41.97
C ILE J 70 63.55 -17.31 43.28
N TYR J 71 62.64 -16.34 43.39
CA TYR J 71 61.91 -16.19 44.64
C TYR J 71 60.98 -17.38 44.89
N GLY J 72 60.33 -17.87 43.83
CA GLY J 72 59.47 -19.04 43.98
C GLY J 72 60.23 -20.28 44.38
N ILE J 73 61.44 -20.46 43.83
CA ILE J 73 62.29 -21.58 44.21
C ILE J 73 62.72 -21.45 45.67
N ALA J 74 63.14 -20.25 46.07
CA ALA J 74 63.60 -20.05 47.44
C ALA J 74 62.49 -20.25 48.45
N THR J 75 61.25 -19.94 48.08
CA THR J 75 60.15 -20.08 49.02
C THR J 75 59.74 -21.54 49.19
N PHE J 76 59.78 -22.33 48.11
CA PHE J 76 59.17 -23.65 48.13
C PHE J 76 59.87 -24.63 49.06
N TYR J 77 60.81 -25.41 48.53
CA TYR J 77 62.02 -26.02 49.10
C TYR J 77 62.20 -26.07 50.61
N SER J 78 61.12 -26.09 51.40
CA SER J 78 60.98 -26.71 52.72
C SER J 78 62.04 -26.34 53.78
N GLN J 79 63.11 -25.65 53.38
CA GLN J 79 64.28 -25.52 54.24
C GLN J 79 64.97 -24.16 54.17
N PHE J 80 64.74 -23.37 53.13
CA PHE J 80 65.52 -22.16 52.92
C PHE J 80 65.11 -21.09 53.91
N ARG J 81 66.04 -20.66 54.75
CA ARG J 81 65.76 -19.64 55.75
C ARG J 81 65.78 -18.26 55.10
N LEU J 82 64.72 -17.49 55.32
CA LEU J 82 64.67 -16.10 54.92
C LEU J 82 64.90 -15.16 56.09
N ASN J 83 65.24 -15.69 57.26
CA ASN J 83 65.44 -14.93 58.47
C ASN J 83 66.72 -15.36 59.17
N PRO J 84 67.39 -14.46 59.88
CA PRO J 84 68.63 -14.83 60.56
C PRO J 84 68.39 -15.79 61.71
N VAL J 85 69.45 -16.52 62.07
CA VAL J 85 69.39 -17.51 63.13
C VAL J 85 70.46 -17.23 64.17
N GLY J 86 70.29 -17.84 65.34
CA GLY J 86 71.23 -17.69 66.44
C GLY J 86 72.47 -18.54 66.29
N LYS J 87 73.37 -18.40 67.28
CA LYS J 87 74.64 -19.11 67.23
C LYS J 87 74.44 -20.62 67.31
N TYR J 88 73.55 -21.08 68.18
CA TYR J 88 73.24 -22.50 68.30
C TYR J 88 71.85 -22.73 67.72
N VAL J 89 71.79 -23.55 66.67
CA VAL J 89 70.54 -23.88 65.98
C VAL J 89 70.01 -25.18 66.58
N ILE J 90 68.79 -25.13 67.09
CA ILE J 90 68.12 -26.30 67.64
C ILE J 90 67.27 -26.92 66.53
N LEU J 91 67.52 -28.18 66.23
CA LEU J 91 66.72 -28.95 65.28
C LEU J 91 66.12 -30.12 66.05
N GLN J 92 64.80 -30.08 66.24
CA GLN J 92 64.10 -31.12 66.97
C GLN J 92 63.57 -32.15 65.99
N CYS J 93 63.95 -33.42 66.19
CA CYS J 93 63.48 -34.50 65.34
C CYS J 93 62.00 -34.74 65.58
N GLN J 94 61.20 -34.49 64.55
CA GLN J 94 59.74 -34.62 64.64
C GLN J 94 59.25 -35.84 63.86
N GLY J 95 60.06 -36.89 63.80
CA GLY J 95 59.70 -38.09 63.09
C GLY J 95 58.69 -38.93 63.85
N THR J 96 58.34 -40.07 63.26
CA THR J 96 57.34 -40.94 63.86
C THR J 96 57.84 -41.54 65.17
N ALA J 97 59.10 -41.98 65.19
CA ALA J 97 59.63 -42.66 66.37
C ALA J 97 59.73 -41.71 67.56
N CYS J 98 60.19 -40.48 67.33
CA CYS J 98 60.27 -39.52 68.43
C CYS J 98 58.89 -39.05 68.88
N HIS J 99 57.93 -38.97 67.96
CA HIS J 99 56.58 -38.59 68.35
C HIS J 99 55.89 -39.69 69.14
N VAL J 100 56.21 -40.96 68.83
CA VAL J 100 55.66 -42.07 69.61
C VAL J 100 56.14 -42.01 71.04
N LEU J 101 57.42 -41.70 71.24
CA LEU J 101 58.00 -41.64 72.58
C LEU J 101 57.77 -40.31 73.27
N GLY J 102 57.07 -39.37 72.63
CA GLY J 102 56.57 -38.20 73.32
C GLY J 102 57.37 -36.93 73.13
N SER J 103 57.80 -36.65 71.90
CA SER J 103 58.58 -35.44 71.63
C SER J 103 57.76 -34.16 71.79
N LYS J 104 56.43 -34.28 71.87
CA LYS J 104 55.60 -33.11 72.13
C LYS J 104 55.91 -32.49 73.49
N ALA J 105 56.13 -33.33 74.51
CA ALA J 105 56.49 -32.82 75.82
C ALA J 105 57.84 -32.13 75.80
N ILE J 106 58.81 -32.67 75.04
CA ILE J 106 60.11 -32.02 74.91
C ILE J 106 59.98 -30.67 74.21
N GLY J 107 59.15 -30.61 73.16
CA GLY J 107 58.91 -29.34 72.50
C GLY J 107 58.25 -28.32 73.40
N SER J 108 57.28 -28.78 74.21
CA SER J 108 56.64 -27.90 75.17
C SER J 108 57.64 -27.39 76.22
N ALA J 109 58.53 -28.26 76.68
CA ALA J 109 59.55 -27.85 77.63
C ALA J 109 60.49 -26.82 77.03
N ILE J 110 60.88 -27.02 75.76
CA ILE J 110 61.74 -26.05 75.08
C ILE J 110 61.02 -24.70 74.96
N CYS J 111 59.75 -24.73 74.56
CA CYS J 111 58.99 -23.49 74.42
C CYS J 111 58.81 -22.78 75.75
N ASP J 112 58.62 -23.55 76.83
CA ASP J 112 58.42 -22.95 78.14
C ASP J 112 59.72 -22.35 78.68
N GLU J 113 60.83 -23.08 78.56
CA GLU J 113 62.08 -22.60 79.13
C GLU J 113 62.68 -21.47 78.30
N LEU J 114 62.60 -21.56 76.98
CA LEU J 114 63.22 -20.56 76.11
C LEU J 114 62.29 -19.42 75.74
N GLY J 115 60.98 -19.57 75.96
CA GLY J 115 60.06 -18.50 75.65
C GLY J 115 59.90 -18.19 74.18
N ILE J 116 60.17 -19.15 73.30
CA ILE J 116 60.11 -18.94 71.86
C ILE J 116 59.26 -20.04 71.23
N THR J 117 58.80 -19.76 70.01
CA THR J 117 58.02 -20.66 69.20
C THR J 117 58.87 -21.18 68.04
N PRO J 118 58.52 -22.34 67.46
CA PRO J 118 59.30 -22.84 66.32
C PRO J 118 59.32 -21.88 65.14
N GLY J 119 60.48 -21.78 64.49
CA GLY J 119 60.67 -20.86 63.40
C GLY J 119 61.14 -19.47 63.78
N GLN J 120 61.31 -19.19 65.08
CA GLN J 120 61.72 -17.88 65.56
C GLN J 120 63.11 -17.94 66.16
N THR J 121 63.56 -16.81 66.70
CA THR J 121 64.89 -16.67 67.27
C THR J 121 64.78 -16.01 68.64
N THR J 122 65.68 -16.40 69.54
CA THR J 122 65.71 -15.84 70.88
C THR J 122 66.13 -14.38 70.86
N ALA J 123 65.81 -13.67 71.95
CA ALA J 123 66.11 -12.24 72.04
C ALA J 123 67.61 -12.00 72.07
N ASP J 124 68.37 -12.84 72.76
CA ASP J 124 69.82 -12.70 72.81
C ASP J 124 70.53 -13.30 71.61
N GLY J 125 69.79 -13.90 70.68
CA GLY J 125 70.38 -14.44 69.47
C GLY J 125 71.31 -15.61 69.70
N LEU J 126 70.97 -16.50 70.63
CA LEU J 126 71.79 -17.65 70.95
C LEU J 126 71.15 -18.98 70.59
N PHE J 127 69.81 -19.07 70.60
CA PHE J 127 69.11 -20.30 70.29
C PHE J 127 68.06 -20.04 69.24
N THR J 128 67.93 -20.97 68.29
CA THR J 128 66.93 -20.90 67.24
C THR J 128 66.24 -22.24 67.14
N LEU J 129 64.91 -22.25 67.23
CA LEU J 129 64.14 -23.48 67.25
C LEU J 129 63.58 -23.77 65.86
N GLU J 130 63.87 -24.96 65.36
CA GLU J 130 63.36 -25.42 64.08
C GLU J 130 62.92 -26.87 64.21
N ASP J 131 61.90 -27.25 63.44
CA ASP J 131 61.38 -28.59 63.43
C ASP J 131 61.76 -29.27 62.12
N VAL J 132 62.47 -30.39 62.21
CA VAL J 132 62.89 -31.14 61.04
C VAL J 132 62.05 -32.40 60.93
N ALA J 133 62.05 -32.99 59.73
CA ALA J 133 61.25 -34.18 59.50
C ALA J 133 61.76 -35.36 60.32
N CYS J 134 63.06 -35.64 60.24
CA CYS J 134 63.65 -36.77 60.94
C CYS J 134 65.15 -36.64 60.94
N LEU J 135 65.78 -36.86 62.10
CA LEU J 135 67.23 -36.85 62.18
C LEU J 135 67.82 -38.21 61.85
N GLY J 136 67.04 -39.29 62.00
CA GLY J 136 67.45 -40.62 61.60
C GLY J 136 67.97 -41.49 62.72
N CYS J 137 68.27 -40.93 63.89
CA CYS J 137 68.75 -41.71 65.03
C CYS J 137 67.58 -42.15 65.89
N CYS J 138 66.64 -42.85 65.25
CA CYS J 138 65.37 -43.20 65.85
C CYS J 138 65.50 -44.19 67.01
N SER J 139 66.64 -44.87 67.15
CA SER J 139 66.83 -45.75 68.30
C SER J 139 66.96 -44.96 69.60
N LEU J 140 67.51 -43.76 69.56
CA LEU J 140 67.67 -42.91 70.73
C LEU J 140 66.61 -41.82 70.76
N ALA J 141 65.39 -42.14 70.34
CA ALA J 141 64.31 -41.18 70.38
C ALA J 141 63.95 -40.86 71.83
N PRO J 142 63.66 -39.59 72.15
CA PRO J 142 63.73 -38.38 71.32
C PRO J 142 65.16 -37.88 71.09
N VAL J 143 65.41 -37.21 69.96
CA VAL J 143 66.72 -36.71 69.60
C VAL J 143 66.60 -35.20 69.38
N ILE J 144 67.65 -34.46 69.77
CA ILE J 144 67.75 -33.04 69.50
C ILE J 144 69.14 -32.75 68.94
N MET J 145 69.20 -32.05 67.81
CA MET J 145 70.45 -31.63 67.21
C MET J 145 70.74 -30.18 67.60
N ILE J 146 71.94 -29.93 68.10
CA ILE J 146 72.41 -28.58 68.41
C ILE J 146 73.80 -28.46 67.78
N ASN J 147 73.89 -27.72 66.67
CA ASN J 147 75.15 -27.46 65.96
C ASN J 147 75.87 -28.75 65.58
N GLY J 148 75.10 -29.77 65.22
CA GLY J 148 75.68 -31.05 64.85
C GLY J 148 75.91 -32.02 65.99
N GLU J 149 75.63 -31.62 67.23
CA GLU J 149 75.71 -32.52 68.37
C GLU J 149 74.33 -33.04 68.69
N ALA J 150 74.17 -34.36 68.71
CA ALA J 150 72.88 -35.01 68.89
C ALA J 150 72.75 -35.52 70.31
N TYR J 151 71.60 -35.25 70.93
CA TYR J 151 71.27 -35.76 72.25
C TYR J 151 70.08 -36.70 72.09
N GLY J 152 70.25 -37.95 72.52
CA GLY J 152 69.23 -38.97 72.38
C GLY J 152 68.83 -39.56 73.72
N LYS J 153 67.71 -40.29 73.70
CA LYS J 153 67.08 -40.85 74.90
C LYS J 153 66.85 -39.75 75.93
N LEU J 154 66.00 -38.81 75.54
CA LEU J 154 65.92 -37.49 76.15
C LEU J 154 64.64 -37.34 76.96
N THR J 155 64.73 -36.55 78.03
CA THR J 155 63.64 -36.17 78.91
C THR J 155 63.66 -34.65 79.07
N PRO J 156 62.53 -34.04 79.40
CA PRO J 156 62.51 -32.57 79.57
C PRO J 156 63.49 -32.06 80.61
N THR J 157 63.68 -32.79 81.71
CA THR J 157 64.71 -32.41 82.67
C THR J 157 66.09 -32.46 82.04
N SER J 158 66.34 -33.48 81.21
CA SER J 158 67.63 -33.62 80.55
C SER J 158 67.89 -32.45 79.60
N VAL J 159 66.88 -32.06 78.82
CA VAL J 159 67.10 -30.97 77.87
C VAL J 159 67.22 -29.63 78.60
N ARG J 160 66.51 -29.45 79.71
CA ARG J 160 66.68 -28.22 80.48
C ARG J 160 68.09 -28.14 81.06
N LYS J 161 68.60 -29.25 81.59
CA LYS J 161 69.97 -29.28 82.08
C LYS J 161 70.97 -29.05 80.95
N ILE J 162 70.71 -29.63 79.77
CA ILE J 162 71.61 -29.48 78.64
C ILE J 162 71.67 -28.02 78.18
N LEU J 163 70.50 -27.37 78.07
CA LEU J 163 70.49 -25.98 77.61
C LEU J 163 71.07 -25.05 78.67
N GLN J 164 70.91 -25.39 79.95
CA GLN J 164 71.56 -24.60 81.00
C GLN J 164 73.08 -24.78 80.96
N ASP J 165 73.53 -25.99 80.65
CA ASP J 165 74.97 -26.25 80.56
C ASP J 165 75.59 -25.56 79.35
N ILE J 166 74.87 -25.50 78.23
CA ILE J 166 75.37 -24.80 77.06
C ILE J 166 75.44 -23.30 77.31
N ALA J 167 74.35 -22.73 77.84
CA ALA J 167 74.29 -21.29 78.09
C ALA J 167 75.13 -20.91 79.30
N MET K 1 96.35 -57.15 66.01
CA MET K 1 95.09 -56.76 66.63
C MET K 1 94.30 -55.81 65.73
N LYS K 2 92.99 -56.01 65.66
CA LYS K 2 92.11 -55.16 64.87
C LYS K 2 91.00 -54.63 65.76
N VAL K 3 90.77 -53.31 65.69
CA VAL K 3 89.68 -52.68 66.40
C VAL K 3 88.79 -51.99 65.37
N ARG K 4 87.50 -52.30 65.41
CA ARG K 4 86.50 -51.67 64.54
C ARG K 4 85.57 -50.83 65.39
N VAL K 5 85.33 -49.60 64.96
CA VAL K 5 84.38 -48.71 65.61
C VAL K 5 83.29 -48.37 64.62
N GLY K 6 82.04 -48.61 65.02
CA GLY K 6 80.90 -48.28 64.18
C GLY K 6 80.50 -46.82 64.29
N LEU K 7 81.48 -45.93 64.13
CA LEU K 7 81.22 -44.50 64.30
C LEU K 7 80.53 -43.95 63.06
N GLY K 8 79.30 -43.50 63.23
CA GLY K 8 78.52 -42.95 62.14
C GLY K 8 77.54 -41.92 62.64
N SER K 9 76.44 -41.76 61.91
CA SER K 9 75.44 -40.75 62.26
C SER K 9 74.78 -41.06 63.60
N CYS K 10 74.46 -42.33 63.84
CA CYS K 10 73.91 -42.71 65.14
C CYS K 10 74.99 -42.63 66.22
N GLY K 11 76.25 -42.82 65.85
CA GLY K 11 77.34 -42.66 66.80
C GLY K 11 77.46 -41.25 67.33
N ILE K 12 77.21 -40.26 66.46
CA ILE K 12 77.21 -38.86 66.89
C ILE K 12 76.08 -38.62 67.89
N ALA K 13 75.00 -39.41 67.80
CA ALA K 13 73.96 -39.42 68.82
C ALA K 13 74.35 -40.24 70.04
N ALA K 14 75.63 -40.55 70.19
CA ALA K 14 76.16 -41.30 71.32
C ALA K 14 77.55 -40.73 71.61
N GLY K 15 78.38 -41.50 72.32
CA GLY K 15 79.73 -41.07 72.62
C GLY K 15 80.53 -40.73 71.39
N GLY K 16 80.45 -41.58 70.36
CA GLY K 16 80.91 -41.23 69.03
C GLY K 16 82.38 -40.92 68.88
N ARG K 17 82.71 -39.63 68.75
CA ARG K 17 84.10 -39.22 68.61
C ARG K 17 84.89 -39.42 69.90
N LYS K 18 84.22 -39.49 71.06
CA LYS K 18 84.92 -39.65 72.32
C LYS K 18 85.64 -40.99 72.39
N VAL K 19 84.95 -42.08 72.06
CA VAL K 19 85.58 -43.40 72.11
C VAL K 19 86.67 -43.51 71.05
N MET K 20 86.44 -42.92 69.88
CA MET K 20 87.41 -42.98 68.80
C MET K 20 88.70 -42.25 69.17
N ASP K 21 88.60 -41.00 69.63
CA ASP K 21 89.83 -40.27 69.93
C ASP K 21 90.47 -40.74 71.23
N ARG K 22 89.69 -41.29 72.17
CA ARG K 22 90.29 -41.89 73.35
C ARG K 22 91.08 -43.14 73.00
N LEU K 23 90.54 -43.99 72.10
CA LEU K 23 91.28 -45.16 71.65
C LEU K 23 92.52 -44.74 70.86
N ALA K 24 92.40 -43.68 70.05
CA ALA K 24 93.55 -43.18 69.31
C ALA K 24 94.63 -42.66 70.26
N GLN K 25 94.24 -41.95 71.32
CA GLN K 25 95.23 -41.48 72.29
C GLN K 25 95.88 -42.65 73.02
N GLU K 26 95.08 -43.67 73.36
CA GLU K 26 95.63 -44.84 74.05
C GLU K 26 96.64 -45.59 73.18
N ILE K 27 96.32 -45.78 71.89
CA ILE K 27 97.27 -46.46 71.02
C ILE K 27 98.48 -45.58 70.72
N LYS K 28 98.29 -44.25 70.70
CA LYS K 28 99.43 -43.35 70.52
C LYS K 28 100.38 -43.43 71.71
N ASN K 29 99.84 -43.51 72.92
CA ASN K 29 100.69 -43.62 74.10
C ASN K 29 101.35 -44.98 74.19
N HIS K 30 100.60 -46.05 73.89
CA HIS K 30 101.18 -47.40 73.99
C HIS K 30 102.14 -47.68 72.84
N GLY K 31 101.83 -47.19 71.64
CA GLY K 31 102.71 -47.38 70.50
C GLY K 31 102.55 -48.69 69.77
N LYS K 32 101.52 -49.47 70.07
CA LYS K 32 101.32 -50.74 69.39
C LYS K 32 100.78 -50.52 67.98
N GLU K 33 101.01 -51.52 67.12
CA GLU K 33 100.57 -51.47 65.73
C GLU K 33 99.22 -52.18 65.63
N ILE K 34 98.16 -51.46 65.96
CA ILE K 34 96.80 -51.98 65.95
C ILE K 34 95.98 -51.18 64.96
N GLU K 35 95.26 -51.87 64.08
CA GLU K 35 94.52 -51.22 63.00
C GLU K 35 93.16 -50.80 63.53
N LEU K 36 92.94 -49.48 63.60
CA LEU K 36 91.68 -48.90 64.02
C LEU K 36 90.88 -48.49 62.79
N LEU K 37 89.71 -49.08 62.62
CA LEU K 37 88.92 -48.91 61.40
C LEU K 37 87.54 -48.36 61.75
N PRO K 38 87.15 -47.20 61.24
CA PRO K 38 85.77 -46.74 61.40
C PRO K 38 84.84 -47.44 60.42
N THR K 39 83.75 -47.97 60.95
CA THR K 39 82.77 -48.72 60.16
C THR K 39 81.39 -48.10 60.35
N GLY K 40 80.42 -48.61 59.58
CA GLY K 40 79.04 -48.22 59.77
C GLY K 40 78.35 -49.07 60.81
N CYS K 41 77.09 -48.73 61.08
CA CYS K 41 76.30 -49.51 62.01
C CYS K 41 76.01 -50.89 61.44
N ILE K 42 76.05 -51.90 62.31
CA ILE K 42 75.62 -53.24 61.93
C ILE K 42 74.14 -53.23 61.57
N GLY K 43 73.35 -52.51 62.36
CA GLY K 43 71.91 -52.48 62.21
C GLY K 43 71.24 -52.40 63.56
N MET K 44 71.96 -52.83 64.60
CA MET K 44 71.50 -52.69 65.98
C MET K 44 71.93 -51.31 66.47
N CYS K 45 71.08 -50.32 66.18
CA CYS K 45 71.39 -48.95 66.58
C CYS K 45 71.24 -48.73 68.08
N PHE K 46 70.50 -49.60 68.77
CA PHE K 46 70.58 -49.65 70.22
C PHE K 46 71.96 -50.16 70.64
N TYR K 47 72.33 -49.91 71.89
CA TYR K 47 73.56 -50.41 72.51
C TYR K 47 74.81 -49.79 71.87
N GLU K 48 74.61 -48.75 71.05
CA GLU K 48 75.67 -47.98 70.41
C GLU K 48 76.49 -47.25 71.48
N PRO K 49 77.76 -46.87 71.20
CA PRO K 49 78.58 -47.05 69.97
C PRO K 49 79.23 -48.42 69.88
N ILE K 50 79.05 -49.15 68.78
CA ILE K 50 79.53 -50.52 68.71
C ILE K 50 81.04 -50.55 68.54
N VAL K 51 81.69 -51.40 69.32
CA VAL K 51 83.14 -51.62 69.26
C VAL K 51 83.38 -53.11 69.07
N ASP K 52 84.21 -53.45 68.08
CA ASP K 52 84.56 -54.84 67.80
C ASP K 52 86.06 -55.01 67.99
N VAL K 53 86.43 -56.05 68.74
CA VAL K 53 87.82 -56.32 69.09
C VAL K 53 88.20 -57.69 68.54
N PHE K 54 89.34 -57.76 67.84
CA PHE K 54 89.81 -58.98 67.22
C PHE K 54 90.96 -59.53 68.07
N ASP K 55 90.78 -60.72 68.63
CA ASP K 55 91.86 -61.46 69.28
C ASP K 55 91.99 -62.78 68.51
N GLY K 56 93.06 -62.87 67.72
CA GLY K 56 93.27 -64.03 66.86
C GLY K 56 92.18 -64.15 65.82
N ASP K 57 91.44 -65.26 65.85
CA ASP K 57 90.30 -65.47 64.98
C ASP K 57 88.98 -65.12 65.67
N LYS K 58 89.02 -64.61 66.88
CA LYS K 58 87.81 -64.36 67.65
C LYS K 58 87.47 -62.88 67.65
N VAL K 59 86.18 -62.57 67.57
CA VAL K 59 85.67 -61.20 67.53
C VAL K 59 84.72 -61.02 68.71
N TYR K 60 84.95 -59.95 69.48
CA TYR K 60 84.10 -59.63 70.62
C TYR K 60 83.49 -58.25 70.47
N SER K 61 82.27 -58.11 70.97
CA SER K 61 81.53 -56.85 70.94
C SER K 61 80.90 -56.65 72.31
N TYR K 62 81.40 -55.66 73.05
CA TYR K 62 80.96 -55.36 74.41
C TYR K 62 80.75 -53.86 74.57
N ALA K 63 79.95 -53.29 73.67
CA ALA K 63 79.77 -51.86 73.52
C ALA K 63 78.87 -51.26 74.60
N ASN K 64 78.32 -50.06 74.33
CA ASN K 64 77.86 -49.05 75.28
C ASN K 64 79.07 -48.48 75.99
N VAL K 65 80.02 -47.96 75.20
CA VAL K 65 81.35 -47.59 75.67
C VAL K 65 81.50 -46.09 75.63
N THR K 66 81.90 -45.50 76.75
CA THR K 66 82.24 -44.09 76.84
C THR K 66 83.76 -43.94 76.81
N ALA K 67 84.23 -42.71 77.07
CA ALA K 67 85.67 -42.46 77.08
C ALA K 67 86.35 -43.21 78.21
N ASP K 68 85.76 -43.16 79.41
CA ASP K 68 86.28 -43.92 80.54
C ASP K 68 86.18 -45.42 80.29
N MET K 69 85.07 -45.87 79.68
CA MET K 69 84.93 -47.27 79.34
C MET K 69 85.95 -47.69 78.29
N ALA K 70 86.22 -46.84 77.31
CA ALA K 70 87.24 -47.15 76.31
C ALA K 70 88.62 -47.22 76.93
N THR K 71 88.91 -46.33 77.87
CA THR K 71 90.17 -46.38 78.60
C THR K 71 90.30 -47.68 79.38
N GLU K 72 89.21 -48.10 80.03
CA GLU K 72 89.24 -49.37 80.76
C GLU K 72 89.40 -50.56 79.81
N ILE K 73 88.81 -50.47 78.62
CA ILE K 73 88.97 -51.51 77.61
C ILE K 73 90.43 -51.62 77.19
N PHE K 74 91.07 -50.48 76.93
CA PHE K 74 92.48 -50.50 76.53
C PHE K 74 93.37 -51.00 77.66
N ASN K 75 93.08 -50.60 78.89
CA ASN K 75 93.92 -50.98 80.02
C ASN K 75 93.75 -52.46 80.37
N SER K 76 92.54 -53.00 80.21
CA SER K 76 92.25 -54.35 80.69
C SER K 76 92.29 -55.40 79.58
N HIS K 77 91.73 -55.10 78.41
CA HIS K 77 91.51 -56.13 77.39
C HIS K 77 92.45 -55.99 76.20
N ILE K 78 92.66 -54.76 75.72
CA ILE K 78 93.50 -54.56 74.53
C ILE K 78 94.96 -54.87 74.85
N ILE K 79 95.41 -54.51 76.05
CA ILE K 79 96.77 -54.79 76.48
C ILE K 79 96.84 -56.04 77.36
N GLY K 80 95.99 -56.11 78.39
CA GLY K 80 96.04 -57.22 79.32
C GLY K 80 95.47 -58.52 78.80
N GLY K 81 94.63 -58.47 77.76
CA GLY K 81 94.01 -59.67 77.26
C GLY K 81 92.86 -60.20 78.09
N GLN K 82 92.33 -59.40 79.01
CA GLN K 82 91.25 -59.85 79.88
C GLN K 82 89.93 -59.23 79.44
N PRO K 83 88.98 -60.01 78.94
CA PRO K 83 87.65 -59.46 78.64
C PRO K 83 86.92 -59.05 79.90
N LEU K 84 86.02 -58.07 79.74
CA LEU K 84 85.14 -57.62 80.82
C LEU K 84 83.79 -58.30 80.61
N THR K 85 83.53 -59.36 81.40
CA THR K 85 82.35 -60.17 81.20
C THR K 85 81.05 -59.45 81.56
N GLN K 86 81.13 -58.38 82.35
CA GLN K 86 79.93 -57.65 82.74
C GLN K 86 79.38 -56.79 81.60
N TYR K 87 80.16 -56.59 80.53
CA TYR K 87 79.70 -55.84 79.37
C TYR K 87 79.56 -56.71 78.12
N ILE K 88 79.95 -57.97 78.19
CA ILE K 88 79.94 -58.85 77.02
C ILE K 88 78.52 -59.27 76.71
N VAL K 89 78.08 -59.01 75.47
CA VAL K 89 76.78 -59.44 74.99
C VAL K 89 76.85 -60.23 73.69
N SER K 90 78.00 -60.26 73.03
CA SER K 90 78.15 -60.99 71.77
C SER K 90 79.60 -61.42 71.61
N THR K 91 79.81 -62.72 71.39
CA THR K 91 81.14 -63.25 71.13
C THR K 91 81.15 -63.98 69.79
N THR K 92 82.27 -64.62 69.46
CA THR K 92 82.33 -65.40 68.22
C THR K 92 81.53 -66.69 68.35
N GLU K 93 81.68 -67.41 69.46
CA GLU K 93 80.86 -68.59 69.70
C GLU K 93 79.43 -68.24 70.04
N LYS K 94 79.17 -67.03 70.56
CA LYS K 94 77.84 -66.58 70.90
C LYS K 94 77.57 -65.27 70.18
N PRO K 95 77.25 -65.33 68.88
CA PRO K 95 76.97 -64.10 68.14
C PRO K 95 75.61 -63.52 68.49
N TYR K 96 75.20 -62.47 67.78
CA TYR K 96 73.91 -61.84 68.05
C TYR K 96 72.78 -62.79 67.66
N THR K 97 71.83 -62.99 68.58
CA THR K 97 70.66 -63.79 68.27
C THR K 97 69.75 -63.09 67.27
N ILE K 98 69.84 -61.76 67.20
CA ILE K 98 69.00 -60.99 66.28
C ILE K 98 69.41 -61.27 64.83
N LEU K 99 70.72 -61.37 64.57
CA LEU K 99 71.20 -61.64 63.22
C LEU K 99 71.11 -63.12 62.84
N ALA K 100 70.72 -63.98 63.78
CA ALA K 100 70.62 -65.41 63.48
C ALA K 100 69.55 -65.68 62.44
N LYS K 101 68.41 -64.98 62.52
CA LYS K 101 67.34 -65.14 61.55
C LYS K 101 67.47 -64.17 60.38
N GLN K 102 68.45 -63.28 60.38
CA GLN K 102 68.60 -62.28 59.33
C GLN K 102 69.50 -62.81 58.22
N VAL K 103 68.99 -62.80 56.98
CA VAL K 103 69.78 -63.13 55.81
C VAL K 103 70.35 -61.81 55.30
N ARG K 104 71.49 -61.41 55.85
CA ARG K 104 72.07 -60.11 55.56
C ARG K 104 72.61 -60.09 54.13
N ILE K 105 71.98 -59.29 53.27
CA ILE K 105 72.37 -59.22 51.87
C ILE K 105 72.68 -57.77 51.51
N ALA K 106 71.78 -56.86 51.90
CA ALA K 106 71.99 -55.44 51.63
C ALA K 106 73.02 -54.83 52.56
N LEU K 107 73.21 -55.38 53.76
CA LEU K 107 74.17 -54.87 54.72
C LEU K 107 75.35 -55.81 54.92
N ARG K 108 75.75 -56.52 53.86
CA ARG K 108 76.84 -57.49 53.98
C ARG K 108 78.21 -56.84 54.16
N ASN K 109 78.31 -55.52 54.04
CA ASN K 109 79.54 -54.80 54.33
C ASN K 109 79.41 -53.82 55.49
N CYS K 110 78.20 -53.61 56.00
CA CYS K 110 78.00 -52.63 57.07
C CYS K 110 78.55 -53.16 58.39
N GLY K 111 79.47 -52.41 58.98
CA GLY K 111 80.13 -52.83 60.20
C GLY K 111 81.28 -53.79 60.00
N VAL K 112 81.60 -54.13 58.76
CA VAL K 112 82.66 -55.09 58.45
C VAL K 112 83.81 -54.43 57.70
N ILE K 113 83.51 -53.66 56.66
CA ILE K 113 84.53 -53.02 55.84
C ILE K 113 84.63 -51.55 56.21
N ASP K 114 85.73 -50.94 55.77
CA ASP K 114 85.91 -49.50 55.90
C ASP K 114 85.26 -48.83 54.70
N PRO K 115 84.21 -48.02 54.90
CA PRO K 115 83.55 -47.40 53.74
C PRO K 115 84.42 -46.40 52.99
N GLU K 116 85.39 -45.78 53.65
CA GLU K 116 86.25 -44.78 53.04
C GLU K 116 87.43 -45.39 52.32
N ASN K 117 87.54 -46.72 52.30
CA ASN K 117 88.63 -47.44 51.67
C ASN K 117 88.07 -48.43 50.66
N VAL K 118 88.52 -48.33 49.41
CA VAL K 118 88.10 -49.28 48.39
C VAL K 118 88.77 -50.64 48.59
N ASP K 119 89.90 -50.67 49.31
CA ASP K 119 90.64 -51.92 49.50
C ASP K 119 89.84 -52.91 50.35
N GLU K 120 89.16 -52.41 51.38
CA GLU K 120 88.35 -53.30 52.22
C GLU K 120 87.16 -53.86 51.45
N TYR K 121 86.55 -53.04 50.58
CA TYR K 121 85.47 -53.54 49.73
C TYR K 121 85.97 -54.60 48.76
N LYS K 122 87.14 -54.36 48.15
CA LYS K 122 87.72 -55.33 47.22
C LYS K 122 88.07 -56.63 47.94
N ALA K 123 88.54 -56.54 49.19
CA ALA K 123 88.88 -57.73 49.96
C ALA K 123 87.64 -58.47 50.47
N ASN K 124 86.47 -57.84 50.43
CA ASN K 124 85.22 -58.47 50.86
C ASN K 124 84.38 -58.90 49.66
N ASP K 125 85.04 -59.41 48.61
CA ASP K 125 84.38 -59.87 47.37
C ASP K 125 83.60 -58.76 46.69
N GLY K 126 84.11 -57.53 46.76
CA GLY K 126 83.47 -56.41 46.11
C GLY K 126 84.16 -56.04 44.80
N TYR K 127 83.36 -55.44 43.90
CA TYR K 127 83.72 -55.02 42.54
C TYR K 127 84.04 -56.21 41.64
N LYS K 128 83.95 -57.45 42.13
CA LYS K 128 84.20 -58.61 41.28
C LYS K 128 83.02 -58.87 40.35
N ALA K 129 81.81 -58.60 40.82
CA ALA K 129 80.63 -58.67 39.95
C ALA K 129 80.71 -57.63 38.84
N LEU K 130 81.32 -56.48 39.10
CA LEU K 130 81.52 -55.48 38.07
C LEU K 130 82.40 -56.03 36.94
N SER K 131 83.53 -56.66 37.31
CA SER K 131 84.40 -57.27 36.32
C SER K 131 83.69 -58.40 35.58
N LYS K 132 82.91 -59.20 36.30
CA LYS K 132 82.21 -60.31 35.67
C LYS K 132 81.19 -59.82 34.64
N ALA K 133 80.43 -58.78 35.00
CA ALA K 133 79.44 -58.23 34.08
C ALA K 133 80.11 -57.54 32.89
N LEU K 134 81.26 -56.90 33.12
CA LEU K 134 81.92 -56.18 32.04
C LEU K 134 82.57 -57.14 31.06
N LYS K 135 83.19 -58.21 31.54
CA LYS K 135 84.01 -59.06 30.69
C LYS K 135 83.32 -60.32 30.20
N GLU K 136 82.39 -60.90 30.96
CA GLU K 136 81.84 -62.20 30.63
C GLU K 136 80.37 -62.20 30.25
N MET K 137 79.67 -61.08 30.39
CA MET K 137 78.23 -61.06 30.14
C MET K 137 77.85 -59.87 29.28
N THR K 138 76.82 -60.09 28.45
CA THR K 138 76.24 -59.04 27.63
C THR K 138 75.16 -58.29 28.42
N PRO K 139 74.82 -57.05 28.01
CA PRO K 139 73.71 -56.35 28.66
C PRO K 139 72.38 -57.09 28.58
N GLU K 140 72.11 -57.77 27.47
CA GLU K 140 70.91 -58.59 27.37
C GLU K 140 70.95 -59.73 28.36
N GLU K 141 72.14 -60.33 28.55
CA GLU K 141 72.30 -61.34 29.59
C GLU K 141 72.07 -60.75 30.97
N VAL K 142 72.48 -59.51 31.19
CA VAL K 142 72.23 -58.82 32.45
C VAL K 142 70.72 -58.70 32.69
N ILE K 143 69.99 -58.28 31.65
CA ILE K 143 68.55 -58.11 31.77
C ILE K 143 67.86 -59.45 32.03
N GLU K 144 68.30 -60.50 31.34
CA GLU K 144 67.66 -61.80 31.52
C GLU K 144 67.97 -62.39 32.88
N GLU K 145 69.20 -62.17 33.38
CA GLU K 145 69.52 -62.61 34.74
C GLU K 145 68.71 -61.84 35.77
N ILE K 146 68.47 -60.55 35.53
CA ILE K 146 67.58 -59.79 36.39
C ILE K 146 66.17 -60.36 36.35
N LYS K 147 65.73 -60.75 35.15
CA LYS K 147 64.37 -61.29 34.99
C LYS K 147 64.19 -62.61 35.73
N VAL K 148 65.15 -63.54 35.61
CA VAL K 148 65.04 -64.79 36.34
C VAL K 148 65.20 -64.52 37.84
N ALA K 149 65.96 -63.48 38.20
CA ALA K 149 66.07 -63.06 39.59
C ALA K 149 64.76 -62.51 40.14
N GLY K 150 63.79 -62.21 39.29
CA GLY K 150 62.47 -61.79 39.75
C GLY K 150 62.35 -60.36 40.19
N LEU K 151 63.26 -59.48 39.77
CA LEU K 151 63.20 -58.09 40.18
C LEU K 151 62.19 -57.32 39.35
N ARG K 152 61.38 -56.49 40.03
CA ARG K 152 60.41 -55.64 39.37
C ARG K 152 60.55 -54.17 39.75
N GLY K 153 60.83 -53.87 41.02
CA GLY K 153 61.00 -52.50 41.44
C GLY K 153 61.06 -52.35 42.96
N ARG K 154 61.80 -51.36 43.43
CA ARG K 154 61.94 -51.12 44.86
C ARG K 154 61.64 -49.66 45.16
N GLY K 155 61.25 -49.39 46.41
CA GLY K 155 60.81 -48.07 46.78
C GLY K 155 59.39 -47.80 46.31
N GLY K 156 58.46 -48.63 46.78
CA GLY K 156 57.08 -48.51 46.33
C GLY K 156 56.95 -49.01 44.91
N ALA K 157 56.23 -48.23 44.08
CA ALA K 157 55.99 -48.54 42.67
C ALA K 157 55.39 -49.93 42.50
N GLY K 158 56.04 -50.76 41.68
CA GLY K 158 55.57 -52.11 41.50
C GLY K 158 55.58 -52.59 40.06
N PHE K 159 55.66 -51.68 39.11
CA PHE K 159 55.68 -52.06 37.71
C PHE K 159 57.00 -52.77 37.38
N PRO K 160 56.98 -53.81 36.56
CA PRO K 160 58.18 -54.62 36.33
C PRO K 160 59.28 -53.85 35.62
N THR K 161 60.52 -54.24 35.92
CA THR K 161 61.68 -53.56 35.34
C THR K 161 61.74 -53.73 33.83
N TRP K 162 61.47 -54.95 33.33
CA TRP K 162 61.61 -55.23 31.91
C TRP K 162 60.69 -54.37 31.04
N PHE K 163 59.62 -53.82 31.61
CA PHE K 163 58.77 -52.87 30.90
C PHE K 163 59.19 -51.42 31.14
N LYS K 164 60.16 -51.18 32.00
CA LYS K 164 60.66 -49.82 32.24
C LYS K 164 62.18 -49.71 32.13
N TRP K 165 62.91 -50.70 32.64
CA TRP K 165 64.37 -50.68 32.59
C TRP K 165 64.87 -51.11 31.21
N ASN K 166 64.41 -52.27 30.75
CA ASN K 166 64.66 -52.68 29.37
C ASN K 166 64.01 -51.72 28.39
N ALA K 167 62.87 -51.12 28.77
CA ALA K 167 62.27 -50.10 27.92
C ALA K 167 63.14 -48.85 27.86
N ALA K 168 63.79 -48.49 28.97
CA ALA K 168 64.71 -47.36 28.96
C ALA K 168 65.93 -47.66 28.11
N ARG K 169 66.44 -48.89 28.17
CA ARG K 169 67.55 -49.27 27.30
C ARG K 169 67.14 -49.26 25.83
N GLN K 170 65.95 -49.78 25.52
CA GLN K 170 65.44 -49.81 24.16
C GLN K 170 64.97 -48.44 23.68
N SER K 171 64.90 -47.45 24.56
CA SER K 171 64.43 -46.13 24.20
C SER K 171 65.41 -45.46 23.23
N LYS K 172 64.86 -44.83 22.21
CA LYS K 172 65.69 -44.18 21.20
C LYS K 172 66.36 -42.95 21.77
N GLY K 173 67.64 -42.79 21.48
CA GLY K 173 68.39 -41.64 21.96
C GLY K 173 69.86 -41.91 22.15
N GLU K 174 70.70 -40.99 21.68
CA GLU K 174 72.13 -41.13 21.86
C GLU K 174 72.57 -40.90 23.30
N ILE K 175 71.77 -40.19 24.08
CA ILE K 175 72.09 -39.88 25.48
C ILE K 175 71.00 -40.47 26.36
N LYS K 176 71.39 -41.28 27.33
CA LYS K 176 70.49 -41.85 28.31
C LYS K 176 71.00 -41.49 29.69
N TYR K 177 70.08 -41.41 30.65
CA TYR K 177 70.41 -40.95 32.00
C TYR K 177 69.98 -41.99 33.01
N VAL K 178 70.79 -42.09 34.08
CA VAL K 178 70.48 -42.92 35.23
C VAL K 178 70.34 -42.00 36.43
N VAL K 179 69.22 -42.10 37.14
CA VAL K 179 69.01 -41.37 38.37
C VAL K 179 68.76 -42.39 39.49
N CYS K 180 69.50 -42.25 40.57
CA CYS K 180 69.25 -43.04 41.78
C CYS K 180 68.56 -42.14 42.77
N ASN K 181 67.29 -42.43 43.05
CA ASN K 181 66.51 -41.60 43.96
C ASN K 181 66.95 -41.85 45.39
N ALA K 182 68.05 -41.19 45.73
CA ALA K 182 68.64 -41.42 47.04
C ALA K 182 68.13 -40.42 48.06
N ASP K 183 66.94 -39.87 47.84
CA ASP K 183 66.33 -39.02 48.89
C ASP K 183 65.38 -39.92 49.66
N GLU K 184 65.49 -39.92 50.98
CA GLU K 184 64.61 -40.77 51.82
C GLU K 184 63.67 -39.86 52.61
N GLY K 185 62.69 -39.25 51.94
CA GLY K 185 61.86 -38.31 52.67
C GLY K 185 60.95 -38.92 53.71
N ASP K 186 60.97 -40.24 53.85
CA ASP K 186 60.15 -40.92 54.83
C ASP K 186 60.70 -40.64 56.23
N PRO K 187 59.89 -40.12 57.15
CA PRO K 187 60.33 -40.06 58.55
C PRO K 187 60.39 -41.45 59.15
N GLY K 188 61.50 -41.76 59.81
CA GLY K 188 61.69 -43.04 60.45
C GLY K 188 62.32 -44.11 59.58
N ALA K 189 62.33 -43.91 58.26
CA ALA K 189 62.99 -44.84 57.35
C ALA K 189 64.32 -44.23 56.94
N PHE K 190 65.41 -44.92 57.25
CA PHE K 190 66.76 -44.41 57.03
C PHE K 190 67.66 -45.48 56.43
N MET K 191 67.11 -46.31 55.56
CA MET K 191 67.92 -47.34 54.91
C MET K 191 68.91 -46.74 53.92
N ASP K 192 68.54 -45.66 53.23
CA ASP K 192 69.45 -45.08 52.23
C ASP K 192 70.62 -44.39 52.89
N ARG K 193 70.37 -43.64 53.97
CA ARG K 193 71.47 -43.00 54.69
C ARG K 193 72.40 -44.04 55.28
N SER K 194 71.85 -45.13 55.83
CA SER K 194 72.67 -46.19 56.39
C SER K 194 73.52 -46.86 55.32
N VAL K 195 72.94 -47.13 54.15
CA VAL K 195 73.71 -47.73 53.06
C VAL K 195 74.79 -46.78 52.58
N LEU K 196 74.46 -45.50 52.43
CA LEU K 196 75.43 -44.52 51.94
C LEU K 196 76.60 -44.35 52.90
N GLU K 197 76.32 -44.28 54.20
CA GLU K 197 77.37 -44.11 55.20
C GLU K 197 78.07 -45.41 55.57
N GLY K 198 77.51 -46.56 55.17
CA GLY K 198 78.10 -47.84 55.54
C GLY K 198 78.77 -48.55 54.38
N ASP K 199 78.23 -48.42 53.18
CA ASP K 199 78.78 -49.08 52.00
C ASP K 199 78.34 -48.35 50.74
N PRO K 200 78.98 -47.20 50.43
CA PRO K 200 78.66 -46.52 49.17
C PRO K 200 79.32 -47.15 47.97
N HIS K 201 80.34 -47.99 48.17
CA HIS K 201 81.01 -48.62 47.04
C HIS K 201 80.10 -49.62 46.34
N ALA K 202 79.24 -50.32 47.10
CA ALA K 202 78.27 -51.21 46.50
C ALA K 202 77.29 -50.45 45.62
N LEU K 203 76.85 -49.28 46.08
CA LEU K 203 75.94 -48.46 45.28
C LEU K 203 76.62 -47.93 44.04
N LEU K 204 77.88 -47.50 44.15
CA LEU K 204 78.60 -47.01 42.97
C LEU K 204 78.80 -48.13 41.95
N GLU K 205 79.18 -49.32 42.43
CA GLU K 205 79.29 -50.49 41.56
C GLU K 205 77.95 -50.78 40.89
N GLY K 206 76.87 -50.74 41.67
CA GLY K 206 75.56 -51.02 41.11
C GLY K 206 75.13 -50.04 40.05
N MET K 207 75.37 -48.74 40.31
CA MET K 207 75.00 -47.73 39.34
C MET K 207 75.83 -47.86 38.07
N ALA K 208 77.12 -48.20 38.22
CA ALA K 208 77.95 -48.46 37.05
C ALA K 208 77.43 -49.65 36.25
N ILE K 209 76.98 -50.69 36.94
CA ILE K 209 76.51 -51.90 36.25
C ILE K 209 75.21 -51.62 35.49
N CYS K 210 74.26 -50.89 36.10
CA CYS K 210 73.02 -50.63 35.36
C CYS K 210 73.28 -49.62 34.24
N GLY K 211 74.23 -48.70 34.44
CA GLY K 211 74.60 -47.81 33.35
C GLY K 211 75.20 -48.55 32.18
N TYR K 212 76.04 -49.55 32.46
CA TYR K 212 76.60 -50.37 31.39
C TYR K 212 75.50 -51.18 30.71
N ALA K 213 74.55 -51.71 31.48
CA ALA K 213 73.53 -52.56 30.90
C ALA K 213 72.55 -51.77 30.04
N ILE K 214 72.04 -50.63 30.54
CA ILE K 214 71.06 -49.86 29.80
C ILE K 214 71.67 -48.95 28.76
N GLY K 215 73.00 -48.91 28.66
CA GLY K 215 73.64 -48.10 27.65
C GLY K 215 73.67 -46.63 27.95
N ALA K 216 73.73 -46.25 29.23
CA ALA K 216 73.83 -44.87 29.63
C ALA K 216 75.23 -44.59 30.16
N ASN K 217 75.83 -43.51 29.69
CA ASN K 217 77.20 -43.16 30.03
C ASN K 217 77.31 -42.17 31.18
N GLU K 218 76.25 -41.44 31.49
CA GLU K 218 76.26 -40.43 32.53
C GLU K 218 75.08 -40.62 33.46
N GLY K 219 75.33 -40.50 34.76
CA GLY K 219 74.28 -40.68 35.75
C GLY K 219 74.38 -39.66 36.85
N HIS K 220 73.28 -39.52 37.59
CA HIS K 220 73.19 -38.56 38.69
C HIS K 220 72.66 -39.22 39.95
N ILE K 221 73.11 -38.70 41.09
CA ILE K 221 72.62 -39.10 42.40
C ILE K 221 71.83 -37.93 42.98
N TYR K 222 70.54 -38.15 43.23
CA TYR K 222 69.73 -37.13 43.87
C TYR K 222 69.76 -37.38 45.37
N CYS K 223 70.66 -36.69 46.07
CA CYS K 223 70.88 -36.90 47.49
C CYS K 223 70.62 -35.60 48.25
N ARG K 224 69.98 -35.73 49.40
CA ARG K 224 69.64 -34.53 50.19
C ARG K 224 70.91 -33.94 50.81
N ALA K 225 70.88 -32.64 51.09
CA ALA K 225 72.01 -31.94 51.67
C ALA K 225 72.05 -32.04 53.19
N GLU K 226 71.06 -32.66 53.80
CA GLU K 226 71.14 -32.89 55.26
C GLU K 226 71.78 -34.27 55.41
N TYR K 227 72.40 -34.76 54.33
CA TYR K 227 73.09 -36.08 54.34
C TYR K 227 74.59 -35.87 54.14
N PRO K 228 75.28 -34.98 54.88
CA PRO K 228 76.69 -34.69 54.60
C PRO K 228 77.57 -35.94 54.79
N LEU K 229 77.70 -36.44 56.02
CA LEU K 229 78.60 -37.58 56.17
C LEU K 229 78.47 -38.52 54.98
N ALA K 230 77.23 -38.77 54.53
CA ALA K 230 77.02 -39.61 53.36
C ALA K 230 77.61 -39.00 52.10
N ILE K 231 77.46 -37.68 51.94
CA ILE K 231 78.02 -37.01 50.76
C ILE K 231 79.54 -37.08 50.78
N LYS K 232 80.16 -36.86 51.95
CA LYS K 232 81.60 -36.94 52.06
C LYS K 232 82.11 -38.35 51.77
N ARG K 233 81.43 -39.37 52.30
CA ARG K 233 81.86 -40.73 52.05
C ARG K 233 81.67 -41.11 50.57
N LEU K 234 80.58 -40.64 49.97
CA LEU K 234 80.34 -40.93 48.56
C LEU K 234 81.36 -40.24 47.67
N GLU K 235 81.75 -39.00 47.99
CA GLU K 235 82.75 -38.31 47.17
C GLU K 235 84.13 -38.93 47.38
N ILE K 236 84.43 -39.43 48.59
CA ILE K 236 85.69 -40.14 48.80
C ILE K 236 85.73 -41.42 47.98
N ALA K 237 84.63 -42.18 47.98
CA ALA K 237 84.54 -43.39 47.17
C ALA K 237 84.65 -43.07 45.69
N ILE K 238 84.05 -41.96 45.26
CA ILE K 238 84.11 -41.56 43.86
C ILE K 238 85.54 -41.21 43.47
N ALA K 239 86.26 -40.49 44.34
CA ALA K 239 87.65 -40.17 44.08
C ALA K 239 88.51 -41.43 44.01
N ASP K 240 88.27 -42.39 44.92
CA ASP K 240 89.03 -43.63 44.91
C ASP K 240 88.77 -44.43 43.64
N ALA K 241 87.50 -44.50 43.22
CA ALA K 241 87.15 -45.24 42.01
C ALA K 241 87.73 -44.58 40.76
N LYS K 242 87.78 -43.24 40.75
CA LYS K 242 88.45 -42.54 39.67
C LYS K 242 89.94 -42.83 39.66
N GLN K 243 90.56 -42.92 40.84
CA GLN K 243 92.00 -43.12 40.92
C GLN K 243 92.40 -44.54 40.53
N ARG K 244 91.61 -45.53 40.93
CA ARG K 244 91.93 -46.93 40.66
C ARG K 244 91.34 -47.45 39.35
N ASN K 245 90.98 -46.55 38.44
CA ASN K 245 90.41 -46.89 37.13
C ASN K 245 89.14 -47.73 37.26
N LEU K 246 88.41 -47.56 38.36
CA LEU K 246 87.11 -48.19 38.53
C LEU K 246 85.97 -47.33 38.00
N LEU K 247 86.25 -46.08 37.63
CA LEU K 247 85.21 -45.16 37.21
C LEU K 247 85.85 -44.10 36.32
N GLY K 248 85.06 -43.57 35.40
CA GLY K 248 85.56 -42.56 34.49
C GLY K 248 85.54 -43.02 33.05
N LYS K 249 86.73 -43.24 32.48
CA LYS K 249 86.89 -43.68 31.10
C LYS K 249 87.70 -44.97 31.07
N ASN K 250 87.19 -45.96 30.34
CA ASN K 250 87.87 -47.23 30.07
C ASN K 250 88.21 -47.96 31.38
N ILE K 251 87.14 -48.37 32.06
CA ILE K 251 87.27 -49.15 33.29
C ILE K 251 87.67 -50.58 32.93
N MET K 252 88.81 -51.03 33.46
CA MET K 252 89.33 -52.39 33.24
C MET K 252 89.50 -52.65 31.73
N GLY K 253 89.98 -51.63 31.02
CA GLY K 253 90.20 -51.73 29.58
C GLY K 253 88.95 -51.80 28.73
N THR K 254 87.77 -52.02 29.31
CA THR K 254 86.56 -52.11 28.54
C THR K 254 86.18 -50.74 27.99
N ASN K 255 85.60 -50.73 26.79
CA ASN K 255 85.29 -49.50 26.08
C ASN K 255 84.25 -48.63 26.78
N PHE K 256 83.50 -49.17 27.72
CA PHE K 256 82.40 -48.45 28.33
C PHE K 256 82.92 -47.46 29.37
N SER K 257 82.50 -46.21 29.25
CA SER K 257 82.88 -45.14 30.17
C SER K 257 81.66 -44.71 30.97
N PHE K 258 81.88 -44.47 32.25
CA PHE K 258 80.80 -44.05 33.15
C PHE K 258 81.35 -42.99 34.09
N ASP K 259 80.73 -41.83 34.11
CA ASP K 259 81.15 -40.74 34.98
C ASP K 259 80.04 -40.39 35.95
N MET K 260 80.45 -39.87 37.10
CA MET K 260 79.55 -39.63 38.21
C MET K 260 79.44 -38.14 38.50
N LYS K 261 78.24 -37.70 38.84
CA LYS K 261 78.00 -36.36 39.34
C LYS K 261 77.05 -36.44 40.54
N ILE K 262 77.31 -35.59 41.52
CA ILE K 262 76.52 -35.56 42.76
C ILE K 262 75.69 -34.29 42.75
N LYS K 263 74.37 -34.45 42.78
CA LYS K 263 73.44 -33.33 42.83
C LYS K 263 72.80 -33.31 44.21
N LYS K 264 72.95 -32.20 44.92
CA LYS K 264 72.41 -32.05 46.27
C LYS K 264 71.02 -31.44 46.17
N GLY K 265 70.00 -32.21 46.57
CA GLY K 265 68.66 -31.68 46.60
C GLY K 265 68.43 -30.75 47.78
N ALA K 266 67.34 -30.00 47.70
CA ALA K 266 66.99 -29.04 48.74
C ALA K 266 66.15 -29.66 49.85
N GLY K 267 65.72 -30.91 49.71
CA GLY K 267 65.06 -31.59 50.81
C GLY K 267 63.56 -31.39 50.92
N ALA K 268 62.82 -31.76 49.89
CA ALA K 268 61.36 -31.79 49.94
C ALA K 268 60.88 -33.22 49.72
N PHE K 269 59.85 -33.61 50.46
CA PHE K 269 59.33 -34.98 50.35
C PHE K 269 58.70 -35.24 48.99
N VAL K 270 58.04 -34.23 48.40
CA VAL K 270 57.44 -34.41 47.09
C VAL K 270 58.47 -34.49 45.98
N CYS K 271 59.74 -34.17 46.26
CA CYS K 271 60.76 -34.21 45.24
C CYS K 271 61.27 -35.64 45.04
N GLY K 272 60.34 -36.57 44.87
CA GLY K 272 60.60 -37.88 44.35
C GLY K 272 59.72 -38.01 43.12
N GLU K 273 58.85 -39.02 43.09
CA GLU K 273 57.77 -39.15 42.13
C GLU K 273 58.21 -39.22 40.67
N GLU K 274 59.52 -39.17 40.41
CA GLU K 274 60.14 -39.35 39.10
C GLU K 274 59.76 -38.28 38.07
N THR K 275 58.84 -37.38 38.41
CA THR K 275 58.54 -36.22 37.59
C THR K 275 58.82 -34.93 38.32
N ALA K 276 58.54 -34.88 39.62
CA ALA K 276 59.01 -33.77 40.45
C ALA K 276 60.52 -33.83 40.64
N LEU K 277 61.09 -35.03 40.72
CA LEU K 277 62.53 -35.16 40.86
C LEU K 277 63.25 -34.70 39.59
N ILE K 278 62.64 -34.95 38.43
CA ILE K 278 63.19 -34.45 37.18
C ILE K 278 63.19 -32.93 37.15
N ALA K 279 62.09 -32.32 37.59
CA ALA K 279 62.01 -30.86 37.64
C ALA K 279 63.01 -30.28 38.64
N SER K 280 63.23 -30.98 39.75
CA SER K 280 64.25 -30.54 40.71
C SER K 280 65.64 -30.63 40.10
N LEU K 281 65.91 -31.71 39.36
CA LEU K 281 67.18 -31.85 38.66
C LEU K 281 67.33 -30.82 37.56
N GLU K 282 66.21 -30.35 37.01
CA GLU K 282 66.19 -29.37 35.94
C GLU K 282 66.27 -27.93 36.44
N GLY K 283 66.31 -27.74 37.76
CA GLY K 283 66.46 -26.41 38.32
C GLY K 283 65.16 -25.63 38.45
N GLU K 284 64.04 -26.30 38.65
CA GLU K 284 62.74 -25.65 38.80
C GLU K 284 62.11 -26.04 40.14
N ARG K 285 60.86 -25.63 40.32
CA ARG K 285 60.08 -26.06 41.47
C ARG K 285 59.69 -27.52 41.29
N GLY K 286 59.96 -28.34 42.30
CA GLY K 286 59.54 -29.72 42.18
C GLY K 286 58.03 -29.83 42.29
N MET K 287 57.38 -30.00 41.15
CA MET K 287 55.94 -30.15 41.06
C MET K 287 55.72 -31.30 40.09
N PRO K 288 54.96 -32.31 40.49
CA PRO K 288 54.70 -33.43 39.58
C PRO K 288 53.97 -32.98 38.33
N ARG K 289 54.37 -33.58 37.21
CA ARG K 289 53.84 -33.26 35.90
C ARG K 289 52.82 -34.32 35.50
N LEU K 290 52.36 -34.25 34.26
CA LEU K 290 51.32 -35.16 33.79
C LEU K 290 51.93 -36.42 33.21
N LYS K 291 51.44 -37.58 33.67
CA LYS K 291 51.82 -38.88 33.15
C LYS K 291 50.59 -39.55 32.56
N PRO K 292 50.58 -39.94 31.27
CA PRO K 292 51.63 -39.83 30.26
C PRO K 292 51.85 -38.41 29.77
N PRO K 293 53.01 -38.05 29.21
CA PRO K 293 54.18 -38.89 28.87
C PRO K 293 55.01 -39.32 30.07
N PHE K 294 55.55 -40.52 29.98
CA PHE K 294 56.39 -41.14 30.99
C PHE K 294 57.84 -40.72 30.79
N PRO K 295 58.67 -40.78 31.84
CA PRO K 295 60.09 -40.44 31.68
C PRO K 295 60.85 -41.37 30.76
N ALA K 296 60.32 -42.56 30.47
CA ALA K 296 60.95 -43.45 29.50
C ALA K 296 60.90 -42.88 28.08
N GLN K 297 59.98 -41.96 27.80
CA GLN K 297 59.94 -41.28 26.51
C GLN K 297 60.41 -39.84 26.55
N SER K 298 60.29 -39.16 27.70
CA SER K 298 60.75 -37.78 27.82
C SER K 298 61.05 -37.52 29.29
N GLY K 299 62.33 -37.56 29.65
CA GLY K 299 62.74 -37.32 31.01
C GLY K 299 63.63 -36.10 31.17
N PHE K 300 64.91 -36.33 31.48
CA PHE K 300 65.87 -35.26 31.72
C PHE K 300 66.05 -34.44 30.45
N TRP K 301 65.51 -33.21 30.46
CA TRP K 301 65.59 -32.25 29.36
C TRP K 301 64.95 -32.79 28.08
N GLY K 302 64.01 -33.71 28.19
CA GLY K 302 63.41 -34.34 27.03
C GLY K 302 64.10 -35.59 26.52
N LYS K 303 65.03 -36.15 27.29
CA LYS K 303 65.75 -37.35 26.94
C LYS K 303 65.32 -38.51 27.83
N PRO K 304 65.31 -39.74 27.31
CA PRO K 304 64.86 -40.90 28.10
C PRO K 304 65.70 -41.10 29.36
N THR K 305 65.02 -41.52 30.43
CA THR K 305 65.64 -41.59 31.74
C THR K 305 65.11 -42.81 32.50
N ASN K 306 66.00 -43.47 33.23
CA ASN K 306 65.64 -44.56 34.13
C ASN K 306 65.90 -44.12 35.56
N ILE K 307 64.89 -44.26 36.42
CA ILE K 307 64.97 -43.87 37.82
C ILE K 307 64.69 -45.10 38.68
N ASN K 308 65.57 -45.35 39.64
CA ASN K 308 65.41 -46.48 40.54
C ASN K 308 65.92 -46.10 41.92
N ASN K 309 65.55 -46.92 42.90
CA ASN K 309 66.00 -46.72 44.27
C ASN K 309 67.45 -47.17 44.42
N VAL K 310 68.04 -46.86 45.58
CA VAL K 310 69.35 -47.42 45.92
C VAL K 310 69.24 -48.93 46.11
N GLU K 311 68.09 -49.40 46.60
CA GLU K 311 67.90 -50.82 46.87
C GLU K 311 68.03 -51.66 45.61
N THR K 312 67.40 -51.22 44.52
CA THR K 312 67.44 -51.94 43.25
C THR K 312 68.86 -52.02 42.71
N PHE K 313 69.55 -50.87 42.68
CA PHE K 313 70.90 -50.85 42.14
C PHE K 313 71.87 -51.59 43.05
N ALA K 314 71.55 -51.71 44.33
CA ALA K 314 72.37 -52.52 45.21
C ALA K 314 72.15 -54.00 44.94
N ASN K 315 70.90 -54.37 44.66
CA ASN K 315 70.57 -55.78 44.46
C ASN K 315 71.08 -56.31 43.13
N VAL K 316 71.20 -55.44 42.13
CA VAL K 316 71.54 -55.90 40.78
C VAL K 316 72.91 -56.58 40.70
N PRO K 317 74.06 -55.98 41.18
CA PRO K 317 75.34 -56.71 41.09
C PRO K 317 75.40 -57.99 41.89
N TRP K 318 74.74 -58.03 43.06
CA TRP K 318 74.81 -59.22 43.88
C TRP K 318 74.02 -60.35 43.23
N ILE K 319 73.03 -59.99 42.41
CA ILE K 319 72.41 -60.95 41.52
C ILE K 319 73.37 -61.34 40.40
N MET K 320 74.13 -60.36 39.90
CA MET K 320 75.02 -60.54 38.75
C MET K 320 76.12 -61.55 39.04
N TYR K 321 76.70 -61.44 40.23
CA TYR K 321 77.83 -62.26 40.65
C TYR K 321 77.45 -63.73 40.76
N ASN K 322 76.48 -64.03 41.62
CA ASN K 322 76.10 -65.41 41.90
C ASN K 322 75.16 -65.95 40.82
N GLY K 323 74.07 -65.23 40.56
CA GLY K 323 73.11 -65.68 39.59
C GLY K 323 71.70 -65.63 40.14
N GLY K 324 70.75 -65.12 39.35
CA GLY K 324 69.39 -64.93 39.82
C GLY K 324 68.65 -66.21 40.14
N SER K 325 69.14 -67.35 39.65
CA SER K 325 68.52 -68.63 39.96
C SER K 325 68.65 -68.99 41.42
N ALA K 326 69.68 -68.47 42.10
CA ALA K 326 69.85 -68.76 43.52
C ALA K 326 68.81 -68.03 44.36
N TYR K 327 68.45 -66.81 43.97
CA TYR K 327 67.53 -65.98 44.75
C TYR K 327 66.07 -66.32 44.52
N ALA K 328 65.77 -67.23 43.59
CA ALA K 328 64.39 -67.67 43.40
C ALA K 328 63.90 -68.57 44.53
N ALA K 329 64.81 -69.07 45.37
CA ALA K 329 64.43 -69.92 46.49
C ALA K 329 63.97 -69.13 47.71
N TYR K 330 64.56 -67.97 47.95
CA TYR K 330 64.18 -67.15 49.10
C TYR K 330 62.79 -66.54 48.89
N GLY K 331 61.96 -66.65 49.92
CA GLY K 331 60.70 -65.94 49.98
C GLY K 331 59.60 -66.51 49.12
N THR K 332 58.60 -65.67 48.89
CA THR K 332 57.37 -66.08 48.21
C THR K 332 57.61 -66.23 46.72
N GLU K 333 56.52 -66.46 45.98
CA GLU K 333 56.63 -66.71 44.55
C GLU K 333 56.53 -65.41 43.74
N LYS K 334 55.54 -64.58 44.06
CA LYS K 334 55.23 -63.43 43.23
C LYS K 334 56.31 -62.35 43.27
N SER K 335 57.02 -62.22 44.39
CA SER K 335 58.08 -61.22 44.52
C SER K 335 59.33 -61.89 45.06
N LYS K 336 60.47 -61.54 44.49
CA LYS K 336 61.76 -62.12 44.86
C LYS K 336 62.72 -61.05 45.36
N GLY K 337 63.77 -61.49 46.03
CA GLY K 337 64.79 -60.60 46.53
C GLY K 337 64.88 -60.65 48.04
N THR K 338 65.10 -59.46 48.62
CA THR K 338 65.15 -59.29 50.07
C THR K 338 64.63 -57.89 50.42
N LYS K 339 64.16 -57.74 51.65
CA LYS K 339 63.57 -56.50 52.11
C LYS K 339 64.41 -55.92 53.25
N VAL K 340 64.45 -54.60 53.28
CA VAL K 340 65.24 -53.84 54.25
C VAL K 340 64.25 -53.01 55.06
N PHE K 341 64.27 -53.17 56.39
CA PHE K 341 63.29 -52.51 57.24
C PHE K 341 64.01 -51.78 58.35
N ALA K 342 63.38 -50.72 58.86
CA ALA K 342 63.87 -50.00 60.03
C ALA K 342 62.83 -50.11 61.13
N LEU K 343 63.13 -50.89 62.16
CA LEU K 343 62.21 -51.08 63.27
C LEU K 343 62.40 -49.96 64.29
N ALA K 344 61.29 -49.35 64.69
CA ALA K 344 61.33 -48.27 65.67
C ALA K 344 59.99 -48.21 66.39
N GLY K 345 59.91 -47.32 67.37
CA GLY K 345 58.71 -47.18 68.18
C GLY K 345 58.86 -47.84 69.54
N LYS K 346 57.75 -48.33 70.09
CA LYS K 346 57.76 -48.99 71.40
C LYS K 346 58.27 -50.43 71.24
N ILE K 347 59.58 -50.53 70.98
CA ILE K 347 60.23 -51.81 70.74
C ILE K 347 61.50 -51.86 71.58
N LYS K 348 61.98 -53.08 71.82
CA LYS K 348 63.18 -53.27 72.64
C LYS K 348 64.45 -53.24 71.79
N ASN K 349 64.57 -54.17 70.85
CA ASN K 349 65.75 -54.27 69.98
C ASN K 349 65.41 -53.62 68.65
N GLY K 350 65.45 -52.29 68.64
CA GLY K 350 65.15 -51.54 67.43
C GLY K 350 66.38 -51.23 66.61
N GLY K 351 66.16 -50.84 65.37
CA GLY K 351 67.24 -50.58 64.46
C GLY K 351 66.96 -51.20 63.11
N LEU K 352 68.00 -51.39 62.32
CA LEU K 352 67.86 -51.80 60.93
C LEU K 352 67.89 -53.32 60.84
N VAL K 353 66.92 -53.91 60.14
CA VAL K 353 66.78 -55.35 60.02
C VAL K 353 66.72 -55.72 58.53
N GLU K 354 67.54 -56.70 58.15
CA GLU K 354 67.51 -57.29 56.83
C GLU K 354 66.74 -58.59 56.88
N VAL K 355 65.75 -58.75 56.00
CA VAL K 355 64.87 -59.93 56.07
C VAL K 355 64.57 -60.42 54.67
N PRO K 356 64.23 -61.69 54.54
CA PRO K 356 63.51 -62.15 53.34
C PRO K 356 62.01 -61.98 53.52
N MET K 357 61.31 -62.06 52.40
CA MET K 357 59.84 -61.96 52.40
C MET K 357 59.22 -63.29 52.77
N GLY K 358 57.92 -63.24 53.09
CA GLY K 358 57.19 -64.38 53.58
C GLY K 358 57.28 -64.58 55.07
N MET K 359 58.21 -63.91 55.73
CA MET K 359 58.40 -64.07 57.17
C MET K 359 57.30 -63.30 57.90
N SER K 360 56.67 -63.97 58.88
CA SER K 360 55.52 -63.42 59.56
C SER K 360 55.90 -62.19 60.39
N LEU K 361 54.93 -61.27 60.50
CA LEU K 361 55.17 -60.03 61.23
C LEU K 361 55.41 -60.26 62.72
N ARG K 362 54.76 -61.28 63.29
CA ARG K 362 54.99 -61.61 64.69
C ARG K 362 56.41 -62.08 64.93
N GLU K 363 57.02 -62.73 63.92
CA GLU K 363 58.43 -63.06 64.01
C GLU K 363 59.29 -61.79 64.05
N VAL K 364 58.96 -60.81 63.21
CA VAL K 364 59.76 -59.59 63.13
C VAL K 364 59.66 -58.78 64.41
N ILE K 365 58.43 -58.63 64.93
CA ILE K 365 58.22 -57.78 66.10
C ILE K 365 58.73 -58.46 67.38
N TYR K 366 58.43 -59.74 67.55
CA TYR K 366 58.73 -60.43 68.81
C TYR K 366 60.10 -61.11 68.77
N ASP K 367 60.33 -61.99 67.79
CA ASP K 367 61.56 -62.78 67.78
C ASP K 367 62.77 -61.93 67.45
N ILE K 368 62.65 -61.00 66.51
CA ILE K 368 63.77 -60.16 66.11
C ILE K 368 63.88 -58.93 66.99
N GLY K 369 62.77 -58.23 67.19
CA GLY K 369 62.77 -57.02 67.99
C GLY K 369 62.79 -57.21 69.48
N GLY K 370 62.70 -58.45 69.95
CA GLY K 370 62.66 -58.72 71.37
C GLY K 370 61.30 -58.52 72.02
N GLY K 371 60.27 -58.20 71.24
CA GLY K 371 58.96 -57.96 71.79
C GLY K 371 58.63 -56.48 71.88
N ILE K 372 57.96 -56.10 72.96
CA ILE K 372 57.52 -54.72 73.17
C ILE K 372 58.33 -54.13 74.32
N LEU K 373 58.73 -52.86 74.17
CA LEU K 373 59.44 -52.16 75.23
C LEU K 373 58.58 -52.08 76.49
N ASN K 374 59.23 -52.24 77.64
CA ASN K 374 58.60 -52.30 78.96
C ASN K 374 57.60 -53.46 79.08
N ASP K 375 57.73 -54.45 78.20
CA ASP K 375 56.88 -55.65 78.18
C ASP K 375 55.40 -55.29 78.14
N ARG K 376 55.07 -54.27 77.37
CA ARG K 376 53.69 -53.84 77.22
C ARG K 376 52.98 -54.70 76.17
N GLU K 377 51.70 -54.42 75.96
CA GLU K 377 50.89 -55.21 75.05
C GLU K 377 50.94 -54.61 73.66
N PHE K 378 51.21 -55.46 72.66
CA PHE K 378 51.27 -55.03 71.28
C PHE K 378 49.91 -54.58 70.79
N LYS K 379 49.87 -53.45 70.08
CA LYS K 379 48.63 -52.92 69.54
C LYS K 379 48.63 -52.90 68.02
N ALA K 380 49.60 -52.25 67.39
CA ALA K 380 49.57 -52.10 65.94
C ALA K 380 50.97 -51.85 65.42
N VAL K 381 51.13 -52.05 64.11
CA VAL K 381 52.40 -51.76 63.43
C VAL K 381 52.10 -50.97 62.17
N GLN K 382 52.86 -49.90 61.96
CA GLN K 382 52.68 -48.99 60.85
C GLN K 382 53.73 -49.26 59.78
N MET K 383 53.28 -49.37 58.53
CA MET K 383 54.12 -49.65 57.38
C MET K 383 54.01 -48.54 56.34
N GLY K 384 55.15 -48.11 55.81
CA GLY K 384 55.19 -47.12 54.76
C GLY K 384 55.25 -45.68 55.21
N GLY K 385 55.28 -45.44 56.51
CA GLY K 385 55.33 -44.10 57.04
C GLY K 385 54.01 -43.38 56.83
N PRO K 386 54.08 -42.05 56.66
CA PRO K 386 52.85 -41.25 56.49
C PRO K 386 52.06 -41.60 55.24
N SER K 387 52.70 -42.13 54.20
CA SER K 387 51.98 -42.56 53.01
C SER K 387 51.50 -44.00 53.10
N GLY K 388 51.87 -44.72 54.16
CA GLY K 388 51.50 -46.11 54.33
C GLY K 388 50.27 -46.28 55.20
N GLY K 389 50.10 -47.50 55.71
CA GLY K 389 48.95 -47.84 56.50
C GLY K 389 49.33 -48.48 57.83
N CYS K 390 48.30 -49.00 58.50
CA CYS K 390 48.43 -49.58 59.83
C CYS K 390 47.88 -51.00 59.81
N ILE K 391 48.55 -51.89 60.54
CA ILE K 391 48.17 -53.30 60.66
C ILE K 391 47.89 -53.57 62.13
N PRO K 392 46.71 -54.10 62.47
CA PRO K 392 46.33 -54.24 63.88
C PRO K 392 46.88 -55.47 64.57
N LYS K 393 46.41 -55.70 65.81
CA LYS K 393 46.79 -56.85 66.63
C LYS K 393 46.23 -58.17 66.13
N GLN K 394 45.33 -58.16 65.15
CA GLN K 394 44.76 -59.41 64.68
C GLN K 394 45.44 -59.93 63.41
N LEU K 395 46.28 -59.12 62.77
CA LEU K 395 46.96 -59.53 61.55
C LEU K 395 48.49 -59.61 61.66
N LEU K 396 49.03 -60.16 62.75
CA LEU K 396 50.48 -60.38 62.74
C LEU K 396 50.88 -61.58 61.91
N ASP K 397 49.93 -62.39 61.46
CA ASP K 397 50.24 -63.58 60.67
C ASP K 397 50.36 -63.27 59.19
N THR K 398 50.23 -62.02 58.79
CA THR K 398 50.35 -61.63 57.39
C THR K 398 51.81 -61.63 56.96
N PRO K 399 52.18 -62.35 55.91
CA PRO K 399 53.57 -62.30 55.44
C PRO K 399 53.90 -60.96 54.81
N VAL K 400 55.18 -60.58 54.89
CA VAL K 400 55.63 -59.33 54.31
C VAL K 400 55.89 -59.56 52.82
N ASP K 401 55.07 -58.91 51.98
CA ASP K 401 55.22 -58.96 50.53
C ASP K 401 54.39 -57.84 49.93
N TYR K 402 54.45 -57.69 48.63
CA TYR K 402 53.67 -56.63 48.00
C TYR K 402 52.18 -56.94 48.03
N ASP K 403 51.80 -58.19 47.76
CA ASP K 403 50.39 -58.53 47.63
C ASP K 403 49.67 -58.54 48.98
N SER K 404 50.28 -59.13 50.00
CA SER K 404 49.62 -59.23 51.30
C SER K 404 49.48 -57.86 51.96
N ILE K 405 50.53 -57.04 51.89
CA ILE K 405 50.43 -55.69 52.46
C ILE K 405 49.51 -54.81 51.62
N ASN K 406 49.47 -55.03 50.31
CA ASN K 406 48.50 -54.32 49.48
C ASN K 406 47.07 -54.73 49.82
N LYS K 407 46.89 -55.97 50.28
CA LYS K 407 45.55 -56.46 50.61
C LYS K 407 44.98 -55.77 51.84
N THR K 408 45.82 -55.56 52.86
CA THR K 408 45.34 -55.00 54.12
C THR K 408 45.24 -53.48 54.11
N GLY K 409 45.35 -52.85 52.94
CA GLY K 409 45.17 -51.42 52.82
C GLY K 409 46.42 -50.59 53.03
N ALA K 410 47.55 -51.21 53.40
CA ALA K 410 48.78 -50.48 53.61
C ALA K 410 49.61 -50.49 52.33
N ILE K 411 50.76 -49.81 52.39
CA ILE K 411 51.66 -49.67 51.25
C ILE K 411 53.07 -49.98 51.72
N MET K 412 53.81 -50.74 50.91
CA MET K 412 55.19 -51.07 51.24
C MET K 412 56.04 -49.82 51.39
N GLY K 413 56.03 -48.96 50.38
CA GLY K 413 56.73 -47.69 50.45
C GLY K 413 58.23 -47.89 50.61
N SER K 414 58.79 -47.20 51.61
CA SER K 414 60.20 -47.35 51.94
C SER K 414 60.48 -48.52 52.87
N GLY K 415 59.45 -49.15 53.43
CA GLY K 415 59.66 -50.28 54.32
C GLY K 415 60.11 -49.89 55.71
N GLY K 416 59.27 -49.19 56.45
CA GLY K 416 59.57 -48.81 57.82
C GLY K 416 58.60 -49.48 58.79
N MET K 417 59.14 -50.06 59.85
CA MET K 417 58.36 -50.70 60.89
C MET K 417 58.20 -49.69 62.03
N ILE K 418 56.95 -49.36 62.36
CA ILE K 418 56.68 -48.60 63.58
C ILE K 418 55.81 -49.47 64.47
N VAL K 419 56.25 -49.70 65.70
CA VAL K 419 55.52 -50.53 66.65
C VAL K 419 54.85 -49.63 67.68
N MET K 420 53.53 -49.74 67.82
CA MET K 420 52.78 -48.99 68.81
C MET K 420 52.04 -49.94 69.73
N ASP K 421 52.12 -49.66 71.03
CA ASP K 421 51.47 -50.43 72.07
C ASP K 421 50.13 -49.79 72.46
N GLU K 422 49.54 -50.26 73.55
CA GLU K 422 48.22 -49.81 73.97
C GLU K 422 48.20 -48.38 74.49
N THR K 423 49.35 -47.77 74.74
CA THR K 423 49.41 -46.41 75.26
C THR K 423 49.50 -45.36 74.16
N THR K 424 49.32 -45.74 72.90
CA THR K 424 49.30 -44.80 71.79
C THR K 424 47.87 -44.61 71.31
N CYS K 425 47.41 -43.36 71.27
CA CYS K 425 46.11 -43.03 70.69
C CYS K 425 46.19 -43.17 69.19
N MET K 426 45.25 -43.90 68.60
CA MET K 426 45.30 -44.13 67.16
C MET K 426 44.82 -42.92 66.37
N VAL K 427 43.83 -42.19 66.89
CA VAL K 427 43.35 -41.02 66.19
C VAL K 427 44.41 -39.93 66.17
N ASP K 428 45.16 -39.78 67.27
CA ASP K 428 46.29 -38.87 67.26
C ASP K 428 47.40 -39.29 66.31
N MET K 429 47.64 -40.59 66.17
CA MET K 429 48.61 -41.06 65.17
C MET K 429 48.16 -40.76 63.75
N ALA K 430 46.87 -40.95 63.44
CA ALA K 430 46.36 -40.56 62.14
C ALA K 430 46.48 -39.06 61.91
N ARG K 431 46.20 -38.27 62.94
CA ARG K 431 46.35 -36.82 62.83
C ARG K 431 47.79 -36.42 62.57
N PHE K 432 48.73 -37.08 63.23
CA PHE K 432 50.16 -36.79 63.03
C PHE K 432 50.59 -37.13 61.60
N PHE K 433 50.18 -38.30 61.12
CA PHE K 433 50.57 -38.72 59.77
C PHE K 433 49.93 -37.84 58.71
N LEU K 434 48.70 -37.35 58.97
CA LEU K 434 48.08 -36.46 58.01
C LEU K 434 48.67 -35.06 58.05
N ASP K 435 49.09 -34.61 59.24
CA ASP K 435 49.78 -33.32 59.35
C ASP K 435 51.09 -33.34 58.58
N PHE K 436 51.80 -34.47 58.59
CA PHE K 436 53.02 -34.53 57.77
C PHE K 436 52.73 -34.36 56.28
N THR K 437 51.69 -35.00 55.75
CA THR K 437 51.38 -34.83 54.34
C THR K 437 50.81 -33.46 54.02
N VAL K 438 50.14 -32.81 54.99
CA VAL K 438 49.71 -31.43 54.79
C VAL K 438 50.92 -30.52 54.67
N LYS K 439 51.93 -30.71 55.51
CA LYS K 439 53.10 -29.84 55.47
C LYS K 439 54.01 -30.12 54.27
N GLU K 440 53.78 -31.18 53.50
CA GLU K 440 54.67 -31.55 52.41
C GLU K 440 53.92 -31.81 51.12
N SER K 441 52.98 -30.93 50.77
CA SER K 441 52.24 -31.03 49.52
C SER K 441 52.53 -29.80 48.68
N CYS K 442 52.81 -30.01 47.40
CA CYS K 442 53.22 -28.91 46.52
C CYS K 442 52.09 -27.93 46.24
N GLY K 443 50.84 -28.31 46.51
CA GLY K 443 49.71 -27.41 46.30
C GLY K 443 49.44 -27.06 44.86
N LYS K 444 49.49 -28.03 43.96
CA LYS K 444 49.18 -27.80 42.55
C LYS K 444 47.75 -28.20 42.22
N CYS K 445 47.40 -29.46 42.43
CA CYS K 445 46.04 -29.93 42.21
C CYS K 445 45.19 -29.63 43.44
N ILE K 446 43.90 -29.43 43.23
CA ILE K 446 43.06 -28.88 44.29
C ILE K 446 42.70 -29.92 45.35
N TYR K 447 42.74 -31.22 45.01
CA TYR K 447 42.40 -32.24 45.98
C TYR K 447 43.43 -32.30 47.10
N CYS K 448 44.70 -32.54 46.75
CA CYS K 448 45.75 -32.53 47.74
C CYS K 448 46.01 -31.14 48.31
N ARG K 449 45.53 -30.08 47.67
CA ARG K 449 45.77 -28.75 48.23
C ARG K 449 44.79 -28.42 49.34
N ILE K 450 43.50 -28.72 49.14
CA ILE K 450 42.45 -28.32 50.06
C ILE K 450 41.91 -29.48 50.87
N GLY K 451 41.63 -30.62 50.23
CA GLY K 451 40.97 -31.71 50.93
C GLY K 451 41.81 -32.33 52.02
N THR K 452 43.12 -32.43 51.80
CA THR K 452 43.96 -33.02 52.83
C THR K 452 44.10 -32.11 54.05
N LYS K 453 43.84 -30.82 53.89
CA LYS K 453 43.76 -29.89 55.01
C LYS K 453 42.41 -29.96 55.69
N ARG K 454 41.35 -30.18 54.92
CA ARG K 454 40.03 -30.34 55.51
C ARG K 454 39.95 -31.59 56.38
N MET K 455 40.54 -32.70 55.93
CA MET K 455 40.60 -33.89 56.77
C MET K 455 41.44 -33.66 58.02
N LEU K 456 42.53 -32.89 57.90
CA LEU K 456 43.34 -32.58 59.06
C LEU K 456 42.57 -31.75 60.08
N GLU K 457 41.76 -30.80 59.61
CA GLU K 457 40.91 -30.03 60.50
C GLU K 457 39.90 -30.92 61.21
N ILE K 458 39.33 -31.88 60.50
CA ILE K 458 38.40 -32.82 61.14
C ILE K 458 39.12 -33.63 62.21
N LEU K 459 40.33 -34.11 61.92
CA LEU K 459 41.04 -34.95 62.89
C LEU K 459 41.49 -34.15 64.11
N GLU K 460 41.96 -32.92 63.90
CA GLU K 460 42.36 -32.10 65.05
C GLU K 460 41.15 -31.67 65.87
N ARG K 461 39.98 -31.56 65.24
CA ARG K 461 38.78 -31.28 66.02
C ARG K 461 38.32 -32.49 66.81
N ILE K 462 38.53 -33.69 66.27
CA ILE K 462 38.20 -34.91 67.00
C ILE K 462 39.13 -35.09 68.20
N THR K 463 40.44 -34.92 68.00
CA THR K 463 41.41 -35.15 69.06
C THR K 463 41.43 -34.05 70.11
N THR K 464 40.49 -33.12 70.07
CA THR K 464 40.29 -32.15 71.14
C THR K 464 39.05 -32.44 71.97
N GLY K 465 37.96 -32.84 71.35
CA GLY K 465 36.71 -33.05 72.05
C GLY K 465 35.56 -32.23 71.53
N GLU K 466 35.69 -31.70 70.31
CA GLU K 466 34.63 -30.92 69.69
C GLU K 466 34.07 -31.63 68.46
N GLY K 467 34.27 -32.94 68.36
CA GLY K 467 33.71 -33.69 67.26
C GLY K 467 32.20 -33.80 67.34
N ARG K 468 31.60 -34.10 66.20
CA ARG K 468 30.15 -34.20 66.12
C ARG K 468 29.75 -35.54 65.53
N GLU K 469 28.45 -35.73 65.27
CA GLU K 469 27.98 -36.97 64.66
C GLU K 469 28.15 -36.90 63.15
N GLY K 470 28.63 -37.99 62.56
CA GLY K 470 28.83 -38.06 61.14
C GLY K 470 30.23 -37.71 60.66
N ASP K 471 31.14 -37.35 61.57
CA ASP K 471 32.50 -36.99 61.18
C ASP K 471 33.21 -38.15 60.49
N ILE K 472 32.86 -39.39 60.86
CA ILE K 472 33.39 -40.56 60.17
C ILE K 472 32.96 -40.57 58.72
N GLU K 473 31.70 -40.22 58.47
CA GLU K 473 31.20 -40.20 57.08
C GLU K 473 31.89 -39.12 56.26
N GLU K 474 32.10 -37.93 56.83
CA GLU K 474 32.84 -36.90 56.12
C GLU K 474 34.27 -37.33 55.86
N LEU K 475 34.89 -38.02 56.81
CA LEU K 475 36.25 -38.52 56.61
C LEU K 475 36.32 -39.53 55.47
N GLU K 476 35.38 -40.48 55.41
CA GLU K 476 35.38 -41.47 54.35
C GLU K 476 35.10 -40.84 52.99
N GLU K 477 34.13 -39.93 52.94
CA GLU K 477 33.77 -39.23 51.71
C GLU K 477 34.93 -38.39 51.18
N LEU K 478 35.67 -37.74 52.07
CA LEU K 478 36.85 -36.99 51.64
C LEU K 478 37.96 -37.91 51.20
N SER K 479 38.18 -39.01 51.94
CA SER K 479 39.32 -39.88 51.67
C SER K 479 39.21 -40.55 50.30
N ILE K 480 38.04 -41.09 49.98
CA ILE K 480 37.90 -41.81 48.71
C ILE K 480 38.03 -40.85 47.54
N SER K 481 37.56 -39.61 47.70
CA SER K 481 37.61 -38.63 46.62
C SER K 481 39.02 -38.11 46.41
N ILE K 482 39.74 -37.83 47.50
CA ILE K 482 41.12 -37.40 47.39
C ILE K 482 41.98 -38.49 46.78
N LYS K 483 41.75 -39.75 47.17
CA LYS K 483 42.50 -40.86 46.59
C LYS K 483 42.22 -41.00 45.11
N ASP K 484 40.96 -40.83 44.69
CA ASP K 484 40.65 -40.97 43.27
C ASP K 484 41.21 -39.82 42.44
N GLY K 485 41.02 -38.58 42.89
CA GLY K 485 41.23 -37.45 42.00
C GLY K 485 42.57 -36.75 42.05
N SER K 486 43.48 -37.13 42.95
CA SER K 486 44.75 -36.43 43.06
C SER K 486 45.65 -36.75 41.88
N LEU K 487 46.34 -35.73 41.36
CA LEU K 487 47.25 -35.92 40.24
C LEU K 487 48.55 -36.62 40.64
N CYS K 488 49.09 -36.26 41.79
CA CYS K 488 50.39 -36.74 42.22
C CYS K 488 50.23 -38.03 43.03
N GLY K 489 51.34 -38.72 43.23
CA GLY K 489 51.30 -39.92 44.05
C GLY K 489 51.18 -39.64 45.53
N LEU K 490 51.49 -38.41 45.96
CA LEU K 490 51.43 -38.07 47.37
C LEU K 490 49.99 -37.98 47.86
N GLY K 491 49.14 -37.27 47.12
CA GLY K 491 47.76 -37.13 47.52
C GLY K 491 46.92 -38.37 47.28
N GLN K 492 47.34 -39.22 46.34
CA GLN K 492 46.62 -40.47 46.11
C GLN K 492 46.74 -41.39 47.31
N THR K 493 47.97 -41.65 47.77
CA THR K 493 48.17 -42.37 49.02
C THR K 493 48.37 -41.41 50.19
N ALA K 494 47.55 -40.38 50.27
CA ALA K 494 47.50 -39.52 51.45
C ALA K 494 46.56 -40.03 52.54
N PRO K 495 45.31 -40.41 52.25
CA PRO K 495 44.41 -40.83 53.34
C PRO K 495 44.52 -42.29 53.72
N ASN K 496 45.59 -42.98 53.32
CA ASN K 496 45.79 -44.37 53.74
C ASN K 496 45.85 -44.56 55.26
N PRO K 497 46.52 -43.71 56.05
CA PRO K 497 46.43 -43.89 57.51
C PRO K 497 45.02 -43.79 58.05
N VAL K 498 44.23 -42.81 57.60
CA VAL K 498 42.85 -42.70 58.07
C VAL K 498 42.03 -43.88 57.60
N LEU K 499 42.20 -44.29 56.35
CA LEU K 499 41.40 -45.38 55.81
C LEU K 499 41.74 -46.71 56.45
N THR K 500 42.98 -46.90 56.92
CA THR K 500 43.31 -48.14 57.59
C THR K 500 42.99 -48.11 59.08
N THR K 501 43.06 -46.95 59.72
CA THR K 501 42.71 -46.87 61.14
C THR K 501 41.23 -46.61 61.36
N ILE K 502 40.44 -46.44 60.29
CA ILE K 502 39.00 -46.33 60.43
C ILE K 502 38.28 -47.67 60.26
N ARG K 503 38.96 -48.69 59.73
CA ARG K 503 38.40 -50.02 59.61
C ARG K 503 39.01 -51.02 60.56
N TYR K 504 40.15 -50.69 61.18
CA TYR K 504 40.79 -51.57 62.14
C TYR K 504 40.74 -51.03 63.56
N PHE K 505 40.44 -49.75 63.74
CA PHE K 505 40.29 -49.16 65.06
C PHE K 505 39.10 -48.22 65.08
N ARG K 506 37.99 -48.65 64.47
CA ARG K 506 36.80 -47.80 64.38
C ARG K 506 36.18 -47.58 65.75
N ASP K 507 36.39 -48.50 66.69
CA ASP K 507 35.79 -48.38 68.00
C ASP K 507 36.39 -47.25 68.83
N GLU K 508 37.58 -46.77 68.47
CA GLU K 508 38.21 -45.69 69.21
C GLU K 508 37.81 -44.31 68.70
N TYR K 509 37.43 -44.21 67.42
CA TYR K 509 36.90 -42.96 66.90
C TYR K 509 35.60 -42.60 67.61
N GLU K 510 34.72 -43.58 67.81
CA GLU K 510 33.48 -43.35 68.55
C GLU K 510 33.77 -42.97 69.99
N ALA K 511 34.77 -43.59 70.60
CA ALA K 511 35.16 -43.24 71.96
C ALA K 511 35.63 -41.80 72.04
N HIS K 512 36.39 -41.35 71.05
CA HIS K 512 36.82 -39.95 71.01
C HIS K 512 35.67 -39.01 70.66
N ILE K 513 34.63 -39.49 69.99
CA ILE K 513 33.52 -38.65 69.54
C ILE K 513 32.33 -38.74 70.49
N ARG K 514 31.82 -39.95 70.75
CA ARG K 514 30.61 -40.10 71.53
C ARG K 514 30.88 -40.01 73.02
N ASP K 515 31.74 -40.90 73.53
CA ASP K 515 32.08 -40.92 74.95
C ASP K 515 32.96 -39.75 75.36
N LYS K 516 33.60 -39.08 74.40
CA LYS K 516 34.49 -37.96 74.67
C LYS K 516 35.60 -38.35 75.64
N LYS K 517 36.14 -39.55 75.48
CA LYS K 517 37.24 -40.02 76.29
C LYS K 517 38.21 -40.81 75.41
N CYS K 518 39.46 -40.86 75.85
CA CYS K 518 40.53 -41.45 75.06
C CYS K 518 40.88 -42.82 75.62
N PRO K 519 40.64 -43.90 74.89
CA PRO K 519 40.92 -45.25 75.44
C PRO K 519 42.38 -45.47 75.81
N ALA K 520 43.31 -44.91 75.04
CA ALA K 520 44.72 -45.01 75.39
C ALA K 520 45.12 -44.03 76.48
N LYS K 521 44.27 -43.06 76.80
CA LYS K 521 44.49 -42.08 77.87
C LYS K 521 45.78 -41.31 77.67
N SER K 522 46.10 -41.01 76.41
CA SER K 522 47.29 -40.24 76.05
C SER K 522 46.92 -39.16 75.04
N CYS K 523 45.75 -38.57 75.20
CA CYS K 523 45.16 -37.68 74.21
C CYS K 523 44.62 -36.43 74.90
N LYS K 524 45.49 -35.80 75.71
CA LYS K 524 45.41 -34.61 76.56
C LYS K 524 43.99 -34.11 76.90
N PRO K 525 43.26 -33.33 76.08
CA PRO K 525 42.03 -32.72 76.62
C PRO K 525 40.89 -33.70 76.83
N LEU K 526 41.00 -34.93 76.32
CA LEU K 526 39.93 -35.91 76.46
C LEU K 526 40.15 -36.81 77.67
N LEU K 527 40.35 -36.21 78.85
CA LEU K 527 40.70 -36.95 80.05
C LEU K 527 39.99 -36.36 81.27
N THR K 528 40.11 -37.06 82.38
CA THR K 528 39.74 -36.54 83.69
C THR K 528 40.56 -37.28 84.75
N TYR K 529 40.74 -36.63 85.90
CA TYR K 529 41.60 -37.13 86.96
C TYR K 529 40.80 -37.30 88.25
N THR K 530 41.05 -38.40 88.96
CA THR K 530 40.47 -38.66 90.26
C THR K 530 41.55 -39.22 91.18
N ILE K 531 41.34 -39.04 92.49
CA ILE K 531 42.24 -39.54 93.51
C ILE K 531 41.54 -40.65 94.28
N ASN K 532 42.17 -41.81 94.34
CA ASN K 532 41.64 -42.92 95.13
C ASN K 532 41.98 -42.69 96.59
N GLN K 533 40.94 -42.49 97.42
CA GLN K 533 41.15 -42.15 98.82
C GLN K 533 41.63 -43.34 99.65
N ASP K 534 41.56 -44.56 99.11
CA ASP K 534 41.94 -45.74 99.86
C ASP K 534 43.41 -46.12 99.66
N ASN K 535 43.95 -45.92 98.47
CA ASN K 535 45.29 -46.38 98.13
C ASN K 535 46.32 -45.26 98.04
N CYS K 536 46.12 -44.19 98.82
CA CYS K 536 47.08 -43.10 98.86
C CYS K 536 46.98 -42.40 100.20
N LYS K 537 48.13 -42.09 100.81
CA LYS K 537 48.19 -41.50 102.15
C LYS K 537 49.08 -40.26 102.14
N GLY K 538 48.49 -39.14 101.74
CA GLY K 538 48.96 -37.79 102.00
C GLY K 538 50.45 -37.47 102.05
N CYS K 539 51.22 -37.92 101.07
CA CYS K 539 52.63 -37.55 101.01
C CYS K 539 52.87 -36.27 100.23
N THR K 540 51.83 -35.74 99.58
CA THR K 540 51.86 -34.47 98.85
C THR K 540 52.98 -34.46 97.80
N LEU K 541 53.24 -35.63 97.21
CA LEU K 541 54.25 -35.70 96.16
C LEU K 541 53.71 -35.17 94.84
N CYS K 542 52.43 -35.41 94.57
CA CYS K 542 51.81 -34.93 93.34
C CYS K 542 51.50 -33.44 93.40
N ALA K 543 51.06 -32.95 94.56
CA ALA K 543 50.70 -31.53 94.67
C ALA K 543 51.94 -30.64 94.67
N GLN K 544 53.08 -31.16 95.15
CA GLN K 544 54.32 -30.39 95.07
C GLN K 544 54.82 -30.28 93.63
N LYS K 545 54.54 -31.28 92.80
CA LYS K 545 54.97 -31.30 91.40
C LYS K 545 53.87 -30.85 90.44
N CYS K 546 53.01 -29.95 90.90
CA CYS K 546 51.98 -29.33 90.06
C CYS K 546 52.05 -27.83 90.31
N PRO K 547 52.88 -27.08 89.56
CA PRO K 547 53.16 -25.68 89.93
C PRO K 547 52.04 -24.70 89.56
N VAL K 548 50.80 -25.12 89.79
CA VAL K 548 49.64 -24.22 89.80
C VAL K 548 48.82 -24.38 91.08
N GLN K 549 48.99 -25.50 91.80
CA GLN K 549 48.34 -25.80 93.07
C GLN K 549 46.83 -25.85 92.91
N ALA K 550 46.40 -26.73 92.00
CA ALA K 550 45.01 -27.11 91.84
C ALA K 550 44.63 -28.31 92.69
N ILE K 551 45.60 -28.93 93.37
CA ILE K 551 45.36 -30.07 94.24
C ILE K 551 45.59 -29.61 95.66
N THR K 552 44.56 -29.72 96.51
CA THR K 552 44.58 -29.18 97.86
C THR K 552 44.37 -30.30 98.87
N GLY K 553 45.12 -30.24 99.96
CA GLY K 553 44.97 -31.22 101.02
C GLY K 553 46.05 -31.07 102.06
N GLU K 554 45.81 -31.68 103.21
CA GLU K 554 46.75 -31.65 104.32
C GLU K 554 47.70 -32.85 104.25
N LYS K 555 48.66 -32.86 105.16
CA LYS K 555 49.62 -33.95 105.23
C LYS K 555 48.97 -35.21 105.79
N LYS K 556 49.39 -36.37 105.27
CA LYS K 556 48.94 -37.70 105.67
C LYS K 556 47.43 -37.89 105.45
N LYS K 557 46.82 -37.10 104.58
CA LYS K 557 45.42 -37.23 104.21
C LYS K 557 45.29 -37.14 102.70
N PRO K 558 44.34 -37.88 102.11
CA PRO K 558 44.14 -37.79 100.66
C PRO K 558 43.72 -36.39 100.22
N HIS K 559 44.20 -35.98 99.05
CA HIS K 559 43.97 -34.64 98.55
C HIS K 559 42.78 -34.62 97.60
N VAL K 560 42.46 -33.43 97.09
CA VAL K 560 41.33 -33.23 96.18
C VAL K 560 41.83 -32.48 94.95
N ILE K 561 41.51 -32.99 93.76
CA ILE K 561 41.89 -32.37 92.50
C ILE K 561 40.77 -31.42 92.07
N ASP K 562 41.10 -30.15 91.87
CA ASP K 562 40.14 -29.17 91.38
C ASP K 562 40.13 -29.24 89.86
N GLN K 563 38.99 -29.69 89.30
CA GLN K 563 38.92 -29.89 87.86
C GLN K 563 38.94 -28.58 87.09
N ALA K 564 38.39 -27.51 87.67
CA ALA K 564 38.31 -26.24 86.97
C ALA K 564 39.65 -25.53 86.84
N LEU K 565 40.66 -25.95 87.61
CA LEU K 565 41.95 -25.27 87.62
C LEU K 565 43.07 -26.09 87.00
N CYS K 566 43.07 -27.41 87.19
CA CYS K 566 44.09 -28.25 86.56
C CYS K 566 43.88 -28.30 85.06
N THR K 567 44.98 -28.19 84.31
CA THR K 567 44.94 -28.19 82.85
C THR K 567 45.23 -29.57 82.26
N LYS K 568 45.28 -30.60 83.11
CA LYS K 568 45.47 -31.99 82.69
C LYS K 568 46.79 -32.18 81.93
N CYS K 569 47.87 -31.65 82.52
CA CYS K 569 49.18 -31.73 81.87
C CYS K 569 49.73 -33.15 81.91
N GLY K 570 49.43 -33.90 82.98
CA GLY K 570 49.85 -35.28 83.08
C GLY K 570 50.90 -35.57 84.14
N ASN K 571 51.38 -34.55 84.85
CA ASN K 571 52.39 -34.78 85.88
C ASN K 571 51.80 -35.17 87.23
N CYS K 572 50.46 -35.22 87.34
CA CYS K 572 49.84 -35.63 88.59
C CYS K 572 49.93 -37.14 88.81
N ALA K 573 50.24 -37.92 87.77
CA ALA K 573 50.33 -39.36 87.87
C ALA K 573 51.70 -39.92 87.53
N SER K 574 52.60 -39.12 86.98
CA SER K 574 53.90 -39.61 86.56
C SER K 574 54.85 -39.88 87.71
N VAL K 575 54.53 -39.36 88.91
CA VAL K 575 55.43 -39.47 90.06
C VAL K 575 54.79 -40.18 91.24
N CYS K 576 53.51 -40.52 91.16
CA CYS K 576 52.84 -41.17 92.29
C CYS K 576 53.31 -42.62 92.39
N ARG K 577 53.95 -42.96 93.50
CA ARG K 577 54.49 -44.31 93.69
C ARG K 577 53.41 -45.32 94.05
N LEU K 578 52.28 -44.88 94.60
CA LEU K 578 51.19 -45.77 94.95
C LEU K 578 50.20 -45.98 93.82
N ASP K 579 50.33 -45.22 92.73
CA ASP K 579 49.51 -45.36 91.52
C ASP K 579 48.02 -45.23 91.81
N ALA K 580 47.66 -44.32 92.72
CA ALA K 580 46.27 -44.10 93.07
C ALA K 580 45.62 -42.98 92.26
N VAL K 581 46.36 -42.36 91.34
CA VAL K 581 45.82 -41.32 90.47
C VAL K 581 45.11 -42.01 89.32
N CYS K 582 43.77 -42.06 89.38
CA CYS K 582 42.98 -42.70 88.34
C CYS K 582 42.70 -41.70 87.24
N ILE K 583 42.87 -42.13 85.99
CA ILE K 583 42.62 -41.29 84.82
C ILE K 583 41.47 -41.93 84.04
N GLU K 584 40.41 -41.17 83.83
CA GLU K 584 39.22 -41.67 83.16
C GLU K 584 38.84 -40.83 81.94
N MET L 1 45.22 -40.64 7.49
CA MET L 1 43.96 -40.08 7.02
C MET L 1 42.87 -41.07 7.49
N SER L 2 42.24 -41.79 6.57
CA SER L 2 41.26 -42.84 6.83
C SER L 2 40.13 -42.44 7.76
N LYS L 3 39.88 -41.13 7.91
CA LYS L 3 38.80 -40.61 8.74
C LYS L 3 38.89 -41.08 10.18
N ILE L 4 39.87 -40.56 10.93
CA ILE L 4 39.96 -40.80 12.37
C ILE L 4 38.62 -40.45 13.00
N SER L 5 37.99 -41.44 13.62
CA SER L 5 36.65 -41.28 14.17
C SER L 5 36.62 -41.82 15.59
N ILE L 6 36.10 -41.02 16.51
CA ILE L 6 35.98 -41.43 17.91
C ILE L 6 34.50 -41.53 18.24
N ASN L 7 34.22 -42.19 19.35
CA ASN L 7 32.85 -42.38 19.82
C ASN L 7 32.77 -41.85 21.23
N ILE L 8 32.16 -40.69 21.41
CA ILE L 8 32.07 -40.05 22.71
C ILE L 8 30.61 -39.90 23.08
N ASN L 9 30.28 -40.35 24.29
CA ASN L 9 28.99 -40.11 24.93
C ASN L 9 27.83 -40.68 24.12
N GLY L 10 28.12 -41.75 23.37
CA GLY L 10 27.13 -42.40 22.53
C GLY L 10 27.16 -41.98 21.07
N ARG L 11 27.72 -40.81 20.75
CA ARG L 11 27.75 -40.33 19.39
C ARG L 11 29.06 -40.70 18.71
N GLU L 12 29.01 -40.84 17.39
CA GLU L 12 30.17 -41.10 16.57
C GLU L 12 30.57 -39.82 15.85
N LEU L 13 31.83 -39.39 16.03
CA LEU L 13 32.30 -38.13 15.51
C LEU L 13 33.57 -38.36 14.70
N VAL L 14 33.76 -37.51 13.70
CA VAL L 14 34.96 -37.52 12.86
C VAL L 14 35.82 -36.34 13.27
N VAL L 15 37.06 -36.62 13.66
CA VAL L 15 37.96 -35.62 14.23
C VAL L 15 39.29 -35.66 13.48
N SER L 16 40.24 -34.88 13.97
CA SER L 16 41.57 -34.77 13.40
C SER L 16 42.60 -35.20 14.42
N ALA L 17 43.66 -35.86 13.97
CA ALA L 17 44.67 -36.37 14.88
C ALA L 17 45.46 -35.20 15.48
N GLY L 18 45.95 -35.41 16.70
CA GLY L 18 46.73 -34.40 17.38
C GLY L 18 45.91 -33.50 18.29
N GLN L 19 44.60 -33.42 18.05
CA GLN L 19 43.74 -32.67 18.93
C GLN L 19 43.48 -33.43 20.23
N THR L 20 43.24 -32.67 21.28
CA THR L 20 42.82 -33.24 22.55
C THR L 20 41.35 -33.65 22.48
N ILE L 21 40.92 -34.46 23.44
CA ILE L 21 39.51 -34.84 23.52
C ILE L 21 38.65 -33.64 23.87
N LEU L 22 39.19 -32.70 24.65
CA LEU L 22 38.43 -31.50 25.02
C LEU L 22 38.07 -30.67 23.78
N GLN L 23 39.06 -30.42 22.93
CA GLN L 23 38.83 -29.68 21.69
C GLN L 23 37.88 -30.43 20.77
N ALA L 24 38.07 -31.74 20.65
CA ALA L 24 37.26 -32.55 19.75
C ALA L 24 35.79 -32.57 20.19
N ALA L 25 35.56 -32.68 21.49
CA ALA L 25 34.19 -32.66 21.99
C ALA L 25 33.57 -31.27 21.86
N ALA L 26 34.36 -30.22 22.08
CA ALA L 26 33.80 -28.87 21.99
C ALA L 26 33.51 -28.48 20.55
N GLU L 27 34.24 -29.04 19.59
CA GLU L 27 33.99 -28.75 18.18
C GLU L 27 32.63 -29.30 17.74
N HIS L 28 32.15 -30.36 18.39
CA HIS L 28 30.89 -31.00 18.04
C HIS L 28 29.79 -30.73 19.06
N GLY L 29 29.94 -29.67 19.85
CA GLY L 29 28.91 -29.29 20.81
C GLY L 29 28.70 -30.24 21.96
N ILE L 30 29.78 -30.76 22.54
CA ILE L 30 29.71 -31.54 23.77
C ILE L 30 30.51 -30.77 24.83
N GLU L 31 29.87 -30.46 25.94
CA GLU L 31 30.43 -29.58 26.95
C GLU L 31 31.12 -30.41 28.03
N ILE L 32 32.42 -30.18 28.22
CA ILE L 32 33.20 -30.78 29.29
C ILE L 32 33.75 -29.65 30.14
N PRO L 33 33.57 -29.66 31.46
CA PRO L 33 34.11 -28.58 32.28
C PRO L 33 35.62 -28.55 32.26
N HIS L 34 36.15 -27.33 32.34
CA HIS L 34 37.59 -27.13 32.44
C HIS L 34 37.84 -25.75 33.03
N LEU L 35 38.90 -25.64 33.80
CA LEU L 35 39.31 -24.36 34.37
C LEU L 35 40.74 -23.98 34.03
N CYS L 36 41.64 -24.96 33.94
CA CYS L 36 43.07 -24.71 33.76
C CYS L 36 43.55 -25.04 32.35
N HIS L 37 42.66 -25.08 31.37
CA HIS L 37 43.03 -25.46 30.01
C HIS L 37 43.04 -24.25 29.10
N ASP L 38 44.18 -24.04 28.44
CA ASP L 38 44.30 -23.10 27.34
C ASP L 38 44.91 -23.83 26.17
N GLU L 39 44.27 -23.73 25.00
CA GLU L 39 44.66 -24.54 23.86
C GLU L 39 45.93 -24.07 23.19
N ARG L 40 46.45 -22.90 23.57
CA ARG L 40 47.64 -22.32 22.96
C ARG L 40 48.90 -22.56 23.76
N ILE L 41 48.82 -23.19 24.93
CA ILE L 41 49.96 -23.51 25.76
C ILE L 41 49.86 -24.97 26.18
N GLN L 42 50.84 -25.43 26.95
CA GLN L 42 50.92 -26.83 27.35
C GLN L 42 49.86 -27.16 28.39
N PRO L 43 49.47 -28.43 28.50
CA PRO L 43 48.58 -28.84 29.59
C PRO L 43 49.23 -28.71 30.96
N TYR L 44 48.39 -28.53 31.98
CA TYR L 44 48.83 -28.35 33.36
C TYR L 44 48.32 -29.43 34.29
N GLY L 45 47.02 -29.70 34.28
CA GLY L 45 46.45 -30.70 35.17
C GLY L 45 46.28 -30.25 36.61
N ALA L 46 45.72 -29.06 36.82
CA ALA L 46 45.50 -28.59 38.18
C ALA L 46 44.09 -28.83 38.68
N CYS L 47 43.07 -28.39 37.94
CA CYS L 47 41.70 -28.46 38.45
C CYS L 47 41.20 -29.91 38.48
N GLY L 48 41.41 -30.65 37.40
CA GLY L 48 40.87 -31.99 37.30
C GLY L 48 39.41 -32.08 36.93
N LEU L 49 38.83 -31.00 36.39
CA LEU L 49 37.43 -30.99 36.02
C LEU L 49 37.16 -31.63 34.67
N CYS L 50 38.20 -31.89 33.88
CA CYS L 50 38.03 -32.39 32.52
C CYS L 50 38.12 -33.90 32.45
N VAL L 51 37.86 -34.59 33.55
CA VAL L 51 38.05 -36.04 33.59
C VAL L 51 36.92 -36.72 32.84
N VAL L 52 37.29 -37.70 32.01
CA VAL L 52 36.33 -38.55 31.31
C VAL L 52 36.72 -40.00 31.57
N GLU L 53 35.81 -40.91 31.25
CA GLU L 53 36.10 -42.33 31.30
C GLU L 53 36.34 -42.83 29.88
N VAL L 54 37.47 -43.51 29.68
CA VAL L 54 37.85 -44.05 28.38
C VAL L 54 37.99 -45.56 28.54
N GLU L 55 37.37 -46.32 27.63
CA GLU L 55 37.43 -47.77 27.71
C GLU L 55 38.85 -48.27 27.51
N GLY L 56 39.23 -49.26 28.32
CA GLY L 56 40.59 -49.75 28.35
C GLY L 56 41.48 -49.08 29.38
N SER L 57 40.99 -48.06 30.07
CA SER L 57 41.75 -47.35 31.09
C SER L 57 41.10 -47.57 32.44
N PRO L 58 41.83 -48.06 33.45
CA PRO L 58 41.20 -48.28 34.77
C PRO L 58 40.82 -47.00 35.49
N LYS L 59 41.53 -45.90 35.27
CA LYS L 59 41.29 -44.66 35.98
C LYS L 59 40.85 -43.57 35.01
N LEU L 60 40.23 -42.53 35.57
CA LEU L 60 39.75 -41.43 34.75
C LEU L 60 40.91 -40.68 34.11
N VAL L 61 40.76 -40.31 32.85
CA VAL L 61 41.79 -39.61 32.12
C VAL L 61 41.37 -38.16 31.98
N ARG L 62 42.36 -37.28 31.88
CA ARG L 62 42.12 -35.85 31.73
C ARG L 62 42.05 -35.52 30.25
N SER L 63 40.87 -35.14 29.77
CA SER L 63 40.66 -34.90 28.35
C SER L 63 41.40 -33.68 27.84
N CYS L 64 41.95 -32.84 28.72
CA CYS L 64 42.76 -31.72 28.29
C CYS L 64 44.19 -32.12 27.95
N ALA L 65 44.58 -33.35 28.28
CA ALA L 65 45.97 -33.75 28.11
C ALA L 65 46.13 -35.04 27.31
N THR L 66 45.04 -35.63 26.81
CA THR L 66 45.11 -36.84 26.00
C THR L 66 44.61 -36.53 24.60
N SER L 67 45.43 -36.86 23.60
CA SER L 67 45.08 -36.64 22.21
C SER L 67 44.17 -37.75 21.71
N VAL L 68 43.37 -37.43 20.70
CA VAL L 68 42.42 -38.40 20.16
C VAL L 68 43.17 -39.46 19.36
N GLN L 69 42.68 -40.69 19.44
CA GLN L 69 43.13 -41.81 18.62
C GLN L 69 41.95 -42.30 17.80
N ASN L 70 42.16 -43.41 17.10
CA ASN L 70 41.09 -43.97 16.29
C ASN L 70 40.30 -45.00 17.10
N GLY L 71 38.98 -44.86 17.06
CA GLY L 71 38.09 -45.86 17.63
C GLY L 71 38.18 -46.05 19.12
N GLN L 72 38.19 -44.95 19.88
CA GLN L 72 38.19 -45.00 21.33
C GLN L 72 36.84 -44.50 21.86
N VAL L 73 36.35 -45.16 22.90
CA VAL L 73 35.00 -44.94 23.41
C VAL L 73 35.11 -44.14 24.70
N ILE L 74 34.44 -42.97 24.72
CA ILE L 74 34.58 -41.99 25.78
C ILE L 74 33.20 -41.69 26.36
N ARG L 75 33.13 -41.59 27.69
CA ARG L 75 31.92 -41.18 28.38
C ARG L 75 32.26 -40.04 29.33
N THR L 76 31.48 -38.96 29.27
CA THR L 76 31.76 -37.78 30.06
C THR L 76 30.74 -37.51 31.17
N ASP L 77 29.65 -38.28 31.24
CA ASP L 77 28.57 -38.00 32.16
C ASP L 77 28.26 -39.23 33.01
N THR L 78 29.28 -39.93 33.47
CA THR L 78 29.05 -41.11 34.30
C THR L 78 28.86 -40.68 35.76
N SER L 79 28.72 -41.67 36.63
CA SER L 79 28.64 -41.36 38.06
C SER L 79 30.00 -40.92 38.61
N ARG L 80 31.07 -41.56 38.16
CA ARG L 80 32.40 -41.25 38.68
C ARG L 80 32.84 -39.85 38.30
N THR L 81 32.65 -39.45 37.04
CA THR L 81 33.07 -38.12 36.61
C THR L 81 32.25 -37.04 37.30
N VAL L 82 30.95 -37.25 37.44
CA VAL L 82 30.09 -36.27 38.10
C VAL L 82 30.46 -36.13 39.57
N VAL L 83 30.75 -37.27 40.23
CA VAL L 83 31.16 -37.24 41.63
C VAL L 83 32.48 -36.50 41.79
N ALA L 84 33.44 -36.76 40.90
CA ALA L 84 34.74 -36.10 40.99
C ALA L 84 34.62 -34.59 40.75
N ARG L 85 33.79 -34.19 39.79
CA ARG L 85 33.61 -32.77 39.51
C ARG L 85 32.89 -32.07 40.66
N LYS L 86 31.89 -32.72 41.25
CA LYS L 86 31.19 -32.12 42.38
C LYS L 86 32.10 -31.98 43.59
N THR L 87 32.93 -32.99 43.85
CA THR L 87 33.86 -32.89 44.97
C THR L 87 34.88 -31.78 44.75
N ALA L 88 35.40 -31.67 43.52
CA ALA L 88 36.35 -30.60 43.20
C ALA L 88 35.72 -29.24 43.37
N LEU L 89 34.48 -29.07 42.90
CA LEU L 89 33.81 -27.78 43.01
C LEU L 89 33.46 -27.45 44.46
N GLN L 90 33.12 -28.45 45.27
CA GLN L 90 32.89 -28.20 46.69
C GLN L 90 34.17 -27.75 47.39
N LEU L 91 35.29 -28.38 47.06
CA LEU L 91 36.57 -27.96 47.65
C LEU L 91 36.95 -26.56 47.20
N LEU L 92 36.64 -26.21 45.94
CA LEU L 92 36.93 -24.86 45.48
C LEU L 92 36.04 -23.82 46.13
N ALA L 93 34.76 -24.13 46.30
CA ALA L 93 33.83 -23.24 46.97
C ALA L 93 34.08 -23.14 48.45
N SER L 94 34.87 -24.05 49.01
CA SER L 94 35.31 -23.97 50.38
C SER L 94 36.30 -22.86 50.64
N ASP L 95 36.82 -22.19 49.60
CA ASP L 95 37.89 -21.21 49.73
C ASP L 95 37.64 -19.88 49.07
N HIS L 96 36.41 -19.60 48.65
CA HIS L 96 36.12 -18.46 47.79
C HIS L 96 35.41 -17.39 48.61
N ARG L 97 35.90 -16.16 48.55
CA ARG L 97 35.26 -15.02 49.18
C ARG L 97 34.86 -14.03 48.09
N GLY L 98 33.57 -13.70 48.03
CA GLY L 98 33.13 -12.69 47.10
C GLY L 98 31.63 -12.61 47.07
N ASP L 99 31.15 -11.52 46.47
CA ASP L 99 29.73 -11.30 46.20
C ASP L 99 29.51 -11.51 44.71
N CYS L 100 28.82 -12.60 44.35
CA CYS L 100 28.45 -12.76 42.95
C CYS L 100 27.47 -11.68 42.52
N ARG L 101 26.52 -11.36 43.38
CA ARG L 101 25.51 -10.34 43.12
C ARG L 101 25.42 -9.42 44.33
N PRO L 102 25.13 -8.14 44.12
CA PRO L 102 25.15 -7.17 45.21
C PRO L 102 23.99 -7.37 46.17
N PRO L 103 24.09 -6.86 47.39
CA PRO L 103 22.97 -7.00 48.35
C PRO L 103 21.68 -6.36 47.88
N CYS L 104 21.77 -5.25 47.15
CA CYS L 104 20.57 -4.56 46.68
C CYS L 104 19.76 -5.42 45.73
N MET L 105 20.45 -6.17 44.86
CA MET L 105 19.73 -7.01 43.92
C MET L 105 19.14 -8.23 44.61
N LEU L 106 19.87 -8.83 45.55
CA LEU L 106 19.37 -10.01 46.22
C LEU L 106 18.24 -9.69 47.18
N ALA L 107 18.12 -8.43 47.60
CA ALA L 107 16.97 -8.04 48.43
C ALA L 107 15.72 -7.75 47.61
N CYS L 108 15.84 -7.47 46.32
CA CYS L 108 14.66 -7.23 45.49
C CYS L 108 13.93 -8.55 45.26
N PRO L 109 12.60 -8.59 45.39
CA PRO L 109 11.87 -9.82 45.08
C PRO L 109 11.97 -10.27 43.63
N ALA L 110 12.07 -9.35 42.68
CA ALA L 110 12.18 -9.71 41.27
C ALA L 110 13.63 -9.86 40.81
N GLN L 111 14.60 -9.65 41.71
CA GLN L 111 16.03 -9.77 41.41
C GLN L 111 16.45 -8.87 40.26
N THR L 112 15.94 -7.64 40.26
CA THR L 112 16.36 -6.65 39.28
C THR L 112 17.80 -6.24 39.54
N ASP L 113 18.57 -6.10 38.46
CA ASP L 113 19.98 -5.74 38.58
C ASP L 113 20.14 -4.28 38.95
N CYS L 114 20.07 -3.96 40.25
CA CYS L 114 20.10 -2.58 40.69
C CYS L 114 21.45 -1.94 40.40
N GLN L 115 22.53 -2.68 40.65
CA GLN L 115 23.86 -2.15 40.40
C GLN L 115 24.06 -1.81 38.94
N GLY L 116 23.55 -2.64 38.04
CA GLY L 116 23.68 -2.44 36.62
C GLY L 116 23.05 -1.15 36.12
N TYR L 117 21.78 -0.90 36.44
CA TYR L 117 21.22 0.34 35.91
C TYR L 117 21.59 1.56 36.73
N VAL L 118 21.93 1.41 38.02
CA VAL L 118 22.50 2.54 38.75
C VAL L 118 23.83 2.97 38.12
N GLY L 119 24.68 2.00 37.80
CA GLY L 119 25.95 2.33 37.18
C GLY L 119 25.85 2.72 35.73
N LEU L 120 24.76 2.34 35.05
CA LEU L 120 24.54 2.85 33.70
C LEU L 120 24.04 4.29 33.73
N ILE L 121 23.23 4.64 34.73
CA ILE L 121 22.86 6.05 34.92
C ILE L 121 24.10 6.88 35.25
N ALA L 122 25.01 6.32 36.06
CA ALA L 122 26.24 7.03 36.37
C ALA L 122 27.12 7.30 35.15
N ASN L 123 26.94 6.54 34.07
CA ASN L 123 27.67 6.76 32.83
C ASN L 123 26.90 7.62 31.84
N GLY L 124 25.70 8.06 32.17
CA GLY L 124 24.92 8.88 31.28
C GLY L 124 24.12 8.13 30.23
N GLN L 125 24.01 6.81 30.35
CA GLN L 125 23.26 6.00 29.40
C GLN L 125 21.91 5.64 30.02
N TYR L 126 20.85 6.26 29.51
CA TYR L 126 19.52 6.04 30.07
C TYR L 126 18.67 5.06 29.28
N GLU L 127 18.85 4.99 27.97
CA GLU L 127 18.15 3.97 27.19
C GLU L 127 18.63 2.58 27.58
N GLU L 128 19.94 2.43 27.80
CA GLU L 128 20.48 1.15 28.27
C GLU L 128 19.99 0.80 29.65
N ALA L 129 19.87 1.79 30.53
CA ALA L 129 19.33 1.54 31.86
C ALA L 129 17.88 1.07 31.80
N LEU L 130 17.08 1.69 30.93
CA LEU L 130 15.71 1.20 30.76
C LEU L 130 15.66 -0.18 30.14
N LYS L 131 16.54 -0.46 29.17
CA LYS L 131 16.59 -1.81 28.59
C LYS L 131 16.92 -2.84 29.65
N LEU L 132 17.79 -2.48 30.61
CA LEU L 132 18.12 -3.39 31.69
C LEU L 132 16.95 -3.56 32.65
N ILE L 133 16.22 -2.47 32.94
CA ILE L 133 15.10 -2.56 33.88
C ILE L 133 13.97 -3.39 33.28
N LYS L 134 13.68 -3.21 32.00
CA LYS L 134 12.56 -3.85 31.33
C LYS L 134 12.74 -5.35 31.14
N ASP L 135 13.91 -5.90 31.46
CA ASP L 135 14.09 -7.35 31.44
C ASP L 135 13.34 -8.04 32.56
N LYS L 136 12.80 -7.31 33.53
CA LYS L 136 12.10 -7.90 34.66
C LYS L 136 10.67 -7.43 34.81
N MET L 137 10.37 -6.17 34.51
CA MET L 137 9.00 -5.70 34.63
C MET L 137 8.60 -4.92 33.39
N PRO L 138 7.31 -4.90 33.06
CA PRO L 138 6.84 -4.08 31.93
C PRO L 138 6.45 -2.66 32.29
N ILE L 139 6.33 -2.35 33.57
CA ILE L 139 5.81 -1.06 34.02
C ILE L 139 6.74 -0.44 35.06
N PRO L 140 7.93 0.02 34.66
CA PRO L 140 8.92 0.44 35.68
C PRO L 140 8.63 1.79 36.33
N ALA L 141 7.91 2.70 35.66
CA ALA L 141 7.68 4.02 36.28
C ALA L 141 6.74 3.91 37.48
N SER L 142 5.65 3.16 37.34
CA SER L 142 4.71 2.97 38.44
C SER L 142 5.37 2.27 39.61
N ILE L 143 6.12 1.21 39.32
CA ILE L 143 6.78 0.45 40.38
C ILE L 143 7.85 1.29 41.07
N GLY L 144 8.62 2.05 40.31
CA GLY L 144 9.57 2.95 40.93
C GLY L 144 8.91 4.03 41.75
N LYS L 145 7.69 4.41 41.38
CA LYS L 145 6.99 5.45 42.14
C LYS L 145 6.45 4.90 43.46
N ILE L 146 6.00 3.65 43.49
CA ILE L 146 5.22 3.15 44.63
C ILE L 146 5.92 2.04 45.41
N CYS L 147 7.12 1.63 45.04
CA CYS L 147 7.72 0.48 45.70
C CYS L 147 8.15 0.84 47.12
N PRO L 148 7.97 -0.08 48.08
CA PRO L 148 8.51 0.14 49.43
C PRO L 148 10.00 -0.12 49.55
N HIS L 149 10.65 -0.45 48.43
CA HIS L 149 12.09 -0.66 48.21
C HIS L 149 12.76 -1.46 49.31
N PRO L 150 12.60 -2.78 49.33
CA PRO L 150 13.47 -3.63 50.17
C PRO L 150 14.93 -3.55 49.77
N CYS L 151 15.22 -3.15 48.54
CA CYS L 151 16.60 -3.10 48.07
C CYS L 151 17.39 -2.03 48.81
N GLU L 152 16.76 -0.90 49.13
CA GLU L 152 17.46 0.17 49.82
C GLU L 152 17.73 -0.15 51.27
N THR L 153 17.00 -1.11 51.85
CA THR L 153 17.29 -1.56 53.20
C THR L 153 18.61 -2.32 53.26
N ALA L 154 18.90 -3.11 52.24
CA ALA L 154 20.09 -3.94 52.19
C ALA L 154 21.28 -3.26 51.54
N CYS L 155 21.12 -2.00 51.11
CA CYS L 155 22.21 -1.29 50.46
C CYS L 155 23.37 -1.08 51.42
N ARG L 156 24.58 -1.35 50.94
CA ARG L 156 25.78 -1.23 51.77
C ARG L 156 26.22 0.20 51.97
N ARG L 157 25.72 1.14 51.15
CA ARG L 157 25.97 2.55 51.41
C ARG L 157 25.37 3.00 52.74
N GLU L 158 24.43 2.23 53.28
CA GLU L 158 23.92 2.48 54.62
C GLU L 158 25.02 2.41 55.69
N LEU L 159 26.12 1.71 55.41
CA LEU L 159 27.22 1.63 56.37
C LEU L 159 28.09 2.87 56.36
N VAL L 160 27.93 3.74 55.37
CA VAL L 160 28.65 5.01 55.31
C VAL L 160 27.76 6.17 55.70
N GLU L 161 26.56 6.21 55.16
CA GLU L 161 25.59 7.29 55.28
C GLU L 161 24.23 6.69 54.94
N GLU L 162 23.29 7.54 54.55
CA GLU L 162 22.04 7.01 54.01
C GLU L 162 22.28 6.39 52.63
N PRO L 163 21.46 5.37 52.24
CA PRO L 163 21.77 4.60 51.02
C PRO L 163 21.43 5.26 49.70
N ILE L 164 21.56 4.50 48.61
CA ILE L 164 21.28 4.99 47.27
C ILE L 164 19.78 4.97 47.02
N SER L 165 19.28 6.00 46.31
CA SER L 165 17.85 6.11 46.00
C SER L 165 17.56 5.33 44.72
N ILE L 166 17.37 4.03 44.88
CA ILE L 166 17.27 3.13 43.74
C ILE L 166 15.93 3.32 43.02
N ALA L 167 14.83 3.42 43.80
CA ALA L 167 13.51 3.52 43.21
C ALA L 167 13.32 4.85 42.47
N GLN L 168 13.88 5.93 43.01
CA GLN L 168 13.78 7.23 42.35
C GLN L 168 14.53 7.23 41.02
N LEU L 169 15.71 6.61 40.99
CA LEU L 169 16.47 6.52 39.74
C LEU L 169 15.72 5.70 38.70
N LYS L 170 15.10 4.59 39.12
CA LYS L 170 14.33 3.78 38.18
C LYS L 170 13.15 4.55 37.62
N SER L 171 12.43 5.28 38.49
CA SER L 171 11.31 6.09 38.02
C SER L 171 11.76 7.17 37.05
N PHE L 172 12.92 7.80 37.34
CA PHE L 172 13.46 8.82 36.46
C PHE L 172 13.74 8.27 35.07
N VAL L 173 14.43 7.13 35.01
CA VAL L 173 14.77 6.55 33.71
C VAL L 173 13.53 6.13 32.94
N ALA L 174 12.57 5.51 33.64
CA ALA L 174 11.36 5.05 32.98
C ALA L 174 10.55 6.20 32.41
N GLU L 175 10.43 7.30 33.17
CA GLU L 175 9.65 8.43 32.66
C GLU L 175 10.38 9.19 31.56
N VAL L 176 11.73 9.28 31.66
CA VAL L 176 12.50 9.92 30.60
C VAL L 176 12.36 9.17 29.29
N ASP L 177 12.37 7.84 29.35
CA ASP L 177 12.23 7.11 28.10
C ASP L 177 10.78 6.85 27.69
N LEU L 178 9.80 7.13 28.56
CA LEU L 178 8.42 7.22 28.09
C LEU L 178 8.18 8.51 27.34
N ASN L 179 8.74 9.62 27.84
CA ASN L 179 8.54 10.92 27.19
C ASN L 179 9.38 11.10 25.94
N GLY L 180 10.26 10.16 25.62
CA GLY L 180 11.06 10.24 24.41
C GLY L 180 10.76 9.13 23.43
N ASN L 181 11.78 8.37 23.05
CA ASN L 181 11.63 7.26 22.12
C ASN L 181 11.28 6.00 22.90
N GLN L 182 10.06 5.51 22.72
CA GLN L 182 9.60 4.37 23.50
C GLN L 182 10.25 3.08 23.01
N TYR L 183 10.68 2.26 23.96
CA TYR L 183 11.47 1.07 23.69
C TYR L 183 10.57 -0.15 23.63
N GLN L 184 10.70 -0.93 22.56
CA GLN L 184 9.96 -2.18 22.42
C GLN L 184 10.96 -3.33 22.30
N PRO L 185 10.90 -4.32 23.18
CA PRO L 185 11.89 -5.39 23.16
C PRO L 185 11.69 -6.31 21.98
N PRO L 186 12.74 -6.99 21.53
CA PRO L 186 12.58 -7.96 20.43
C PRO L 186 11.72 -9.14 20.85
N MET L 187 10.99 -9.67 19.87
CA MET L 187 10.02 -10.72 20.09
C MET L 187 10.36 -11.93 19.23
N LYS L 188 10.16 -13.12 19.78
CA LYS L 188 10.41 -14.35 19.05
C LYS L 188 9.36 -14.55 17.96
N PRO L 189 9.67 -15.33 16.93
CA PRO L 189 8.67 -15.61 15.89
C PRO L 189 7.47 -16.35 16.45
N ALA L 190 6.31 -16.14 15.83
CA ALA L 190 5.06 -16.65 16.35
C ALA L 190 5.05 -18.17 16.40
N THR L 191 4.61 -18.71 17.53
CA THR L 191 4.61 -20.14 17.76
C THR L 191 3.28 -20.80 17.43
N GLY L 192 2.21 -20.04 17.30
CA GLY L 192 0.90 -20.61 17.06
C GLY L 192 0.14 -21.05 18.28
N LYS L 193 0.63 -20.70 19.48
CA LYS L 193 -0.04 -21.05 20.73
C LYS L 193 -0.86 -19.88 21.24
N LYS L 194 -1.81 -20.19 22.12
CA LYS L 194 -2.71 -19.19 22.68
C LYS L 194 -2.76 -19.31 24.20
N VAL L 195 -2.59 -18.17 24.87
CA VAL L 195 -2.64 -18.10 26.32
C VAL L 195 -3.68 -17.06 26.70
N ALA L 196 -4.55 -17.41 27.64
CA ALA L 196 -5.54 -16.50 28.18
C ALA L 196 -5.14 -16.11 29.60
N VAL L 197 -5.04 -14.82 29.86
CA VAL L 197 -4.67 -14.29 31.16
C VAL L 197 -5.91 -13.62 31.75
N VAL L 198 -6.24 -13.97 32.98
CA VAL L 198 -7.44 -13.47 33.64
C VAL L 198 -7.02 -12.43 34.66
N GLY L 199 -7.29 -11.17 34.37
CA GLY L 199 -6.89 -10.06 35.22
C GLY L 199 -5.78 -9.27 34.56
N ALA L 200 -5.82 -7.96 34.73
CA ALA L 200 -4.82 -7.06 34.17
C ALA L 200 -4.14 -6.24 35.27
N GLY L 201 -3.85 -6.88 36.40
CA GLY L 201 -3.06 -6.26 37.44
C GLY L 201 -1.59 -6.40 37.12
N PRO L 202 -0.72 -6.14 38.09
CA PRO L 202 0.72 -6.33 37.85
C PRO L 202 1.10 -7.76 37.44
N ALA L 203 0.50 -8.77 38.06
CA ALA L 203 0.86 -10.15 37.75
C ALA L 203 0.40 -10.55 36.36
N GLY L 204 -0.85 -10.25 36.03
CA GLY L 204 -1.36 -10.60 34.71
C GLY L 204 -0.68 -9.84 33.59
N LEU L 205 -0.42 -8.56 33.80
CA LEU L 205 0.29 -7.77 32.79
C LEU L 205 1.71 -8.27 32.61
N THR L 206 2.38 -8.64 33.70
CA THR L 206 3.74 -9.16 33.57
C THR L 206 3.77 -10.50 32.85
N ALA L 207 2.83 -11.39 33.19
CA ALA L 207 2.77 -12.69 32.52
C ALA L 207 2.48 -12.53 31.03
N ALA L 208 1.56 -11.62 30.68
CA ALA L 208 1.29 -11.36 29.28
C ALA L 208 2.49 -10.74 28.56
N TYR L 209 3.20 -9.85 29.24
CA TYR L 209 4.38 -9.21 28.65
C TYR L 209 5.47 -10.23 28.36
N PHE L 210 5.65 -11.19 29.27
CA PHE L 210 6.73 -12.15 29.08
C PHE L 210 6.30 -13.38 28.30
N LEU L 211 5.01 -13.56 28.05
CA LEU L 211 4.58 -14.60 27.12
C LEU L 211 4.46 -14.07 25.70
N ALA L 212 4.20 -12.78 25.53
CA ALA L 212 4.23 -12.20 24.20
C ALA L 212 5.65 -12.13 23.68
N ARG L 213 6.63 -11.89 24.53
CA ARG L 213 8.04 -11.88 24.12
C ARG L 213 8.56 -13.26 23.78
N ASP L 214 7.82 -14.32 24.09
CA ASP L 214 8.17 -15.68 23.70
C ASP L 214 7.53 -16.09 22.39
N GLY L 215 6.74 -15.22 21.76
CA GLY L 215 6.11 -15.51 20.51
C GLY L 215 4.68 -15.99 20.59
N HIS L 216 4.13 -16.15 21.79
CA HIS L 216 2.77 -16.62 21.93
C HIS L 216 1.78 -15.48 21.72
N LYS L 217 0.51 -15.84 21.53
CA LYS L 217 -0.57 -14.88 21.39
C LYS L 217 -1.34 -14.83 22.70
N VAL L 218 -1.39 -13.65 23.32
CA VAL L 218 -1.92 -13.48 24.67
C VAL L 218 -3.17 -12.62 24.59
N VAL L 219 -4.21 -13.03 25.31
CA VAL L 219 -5.44 -12.27 25.47
C VAL L 219 -5.67 -12.09 26.97
N ILE L 220 -5.99 -10.87 27.39
CA ILE L 220 -6.21 -10.56 28.79
C ILE L 220 -7.68 -10.27 29.01
N TYR L 221 -8.27 -10.93 30.01
CA TYR L 221 -9.67 -10.73 30.37
C TYR L 221 -9.72 -9.97 31.69
N GLU L 222 -10.20 -8.74 31.65
CA GLU L 222 -10.23 -7.86 32.81
C GLU L 222 -11.68 -7.53 33.14
N ALA L 223 -12.02 -7.55 34.42
CA ALA L 223 -13.39 -7.32 34.85
C ALA L 223 -13.75 -5.85 34.98
N MET L 224 -12.77 -4.96 34.82
CA MET L 224 -12.90 -3.53 35.10
C MET L 224 -12.78 -2.73 33.81
N PRO L 225 -13.31 -1.50 33.79
CA PRO L 225 -13.24 -0.70 32.55
C PRO L 225 -11.83 -0.39 32.09
N HIS L 226 -10.88 -0.30 33.00
CA HIS L 226 -9.52 0.11 32.69
C HIS L 226 -8.52 -0.85 33.33
N PRO L 227 -7.35 -1.03 32.73
CA PRO L 227 -6.38 -1.97 33.27
C PRO L 227 -5.50 -1.33 34.34
N GLY L 228 -4.91 -2.18 35.17
CA GLY L 228 -4.03 -1.72 36.21
C GLY L 228 -4.19 -2.45 37.52
N GLY L 229 -5.41 -2.90 37.81
CA GLY L 229 -5.64 -3.62 39.05
C GLY L 229 -5.66 -2.70 40.25
N MET L 230 -5.13 -3.16 41.38
CA MET L 230 -5.07 -2.32 42.57
C MET L 230 -4.11 -1.16 42.43
N LEU L 231 -3.28 -1.15 41.38
CA LEU L 231 -2.50 0.04 41.08
C LEU L 231 -3.38 1.18 40.59
N ARG L 232 -4.57 0.88 40.08
CA ARG L 232 -5.49 1.90 39.62
C ARG L 232 -6.64 2.13 40.59
N TYR L 233 -7.16 1.08 41.20
CA TYR L 233 -8.32 1.18 42.06
C TYR L 233 -7.98 1.04 43.54
N GLY L 234 -6.71 0.98 43.90
CA GLY L 234 -6.35 1.06 45.30
C GLY L 234 -5.32 2.11 45.62
N ILE L 235 -4.42 2.39 44.68
CA ILE L 235 -3.40 3.41 44.88
C ILE L 235 -4.03 4.76 44.59
N PRO L 236 -3.94 5.72 45.51
CA PRO L 236 -4.56 7.02 45.26
C PRO L 236 -3.83 7.79 44.17
N GLN L 237 -4.55 8.75 43.59
CA GLN L 237 -4.05 9.47 42.43
C GLN L 237 -2.85 10.33 42.77
N TYR L 238 -2.82 10.90 43.98
CA TYR L 238 -1.72 11.79 44.34
C TYR L 238 -0.40 11.04 44.49
N ARG L 239 -0.43 9.73 44.67
CA ARG L 239 0.78 8.92 44.78
C ARG L 239 1.17 8.25 43.47
N LEU L 240 0.19 7.83 42.68
CA LEU L 240 0.43 7.26 41.36
C LEU L 240 -0.49 7.94 40.37
N ASP L 241 0.10 8.59 39.37
CA ASP L 241 -0.69 9.19 38.31
C ASP L 241 -1.20 8.09 37.38
N LYS L 242 -2.48 8.17 37.03
CA LYS L 242 -3.06 7.16 36.15
C LYS L 242 -2.68 7.37 34.69
N ALA L 243 -2.19 8.57 34.34
CA ALA L 243 -1.69 8.81 32.98
C ALA L 243 -0.46 7.97 32.68
N LEU L 244 0.44 7.83 33.67
CA LEU L 244 1.61 6.98 33.50
C LEU L 244 1.20 5.55 33.28
N LEU L 245 0.26 5.04 34.06
CA LEU L 245 -0.20 3.67 33.94
C LEU L 245 -0.86 3.41 32.60
N ASP L 246 -1.69 4.36 32.14
CA ASP L 246 -2.33 4.22 30.84
C ASP L 246 -1.32 4.25 29.71
N ALA L 247 -0.30 5.12 29.79
CA ALA L 247 0.72 5.18 28.75
C ALA L 247 1.53 3.89 28.68
N GLU L 248 1.89 3.33 29.85
CA GLU L 248 2.62 2.07 29.85
C GLU L 248 1.79 0.92 29.28
N VAL L 249 0.49 0.86 29.63
CA VAL L 249 -0.33 -0.21 29.10
C VAL L 249 -0.52 -0.04 27.59
N ALA L 250 -0.60 1.20 27.11
CA ALA L 250 -0.67 1.43 25.66
C ALA L 250 0.61 0.96 24.98
N LEU L 251 1.76 1.21 25.60
CA LEU L 251 3.02 0.70 25.06
C LEU L 251 3.02 -0.82 24.98
N MET L 252 2.50 -1.47 26.02
CA MET L 252 2.45 -2.92 26.04
C MET L 252 1.49 -3.46 24.99
N THR L 253 0.32 -2.83 24.81
CA THR L 253 -0.65 -3.30 23.83
C THR L 253 -0.25 -2.99 22.41
N LYS L 254 0.74 -2.12 22.20
CA LYS L 254 1.30 -1.96 20.86
C LYS L 254 2.06 -3.22 20.42
N MET L 255 2.54 -4.02 21.38
CA MET L 255 3.30 -5.23 21.08
C MET L 255 2.46 -6.37 20.54
N GLY L 256 1.14 -6.27 20.60
CA GLY L 256 0.27 -7.32 20.12
C GLY L 256 -0.51 -8.07 21.16
N ILE L 257 -0.73 -7.48 22.33
CA ILE L 257 -1.52 -8.10 23.38
C ILE L 257 -2.91 -7.49 23.39
N GLU L 258 -3.93 -8.32 23.31
CA GLU L 258 -5.32 -7.88 23.28
C GLU L 258 -5.89 -7.94 24.69
N ILE L 259 -6.46 -6.83 25.15
CA ILE L 259 -7.07 -6.74 26.47
C ILE L 259 -8.57 -6.53 26.28
N ILE L 260 -9.37 -7.40 26.87
CA ILE L 260 -10.81 -7.34 26.78
C ILE L 260 -11.36 -6.92 28.13
N TYR L 261 -11.94 -5.73 28.19
CA TYR L 261 -12.41 -5.15 29.44
C TYR L 261 -13.86 -5.55 29.68
N ASN L 262 -14.31 -5.32 30.92
CA ASN L 262 -15.67 -5.57 31.35
C ASN L 262 -16.09 -7.02 31.14
N THR L 263 -15.17 -7.96 31.34
CA THR L 263 -15.42 -9.38 31.16
C THR L 263 -14.98 -10.11 32.42
N LYS L 264 -15.93 -10.52 33.24
CA LYS L 264 -15.64 -11.23 34.48
C LYS L 264 -15.77 -12.73 34.24
N ILE L 265 -14.66 -13.45 34.44
CA ILE L 265 -14.65 -14.89 34.20
C ILE L 265 -15.40 -15.59 35.32
N GLY L 266 -16.32 -16.48 34.95
CA GLY L 266 -17.18 -17.17 35.88
C GLY L 266 -18.53 -16.51 36.05
N ASP L 267 -18.61 -15.21 35.79
CA ASP L 267 -19.85 -14.46 35.84
C ASP L 267 -20.39 -14.09 34.46
N ASP L 268 -19.49 -13.83 33.50
CA ASP L 268 -19.85 -13.50 32.13
C ASP L 268 -19.38 -14.55 31.14
N VAL L 269 -18.14 -14.98 31.25
CA VAL L 269 -17.55 -16.02 30.42
C VAL L 269 -17.09 -17.14 31.33
N SER L 270 -17.43 -18.37 30.98
CA SER L 270 -17.04 -19.51 31.79
C SER L 270 -15.53 -19.75 31.70
N LEU L 271 -15.00 -20.45 32.70
CA LEU L 271 -13.61 -20.89 32.62
C LEU L 271 -13.46 -22.11 31.72
N ASP L 272 -14.52 -22.91 31.55
CA ASP L 272 -14.46 -24.03 30.61
C ASP L 272 -14.33 -23.54 29.18
N TYR L 273 -14.92 -22.40 28.86
CA TYR L 273 -14.75 -21.79 27.54
C TYR L 273 -13.30 -21.45 27.26
N LEU L 274 -12.63 -20.82 28.24
CA LEU L 274 -11.22 -20.48 28.09
C LEU L 274 -10.35 -21.73 28.07
N HIS L 275 -10.74 -22.74 28.84
CA HIS L 275 -10.00 -24.00 28.86
C HIS L 275 -10.05 -24.68 27.50
N ASP L 276 -11.23 -24.66 26.85
CA ASP L 276 -11.37 -25.30 25.55
C ASP L 276 -10.70 -24.49 24.45
N ASN L 277 -10.76 -23.17 24.50
CA ASN L 277 -10.34 -22.37 23.36
C ASN L 277 -8.88 -21.92 23.40
N TYR L 278 -8.14 -22.16 24.48
CA TYR L 278 -6.80 -21.63 24.63
C TYR L 278 -5.83 -22.72 25.06
N ASP L 279 -4.56 -22.55 24.67
CA ASP L 279 -3.54 -23.52 25.00
C ASP L 279 -3.08 -23.43 26.45
N ALA L 280 -3.25 -22.28 27.10
CA ALA L 280 -2.99 -22.21 28.53
C ALA L 280 -3.81 -21.08 29.14
N VAL L 281 -4.05 -21.17 30.45
CA VAL L 281 -4.80 -20.17 31.20
C VAL L 281 -4.02 -19.79 32.45
N PHE L 282 -3.89 -18.49 32.70
CA PHE L 282 -3.23 -17.96 33.90
C PHE L 282 -4.23 -17.12 34.67
N LEU L 283 -4.31 -17.34 35.99
CA LEU L 283 -5.28 -16.66 36.84
C LEU L 283 -4.56 -15.68 37.77
N GLY L 284 -4.70 -14.40 37.50
CA GLY L 284 -4.10 -13.35 38.30
C GLY L 284 -5.15 -12.47 38.94
N ILE L 285 -6.18 -13.08 39.51
CA ILE L 285 -7.39 -12.36 39.90
C ILE L 285 -7.18 -11.43 41.10
N GLY L 286 -6.18 -11.71 41.94
CA GLY L 286 -5.91 -10.84 43.07
C GLY L 286 -6.87 -11.03 44.23
N SER L 287 -6.67 -10.25 45.27
CA SER L 287 -7.48 -10.33 46.49
C SER L 287 -8.37 -9.09 46.57
N TRP L 288 -9.63 -9.24 46.17
CA TRP L 288 -10.53 -8.12 45.98
C TRP L 288 -11.73 -8.21 46.91
N GLN L 289 -11.50 -8.61 48.16
CA GLN L 289 -12.51 -8.53 49.21
C GLN L 289 -11.92 -7.79 50.40
N SER L 290 -12.79 -7.18 51.18
CA SER L 290 -12.38 -6.45 52.37
C SER L 290 -12.87 -7.20 53.61
N GLN L 291 -11.99 -7.33 54.60
CA GLN L 291 -12.38 -7.93 55.86
C GLN L 291 -13.30 -6.99 56.62
N GLY L 292 -14.30 -7.58 57.29
CA GLY L 292 -15.22 -6.80 58.08
C GLY L 292 -14.67 -6.47 59.45
N LEU L 293 -15.44 -5.69 60.21
CA LEU L 293 -15.00 -5.26 61.52
C LEU L 293 -14.94 -6.38 62.54
N ARG L 294 -15.67 -7.48 62.30
CA ARG L 294 -15.76 -8.61 63.24
C ARG L 294 -16.23 -8.15 64.62
N CYS L 295 -17.28 -7.33 64.63
CA CYS L 295 -17.82 -6.78 65.87
C CYS L 295 -19.34 -6.76 65.79
N LYS L 296 -19.95 -6.41 66.92
CA LYS L 296 -21.40 -6.30 66.97
C LYS L 296 -21.88 -5.08 66.19
N GLY L 297 -22.89 -5.28 65.34
CA GLY L 297 -23.41 -4.19 64.54
C GLY L 297 -22.57 -3.83 63.33
N GLU L 298 -21.72 -4.74 62.87
CA GLU L 298 -20.88 -4.46 61.70
C GLU L 298 -21.69 -4.39 60.41
N ASP L 299 -22.92 -4.88 60.41
CA ASP L 299 -23.76 -4.89 59.23
C ASP L 299 -24.66 -3.67 59.11
N MET L 300 -24.53 -2.72 60.04
CA MET L 300 -25.38 -1.54 60.05
C MET L 300 -25.03 -0.60 58.91
N GLU L 301 -26.02 0.18 58.48
CA GLU L 301 -25.79 1.16 57.44
C GLU L 301 -24.92 2.30 57.97
N GLY L 302 -23.98 2.74 57.14
CA GLY L 302 -22.99 3.72 57.56
C GLY L 302 -21.61 3.15 57.79
N VAL L 303 -21.42 1.84 57.61
CA VAL L 303 -20.12 1.20 57.72
C VAL L 303 -19.79 0.63 56.34
N LEU L 304 -18.62 0.99 55.80
CA LEU L 304 -18.23 0.52 54.48
C LEU L 304 -16.77 0.11 54.50
N GLY L 305 -16.43 -0.82 53.60
CA GLY L 305 -15.07 -1.30 53.53
C GLY L 305 -14.14 -0.32 52.85
N GLY L 306 -12.85 -0.46 53.17
CA GLY L 306 -11.86 0.45 52.62
C GLY L 306 -11.64 0.28 51.13
N ILE L 307 -11.62 -0.98 50.67
CA ILE L 307 -11.40 -1.25 49.25
C ILE L 307 -12.55 -0.71 48.41
N ASP L 308 -13.78 -0.93 48.86
CA ASP L 308 -14.94 -0.41 48.16
C ASP L 308 -14.93 1.11 48.13
N PHE L 309 -14.56 1.74 49.24
CA PHE L 309 -14.47 3.20 49.30
C PHE L 309 -13.45 3.74 48.30
N LEU L 310 -12.27 3.11 48.24
CA LEU L 310 -11.24 3.58 47.32
C LEU L 310 -11.65 3.35 45.86
N ARG L 311 -12.37 2.24 45.60
CA ARG L 311 -12.85 2.00 44.25
C ARG L 311 -13.88 3.02 43.82
N GLU L 312 -14.82 3.40 44.70
CA GLU L 312 -15.76 4.45 44.33
C GLU L 312 -15.09 5.82 44.20
N VAL L 313 -14.05 6.08 44.98
CA VAL L 313 -13.31 7.32 44.80
C VAL L 313 -12.67 7.36 43.41
N THR L 314 -12.09 6.23 42.99
CA THR L 314 -11.38 6.20 41.72
C THR L 314 -12.33 6.36 40.53
N MET L 315 -13.50 5.74 40.59
CA MET L 315 -14.45 5.79 39.48
C MET L 315 -15.27 7.06 39.42
N ASN L 316 -14.94 8.06 40.25
CA ASN L 316 -15.62 9.36 40.26
C ASN L 316 -17.12 9.20 40.52
N SER L 317 -17.46 8.25 41.38
CA SER L 317 -18.84 7.96 41.70
C SER L 317 -19.33 8.90 42.82
N ASN L 318 -20.60 8.78 43.18
CA ASN L 318 -21.18 9.63 44.21
C ASN L 318 -21.07 8.93 45.55
N ILE L 319 -20.35 9.55 46.48
CA ILE L 319 -20.09 8.99 47.80
C ILE L 319 -20.66 9.92 48.84
N THR L 320 -20.75 9.41 50.07
CA THR L 320 -21.10 10.22 51.23
C THR L 320 -20.10 9.94 52.35
N LEU L 321 -19.58 11.00 52.94
CA LEU L 321 -18.59 10.88 54.00
C LEU L 321 -19.03 11.49 55.31
N GLY L 322 -19.46 12.74 55.30
CA GLY L 322 -19.76 13.44 56.53
C GLY L 322 -18.56 14.17 57.10
N GLY L 323 -18.81 14.91 58.17
CA GLY L 323 -17.74 15.69 58.79
C GLY L 323 -16.69 14.83 59.47
N LYS L 324 -17.11 13.79 60.18
CA LYS L 324 -16.23 12.97 60.99
C LYS L 324 -16.21 11.54 60.48
N VAL L 325 -15.02 11.02 60.25
CA VAL L 325 -14.83 9.67 59.72
C VAL L 325 -13.78 8.95 60.56
N LEU L 326 -14.11 7.72 60.95
CA LEU L 326 -13.24 6.86 61.74
C LEU L 326 -12.75 5.73 60.88
N VAL L 327 -11.43 5.62 60.71
CA VAL L 327 -10.82 4.58 59.90
C VAL L 327 -10.21 3.55 60.84
N VAL L 328 -10.63 2.29 60.69
CA VAL L 328 -10.16 1.21 61.54
C VAL L 328 -9.12 0.41 60.78
N GLY L 329 -7.93 0.28 61.35
CA GLY L 329 -6.83 -0.42 60.69
C GLY L 329 -5.52 0.33 60.80
N GLY L 330 -4.43 -0.31 60.39
CA GLY L 330 -3.12 0.32 60.53
C GLY L 330 -2.17 0.08 59.38
N GLY L 331 -2.60 -0.61 58.34
CA GLY L 331 -1.76 -0.91 57.21
C GLY L 331 -1.73 0.24 56.22
N ASN L 332 -1.38 -0.09 54.98
CA ASN L 332 -1.37 0.94 53.94
C ASN L 332 -2.77 1.27 53.44
N THR L 333 -3.71 0.32 53.54
CA THR L 333 -5.10 0.61 53.21
C THR L 333 -5.67 1.69 54.12
N ALA L 334 -5.37 1.62 55.42
CA ALA L 334 -5.84 2.62 56.35
C ALA L 334 -5.23 3.98 56.05
N MET L 335 -3.95 4.02 55.71
CA MET L 335 -3.29 5.30 55.38
C MET L 335 -3.91 5.92 54.12
N ASP L 336 -4.11 5.11 53.07
CA ASP L 336 -4.70 5.63 51.85
C ASP L 336 -6.12 6.12 52.08
N VAL L 337 -6.92 5.37 52.85
CA VAL L 337 -8.28 5.78 53.14
C VAL L 337 -8.29 7.09 53.94
N ALA L 338 -7.42 7.20 54.94
CA ALA L 338 -7.40 8.39 55.78
C ALA L 338 -6.97 9.63 55.00
N ARG L 339 -5.95 9.50 54.15
CA ARG L 339 -5.50 10.67 53.41
C ARG L 339 -6.47 11.05 52.30
N THR L 340 -7.09 10.07 51.62
CA THR L 340 -8.12 10.38 50.65
C THR L 340 -9.32 11.03 51.31
N SER L 341 -9.64 10.61 52.55
CA SER L 341 -10.73 11.24 53.27
C SER L 341 -10.39 12.69 53.64
N LYS L 342 -9.14 12.95 54.01
CA LYS L 342 -8.74 14.33 54.29
C LYS L 342 -8.86 15.19 53.03
N ARG L 343 -8.56 14.61 51.87
CA ARG L 343 -8.73 15.37 50.63
C ARG L 343 -10.18 15.52 50.21
N LEU L 344 -11.07 14.64 50.66
CA LEU L 344 -12.47 14.66 50.23
C LEU L 344 -13.36 15.44 51.18
N GLY L 345 -12.80 16.42 51.88
CA GLY L 345 -13.61 17.34 52.66
C GLY L 345 -13.97 16.89 54.05
N ALA L 346 -13.41 15.79 54.55
CA ALA L 346 -13.67 15.40 55.92
C ALA L 346 -12.90 16.32 56.86
N GLU L 347 -13.60 16.91 57.82
CA GLU L 347 -12.98 17.94 58.66
C GLU L 347 -12.05 17.33 59.69
N GLU L 348 -12.38 16.15 60.22
CA GLU L 348 -11.49 15.48 61.14
C GLU L 348 -11.51 13.98 60.89
N VAL L 349 -10.32 13.41 60.70
CA VAL L 349 -10.14 11.99 60.43
C VAL L 349 -9.29 11.40 61.55
N THR L 350 -9.74 10.28 62.11
CA THR L 350 -9.03 9.61 63.18
C THR L 350 -8.85 8.15 62.82
N ILE L 351 -7.68 7.61 63.13
CA ILE L 351 -7.35 6.22 62.83
C ILE L 351 -7.35 5.43 64.13
N ILE L 352 -8.12 4.35 64.16
CA ILE L 352 -8.29 3.51 65.34
C ILE L 352 -7.42 2.27 65.15
N TYR L 353 -6.37 2.13 65.96
CA TYR L 353 -5.46 1.02 65.85
C TYR L 353 -5.24 0.39 67.22
N ARG L 354 -5.01 -0.92 67.23
CA ARG L 354 -4.89 -1.66 68.49
C ARG L 354 -3.45 -1.81 68.97
N ARG L 355 -2.49 -1.19 68.30
CA ARG L 355 -1.10 -1.21 68.76
C ARG L 355 -0.50 0.18 68.64
N THR L 356 0.82 0.29 68.79
CA THR L 356 1.50 1.57 68.82
C THR L 356 1.96 1.98 67.43
N ILE L 357 2.49 3.20 67.34
CA ILE L 357 2.95 3.75 66.06
C ILE L 357 4.13 2.94 65.52
N ASP L 358 5.08 2.63 66.39
CA ASP L 358 6.25 1.85 65.98
C ASP L 358 5.90 0.42 65.59
N GLU L 359 4.72 -0.05 65.98
CA GLU L 359 4.27 -1.39 65.68
C GLU L 359 3.45 -1.46 64.39
N MET L 360 3.21 -0.32 63.75
CA MET L 360 2.31 -0.27 62.60
C MET L 360 2.99 -0.87 61.37
N PRO L 361 2.28 -1.68 60.59
CA PRO L 361 2.86 -2.23 59.36
C PRO L 361 2.97 -1.23 58.22
N ALA L 362 2.42 -0.03 58.36
CA ALA L 362 2.56 0.99 57.33
C ALA L 362 3.97 1.56 57.34
N GLU L 363 4.35 2.16 56.21
CA GLU L 363 5.66 2.79 56.11
C GLU L 363 5.73 4.04 56.97
N LYS L 364 6.91 4.30 57.53
CA LYS L 364 7.10 5.47 58.37
C LYS L 364 6.98 6.76 57.58
N ILE L 365 7.37 6.73 56.31
CA ILE L 365 7.24 7.91 55.45
C ILE L 365 5.76 8.25 55.24
N GLU L 366 4.94 7.22 54.99
CA GLU L 366 3.51 7.44 54.81
C GLU L 366 2.86 7.94 56.09
N ILE L 367 3.27 7.40 57.24
CA ILE L 367 2.74 7.85 58.52
C ILE L 367 3.13 9.31 58.78
N HIS L 368 4.38 9.67 58.49
CA HIS L 368 4.81 11.04 58.70
C HIS L 368 4.08 12.01 57.79
N GLU L 369 3.90 11.64 56.52
CA GLU L 369 3.17 12.49 55.59
C GLU L 369 1.70 12.62 55.99
N ALA L 370 1.11 11.52 56.47
CA ALA L 370 -0.27 11.56 56.93
C ALA L 370 -0.42 12.48 58.14
N GLN L 371 0.51 12.38 59.09
CA GLN L 371 0.47 13.26 60.27
C GLN L 371 0.65 14.72 59.87
N GLU L 372 1.51 14.97 58.88
CA GLU L 372 1.68 16.33 58.38
C GLU L 372 0.41 16.85 57.72
N GLU L 373 -0.33 15.97 57.04
CA GLU L 373 -1.52 16.42 56.33
C GLU L 373 -2.68 16.70 57.28
N GLY L 374 -2.75 16.01 58.41
CA GLY L 374 -3.72 16.40 59.42
C GLY L 374 -4.61 15.31 60.00
N VAL L 375 -4.27 14.04 59.79
CA VAL L 375 -5.06 12.95 60.34
C VAL L 375 -4.50 12.57 61.70
N LYS L 376 -5.38 12.45 62.69
CA LYS L 376 -4.99 12.12 64.06
C LYS L 376 -5.00 10.61 64.25
N PHE L 377 -4.13 10.13 65.12
CA PHE L 377 -3.95 8.71 65.36
C PHE L 377 -4.37 8.38 66.78
N GLN L 378 -5.23 7.38 66.92
CA GLN L 378 -5.67 6.89 68.22
C GLN L 378 -5.15 5.46 68.37
N LEU L 379 -4.34 5.24 69.38
CA LEU L 379 -3.51 4.04 69.46
C LEU L 379 -3.94 3.18 70.64
N LEU L 380 -3.64 1.88 70.52
CA LEU L 380 -3.91 0.88 71.56
C LEU L 380 -5.40 0.84 71.91
N VAL L 381 -6.23 0.81 70.88
CA VAL L 381 -7.67 0.83 71.02
C VAL L 381 -8.28 -0.16 70.02
N ALA L 382 -9.15 -1.04 70.51
CA ALA L 382 -9.73 -2.08 69.68
C ALA L 382 -11.25 -1.95 69.66
N PRO L 383 -11.87 -1.88 68.47
CA PRO L 383 -13.32 -1.73 68.40
C PRO L 383 -14.07 -2.93 68.98
N VAL L 384 -15.23 -2.66 69.57
CA VAL L 384 -16.07 -3.66 70.19
C VAL L 384 -17.49 -3.65 69.61
N GLU L 385 -18.08 -2.48 69.48
CA GLU L 385 -19.47 -2.38 69.07
C GLU L 385 -19.66 -1.12 68.23
N VAL L 386 -20.60 -1.18 67.29
CA VAL L 386 -20.98 -0.02 66.49
C VAL L 386 -22.35 0.44 66.96
N LEU L 387 -22.44 1.68 67.42
CA LEU L 387 -23.67 2.23 67.97
C LEU L 387 -24.34 3.13 66.94
N GLY L 388 -25.66 3.04 66.87
CA GLY L 388 -26.41 3.88 65.95
C GLY L 388 -27.88 3.88 66.30
N GLU L 389 -28.59 4.82 65.72
CA GLU L 389 -30.03 4.94 65.90
C GLU L 389 -30.72 4.97 64.55
N ASN L 390 -31.84 4.24 64.44
CA ASN L 390 -32.61 4.10 63.21
C ASN L 390 -31.77 3.55 62.06
N GLY L 391 -30.84 2.65 62.37
CA GLY L 391 -30.05 1.98 61.36
C GLY L 391 -28.84 2.74 60.88
N HIS L 392 -28.65 3.99 61.31
CA HIS L 392 -27.54 4.81 60.87
C HIS L 392 -26.47 4.79 61.95
N ALA L 393 -25.30 4.23 61.63
CA ALA L 393 -24.22 4.12 62.61
C ALA L 393 -23.70 5.50 62.97
N LYS L 394 -23.57 5.77 64.27
CA LYS L 394 -23.16 7.09 64.73
C LYS L 394 -22.03 7.09 65.75
N ALA L 395 -21.63 5.93 66.27
CA ALA L 395 -20.55 5.90 67.25
C ALA L 395 -19.86 4.56 67.19
N LEU L 396 -18.66 4.52 67.75
CA LEU L 396 -17.88 3.29 67.84
C LEU L 396 -17.44 3.12 69.30
N LYS L 397 -17.96 2.09 69.95
CA LYS L 397 -17.56 1.75 71.31
C LYS L 397 -16.40 0.77 71.24
N CYS L 398 -15.28 1.12 71.87
CA CYS L 398 -14.04 0.38 71.73
C CYS L 398 -13.46 0.06 73.09
N GLU L 399 -12.65 -0.99 73.13
CA GLU L 399 -11.94 -1.40 74.33
C GLU L 399 -10.51 -0.88 74.30
N ILE L 400 -10.00 -0.48 75.47
CA ILE L 400 -8.65 0.04 75.61
C ILE L 400 -7.72 -1.12 75.91
N MET L 401 -6.66 -1.26 75.14
CA MET L 401 -5.72 -2.37 75.24
C MET L 401 -4.43 -1.92 75.93
N ARG L 402 -3.59 -2.91 76.22
CA ARG L 402 -2.26 -2.67 76.76
C ARG L 402 -1.27 -3.58 76.04
N LEU L 403 -0.01 -3.16 76.03
CA LEU L 403 1.02 -3.94 75.36
C LEU L 403 1.31 -5.22 76.14
N GLY L 404 1.49 -6.31 75.40
CA GLY L 404 1.69 -7.62 75.99
C GLY L 404 2.93 -8.30 75.45
N GLU L 405 2.89 -9.63 75.46
CA GLU L 405 4.02 -10.44 75.01
C GLU L 405 4.12 -10.42 73.48
N PRO L 406 5.35 -10.55 72.96
CA PRO L 406 5.51 -10.68 71.51
C PRO L 406 4.92 -11.98 70.99
N ASP L 407 4.53 -11.96 69.72
CA ASP L 407 4.03 -13.15 69.05
C ASP L 407 5.18 -13.90 68.39
N ALA L 408 4.86 -14.87 67.53
CA ALA L 408 5.88 -15.56 66.76
C ALA L 408 6.52 -14.66 65.72
N SER L 409 5.84 -13.59 65.30
CA SER L 409 6.36 -12.69 64.28
C SER L 409 7.18 -11.54 64.85
N GLY L 410 7.31 -11.45 66.17
CA GLY L 410 8.06 -10.38 66.78
C GLY L 410 7.29 -9.12 67.08
N ARG L 411 5.97 -9.21 67.23
CA ARG L 411 5.13 -8.07 67.54
C ARG L 411 4.33 -8.35 68.81
N ARG L 412 4.21 -7.33 69.67
CA ARG L 412 3.53 -7.50 70.95
C ARG L 412 2.03 -7.69 70.75
N LYS L 413 1.43 -8.55 71.57
CA LYS L 413 0.01 -8.87 71.45
C LYS L 413 -0.80 -7.99 72.39
N PRO L 414 -1.75 -7.18 71.87
CA PRO L 414 -2.53 -6.32 72.74
C PRO L 414 -3.49 -7.10 73.63
N GLU L 415 -3.72 -6.57 74.84
CA GLU L 415 -4.59 -7.20 75.81
C GLU L 415 -5.49 -6.14 76.44
N PRO L 416 -6.81 -6.34 76.44
CA PRO L 416 -7.70 -5.38 77.10
C PRO L 416 -7.50 -5.40 78.61
N THR L 417 -7.79 -4.28 79.26
CA THR L 417 -7.65 -4.21 80.71
C THR L 417 -8.98 -4.03 81.41
N GLY L 418 -9.61 -2.85 81.32
CA GLY L 418 -10.94 -2.69 81.87
C GLY L 418 -11.78 -1.57 81.29
N GLU L 419 -11.26 -0.87 80.28
CA GLU L 419 -11.76 0.45 79.94
C GLU L 419 -12.31 0.46 78.53
N THR L 420 -13.44 1.15 78.37
CA THR L 420 -14.05 1.37 77.07
C THR L 420 -14.15 2.87 76.81
N VAL L 421 -14.05 3.24 75.53
CA VAL L 421 -14.19 4.62 75.11
C VAL L 421 -15.06 4.65 73.86
N VAL L 422 -15.95 5.63 73.79
CA VAL L 422 -16.88 5.77 72.66
C VAL L 422 -16.44 6.96 71.82
N TYR L 423 -16.23 6.72 70.53
CA TYR L 423 -15.84 7.75 69.59
C TYR L 423 -17.02 8.09 68.70
N GLU L 424 -17.29 9.39 68.55
CA GLU L 424 -18.36 9.83 67.67
C GLU L 424 -17.85 9.90 66.24
N ALA L 425 -18.68 9.45 65.30
CA ALA L 425 -18.30 9.47 63.91
C ALA L 425 -19.54 9.49 63.02
N ASP L 426 -19.44 10.24 61.93
CA ASP L 426 -20.48 10.20 60.91
C ASP L 426 -20.31 8.99 59.99
N ARG L 427 -19.08 8.62 59.69
CA ARG L 427 -18.81 7.46 58.85
C ARG L 427 -17.74 6.60 59.51
N ILE L 428 -17.86 5.29 59.35
CA ILE L 428 -16.88 4.34 59.87
C ILE L 428 -16.40 3.48 58.71
N ILE L 429 -15.11 3.56 58.40
CA ILE L 429 -14.53 2.84 57.29
C ILE L 429 -13.60 1.76 57.85
N ALA L 430 -13.90 0.51 57.52
CA ALA L 430 -13.13 -0.63 57.98
C ALA L 430 -12.05 -0.94 56.94
N ALA L 431 -10.81 -0.63 57.27
CA ALA L 431 -9.68 -0.86 56.38
C ALA L 431 -8.82 -1.97 57.01
N ILE L 432 -9.51 -3.00 57.50
CA ILE L 432 -8.90 -4.03 58.33
C ILE L 432 -7.94 -4.91 57.56
N GLY L 433 -8.24 -5.24 56.32
CA GLY L 433 -7.40 -6.15 55.56
C GLY L 433 -8.08 -6.54 54.27
N GLN L 434 -7.51 -7.55 53.62
CA GLN L 434 -8.00 -8.05 52.34
C GLN L 434 -8.12 -9.57 52.39
N LYS L 435 -8.98 -10.10 51.52
CA LYS L 435 -9.14 -11.53 51.39
C LYS L 435 -9.34 -11.87 49.93
N THR L 436 -8.79 -13.01 49.52
CA THR L 436 -8.99 -13.49 48.15
C THR L 436 -10.35 -14.13 48.03
N VAL L 437 -11.09 -13.77 46.98
CA VAL L 437 -12.35 -14.42 46.66
C VAL L 437 -12.24 -15.04 45.27
N ILE L 438 -12.68 -16.28 45.16
CA ILE L 438 -12.68 -16.95 43.86
C ILE L 438 -13.92 -16.63 43.06
N GLY L 439 -15.00 -16.19 43.72
CA GLY L 439 -16.21 -15.85 43.00
C GLY L 439 -16.90 -17.09 42.46
N ASN L 440 -17.40 -16.99 41.24
CA ASN L 440 -18.17 -18.05 40.62
C ASN L 440 -17.31 -19.00 39.79
N ILE L 441 -15.99 -18.83 39.80
CA ILE L 441 -15.12 -19.76 39.09
C ILE L 441 -15.18 -21.12 39.78
N LYS L 442 -15.49 -22.16 39.03
CA LYS L 442 -15.72 -23.48 39.58
C LYS L 442 -14.57 -24.42 39.26
N ASP L 443 -14.49 -25.50 40.04
CA ASP L 443 -13.44 -26.52 39.95
C ASP L 443 -12.05 -25.94 40.15
N ILE L 444 -11.93 -25.02 41.11
CA ILE L 444 -10.63 -24.51 41.56
C ILE L 444 -10.60 -24.63 43.07
N ALA L 445 -9.61 -25.35 43.59
CA ALA L 445 -9.48 -25.54 45.03
C ALA L 445 -8.85 -24.32 45.68
N THR L 446 -9.36 -23.98 46.87
CA THR L 446 -8.90 -22.81 47.61
C THR L 446 -8.57 -23.21 49.04
N ASP L 447 -7.74 -22.38 49.67
CA ASP L 447 -7.32 -22.60 51.05
C ASP L 447 -8.42 -22.21 52.03
N LYS L 448 -8.11 -22.33 53.31
CA LYS L 448 -9.01 -21.85 54.35
C LYS L 448 -9.05 -20.33 54.41
N SER L 449 -8.02 -19.65 53.89
CA SER L 449 -7.97 -18.20 53.82
C SER L 449 -8.40 -17.65 52.47
N GLY L 450 -8.85 -18.52 51.56
CA GLY L 450 -9.33 -18.09 50.26
C GLY L 450 -8.30 -18.14 49.15
N ASN L 451 -7.02 -18.31 49.47
CA ASN L 451 -5.99 -18.30 48.45
C ASN L 451 -6.05 -19.58 47.61
N ILE L 452 -5.71 -19.44 46.33
CA ILE L 452 -5.71 -20.58 45.42
C ILE L 452 -4.53 -21.49 45.74
N ILE L 453 -4.81 -22.77 45.93
CA ILE L 453 -3.77 -23.75 46.21
C ILE L 453 -3.11 -24.14 44.90
N VAL L 454 -1.79 -23.96 44.82
CA VAL L 454 -1.02 -24.35 43.65
C VAL L 454 0.14 -25.23 44.09
N ASN L 455 0.62 -26.02 43.14
CA ASN L 455 1.84 -26.79 43.35
C ASN L 455 3.03 -25.84 43.40
N GLY L 456 3.81 -25.92 44.47
CA GLY L 456 4.87 -24.96 44.70
C GLY L 456 5.97 -24.97 43.66
N GLY L 457 6.18 -23.83 43.00
CA GLY L 457 7.21 -23.69 42.00
C GLY L 457 6.78 -24.07 40.60
N ALA L 458 5.68 -24.79 40.46
CA ALA L 458 5.12 -25.12 39.16
C ALA L 458 3.87 -24.32 38.83
N PHE L 459 3.25 -23.68 39.83
CA PHE L 459 2.11 -22.78 39.65
C PHE L 459 0.89 -23.48 39.03
N THR L 460 0.71 -24.77 39.29
CA THR L 460 -0.38 -25.52 38.70
C THR L 460 -1.48 -25.77 39.73
N THR L 461 -2.71 -25.47 39.35
CA THR L 461 -3.87 -25.74 40.20
C THR L 461 -4.28 -27.20 40.02
N ASN L 462 -5.46 -27.57 40.54
CA ASN L 462 -5.93 -28.94 40.34
C ASN L 462 -6.35 -29.18 38.90
N ARG L 463 -7.00 -28.19 38.28
CA ARG L 463 -7.42 -28.32 36.90
C ARG L 463 -6.21 -28.24 35.98
N ASP L 464 -6.18 -29.11 34.97
CA ASP L 464 -5.12 -29.07 33.99
C ASP L 464 -5.24 -27.83 33.12
N LYS L 465 -4.11 -27.41 32.56
CA LYS L 465 -3.97 -26.28 31.64
C LYS L 465 -4.24 -24.94 32.31
N VAL L 466 -4.39 -24.89 33.63
CA VAL L 466 -4.72 -23.66 34.35
C VAL L 466 -3.61 -23.40 35.37
N PHE L 467 -3.09 -22.17 35.37
CA PHE L 467 -2.01 -21.74 36.25
C PHE L 467 -2.48 -20.54 37.06
N ALA L 468 -1.82 -20.31 38.20
CA ALA L 468 -2.22 -19.21 39.07
C ALA L 468 -0.99 -18.53 39.66
N GLY L 469 -1.17 -17.27 40.05
CA GLY L 469 -0.07 -16.50 40.61
C GLY L 469 -0.57 -15.15 41.09
N GLY L 470 0.34 -14.43 41.76
CA GLY L 470 0.01 -13.11 42.27
C GLY L 470 -0.64 -13.16 43.64
N ASP L 471 -1.37 -12.11 43.98
CA ASP L 471 -2.05 -12.02 45.26
C ASP L 471 -3.13 -13.09 45.43
N ALA L 472 -3.55 -13.72 44.34
CA ALA L 472 -4.48 -14.83 44.43
C ALA L 472 -3.87 -16.06 45.08
N VAL L 473 -2.54 -16.16 45.12
CA VAL L 473 -1.87 -17.31 45.69
C VAL L 473 -1.17 -16.95 47.01
N THR L 474 -0.39 -15.88 47.01
CA THR L 474 0.41 -15.49 48.16
C THR L 474 -0.33 -14.62 49.14
N GLY L 475 -1.53 -14.17 48.81
CA GLY L 475 -2.25 -13.24 49.65
C GLY L 475 -1.72 -11.83 49.46
N PRO L 476 -2.31 -10.87 50.18
CA PRO L 476 -1.85 -9.47 50.07
C PRO L 476 -0.37 -9.27 50.37
N LYS L 477 0.33 -8.65 49.43
CA LYS L 477 1.76 -8.37 49.53
C LYS L 477 2.01 -7.06 48.80
N ILE L 478 3.28 -6.80 48.49
CA ILE L 478 3.63 -5.61 47.71
C ILE L 478 3.57 -5.95 46.23
N ALA L 479 3.66 -4.94 45.37
CA ALA L 479 3.40 -5.13 43.94
C ALA L 479 4.52 -5.87 43.23
N ILE L 480 5.77 -5.67 43.66
CA ILE L 480 6.88 -6.33 42.99
C ILE L 480 6.87 -7.84 43.27
N ASP L 481 6.26 -8.26 44.40
CA ASP L 481 6.02 -9.68 44.62
C ASP L 481 5.08 -10.25 43.57
N ALA L 482 4.01 -9.53 43.25
CA ALA L 482 3.10 -9.95 42.20
C ALA L 482 3.79 -9.99 40.85
N ILE L 483 4.63 -9.00 40.57
CA ILE L 483 5.36 -8.97 39.30
C ILE L 483 6.32 -10.14 39.19
N ALA L 484 7.02 -10.45 40.29
CA ALA L 484 7.93 -11.59 40.28
C ALA L 484 7.19 -12.90 40.07
N GLN L 485 6.05 -13.07 40.74
CA GLN L 485 5.27 -14.29 40.55
C GLN L 485 4.75 -14.39 39.11
N GLY L 486 4.35 -13.27 38.53
CA GLY L 486 3.90 -13.28 37.15
C GLY L 486 5.00 -13.66 36.16
N LYS L 487 6.21 -13.14 36.36
CA LYS L 487 7.31 -13.48 35.47
C LYS L 487 7.72 -14.94 35.62
N ASN L 488 7.79 -15.45 36.86
CA ASN L 488 8.13 -16.85 37.06
C ASN L 488 7.10 -17.78 36.46
N ALA L 489 5.82 -17.44 36.62
CA ALA L 489 4.77 -18.24 36.01
C ALA L 489 4.79 -18.16 34.49
N ALA L 490 5.17 -17.01 33.93
CA ALA L 490 5.33 -16.91 32.48
C ALA L 490 6.42 -17.84 31.99
N GLN L 491 7.54 -17.91 32.71
CA GLN L 491 8.61 -18.83 32.33
C GLN L 491 8.15 -20.29 32.40
N VAL L 492 7.44 -20.63 33.48
CA VAL L 492 6.97 -22.01 33.66
C VAL L 492 5.96 -22.39 32.58
N ILE L 493 5.03 -21.49 32.26
CA ILE L 493 4.05 -21.74 31.21
C ILE L 493 4.73 -21.89 29.85
N ASP L 494 5.74 -21.06 29.59
CA ASP L 494 6.45 -21.17 28.32
C ASP L 494 7.18 -22.50 28.21
N SER L 495 7.78 -22.98 29.30
CA SER L 495 8.42 -24.29 29.26
C SER L 495 7.39 -25.39 29.06
N TYR L 496 6.21 -25.25 29.69
CA TYR L 496 5.16 -26.24 29.55
C TYR L 496 4.64 -26.33 28.12
N LEU L 497 4.54 -25.19 27.44
CA LEU L 497 4.04 -25.16 26.06
C LEU L 497 4.99 -25.80 25.07
N ASN L 498 6.24 -26.04 25.43
CA ASN L 498 7.17 -26.76 24.58
C ASN L 498 7.16 -28.26 24.84
N GLY L 499 6.40 -28.73 25.83
CA GLY L 499 6.23 -30.14 26.06
C GLY L 499 6.95 -30.71 27.26
N CYS L 500 7.67 -29.89 28.03
CA CYS L 500 8.39 -30.37 29.20
C CYS L 500 8.26 -29.33 30.31
N LEU L 501 7.46 -29.64 31.32
CA LEU L 501 7.20 -28.71 32.41
C LEU L 501 8.35 -28.78 33.42
N VAL L 502 9.04 -27.66 33.61
CA VAL L 502 10.10 -27.57 34.62
C VAL L 502 9.72 -26.52 35.67
N PRO L 503 9.87 -26.82 36.95
CA PRO L 503 9.52 -25.83 37.98
C PRO L 503 10.62 -24.80 38.16
N HIS L 504 10.25 -23.69 38.78
CA HIS L 504 11.17 -22.59 38.98
C HIS L 504 12.00 -22.83 40.24
N ALA L 505 13.31 -22.61 40.14
CA ALA L 505 14.21 -22.82 41.26
C ALA L 505 15.17 -21.64 41.39
N ASP L 506 15.47 -21.28 42.63
CA ASP L 506 16.39 -20.19 42.92
C ASP L 506 17.83 -20.62 42.65
N SER L 507 18.67 -19.62 42.39
CA SER L 507 20.07 -19.84 42.07
C SER L 507 20.94 -19.66 43.31
N GLN L 508 22.17 -20.15 43.21
CA GLN L 508 23.14 -20.10 44.30
C GLN L 508 24.24 -19.11 43.96
N TYR L 509 24.54 -18.22 44.90
CA TYR L 509 25.58 -17.21 44.75
C TYR L 509 26.51 -17.24 45.94
N PHE L 510 27.72 -16.72 45.73
CA PHE L 510 28.62 -16.46 46.84
C PHE L 510 28.26 -15.12 47.46
N THR L 511 28.10 -15.08 48.76
CA THR L 511 27.72 -13.86 49.45
C THR L 511 28.67 -13.61 50.61
N GLN L 512 28.83 -12.34 50.95
CA GLN L 512 29.74 -11.92 52.01
C GLN L 512 28.94 -11.28 53.13
N LYS L 513 29.13 -11.77 54.34
CA LYS L 513 28.41 -11.27 55.50
C LYS L 513 29.33 -10.67 56.55
N ASP L 514 30.61 -10.53 56.23
CA ASP L 514 31.61 -9.99 57.15
C ASP L 514 31.85 -8.50 56.93
N ILE L 515 31.08 -7.87 56.06
CA ILE L 515 31.28 -6.45 55.77
C ILE L 515 30.68 -5.63 56.91
N THR L 516 31.50 -4.78 57.52
CA THR L 516 31.09 -3.92 58.61
C THR L 516 31.37 -2.46 58.24
N ALA L 517 30.98 -1.55 59.13
CA ALA L 517 31.18 -0.13 58.87
C ALA L 517 32.66 0.23 58.89
N ALA L 518 33.47 -0.50 59.66
CA ALA L 518 34.90 -0.20 59.74
C ALA L 518 35.62 -0.57 58.45
N ASP L 519 35.10 -1.55 57.71
CA ASP L 519 35.73 -1.94 56.45
C ASP L 519 35.48 -0.92 55.34
N LEU L 520 34.52 -0.02 55.52
CA LEU L 520 34.20 1.01 54.56
C LEU L 520 34.53 2.40 55.09
N ALA L 521 35.44 2.47 56.08
CA ALA L 521 35.71 3.73 56.74
C ALA L 521 36.55 4.69 55.91
N ASP L 522 37.15 4.20 54.82
CA ASP L 522 37.93 5.06 53.94
C ASP L 522 37.09 5.70 52.84
N ARG L 523 35.83 5.32 52.72
CA ARG L 523 34.96 5.92 51.71
C ARG L 523 34.54 7.31 52.15
N ALA L 524 34.58 8.26 51.22
CA ALA L 524 34.11 9.61 51.50
C ALA L 524 32.58 9.62 51.59
N LYS L 525 32.05 10.63 52.27
CA LYS L 525 30.64 10.73 52.56
C LYS L 525 30.00 11.83 51.71
N ALA L 526 28.90 11.49 51.04
CA ALA L 526 28.16 12.43 50.21
C ALA L 526 26.68 12.35 50.54
N PRO L 527 26.04 13.48 50.81
CA PRO L 527 24.64 13.46 51.24
C PRO L 527 23.71 12.99 50.14
N ARG L 528 22.60 12.40 50.56
CA ARG L 528 21.62 11.88 49.63
C ARG L 528 20.87 13.00 48.94
N VAL L 529 20.36 12.72 47.74
CA VAL L 529 19.51 13.65 47.03
C VAL L 529 18.11 13.55 47.61
N SER L 530 17.71 14.56 48.37
CA SER L 530 16.41 14.57 49.00
C SER L 530 15.31 14.81 47.98
N LEU L 531 14.10 14.35 48.32
CA LEU L 531 12.96 14.43 47.44
C LEU L 531 12.20 15.74 47.66
N THR L 532 11.80 16.38 46.56
CA THR L 532 11.08 17.65 46.65
C THR L 532 9.60 17.35 46.89
N VAL L 533 9.12 17.66 48.08
CA VAL L 533 7.76 17.34 48.51
C VAL L 533 6.98 18.64 48.62
N GLU L 534 5.75 18.64 48.09
CA GLU L 534 4.90 19.82 48.15
C GLU L 534 4.48 20.12 49.58
N ASP L 535 4.22 21.39 49.83
CA ASP L 535 3.83 21.83 51.16
C ASP L 535 2.48 21.24 51.56
N ALA L 536 2.33 20.95 52.85
CA ALA L 536 1.12 20.30 53.36
C ALA L 536 -0.10 21.22 53.39
N GLU L 537 0.07 22.51 53.13
CA GLU L 537 -1.09 23.40 53.05
C GLU L 537 -1.90 23.14 51.77
N VAL L 538 -1.21 22.92 50.65
CA VAL L 538 -1.92 22.67 49.38
C VAL L 538 -2.13 21.20 49.10
N ARG L 539 -1.53 20.30 49.88
CA ARG L 539 -1.72 18.87 49.65
C ARG L 539 -3.07 18.38 50.15
N ASN L 540 -3.57 18.94 51.26
CA ASN L 540 -4.78 18.45 51.88
C ASN L 540 -6.04 18.70 51.06
N LYS L 541 -5.95 19.51 50.02
CA LYS L 541 -7.13 19.90 49.26
C LYS L 541 -7.14 19.36 47.84
N SER L 542 -5.99 18.95 47.32
CA SER L 542 -5.85 18.58 45.93
C SER L 542 -5.43 17.13 45.81
N PHE L 543 -5.79 16.52 44.68
CA PHE L 543 -5.27 15.21 44.34
C PHE L 543 -4.04 15.31 43.46
N MET L 544 -3.26 16.38 43.61
CA MET L 544 -2.05 16.57 42.84
C MET L 544 -0.88 15.81 43.47
N GLN L 545 0.17 15.64 42.68
CA GLN L 545 1.30 14.81 43.08
C GLN L 545 2.04 15.44 44.25
N VAL L 546 2.36 14.60 45.25
CA VAL L 546 3.04 15.07 46.45
C VAL L 546 4.54 15.11 46.31
N ALA L 547 5.10 14.48 45.27
CA ALA L 547 6.53 14.45 45.07
C ALA L 547 6.84 14.59 43.59
N LYS L 548 8.06 15.00 43.30
CA LYS L 548 8.53 15.22 41.93
C LYS L 548 9.59 14.20 41.55
N THR L 549 9.63 13.87 40.27
CA THR L 549 10.64 12.97 39.74
C THR L 549 12.01 13.67 39.72
N PHE L 550 13.07 12.87 39.80
CA PHE L 550 14.42 13.39 39.76
C PHE L 550 14.69 14.11 38.45
N THR L 551 15.49 15.17 38.53
CA THR L 551 16.05 15.80 37.35
C THR L 551 17.30 15.05 36.93
N GLU L 552 17.90 15.43 35.80
CA GLU L 552 19.07 14.70 35.32
C GLU L 552 20.30 14.97 36.19
N GLU L 553 20.44 16.20 36.67
CA GLU L 553 21.56 16.51 37.57
C GLU L 553 21.43 15.75 38.89
N GLU L 554 20.23 15.70 39.45
CA GLU L 554 20.00 14.94 40.68
C GLU L 554 20.24 13.45 40.46
N ALA L 555 19.79 12.92 39.32
CA ALA L 555 19.96 11.50 39.04
C ALA L 555 21.43 11.14 38.88
N LEU L 556 22.20 11.96 38.16
CA LEU L 556 23.62 11.71 38.03
C LEU L 556 24.33 11.79 39.38
N ARG L 557 23.99 12.80 40.18
CA ARG L 557 24.62 12.97 41.48
C ARG L 557 24.32 11.80 42.41
N GLU L 558 23.11 11.26 42.34
CA GLU L 558 22.76 10.13 43.20
C GLU L 558 23.37 8.83 42.70
N SER L 559 23.43 8.63 41.39
CA SER L 559 23.94 7.38 40.85
C SER L 559 25.45 7.28 40.97
N LYS L 560 26.16 8.42 40.99
CA LYS L 560 27.60 8.39 41.13
C LYS L 560 28.08 8.05 42.53
N ARG L 561 27.17 7.67 43.44
CA ARG L 561 27.49 7.42 44.84
C ARG L 561 27.56 5.94 45.18
N CYS L 562 27.32 5.08 44.21
CA CYS L 562 27.27 3.64 44.44
C CYS L 562 28.66 3.10 44.76
N LEU L 563 28.69 2.05 45.59
CA LEU L 563 29.94 1.45 46.05
C LEU L 563 30.42 0.30 45.17
N GLU L 564 29.59 -0.17 44.23
CA GLU L 564 29.91 -1.28 43.33
C GLU L 564 30.28 -2.55 44.12
N CYS L 565 29.26 -3.07 44.80
CA CYS L 565 29.48 -4.20 45.71
C CYS L 565 29.67 -5.53 44.97
N GLY L 566 28.98 -5.73 43.86
CA GLY L 566 29.01 -7.02 43.19
C GLY L 566 30.25 -7.25 42.36
N CYS L 567 30.49 -8.51 42.03
CA CYS L 567 31.64 -8.92 41.25
C CYS L 567 31.47 -8.44 39.81
N ARG L 568 32.53 -7.82 39.26
CA ARG L 568 32.47 -7.37 37.88
C ARG L 568 32.57 -8.51 36.89
N ASP L 569 33.09 -9.66 37.32
CA ASP L 569 33.36 -10.79 36.46
C ASP L 569 32.20 -11.76 36.40
N TYR L 570 31.03 -11.39 36.92
CA TYR L 570 29.95 -12.36 37.09
C TYR L 570 29.48 -12.94 35.78
N PHE L 571 29.34 -12.10 34.76
CA PHE L 571 28.76 -12.56 33.50
C PHE L 571 29.74 -13.35 32.65
N GLU L 572 31.01 -13.43 33.05
CA GLU L 572 31.98 -14.24 32.35
C GLU L 572 32.73 -15.21 33.26
N CYS L 573 32.46 -15.21 34.57
CA CYS L 573 33.16 -16.11 35.48
C CYS L 573 32.75 -17.55 35.20
N GLN L 574 33.73 -18.44 35.21
CA GLN L 574 33.49 -19.85 34.97
C GLN L 574 33.34 -20.66 36.24
N LEU L 575 33.73 -20.12 37.39
CA LEU L 575 33.51 -20.86 38.64
C LEU L 575 32.04 -20.94 38.98
N ILE L 576 31.33 -19.81 38.92
CA ILE L 576 29.92 -19.80 39.28
C ILE L 576 29.10 -20.57 38.26
N LYS L 577 29.57 -20.63 37.01
CA LYS L 577 28.86 -21.41 36.00
C LYS L 577 28.81 -22.88 36.39
N TYR L 578 29.97 -23.46 36.75
CA TYR L 578 30.00 -24.86 37.14
C TYR L 578 29.38 -25.08 38.51
N ILE L 579 29.47 -24.10 39.41
CA ILE L 579 28.85 -24.21 40.72
C ILE L 579 27.34 -24.33 40.58
N GLN L 580 26.75 -23.51 39.72
CA GLN L 580 25.31 -23.59 39.48
C GLN L 580 24.92 -24.77 38.59
N ASP L 581 25.83 -25.21 37.71
CA ASP L 581 25.52 -26.36 36.86
C ASP L 581 25.47 -27.65 37.67
N TYR L 582 26.41 -27.83 38.59
CA TYR L 582 26.49 -29.04 39.38
C TYR L 582 25.79 -28.93 40.72
N ASP L 583 25.15 -27.79 40.98
CA ASP L 583 24.35 -27.55 42.18
C ASP L 583 25.14 -27.79 43.47
N VAL L 584 26.19 -26.98 43.61
CA VAL L 584 27.05 -27.01 44.78
C VAL L 584 26.61 -25.89 45.70
N SER L 585 26.44 -26.20 46.99
CA SER L 585 26.06 -25.18 47.95
C SER L 585 27.23 -24.22 48.18
N THR L 586 26.93 -22.94 48.15
CA THR L 586 27.92 -21.91 48.43
C THR L 586 27.88 -21.42 49.87
N GLU L 587 27.09 -22.06 50.72
CA GLU L 587 27.09 -21.73 52.14
C GLU L 587 28.42 -22.13 52.77
N LYS L 588 28.81 -21.39 53.80
CA LYS L 588 30.12 -21.59 54.42
C LYS L 588 29.99 -21.98 55.88
N ASP L 589 30.82 -22.93 56.29
CA ASP L 589 30.92 -23.35 57.68
C ASP L 589 31.99 -22.51 58.38
N SER L 590 31.68 -22.05 59.59
CA SER L 590 32.60 -21.18 60.31
C SER L 590 33.78 -21.93 60.90
N GLN L 591 33.70 -23.25 61.02
CA GLN L 591 34.77 -24.01 61.65
C GLN L 591 35.92 -24.34 60.71
N VAL L 592 35.76 -24.09 59.40
CA VAL L 592 36.85 -24.20 58.44
C VAL L 592 37.39 -22.81 58.18
N GLU L 593 38.61 -22.73 57.65
CA GLU L 593 39.23 -21.43 57.41
C GLU L 593 39.39 -21.15 55.92
N CYS L 594 39.03 -19.93 55.54
CA CYS L 594 39.33 -19.39 54.22
C CYS L 594 40.29 -18.23 54.42
N HIS L 595 41.32 -18.15 53.59
CA HIS L 595 42.29 -17.08 53.70
C HIS L 595 41.64 -15.75 53.32
N LYS L 596 41.74 -14.77 54.22
CA LYS L 596 41.31 -13.42 53.94
C LYS L 596 42.54 -12.54 53.77
N THR L 597 42.52 -11.67 52.77
CA THR L 597 43.66 -10.84 52.44
C THR L 597 43.37 -9.37 52.73
N THR L 598 44.46 -8.63 52.98
CA THR L 598 44.40 -7.19 53.16
C THR L 598 45.27 -6.55 52.08
N GLU L 599 45.04 -7.01 50.85
CA GLU L 599 45.87 -6.64 49.71
C GLU L 599 45.83 -5.14 49.43
N PHE L 600 46.98 -4.61 49.05
CA PHE L 600 47.12 -3.22 48.61
C PHE L 600 47.98 -3.24 47.35
N ASP L 601 47.32 -3.43 46.20
CA ASP L 601 47.98 -3.35 44.91
C ASP L 601 47.20 -2.34 44.09
N ASN L 602 47.59 -1.07 44.18
CA ASN L 602 46.94 -0.01 43.42
C ASN L 602 47.59 0.19 42.05
N HIS L 603 47.68 -0.89 41.28
CA HIS L 603 48.10 -0.76 39.90
C HIS L 603 47.03 -0.03 39.11
N PRO L 604 47.42 0.87 38.18
CA PRO L 604 46.42 1.61 37.42
C PRO L 604 45.60 0.76 36.45
N PHE L 605 46.04 -0.44 36.11
CA PHE L 605 45.36 -1.19 35.06
C PHE L 605 44.91 -2.58 35.49
N ILE L 606 45.69 -3.29 36.29
CA ILE L 606 45.45 -4.69 36.62
C ILE L 606 45.07 -4.78 38.09
N GLU L 607 43.95 -5.44 38.38
CA GLU L 607 43.52 -5.69 39.75
C GLU L 607 43.62 -7.18 40.05
N ARG L 608 44.30 -7.51 41.14
CA ARG L 608 44.51 -8.89 41.55
C ARG L 608 43.82 -9.12 42.89
N ASN L 609 43.00 -10.16 42.96
CA ASN L 609 42.30 -10.54 44.19
C ASN L 609 42.64 -11.98 44.52
N PRO L 610 43.53 -12.20 45.48
CA PRO L 610 43.86 -13.59 45.86
C PRO L 610 42.73 -14.33 46.55
N ASP L 611 41.69 -13.63 47.00
CA ASP L 611 40.56 -14.31 47.62
C ASP L 611 39.71 -15.07 46.61
N LYS L 612 39.76 -14.68 45.35
CA LYS L 612 38.97 -15.30 44.29
C LYS L 612 39.80 -16.19 43.39
N CYS L 613 40.99 -16.58 43.82
CA CYS L 613 41.91 -17.35 43.00
C CYS L 613 41.66 -18.84 43.19
N VAL L 614 41.53 -19.57 42.07
CA VAL L 614 41.41 -21.01 42.10
C VAL L 614 42.73 -21.71 41.81
N LEU L 615 43.82 -20.95 41.65
CA LEU L 615 45.17 -21.47 41.44
C LEU L 615 45.26 -22.40 40.24
N CYS L 616 44.61 -22.01 39.15
CA CYS L 616 44.75 -22.73 37.89
C CYS L 616 46.11 -22.50 37.24
N GLY L 617 46.80 -21.42 37.61
CA GLY L 617 48.13 -21.16 37.10
C GLY L 617 48.18 -20.66 35.68
N LEU L 618 47.05 -20.26 35.10
CA LEU L 618 47.05 -19.80 33.71
C LEU L 618 47.79 -18.48 33.57
N CYS L 619 47.68 -17.61 34.57
CA CYS L 619 48.30 -16.29 34.48
C CYS L 619 49.82 -16.39 34.48
N VAL L 620 50.38 -17.20 35.39
CA VAL L 620 51.83 -17.33 35.45
C VAL L 620 52.35 -18.06 34.22
N ARG L 621 51.60 -19.05 33.73
CA ARG L 621 51.99 -19.78 32.54
C ARG L 621 52.02 -18.88 31.31
N VAL L 622 51.02 -17.99 31.18
CA VAL L 622 51.00 -17.08 30.03
C VAL L 622 52.09 -16.02 30.17
N CYS L 623 52.26 -15.45 31.36
CA CYS L 623 53.28 -14.42 31.53
C CYS L 623 54.69 -14.98 31.40
N ASP L 624 54.88 -16.27 31.61
CA ASP L 624 56.20 -16.88 31.47
C ASP L 624 56.43 -17.34 30.03
N GLU L 625 55.49 -18.10 29.47
CA GLU L 625 55.70 -18.76 28.19
C GLU L 625 55.37 -17.90 26.98
N VAL L 626 54.43 -16.97 27.10
CA VAL L 626 53.99 -16.16 25.97
C VAL L 626 54.60 -14.77 26.02
N VAL L 627 54.31 -14.01 27.07
CA VAL L 627 54.83 -12.66 27.16
C VAL L 627 56.33 -12.66 27.41
N GLY L 628 56.78 -13.51 28.33
CA GLY L 628 58.20 -13.57 28.65
C GLY L 628 58.66 -12.54 29.65
N ALA L 629 57.75 -11.72 30.18
CA ALA L 629 58.12 -10.76 31.21
C ALA L 629 58.46 -11.46 32.53
N THR L 630 57.68 -12.51 32.86
CA THR L 630 57.77 -13.22 34.13
C THR L 630 57.71 -12.24 35.29
N ALA L 631 56.63 -11.45 35.31
CA ALA L 631 56.44 -10.46 36.35
C ALA L 631 55.70 -11.00 37.56
N ILE L 632 55.11 -12.18 37.46
CA ILE L 632 54.38 -12.79 38.57
C ILE L 632 54.85 -14.23 38.71
N GLY L 633 54.63 -14.79 39.89
CA GLY L 633 55.01 -16.16 40.13
C GLY L 633 54.35 -16.69 41.37
N LEU L 634 54.51 -18.00 41.56
CA LEU L 634 53.97 -18.69 42.72
C LEU L 634 54.89 -18.56 43.91
N VAL L 635 54.29 -18.46 45.09
CA VAL L 635 54.99 -18.34 46.35
C VAL L 635 54.30 -19.27 47.35
N GLY L 636 55.05 -20.24 47.87
CA GLY L 636 54.58 -21.06 48.96
C GLY L 636 54.28 -22.49 48.53
N ARG L 637 53.55 -23.18 49.39
CA ARG L 637 53.19 -24.58 49.24
C ARG L 637 51.83 -24.84 49.86
N GLY L 638 51.10 -25.80 49.31
CA GLY L 638 49.86 -26.24 49.92
C GLY L 638 48.80 -25.15 49.97
N PHE L 639 48.19 -24.99 51.14
CA PHE L 639 47.26 -23.87 51.35
C PHE L 639 47.93 -22.51 51.21
N ASP L 640 49.22 -22.41 51.53
CA ASP L 640 49.86 -21.10 51.51
C ASP L 640 50.30 -20.66 50.12
N SER L 641 50.01 -21.45 49.08
CA SER L 641 50.36 -21.09 47.72
C SER L 641 49.58 -19.86 47.29
N VAL L 642 50.29 -18.81 46.88
CA VAL L 642 49.67 -17.59 46.43
C VAL L 642 50.50 -17.05 45.26
N ILE L 643 49.81 -16.43 44.30
CA ILE L 643 50.48 -15.88 43.12
C ILE L 643 50.67 -14.38 43.35
N MET L 644 51.90 -13.91 43.16
CA MET L 644 52.22 -12.54 43.50
C MET L 644 53.43 -12.11 42.70
N PRO L 645 53.68 -10.78 42.58
CA PRO L 645 54.81 -10.31 41.75
C PRO L 645 56.19 -10.69 42.26
N GLU L 646 57.22 -10.23 41.56
CA GLU L 646 58.59 -10.56 41.93
C GLU L 646 58.94 -9.95 43.28
N PHE L 647 59.43 -10.80 44.19
CA PHE L 647 59.91 -10.42 45.52
C PHE L 647 58.83 -9.74 46.35
N LYS L 648 57.56 -10.07 46.09
CA LYS L 648 56.39 -9.47 46.72
C LYS L 648 56.33 -7.95 46.55
N LEU L 649 56.99 -7.42 45.52
CA LEU L 649 56.94 -6.01 45.20
C LEU L 649 55.60 -5.66 44.58
N PRO L 650 55.24 -4.37 44.52
CA PRO L 650 54.08 -3.98 43.73
C PRO L 650 54.29 -4.29 42.25
N LEU L 651 53.19 -4.47 41.53
CA LEU L 651 53.27 -4.77 40.11
C LEU L 651 53.82 -3.60 39.29
N SER L 652 53.82 -2.39 39.84
CA SER L 652 54.40 -1.26 39.13
C SER L 652 55.91 -1.17 39.30
N GLU L 653 56.49 -1.92 40.22
CA GLU L 653 57.92 -1.89 40.46
C GLU L 653 58.65 -3.06 39.80
N THR L 654 57.97 -3.79 38.94
CA THR L 654 58.53 -4.99 38.31
C THR L 654 58.48 -4.84 36.80
N ALA L 655 58.76 -5.95 36.10
CA ALA L 655 58.93 -5.99 34.65
C ALA L 655 57.62 -6.12 33.89
N CYS L 656 56.50 -5.75 34.48
CA CYS L 656 55.20 -5.89 33.83
C CYS L 656 55.08 -4.96 32.62
N ILE L 657 54.45 -5.49 31.56
CA ILE L 657 54.19 -4.74 30.34
C ILE L 657 52.81 -4.08 30.37
N SER L 658 51.94 -4.47 31.31
CA SER L 658 50.53 -4.09 31.37
C SER L 658 49.81 -4.50 30.10
N CYS L 659 50.16 -5.67 29.57
CA CYS L 659 49.51 -6.19 28.37
C CYS L 659 48.09 -6.65 28.67
N GLY L 660 47.88 -7.27 29.82
CA GLY L 660 46.58 -7.76 30.19
C GLY L 660 46.27 -9.17 29.75
N GLN L 661 47.29 -9.97 29.41
CA GLN L 661 47.02 -11.36 29.02
C GLN L 661 46.64 -12.21 30.22
N CYS L 662 47.19 -11.89 31.40
CA CYS L 662 46.78 -12.58 32.62
C CYS L 662 45.31 -12.32 32.93
N VAL L 663 44.83 -11.12 32.64
CA VAL L 663 43.42 -10.82 32.77
C VAL L 663 42.60 -11.64 31.79
N ASP L 664 43.10 -11.78 30.56
CA ASP L 664 42.32 -12.41 29.51
C ASP L 664 42.21 -13.92 29.68
N VAL L 665 43.18 -14.56 30.33
CA VAL L 665 43.09 -16.01 30.51
C VAL L 665 42.47 -16.43 31.84
N CYS L 666 42.18 -15.50 32.74
CA CYS L 666 41.67 -15.85 34.07
C CYS L 666 40.22 -16.33 33.97
N PRO L 667 39.87 -17.47 34.58
CA PRO L 667 38.47 -17.92 34.56
C PRO L 667 37.58 -17.31 35.63
N THR L 668 38.14 -16.66 36.64
CA THR L 668 37.38 -16.08 37.74
C THR L 668 37.68 -14.58 37.84
N GLY L 669 37.26 -13.97 38.94
CA GLY L 669 37.47 -12.56 39.13
C GLY L 669 38.75 -12.22 39.89
N ALA L 670 39.68 -13.17 39.96
CA ALA L 670 40.94 -12.91 40.63
C ALA L 670 41.78 -11.88 39.88
N CYS L 671 41.82 -11.95 38.55
CA CYS L 671 42.44 -10.92 37.73
C CYS L 671 41.35 -10.20 36.95
N MET L 672 41.28 -8.89 37.11
CA MET L 672 40.42 -8.08 36.27
C MET L 672 41.19 -6.88 35.76
N GLU L 673 40.72 -6.33 34.65
CA GLU L 673 41.31 -5.11 34.12
C GLU L 673 40.58 -3.90 34.67
N LYS L 674 41.25 -2.75 34.62
CA LYS L 674 40.67 -1.55 35.17
C LYS L 674 39.60 -1.00 34.22
N GLN L 675 38.88 0.00 34.73
CA GLN L 675 37.71 0.53 34.06
C GLN L 675 38.10 1.58 33.03
N VAL L 676 37.59 1.43 31.81
CA VAL L 676 37.82 2.44 30.77
C VAL L 676 36.74 3.52 30.83
N SER L 677 35.52 3.15 31.20
CA SER L 677 34.39 4.07 31.26
C SER L 677 34.48 4.96 32.51
N TYR L 678 33.43 5.77 32.72
CA TYR L 678 33.40 6.66 33.87
C TYR L 678 33.19 5.89 35.17
N LYS L 679 32.36 4.85 35.16
CA LYS L 679 32.17 3.99 36.32
C LYS L 679 31.82 2.60 35.78
N GLN L 680 32.76 1.67 35.81
CA GLN L 680 32.44 0.37 35.21
C GLN L 680 31.56 -0.46 36.13
N ILE L 681 30.95 -1.47 35.50
CA ILE L 681 29.86 -2.23 36.08
C ILE L 681 29.90 -3.63 35.53
N PRO L 682 29.35 -4.59 36.26
CA PRO L 682 29.09 -5.90 35.66
C PRO L 682 27.90 -5.85 34.73
N ALA L 683 28.11 -6.08 33.44
CA ALA L 683 27.02 -6.09 32.49
C ALA L 683 27.37 -7.00 31.33
N ASN L 684 26.34 -7.44 30.62
CA ASN L 684 26.50 -8.16 29.36
C ASN L 684 26.70 -7.12 28.27
N MET L 685 27.95 -6.90 27.88
CA MET L 685 28.26 -5.87 26.91
C MET L 685 28.02 -6.39 25.50
N ASP L 686 27.65 -5.48 24.60
CA ASP L 686 27.62 -5.81 23.18
C ASP L 686 29.03 -5.78 22.62
N SER L 687 29.31 -6.66 21.67
CA SER L 687 30.66 -6.86 21.16
C SER L 687 30.68 -6.63 19.64
N MET L 688 31.67 -5.87 19.19
CA MET L 688 31.89 -5.60 17.77
C MET L 688 33.33 -5.90 17.42
N ALA L 689 33.54 -6.62 16.31
CA ALA L 689 34.88 -7.02 15.91
C ALA L 689 35.53 -5.95 15.04
N SER L 690 36.72 -5.53 15.43
CA SER L 690 37.46 -4.49 14.71
C SER L 690 38.94 -4.86 14.76
N VAL L 691 39.81 -3.92 14.36
CA VAL L 691 41.24 -4.13 14.45
C VAL L 691 41.87 -2.98 15.21
N CYS L 692 43.01 -3.25 15.82
CA CYS L 692 43.67 -2.25 16.65
C CYS L 692 44.21 -1.11 15.80
N GLY L 693 44.14 0.10 16.33
CA GLY L 693 44.54 1.27 15.59
C GLY L 693 45.78 1.96 16.10
N TYR L 694 46.81 1.18 16.45
CA TYR L 694 48.03 1.74 17.00
C TYR L 694 49.29 1.25 16.30
N CYS L 695 49.32 -0.02 15.91
CA CYS L 695 50.52 -0.66 15.39
C CYS L 695 50.27 -1.16 13.98
N GLY L 696 51.36 -1.43 13.27
CA GLY L 696 51.24 -2.08 11.98
C GLY L 696 51.01 -3.56 12.05
N VAL L 697 51.08 -4.16 13.25
CA VAL L 697 50.79 -5.58 13.41
C VAL L 697 49.32 -5.87 13.16
N GLY L 698 48.44 -4.96 13.52
CA GLY L 698 47.03 -5.09 13.17
C GLY L 698 46.32 -6.21 13.88
N CYS L 699 46.42 -6.24 15.20
CA CYS L 699 45.73 -7.26 15.99
C CYS L 699 44.23 -7.05 15.95
N ASN L 700 43.49 -8.15 15.90
CA ASN L 700 42.04 -8.11 15.89
C ASN L 700 41.50 -8.01 17.31
N VAL L 701 40.48 -7.16 17.49
CA VAL L 701 39.93 -6.86 18.79
C VAL L 701 38.42 -7.04 18.75
N ASN L 702 37.85 -7.24 19.95
CA ASN L 702 36.41 -7.19 20.19
C ASN L 702 36.18 -6.01 21.12
N ILE L 703 35.50 -4.98 20.62
CA ILE L 703 35.13 -3.83 21.42
C ILE L 703 33.83 -4.15 22.12
N GLU L 704 33.84 -4.06 23.45
CA GLU L 704 32.66 -4.35 24.27
C GLU L 704 32.14 -3.05 24.85
N TYR L 705 30.90 -2.72 24.51
CA TYR L 705 30.30 -1.42 24.75
C TYR L 705 28.88 -1.61 25.27
N LYS L 706 28.27 -0.52 25.69
CA LYS L 706 26.88 -0.52 26.16
C LYS L 706 26.30 0.85 25.82
N GLY L 707 25.63 0.93 24.70
CA GLY L 707 25.05 2.19 24.25
C GLY L 707 26.05 3.02 23.45
N ASP L 708 26.55 4.10 24.07
CA ASP L 708 27.54 4.96 23.45
C ASP L 708 28.80 5.08 24.30
N VAL L 709 29.07 4.09 25.14
CA VAL L 709 30.25 4.10 26.01
C VAL L 709 31.01 2.79 25.78
N VAL L 710 32.29 2.91 25.44
CA VAL L 710 33.15 1.75 25.25
C VAL L 710 33.69 1.33 26.62
N PHE L 711 33.43 0.09 27.00
CA PHE L 711 33.78 -0.38 28.33
C PHE L 711 35.07 -1.18 28.36
N ARG L 712 35.26 -2.10 27.42
CA ARG L 712 36.52 -2.84 27.40
C ARG L 712 36.82 -3.31 25.98
N VAL L 713 38.04 -3.82 25.83
CA VAL L 713 38.51 -4.41 24.57
C VAL L 713 39.13 -5.75 24.89
N THR L 714 38.72 -6.78 24.17
CA THR L 714 39.22 -8.13 24.40
C THR L 714 39.84 -8.69 23.12
N PRO L 715 40.78 -9.62 23.22
CA PRO L 715 41.36 -10.19 22.01
C PRO L 715 40.37 -11.07 21.26
N ASP L 716 40.65 -11.25 19.97
CA ASP L 716 39.82 -12.06 19.08
C ASP L 716 40.48 -13.43 18.93
N ARG L 717 40.05 -14.38 19.78
CA ARG L 717 40.69 -15.70 19.81
C ARG L 717 40.19 -16.64 18.73
N VAL L 718 39.18 -16.23 17.95
CA VAL L 718 38.62 -17.10 16.92
C VAL L 718 39.28 -16.84 15.58
N ASN L 719 39.43 -15.56 15.21
CA ASN L 719 39.97 -15.21 13.90
C ASN L 719 41.48 -14.98 13.90
N ASP L 720 42.10 -14.80 15.07
CA ASP L 720 43.54 -14.61 15.14
C ASP L 720 44.09 -15.39 16.33
N ASP L 721 45.32 -15.06 16.71
CA ASP L 721 45.97 -15.76 17.82
C ASP L 721 45.36 -15.41 19.16
N GLY L 722 44.75 -14.24 19.27
CA GLY L 722 44.12 -13.85 20.51
C GLY L 722 45.05 -13.18 21.50
N TRP L 723 46.09 -12.49 21.03
CA TRP L 723 46.97 -11.73 21.89
C TRP L 723 46.77 -10.25 21.65
N LEU L 724 47.12 -9.45 22.66
CA LEU L 724 47.08 -8.00 22.56
C LEU L 724 48.23 -7.44 23.37
N CYS L 725 48.36 -6.12 23.33
CA CYS L 725 49.31 -5.41 24.16
C CYS L 725 48.60 -4.27 24.85
N GLN L 726 49.37 -3.43 25.53
CA GLN L 726 48.77 -2.39 26.36
C GLN L 726 48.01 -1.37 25.54
N ARG L 727 48.55 -0.98 24.38
CA ARG L 727 47.89 0.01 23.55
C ARG L 727 46.63 -0.53 22.91
N GLY L 728 46.57 -1.84 22.67
CA GLY L 728 45.35 -2.42 22.12
C GLY L 728 44.34 -2.79 23.17
N LYS L 729 44.81 -3.22 24.35
CA LYS L 729 43.91 -3.57 25.44
C LYS L 729 43.26 -2.33 26.05
N PHE L 730 44.06 -1.31 26.36
CA PHE L 730 43.59 -0.17 27.14
C PHE L 730 43.57 1.14 26.36
N GLY L 731 43.84 1.11 25.07
CA GLY L 731 44.03 2.35 24.34
C GLY L 731 42.79 2.97 23.74
N LEU L 732 41.61 2.44 24.00
CA LEU L 732 40.38 2.96 23.42
C LEU L 732 39.56 3.79 24.41
N GLY L 733 40.20 4.31 25.45
CA GLY L 733 39.53 5.22 26.36
C GLY L 733 39.31 6.61 25.81
N HIS L 734 40.08 6.99 24.79
CA HIS L 734 39.90 8.31 24.18
C HIS L 734 38.54 8.43 23.47
N ALA L 735 37.88 7.32 23.21
CA ALA L 735 36.51 7.38 22.69
C ALA L 735 35.55 7.94 23.73
N ASN L 736 35.85 7.76 25.02
CA ASN L 736 34.99 8.23 26.09
C ASN L 736 35.44 9.57 26.64
N ASP L 737 36.40 10.23 25.99
CA ASP L 737 36.91 11.49 26.48
C ASP L 737 35.87 12.58 26.36
N LYS L 738 35.76 13.41 27.40
CA LYS L 738 34.85 14.55 27.37
C LYS L 738 35.48 15.79 26.75
N ALA L 739 36.77 15.75 26.44
CA ALA L 739 37.48 16.87 25.82
C ALA L 739 37.46 16.81 24.30
N ARG L 740 36.76 15.84 23.71
CA ARG L 740 36.67 15.75 22.26
C ARG L 740 35.83 16.90 21.72
N LEU L 741 36.19 17.36 20.53
CA LEU L 741 35.43 18.40 19.86
C LEU L 741 34.11 17.86 19.34
N THR L 742 33.14 18.75 19.18
CA THR L 742 31.82 18.39 18.72
C THR L 742 31.41 19.10 17.44
N ALA L 743 31.74 20.37 17.29
CA ALA L 743 31.34 21.15 16.14
C ALA L 743 32.55 21.89 15.57
N PRO L 744 32.56 22.17 14.27
CA PRO L 744 33.66 22.95 13.70
C PRO L 744 33.67 24.38 14.21
N VAL L 745 34.87 24.94 14.30
CA VAL L 745 35.08 26.28 14.84
C VAL L 745 35.91 27.08 13.85
N ILE L 746 35.55 28.35 13.68
CA ILE L 746 36.23 29.25 12.75
C ILE L 746 36.79 30.41 13.57
N LYS L 747 38.02 30.79 13.28
CA LYS L 747 38.68 31.86 14.02
C LYS L 747 38.30 33.22 13.44
N ARG L 748 37.51 33.97 14.19
CA ARG L 748 37.15 35.34 13.83
C ARG L 748 37.55 36.26 14.97
N ASN L 749 38.27 37.34 14.64
CA ASN L 749 38.78 38.31 15.60
C ASN L 749 39.62 37.66 16.69
N GLY L 750 40.32 36.57 16.37
CA GLY L 750 41.10 35.87 17.36
C GLY L 750 40.31 35.02 18.33
N GLN L 751 39.05 34.72 18.04
CA GLN L 751 38.27 33.82 18.87
C GLN L 751 37.66 32.73 18.00
N PHE L 752 37.69 31.50 18.49
CA PHE L 752 37.02 30.40 17.82
C PHE L 752 35.53 30.48 18.07
N VAL L 753 34.73 30.55 17.00
CA VAL L 753 33.28 30.57 17.10
C VAL L 753 32.73 29.35 16.39
N LYS L 754 31.74 28.70 17.00
CA LYS L 754 31.13 27.52 16.41
C LYS L 754 30.35 27.88 15.15
N VAL L 755 30.35 26.96 14.19
CA VAL L 755 29.62 27.13 12.94
C VAL L 755 28.90 25.83 12.61
N ASP L 756 28.06 25.89 11.58
CA ASP L 756 27.41 24.72 11.04
C ASP L 756 28.37 23.96 10.12
N TRP L 757 27.95 22.77 9.69
CA TRP L 757 28.76 21.99 8.78
C TRP L 757 28.83 22.61 7.39
N ASN L 758 27.71 23.19 6.94
CA ASN L 758 27.70 23.85 5.62
C ASN L 758 28.60 25.07 5.60
N GLU L 759 28.56 25.89 6.66
CA GLU L 759 29.39 27.07 6.73
C GLU L 759 30.87 26.70 6.79
N ALA L 760 31.20 25.65 7.55
CA ALA L 760 32.59 25.18 7.61
C ALA L 760 33.06 24.65 6.25
N ASN L 761 32.21 23.88 5.57
CA ASN L 761 32.57 23.36 4.26
C ASN L 761 32.84 24.49 3.27
N LEU L 762 31.93 25.48 3.23
CA LEU L 762 32.09 26.61 2.33
C LEU L 762 33.36 27.39 2.66
N GLU L 763 33.64 27.57 3.96
CA GLU L 763 34.81 28.34 4.36
C GLU L 763 36.10 27.67 3.92
N VAL L 764 36.22 26.36 4.15
CA VAL L 764 37.48 25.69 3.80
C VAL L 764 37.67 25.64 2.29
N VAL L 765 36.59 25.37 1.53
CA VAL L 765 36.69 25.31 0.08
C VAL L 765 37.09 26.67 -0.49
N LYS L 766 36.43 27.74 -0.02
CA LYS L 766 36.72 29.07 -0.55
C LYS L 766 38.10 29.55 -0.17
N ARG L 767 38.59 29.20 1.03
CA ARG L 767 39.92 29.65 1.42
C ARG L 767 41.01 28.93 0.64
N LEU L 768 40.82 27.63 0.38
CA LEU L 768 41.76 26.92 -0.49
C LEU L 768 41.76 27.50 -1.90
N GLN L 769 40.57 27.86 -2.41
CA GLN L 769 40.50 28.50 -3.72
C GLN L 769 41.21 29.85 -3.73
N ALA L 770 41.10 30.61 -2.64
CA ALA L 770 41.80 31.89 -2.55
C ALA L 770 43.31 31.70 -2.58
N VAL L 771 43.82 30.70 -1.85
CA VAL L 771 45.26 30.43 -1.87
C VAL L 771 45.72 30.05 -3.27
N VAL L 772 44.96 29.19 -3.95
CA VAL L 772 45.35 28.78 -5.30
C VAL L 772 45.32 29.96 -6.26
N ALA L 773 44.29 30.80 -6.17
CA ALA L 773 44.18 31.95 -7.07
C ALA L 773 45.31 32.94 -6.85
N ALA L 774 45.69 33.19 -5.60
CA ALA L 774 46.74 34.17 -5.35
C ALA L 774 48.13 33.62 -5.71
N TYR L 775 48.40 32.34 -5.42
CA TYR L 775 49.76 31.84 -5.50
C TYR L 775 49.98 30.71 -6.50
N GLY L 776 48.93 30.24 -7.17
CA GLY L 776 49.14 29.29 -8.24
C GLY L 776 49.32 27.84 -7.78
N LYS L 777 49.94 27.07 -8.67
CA LYS L 777 50.08 25.63 -8.50
C LYS L 777 51.06 25.29 -7.37
N ASP L 778 50.77 24.18 -6.68
CA ASP L 778 51.64 23.58 -5.65
C ASP L 778 51.88 24.52 -4.48
N SER L 779 50.89 25.34 -4.14
CA SER L 779 50.98 26.21 -2.97
C SER L 779 50.27 25.66 -1.76
N ILE L 780 49.75 24.43 -1.84
CA ILE L 780 49.01 23.80 -0.75
C ILE L 780 49.65 22.45 -0.46
N GLY L 781 49.90 22.17 0.81
CA GLY L 781 50.41 20.86 1.23
C GLY L 781 49.34 20.13 2.03
N VAL L 782 49.19 18.84 1.75
CA VAL L 782 48.24 17.99 2.44
C VAL L 782 49.02 17.02 3.29
N VAL L 783 49.00 17.22 4.60
CA VAL L 783 49.70 16.38 5.56
C VAL L 783 48.67 15.53 6.28
N VAL L 784 48.73 14.22 6.10
CA VAL L 784 47.75 13.32 6.70
C VAL L 784 48.42 12.51 7.79
N SER L 785 47.60 11.80 8.56
CA SER L 785 48.03 10.83 9.53
C SER L 785 47.80 9.43 9.01
N PRO L 786 48.76 8.51 9.20
CA PRO L 786 48.57 7.13 8.76
C PRO L 786 47.62 6.31 9.62
N ARG L 787 46.81 6.95 10.48
CA ARG L 787 45.82 6.22 11.25
C ARG L 787 44.46 6.14 10.57
N LEU L 788 44.26 6.84 9.46
CA LEU L 788 42.97 6.85 8.78
C LEU L 788 42.82 5.60 7.92
N THR L 789 41.58 5.31 7.55
CA THR L 789 41.31 4.15 6.73
C THR L 789 41.69 4.42 5.28
N ASN L 790 41.62 3.37 4.45
CA ASN L 790 42.05 3.49 3.06
C ASN L 790 41.14 4.41 2.26
N GLU L 791 39.84 4.40 2.58
CA GLU L 791 38.91 5.26 1.86
C GLU L 791 39.12 6.73 2.22
N GLU L 792 39.39 7.01 3.49
CA GLU L 792 39.74 8.36 3.90
C GLU L 792 40.99 8.86 3.20
N LEU L 793 42.01 8.00 3.09
CA LEU L 793 43.25 8.40 2.42
C LEU L 793 43.05 8.58 0.93
N PHE L 794 42.21 7.74 0.32
CA PHE L 794 41.89 7.92 -1.09
C PHE L 794 41.17 9.25 -1.34
N LEU L 795 40.22 9.59 -0.47
CA LEU L 795 39.51 10.86 -0.64
C LEU L 795 40.42 12.05 -0.35
N ALA L 796 41.37 11.90 0.58
CA ALA L 796 42.35 12.96 0.79
C ALA L 796 43.25 13.16 -0.42
N GLY L 797 43.63 12.06 -1.08
CA GLY L 797 44.39 12.18 -2.31
C GLY L 797 43.59 12.84 -3.42
N LYS L 798 42.30 12.51 -3.51
CA LYS L 798 41.44 13.17 -4.50
C LYS L 798 41.31 14.65 -4.21
N LEU L 799 41.20 15.02 -2.93
CA LEU L 799 41.12 16.43 -2.56
C LEU L 799 42.42 17.16 -2.88
N ALA L 800 43.56 16.50 -2.70
CA ALA L 800 44.84 17.09 -3.11
C ALA L 800 44.87 17.29 -4.62
N ASP L 801 44.33 16.34 -5.38
CA ASP L 801 44.29 16.51 -6.83
C ASP L 801 43.36 17.65 -7.24
N ALA L 802 42.26 17.85 -6.51
CA ALA L 802 41.26 18.84 -6.92
C ALA L 802 41.72 20.28 -6.69
N VAL L 803 42.57 20.51 -5.70
CA VAL L 803 43.07 21.86 -5.43
C VAL L 803 44.42 22.11 -6.10
N ASN L 804 44.80 21.26 -7.06
CA ASN L 804 45.99 21.44 -7.90
C ASN L 804 47.28 21.51 -7.07
N THR L 805 47.58 20.40 -6.40
CA THR L 805 48.83 20.28 -5.68
C THR L 805 49.34 18.86 -5.77
N THR L 806 50.66 18.71 -5.67
CA THR L 806 51.30 17.41 -5.65
C THR L 806 51.99 17.11 -4.32
N ILE L 807 51.93 18.04 -3.37
CA ILE L 807 52.57 17.87 -2.07
C ILE L 807 51.56 17.18 -1.17
N LYS L 808 51.55 15.86 -1.20
CA LYS L 808 50.80 15.04 -0.26
C LYS L 808 51.81 14.21 0.53
N THR L 809 51.73 14.31 1.85
CA THR L 809 52.79 13.75 2.69
C THR L 809 52.23 13.45 4.08
N SER L 810 53.13 13.03 4.96
CA SER L 810 52.81 12.70 6.34
C SER L 810 54.09 12.78 7.15
N TYR L 811 53.97 13.24 8.39
CA TYR L 811 55.16 13.34 9.24
C TYR L 811 55.58 11.97 9.76
N SER L 812 54.64 11.03 9.87
CA SER L 812 54.95 9.70 10.38
C SER L 812 55.55 8.80 9.31
N VAL L 813 55.03 8.85 8.07
CA VAL L 813 55.61 8.04 7.01
C VAL L 813 56.99 8.56 6.64
N ASP L 814 57.11 9.88 6.46
CA ASP L 814 58.34 10.60 6.13
C ASP L 814 59.16 9.94 5.02
N GLY L 815 58.52 9.62 3.90
CA GLY L 815 59.22 9.24 2.70
C GLY L 815 59.38 7.75 2.47
N GLY L 816 58.82 6.91 3.31
CA GLY L 816 58.95 5.47 3.13
C GLY L 816 60.23 4.92 3.71
N SER L 817 60.37 3.59 3.59
CA SER L 817 61.49 2.87 4.17
C SER L 817 62.65 2.69 3.20
N GLY L 818 62.52 3.13 1.95
CA GLY L 818 63.60 3.00 1.00
C GLY L 818 63.74 1.65 0.35
N LEU L 819 62.87 0.70 0.69
CA LEU L 819 62.88 -0.62 0.06
C LEU L 819 62.29 -0.58 -1.33
N GLY L 820 61.47 0.44 -1.62
CA GLY L 820 60.87 0.55 -2.94
C GLY L 820 61.86 0.87 -4.04
N SER L 821 62.89 1.66 -3.73
CA SER L 821 63.92 1.96 -4.72
C SER L 821 64.74 0.73 -5.09
N VAL L 822 64.88 -0.21 -4.17
CA VAL L 822 65.67 -1.41 -4.42
C VAL L 822 64.85 -2.51 -5.07
N LEU L 823 63.68 -2.81 -4.52
CA LEU L 823 62.91 -3.96 -5.01
C LEU L 823 61.72 -3.59 -5.88
N GLY L 824 61.15 -2.39 -5.71
CA GLY L 824 60.03 -1.94 -6.51
C GLY L 824 58.81 -1.56 -5.68
N TYR L 825 58.48 -2.35 -4.67
CA TYR L 825 57.36 -2.07 -3.78
C TYR L 825 57.90 -1.79 -2.38
N ASP L 826 57.40 -0.73 -1.76
CA ASP L 826 57.76 -0.42 -0.37
C ASP L 826 56.84 -1.20 0.57
N ALA L 827 57.09 -2.50 0.62
CA ALA L 827 56.28 -3.39 1.44
C ALA L 827 57.11 -4.61 1.79
N SER L 828 56.65 -5.34 2.80
CA SER L 828 57.29 -6.59 3.17
C SER L 828 57.00 -7.66 2.13
N THR L 829 57.99 -8.50 1.87
CA THR L 829 57.88 -9.51 0.83
C THR L 829 57.23 -10.80 1.30
N ASN L 830 56.91 -10.92 2.58
CA ASN L 830 56.28 -12.11 3.11
C ASN L 830 55.31 -11.73 4.22
N SER L 831 54.43 -12.67 4.55
CA SER L 831 53.38 -12.44 5.52
C SER L 831 53.81 -12.88 6.91
N PHE L 832 53.03 -12.47 7.91
CA PHE L 832 53.26 -12.93 9.27
C PHE L 832 52.98 -14.42 9.41
N ALA L 833 52.06 -14.96 8.61
CA ALA L 833 51.68 -16.36 8.67
C ALA L 833 52.82 -17.30 8.29
N GLU L 834 53.87 -16.77 7.69
CA GLU L 834 55.04 -17.57 7.32
C GLU L 834 56.13 -17.50 8.38
N LEU L 835 55.89 -16.87 9.52
CA LEU L 835 56.90 -16.83 10.58
C LEU L 835 57.07 -18.15 11.30
N ASP L 836 56.09 -19.06 11.18
CA ASP L 836 56.17 -20.33 11.90
C ASP L 836 57.00 -21.38 11.17
N ASN L 837 57.27 -21.19 9.88
CA ASN L 837 57.99 -22.18 9.09
C ASN L 837 59.43 -21.80 8.79
N SER L 838 59.87 -20.62 9.23
CA SER L 838 61.29 -20.28 9.08
C SER L 838 62.12 -21.08 10.07
N ASP L 839 63.39 -21.28 9.72
CA ASP L 839 64.33 -21.87 10.65
C ASP L 839 65.36 -20.86 11.17
N PHE L 840 65.19 -19.59 10.81
CA PHE L 840 66.07 -18.54 11.32
C PHE L 840 65.34 -17.22 11.17
N VAL L 841 65.30 -16.44 12.25
CA VAL L 841 64.72 -15.10 12.25
C VAL L 841 65.79 -14.15 12.76
N LEU L 842 66.12 -13.15 11.94
CA LEU L 842 67.07 -12.10 12.31
C LEU L 842 66.28 -10.84 12.59
N THR L 843 66.37 -10.36 13.83
CA THR L 843 65.60 -9.22 14.28
C THR L 843 66.46 -7.96 14.25
N LEU L 844 66.00 -6.94 13.55
CA LEU L 844 66.68 -5.65 13.48
C LEU L 844 65.78 -4.60 14.11
N GLY L 845 66.33 -3.88 15.10
CA GLY L 845 65.55 -2.91 15.83
C GLY L 845 64.90 -3.50 17.07
N LYS L 846 64.08 -2.66 17.72
CA LYS L 846 63.41 -3.03 18.96
C LYS L 846 61.99 -3.48 18.63
N VAL L 847 61.87 -4.72 18.15
CA VAL L 847 60.57 -5.29 17.84
C VAL L 847 59.81 -5.60 19.13
N LYS L 848 60.52 -6.03 20.17
CA LYS L 848 59.86 -6.42 21.42
C LYS L 848 59.18 -5.24 22.09
N GLU L 849 59.84 -4.08 22.12
CA GLU L 849 59.29 -2.94 22.84
C GLU L 849 58.21 -2.21 22.05
N ASN L 850 58.29 -2.20 20.73
CA ASN L 850 57.38 -1.43 19.89
C ASN L 850 56.19 -2.23 19.40
N HIS L 851 56.42 -3.46 18.94
CA HIS L 851 55.37 -4.33 18.44
C HIS L 851 55.45 -5.63 19.22
N PRO L 852 54.96 -5.64 20.47
CA PRO L 852 55.23 -6.80 21.33
C PRO L 852 54.45 -8.06 20.98
N VAL L 853 53.29 -7.93 20.32
CA VAL L 853 52.56 -9.14 19.93
C VAL L 853 53.34 -9.91 18.87
N LEU L 854 54.11 -9.21 18.04
CA LEU L 854 55.00 -9.89 17.10
C LEU L 854 56.03 -10.72 17.84
N ASP L 855 56.57 -10.18 18.94
CA ASP L 855 57.49 -10.97 19.76
C ASP L 855 56.78 -12.14 20.45
N PHE L 856 55.51 -11.97 20.84
CA PHE L 856 54.76 -13.09 21.39
C PHE L 856 54.68 -14.22 20.38
N LYS L 857 54.36 -13.88 19.14
CA LYS L 857 54.23 -14.87 18.08
C LYS L 857 55.57 -15.55 17.77
N ILE L 858 56.64 -14.77 17.73
CA ILE L 858 57.96 -15.34 17.44
C ILE L 858 58.40 -16.27 18.57
N ARG L 859 58.14 -15.88 19.82
CA ARG L 859 58.50 -16.74 20.95
C ARG L 859 57.69 -18.02 20.97
N LEU L 860 56.38 -17.94 20.69
CA LEU L 860 55.57 -19.14 20.70
C LEU L 860 55.84 -20.05 19.52
N SER L 861 56.36 -19.51 18.41
CA SER L 861 56.66 -20.34 17.24
C SER L 861 57.79 -21.32 17.55
N GLY L 862 58.75 -20.91 18.39
CA GLY L 862 59.84 -21.77 18.79
C GLY L 862 61.02 -21.83 17.86
N VAL L 863 61.06 -20.99 16.82
CA VAL L 863 62.19 -20.98 15.90
C VAL L 863 63.36 -20.24 16.54
N CYS L 864 64.54 -20.44 15.96
CA CYS L 864 65.76 -19.82 16.46
C CYS L 864 65.80 -18.36 16.02
N SER L 865 65.81 -17.45 16.99
CA SER L 865 65.81 -16.02 16.72
C SER L 865 67.11 -15.41 17.24
N VAL L 866 67.77 -14.63 16.40
CA VAL L 866 69.01 -13.93 16.75
C VAL L 866 68.79 -12.45 16.52
N ALA L 867 69.06 -11.64 17.53
CA ALA L 867 68.92 -10.19 17.43
C ALA L 867 70.22 -9.57 16.93
N TRP L 868 70.08 -8.53 16.11
CA TRP L 868 71.24 -7.78 15.67
C TRP L 868 71.88 -7.09 16.87
N PRO L 869 73.19 -7.20 17.05
CA PRO L 869 73.82 -6.64 18.25
C PRO L 869 73.73 -5.12 18.30
N GLN L 870 73.56 -4.61 19.52
CA GLN L 870 73.48 -3.17 19.71
C GLN L 870 74.82 -2.47 19.49
N SER L 871 75.93 -3.20 19.64
CA SER L 871 77.26 -2.64 19.44
C SER L 871 77.64 -2.53 17.97
N LEU L 872 76.70 -2.74 17.06
CA LEU L 872 76.95 -2.67 15.63
C LEU L 872 76.08 -1.58 15.01
N ALA L 873 76.03 -0.43 15.66
CA ALA L 873 75.13 0.66 15.27
C ALA L 873 75.66 1.48 14.11
N ASN L 874 76.64 0.98 13.37
CA ASN L 874 77.22 1.69 12.24
C ASN L 874 76.98 0.90 10.96
N THR L 875 76.78 1.62 9.87
CA THR L 875 76.53 0.99 8.57
C THR L 875 77.77 0.26 8.05
N ALA L 876 78.97 0.71 8.43
CA ALA L 876 80.18 0.01 8.04
C ALA L 876 80.20 -1.43 8.55
N ASP L 877 79.61 -1.67 9.72
CA ASP L 877 79.46 -3.04 10.22
C ASP L 877 78.56 -3.86 9.30
N MET L 878 77.51 -3.23 8.76
CA MET L 878 76.65 -3.91 7.80
C MET L 878 77.37 -4.19 6.50
N LYS L 879 78.28 -3.30 6.09
CA LYS L 879 79.09 -3.56 4.92
C LYS L 879 80.03 -4.73 5.15
N VAL L 880 80.58 -4.83 6.36
CA VAL L 880 81.38 -6.00 6.73
C VAL L 880 80.51 -7.26 6.68
N PHE L 881 79.26 -7.16 7.10
CA PHE L 881 78.32 -8.28 7.01
C PHE L 881 78.11 -8.72 5.56
N LEU L 882 77.93 -7.75 4.65
CA LEU L 882 77.78 -8.07 3.23
C LEU L 882 79.04 -8.74 2.68
N LYS L 883 80.21 -8.24 3.08
CA LYS L 883 81.47 -8.84 2.64
C LYS L 883 81.62 -10.26 3.14
N ALA L 884 81.24 -10.51 4.39
CA ALA L 884 81.32 -11.86 4.95
C ALA L 884 80.33 -12.80 4.25
N LEU L 885 79.16 -12.29 3.87
CA LEU L 885 78.22 -13.11 3.10
C LEU L 885 78.76 -13.43 1.72
N LEU L 886 79.43 -12.46 1.08
CA LEU L 886 79.99 -12.70 -0.26
C LEU L 886 81.16 -13.68 -0.20
N ASN L 887 81.98 -13.61 0.85
CA ASN L 887 83.10 -14.52 0.99
C ASN L 887 82.67 -15.95 1.31
N LEU L 888 81.41 -16.15 1.69
CA LEU L 888 80.89 -17.48 1.98
C LEU L 888 80.38 -18.19 0.74
N GLY L 889 80.66 -17.66 -0.45
CA GLY L 889 80.31 -18.37 -1.67
C GLY L 889 78.87 -18.25 -2.12
N VAL L 890 78.46 -17.04 -2.51
CA VAL L 890 77.18 -16.86 -3.17
C VAL L 890 77.35 -17.04 -4.67
N ASP L 891 76.23 -17.24 -5.37
CA ASP L 891 76.25 -17.40 -6.82
C ASP L 891 76.33 -16.03 -7.47
N GLU L 892 77.46 -15.74 -8.13
CA GLU L 892 77.65 -14.42 -8.72
C GLU L 892 76.87 -14.26 -10.02
N ASN L 893 76.63 -15.35 -10.75
CA ASN L 893 76.02 -15.23 -12.07
C ASN L 893 74.54 -14.91 -11.99
N LYS L 894 73.82 -15.56 -11.07
CA LYS L 894 72.40 -15.30 -10.90
C LYS L 894 72.16 -13.87 -10.43
N VAL L 895 72.93 -13.41 -9.45
CA VAL L 895 72.74 -12.06 -8.96
C VAL L 895 73.25 -11.04 -9.97
N ALA L 896 74.17 -11.45 -10.85
CA ALA L 896 74.63 -10.55 -11.89
C ALA L 896 73.57 -10.36 -12.96
N GLU L 897 72.85 -11.44 -13.31
CA GLU L 897 71.81 -11.32 -14.32
C GLU L 897 70.49 -10.81 -13.74
N LYS L 898 70.34 -10.80 -12.41
CA LYS L 898 69.09 -10.35 -11.81
C LYS L 898 69.16 -8.95 -11.21
N THR L 899 70.35 -8.36 -11.08
CA THR L 899 70.50 -7.07 -10.43
C THR L 899 71.22 -6.10 -11.35
N GLU L 900 71.18 -4.83 -10.97
CA GLU L 900 71.93 -3.77 -11.64
C GLU L 900 72.90 -3.16 -10.64
N GLY L 901 74.18 -3.10 -11.03
CA GLY L 901 75.18 -2.51 -10.16
C GLY L 901 75.78 -3.44 -9.15
N PHE L 902 75.77 -4.75 -9.41
CA PHE L 902 76.44 -5.69 -8.51
C PHE L 902 77.96 -5.62 -8.65
N ALA L 903 78.46 -5.28 -9.83
CA ALA L 903 79.91 -5.17 -10.02
C ALA L 903 80.50 -4.05 -9.17
N GLU L 904 79.83 -2.90 -9.13
CA GLU L 904 80.31 -1.81 -8.28
C GLU L 904 80.16 -2.13 -6.81
N LEU L 905 79.14 -2.91 -6.44
CA LEU L 905 79.00 -3.35 -5.06
C LEU L 905 80.15 -4.27 -4.66
N LYS L 906 80.55 -5.17 -5.56
CA LYS L 906 81.72 -6.01 -5.28
C LYS L 906 82.99 -5.19 -5.20
N ALA L 907 83.12 -4.18 -6.07
CA ALA L 907 84.32 -3.35 -6.06
C ALA L 907 84.43 -2.54 -4.78
N SER L 908 83.31 -2.03 -4.28
CA SER L 908 83.35 -1.19 -3.08
C SER L 908 83.63 -1.97 -1.81
N LEU L 909 83.56 -3.30 -1.85
CA LEU L 909 83.86 -4.14 -0.69
C LEU L 909 85.19 -4.86 -0.85
N ALA L 910 86.14 -4.26 -1.58
CA ALA L 910 87.37 -4.96 -1.91
C ALA L 910 88.30 -5.05 -0.71
N ASP L 911 88.44 -3.96 0.05
CA ASP L 911 89.39 -3.90 1.15
C ASP L 911 88.69 -3.93 2.51
N VAL L 912 87.57 -4.63 2.60
CA VAL L 912 86.80 -4.71 3.84
C VAL L 912 87.26 -5.95 4.61
N LYS L 913 87.70 -5.74 5.84
CA LYS L 913 88.08 -6.82 6.74
C LYS L 913 86.86 -7.33 7.49
N VAL L 914 86.94 -8.58 7.96
CA VAL L 914 85.82 -9.26 8.59
C VAL L 914 86.22 -9.62 10.02
N SER L 915 85.36 -9.28 10.98
CA SER L 915 85.58 -9.58 12.38
C SER L 915 84.96 -10.95 12.74
N GLU L 916 85.16 -11.34 14.00
CA GLU L 916 84.72 -12.67 14.43
C GLU L 916 83.20 -12.74 14.59
N GLU L 917 82.61 -11.74 15.25
CA GLU L 917 81.16 -11.77 15.49
C GLU L 917 80.39 -11.58 14.19
N ILE L 918 80.92 -10.76 13.28
CA ILE L 918 80.31 -10.61 11.96
C ILE L 918 80.36 -11.93 11.21
N GLN L 919 81.47 -12.64 11.31
CA GLN L 919 81.60 -13.94 10.66
C GLN L 919 80.60 -14.94 11.23
N ALA L 920 80.42 -14.92 12.56
CA ALA L 920 79.45 -15.83 13.17
C ALA L 920 78.03 -15.53 12.72
N LEU L 921 77.65 -14.25 12.70
CA LEU L 921 76.31 -13.88 12.23
C LEU L 921 76.09 -14.24 10.77
N ALA L 922 77.10 -13.98 9.93
CA ALA L 922 76.98 -14.32 8.51
C ALA L 922 76.88 -15.82 8.30
N GLN L 923 77.63 -16.60 9.08
CA GLN L 923 77.55 -18.04 8.98
C GLN L 923 76.17 -18.54 9.41
N LYS L 924 75.62 -17.98 10.48
CA LYS L 924 74.28 -18.36 10.92
C LYS L 924 73.24 -18.03 9.87
N TYR L 925 73.35 -16.87 9.24
CA TYR L 925 72.37 -16.47 8.23
C TYR L 925 72.48 -17.30 6.97
N ALA L 926 73.71 -17.50 6.47
CA ALA L 926 73.90 -18.19 5.20
C ALA L 926 73.74 -19.70 5.32
N LYS L 927 73.90 -20.25 6.53
CA LYS L 927 73.71 -21.69 6.72
C LYS L 927 72.24 -22.07 6.61
N ALA L 928 71.35 -21.24 7.18
CA ALA L 928 69.94 -21.60 7.30
C ALA L 928 69.26 -21.61 5.93
N ALA L 929 68.34 -22.56 5.75
CA ALA L 929 67.69 -22.74 4.46
C ALA L 929 66.64 -21.67 4.18
N LYS L 930 65.81 -21.34 5.16
CA LYS L 930 64.68 -20.41 4.99
C LYS L 930 64.71 -19.34 6.07
N PRO L 931 65.54 -18.33 5.92
CA PRO L 931 65.61 -17.26 6.93
C PRO L 931 64.69 -16.09 6.62
N LEU L 932 64.29 -15.41 7.69
CA LEU L 932 63.51 -14.18 7.60
C LEU L 932 64.23 -13.07 8.35
N ILE L 933 64.08 -11.84 7.87
CA ILE L 933 64.58 -10.66 8.56
C ILE L 933 63.38 -9.81 8.94
N VAL L 934 63.22 -9.56 10.23
CA VAL L 934 62.14 -8.74 10.74
C VAL L 934 62.74 -7.41 11.17
N ILE L 935 62.37 -6.35 10.45
CA ILE L 935 62.94 -5.01 10.64
C ILE L 935 61.89 -4.12 11.27
N ASP L 936 62.22 -3.50 12.39
CA ASP L 936 61.33 -2.57 13.06
C ASP L 936 61.55 -1.17 12.51
N GLU L 937 60.51 -0.61 11.88
CA GLU L 937 60.66 0.65 11.17
C GLU L 937 60.86 1.84 12.08
N ASP L 938 60.55 1.71 13.38
CA ASP L 938 60.63 2.85 14.28
C ASP L 938 62.07 3.21 14.61
N THR L 939 62.93 2.20 14.81
CA THR L 939 64.25 2.42 15.36
C THR L 939 65.36 2.05 14.39
N VAL L 940 65.05 1.93 13.10
CA VAL L 940 66.02 1.53 12.09
C VAL L 940 65.97 2.55 10.98
N SER L 941 67.14 3.05 10.58
CA SER L 941 67.22 4.03 9.50
C SER L 941 66.99 3.36 8.15
N ALA L 942 66.89 4.19 7.11
CA ALA L 942 66.58 3.67 5.77
C ALA L 942 67.75 2.90 5.18
N GLU L 943 68.98 3.32 5.48
CA GLU L 943 70.14 2.67 4.88
C GLU L 943 70.34 1.26 5.40
N ALA L 944 70.00 1.02 6.66
CA ALA L 944 70.07 -0.34 7.21
C ALA L 944 69.06 -1.25 6.54
N VAL L 945 67.87 -0.72 6.26
CA VAL L 945 66.86 -1.49 5.52
C VAL L 945 67.35 -1.80 4.11
N LYS L 946 67.99 -0.82 3.46
CA LYS L 946 68.53 -1.06 2.12
C LYS L 946 69.63 -2.11 2.15
N LEU L 947 70.46 -2.12 3.19
CA LEU L 947 71.54 -3.10 3.26
C LEU L 947 71.02 -4.49 3.58
N MET L 948 69.99 -4.61 4.40
CA MET L 948 69.34 -5.91 4.57
C MET L 948 68.72 -6.40 3.28
N ALA L 949 68.14 -5.48 2.50
CA ALA L 949 67.65 -5.84 1.17
C ALA L 949 68.79 -6.35 0.29
N TYR L 950 69.94 -5.68 0.35
CA TYR L 950 71.09 -6.11 -0.45
C TYR L 950 71.54 -7.50 -0.05
N ALA L 951 71.57 -7.80 1.26
CA ALA L 951 71.96 -9.12 1.73
C ALA L 951 71.00 -10.18 1.24
N ALA L 952 69.69 -9.93 1.40
CA ALA L 952 68.69 -10.91 0.97
C ALA L 952 68.70 -11.09 -0.55
N VAL L 953 69.08 -10.06 -1.30
CA VAL L 953 69.10 -10.17 -2.76
C VAL L 953 70.33 -10.93 -3.23
N ILE L 954 71.51 -10.55 -2.74
CA ILE L 954 72.73 -11.21 -3.24
C ILE L 954 72.82 -12.64 -2.72
N THR L 955 72.22 -12.94 -1.57
CA THR L 955 72.25 -14.32 -1.10
C THR L 955 71.30 -15.20 -1.89
N GLY L 956 70.16 -14.67 -2.32
CA GLY L 956 69.15 -15.45 -2.99
C GLY L 956 67.98 -15.85 -2.12
N LYS L 957 67.82 -15.24 -0.95
CA LYS L 957 66.76 -15.56 0.00
C LYS L 957 65.60 -14.59 -0.11
N ILE L 958 65.25 -14.16 -1.32
CA ILE L 958 64.12 -13.25 -1.54
C ILE L 958 63.25 -13.82 -2.65
N GLY L 959 62.01 -13.38 -2.68
CA GLY L 959 61.11 -13.77 -3.74
C GLY L 959 60.65 -15.21 -3.69
N ALA L 960 60.68 -15.84 -2.51
CA ALA L 960 60.25 -17.22 -2.34
C ALA L 960 59.51 -17.34 -1.02
N ALA L 961 58.83 -18.47 -0.85
CA ALA L 961 58.07 -18.69 0.36
C ALA L 961 58.99 -18.96 1.55
N TYR L 962 58.61 -18.40 2.71
CA TYR L 962 59.33 -18.50 3.98
C TYR L 962 60.72 -17.88 3.94
N ARG L 963 61.00 -17.05 2.94
CA ARG L 963 62.29 -16.41 2.78
C ARG L 963 62.07 -14.97 2.35
N GLY L 964 62.74 -14.05 3.03
CA GLY L 964 62.61 -12.67 2.59
C GLY L 964 62.73 -11.72 3.77
N ILE L 965 62.08 -10.56 3.61
CA ILE L 965 62.16 -9.46 4.56
C ILE L 965 60.75 -9.13 5.01
N ILE L 966 60.54 -9.11 6.32
CA ILE L 966 59.29 -8.65 6.92
C ILE L 966 59.55 -7.29 7.53
N LEU L 967 58.73 -6.31 7.15
CA LEU L 967 58.89 -4.92 7.55
C LEU L 967 57.67 -4.51 8.36
N VAL L 968 57.89 -4.07 9.59
CA VAL L 968 56.80 -3.80 10.52
C VAL L 968 56.60 -2.28 10.61
N ARG L 969 55.44 -1.83 10.16
CA ARG L 969 55.20 -0.39 10.03
C ARG L 969 54.88 0.24 11.38
N THR L 970 55.05 1.55 11.44
CA THR L 970 54.88 2.27 12.69
C THR L 970 53.41 2.38 13.09
N LYS L 971 52.54 2.72 12.14
CA LYS L 971 51.13 2.96 12.41
C LYS L 971 50.28 1.93 11.69
N ASN L 972 48.98 1.95 11.97
CA ASN L 972 48.09 0.88 11.51
C ASN L 972 47.95 0.90 9.99
N ASN L 973 47.86 2.07 9.39
CA ASN L 973 47.65 2.21 7.97
C ASN L 973 48.80 2.95 7.30
N THR L 974 50.02 2.69 7.77
CA THR L 974 51.19 3.21 7.08
C THR L 974 51.33 2.59 5.69
N GLN L 975 51.01 1.30 5.57
CA GLN L 975 51.03 0.66 4.26
C GLN L 975 49.97 1.25 3.34
N GLY L 976 48.77 1.48 3.87
CA GLY L 976 47.74 2.12 3.08
C GLY L 976 48.08 3.55 2.70
N ALA L 977 48.78 4.26 3.58
CA ALA L 977 49.21 5.62 3.25
C ALA L 977 50.28 5.62 2.17
N VAL L 978 51.21 4.66 2.23
CA VAL L 978 52.23 4.55 1.19
C VAL L 978 51.60 4.20 -0.14
N ASP L 979 50.58 3.34 -0.14
CA ASP L 979 49.94 2.91 -1.38
C ASP L 979 49.14 4.02 -2.06
N MET L 980 48.66 5.01 -1.31
CA MET L 980 47.87 6.09 -1.89
C MET L 980 48.69 7.30 -2.28
N GLY L 981 50.01 7.24 -2.14
CA GLY L 981 50.88 8.30 -2.63
C GLY L 981 51.35 9.30 -1.60
N PHE L 982 51.19 9.03 -0.31
CA PHE L 982 51.64 9.95 0.72
C PHE L 982 53.08 9.63 1.13
N VAL L 983 53.99 9.75 0.15
CA VAL L 983 55.37 9.33 0.30
C VAL L 983 56.36 10.48 0.09
N MET L 984 55.87 11.71 0.06
CA MET L 984 56.77 12.85 -0.03
C MET L 984 57.43 13.11 1.31
N PRO L 985 58.74 13.35 1.34
CA PRO L 985 59.40 13.69 2.61
C PRO L 985 58.96 15.05 3.13
N VAL L 986 58.96 15.18 4.46
CA VAL L 986 58.51 16.42 5.08
C VAL L 986 59.61 17.48 5.10
N SER L 987 60.84 17.11 4.76
CA SER L 987 61.87 18.12 4.54
C SER L 987 61.49 19.03 3.37
N ALA L 988 60.87 18.45 2.35
CA ALA L 988 60.36 19.25 1.24
C ALA L 988 59.29 20.22 1.70
N VAL L 989 58.42 19.79 2.60
CA VAL L 989 57.37 20.68 3.12
C VAL L 989 57.99 21.82 3.92
N ALA L 990 58.96 21.52 4.79
CA ALA L 990 59.60 22.55 5.59
C ALA L 990 60.34 23.55 4.71
N GLN L 991 61.08 23.05 3.71
CA GLN L 991 61.80 23.91 2.79
C GLN L 991 60.85 24.77 1.97
N GLY L 992 59.75 24.20 1.49
CA GLY L 992 58.77 24.96 0.73
C GLY L 992 58.07 26.02 1.55
N ILE L 993 57.82 25.74 2.84
CA ILE L 993 57.23 26.77 3.69
C ILE L 993 58.20 27.90 3.93
N GLU L 994 59.46 27.57 4.26
CA GLU L 994 60.40 28.65 4.55
C GLU L 994 60.89 29.38 3.31
N SER L 995 60.65 28.84 2.12
CA SER L 995 61.03 29.51 0.89
C SER L 995 59.89 30.29 0.25
N GLY L 996 58.72 30.34 0.88
CA GLY L 996 57.60 31.09 0.36
C GLY L 996 56.82 30.41 -0.75
N LYS L 997 57.10 29.14 -1.03
CA LYS L 997 56.38 28.44 -2.09
C LYS L 997 55.07 27.86 -1.59
N ILE L 998 55.02 27.38 -0.35
CA ILE L 998 53.85 26.75 0.22
C ILE L 998 53.19 27.75 1.17
N LYS L 999 51.93 28.07 0.91
CA LYS L 999 51.22 29.09 1.68
C LYS L 999 50.08 28.55 2.53
N ALA L 1000 49.50 27.42 2.14
CA ALA L 1000 48.41 26.82 2.90
C ALA L 1000 48.75 25.38 3.22
N LEU L 1001 48.17 24.88 4.30
CA LEU L 1001 48.42 23.52 4.73
C LEU L 1001 47.10 22.90 5.17
N VAL L 1002 46.91 21.63 4.83
CA VAL L 1002 45.76 20.86 5.30
C VAL L 1002 46.31 19.73 6.15
N VAL L 1003 46.05 19.78 7.46
CA VAL L 1003 46.57 18.81 8.41
C VAL L 1003 45.41 17.94 8.87
N ILE L 1004 45.55 16.63 8.70
CA ILE L 1004 44.49 15.69 9.04
C ILE L 1004 45.05 14.72 10.08
N GLY L 1005 44.68 14.93 11.34
CA GLY L 1005 44.96 13.96 12.38
C GLY L 1005 46.35 14.01 12.97
N GLU L 1006 47.16 14.99 12.62
CA GLU L 1006 48.53 15.08 13.10
C GLU L 1006 48.71 16.31 13.98
N ASP L 1007 49.79 16.29 14.76
CA ASP L 1007 50.17 17.41 15.61
C ASP L 1007 51.66 17.69 15.45
N PRO L 1008 52.05 18.39 14.38
CA PRO L 1008 53.46 18.78 14.26
C PRO L 1008 53.87 19.89 15.22
N ALA L 1009 52.93 20.72 15.66
CA ALA L 1009 53.25 21.91 16.43
C ALA L 1009 53.50 21.64 17.92
N ALA L 1010 53.64 20.37 18.32
CA ALA L 1010 54.07 20.08 19.67
C ALA L 1010 55.56 20.33 19.89
N TYR L 1011 56.31 20.59 18.83
CA TYR L 1011 57.73 20.85 18.87
C TYR L 1011 58.03 22.23 18.32
N PRO L 1012 58.97 22.96 18.93
CA PRO L 1012 59.13 24.39 18.60
C PRO L 1012 59.54 24.68 17.16
N GLN L 1013 60.33 23.82 16.52
CA GLN L 1013 60.74 24.08 15.14
C GLN L 1013 59.55 24.07 14.20
N GLU L 1014 58.72 23.04 14.29
CA GLU L 1014 57.54 22.97 13.42
C GLU L 1014 56.50 24.01 13.81
N SER L 1015 56.45 24.42 15.08
CA SER L 1015 55.52 25.48 15.46
C SER L 1015 55.92 26.82 14.86
N ALA L 1016 57.21 27.15 14.93
CA ALA L 1016 57.69 28.37 14.28
C ALA L 1016 57.57 28.28 12.77
N LEU L 1017 57.63 27.07 12.21
CA LEU L 1017 57.36 26.87 10.79
C LEU L 1017 55.90 27.17 10.46
N LEU L 1018 54.96 26.63 11.25
CA LEU L 1018 53.54 26.83 11.00
C LEU L 1018 53.12 28.27 11.25
N GLN L 1019 53.89 29.03 12.03
CA GLN L 1019 53.56 30.44 12.24
C GLN L 1019 53.77 31.29 10.99
N LYS L 1020 54.43 30.78 9.96
CA LYS L 1020 54.70 31.53 8.75
C LYS L 1020 53.72 31.21 7.61
N LEU L 1021 52.67 30.45 7.90
CA LEU L 1021 51.72 30.08 6.87
C LEU L 1021 50.71 31.20 6.63
N SER L 1022 49.91 31.04 5.58
CA SER L 1022 48.81 31.93 5.31
C SER L 1022 47.46 31.38 5.75
N PHE L 1023 47.30 30.05 5.72
CA PHE L 1023 46.05 29.40 6.05
C PHE L 1023 46.37 27.99 6.53
N LEU L 1024 45.56 27.49 7.46
CA LEU L 1024 45.81 26.17 8.04
C LEU L 1024 44.52 25.59 8.56
N VAL L 1025 44.14 24.42 8.03
CA VAL L 1025 42.99 23.66 8.52
C VAL L 1025 43.52 22.46 9.29
N VAL L 1026 42.92 22.19 10.44
CA VAL L 1026 43.31 21.05 11.25
C VAL L 1026 42.08 20.18 11.48
N TYR L 1027 42.19 18.91 11.09
CA TYR L 1027 41.16 17.91 11.34
C TYR L 1027 41.63 17.04 12.51
N ASP L 1028 41.01 17.18 13.67
CA ASP L 1028 41.47 16.44 14.83
C ASP L 1028 40.34 16.24 15.83
N MET L 1029 40.51 15.22 16.69
CA MET L 1029 39.55 14.98 17.75
C MET L 1029 39.70 15.94 18.92
N PHE L 1030 40.93 16.30 19.27
CA PHE L 1030 41.18 17.15 20.43
C PHE L 1030 41.66 18.52 19.98
N MET L 1031 41.44 19.52 20.84
CA MET L 1031 41.96 20.86 20.60
C MET L 1031 43.40 20.88 21.08
N THR L 1032 44.28 20.33 20.24
CA THR L 1032 45.68 20.16 20.59
C THR L 1032 46.44 21.46 20.35
N LYS L 1033 47.77 21.38 20.38
CA LYS L 1033 48.61 22.56 20.20
C LYS L 1033 48.53 23.08 18.77
N THR L 1034 48.46 22.18 17.78
CA THR L 1034 48.38 22.61 16.39
C THR L 1034 47.02 23.23 16.07
N ALA L 1035 45.94 22.65 16.61
CA ALA L 1035 44.60 23.15 16.31
C ALA L 1035 44.38 24.54 16.91
N THR L 1036 45.14 24.89 17.95
CA THR L 1036 45.05 26.24 18.50
C THR L 1036 45.67 27.26 17.56
N ALA L 1037 46.67 26.86 16.77
CA ALA L 1037 47.31 27.75 15.82
C ALA L 1037 46.56 27.85 14.50
N ALA L 1038 45.50 27.08 14.31
CA ALA L 1038 44.80 27.00 13.05
C ALA L 1038 43.77 28.12 12.91
N ASP L 1039 43.39 28.39 11.67
CA ASP L 1039 42.30 29.31 11.38
C ASP L 1039 40.95 28.61 11.34
N MET L 1040 40.93 27.29 11.46
CA MET L 1040 39.70 26.51 11.38
C MET L 1040 40.00 25.09 11.83
N VAL L 1041 39.15 24.54 12.69
CA VAL L 1041 39.30 23.17 13.19
C VAL L 1041 38.02 22.40 12.90
N VAL L 1042 38.16 21.21 12.34
CA VAL L 1042 37.04 20.34 12.01
C VAL L 1042 37.22 19.06 12.83
N PRO L 1043 36.20 18.59 13.55
CA PRO L 1043 36.39 17.42 14.40
C PRO L 1043 36.51 16.12 13.61
N LEU L 1044 37.12 15.13 14.25
CA LEU L 1044 37.19 13.77 13.74
C LEU L 1044 36.68 12.82 14.81
N VAL L 1045 36.21 11.66 14.38
CA VAL L 1045 35.71 10.64 15.29
C VAL L 1045 36.81 9.64 15.55
N SER L 1046 36.61 8.82 16.58
CA SER L 1046 37.60 7.82 16.97
C SER L 1046 37.43 6.56 16.13
N SER L 1047 38.33 5.59 16.36
CA SER L 1047 38.34 4.37 15.57
C SER L 1047 37.18 3.45 15.89
N ALA L 1048 36.49 3.68 17.01
CA ALA L 1048 35.33 2.88 17.36
C ALA L 1048 34.07 3.35 16.65
N GLU L 1049 34.16 4.40 15.85
CA GLU L 1049 33.00 4.97 15.17
C GLU L 1049 33.17 5.01 13.65
N VAL L 1050 34.14 4.29 13.11
CA VAL L 1050 34.43 4.35 11.69
C VAL L 1050 34.26 2.98 11.06
N ASN L 1051 33.82 2.98 9.81
CA ASN L 1051 33.75 1.80 8.97
C ASN L 1051 34.73 1.96 7.84
N GLY L 1052 35.56 0.96 7.60
CA GLY L 1052 36.53 1.06 6.53
C GLY L 1052 37.43 -0.15 6.50
N THR L 1053 38.65 0.05 6.00
CA THR L 1053 39.65 -1.00 5.98
C THR L 1053 41.01 -0.43 6.34
N TYR L 1054 41.84 -1.27 6.93
CA TYR L 1054 43.23 -0.95 7.22
C TYR L 1054 44.10 -1.96 6.49
N THR L 1055 45.23 -1.50 5.95
CA THR L 1055 46.19 -2.40 5.32
C THR L 1055 47.30 -2.70 6.33
N ARG L 1056 47.46 -3.99 6.65
CA ARG L 1056 48.47 -4.43 7.59
C ARG L 1056 49.86 -4.23 7.00
N SER L 1057 50.87 -4.42 7.85
CA SER L 1057 52.24 -4.23 7.38
C SER L 1057 52.67 -5.34 6.43
N ASP L 1058 52.02 -6.51 6.50
CA ASP L 1058 52.22 -7.58 5.54
C ASP L 1058 51.15 -7.57 4.45
N ARG L 1059 50.69 -6.38 4.08
CA ARG L 1059 49.82 -6.16 2.91
C ARG L 1059 48.48 -6.87 3.01
N ARG L 1060 47.98 -7.08 4.23
CA ARG L 1060 46.68 -7.69 4.42
C ARG L 1060 45.64 -6.62 4.72
N ILE L 1061 44.52 -6.66 4.02
CA ILE L 1061 43.48 -5.65 4.14
C ILE L 1061 42.39 -6.19 5.05
N GLN L 1062 42.12 -5.50 6.14
CA GLN L 1062 41.20 -5.95 7.19
C GLN L 1062 40.08 -4.94 7.36
N ALA L 1063 38.89 -5.46 7.69
CA ALA L 1063 37.71 -4.63 7.85
C ALA L 1063 37.64 -4.04 9.25
N VAL L 1064 37.32 -2.76 9.31
CA VAL L 1064 37.16 -2.00 10.54
C VAL L 1064 35.69 -1.63 10.65
N ARG L 1065 35.07 -2.00 11.77
CA ARG L 1065 33.65 -1.82 11.97
C ARG L 1065 33.40 -0.81 13.09
N ALA L 1066 32.26 -0.12 13.00
CA ALA L 1066 31.91 0.93 13.94
C ALA L 1066 31.14 0.35 15.11
N ALA L 1067 31.71 0.47 16.31
CA ALA L 1067 31.00 -0.02 17.50
C ALA L 1067 29.86 0.91 17.87
N ILE L 1068 30.11 2.21 17.90
CA ILE L 1068 29.11 3.18 18.34
C ILE L 1068 28.97 4.27 17.28
N GLN L 1069 27.80 4.90 17.27
CA GLN L 1069 27.50 5.94 16.29
C GLN L 1069 28.35 7.18 16.54
N PRO L 1070 28.69 7.93 15.50
CA PRO L 1070 29.59 9.08 15.68
C PRO L 1070 28.97 10.16 16.56
N LYS L 1071 29.76 10.63 17.52
CA LYS L 1071 29.29 11.62 18.47
C LYS L 1071 29.35 13.05 17.94
N THR L 1072 30.07 13.28 16.84
CA THR L 1072 30.12 14.59 16.22
C THR L 1072 29.01 14.81 15.20
N GLY L 1073 28.31 13.75 14.80
CA GLY L 1073 27.26 13.86 13.80
C GLY L 1073 27.64 13.24 12.48
N LYS L 1074 28.86 13.48 12.03
CA LYS L 1074 29.33 12.97 10.74
C LYS L 1074 30.68 12.28 10.92
N ALA L 1075 30.91 11.25 10.13
CA ALA L 1075 32.18 10.56 10.11
C ALA L 1075 33.13 11.22 9.12
N THR L 1076 34.40 10.82 9.16
CA THR L 1076 35.42 11.47 8.34
C THR L 1076 35.16 11.26 6.85
N LEU L 1077 34.69 10.07 6.48
CA LEU L 1077 34.36 9.81 5.09
C LEU L 1077 33.24 10.73 4.61
N GLN L 1078 32.24 10.97 5.46
CA GLN L 1078 31.16 11.87 5.09
C GLN L 1078 31.64 13.32 4.93
N ILE L 1079 32.53 13.77 5.82
CA ILE L 1079 33.08 15.12 5.71
C ILE L 1079 33.84 15.28 4.41
N LEU L 1080 34.68 14.30 4.07
CA LEU L 1080 35.47 14.39 2.84
C LEU L 1080 34.58 14.27 1.61
N ILE L 1081 33.53 13.46 1.68
CA ILE L 1081 32.59 13.33 0.56
C ILE L 1081 31.86 14.64 0.32
N GLU L 1082 31.43 15.31 1.40
CA GLU L 1082 30.76 16.61 1.23
C GLU L 1082 31.70 17.65 0.64
N THR L 1083 32.95 17.70 1.12
CA THR L 1083 33.91 18.66 0.56
C THR L 1083 34.19 18.38 -0.91
N LEU L 1084 34.36 17.11 -1.27
CA LEU L 1084 34.64 16.79 -2.67
C LEU L 1084 33.42 17.04 -3.55
N LYS L 1085 32.22 16.84 -3.02
CA LYS L 1085 31.01 17.17 -3.77
C LYS L 1085 30.91 18.67 -4.01
N SER L 1086 31.36 19.48 -3.04
CA SER L 1086 31.47 20.91 -3.28
C SER L 1086 32.49 21.22 -4.37
N LEU L 1087 33.62 20.51 -4.38
CA LEU L 1087 34.65 20.76 -5.37
C LEU L 1087 34.33 20.20 -6.76
N GLY L 1088 33.34 19.32 -6.88
CA GLY L 1088 32.92 18.81 -8.17
C GLY L 1088 33.12 17.32 -8.41
N ILE L 1089 33.46 16.54 -7.39
CA ILE L 1089 33.65 15.10 -7.52
C ILE L 1089 32.50 14.42 -6.78
N LYS L 1090 31.81 13.50 -7.45
CA LYS L 1090 30.60 12.90 -6.93
C LYS L 1090 30.88 11.48 -6.43
N TYR L 1091 30.72 11.30 -5.12
CA TYR L 1091 30.66 9.97 -4.50
C TYR L 1091 29.49 9.98 -3.54
N ASP L 1092 28.86 8.83 -3.37
CA ASP L 1092 27.65 8.75 -2.54
C ASP L 1092 27.89 7.96 -1.26
N THR L 1093 28.32 6.71 -1.38
CA THR L 1093 28.53 5.83 -0.23
C THR L 1093 29.98 5.38 -0.21
N ILE L 1094 30.28 4.44 0.68
CA ILE L 1094 31.61 3.86 0.71
C ILE L 1094 31.80 2.81 -0.39
N ALA L 1095 30.71 2.27 -0.94
CA ALA L 1095 30.84 1.31 -2.03
C ALA L 1095 31.33 1.98 -3.30
N ASP L 1096 30.86 3.21 -3.57
CA ASP L 1096 31.34 3.97 -4.71
C ASP L 1096 32.82 4.28 -4.57
N VAL L 1097 33.25 4.65 -3.36
CA VAL L 1097 34.66 4.94 -3.12
C VAL L 1097 35.50 3.69 -3.25
N ARG L 1098 34.98 2.53 -2.83
CA ARG L 1098 35.74 1.29 -2.99
C ARG L 1098 35.85 0.89 -4.45
N ALA L 1099 34.80 1.11 -5.24
CA ALA L 1099 34.90 0.90 -6.68
C ALA L 1099 35.94 1.83 -7.30
N ALA L 1100 35.97 3.08 -6.85
CA ALA L 1100 36.97 4.02 -7.34
C ALA L 1100 38.38 3.59 -6.95
N ILE L 1101 38.55 3.07 -5.74
CA ILE L 1101 39.85 2.57 -5.30
C ILE L 1101 40.29 1.40 -6.18
N ALA L 1102 39.38 0.46 -6.43
CA ALA L 1102 39.70 -0.68 -7.28
C ALA L 1102 40.00 -0.28 -8.71
N SER L 1103 39.43 0.82 -9.18
CA SER L 1103 39.70 1.28 -10.54
C SER L 1103 40.93 2.16 -10.68
N GLU L 1104 41.35 2.86 -9.62
CA GLU L 1104 42.42 3.83 -9.73
C GLU L 1104 43.73 3.40 -9.05
N VAL L 1105 43.68 2.83 -7.86
CA VAL L 1105 44.90 2.37 -7.19
C VAL L 1105 45.36 1.08 -7.84
N SER L 1106 46.64 1.03 -8.22
CA SER L 1106 47.10 0.05 -9.19
C SER L 1106 47.08 -1.37 -8.64
N ASN L 1107 47.55 -1.56 -7.41
CA ASN L 1107 47.72 -2.89 -6.85
C ASN L 1107 46.55 -3.32 -5.98
N TYR L 1108 45.51 -2.50 -5.86
CA TYR L 1108 44.33 -2.81 -5.07
C TYR L 1108 43.20 -3.38 -5.91
N ALA L 1109 43.54 -4.05 -7.01
CA ALA L 1109 42.52 -4.57 -7.90
C ALA L 1109 41.75 -5.71 -7.23
N GLY L 1110 40.44 -5.52 -7.07
CA GLY L 1110 39.61 -6.50 -6.40
C GLY L 1110 39.04 -6.03 -5.09
N MET L 1111 39.20 -4.76 -4.72
CA MET L 1111 38.67 -4.25 -3.46
C MET L 1111 37.14 -4.14 -3.47
N ASP L 1112 36.53 -4.03 -4.65
CA ASP L 1112 35.09 -3.86 -4.74
C ASP L 1112 34.34 -5.07 -4.20
N ALA L 1113 34.81 -6.27 -4.52
CA ALA L 1113 34.17 -7.50 -4.09
C ALA L 1113 35.16 -8.39 -3.35
N ALA L 1114 35.95 -7.79 -2.47
CA ALA L 1114 37.01 -8.52 -1.78
C ALA L 1114 36.49 -9.37 -0.64
N ASP L 1115 35.40 -8.96 0.01
CA ASP L 1115 34.81 -9.65 1.17
C ASP L 1115 35.83 -9.77 2.30
N PHE L 1116 36.14 -8.61 2.88
CA PHE L 1116 37.19 -8.44 3.88
C PHE L 1116 36.98 -9.20 5.18
N GLY L 1117 35.90 -9.98 5.28
CA GLY L 1117 35.77 -10.93 6.38
C GLY L 1117 36.76 -12.08 6.29
N THR L 1118 37.28 -12.36 5.11
CA THR L 1118 38.32 -13.37 4.90
C THR L 1118 39.67 -12.68 4.70
N THR L 1119 40.69 -13.48 4.43
CA THR L 1119 42.03 -12.95 4.23
C THR L 1119 42.15 -12.37 2.83
N VAL L 1120 42.48 -11.10 2.73
CA VAL L 1120 42.70 -10.42 1.46
C VAL L 1120 44.07 -9.78 1.50
N TYR L 1121 44.89 -10.06 0.49
CA TYR L 1121 46.20 -9.44 0.30
C TYR L 1121 46.17 -8.70 -1.03
N TRP L 1122 46.83 -7.54 -1.11
CA TRP L 1122 46.58 -6.79 -2.34
C TRP L 1122 47.28 -7.30 -3.61
N PRO L 1123 48.52 -7.82 -3.60
CA PRO L 1123 49.03 -8.30 -4.89
C PRO L 1123 48.44 -9.65 -5.23
N ASN L 1124 47.39 -9.64 -6.06
CA ASN L 1124 46.76 -10.86 -6.60
C ASN L 1124 46.36 -11.86 -5.50
N ASN L 1125 46.10 -11.36 -4.29
CA ASN L 1125 45.82 -12.18 -3.11
C ASN L 1125 46.97 -13.14 -2.78
N LYS L 1126 48.20 -12.70 -3.05
CA LYS L 1126 49.38 -13.55 -2.87
C LYS L 1126 50.10 -13.17 -1.59
N ASN L 1127 50.47 -14.18 -0.81
CA ASN L 1127 51.22 -13.97 0.42
C ASN L 1127 52.66 -13.56 0.15
N VAL L 1128 53.22 -13.92 -1.00
CA VAL L 1128 54.64 -13.74 -1.29
C VAL L 1128 54.78 -12.78 -2.47
N LEU L 1129 55.69 -11.83 -2.34
CA LEU L 1129 56.00 -10.87 -3.38
C LEU L 1129 57.18 -11.32 -4.22
N TYR L 1130 57.25 -10.79 -5.44
CA TYR L 1130 58.37 -10.98 -6.36
C TYR L 1130 58.59 -12.45 -6.70
N THR L 1131 57.50 -13.21 -6.79
CA THR L 1131 57.61 -14.60 -7.22
C THR L 1131 57.90 -14.72 -8.71
N ASP L 1132 57.63 -13.67 -9.48
CA ASP L 1132 57.86 -13.66 -10.92
C ASP L 1132 58.78 -12.52 -11.34
N GLY L 1133 59.65 -12.09 -10.45
CA GLY L 1133 60.58 -11.02 -10.75
C GLY L 1133 60.20 -9.73 -10.03
N PHE L 1134 61.18 -8.84 -9.91
CA PHE L 1134 61.00 -7.62 -9.14
C PHE L 1134 60.11 -6.64 -9.90
N ALA L 1135 59.68 -5.60 -9.17
CA ALA L 1135 58.69 -4.65 -9.67
C ALA L 1135 59.32 -3.37 -10.21
N THR L 1136 60.64 -3.35 -10.41
CA THR L 1136 61.29 -2.18 -10.94
C THR L 1136 61.01 -2.06 -12.44
N GLU L 1137 61.57 -1.01 -13.06
CA GLU L 1137 61.32 -0.76 -14.48
C GLU L 1137 61.90 -1.87 -15.35
N GLY L 1138 63.14 -2.26 -15.10
CA GLY L 1138 63.79 -3.33 -15.84
C GLY L 1138 63.67 -4.70 -15.22
N GLN L 1139 62.78 -4.87 -14.24
CA GLN L 1139 62.58 -6.13 -13.52
C GLN L 1139 63.86 -6.60 -12.83
N LYS L 1140 64.68 -5.65 -12.37
CA LYS L 1140 65.96 -5.95 -11.75
C LYS L 1140 66.12 -5.15 -10.46
N ALA L 1141 66.74 -5.77 -9.47
CA ALA L 1141 67.00 -5.08 -8.20
C ALA L 1141 68.14 -4.09 -8.37
N ILE L 1142 67.90 -2.84 -7.96
CA ILE L 1142 68.85 -1.77 -8.17
C ILE L 1142 69.73 -1.65 -6.93
N LEU L 1143 70.96 -2.14 -7.04
CA LEU L 1143 71.93 -2.06 -5.96
C LEU L 1143 72.80 -0.84 -6.17
N ALA L 1144 72.81 0.07 -5.19
CA ALA L 1144 73.56 1.31 -5.29
C ALA L 1144 74.28 1.56 -3.97
N ALA L 1145 75.34 2.36 -4.03
CA ALA L 1145 76.16 2.63 -2.86
C ALA L 1145 75.38 3.39 -1.80
N VAL L 1146 75.70 3.12 -0.53
CA VAL L 1146 75.10 3.77 0.61
C VAL L 1146 76.22 4.33 1.48
N GLY L 1147 76.04 5.58 1.94
CA GLY L 1147 77.07 6.26 2.68
C GLY L 1147 77.20 5.76 4.11
N ASP L 1148 78.19 6.30 4.80
CA ASP L 1148 78.37 5.99 6.21
C ASP L 1148 77.32 6.74 7.04
N VAL L 1149 76.43 5.99 7.67
CA VAL L 1149 75.30 6.55 8.40
C VAL L 1149 75.59 6.36 9.89
N PRO L 1150 75.63 7.44 10.67
CA PRO L 1150 76.02 7.30 12.07
C PRO L 1150 74.93 6.68 12.93
N VAL L 1151 75.16 6.65 14.24
CA VAL L 1151 74.22 6.03 15.16
C VAL L 1151 72.88 6.73 15.10
N PHE L 1152 71.81 5.94 15.20
CA PHE L 1152 70.47 6.40 14.90
C PHE L 1152 69.98 7.39 15.96
N VAL L 1153 69.25 8.41 15.50
CA VAL L 1153 68.62 9.40 16.35
C VAL L 1153 67.12 9.10 16.40
N GLU L 1154 66.58 8.94 17.61
CA GLU L 1154 65.24 8.39 17.79
C GLU L 1154 64.17 9.26 17.16
N LYS L 1155 63.15 8.61 16.60
CA LYS L 1155 62.07 9.31 15.92
C LYS L 1155 61.06 9.87 16.93
N LYS L 1156 60.20 10.76 16.43
CA LYS L 1156 59.20 11.43 17.25
C LYS L 1156 57.81 10.95 16.87
N LYS L 1157 56.86 11.18 17.78
CA LYS L 1157 55.47 10.82 17.57
C LYS L 1157 54.69 12.05 17.19
N TYR L 1158 54.02 12.01 16.03
CA TYR L 1158 53.27 13.15 15.53
C TYR L 1158 51.76 12.93 15.52
N ASP L 1159 51.30 11.70 15.64
CA ASP L 1159 49.88 11.43 15.70
C ASP L 1159 49.33 11.85 17.06
N SER L 1160 48.17 12.50 17.04
CA SER L 1160 47.62 13.05 18.28
C SER L 1160 47.14 11.95 19.24
N VAL L 1161 46.68 10.82 18.70
CA VAL L 1161 46.20 9.73 19.53
C VAL L 1161 47.34 9.09 20.31
N GLU L 1162 48.50 8.91 19.66
CA GLU L 1162 49.66 8.33 20.33
C GLU L 1162 50.12 9.20 21.50
N MET L 1163 50.24 10.50 21.28
CA MET L 1163 50.69 11.36 22.36
C MET L 1163 49.62 11.53 23.43
N ASN L 1164 48.35 11.41 23.07
CA ASN L 1164 47.30 11.35 24.09
C ASN L 1164 47.50 10.14 24.99
N PHE L 1165 47.78 8.98 24.39
CA PHE L 1165 48.03 7.78 25.19
C PHE L 1165 49.25 7.96 26.08
N VAL L 1166 50.33 8.52 25.52
CA VAL L 1166 51.57 8.68 26.27
C VAL L 1166 51.39 9.64 27.44
N ASN L 1167 50.71 10.77 27.21
CA ASN L 1167 50.49 11.71 28.30
C ASN L 1167 49.53 11.16 29.35
N GLY L 1168 48.51 10.39 28.93
CA GLY L 1168 47.62 9.79 29.89
C GLY L 1168 48.23 8.64 30.67
N ARG L 1169 49.32 8.06 30.18
CA ARG L 1169 50.05 7.06 30.96
C ARG L 1169 50.60 7.67 32.25
N GLN L 1170 51.09 8.90 32.18
CA GLN L 1170 51.64 9.57 33.35
C GLN L 1170 50.57 10.08 34.31
N SER L 1171 49.30 10.09 33.89
CA SER L 1171 48.23 10.62 34.73
C SER L 1171 47.77 9.64 35.80
N LEU L 1172 48.14 8.37 35.70
CA LEU L 1172 47.75 7.38 36.71
C LEU L 1172 48.96 6.74 37.37
FE1 FES M . 69.41 -62.29 -34.06
FE2 FES M . 70.13 -62.39 -31.47
S1 FES M . 69.63 -64.08 -32.79
S2 FES M . 70.14 -60.64 -32.80
ZN ZN N . 67.35 -44.30 -46.00
FE1 FES O . 76.73 -69.05 -29.08
FE2 FES O . 78.67 -68.38 -27.32
S1 FES O . 78.00 -70.41 -27.89
S2 FES O . 77.37 -67.03 -28.47
N1 FMN P . 67.07 -54.11 -14.53
C2 FMN P . 67.70 -55.34 -14.51
O2 FMN P . 68.46 -55.61 -13.59
N3 FMN P . 67.47 -56.24 -15.52
C4 FMN P . 66.61 -55.91 -16.55
O4 FMN P . 66.40 -56.71 -17.45
C4A FMN P . 65.97 -54.68 -16.56
N5 FMN P . 65.11 -54.38 -17.60
C5A FMN P . 64.48 -53.16 -17.63
C6 FMN P . 63.62 -52.86 -18.67
C7 FMN P . 62.97 -51.64 -18.70
C7M FMN P . 62.05 -51.31 -19.82
C8 FMN P . 63.19 -50.72 -17.69
C8M FMN P . 62.50 -49.39 -17.72
C9 FMN P . 64.05 -51.02 -16.65
C9A FMN P . 64.70 -52.25 -16.60
N10 FMN P . 65.55 -52.54 -15.56
C10 FMN P . 66.20 -53.77 -15.54
C1' FMN P . 65.77 -51.50 -14.49
C2' FMN P . 65.28 -51.89 -13.10
O2' FMN P . 64.33 -50.96 -12.67
C3' FMN P . 66.46 -51.92 -12.15
O3' FMN P . 67.20 -53.11 -12.37
C4' FMN P . 66.02 -51.90 -10.70
O4' FMN P . 65.18 -50.78 -10.51
C5' FMN P . 67.21 -51.79 -9.76
O5' FMN P . 68.42 -52.04 -10.44
P FMN P . 69.81 -51.95 -9.62
O1P FMN P . 70.00 -53.24 -8.85
O2P FMN P . 70.96 -51.76 -10.58
O3P FMN P . 69.77 -50.80 -8.66
FE1 SF4 Q . 61.13 -55.14 -59.99
FE2 SF4 Q . 62.35 -57.44 -60.83
FE3 SF4 Q . 63.31 -56.09 -58.66
FE4 SF4 Q . 63.61 -55.04 -61.17
S1 SF4 Q . 64.53 -56.96 -60.37
S2 SF4 Q . 62.94 -53.94 -59.28
S3 SF4 Q . 61.66 -55.70 -62.14
S4 SF4 Q . 61.27 -57.11 -58.85
FE1 SF4 R . 74.64 -54.97 -67.77
FE2 SF4 R . 72.03 -54.11 -67.78
FE3 SF4 R . 72.81 -56.16 -66.13
FE4 SF4 R . 72.68 -56.55 -68.85
S1 SF4 R . 70.94 -56.08 -67.45
S2 SF4 R . 74.35 -57.21 -67.44
S3 SF4 R . 73.35 -54.51 -69.61
S4 SF4 R . 73.52 -54.00 -66.05
PA NAD S . 65.02 -45.31 -11.23
O1A NAD S . 66.35 -45.32 -11.93
O2A NAD S . 64.42 -43.96 -10.94
O5B NAD S . 65.37 -46.00 -9.83
C5B NAD S . 66.71 -46.38 -9.57
C4B NAD S . 66.81 -47.36 -8.41
O4B NAD S . 66.97 -46.64 -7.19
C3B NAD S . 65.59 -48.20 -8.19
O3B NAD S . 66.04 -49.46 -7.70
C2B NAD S . 64.87 -47.50 -7.10
O2B NAD S . 64.03 -48.41 -6.39
C1B NAD S . 66.02 -47.07 -6.24
N9A NAD S . 65.67 -45.98 -5.31
C8A NAD S . 65.45 -44.70 -5.62
N7A NAD S . 65.16 -43.99 -4.51
C5A NAD S . 65.19 -44.83 -3.48
C6A NAD S . 64.97 -44.74 -2.03
N6A NAD S . 64.65 -43.58 -1.45
N1A NAD S . 65.08 -45.85 -1.31
C2A NAD S . 65.40 -47.03 -1.87
N3A NAD S . 65.61 -47.18 -3.17
C4A NAD S . 65.52 -46.14 -4.02
O3 NAD S . 63.90 -46.33 -11.83
PN NAD S . 64.08 -47.61 -12.81
O1N NAD S . 63.02 -47.64 -13.86
O2N NAD S . 64.24 -48.81 -11.93
O5D NAD S . 65.41 -47.34 -13.68
C5D NAD S . 65.40 -46.57 -14.89
C4D NAD S . 66.65 -46.94 -15.70
O4D NAD S . 66.65 -48.28 -16.18
C3D NAD S . 66.79 -46.12 -16.95
O3D NAD S . 67.97 -45.35 -16.79
C2D NAD S . 66.93 -47.12 -18.08
O2D NAD S . 67.96 -46.77 -18.99
C1D NAD S . 67.43 -48.33 -17.36
N1N NAD S . 67.36 -49.58 -18.09
C2N NAD S . 68.23 -50.47 -17.64
C3N NAD S . 68.38 -51.74 -18.14
C7N NAD S . 69.43 -52.63 -17.48
O7N NAD S . 70.11 -52.21 -16.52
N7N NAD S . 69.60 -53.86 -17.96
C4N NAD S . 67.51 -52.17 -19.28
C5N NAD S . 66.59 -51.11 -19.71
C6N NAD S . 66.55 -49.86 -19.10
FE1 SF4 T . 53.78 -48.26 -19.95
FE2 SF4 T . 55.32 -46.76 -21.64
FE3 SF4 T . 56.15 -47.24 -19.08
FE4 SF4 T . 54.03 -45.58 -19.54
S1 SF4 T . 56.19 -45.25 -20.17
S2 SF4 T . 54.15 -47.21 -17.97
S3 SF4 T . 53.07 -46.60 -21.34
S4 SF4 T . 55.86 -48.77 -20.74
PA FAD U . 17.52 -2.61 -38.35
O1A FAD U . 16.56 -3.50 -37.69
O2A FAD U . 17.47 -2.60 -39.87
O5B FAD U . 17.35 -1.14 -37.82
C5B FAD U . 17.49 -0.83 -36.41
C4B FAD U . 16.79 0.46 -36.05
O4B FAD U . 17.72 1.55 -36.06
C3B FAD U . 15.63 0.89 -36.94
O3B FAD U . 14.39 0.70 -36.27
C2B FAD U . 15.87 2.39 -37.20
O2B FAD U . 14.70 3.15 -36.94
C1B FAD U . 16.95 2.71 -36.17
N9A FAD U . 17.83 3.82 -36.55
C8A FAD U . 18.49 4.00 -37.73
N7A FAD U . 19.21 5.10 -37.78
C5A FAD U . 19.02 5.67 -36.55
C6A FAD U . 19.50 6.86 -35.96
N6A FAD U . 20.32 7.71 -36.58
N1A FAD U . 19.10 7.16 -34.70
C2A FAD U . 18.28 6.31 -34.08
N3A FAD U . 17.76 5.17 -34.52
C4A FAD U . 18.16 4.91 -35.77
N1 FAD U . 16.05 -11.34 -42.53
C2 FAD U . 15.60 -12.61 -42.34
O2 FAD U . 16.16 -13.39 -41.58
N3 FAD U . 14.48 -13.06 -43.02
C4 FAD U . 13.73 -12.33 -43.91
O4 FAD U . 12.76 -12.83 -44.46
C4X FAD U . 14.21 -10.97 -44.11
N5 FAD U . 13.56 -10.22 -44.93
C5X FAD U . 14.01 -8.92 -45.12
C6 FAD U . 13.31 -8.10 -46.00
C7 FAD U . 13.72 -6.79 -46.22
C7M FAD U . 12.95 -5.93 -47.19
C8 FAD U . 14.85 -6.29 -45.55
C8M FAD U . 15.33 -4.89 -45.77
C9 FAD U . 15.55 -7.12 -44.68
C9A FAD U . 15.13 -8.42 -44.45
N10 FAD U . 15.81 -9.28 -43.56
C10 FAD U . 15.37 -10.56 -43.37
C1' FAD U . 17.00 -8.82 -42.85
C2' FAD U . 16.70 -8.27 -41.45
O2' FAD U . 15.52 -7.48 -41.47
C3' FAD U . 17.87 -7.40 -41.00
O3' FAD U . 19.09 -8.01 -41.42
C4' FAD U . 17.94 -7.20 -39.49
O4' FAD U . 16.66 -6.73 -39.04
C5' FAD U . 19.04 -6.25 -39.08
O5' FAD U . 18.58 -5.46 -37.96
P FAD U . 19.49 -4.37 -37.30
O1P FAD U . 20.93 -4.61 -37.75
O2P FAD U . 19.33 -4.33 -35.85
O3P FAD U . 19.01 -3.00 -37.94
FE1 SF4 V . 35.45 -43.96 -19.20
FE2 SF4 V . 37.50 -44.98 -20.68
FE3 SF4 V . 36.67 -46.27 -18.42
FE4 SF4 V . 38.01 -43.89 -18.22
S1 SF4 V . 38.82 -45.84 -19.05
S2 SF4 V . 36.13 -44.51 -17.09
S3 SF4 V . 37.21 -42.80 -20.07
S4 SF4 V . 35.46 -45.93 -20.32
PA NDP W . 23.60 -6.45 -53.51
O1A NDP W . 24.26 -5.14 -53.79
O2A NDP W . 24.40 -7.72 -53.71
O5B NDP W . 22.33 -6.65 -54.47
C5B NDP W . 21.47 -7.80 -54.39
C4B NDP W . 20.54 -7.99 -55.60
O4B NDP W . 20.62 -7.00 -56.63
C3B NDP W . 20.89 -9.23 -56.32
O3B NDP W . 19.67 -9.59 -56.96
C2B NDP W . 21.95 -8.74 -57.28
O2B NDP W . 22.08 -9.84 -58.19
C1B NDP W . 21.37 -7.39 -57.78
N9A NDP W . 22.13 -6.10 -58.11
C8A NDP W . 23.03 -5.37 -57.41
N7A NDP W . 23.46 -4.27 -58.09
C5A NDP W . 22.87 -4.21 -59.30
C6A NDP W . 22.86 -3.32 -60.55
N6A NDP W . 23.55 -2.13 -60.85
N1A NDP W . 22.03 -3.77 -61.50
C2A NDP W . 21.27 -4.88 -61.41
N3A NDP W . 21.25 -5.69 -60.36
C4A NDP W . 22.00 -5.42 -59.28
O3 NDP W . 22.92 -6.41 -52.06
PN NDP W . 23.20 -7.46 -50.86
O1N NDP W . 23.04 -8.84 -51.43
O2N NDP W . 24.50 -7.15 -50.16
O5D NDP W . 21.93 -7.17 -49.90
C5D NDP W . 20.94 -6.20 -50.26
C4D NDP W . 19.91 -6.83 -51.20
O4D NDP W . 20.18 -8.23 -51.36
C3D NDP W . 18.50 -6.73 -50.69
O3D NDP W . 17.92 -5.53 -51.19
C2D NDP W . 17.87 -7.91 -51.39
O2D NDP W . 17.27 -7.58 -52.68
C1D NDP W . 18.95 -9.00 -51.34
N1N NDP W . 18.93 -9.86 -50.14
C2N NDP W . 19.38 -9.43 -48.93
C3N NDP W . 19.37 -10.25 -47.82
C7N NDP W . 18.74 -9.86 -46.52
O7N NDP W . 17.63 -10.21 -46.24
N7N NDP W . 19.41 -9.10 -45.65
C4N NDP W . 19.53 -11.73 -48.06
C5N NDP W . 19.12 -12.11 -49.40
C6N NDP W . 18.81 -11.18 -50.37
P2B NDP W . 23.39 -10.81 -58.32
O1X NDP W . 24.44 -10.25 -57.39
O2X NDP W . 22.88 -12.16 -57.91
O3X NDP W . 23.75 -10.79 -59.76
FE1 SF4 X . 18.45 -33.67 -34.59
FE2 SF4 X . 18.98 -32.73 -37.10
FE3 SF4 X . 20.89 -34.13 -35.73
FE4 SF4 X . 20.20 -31.60 -34.94
S1 SF4 X . 21.18 -32.20 -36.90
S2 SF4 X . 20.49 -33.43 -33.61
S3 SF4 X . 17.97 -31.60 -35.40
S4 SF4 X . 18.87 -34.90 -36.46
FE1 SF4 Y . 33.50 -34.99 -24.35
FE2 SF4 Y . 33.13 -33.89 -26.83
FE3 SF4 Y . 31.61 -36.02 -26.04
FE4 SF4 Y . 34.27 -36.36 -26.59
S1 SF4 Y . 32.64 -35.75 -28.06
S2 SF4 Y . 33.13 -37.19 -24.80
S3 SF4 Y . 35.12 -34.38 -25.83
S4 SF4 Y . 31.62 -33.94 -25.13
FE1 SF4 Z . 17.93 -22.34 -37.20
FE2 SF4 Z . 17.43 -19.69 -37.58
FE3 SF4 Z . 19.05 -20.49 -35.53
FE4 SF4 Z . 16.36 -20.99 -35.44
S1 SF4 Z . 17.38 -18.95 -35.43
S2 SF4 Z . 18.04 -22.44 -34.93
S3 SF4 Z . 15.91 -21.39 -37.63
S4 SF4 Z . 19.45 -20.73 -37.75
FE1 SF4 AA . 28.63 -51.95 -12.32
FE2 SF4 AA . 28.43 -53.53 -14.54
FE3 SF4 AA . 30.86 -53.18 -13.34
FE4 SF4 AA . 29.68 -51.10 -14.68
S1 SF4 AA . 30.41 -53.08 -15.58
S2 SF4 AA . 30.68 -51.01 -12.64
S3 SF4 AA . 27.49 -51.48 -14.22
S4 SF4 AA . 29.02 -54.20 -12.45
FE1 SF4 BA . 18.50 -47.88 -3.12
FE2 SF4 BA . 20.36 -49.73 -3.89
FE3 SF4 BA . 19.07 -50.01 -1.50
FE4 SF4 BA . 20.91 -48.01 -1.85
S1 SF4 BA . 21.31 -50.26 -1.89
S2 SF4 BA . 18.86 -47.84 -0.87
S3 SF4 BA . 20.54 -47.46 -4.03
S4 SF4 BA . 18.14 -50.09 -3.57
FE1 FES CA . 45.98 -38.52 -13.54
FE2 FES CA . 47.22 -37.78 -11.28
S1 FES CA . 48.12 -38.70 -13.06
S2 FES CA . 45.17 -37.30 -11.91
FE1 FES DA . -97.71 10.28 -14.28
FE2 FES DA . -97.07 12.89 -14.54
S1 FES DA . -98.18 11.62 -15.96
S2 FES DA . -96.83 11.61 -12.76
ZN ZN EA . -92.74 -2.36 2.64
FE1 FES FA . -104.11 18.76 -17.66
FE2 FES FA . -104.34 21.21 -16.54
S1 FES FA . -105.15 20.53 -18.47
S2 FES FA . -103.26 19.46 -15.75
N1 FMN GA . -82.74 25.31 -12.25
C2 FMN GA . -83.81 25.73 -13.01
O2 FMN GA . -84.07 26.92 -13.07
N3 FMN GA . -84.57 24.81 -13.70
C4 FMN GA . -84.26 23.47 -13.61
O4 FMN GA . -84.94 22.65 -14.21
C4A FMN GA . -83.19 23.05 -12.84
N5 FMN GA . -82.90 21.71 -12.78
C5A FMN GA . -81.83 21.27 -12.02
C6 FMN GA . -81.55 19.92 -11.96
C7 FMN GA . -80.47 19.47 -11.20
C7M FMN GA . -80.16 18.01 -11.13
C8 FMN GA . -79.69 20.39 -10.51
C8M FMN GA . -78.54 19.91 -9.69
C9 FMN GA . -79.98 21.75 -10.57
C9A FMN GA . -81.06 22.19 -11.33
N10 FMN GA . -81.34 23.54 -11.41
C10 FMN GA . -82.41 23.97 -12.16
C1' FMN GA . -80.46 24.49 -10.62
C2' FMN GA . -79.65 25.46 -11.46
O2' FMN GA . -78.28 25.29 -11.19
C3' FMN GA . -80.09 26.89 -11.12
O3' FMN GA . -81.32 27.16 -11.76
C4' FMN GA . -79.07 27.91 -11.60
O4' FMN GA . -77.81 27.56 -11.06
C5' FMN GA . -79.44 29.31 -11.14
O5' FMN GA . -80.77 29.36 -10.65
P FMN GA . -81.35 30.75 -10.08
O1P FMN GA . -81.77 31.61 -11.25
O2P FMN GA . -82.54 30.50 -9.20
O3P FMN GA . -80.29 31.48 -9.31
FE1 SF4 HA . -100.26 -16.73 -6.79
FE2 SF4 HA . -102.69 -16.67 -8.04
FE3 SF4 HA . -101.69 -14.41 -6.87
FE4 SF4 HA . -102.55 -16.50 -5.32
S1 SF4 HA . -103.81 -15.20 -6.70
S2 SF4 HA . -100.63 -15.29 -5.06
S3 SF4 HA . -101.92 -18.27 -6.60
S4 SF4 HA . -100.81 -15.53 -8.66
FE1 SF4 IA . -113.62 -16.63 1.23
FE2 SF4 IA . -111.30 -18.00 0.75
FE3 SF4 IA . -112.11 -16.05 -0.99
FE4 SF4 IA . -113.48 -18.42 -0.84
S1 SF4 IA . -111.33 -18.13 -1.52
S2 SF4 IA . -114.38 -16.33 -0.90
S3 SF4 IA . -113.30 -18.89 1.40
S4 SF4 IA . -111.50 -15.78 1.19
PA NAD JA . -75.27 26.46 -6.29
O1A NAD JA . -76.58 26.52 -5.54
O2A NAD JA . -74.02 26.31 -5.47
O5B NAD JA . -75.22 27.88 -7.01
C5B NAD JA . -76.27 28.82 -6.76
C4B NAD JA . -76.28 29.94 -7.78
O4B NAD JA . -75.46 31.02 -7.33
C3B NAD JA . -75.73 29.58 -9.12
O3B NAD JA . -76.45 30.31 -10.09
C2B NAD JA . -74.33 30.10 -9.08
O2B NAD JA . -73.85 30.35 -10.39
C1B NAD JA . -74.55 31.39 -8.34
N9A NAD JA . -73.32 31.93 -7.75
C8A NAD JA . -72.65 31.46 -6.69
N7A NAD JA . -71.57 32.21 -6.43
C5A NAD JA . -71.52 33.17 -7.36
C6A NAD JA . -70.64 34.30 -7.67
N6A NAD JA . -69.55 34.56 -6.93
N1A NAD JA . -70.94 35.07 -8.72
C2A NAD JA . -72.02 34.83 -9.47
N3A NAD JA . -72.87 33.83 -9.24
C4A NAD JA . -72.67 32.98 -8.22
O3 NAD JA . -75.25 25.45 -7.57
PN NAD JA . -76.49 24.80 -8.39
O1N NAD JA . -76.22 23.36 -8.71
O2N NAD JA . -76.80 25.72 -9.52
O5D NAD JA . -77.72 24.71 -7.36
C5D NAD JA . -77.90 23.61 -6.47
C4D NAD JA . -79.37 23.55 -6.03
O4D NAD JA . -80.28 23.25 -7.10
C3D NAD JA . -79.64 22.49 -5.01
O3D NAD JA . -80.04 23.17 -3.83
C2D NAD JA . -80.79 21.66 -5.58
O2D NAD JA . -81.79 21.38 -4.61
C1D NAD JA . -81.41 22.62 -6.53
N1N NAD JA . -82.34 22.05 -7.49
C2N NAD JA . -83.20 22.95 -7.95
C3N NAD JA . -84.19 22.68 -8.86
C7N NAD JA . -85.09 23.85 -9.26
O7N NAD JA . -84.93 24.99 -8.78
N7N NAD JA . -86.07 23.62 -10.15
C4N NAD JA . -84.31 21.29 -9.41
C5N NAD JA . -83.30 20.40 -8.85
C6N NAD JA . -82.36 20.80 -7.91
FE1 SF4 KA . -72.69 13.50 -12.35
FE2 SF4 KA . -73.84 12.72 -9.99
FE3 SF4 KA . -73.48 15.39 -10.54
FE4 SF4 KA . -71.32 13.79 -10.00
S1 SF4 KA . -73.02 14.31 -8.58
S2 SF4 KA . -71.51 15.32 -11.67
S3 SF4 KA . -71.99 11.83 -10.97
S4 SF4 KA . -74.82 13.92 -11.65
PA FAD LA . -32.00 -23.98 13.65
O1A FAD LA . -31.44 -23.83 12.29
O2A FAD LA . -32.66 -25.32 13.94
O5B FAD LA . -30.88 -23.73 14.73
C5B FAD LA . -30.16 -22.47 14.77
C4B FAD LA . -28.84 -22.60 15.48
O4B FAD LA . -28.97 -22.22 16.86
C3B FAD LA . -28.19 -23.99 15.49
O3B FAD LA . -27.07 -24.02 14.61
C2B FAD LA . -27.74 -24.19 16.94
O2B FAD LA . -26.38 -24.61 16.99
C1B FAD LA . -27.88 -22.79 17.53
N9A FAD LA . -28.13 -22.75 18.96
C8A FAD LA . -29.07 -23.45 19.66
N7A FAD LA . -29.08 -23.21 20.95
C5A FAD LA . -28.05 -22.29 21.11
C6A FAD LA . -27.54 -21.63 22.25
N6A FAD LA . -28.00 -21.81 23.49
N1A FAD LA . -26.51 -20.77 22.05
C2A FAD LA . -26.05 -20.59 20.82
N3A FAD LA . -26.45 -21.15 19.68
C4A FAD LA . -27.47 -22.00 19.90
N1 FAD LA . -37.28 -27.69 6.29
C2 FAD LA . -37.51 -27.65 4.94
O2 FAD LA . -37.95 -26.65 4.38
N3 FAD LA . -37.24 -28.77 4.17
C4 FAD LA . -36.75 -29.96 4.62
O4 FAD LA . -36.55 -30.88 3.84
C4X FAD LA . -36.51 -29.99 6.05
N5 FAD LA . -36.04 -31.08 6.56
C5X FAD LA . -35.80 -31.11 7.92
C6 FAD LA . -35.29 -32.28 8.48
C7 FAD LA . -35.03 -32.37 9.84
C7M FAD LA . -34.49 -33.64 10.41
C8 FAD LA . -35.29 -31.26 10.67
C8M FAD LA . -35.03 -31.31 12.14
C9 FAD LA . -35.80 -30.08 10.10
C9A FAD LA . -36.05 -30.01 8.74
N10 FAD LA . -36.56 -28.84 8.15
C10 FAD LA . -36.80 -28.80 6.80
C1' FAD LA . -36.85 -27.65 8.96
C2' FAD LA . -35.71 -26.65 9.01
O2' FAD LA . -34.46 -27.32 9.15
C3' FAD LA . -35.91 -25.74 10.22
O3' FAD LA . -37.29 -25.44 10.36
C4' FAD LA . -35.15 -24.41 10.12
O4' FAD LA . -33.78 -24.70 9.83
C5' FAD LA . -35.27 -23.57 11.37
O5' FAD LA . -34.01 -22.90 11.61
P FAD LA . -33.82 -21.95 12.85
O1P FAD LA . -35.20 -21.60 13.40
O2P FAD LA . -33.01 -20.79 12.52
O3P FAD LA . -33.07 -22.85 13.92
FE1 SF4 MA . -56.87 4.60 -17.37
FE2 SF4 MA . -59.56 4.43 -17.00
FE3 SF4 MA . -58.56 6.05 -18.96
FE4 SF4 MA . -58.23 6.71 -16.32
S1 SF4 MA . -60.20 6.56 -17.45
S2 SF4 MA . -56.65 6.79 -17.96
S3 SF4 MA . -57.98 4.65 -15.39
S4 SF4 MA . -58.40 3.78 -18.85
PA NDP NA . -45.45 -33.67 16.22
O1A NDP NA . -45.40 -33.69 17.72
O2A NDP NA . -46.75 -33.35 15.55
O5B NDP NA . -45.07 -35.12 15.64
C5B NDP NA . -44.99 -35.41 14.24
C4B NDP NA . -44.99 -36.90 13.89
O4B NDP NA . -45.02 -37.83 14.98
C3B NDP NA . -46.19 -37.26 13.12
O3B NDP NA . -45.80 -38.39 12.37
C2B NDP NA . -47.17 -37.59 14.24
O2B NDP NA . -48.24 -38.22 13.54
C1B NDP NA . -46.31 -38.40 15.23
N9A NDP NA . -46.36 -38.41 16.76
C8A NDP NA . -46.31 -37.40 17.66
N7A NDP NA . -46.39 -37.85 18.95
C5A NDP NA . -46.49 -39.20 18.98
C6A NDP NA . -46.62 -40.34 19.98
N6A NDP NA . -46.67 -40.34 21.39
N1A NDP NA . -46.70 -41.55 19.40
C2A NDP NA . -46.68 -41.76 18.07
N3A NDP NA . -46.56 -40.82 17.15
C4A NDP NA . -46.48 -39.52 17.51
O3 NDP NA . -44.25 -32.77 15.66
PN NDP NA . -44.42 -31.53 14.63
O1N NDP NA . -45.27 -32.00 13.49
O2N NDP NA . -44.88 -30.29 15.38
O5D NDP NA . -42.90 -31.36 14.10
C5D NDP NA . -41.86 -32.24 14.54
C4D NDP NA . -41.88 -33.51 13.70
O4D NDP NA . -42.85 -33.42 12.65
C3D NDP NA . -40.56 -33.80 13.03
O3D NDP NA . -39.78 -34.61 13.89
C2D NDP NA . -41.02 -34.63 11.86
O2D NDP NA . -41.04 -36.06 12.13
C1D NDP NA . -42.34 -33.97 11.42
N1N NDP NA . -42.19 -32.88 10.42
C2N NDP NA . -41.74 -31.64 10.77
C3N NDP NA . -41.63 -30.63 9.84
C7N NDP NA . -40.36 -29.86 9.61
O7N NDP NA . -39.60 -30.16 8.74
N7N NDP NA . -40.06 -28.83 10.41
C4N NDP NA . -42.60 -30.65 8.68
C5N NDP NA . -43.12 -31.98 8.42
C6N NDP NA . -42.88 -33.04 9.29
P2B NDP NA . -49.74 -37.60 13.34
O1X NDP NA . -49.79 -36.31 14.12
O2X NDP NA . -49.85 -37.40 11.85
O3X NDP NA . -50.67 -38.66 13.81
FE1 SF4 OA . -46.56 -17.98 -13.40
FE2 SF4 OA . -47.65 -19.94 -11.84
FE3 SF4 OA . -49.10 -17.71 -12.43
FE4 SF4 OA . -46.95 -17.54 -10.74
S1 SF4 OA . -48.89 -18.70 -10.39
S2 SF4 OA . -47.46 -16.12 -12.44
S3 SF4 OA . -45.55 -19.07 -11.69
S4 SF4 OA . -48.37 -19.29 -13.89
FE1 SF4 PA . -53.35 -1.48 -9.55
FE2 SF4 PA . -53.69 -3.88 -8.27
FE3 SF4 PA . -53.29 -3.81 -10.98
FE4 SF4 PA . -55.65 -2.92 -9.92
S1 SF4 PA . -54.84 -5.04 -9.85
S2 SF4 PA . -54.40 -1.90 -11.52
S3 SF4 PA . -54.91 -1.98 -7.97
S4 SF4 PA . -51.82 -3.18 -9.37
FE1 SF4 QA . -41.70 -21.32 -3.38
FE2 SF4 QA . -40.18 -22.11 -1.25
FE3 SF4 QA . -40.79 -19.46 -1.59
FE4 SF4 QA . -39.05 -20.70 -3.30
S1 SF4 QA . -38.75 -20.33 -1.07
S2 SF4 QA . -40.76 -19.31 -3.87
S3 SF4 QA . -39.95 -22.79 -3.41
S4 SF4 QA . -42.24 -21.15 -1.17
FE1 SF4 RA . -52.73 7.67 -28.84
FE2 SF4 RA . -54.41 5.77 -29.84
FE3 SF4 RA . -55.44 8.00 -28.63
FE4 SF4 RA . -54.17 6.10 -27.12
S1 SF4 RA . -56.11 5.84 -28.31
S2 SF4 RA . -53.89 8.36 -27.00
S3 SF4 RA . -52.54 5.42 -28.58
S4 SF4 RA . -54.21 7.92 -30.55
FE1 SF4 SA . -39.01 10.18 -31.92
FE2 SF4 SA . -41.65 10.58 -32.48
FE3 SF4 SA . -39.75 12.02 -33.81
FE4 SF4 SA . -40.23 12.49 -31.15
S1 SF4 SA . -41.68 12.82 -32.89
S2 SF4 SA . -38.20 12.29 -32.16
S3 SF4 SA . -40.71 10.39 -30.42
S4 SF4 SA . -40.07 9.77 -33.89
FE1 FES TA . -59.12 14.38 -8.91
FE2 FES TA . -58.59 16.89 -8.13
S1 FES TA . -60.54 15.87 -8.15
S2 FES TA . -57.15 15.28 -8.55
FE1 FES UA . -35.28 91.22 -17.08
FE2 FES UA . -37.64 89.93 -17.22
S1 FES UA . -37.11 91.64 -15.94
S2 FES UA . -35.89 89.68 -18.53
ZN ZN VA . -17.53 86.53 -28.64
FE1 FES WA . -45.56 95.47 -17.63
FE2 FES WA . -47.57 94.73 -19.28
S1 FES WA . -47.67 96.11 -17.56
S2 FES WA . -45.48 94.06 -19.32
N1 FMN XA . -45.39 72.49 -17.96
C2 FMN XA . -46.24 73.52 -17.65
O2 FMN XA . -47.42 73.44 -17.93
N3 FMN XA . -45.75 74.65 -17.03
C4 FMN XA . -44.41 74.73 -16.73
O4 FMN XA . -43.95 75.72 -16.19
C4A FMN XA . -43.55 73.68 -17.03
N5 FMN XA . -42.22 73.79 -16.72
C5A FMN XA . -41.36 72.76 -17.02
C6 FMN XA . -40.01 72.86 -16.70
C7 FMN XA . -39.15 71.82 -17.00
C7M FMN XA . -37.69 71.94 -16.65
C8 FMN XA . -39.63 70.68 -17.63
C8M FMN XA . -38.69 69.56 -17.95
C9 FMN XA . -40.97 70.57 -17.94
C9A FMN XA . -41.85 71.61 -17.65
N10 FMN XA . -43.19 71.50 -17.96
C10 FMN XA . -44.04 72.54 -17.66
C1' FMN XA . -43.65 70.25 -18.64
C2' FMN XA . -44.62 69.39 -17.84
O2' FMN XA . -44.09 68.10 -17.66
C3' FMN XA . -45.95 69.30 -18.58
O3' FMN XA . -46.66 70.51 -18.42
C4' FMN XA . -46.82 68.17 -18.08
O4' FMN XA . -46.06 66.98 -18.14
C5' FMN XA . -48.07 68.01 -18.93
O5' FMN XA . -48.27 69.12 -19.77
P FMN XA . -49.53 69.13 -20.77
O1P FMN XA . -50.75 69.54 -19.99
O2P FMN XA . -49.30 70.12 -21.89
O3P FMN XA . -49.75 67.76 -21.35
FE1 SF4 YA . -8.51 99.75 -18.85
FE2 SF4 YA . -9.47 102.26 -18.40
FE3 SF4 YA . -11.03 100.43 -19.70
FE4 SF4 YA . -8.81 101.49 -20.94
S1 SF4 YA . -10.70 102.61 -20.29
S2 SF4 YA . -9.43 99.30 -20.89
S3 SF4 YA . -7.40 101.71 -19.17
S4 SF4 YA . -10.29 100.32 -17.54
FE1 SF4 ZA . -9.25 110.40 -30.20
FE2 SF4 ZA . -7.59 108.74 -28.78
FE3 SF4 ZA . -10.09 109.32 -27.83
FE4 SF4 ZA . -8.15 111.26 -27.84
S1 SF4 ZA . -8.15 109.31 -26.64
S2 SF4 ZA . -10.31 111.49 -28.50
S3 SF4 ZA . -7.04 110.73 -29.76
S4 SF4 ZA . -9.59 108.20 -29.75
PA NAD AB . -43.10 63.88 -21.62
O1A NAD AB . -43.22 64.91 -22.71
O2A NAD AB . -42.44 62.58 -21.99
O5B NAD AB . -44.62 63.58 -21.24
C5B NAD AB . -45.64 64.23 -21.98
C4B NAD AB . -46.99 64.14 -21.29
O4B NAD AB . -47.68 62.98 -21.70
C3B NAD AB . -46.91 64.03 -19.78
O3B NAD AB . -48.05 64.70 -19.26
C2B NAD AB . -47.09 62.56 -19.55
O2B NAD AB . -47.59 62.32 -18.24
C1B NAD AB . -48.12 62.23 -20.58
N9A NAD AB . -48.18 60.80 -20.89
C8A NAD AB . -47.30 60.08 -21.59
N7A NAD AB . -47.68 58.80 -21.67
C5A NAD AB . -48.83 58.68 -21.02
C6A NAD AB . -49.78 57.61 -20.72
N6A NAD AB . -49.57 56.35 -21.15
N1A NAD AB . -50.86 57.90 -20.00
C2A NAD AB . -51.10 59.14 -19.55
N3A NAD AB . -50.28 60.16 -19.79
C4A NAD AB . -49.16 59.99 -20.50
O3 NAD AB . -42.52 64.44 -20.20
PN NAD AB . -42.42 65.96 -19.65
O1N NAD AB . -41.12 66.19 -18.96
O2N NAD AB . -43.68 66.23 -18.88
O5D NAD AB . -42.30 66.91 -20.93
C5D NAD AB . -41.07 67.19 -21.58
C4D NAD AB . -41.22 68.48 -22.39
O4D NAD AB . -41.44 69.65 -21.60
C3D NAD AB . -40.00 68.82 -23.19
O3D NAD AB . -40.38 68.74 -24.55
C2D NAD AB . -39.64 70.24 -22.81
O2D NAD AB . -39.31 71.05 -23.94
C1D NAD AB . -40.95 70.76 -22.32
N1N NAD AB . -40.91 72.00 -21.56
C2N NAD AB . -42.06 72.65 -21.58
C3N NAD AB . -42.30 73.84 -20.95
C7N NAD AB . -43.69 74.44 -21.09
O7N NAD AB . -44.58 73.85 -21.74
N7N NAD AB . -43.95 75.61 -20.50
C4N NAD AB . -41.17 74.49 -20.17
C5N NAD AB . -39.95 73.68 -20.21
C6N NAD AB . -39.86 72.48 -20.89
FE1 SF4 BB . -32.19 66.55 -12.38
FE2 SF4 BB . -31.05 67.33 -14.74
FE3 SF4 BB . -33.60 66.34 -14.71
FE4 SF4 BB . -31.48 64.68 -14.24
S1 SF4 BB . -31.94 65.79 -16.17
S2 SF4 BB . -33.44 64.77 -13.07
S3 SF4 BB . -30.09 66.07 -13.09
S4 SF4 BB . -32.86 68.26 -13.73
PA FAD CB . 19.21 33.74 -16.65
O1A FAD CB . 18.81 33.48 -15.26
O2A FAD CB . 20.39 34.68 -16.82
O5B FAD CB . 19.52 32.39 -17.40
C5B FAD CB . 18.53 31.36 -17.52
C4B FAD CB . 19.15 30.00 -17.76
O4B FAD CB . 19.16 29.71 -19.18
C3B FAD CB . 20.59 29.80 -17.27
O3B FAD CB . 20.60 28.95 -16.13
C2B FAD CB . 21.29 29.11 -18.46
O2B FAD CB . 22.00 27.95 -18.02
C1B FAD CB . 20.13 28.71 -19.35
N9A FAD CB . 20.45 28.62 -20.77
C8A FAD CB . 21.09 29.55 -21.54
N7A FAD CB . 21.24 29.19 -22.79
C5A FAD CB . 20.65 27.94 -22.85
C6A FAD CB . 20.47 27.02 -23.91
N6A FAD CB . 20.90 27.23 -25.15
N1A FAD CB . 19.85 25.86 -23.62
C2A FAD CB . 19.42 25.64 -22.37
N3A FAD CB . 19.53 26.44 -21.30
C4A FAD CB . 20.16 27.57 -21.61
N1 FAD CB . 19.37 41.35 -10.50
C2 FAD CB . 18.90 41.86 -9.32
O2 FAD CB . 17.71 42.10 -9.15
N3 FAD CB . 19.77 42.10 -8.28
C4 FAD CB . 21.12 41.88 -8.30
O4 FAD CB . 21.80 42.14 -7.31
C4X FAD CB . 21.62 41.35 -9.56
N5 FAD CB . 22.90 41.12 -9.66
C5X FAD CB . 23.36 40.60 -10.85
C6 FAD CB . 24.73 40.35 -10.96
C7 FAD CB . 25.26 39.84 -12.14
C7M FAD CB . 26.73 39.56 -12.24
C8 FAD CB . 24.40 39.57 -13.22
C8M FAD CB . 24.93 39.01 -14.51
C9 FAD CB . 23.04 39.82 -13.11
C9A FAD CB . 22.52 40.34 -11.93
N10 FAD CB . 21.14 40.60 -11.77
C10 FAD CB . 20.66 41.12 -10.59
C1' FAD CB . 20.20 40.36 -12.88
C2' FAD CB . 19.54 38.99 -12.82
O2' FAD CB . 20.47 37.99 -12.43
C3' FAD CB . 18.98 38.65 -14.20
O3' FAD CB . 18.45 39.83 -14.79
C4' FAD CB . 17.90 37.58 -14.17
O4' FAD CB . 18.38 36.45 -13.45
C5' FAD CB . 17.45 37.18 -15.56
O5' FAD CB . 17.17 35.76 -15.57
P FAD CB . 16.68 35.04 -16.87
O1P FAD CB . 16.21 36.09 -17.87
O2P FAD CB . 15.68 34.02 -16.59
O3P FAD CB . 18.00 34.36 -17.47
FE1 SF4 DB . -21.85 55.48 -1.17
FE2 SF4 DB . -22.17 57.97 -2.27
FE3 SF4 DB . -24.03 56.99 -0.51
FE4 SF4 DB . -23.82 55.91 -3.02
S1 SF4 DB . -24.44 58.03 -2.50
S2 SF4 DB . -24.01 54.78 -1.05
S3 SF4 DB . -21.57 56.05 -3.36
S4 SF4 DB . -21.85 57.46 -0.07
PA NDP EB . 26.01 48.51 -20.80
O1A NDP EB . 26.46 48.14 -22.19
O2A NDP EB . 25.22 49.78 -20.63
O5B NDP EB . 27.28 48.70 -19.83
C5B NDP EB . 27.16 49.02 -18.45
C4B NDP EB . 28.45 49.52 -17.78
O4B NDP EB . 29.62 49.59 -18.61
C3B NDP EB . 28.29 50.93 -17.35
O3B NDP EB . 29.22 51.04 -16.27
C2B NDP EB . 28.70 51.68 -18.59
O2B NDP EB . 28.85 53.02 -18.10
C1B NDP EB . 29.94 50.89 -19.08
N9A NDP EB . 30.37 50.61 -20.53
C8A NDP EB . 29.71 50.07 -21.57
N7A NDP EB . 30.48 50.00 -22.71
C5A NDP EB . 31.71 50.48 -22.45
C6A NDP EB . 33.04 50.70 -23.18
N6A NDP EB . 33.43 50.44 -24.50
N1A NDP EB . 33.98 51.25 -22.39
C2A NDP EB . 33.81 51.58 -21.10
N3A NDP EB . 32.68 51.40 -20.42
C4A NDP EB . 31.60 50.87 -21.01
O3 NDP EB . 25.27 47.26 -20.13
PN NDP EB . 23.78 47.28 -19.49
O1N NDP EB . 23.69 48.46 -18.57
O2N NDP EB . 22.74 47.18 -20.59
O5D NDP EB . 23.81 45.94 -18.60
C5D NDP EB . 24.98 45.13 -18.52
C4D NDP EB . 25.92 45.69 -17.46
O4D NDP EB . 25.33 46.80 -16.78
C3D NDP EB . 26.29 44.69 -16.39
O3D NDP EB . 27.47 44.02 -16.79
C2D NDP EB . 26.63 45.62 -15.25
O2D NDP EB . 28.03 45.99 -15.18
C1D NDP EB . 25.59 46.74 -15.36
N1N NDP EB . 24.32 46.53 -14.63
C2N NDP EB . 23.36 45.67 -15.09
C3N NDP EB . 22.17 45.48 -14.41
C7N NDP EB . 21.68 44.12 -14.02
O7N NDP EB . 21.87 43.69 -12.92
N7N NDP EB . 21.02 43.37 -14.89
C4N NDP EB . 21.66 46.64 -13.62
C5N NDP EB . 22.70 47.56 -13.24
C6N NDP EB . 23.98 47.46 -13.73
P2B NDP EB . 27.88 54.28 -18.49
O1X NDP EB . 26.91 53.78 -19.51
O2X NDP EB . 27.25 54.66 -17.18
O3X NDP EB . 28.81 55.35 -18.96
FE1 SF4 FB . 2.61 51.53 3.05
FE2 SF4 FB . 4.65 52.75 1.71
FE3 SF4 FB . 2.07 53.59 1.35
FE4 SF4 FB . 2.89 51.18 0.35
S1 SF4 FB . 3.63 53.24 -0.27
S2 SF4 FB . 0.96 51.62 1.47
S3 SF4 FB . 4.34 50.52 1.97
S4 SF4 FB . 3.28 53.69 3.27
FE1 SF4 GB . -13.14 52.24 -6.12
FE2 SF4 GB . -10.63 52.97 -6.89
FE3 SF4 GB . -11.37 53.18 -4.26
FE4 SF4 GB . -12.43 54.87 -6.14
S1 SF4 GB . -10.25 54.74 -5.49
S2 SF4 GB . -13.56 53.78 -4.50
S3 SF4 GB . -12.58 53.49 -7.94
S4 SF4 GB . -11.19 51.26 -5.48
FE1 SF4 HB . 9.69 45.76 -4.17
FE2 SF4 HB . 11.36 44.10 -5.54
FE3 SF4 HB . 8.66 43.98 -5.98
FE4 SF4 HB . 9.71 43.09 -3.62
S1 SF4 HB . 10.08 42.22 -5.69
S2 SF4 HB . 7.88 44.41 -3.88
S3 SF4 HB . 11.42 44.56 -3.31
S4 SF4 HB . 10.05 45.73 -6.42
FE1 SF4 IB . -27.10 53.26 10.02
FE2 SF4 IB . -25.98 55.59 10.88
FE3 SF4 IB . -27.95 55.64 8.98
FE4 SF4 IB . -25.46 54.68 8.36
S1 SF4 IB . -26.00 56.81 8.96
S2 SF4 IB . -27.46 53.73 7.82
S3 SF4 IB . -24.88 53.68 10.32
S4 SF4 IB . -28.15 54.93 11.14
FE1 SF4 JB . -27.29 40.43 16.30
FE2 SF4 JB . -28.41 42.90 15.97
FE3 SF4 JB . -29.71 41.00 17.43
FE4 SF4 JB . -29.49 40.73 14.72
S1 SF4 JB . -30.62 42.35 15.84
S2 SF4 JB . -29.15 39.11 16.29
S3 SF4 JB . -27.44 41.62 14.36
S4 SF4 JB . -27.71 41.97 17.92
FE1 FES KB . -29.01 52.90 -11.87
FE2 FES KB . -31.02 51.50 -12.99
S1 FES KB . -30.52 53.62 -13.31
S2 FES KB . -29.33 50.72 -11.82
FE1 FES LB . 63.58 -39.21 65.40
FE2 FES LB . 64.58 -40.43 63.22
S1 FES LB . 65.66 -39.18 64.68
S2 FES LB . 62.56 -40.65 64.08
ZN ZN MB . 42.93 -39.88 72.00
FE1 FES NB . 72.93 -45.18 64.36
FE2 FES NB . 73.25 -47.56 63.12
S1 FES NB . 74.81 -46.24 63.90
S2 FES NB . 71.36 -46.49 63.52
N1 FMN OB . 61.06 -43.69 44.73
C2 FMN OB . 62.35 -43.92 45.16
O2 FMN OB . 63.03 -44.76 44.58
N3 FMN OB . 62.85 -43.22 46.23
C4 FMN OB . 62.06 -42.29 46.87
O4 FMN OB . 62.49 -41.67 47.83
C4A FMN OB . 60.77 -42.05 46.43
N5 FMN OB . 60.00 -41.11 47.08
C5A FMN OB . 58.72 -40.87 46.66
C6 FMN OB . 57.94 -39.91 47.32
C7 FMN OB . 56.65 -39.66 46.89
C7M FMN OB . 55.82 -38.64 47.60
C8 FMN OB . 56.13 -40.36 45.80
C8M FMN OB . 54.74 -40.08 45.34
C9 FMN OB . 56.91 -41.30 45.15
C9A FMN OB . 58.20 -41.56 45.57
N10 FMN OB . 58.97 -42.50 44.91
C10 FMN OB . 60.25 -42.74 45.34
C1' FMN OB . 58.35 -43.23 43.74
C2' FMN OB . 59.00 -42.96 42.39
O2' FMN OB . 58.05 -42.44 41.50
C3' FMN OB . 59.57 -44.27 41.85
O3' FMN OB . 60.77 -44.56 42.52
C4' FMN OB . 59.87 -44.18 40.36
O4' FMN OB . 58.69 -43.77 39.71
C5' FMN OB . 60.30 -45.53 39.81
O5' FMN OB . 60.61 -46.45 40.84
P FMN OB . 61.06 -47.94 40.47
O1P FMN OB . 62.52 -47.92 40.09
O2P FMN OB . 60.87 -48.86 41.65
O3P FMN OB . 60.26 -48.45 39.30
FE1 SF4 PB . 47.63 -27.87 85.63
FE2 SF4 PB . 49.80 -28.16 87.27
FE3 SF4 PB . 49.39 -29.92 85.21
FE4 SF4 PB . 47.74 -29.96 87.41
S1 SF4 PB . 49.96 -30.44 87.35
S2 SF4 PB . 47.12 -30.06 85.22
S3 SF4 PB . 47.65 -27.73 87.91
S4 SF4 PB . 49.82 -27.69 85.04
FE1 SF4 QB . 48.21 -38.80 96.73
FE2 SF4 QB . 46.84 -36.63 95.80
FE3 SF4 QB . 49.39 -37.11 94.93
FE4 SF4 QB . 48.95 -36.28 97.51
S1 SF4 QB . 48.52 -35.11 95.60
S2 SF4 QB . 50.33 -37.96 96.83
S3 SF4 QB . 46.98 -37.33 97.96
S4 SF4 QB . 47.56 -38.42 94.58
PA NAD RB . 53.35 -45.04 39.12
O1A NAD RB . 53.46 -46.12 40.17
O2A NAD RB . 52.05 -44.93 38.38
O5B NAD RB . 54.48 -45.46 38.08
C5B NAD RB . 55.21 -46.67 38.30
C4B NAD RB . 56.47 -46.73 37.46
O4B NAD RB . 56.18 -47.36 36.21
C3B NAD RB . 57.05 -45.40 37.10
O3B NAD RB . 58.46 -45.56 37.04
C2B NAD RB . 56.56 -45.17 35.71
O2B NAD RB . 57.42 -44.29 35.01
C1B NAD RB . 56.65 -46.55 35.15
N9A NAD RB . 55.83 -46.75 33.94
C8A NAD RB . 54.50 -46.85 33.89
N7A NAD RB . 54.09 -47.02 32.61
C5A NAD RB . 55.18 -47.03 31.85
C6A NAD RB . 55.46 -47.17 30.41
N6A NAD RB . 54.47 -47.34 29.53
N1A NAD RB . 56.73 -47.12 30.02
C2A NAD RB . 57.73 -46.94 30.89
N3A NAD RB . 57.55 -46.81 32.20
C4A NAD RB . 56.31 -46.85 32.72
O3 NAD RB . 53.88 -43.57 39.59
PN NAD RB . 54.83 -43.16 40.84
O1N NAD RB . 54.33 -41.92 41.51
O2N NAD RB . 56.24 -43.15 40.33
O5D NAD RB . 54.63 -44.28 41.97
C5D NAD RB . 53.57 -44.23 42.92
C4D NAD RB . 53.95 -45.10 44.12
O4D NAD RB . 55.07 -44.62 44.86
C3D NAD RB . 52.85 -45.19 45.14
O3D NAD RB . 52.45 -46.56 45.16
C2D NAD RB . 53.49 -44.79 46.46
O2D NAD RB . 53.12 -45.66 47.53
C1D NAD RB . 54.93 -45.07 46.20
N1N NAD RB . 55.88 -44.48 47.13
C2N NAD RB . 57.03 -45.13 47.16
C3N NAD RB . 58.10 -44.80 47.94
C7N NAD RB . 59.34 -45.67 47.84
O7N NAD RB . 59.38 -46.63 47.04
N7N NAD RB . 60.40 -45.37 48.61
C4N NAD RB . 57.98 -43.61 48.86
C5N NAD RB . 56.67 -42.96 48.75
C6N NAD RB . 55.67 -43.42 47.90
FE1 SF4 SB . 51.11 -31.79 44.68
FE2 SF4 SB . 49.56 -33.30 46.35
FE3 SF4 SB . 50.94 -34.50 44.31
FE4 SF4 SB . 48.78 -32.89 43.78
S1 SF4 SB . 48.77 -34.87 44.91
S2 SF4 SB . 50.79 -32.88 42.71
S3 SF4 SB . 49.00 -31.31 45.39
S4 SF4 SB . 51.82 -33.42 46.11
PA FAD TB . -4.73 -7.15 41.38
O1A FAD TB . -3.93 -6.13 40.69
O2A FAD TB . -5.19 -6.77 42.77
O5B FAD TB . -5.99 -7.53 40.51
C5B FAD TB . -5.85 -8.05 39.17
C4B FAD TB . -7.09 -7.86 38.34
O4B FAD TB . -7.91 -9.04 38.39
C3B FAD TB . -8.01 -6.69 38.75
O3B FAD TB . -7.92 -5.64 37.80
C2B FAD TB . -9.42 -7.31 38.72
O2B FAD TB . -10.32 -6.50 37.98
C1B FAD TB . -9.19 -8.64 38.01
N9A FAD TB . -10.14 -9.69 38.36
C8A FAD TB . -10.50 -10.09 39.62
N7A FAD TB . -11.37 -11.07 39.64
C5A FAD TB . -11.60 -11.32 38.30
C6A FAD TB . -12.44 -12.25 37.64
N6A FAD TB . -13.22 -13.13 38.27
N1A FAD TB . -12.43 -12.24 36.28
C2A FAD TB . -11.65 -11.37 35.65
N3A FAD TB . -10.83 -10.45 36.17
C4A FAD TB . -10.85 -10.48 37.50
N1 FAD TB . 1.86 -2.33 46.77
C2 FAD TB . 3.01 -1.59 46.75
O2 FAD TB . 4.08 -2.07 46.36
N3 FAD TB . 2.98 -0.27 47.15
C4 FAD TB . 1.89 0.40 47.60
O4 FAD TB . 1.98 1.58 47.94
C4X FAD TB . 0.68 -0.38 47.62
N5 FAD TB . -0.41 0.18 48.04
C5X FAD TB . -1.57 -0.56 48.05
C6 FAD TB . -2.75 0.05 48.50
C7 FAD TB . -3.94 -0.66 48.54
C7M FAD TB . -5.19 0.01 49.02
C8 FAD TB . -3.96 -2.01 48.14
C8M FAD TB . -5.23 -2.81 48.16
C9 FAD TB . -2.78 -2.62 47.69
C9A FAD TB . -1.60 -1.90 47.65
N10 FAD TB . -0.39 -2.49 47.21
C10 FAD TB . 0.76 -1.75 47.19
C1' FAD TB . -0.35 -3.89 46.78
C2' FAD TB . -0.53 -4.07 45.27
O2' FAD TB . -1.54 -3.19 44.78
C3' FAD TB . -0.95 -5.51 45.00
O3' FAD TB . -0.24 -6.37 45.88
C4' FAD TB . -0.69 -5.96 43.57
O4' FAD TB . -1.28 -5.01 42.68
C5' FAD TB . -1.22 -7.34 43.28
O5' FAD TB . -1.73 -7.39 41.94
P FAD TB . -2.35 -8.71 41.35
O1P FAD TB . -1.94 -9.89 42.24
O2P FAD TB . -2.01 -8.89 39.95
O3P FAD TB . -3.92 -8.50 41.50
FE1 SF4 UB . 43.27 -16.13 37.76
FE2 SF4 UB . 44.24 -17.41 39.95
FE3 SF4 UB . 45.93 -16.76 37.90
FE4 SF4 UB . 44.05 -18.73 37.57
S1 SF4 UB . 45.82 -18.75 39.00
S2 SF4 UB . 44.54 -17.05 36.11
S3 SF4 UB . 42.34 -17.91 38.82
S4 SF4 UB . 44.79 -15.32 39.24
PA NDP VB . -4.17 -8.38 58.10
O1A NDP VB . -5.33 -9.31 58.27
O2A NDP VB . -2.87 -8.71 58.79
O5B NDP VB . -4.54 -6.92 58.66
C5B NDP VB . -3.64 -5.81 58.60
C4B NDP VB . -4.01 -4.63 59.51
O4B NDP VB . -5.22 -4.75 60.27
C3B NDP VB . -2.99 -4.43 60.55
O3B NDP VB . -3.11 -3.06 60.87
C2B NDP VB . -3.49 -5.35 61.64
O2B NDP VB . -2.70 -4.96 62.77
C1B NDP VB . -5.01 -5.10 61.65
N9A NDP VB . -6.15 -6.09 61.89
C8A NDP VB . -6.42 -7.30 61.32
N7A NDP VB . -7.55 -7.88 61.85
C5A NDP VB . -8.09 -7.07 62.80
C6A NDP VB . -9.28 -7.04 63.75
N6A NDP VB . -10.32 -7.96 63.98
N1A NDP VB . -9.32 -5.93 64.51
C2A NDP VB . -8.42 -4.93 64.45
N3A NDP VB . -7.37 -4.89 63.64
C4A NDP VB . -7.14 -5.92 62.79
O3 NDP VB . -3.95 -8.08 56.54
PN NDP VB . -2.55 -8.28 55.74
O1N NDP VB . -1.47 -7.62 56.53
O2N NDP VB . -2.37 -9.74 55.39
O5D NDP VB . -2.84 -7.40 54.41
C5D NDP VB . -4.05 -6.68 54.24
C4D NDP VB . -3.96 -5.34 54.96
O4D NDP VB . -2.64 -5.13 55.50
C3D NDP VB . -4.23 -4.17 54.06
O3D NDP VB . -5.61 -3.86 54.11
C2D NDP VB . -3.47 -3.08 54.79
O2D NDP VB . -4.28 -2.34 55.75
C1D NDP VB . -2.21 -3.78 55.30
N1N NDP VB . -1.05 -3.77 54.36
C2N NDP VB . -1.01 -4.59 53.28
C3N NDP VB . 0.07 -4.59 52.41
C7N NDP VB . -0.06 -4.40 50.93
O7N NDP VB . 0.10 -3.33 50.43
N7N NDP VB . -0.37 -5.43 50.16
C4N NDP VB . 1.42 -4.26 53.01
C5N NDP VB . 1.30 -3.47 54.21
C6N NDP VB . 0.07 -3.24 54.83
P2B NDP VB . -1.54 -5.87 63.48
O1X NDP VB . -1.56 -7.21 62.80
O2X NDP VB . -0.27 -5.09 63.24
O3X NDP VB . -1.89 -5.89 64.92
FE1 SF4 WB . 25.50 0.13 44.97
FE2 SF4 WB . 24.01 -0.08 47.24
FE3 SF4 WB . 26.13 -1.76 46.83
FE4 SF4 WB . 23.86 -2.02 45.33
S1 SF4 WB . 24.07 -2.33 47.57
S2 SF4 WB . 26.01 -2.06 44.57
S3 SF4 WB . 23.23 0.15 45.11
S4 SF4 WB . 26.20 0.50 47.09
FE1 SF4 XB . 33.00 -15.75 40.03
FE2 SF4 XB . 31.19 -15.19 41.99
FE3 SF4 XB . 33.06 -13.32 41.29
FE4 SF4 XB . 33.81 -15.60 42.64
S1 SF4 XB . 32.45 -13.93 43.41
S2 SF4 XB . 34.84 -14.67 40.83
S3 SF4 XB . 32.37 -17.13 41.74
S4 SF4 XB . 31.38 -14.15 39.98
FE1 SF4 YB . 14.08 -2.09 44.75
FE2 SF4 YB . 11.38 -2.30 44.38
FE3 SF4 YB . 13.08 -4.02 43.11
FE4 SF4 YB . 12.98 -1.40 42.36
S1 SF4 YB . 11.30 -2.94 42.19
S2 SF4 YB . 14.85 -2.66 42.68
S3 SF4 YB . 12.62 -0.39 44.36
S4 SF4 YB . 12.76 -3.84 45.35
FE1 SF4 ZB . 51.20 -8.97 31.14
FE2 SF4 ZB . 51.97 -7.83 33.50
FE3 SF4 ZB . 52.53 -10.46 32.99
FE4 SF4 ZB . 49.95 -9.68 33.45
S1 SF4 ZB . 51.69 -9.59 34.93
S2 SF4 ZB . 50.67 -11.08 31.82
S3 SF4 ZB . 49.95 -7.62 32.48
S4 SF4 ZB . 53.33 -8.66 31.86
FE1 SF4 AC . 47.81 -2.72 18.75
FE2 SF4 AC . 49.71 -3.75 20.41
FE3 SF4 AC . 50.39 -3.00 17.88
FE4 SF4 AC . 48.82 -5.21 18.28
S1 SF4 AC . 50.99 -4.93 18.94
S2 SF4 AC . 48.49 -3.56 16.75
S3 SF4 AC . 47.61 -4.55 20.10
S4 SF4 AC . 49.65 -1.64 19.56
FE1 FES BC . 42.16 -28.75 34.31
FE2 FES BC . 42.39 -30.61 32.40
S1 FES BC . 42.94 -30.79 34.52
S2 FES BC . 41.31 -28.70 32.29
#